data_8ZIQ
#
_entry.id   8ZIQ
#
_cell.length_a   1.00
_cell.length_b   1.00
_cell.length_c   1.00
_cell.angle_alpha   90.00
_cell.angle_beta   90.00
_cell.angle_gamma   90.00
#
_symmetry.space_group_name_H-M   'P 1'
#
loop_
_entity.id
_entity.type
_entity.pdbx_description
1 polymer DUF4297
2 polymer HerA
#
loop_
_entity_poly.entity_id
_entity_poly.type
_entity_poly.pdbx_seq_one_letter_code
_entity_poly.pdbx_strand_id
1 'polypeptide(L)'
;MARTAEYSIKGYLYQFLKYLSEILAAGDGARITIEGAIEDVDVIAAGLTTAVQCKYHEQAEKYTLGKIYKPILLMLEHFS
KNSGTDLHVSYRLFCHFPGESGTKALTKDDLETVLSTKGEVLRAIVARIDTSVDYEAFLDRFAIEFGPSAEDLQVAVLAS
LKDKGFDPDDIDAVIFPNAIQRIVDLATRSDVNDRTVEPKTFLAGLREVRRVTFTRWTRELATKGRMFSSLRKSLRSCLA
HNSRWRVFVINPLTIENFDDDIVRFIKAFVQRYSSKYLHSNPPLFMLTGDYDLSVLQKRLYDAGLRCETGKVGGTDVIIK
ELFRRPILIRNPFRMEFSLRLAKRDEVIGGPQRRPDELFLINVADDEWKHEDVNVHGFKIERLSDLEYILQLRSDYA
;
A,B,C,D,E,F,G,H,I,J,K,L
2 'polypeptide(L)'
;MPDLGTPIGSVTDSSPSLIRIEISSAEDFEKYKSMLGVGQYLLVASGNNLYLLASITGVRATHVERRSLGPSSEVHSEEG
SDGISGNFRFQIDTQPIGTLSEDGEFSRGSHSLPVPTEYAYVTPPAVLEGIFSHQIKSPFALGTLGISPDIKLKIDGDRF
FSKHVAVVGSTGSGKSCAVAKILQTAVGIESKANAHKAAQKNSHIVIFDIHAEYAAAFNLEAGEAFTLNLLGVDNLRLPY
WLMNAQELEQIFIESNEHNSHNQISQFRHAVVRNKCKHNPTLTNLSFDTPVYFSIDEVVTYLENMNNEVIGKLAGEGKPK
LANETLVSDRDELYFDAVQSFIVASQAAATKASNGPFNGEFDRMILRLHTRLADPRLQFLFYPKKEDGEDLATGDFADVV
RQFVGYMTKSNVSIIDLSGIPFEVLSIVVSLISRMIFDFGFHYSKNRHVGGAVSDVPILVVCEEAHNYLPRSGGAAYDAS
RKSIERIAKEGRKYGVTLMVVSQRPSEVSETIFSQCSNFISLRLTNAVDQTYVKSLLPDLSAGLGDLLPNLAQGEFLIVG
DAPLMPTVGHFALPVPEPHSRSVNYLQEWNSGWRHVDFDSVIDRWRGKVLTKSEKGV
;
M,N,O,P,Q,R
#
# COMPACT_ATOMS: atom_id res chain seq x y z
N ALA A 5 -82.60 -15.39 28.76
CA ALA A 5 -82.56 -14.31 27.78
C ALA A 5 -81.20 -13.60 27.82
N GLU A 6 -80.96 -12.87 28.91
CA GLU A 6 -79.67 -12.18 29.07
C GLU A 6 -78.59 -13.13 29.56
N TYR A 7 -78.88 -13.87 30.63
CA TYR A 7 -78.09 -14.91 31.27
C TYR A 7 -76.99 -14.32 32.14
N SER A 8 -76.82 -13.01 32.18
CA SER A 8 -76.14 -12.29 33.24
C SER A 8 -74.87 -13.00 33.70
N ILE A 9 -73.93 -13.19 32.76
CA ILE A 9 -72.71 -13.89 33.12
C ILE A 9 -72.01 -13.18 34.26
N LYS A 10 -72.14 -11.85 34.30
CA LYS A 10 -71.39 -11.07 35.28
C LYS A 10 -71.91 -11.34 36.68
N GLY A 11 -73.20 -11.66 36.81
CA GLY A 11 -73.75 -11.94 38.12
C GLY A 11 -73.29 -13.28 38.65
N TYR A 12 -73.25 -14.29 37.79
CA TYR A 12 -72.79 -15.61 38.20
C TYR A 12 -71.42 -15.52 38.85
N LEU A 13 -70.64 -14.53 38.45
CA LEU A 13 -69.30 -14.34 38.98
C LEU A 13 -69.31 -13.97 40.45
N TYR A 14 -70.35 -13.29 40.92
CA TYR A 14 -70.23 -12.66 42.22
C TYR A 14 -70.29 -13.69 43.34
N GLN A 15 -71.19 -14.67 43.23
CA GLN A 15 -71.26 -15.69 44.26
C GLN A 15 -70.01 -16.55 44.27
N PHE A 16 -69.43 -16.81 43.09
CA PHE A 16 -68.14 -17.49 43.03
C PHE A 16 -67.07 -16.67 43.73
N LEU A 17 -67.12 -15.35 43.58
CA LEU A 17 -66.12 -14.52 44.24
C LEU A 17 -66.30 -14.58 45.76
N LYS A 18 -67.55 -14.55 46.21
CA LYS A 18 -67.80 -14.64 47.65
C LYS A 18 -67.40 -16.00 48.19
N TYR A 19 -67.67 -17.07 47.46
CA TYR A 19 -67.27 -18.38 47.92
C TYR A 19 -65.76 -18.47 48.00
N LEU A 20 -65.08 -17.76 47.10
CA LEU A 20 -63.63 -17.69 47.20
C LEU A 20 -63.23 -16.91 48.44
N SER A 21 -63.97 -15.86 48.75
CA SER A 21 -63.67 -15.08 49.94
C SER A 21 -63.80 -15.94 51.18
N GLU A 22 -64.81 -16.81 51.21
CA GLU A 22 -64.98 -17.70 52.35
C GLU A 22 -63.86 -18.73 52.40
N ILE A 23 -63.52 -19.31 51.26
CA ILE A 23 -62.48 -20.33 51.22
C ILE A 23 -61.16 -19.72 51.65
N LEU A 24 -60.95 -18.44 51.34
CA LEU A 24 -59.71 -17.76 51.68
C LEU A 24 -59.72 -17.36 53.15
N ALA A 25 -60.88 -16.97 53.65
CA ALA A 25 -61.05 -16.53 55.03
C ALA A 25 -61.87 -17.61 55.73
N ALA A 26 -61.20 -18.48 56.46
CA ALA A 26 -61.84 -19.50 57.28
C ALA A 26 -60.77 -20.17 58.11
N GLY A 27 -61.20 -20.81 59.18
CA GLY A 27 -60.28 -21.54 60.02
C GLY A 27 -60.08 -22.96 59.55
N ASP A 28 -59.09 -23.63 60.13
CA ASP A 28 -58.85 -25.03 59.83
C ASP A 28 -60.08 -25.84 60.21
N GLY A 29 -60.64 -26.56 59.25
CA GLY A 29 -61.84 -27.33 59.44
C GLY A 29 -63.12 -26.66 58.97
N ALA A 30 -63.10 -25.36 58.70
CA ALA A 30 -64.28 -24.67 58.23
C ALA A 30 -64.59 -25.15 56.82
N ARG A 31 -65.87 -25.35 56.52
CA ARG A 31 -66.25 -25.94 55.25
C ARG A 31 -67.41 -25.15 54.63
N ILE A 32 -67.57 -25.32 53.32
CA ILE A 32 -68.62 -24.65 52.57
C ILE A 32 -68.91 -25.46 51.32
N THR A 33 -70.16 -25.41 50.87
CA THR A 33 -70.62 -26.17 49.73
C THR A 33 -71.30 -25.24 48.73
N ILE A 34 -71.29 -25.63 47.46
CA ILE A 34 -71.79 -24.80 46.38
C ILE A 34 -73.02 -25.46 45.77
N GLU A 35 -73.86 -24.65 45.14
CA GLU A 35 -75.02 -25.13 44.42
C GLU A 35 -75.00 -24.54 43.02
N GLY A 36 -75.26 -25.39 42.02
CA GLY A 36 -75.17 -24.95 40.64
C GLY A 36 -76.44 -24.29 40.14
N ALA A 37 -76.26 -23.28 39.29
CA ALA A 37 -77.37 -22.52 38.77
C ALA A 37 -78.13 -23.34 37.73
N ILE A 38 -79.35 -22.88 37.42
CA ILE A 38 -80.25 -23.63 36.55
C ILE A 38 -79.65 -23.87 35.18
N GLU A 39 -78.65 -23.09 34.77
CA GLU A 39 -78.14 -23.15 33.40
C GLU A 39 -77.74 -24.56 33.00
N ASP A 40 -77.05 -25.29 33.87
CA ASP A 40 -76.76 -26.69 33.62
C ASP A 40 -77.99 -27.56 33.88
N VAL A 41 -78.33 -28.40 32.92
CA VAL A 41 -79.54 -29.22 33.01
C VAL A 41 -79.22 -30.44 33.87
N ASP A 42 -79.93 -30.58 34.99
CA ASP A 42 -79.85 -31.78 35.83
C ASP A 42 -81.27 -32.27 36.11
N VAL A 43 -81.81 -33.07 35.20
CA VAL A 43 -83.04 -33.80 35.53
C VAL A 43 -82.76 -34.82 36.63
N ILE A 44 -81.53 -35.30 36.74
CA ILE A 44 -81.20 -36.28 37.77
C ILE A 44 -81.43 -35.71 39.16
N ALA A 45 -81.51 -34.38 39.27
CA ALA A 45 -81.80 -33.70 40.53
C ALA A 45 -80.63 -33.78 41.50
N ALA A 46 -79.41 -33.88 40.98
CA ALA A 46 -78.23 -33.87 41.84
C ALA A 46 -78.13 -32.52 42.53
N GLY A 47 -77.82 -32.54 43.84
CA GLY A 47 -77.80 -31.32 44.62
C GLY A 47 -79.02 -31.05 45.47
N LEU A 48 -80.05 -31.88 45.38
CA LEU A 48 -81.24 -31.81 46.24
C LEU A 48 -81.98 -30.48 46.06
N THR A 49 -82.20 -30.10 44.80
CA THR A 49 -83.00 -28.93 44.48
C THR A 49 -82.48 -27.74 45.27
N THR A 50 -81.17 -27.54 45.21
CA THR A 50 -80.50 -26.41 45.83
C THR A 50 -79.96 -25.41 44.82
N ALA A 51 -80.47 -25.43 43.59
CA ALA A 51 -79.96 -24.51 42.58
C ALA A 51 -80.30 -23.08 42.97
N VAL A 52 -79.64 -22.14 42.30
CA VAL A 52 -79.75 -20.74 42.67
C VAL A 52 -79.68 -19.89 41.41
N GLN A 53 -79.79 -18.58 41.58
CA GLN A 53 -79.77 -17.66 40.47
C GLN A 53 -79.51 -16.26 41.01
N CYS A 54 -79.00 -15.40 40.15
CA CYS A 54 -78.50 -14.10 40.61
C CYS A 54 -78.66 -13.09 39.48
N LYS A 55 -78.12 -11.90 39.71
CA LYS A 55 -78.14 -10.80 38.74
C LYS A 55 -77.18 -9.73 39.26
N TYR A 56 -77.00 -8.68 38.45
CA TYR A 56 -76.12 -7.60 38.83
C TYR A 56 -76.63 -6.31 38.21
N HIS A 57 -76.33 -5.19 38.87
CA HIS A 57 -76.77 -3.88 38.44
C HIS A 57 -75.91 -2.90 39.21
N GLU A 58 -75.89 -1.65 38.75
CA GLU A 58 -74.96 -0.70 39.35
C GLU A 58 -75.49 0.72 39.21
N GLN A 59 -74.81 1.62 39.91
CA GLN A 59 -74.99 3.06 39.78
C GLN A 59 -76.40 3.51 40.15
N ALA A 60 -76.74 3.28 41.42
CA ALA A 60 -77.89 3.92 42.04
C ALA A 60 -77.35 4.50 43.34
N GLU A 61 -77.69 5.76 43.62
CA GLU A 61 -77.18 6.40 44.83
C GLU A 61 -77.80 5.80 46.08
N LYS A 62 -79.13 5.70 46.12
CA LYS A 62 -79.83 5.01 47.18
C LYS A 62 -80.97 4.18 46.59
N TYR A 63 -81.27 3.07 47.26
CA TYR A 63 -82.25 2.11 46.80
C TYR A 63 -83.55 2.76 46.37
N THR A 64 -84.01 2.41 45.16
CA THR A 64 -85.33 2.78 44.68
C THR A 64 -85.90 1.58 43.93
N LEU A 65 -87.14 1.21 44.25
CA LEU A 65 -87.75 0.07 43.58
C LEU A 65 -87.81 0.26 42.07
N GLY A 66 -87.93 1.50 41.61
CA GLY A 66 -87.99 1.76 40.18
C GLY A 66 -86.69 1.46 39.46
N LYS A 67 -85.57 1.91 40.03
CA LYS A 67 -84.27 1.58 39.45
C LYS A 67 -84.05 0.07 39.38
N ILE A 68 -84.67 -0.69 40.26
CA ILE A 68 -84.53 -2.14 40.29
C ILE A 68 -85.80 -2.84 39.82
N TYR A 69 -86.64 -2.16 39.02
CA TYR A 69 -87.80 -2.82 38.45
C TYR A 69 -87.42 -4.09 37.70
N LYS A 70 -86.49 -3.98 36.75
CA LYS A 70 -86.42 -4.99 35.69
C LYS A 70 -85.97 -6.34 36.22
N PRO A 71 -84.95 -6.45 37.07
CA PRO A 71 -84.48 -7.80 37.45
C PRO A 71 -85.53 -8.61 38.20
N ILE A 72 -86.18 -8.01 39.20
CA ILE A 72 -87.19 -8.73 39.95
C ILE A 72 -88.30 -9.20 39.01
N LEU A 73 -88.73 -8.32 38.11
CA LEU A 73 -89.78 -8.70 37.17
C LEU A 73 -89.32 -9.85 36.29
N LEU A 74 -88.07 -9.80 35.83
CA LEU A 74 -87.58 -10.86 34.95
C LEU A 74 -87.55 -12.19 35.69
N MET A 75 -87.23 -12.15 36.97
CA MET A 75 -87.17 -13.39 37.74
C MET A 75 -88.55 -13.90 38.12
N LEU A 76 -89.56 -13.02 38.18
CA LEU A 76 -90.92 -13.51 38.41
C LEU A 76 -91.31 -14.53 37.35
N GLU A 77 -90.86 -14.34 36.10
CA GLU A 77 -91.13 -15.32 35.06
C GLU A 77 -90.45 -16.63 35.42
N HIS A 78 -89.21 -16.54 35.90
CA HIS A 78 -88.47 -17.73 36.30
C HIS A 78 -89.26 -18.53 37.31
N PHE A 79 -89.80 -17.85 38.32
CA PHE A 79 -90.60 -18.54 39.33
C PHE A 79 -91.95 -18.98 38.78
N SER A 80 -92.47 -18.27 37.79
CA SER A 80 -93.72 -18.67 37.15
C SER A 80 -93.57 -19.98 36.39
N LYS A 81 -92.37 -20.31 35.94
CA LYS A 81 -92.18 -21.62 35.33
C LYS A 81 -92.71 -22.71 36.25
N ASN A 82 -92.31 -22.69 37.51
CA ASN A 82 -92.91 -23.56 38.54
C ASN A 82 -92.25 -23.31 39.89
N HIS A 88 -86.49 -25.27 46.97
CA HIS A 88 -86.05 -24.15 47.80
C HIS A 88 -85.02 -23.32 47.04
N VAL A 89 -85.33 -23.00 45.78
CA VAL A 89 -84.41 -22.30 44.88
C VAL A 89 -84.41 -20.85 45.32
N SER A 90 -83.42 -20.48 46.13
CA SER A 90 -83.36 -19.19 46.80
C SER A 90 -82.69 -18.18 45.88
N TYR A 91 -83.49 -17.70 44.93
CA TYR A 91 -83.06 -16.67 44.00
C TYR A 91 -82.51 -15.46 44.75
N ARG A 92 -81.65 -14.70 44.08
CA ARG A 92 -80.97 -13.59 44.72
C ARG A 92 -80.71 -12.49 43.70
N LEU A 93 -80.30 -11.33 44.20
CA LEU A 93 -79.85 -10.21 43.39
C LEU A 93 -78.74 -9.49 44.12
N PHE A 94 -77.79 -8.95 43.36
CA PHE A 94 -76.63 -8.30 43.94
C PHE A 94 -76.35 -6.98 43.23
N CYS A 95 -75.92 -5.97 43.99
CA CYS A 95 -75.62 -4.66 43.43
C CYS A 95 -74.94 -3.82 44.50
N HIS A 96 -74.23 -2.78 44.04
CA HIS A 96 -73.50 -1.89 44.94
C HIS A 96 -74.00 -0.47 44.80
N PHE A 97 -74.38 0.13 45.93
CA PHE A 97 -74.85 1.50 46.02
C PHE A 97 -74.09 2.24 47.11
N PRO A 98 -73.68 3.49 46.88
CA PRO A 98 -73.00 4.25 47.94
C PRO A 98 -73.90 4.61 49.11
N GLY A 99 -73.58 4.03 50.27
CA GLY A 99 -74.29 4.26 51.51
C GLY A 99 -75.30 3.21 51.88
N GLU A 100 -75.46 2.16 51.07
CA GLU A 100 -76.40 1.07 51.35
C GLU A 100 -75.61 -0.23 51.47
N SER A 101 -75.58 -0.78 52.67
CA SER A 101 -74.67 -1.87 53.06
C SER A 101 -75.42 -2.87 53.92
N GLY A 102 -76.58 -3.30 53.46
CA GLY A 102 -77.34 -4.26 54.26
C GLY A 102 -78.35 -5.07 53.48
N THR A 103 -78.71 -6.20 54.08
CA THR A 103 -79.72 -7.12 53.56
C THR A 103 -81.09 -6.70 54.08
N LYS A 104 -82.11 -6.85 53.22
CA LYS A 104 -83.46 -6.42 53.53
C LYS A 104 -84.50 -7.47 53.15
N ALA A 105 -85.44 -7.71 54.07
CA ALA A 105 -86.56 -8.63 53.87
C ALA A 105 -87.84 -7.84 53.65
N LEU A 106 -88.37 -7.88 52.44
CA LEU A 106 -89.61 -7.16 52.16
C LEU A 106 -90.81 -7.92 52.69
N THR A 107 -91.89 -7.20 53.02
CA THR A 107 -93.12 -7.84 53.47
C THR A 107 -94.07 -7.98 52.28
N LYS A 108 -95.14 -8.76 52.47
CA LYS A 108 -96.08 -8.96 51.35
C LYS A 108 -96.66 -7.64 50.89
N ASP A 109 -97.09 -6.81 51.85
CA ASP A 109 -97.66 -5.51 51.52
C ASP A 109 -96.70 -4.68 50.68
N ASP A 110 -95.41 -4.84 50.93
CA ASP A 110 -94.41 -4.23 50.04
C ASP A 110 -94.44 -4.92 48.69
N LEU A 111 -94.48 -6.24 48.69
CA LEU A 111 -94.42 -6.95 47.41
C LEU A 111 -95.55 -6.52 46.50
N GLU A 112 -96.67 -6.06 47.08
CA GLU A 112 -97.80 -5.67 46.25
C GLU A 112 -97.39 -4.64 45.22
N THR A 113 -96.76 -3.56 45.68
CA THR A 113 -96.34 -2.53 44.74
C THR A 113 -95.28 -3.05 43.78
N VAL A 114 -94.43 -3.97 44.25
CA VAL A 114 -93.51 -4.64 43.35
C VAL A 114 -94.27 -5.28 42.21
N LEU A 115 -95.41 -5.89 42.53
CA LEU A 115 -96.30 -6.42 41.50
C LEU A 115 -96.90 -5.30 40.68
N SER A 116 -97.07 -4.12 41.27
CA SER A 116 -97.59 -2.97 40.56
C SER A 116 -96.66 -2.51 39.47
N THR A 117 -97.24 -2.14 38.34
CA THR A 117 -96.46 -1.60 37.22
C THR A 117 -97.29 -0.57 36.49
N LYS A 118 -96.78 0.65 36.42
CA LYS A 118 -97.43 1.75 35.71
C LYS A 118 -96.99 1.79 34.26
N GLY A 119 -95.73 1.48 33.99
CA GLY A 119 -95.23 1.60 32.63
C GLY A 119 -95.95 0.62 31.71
N GLU A 120 -96.22 1.08 30.49
CA GLU A 120 -96.87 0.22 29.51
C GLU A 120 -95.92 -0.83 28.94
N VAL A 121 -94.71 -0.45 28.56
CA VAL A 121 -93.77 -1.43 28.01
C VAL A 121 -93.51 -2.59 28.98
N LEU A 122 -93.58 -2.35 30.29
CA LEU A 122 -93.39 -3.45 31.23
C LEU A 122 -94.53 -4.47 31.22
N ARG A 123 -95.75 -4.06 30.87
CA ARG A 123 -96.86 -5.00 30.91
C ARG A 123 -96.72 -6.08 29.85
N ALA A 124 -96.25 -5.73 28.65
CA ALA A 124 -96.05 -6.76 27.65
C ALA A 124 -95.11 -7.83 28.19
N ILE A 125 -94.12 -7.42 28.98
CA ILE A 125 -93.19 -8.37 29.56
C ILE A 125 -93.89 -9.18 30.66
N VAL A 126 -94.68 -8.50 31.49
CA VAL A 126 -95.44 -9.15 32.54
C VAL A 126 -96.40 -10.19 31.96
N ALA A 127 -96.75 -10.04 30.68
CA ALA A 127 -97.72 -10.95 30.08
C ALA A 127 -97.37 -12.40 30.38
N ARG A 128 -96.09 -12.74 30.39
CA ARG A 128 -95.70 -14.12 30.61
C ARG A 128 -96.16 -14.58 31.99
N ILE A 129 -96.08 -13.71 32.99
CA ILE A 129 -96.26 -14.12 34.38
C ILE A 129 -97.60 -14.83 34.51
N ASP A 130 -97.68 -15.81 35.40
CA ASP A 130 -98.88 -16.60 35.60
C ASP A 130 -99.59 -16.17 36.88
N THR A 131 -100.90 -16.43 36.91
CA THR A 131 -101.70 -16.01 38.05
C THR A 131 -101.44 -16.90 39.26
N SER A 132 -101.51 -18.22 39.06
CA SER A 132 -101.46 -19.16 40.18
C SER A 132 -100.00 -19.35 40.58
N VAL A 133 -99.61 -18.70 41.67
CA VAL A 133 -98.25 -18.79 42.18
C VAL A 133 -98.26 -18.33 43.62
N ASP A 134 -97.42 -18.95 44.45
CA ASP A 134 -97.40 -18.64 45.88
C ASP A 134 -96.45 -17.48 46.13
N TYR A 135 -96.98 -16.27 45.94
CA TYR A 135 -96.18 -15.06 46.06
C TYR A 135 -95.50 -14.97 47.42
N GLU A 136 -96.09 -15.56 48.46
CA GLU A 136 -95.50 -15.43 49.80
C GLU A 136 -94.20 -16.20 49.92
N ALA A 137 -94.19 -17.45 49.46
CA ALA A 137 -92.94 -18.22 49.47
C ALA A 137 -91.91 -17.61 48.53
N PHE A 138 -92.35 -17.10 47.38
CA PHE A 138 -91.43 -16.39 46.49
C PHE A 138 -90.76 -15.25 47.24
N LEU A 139 -91.56 -14.42 47.90
CA LEU A 139 -91.03 -13.23 48.55
C LEU A 139 -90.06 -13.61 49.65
N ASP A 140 -90.44 -14.57 50.49
CA ASP A 140 -89.58 -14.90 51.61
C ASP A 140 -88.32 -15.60 51.13
N ARG A 141 -88.41 -16.37 50.05
CA ARG A 141 -87.24 -17.00 49.46
C ARG A 141 -86.28 -15.98 48.88
N PHE A 142 -86.78 -15.05 48.07
CA PHE A 142 -85.95 -13.97 47.54
C PHE A 142 -85.12 -13.37 48.67
N ALA A 143 -83.88 -13.01 48.37
CA ALA A 143 -83.02 -12.27 49.29
C ALA A 143 -82.17 -11.32 48.49
N ILE A 144 -82.09 -10.07 48.93
CA ILE A 144 -81.29 -9.05 48.26
C ILE A 144 -80.04 -8.78 49.09
N GLU A 145 -78.89 -8.82 48.43
CA GLU A 145 -77.60 -8.64 49.11
C GLU A 145 -76.93 -7.40 48.54
N PHE A 146 -76.52 -6.50 49.42
CA PHE A 146 -75.75 -5.33 49.05
C PHE A 146 -74.29 -5.53 49.46
N GLY A 147 -73.38 -5.28 48.52
CA GLY A 147 -71.96 -5.48 48.78
C GLY A 147 -71.06 -4.61 47.94
N PRO A 148 -69.75 -4.83 48.02
CA PRO A 148 -68.81 -4.05 47.23
C PRO A 148 -68.89 -4.39 45.74
N SER A 149 -68.42 -3.44 44.94
CA SER A 149 -68.38 -3.66 43.50
C SER A 149 -67.46 -4.80 43.13
N ALA A 150 -67.77 -5.44 41.99
CA ALA A 150 -67.02 -6.60 41.54
C ALA A 150 -65.53 -6.30 41.44
N GLU A 151 -65.18 -5.13 40.91
CA GLU A 151 -63.78 -4.82 40.70
C GLU A 151 -63.07 -4.64 42.03
N ASP A 152 -63.70 -3.93 42.96
CA ASP A 152 -63.16 -3.81 44.30
C ASP A 152 -63.00 -5.19 44.94
N LEU A 153 -63.96 -6.09 44.69
CA LEU A 153 -63.91 -7.38 45.34
C LEU A 153 -62.78 -8.23 44.82
N GLN A 154 -62.57 -8.22 43.49
CA GLN A 154 -61.42 -8.91 42.92
C GLN A 154 -60.13 -8.27 43.43
N VAL A 155 -60.13 -6.95 43.59
CA VAL A 155 -58.96 -6.27 44.13
C VAL A 155 -58.63 -6.85 45.49
N ALA A 156 -59.63 -6.96 46.36
CA ALA A 156 -59.36 -7.45 47.70
C ALA A 156 -58.95 -8.91 47.66
N VAL A 157 -59.53 -9.65 46.72
CA VAL A 157 -59.29 -11.08 46.61
C VAL A 157 -57.84 -11.33 46.24
N LEU A 158 -57.32 -10.54 45.30
CA LEU A 158 -55.92 -10.68 44.92
C LEU A 158 -55.00 -10.08 45.96
N ALA A 159 -55.45 -9.03 46.64
CA ALA A 159 -54.60 -8.40 47.65
C ALA A 159 -54.34 -9.38 48.79
N SER A 160 -55.40 -10.03 49.28
CA SER A 160 -55.25 -10.92 50.42
C SER A 160 -54.40 -12.13 50.10
N LEU A 161 -54.47 -12.63 48.87
CA LEU A 161 -53.88 -13.93 48.58
C LEU A 161 -52.37 -13.89 48.80
N LYS A 162 -51.74 -12.77 48.45
CA LYS A 162 -50.29 -12.67 48.55
C LYS A 162 -49.84 -12.99 49.97
N ASP A 163 -50.55 -12.44 50.96
CA ASP A 163 -50.17 -12.67 52.35
C ASP A 163 -50.16 -14.15 52.68
N LYS A 164 -51.07 -14.91 52.09
CA LYS A 164 -51.20 -16.33 52.41
C LYS A 164 -49.93 -17.08 52.08
N GLY A 165 -49.12 -16.54 51.18
CA GLY A 165 -47.86 -17.12 50.79
C GLY A 165 -47.86 -17.70 49.40
N PHE A 166 -47.35 -16.89 48.46
CA PHE A 166 -47.22 -17.29 47.07
C PHE A 166 -46.23 -16.34 46.41
N ASP A 167 -45.74 -16.76 45.25
CA ASP A 167 -44.95 -15.87 44.40
C ASP A 167 -45.80 -14.69 43.95
N PRO A 168 -45.40 -13.45 44.22
CA PRO A 168 -46.29 -12.31 43.96
C PRO A 168 -46.72 -12.19 42.50
N ASP A 169 -45.81 -12.39 41.55
CA ASP A 169 -46.16 -12.20 40.14
C ASP A 169 -47.02 -13.34 39.63
N ASP A 170 -46.89 -14.54 40.19
CA ASP A 170 -47.53 -15.71 39.63
C ASP A 170 -49.05 -15.62 39.81
N ILE A 171 -49.47 -15.06 40.94
CA ILE A 171 -50.88 -15.12 41.35
C ILE A 171 -51.83 -14.65 40.25
N ASP A 172 -51.40 -13.71 39.42
CA ASP A 172 -52.32 -13.19 38.42
C ASP A 172 -52.52 -14.12 37.23
N ALA A 173 -51.46 -14.78 36.77
CA ALA A 173 -51.55 -15.55 35.54
C ALA A 173 -52.16 -16.93 35.74
N VAL A 174 -51.76 -17.62 36.80
CA VAL A 174 -52.02 -19.05 36.97
C VAL A 174 -52.92 -19.34 38.16
N ILE A 175 -52.57 -18.82 39.33
CA ILE A 175 -53.19 -19.33 40.56
C ILE A 175 -54.67 -18.94 40.60
N PHE A 176 -54.93 -17.65 40.49
CA PHE A 176 -56.29 -17.16 40.68
C PHE A 176 -57.24 -17.75 39.65
N PRO A 177 -56.95 -17.70 38.36
CA PRO A 177 -57.93 -18.22 37.39
C PRO A 177 -58.05 -19.72 37.44
N ASN A 178 -56.97 -20.45 37.70
CA ASN A 178 -57.08 -21.90 37.80
C ASN A 178 -57.94 -22.30 38.98
N ALA A 179 -57.81 -21.60 40.11
CA ALA A 179 -58.64 -21.92 41.26
C ALA A 179 -60.11 -21.57 41.02
N ILE A 180 -60.37 -20.36 40.49
CA ILE A 180 -61.73 -20.00 40.13
C ILE A 180 -62.32 -21.02 39.15
N GLN A 181 -61.51 -21.53 38.22
CA GLN A 181 -62.01 -22.52 37.28
C GLN A 181 -62.32 -23.83 37.98
N ARG A 182 -61.51 -24.20 38.97
CA ARG A 182 -61.81 -25.38 39.77
C ARG A 182 -63.17 -25.22 40.42
N ILE A 183 -63.40 -24.06 41.01
CA ILE A 183 -64.64 -23.83 41.73
C ILE A 183 -65.83 -23.85 40.78
N VAL A 184 -65.70 -23.24 39.60
CA VAL A 184 -66.84 -23.22 38.69
C VAL A 184 -67.08 -24.60 38.10
N ASP A 185 -66.03 -25.40 37.91
CA ASP A 185 -66.25 -26.76 37.44
C ASP A 185 -67.00 -27.56 38.49
N LEU A 186 -66.63 -27.39 39.75
CA LEU A 186 -67.34 -28.10 40.81
C LEU A 186 -68.79 -27.66 40.88
N ALA A 187 -69.05 -26.36 40.70
CA ALA A 187 -70.40 -25.88 40.91
C ALA A 187 -71.36 -26.52 39.91
N THR A 188 -71.02 -26.53 38.63
CA THR A 188 -71.95 -26.97 37.60
C THR A 188 -71.67 -28.36 37.04
N ARG A 189 -70.67 -29.06 37.57
CA ARG A 189 -70.35 -30.37 37.03
C ARG A 189 -71.54 -31.30 37.22
N SER A 190 -71.97 -31.93 36.12
CA SER A 190 -73.09 -32.86 36.19
C SER A 190 -72.83 -34.03 37.14
N ASP A 191 -71.61 -34.55 37.18
CA ASP A 191 -71.33 -35.71 38.02
C ASP A 191 -71.19 -35.30 39.47
N VAL A 192 -71.82 -36.10 40.36
CA VAL A 192 -71.85 -35.77 41.77
C VAL A 192 -70.50 -36.00 42.43
N ASN A 193 -70.19 -35.16 43.42
CA ASN A 193 -68.98 -35.24 44.21
C ASN A 193 -69.28 -34.59 45.57
N ASP A 194 -68.29 -34.61 46.46
CA ASP A 194 -68.45 -34.00 47.78
C ASP A 194 -68.28 -32.50 47.62
N ARG A 195 -69.40 -31.80 47.45
CA ARG A 195 -69.38 -30.37 47.18
C ARG A 195 -68.59 -29.60 48.23
N THR A 196 -68.64 -30.05 49.47
CA THR A 196 -67.87 -29.41 50.52
C THR A 196 -66.39 -29.57 50.25
N VAL A 197 -65.62 -28.54 50.56
CA VAL A 197 -64.19 -28.53 50.29
C VAL A 197 -63.46 -28.12 51.54
N GLU A 198 -62.41 -28.84 51.85
CA GLU A 198 -61.53 -28.55 52.97
C GLU A 198 -60.48 -27.52 52.55
N PRO A 199 -60.26 -26.48 53.32
CA PRO A 199 -59.40 -25.40 52.85
C PRO A 199 -57.94 -25.80 52.70
N LYS A 200 -57.40 -26.48 53.69
CA LYS A 200 -56.00 -26.90 53.63
C LYS A 200 -55.72 -27.85 52.48
N THR A 201 -56.61 -28.81 52.21
CA THR A 201 -56.42 -29.67 51.04
C THR A 201 -56.52 -28.87 49.75
N PHE A 202 -57.47 -27.96 49.69
CA PHE A 202 -57.61 -27.09 48.52
C PHE A 202 -56.32 -26.34 48.22
N LEU A 203 -55.75 -25.68 49.23
CA LEU A 203 -54.52 -24.93 49.02
C LEU A 203 -53.36 -25.85 48.64
N ALA A 204 -53.23 -26.98 49.34
CA ALA A 204 -52.13 -27.89 49.05
C ALA A 204 -52.20 -28.42 47.63
N GLY A 205 -53.39 -28.78 47.17
CA GLY A 205 -53.54 -29.23 45.79
C GLY A 205 -53.28 -28.15 44.77
N LEU A 206 -53.83 -26.95 45.00
CA LEU A 206 -53.59 -25.85 44.08
C LEU A 206 -52.10 -25.59 43.92
N ARG A 207 -51.34 -25.77 44.99
CA ARG A 207 -49.90 -25.53 44.91
C ARG A 207 -49.26 -26.41 43.85
N GLU A 208 -49.66 -27.67 43.78
CA GLU A 208 -48.96 -28.66 42.97
C GLU A 208 -49.16 -28.38 41.47
N VAL A 209 -50.39 -28.08 41.07
CA VAL A 209 -50.73 -27.98 39.64
C VAL A 209 -50.02 -26.75 39.08
N ARG A 210 -49.55 -26.88 37.83
CA ARG A 210 -48.84 -25.78 37.17
C ARG A 210 -49.38 -25.77 35.74
N ARG A 211 -50.46 -25.02 35.50
CA ARG A 211 -50.97 -24.87 34.14
C ARG A 211 -51.77 -23.58 34.04
N VAL A 212 -51.85 -23.04 32.84
CA VAL A 212 -52.62 -21.83 32.55
C VAL A 212 -53.93 -22.24 31.91
N THR A 213 -55.03 -21.63 32.36
CA THR A 213 -56.38 -22.02 31.94
C THR A 213 -57.09 -20.82 31.34
N PHE A 214 -57.51 -20.97 30.08
CA PHE A 214 -58.36 -19.98 29.41
C PHE A 214 -59.69 -20.66 29.08
N THR A 215 -60.74 -20.29 29.80
CA THR A 215 -62.08 -20.76 29.53
C THR A 215 -63.02 -19.58 29.41
N ARG A 216 -64.31 -19.86 29.26
CA ARG A 216 -65.29 -18.80 29.12
C ARG A 216 -65.27 -17.89 30.34
N TRP A 217 -65.11 -18.47 31.53
CA TRP A 217 -65.25 -17.72 32.77
C TRP A 217 -64.07 -16.80 33.01
N THR A 218 -62.86 -17.23 32.69
CA THR A 218 -61.72 -16.40 33.03
C THR A 218 -61.53 -15.21 32.10
N ARG A 219 -62.26 -15.11 30.98
CA ARG A 219 -62.05 -13.96 30.12
C ARG A 219 -62.68 -12.66 30.63
N GLU A 220 -63.81 -12.72 31.32
CA GLU A 220 -64.44 -11.47 31.73
C GLU A 220 -63.64 -10.79 32.83
N LEU A 221 -62.97 -11.56 33.68
CA LEU A 221 -62.26 -11.02 34.83
C LEU A 221 -61.35 -9.87 34.43
N ALA A 222 -60.97 -9.04 35.41
CA ALA A 222 -60.05 -7.93 35.16
C ALA A 222 -58.62 -8.39 34.96
N THR A 223 -58.31 -9.64 35.26
CA THR A 223 -56.94 -10.10 35.06
C THR A 223 -56.68 -10.43 33.60
N LYS A 224 -57.71 -10.81 32.86
CA LYS A 224 -57.55 -11.04 31.43
C LYS A 224 -57.06 -9.76 30.76
N GLY A 225 -56.01 -9.89 29.96
CA GLY A 225 -55.23 -8.73 29.54
C GLY A 225 -53.88 -8.63 30.20
N ARG A 226 -53.57 -9.50 31.14
CA ARG A 226 -52.21 -9.66 31.64
C ARG A 226 -51.82 -11.14 31.57
N MET A 227 -52.79 -12.02 31.79
CA MET A 227 -52.51 -13.46 31.69
C MET A 227 -52.13 -13.84 30.26
N PHE A 228 -52.60 -13.09 29.26
CA PHE A 228 -52.16 -13.36 27.90
C PHE A 228 -50.73 -12.88 27.70
N SER A 229 -50.44 -11.68 28.17
CA SER A 229 -49.15 -11.08 27.90
C SER A 229 -48.05 -11.87 28.56
N SER A 230 -48.29 -12.34 29.79
CA SER A 230 -47.22 -12.98 30.52
C SER A 230 -46.83 -14.27 29.82
N LEU A 231 -47.83 -15.03 29.37
CA LEU A 231 -47.57 -16.26 28.64
C LEU A 231 -46.79 -15.95 27.37
N ARG A 232 -47.32 -15.03 26.56
CA ARG A 232 -46.63 -14.62 25.34
C ARG A 232 -45.17 -14.30 25.61
N LYS A 233 -44.89 -13.55 26.68
CA LYS A 233 -43.52 -13.20 27.03
C LYS A 233 -42.72 -14.39 27.51
N SER A 234 -43.38 -15.46 27.96
CA SER A 234 -42.64 -16.63 28.43
C SER A 234 -42.07 -17.44 27.29
N LEU A 235 -42.81 -17.55 26.18
CA LEU A 235 -42.44 -18.44 25.09
C LEU A 235 -41.62 -17.74 24.02
N ARG A 236 -41.38 -16.45 24.17
CA ARG A 236 -40.62 -15.70 23.18
C ARG A 236 -39.30 -16.38 22.85
N SER A 237 -38.58 -16.85 23.87
CA SER A 237 -37.23 -17.35 23.65
C SER A 237 -37.24 -18.67 22.90
N CYS A 238 -38.15 -19.57 23.25
CA CYS A 238 -38.21 -20.86 22.58
C CYS A 238 -38.65 -20.71 21.12
N LEU A 239 -39.48 -19.73 20.83
CA LEU A 239 -40.06 -19.59 19.51
C LEU A 239 -39.14 -18.93 18.50
N ALA A 240 -38.00 -18.38 18.94
CA ALA A 240 -37.13 -17.65 18.05
C ALA A 240 -36.26 -18.57 17.21
N HIS A 241 -35.81 -19.67 17.81
CA HIS A 241 -34.82 -20.53 17.18
C HIS A 241 -35.34 -21.10 15.87
N ASN A 242 -34.41 -21.33 14.94
CA ASN A 242 -34.75 -21.93 13.66
C ASN A 242 -34.98 -23.42 13.80
N SER A 243 -33.98 -24.14 14.31
CA SER A 243 -34.03 -25.58 14.42
C SER A 243 -34.33 -25.99 15.85
N ARG A 244 -35.47 -26.65 16.04
CA ARG A 244 -35.84 -27.26 17.31
C ARG A 244 -36.87 -28.35 17.01
N TRP A 245 -37.11 -29.17 18.02
CA TRP A 245 -38.10 -30.23 17.95
C TRP A 245 -39.31 -29.82 18.78
N ARG A 246 -40.44 -29.65 18.14
CA ARG A 246 -41.66 -29.22 18.80
C ARG A 246 -42.75 -30.25 18.57
N VAL A 247 -43.50 -30.56 19.63
CA VAL A 247 -44.54 -31.57 19.62
C VAL A 247 -45.81 -31.02 20.24
N PHE A 248 -46.95 -31.47 19.73
CA PHE A 248 -48.24 -31.06 20.25
C PHE A 248 -49.11 -32.28 20.50
N VAL A 249 -49.96 -32.19 21.51
CA VAL A 249 -51.05 -33.13 21.71
C VAL A 249 -52.32 -32.34 21.97
N ILE A 250 -53.39 -32.71 21.28
CA ILE A 250 -54.65 -31.98 21.33
C ILE A 250 -55.79 -32.97 21.50
N ASN A 251 -56.82 -32.51 22.22
CA ASN A 251 -58.06 -33.26 22.42
C ASN A 251 -59.20 -32.36 21.96
N PRO A 252 -59.99 -32.75 20.96
CA PRO A 252 -60.93 -31.80 20.34
C PRO A 252 -62.34 -31.82 20.90
N LEU A 253 -62.64 -32.65 21.90
CA LEU A 253 -64.01 -32.76 22.38
C LEU A 253 -64.54 -31.41 22.81
N THR A 254 -63.70 -30.57 23.40
CA THR A 254 -64.14 -29.35 24.06
C THR A 254 -63.80 -28.09 23.26
N ILE A 255 -63.42 -28.24 22.00
CA ILE A 255 -62.97 -27.12 21.18
C ILE A 255 -64.09 -26.71 20.24
N GLU A 256 -64.34 -25.40 20.16
CA GLU A 256 -65.48 -24.88 19.44
C GLU A 256 -65.14 -24.76 17.96
N ASN A 257 -65.94 -25.38 17.11
CA ASN A 257 -65.73 -25.39 15.66
C ASN A 257 -64.33 -25.89 15.33
N PHE A 258 -64.05 -27.12 15.73
CA PHE A 258 -62.70 -27.65 15.62
C PHE A 258 -62.39 -28.20 14.24
N ASP A 259 -63.41 -28.58 13.48
CA ASP A 259 -63.18 -29.13 12.15
C ASP A 259 -62.58 -28.10 11.22
N ASP A 260 -62.98 -26.84 11.38
CA ASP A 260 -62.63 -25.78 10.45
C ASP A 260 -61.34 -25.08 10.85
N ASP A 261 -61.19 -24.74 12.13
CA ASP A 261 -60.09 -23.86 12.55
C ASP A 261 -58.76 -24.58 12.61
N ILE A 262 -58.77 -25.91 12.73
CA ILE A 262 -57.53 -26.66 12.83
C ILE A 262 -56.69 -26.43 11.60
N VAL A 263 -57.31 -26.46 10.43
CA VAL A 263 -56.60 -26.24 9.18
C VAL A 263 -55.95 -24.87 9.16
N ARG A 264 -56.71 -23.85 9.55
CA ARG A 264 -56.19 -22.48 9.55
C ARG A 264 -55.00 -22.35 10.49
N PHE A 265 -55.08 -23.00 11.65
CA PHE A 265 -54.02 -22.90 12.63
C PHE A 265 -52.76 -23.60 12.14
N ILE A 266 -52.92 -24.79 11.55
CA ILE A 266 -51.77 -25.49 10.98
C ILE A 266 -51.12 -24.66 9.90
N LYS A 267 -51.92 -24.10 9.00
CA LYS A 267 -51.34 -23.32 7.90
C LYS A 267 -50.59 -22.11 8.44
N ALA A 268 -51.16 -21.43 9.43
CA ALA A 268 -50.50 -20.24 9.96
C ALA A 268 -49.21 -20.63 10.67
N PHE A 269 -49.22 -21.75 11.37
CA PHE A 269 -48.02 -22.18 12.07
C PHE A 269 -46.91 -22.55 11.10
N VAL A 270 -47.26 -23.22 9.99
CA VAL A 270 -46.22 -23.63 9.06
C VAL A 270 -45.74 -22.48 8.18
N GLN A 271 -46.56 -21.46 7.98
CA GLN A 271 -46.12 -20.36 7.14
C GLN A 271 -44.95 -19.61 7.74
N ARG A 272 -44.83 -19.60 9.06
CA ARG A 272 -43.76 -18.90 9.75
C ARG A 272 -42.64 -19.82 10.23
N TYR A 273 -42.95 -20.90 10.93
CA TYR A 273 -41.95 -21.70 11.61
C TYR A 273 -41.42 -22.89 10.82
N SER A 274 -42.03 -23.27 9.70
CA SER A 274 -41.52 -24.35 8.87
C SER A 274 -41.57 -24.00 7.38
N SER A 275 -40.96 -22.88 6.99
CA SER A 275 -41.01 -22.50 5.58
C SER A 275 -39.69 -21.99 5.02
N LYS A 276 -38.55 -22.35 5.59
CA LYS A 276 -37.30 -21.91 5.00
C LYS A 276 -36.18 -22.92 5.22
N TYR A 277 -35.08 -22.66 4.51
CA TYR A 277 -33.98 -23.61 4.35
C TYR A 277 -33.36 -24.03 5.67
N LEU A 278 -33.46 -23.21 6.69
CA LEU A 278 -32.85 -23.49 7.98
C LEU A 278 -33.85 -23.98 9.00
N HIS A 279 -35.08 -24.23 8.58
CA HIS A 279 -36.07 -24.88 9.40
C HIS A 279 -36.04 -26.38 9.10
N SER A 280 -35.23 -27.10 9.88
CA SER A 280 -34.76 -28.42 9.51
C SER A 280 -35.38 -29.55 10.30
N ASN A 281 -36.42 -29.29 11.09
CA ASN A 281 -37.09 -30.33 11.85
C ASN A 281 -38.55 -29.97 12.03
N PRO A 282 -39.40 -30.40 11.12
CA PRO A 282 -40.79 -30.01 11.16
C PRO A 282 -41.48 -30.53 12.40
N PRO A 283 -42.57 -29.90 12.81
CA PRO A 283 -43.26 -30.30 14.02
C PRO A 283 -44.17 -31.50 13.81
N LEU A 284 -44.63 -32.05 14.93
CA LEU A 284 -45.52 -33.19 14.96
C LEU A 284 -46.82 -32.80 15.64
N PHE A 285 -47.94 -33.17 15.03
CA PHE A 285 -49.24 -32.91 15.58
C PHE A 285 -49.90 -34.25 15.86
N MET A 286 -50.21 -34.51 17.12
CA MET A 286 -50.91 -35.71 17.51
C MET A 286 -52.24 -35.33 18.12
N LEU A 287 -53.27 -36.08 17.77
CA LEU A 287 -54.64 -35.83 18.18
C LEU A 287 -55.19 -37.04 18.91
N THR A 288 -55.72 -36.81 20.10
CA THR A 288 -56.30 -37.85 20.92
C THR A 288 -57.76 -38.06 20.58
N GLY A 289 -58.25 -39.26 20.88
CA GLY A 289 -59.63 -39.61 20.61
C GLY A 289 -59.80 -40.55 19.44
N ASP A 290 -60.89 -40.38 18.69
CA ASP A 290 -61.20 -41.22 17.55
C ASP A 290 -61.41 -40.37 16.30
N TYR A 291 -60.56 -39.38 16.10
CA TYR A 291 -60.63 -38.53 14.94
C TYR A 291 -60.18 -39.28 13.69
N ASP A 292 -60.59 -38.78 12.53
CA ASP A 292 -60.25 -39.35 11.23
C ASP A 292 -59.30 -38.42 10.50
N LEU A 293 -58.11 -38.92 10.18
CA LEU A 293 -57.05 -38.08 9.66
C LEU A 293 -57.22 -37.80 8.17
N SER A 294 -57.82 -38.74 7.44
CA SER A 294 -57.79 -38.70 5.98
C SER A 294 -58.34 -37.36 5.47
N VAL A 295 -59.40 -36.87 6.10
CA VAL A 295 -60.05 -35.67 5.62
C VAL A 295 -59.16 -34.45 5.83
N LEU A 296 -58.56 -34.35 7.02
CA LEU A 296 -57.60 -33.29 7.28
C LEU A 296 -56.46 -33.34 6.30
N GLN A 297 -55.96 -34.54 6.00
CA GLN A 297 -54.85 -34.67 5.09
C GLN A 297 -55.22 -34.15 3.71
N LYS A 298 -56.41 -34.51 3.22
CA LYS A 298 -56.87 -34.03 1.92
C LYS A 298 -57.00 -32.52 1.91
N ARG A 299 -57.60 -31.97 2.95
CA ARG A 299 -57.82 -30.53 2.97
C ARG A 299 -56.52 -29.77 3.03
N LEU A 300 -55.52 -30.32 3.72
CA LEU A 300 -54.22 -29.66 3.74
C LEU A 300 -53.51 -29.79 2.41
N TYR A 301 -53.59 -30.97 1.78
CA TYR A 301 -52.98 -31.16 0.48
C TYR A 301 -53.54 -30.18 -0.53
N ASP A 302 -54.84 -29.90 -0.45
CA ASP A 302 -55.42 -28.89 -1.32
C ASP A 302 -54.75 -27.54 -1.15
N ALA A 303 -54.29 -27.24 0.07
CA ALA A 303 -53.69 -25.94 0.35
C ALA A 303 -52.25 -25.85 -0.13
N GLY A 304 -51.58 -26.99 -0.33
CA GLY A 304 -50.23 -27.00 -0.86
C GLY A 304 -49.26 -27.81 -0.05
N LEU A 305 -49.57 -28.01 1.23
CA LEU A 305 -48.69 -28.69 2.15
C LEU A 305 -48.74 -30.21 1.97
N ARG A 306 -47.65 -30.86 2.38
CA ARG A 306 -47.55 -32.30 2.39
C ARG A 306 -47.14 -32.79 3.77
N CYS A 307 -47.50 -34.03 4.08
CA CYS A 307 -47.41 -34.57 5.42
C CYS A 307 -46.71 -35.92 5.40
N GLU A 308 -46.09 -36.27 6.52
CA GLU A 308 -45.43 -37.55 6.70
C GLU A 308 -46.19 -38.36 7.75
N THR A 309 -47.01 -39.30 7.29
CA THR A 309 -47.87 -40.06 8.18
C THR A 309 -47.12 -41.18 8.90
N GLY A 310 -46.06 -41.70 8.31
CA GLY A 310 -45.31 -42.79 8.90
C GLY A 310 -45.68 -44.16 8.38
N LYS A 311 -46.71 -44.24 7.55
CA LYS A 311 -47.31 -45.50 7.17
C LYS A 311 -46.82 -45.92 5.79
N VAL A 312 -46.11 -47.04 5.74
CA VAL A 312 -45.87 -47.77 4.50
C VAL A 312 -46.88 -48.90 4.47
N GLY A 313 -47.99 -48.70 3.76
CA GLY A 313 -48.98 -49.73 3.58
C GLY A 313 -50.23 -49.58 4.41
N GLY A 314 -50.49 -48.41 4.97
CA GLY A 314 -51.73 -48.15 5.67
C GLY A 314 -52.13 -49.17 6.71
N THR A 315 -51.15 -49.89 7.25
CA THR A 315 -51.39 -50.79 8.39
C THR A 315 -51.04 -50.13 9.72
N ASP A 316 -49.77 -49.78 9.94
CA ASP A 316 -49.36 -49.30 11.25
C ASP A 316 -48.07 -48.51 11.12
N VAL A 317 -47.81 -47.72 12.15
CA VAL A 317 -46.74 -46.74 12.12
C VAL A 317 -45.37 -47.39 12.25
N ILE A 318 -44.37 -46.74 11.68
CA ILE A 318 -42.97 -47.08 11.83
C ILE A 318 -42.26 -45.85 12.37
N ILE A 319 -41.46 -46.03 13.40
CA ILE A 319 -40.91 -44.88 14.11
C ILE A 319 -39.79 -44.25 13.31
N LYS A 320 -39.00 -45.07 12.64
CA LYS A 320 -37.86 -44.55 11.88
C LYS A 320 -38.31 -43.57 10.80
N GLU A 321 -39.42 -43.87 10.13
CA GLU A 321 -39.86 -43.05 9.02
C GLU A 321 -40.57 -41.78 9.45
N LEU A 322 -41.15 -41.75 10.64
CA LEU A 322 -41.89 -40.58 11.08
C LEU A 322 -40.99 -39.51 11.67
N PHE A 323 -39.73 -39.82 11.95
CA PHE A 323 -38.78 -38.86 12.50
C PHE A 323 -37.57 -38.66 11.60
N ARG A 324 -37.71 -38.94 10.30
CA ARG A 324 -36.61 -38.77 9.37
C ARG A 324 -36.46 -37.32 8.94
N ARG A 325 -35.26 -36.97 8.53
CA ARG A 325 -34.94 -35.67 7.99
C ARG A 325 -35.37 -35.58 6.52
N PRO A 326 -35.82 -34.40 6.09
CA PRO A 326 -36.20 -34.25 4.68
C PRO A 326 -35.16 -33.65 3.77
N ILE A 327 -35.35 -33.86 2.47
CA ILE A 327 -34.58 -33.17 1.46
C ILE A 327 -34.87 -31.68 1.52
N LEU A 328 -33.82 -30.87 1.49
CA LEU A 328 -33.99 -29.43 1.37
C LEU A 328 -33.14 -28.92 0.21
N ILE A 329 -33.79 -28.28 -0.77
CA ILE A 329 -33.13 -27.67 -1.92
C ILE A 329 -33.28 -26.16 -1.82
N ARG A 330 -32.18 -25.45 -2.06
CA ARG A 330 -32.12 -24.02 -1.79
C ARG A 330 -32.68 -23.18 -2.93
N ASN A 331 -32.17 -23.38 -4.14
CA ASN A 331 -32.49 -22.51 -5.27
C ASN A 331 -32.84 -23.36 -6.48
N PRO A 332 -34.12 -23.47 -6.84
CA PRO A 332 -35.31 -22.98 -6.15
C PRO A 332 -35.65 -23.78 -4.90
N PHE A 333 -36.44 -23.17 -4.02
CA PHE A 333 -36.71 -23.74 -2.71
C PHE A 333 -37.76 -24.84 -2.82
N ARG A 334 -37.54 -25.92 -2.08
CA ARG A 334 -38.44 -27.05 -2.07
C ARG A 334 -38.20 -27.86 -0.81
N MET A 335 -39.28 -28.37 -0.23
CA MET A 335 -39.23 -29.18 0.98
C MET A 335 -40.06 -30.43 0.77
N GLU A 336 -39.46 -31.59 1.06
CA GLU A 336 -40.14 -32.86 0.84
C GLU A 336 -41.43 -32.92 1.62
N PHE A 337 -41.40 -32.54 2.90
CA PHE A 337 -42.61 -32.39 3.68
C PHE A 337 -42.45 -31.22 4.62
N SER A 338 -43.58 -30.74 5.11
CA SER A 338 -43.60 -29.61 6.02
C SER A 338 -44.21 -29.91 7.39
N LEU A 339 -44.85 -31.04 7.58
CA LEU A 339 -45.40 -31.35 8.89
C LEU A 339 -45.53 -32.85 9.08
N ARG A 340 -45.55 -33.25 10.35
CA ARG A 340 -45.75 -34.63 10.76
C ARG A 340 -47.10 -34.76 11.45
N LEU A 341 -47.87 -35.77 11.07
CA LEU A 341 -49.24 -35.94 11.53
C LEU A 341 -49.49 -37.39 11.87
N ALA A 342 -50.08 -37.65 13.02
CA ALA A 342 -50.34 -39.01 13.46
C ALA A 342 -51.32 -38.98 14.63
N LYS A 343 -51.72 -40.17 15.05
CA LYS A 343 -52.64 -40.37 16.16
C LYS A 343 -51.89 -41.00 17.32
N ARG A 344 -52.27 -40.61 18.54
CA ARG A 344 -51.44 -40.92 19.70
C ARG A 344 -51.43 -42.40 20.02
N ASP A 345 -52.58 -43.06 19.88
CA ASP A 345 -52.69 -44.44 20.29
C ASP A 345 -51.81 -45.35 19.44
N GLU A 346 -51.63 -45.00 18.16
CA GLU A 346 -50.90 -45.85 17.25
C GLU A 346 -49.39 -45.74 17.45
N VAL A 347 -48.90 -44.61 17.91
CA VAL A 347 -47.48 -44.36 18.03
C VAL A 347 -46.95 -44.98 19.30
N ILE A 348 -46.57 -46.24 19.24
CA ILE A 348 -46.10 -46.98 20.39
C ILE A 348 -44.59 -47.07 20.30
N GLY A 349 -43.92 -46.54 21.30
CA GLY A 349 -42.49 -46.41 21.33
C GLY A 349 -42.12 -45.02 21.78
N GLY A 350 -40.92 -44.62 21.44
CA GLY A 350 -40.42 -43.32 21.82
C GLY A 350 -39.44 -42.77 20.80
N PRO A 351 -39.08 -41.50 20.97
CA PRO A 351 -38.15 -40.85 20.03
C PRO A 351 -36.70 -40.99 20.45
N GLN A 352 -35.86 -41.27 19.45
CA GLN A 352 -34.45 -41.47 19.70
C GLN A 352 -33.73 -40.24 20.24
N ARG A 353 -34.34 -39.06 20.12
CA ARG A 353 -33.85 -37.84 20.74
C ARG A 353 -35.07 -37.13 21.32
N ARG A 354 -34.95 -36.66 22.54
CA ARG A 354 -36.09 -36.21 23.28
C ARG A 354 -36.50 -34.79 22.89
N PRO A 355 -37.77 -34.45 23.10
CA PRO A 355 -38.25 -33.15 22.67
C PRO A 355 -37.65 -32.00 23.45
N ASP A 356 -37.52 -30.87 22.75
CA ASP A 356 -37.09 -29.64 23.38
C ASP A 356 -38.26 -28.91 24.00
N GLU A 357 -39.46 -29.09 23.45
CA GLU A 357 -40.68 -28.50 23.98
C GLU A 357 -41.83 -29.46 23.71
N LEU A 358 -42.84 -29.41 24.58
CA LEU A 358 -44.03 -30.23 24.42
C LEU A 358 -45.25 -29.45 24.89
N PHE A 359 -46.25 -29.34 24.03
CA PHE A 359 -47.44 -28.55 24.28
C PHE A 359 -48.65 -29.47 24.43
N LEU A 360 -49.13 -29.60 25.66
CA LEU A 360 -50.30 -30.42 25.96
C LEU A 360 -51.51 -29.50 26.05
N ILE A 361 -52.34 -29.53 25.01
CA ILE A 361 -53.56 -28.76 24.94
C ILE A 361 -54.72 -29.68 25.32
N ASN A 362 -55.28 -29.43 26.51
CA ASN A 362 -56.46 -30.15 27.00
C ASN A 362 -56.15 -31.62 27.20
N VAL A 363 -55.00 -31.89 27.81
CA VAL A 363 -54.56 -33.25 28.09
C VAL A 363 -53.80 -33.23 29.40
N ALA A 364 -53.97 -34.29 30.18
CA ALA A 364 -53.46 -34.31 31.55
C ALA A 364 -52.05 -34.91 31.65
N ASP A 365 -51.84 -36.04 31.00
CA ASP A 365 -50.60 -36.80 31.18
C ASP A 365 -50.12 -37.30 29.83
N ASP A 366 -48.81 -37.49 29.72
CA ASP A 366 -48.19 -38.06 28.54
C ASP A 366 -46.91 -38.76 28.96
N GLU A 367 -46.66 -39.93 28.37
CA GLU A 367 -45.54 -40.74 28.80
C GLU A 367 -44.22 -40.02 28.61
N TRP A 368 -44.16 -39.13 27.61
CA TRP A 368 -42.91 -38.47 27.25
C TRP A 368 -42.48 -37.43 28.27
N LYS A 369 -43.33 -37.08 29.22
CA LYS A 369 -42.96 -36.15 30.27
C LYS A 369 -41.73 -36.66 30.98
N HIS A 370 -40.74 -35.79 31.11
CA HIS A 370 -39.44 -36.15 31.66
C HIS A 370 -38.68 -34.86 31.91
N GLU A 371 -37.75 -34.92 32.86
CA GLU A 371 -37.20 -33.70 33.43
C GLU A 371 -36.59 -32.80 32.36
N ASP A 372 -35.77 -33.38 31.49
CA ASP A 372 -35.10 -32.59 30.46
C ASP A 372 -36.07 -31.88 29.54
N VAL A 373 -37.29 -32.37 29.40
CA VAL A 373 -38.28 -31.79 28.50
C VAL A 373 -39.05 -30.69 29.21
N ASN A 374 -39.45 -29.69 28.43
CA ASN A 374 -40.24 -28.57 28.91
C ASN A 374 -41.70 -28.79 28.53
N VAL A 375 -42.59 -28.69 29.50
CA VAL A 375 -43.97 -29.16 29.37
C VAL A 375 -44.92 -28.01 29.71
N HIS A 376 -45.25 -27.20 28.72
CA HIS A 376 -46.26 -26.18 28.91
C HIS A 376 -47.64 -26.79 28.77
N GLY A 377 -48.58 -26.32 29.58
CA GLY A 377 -49.93 -26.83 29.55
C GLY A 377 -50.94 -25.70 29.40
N PHE A 378 -52.11 -26.07 28.89
CA PHE A 378 -53.17 -25.10 28.63
C PHE A 378 -54.53 -25.77 28.71
N LYS A 379 -55.54 -24.93 28.90
CA LYS A 379 -56.95 -25.33 28.80
C LYS A 379 -57.65 -24.29 27.96
N ILE A 380 -58.31 -24.72 26.89
CA ILE A 380 -58.73 -23.82 25.83
C ILE A 380 -60.09 -24.24 25.30
N GLU A 381 -60.91 -23.25 24.98
CA GLU A 381 -62.20 -23.48 24.34
C GLU A 381 -62.27 -22.89 22.94
N ARG A 382 -61.33 -22.03 22.56
CA ARG A 382 -61.24 -21.50 21.21
C ARG A 382 -59.78 -21.50 20.79
N LEU A 383 -59.52 -21.95 19.56
CA LEU A 383 -58.14 -22.03 19.08
C LEU A 383 -57.54 -20.67 18.80
N SER A 384 -58.34 -19.62 18.67
CA SER A 384 -57.77 -18.30 18.42
C SER A 384 -57.06 -17.76 19.64
N ASP A 385 -57.18 -18.41 20.80
CA ASP A 385 -56.47 -17.97 21.99
C ASP A 385 -55.00 -18.37 21.96
N LEU A 386 -54.70 -19.49 21.31
CA LEU A 386 -53.32 -19.98 21.24
C LEU A 386 -52.51 -19.22 20.19
N GLU A 387 -53.19 -18.74 19.15
CA GLU A 387 -52.52 -17.97 18.11
C GLU A 387 -51.79 -16.78 18.71
N TYR A 388 -52.50 -16.01 19.54
CA TYR A 388 -51.88 -14.87 20.20
C TYR A 388 -50.69 -15.28 21.02
N ILE A 389 -50.79 -16.42 21.71
CA ILE A 389 -49.69 -16.92 22.51
C ILE A 389 -48.48 -17.23 21.64
N LEU A 390 -48.72 -17.65 20.40
CA LEU A 390 -47.66 -18.09 19.50
C LEU A 390 -47.22 -17.00 18.53
N GLN A 391 -47.73 -15.77 18.69
CA GLN A 391 -47.35 -14.60 17.91
C GLN A 391 -47.88 -14.64 16.49
N LEU A 392 -48.93 -15.41 16.24
CA LEU A 392 -49.50 -15.44 14.90
C LEU A 392 -50.42 -14.25 14.67
N ARG A 393 -51.25 -13.89 15.65
CA ARG A 393 -52.19 -12.81 15.50
C ARG A 393 -51.94 -11.74 16.55
N SER A 394 -52.39 -10.52 16.24
CA SER A 394 -52.00 -9.32 16.95
C SER A 394 -52.93 -8.97 18.10
N ASP A 395 -54.24 -9.09 17.90
CA ASP A 395 -55.23 -8.55 18.82
C ASP A 395 -56.24 -9.64 19.19
N TYR A 396 -56.40 -9.86 20.49
CA TYR A 396 -57.25 -10.92 21.01
C TYR A 396 -58.70 -10.44 21.08
N ALA A 397 -59.56 -11.32 21.57
CA ALA A 397 -60.99 -11.04 21.62
C ALA A 397 -61.31 -10.07 22.74
N ALA B 222 -36.41 -74.78 -27.54
CA ALA B 222 -36.83 -75.10 -28.90
C ALA B 222 -36.97 -73.86 -29.75
N THR B 223 -37.99 -73.84 -30.61
CA THR B 223 -38.22 -72.69 -31.48
C THR B 223 -38.60 -71.45 -30.67
N LYS B 224 -39.31 -71.65 -29.55
CA LYS B 224 -39.74 -70.52 -28.75
C LYS B 224 -38.54 -69.71 -28.24
N GLY B 225 -37.49 -70.39 -27.78
CA GLY B 225 -36.34 -69.66 -27.27
C GLY B 225 -35.71 -68.72 -28.28
N ARG B 226 -35.57 -69.17 -29.54
CA ARG B 226 -35.03 -68.26 -30.54
C ARG B 226 -35.93 -67.04 -30.71
N MET B 227 -37.24 -67.22 -30.55
CA MET B 227 -38.15 -66.08 -30.61
C MET B 227 -37.81 -65.07 -29.53
N PHE B 228 -37.49 -65.57 -28.34
CA PHE B 228 -37.10 -64.69 -27.25
C PHE B 228 -35.80 -63.98 -27.58
N SER B 229 -34.84 -64.71 -28.15
CA SER B 229 -33.57 -64.10 -28.52
C SER B 229 -33.81 -63.01 -29.55
N SER B 230 -34.79 -63.18 -30.42
CA SER B 230 -35.12 -62.16 -31.40
C SER B 230 -35.68 -60.94 -30.73
N LEU B 231 -36.64 -61.12 -29.82
CA LEU B 231 -37.20 -59.98 -29.11
C LEU B 231 -36.12 -59.24 -28.34
N ARG B 232 -35.07 -59.95 -27.92
CA ARG B 232 -34.10 -59.34 -27.01
C ARG B 232 -33.39 -58.18 -27.66
N LYS B 233 -33.13 -58.24 -28.96
CA LYS B 233 -32.34 -57.23 -29.62
C LYS B 233 -33.18 -56.22 -30.37
N SER B 234 -34.50 -56.36 -30.34
CA SER B 234 -35.38 -55.30 -30.79
C SER B 234 -35.46 -54.19 -29.77
N LEU B 235 -35.14 -54.46 -28.52
CA LEU B 235 -35.33 -53.56 -27.41
C LEU B 235 -34.05 -52.87 -26.98
N ARG B 236 -32.94 -53.04 -27.70
CA ARG B 236 -31.67 -52.55 -27.21
C ARG B 236 -31.56 -51.04 -27.29
N SER B 237 -32.10 -50.45 -28.35
CA SER B 237 -32.03 -49.00 -28.47
C SER B 237 -32.97 -48.32 -27.49
N CYS B 238 -34.17 -48.86 -27.34
CA CYS B 238 -35.14 -48.28 -26.42
C CYS B 238 -34.54 -48.08 -25.04
N LEU B 239 -33.89 -49.11 -24.52
CA LEU B 239 -33.41 -49.09 -23.15
C LEU B 239 -32.08 -48.39 -22.97
N ALA B 240 -31.34 -48.15 -24.04
CA ALA B 240 -30.07 -47.44 -23.89
C ALA B 240 -30.29 -46.02 -23.40
N HIS B 241 -31.46 -45.45 -23.67
CA HIS B 241 -31.72 -44.07 -23.30
C HIS B 241 -31.77 -43.92 -21.79
N ASN B 242 -31.20 -42.82 -21.32
CA ASN B 242 -31.13 -42.55 -19.89
C ASN B 242 -32.43 -41.95 -19.36
N SER B 243 -33.08 -41.10 -20.13
CA SER B 243 -34.34 -40.49 -19.74
C SER B 243 -35.43 -40.94 -20.70
N ARG B 244 -36.36 -41.72 -20.20
CA ARG B 244 -37.47 -42.23 -20.98
C ARG B 244 -38.54 -42.71 -20.01
N TRP B 245 -39.79 -42.62 -20.44
CA TRP B 245 -40.90 -43.05 -19.61
C TRP B 245 -41.38 -44.41 -20.10
N ARG B 246 -41.29 -45.40 -19.24
CA ARG B 246 -41.74 -46.75 -19.51
C ARG B 246 -42.85 -47.15 -18.55
N VAL B 247 -43.76 -47.98 -19.05
CA VAL B 247 -44.93 -48.43 -18.31
C VAL B 247 -45.14 -49.92 -18.56
N PHE B 248 -45.65 -50.62 -17.55
CA PHE B 248 -45.84 -52.07 -17.55
C PHE B 248 -47.21 -52.42 -17.01
N VAL B 249 -47.83 -53.41 -17.62
CA VAL B 249 -49.07 -54.00 -17.14
C VAL B 249 -48.90 -55.51 -17.11
N ILE B 250 -49.32 -56.14 -16.02
CA ILE B 250 -49.07 -57.55 -15.76
C ILE B 250 -50.33 -58.18 -15.18
N ASN B 251 -50.52 -59.45 -15.49
CA ASN B 251 -51.63 -60.25 -14.97
C ASN B 251 -51.08 -61.44 -14.19
N PRO B 252 -51.13 -61.42 -12.85
CA PRO B 252 -50.43 -62.46 -12.09
C PRO B 252 -50.99 -63.85 -12.29
N LEU B 253 -52.30 -63.99 -12.48
CA LEU B 253 -52.93 -65.31 -12.36
C LEU B 253 -52.30 -66.32 -13.30
N THR B 254 -51.75 -65.88 -14.42
CA THR B 254 -51.23 -66.78 -15.44
C THR B 254 -49.76 -67.08 -15.28
N ILE B 255 -49.04 -66.39 -14.40
CA ILE B 255 -47.60 -66.54 -14.26
C ILE B 255 -47.31 -67.39 -13.03
N GLU B 256 -46.43 -68.37 -13.20
CA GLU B 256 -46.00 -69.23 -12.10
C GLU B 256 -45.03 -68.50 -11.19
N ASN B 257 -45.25 -68.63 -9.88
CA ASN B 257 -44.36 -68.10 -8.86
C ASN B 257 -44.17 -66.59 -9.02
N PHE B 258 -45.29 -65.88 -9.06
CA PHE B 258 -45.26 -64.43 -9.08
C PHE B 258 -44.75 -63.86 -7.75
N ASP B 259 -45.38 -64.29 -6.65
CA ASP B 259 -45.07 -63.72 -5.35
C ASP B 259 -43.62 -63.98 -4.96
N ASP B 260 -43.03 -65.03 -5.50
CA ASP B 260 -41.70 -65.45 -5.09
C ASP B 260 -40.61 -64.61 -5.75
N ASP B 261 -40.86 -64.09 -6.95
CA ASP B 261 -39.83 -63.45 -7.75
C ASP B 261 -40.09 -61.99 -8.06
N ILE B 262 -41.25 -61.46 -7.63
CA ILE B 262 -41.61 -60.10 -7.99
C ILE B 262 -40.58 -59.10 -7.48
N VAL B 263 -40.18 -59.24 -6.21
CA VAL B 263 -39.27 -58.28 -5.60
C VAL B 263 -37.90 -58.35 -6.25
N ARG B 264 -37.41 -59.55 -6.50
CA ARG B 264 -36.13 -59.70 -7.16
C ARG B 264 -36.14 -59.01 -8.51
N PHE B 265 -37.21 -59.21 -9.27
CA PHE B 265 -37.31 -58.56 -10.58
C PHE B 265 -37.28 -57.05 -10.47
N ILE B 266 -38.10 -56.48 -9.58
CA ILE B 266 -38.14 -55.03 -9.44
C ILE B 266 -36.82 -54.47 -8.95
N LYS B 267 -36.08 -55.26 -8.19
CA LYS B 267 -34.82 -54.77 -7.64
C LYS B 267 -33.76 -54.76 -8.70
N ALA B 268 -33.68 -55.81 -9.50
CA ALA B 268 -32.74 -55.79 -10.61
C ALA B 268 -33.05 -54.66 -11.56
N PHE B 269 -34.32 -54.52 -11.92
CA PHE B 269 -34.71 -53.48 -12.87
C PHE B 269 -34.30 -52.10 -12.35
N VAL B 270 -34.50 -51.85 -11.06
CA VAL B 270 -34.18 -50.53 -10.53
C VAL B 270 -32.68 -50.35 -10.35
N GLN B 271 -31.95 -51.44 -10.08
CA GLN B 271 -30.51 -51.34 -9.99
C GLN B 271 -29.91 -50.94 -11.32
N ARG B 272 -30.49 -51.42 -12.42
CA ARG B 272 -29.87 -51.16 -13.71
C ARG B 272 -30.38 -49.88 -14.36
N TYR B 273 -31.68 -49.60 -14.26
CA TYR B 273 -32.28 -48.56 -15.09
C TYR B 273 -32.78 -47.36 -14.30
N SER B 274 -32.75 -47.38 -12.97
CA SER B 274 -33.16 -46.24 -12.17
C SER B 274 -32.25 -46.04 -10.96
N SER B 275 -30.95 -46.00 -11.19
CA SER B 275 -29.98 -45.86 -10.10
C SER B 275 -28.90 -44.86 -10.46
N LYS B 276 -29.29 -43.70 -10.97
CA LYS B 276 -28.33 -42.66 -11.29
C LYS B 276 -29.07 -41.33 -11.41
N TYR B 277 -28.29 -40.26 -11.51
CA TYR B 277 -28.85 -38.93 -11.65
C TYR B 277 -29.47 -38.74 -13.03
N LEU B 278 -28.73 -39.11 -14.06
CA LEU B 278 -29.20 -38.98 -15.43
C LEU B 278 -30.50 -39.74 -15.66
N HIS B 279 -30.86 -40.67 -14.79
CA HIS B 279 -32.11 -41.42 -14.90
C HIS B 279 -33.19 -40.62 -14.21
N SER B 280 -33.90 -39.81 -14.99
CA SER B 280 -34.78 -38.79 -14.45
C SER B 280 -36.18 -39.29 -14.11
N ASN B 281 -36.79 -40.07 -15.00
CA ASN B 281 -38.18 -40.46 -14.86
C ASN B 281 -38.31 -41.93 -14.48
N PRO B 282 -38.78 -42.25 -13.29
CA PRO B 282 -38.84 -43.63 -12.87
C PRO B 282 -40.00 -44.37 -13.51
N PRO B 283 -39.96 -45.69 -13.48
CA PRO B 283 -40.97 -46.51 -14.16
C PRO B 283 -42.29 -46.60 -13.40
N LEU B 284 -43.25 -47.19 -14.10
CA LEU B 284 -44.63 -47.32 -13.63
C LEU B 284 -45.03 -48.77 -13.78
N PHE B 285 -45.32 -49.43 -12.67
CA PHE B 285 -45.76 -50.82 -12.67
C PHE B 285 -47.22 -50.86 -12.26
N MET B 286 -48.07 -51.39 -13.13
CA MET B 286 -49.47 -51.61 -12.83
C MET B 286 -49.80 -53.09 -12.93
N LEU B 287 -50.64 -53.55 -12.02
CA LEU B 287 -51.09 -54.91 -11.95
C LEU B 287 -52.60 -54.93 -11.87
N THR B 288 -53.22 -55.83 -12.61
CA THR B 288 -54.66 -55.90 -12.71
C THR B 288 -55.18 -57.10 -11.93
N GLY B 289 -56.49 -57.27 -11.94
CA GLY B 289 -57.12 -58.31 -11.17
C GLY B 289 -57.46 -57.89 -9.76
N ASP B 290 -57.48 -58.85 -8.84
CA ASP B 290 -57.63 -58.61 -7.42
C ASP B 290 -56.35 -59.07 -6.72
N TYR B 291 -55.70 -58.15 -6.02
CA TYR B 291 -54.39 -58.40 -5.45
C TYR B 291 -54.14 -57.32 -4.43
N ASP B 292 -53.20 -57.58 -3.53
CA ASP B 292 -52.90 -56.67 -2.43
C ASP B 292 -51.53 -56.03 -2.63
N LEU B 293 -51.51 -54.70 -2.59
CA LEU B 293 -50.29 -53.95 -2.79
C LEU B 293 -49.57 -53.65 -1.49
N SER B 294 -50.26 -53.74 -0.35
CA SER B 294 -49.64 -53.39 0.92
C SER B 294 -48.51 -54.33 1.28
N VAL B 295 -48.74 -55.63 1.14
CA VAL B 295 -47.71 -56.61 1.43
C VAL B 295 -46.48 -56.36 0.58
N LEU B 296 -46.68 -56.05 -0.69
CA LEU B 296 -45.57 -55.85 -1.60
C LEU B 296 -44.82 -54.58 -1.25
N GLN B 297 -45.54 -53.51 -0.92
CA GLN B 297 -44.91 -52.27 -0.52
C GLN B 297 -44.07 -52.45 0.74
N LYS B 298 -44.56 -53.26 1.67
CA LYS B 298 -43.80 -53.53 2.89
C LYS B 298 -42.54 -54.32 2.57
N ARG B 299 -42.67 -55.36 1.74
CA ARG B 299 -41.52 -56.17 1.42
C ARG B 299 -40.47 -55.37 0.68
N LEU B 300 -40.91 -54.42 -0.14
CA LEU B 300 -39.97 -53.58 -0.86
C LEU B 300 -39.27 -52.61 0.09
N TYR B 301 -40.02 -52.00 1.00
CA TYR B 301 -39.41 -51.17 2.03
C TYR B 301 -38.35 -51.94 2.79
N ASP B 302 -38.67 -53.18 3.16
CA ASP B 302 -37.68 -54.02 3.82
C ASP B 302 -36.48 -54.29 2.92
N ALA B 303 -36.71 -54.40 1.62
CA ALA B 303 -35.62 -54.60 0.69
C ALA B 303 -34.73 -53.38 0.59
N GLY B 304 -35.29 -52.19 0.72
CA GLY B 304 -34.51 -50.97 0.65
C GLY B 304 -35.05 -49.89 -0.25
N LEU B 305 -36.10 -50.21 -1.02
CA LEU B 305 -36.64 -49.28 -1.99
C LEU B 305 -37.86 -48.54 -1.43
N ARG B 306 -38.09 -47.35 -1.96
CA ARG B 306 -39.23 -46.52 -1.66
C ARG B 306 -40.07 -46.35 -2.92
N CYS B 307 -41.38 -46.17 -2.74
CA CYS B 307 -42.30 -46.15 -3.85
C CYS B 307 -43.32 -45.03 -3.70
N GLU B 308 -43.87 -44.61 -4.83
CA GLU B 308 -44.89 -43.57 -4.88
C GLU B 308 -46.23 -44.22 -5.22
N THR B 309 -47.13 -44.26 -4.24
CA THR B 309 -48.43 -44.88 -4.45
C THR B 309 -49.40 -43.95 -5.15
N GLY B 310 -49.35 -42.67 -4.84
CA GLY B 310 -50.25 -41.69 -5.40
C GLY B 310 -51.33 -41.24 -4.46
N LYS B 311 -51.40 -41.81 -3.26
CA LYS B 311 -52.45 -41.48 -2.31
C LYS B 311 -52.07 -40.29 -1.45
N VAL B 312 -53.09 -39.65 -0.89
CA VAL B 312 -52.92 -38.55 0.05
C VAL B 312 -53.64 -38.95 1.32
N GLY B 313 -53.61 -40.24 1.63
CA GLY B 313 -54.10 -40.75 2.89
C GLY B 313 -55.38 -41.54 2.76
N GLY B 314 -56.15 -41.28 1.73
CA GLY B 314 -57.45 -41.90 1.56
C GLY B 314 -57.38 -43.19 0.78
N THR B 315 -58.52 -43.57 0.21
CA THR B 315 -58.66 -44.75 -0.62
C THR B 315 -58.76 -44.41 -2.10
N ASP B 316 -58.41 -43.19 -2.50
CA ASP B 316 -58.47 -42.78 -3.89
C ASP B 316 -57.14 -42.24 -4.35
N VAL B 317 -56.89 -42.40 -5.64
CA VAL B 317 -55.64 -41.98 -6.26
C VAL B 317 -55.82 -40.59 -6.86
N ILE B 318 -54.70 -39.88 -7.01
CA ILE B 318 -54.66 -38.59 -7.68
C ILE B 318 -53.55 -38.66 -8.72
N ILE B 319 -53.91 -38.43 -9.98
CA ILE B 319 -53.01 -38.73 -11.07
C ILE B 319 -51.79 -37.80 -11.03
N LYS B 320 -52.00 -36.54 -10.68
CA LYS B 320 -50.88 -35.60 -10.67
C LYS B 320 -49.80 -36.05 -9.70
N GLU B 321 -50.20 -36.64 -8.58
CA GLU B 321 -49.23 -37.04 -7.57
C GLU B 321 -48.39 -38.21 -8.05
N LEU B 322 -49.00 -39.13 -8.77
CA LEU B 322 -48.29 -40.32 -9.21
C LEU B 322 -47.28 -40.01 -10.30
N PHE B 323 -47.71 -39.25 -11.31
CA PHE B 323 -46.86 -38.91 -12.44
C PHE B 323 -46.02 -37.66 -12.20
N ARG B 324 -45.68 -37.35 -10.95
CA ARG B 324 -44.86 -36.19 -10.68
C ARG B 324 -43.39 -36.51 -10.83
N ARG B 325 -42.60 -35.50 -10.76
CA ARG B 325 -41.16 -35.64 -10.86
C ARG B 325 -40.54 -35.78 -9.49
N PRO B 326 -39.41 -36.47 -9.39
CA PRO B 326 -38.71 -36.59 -8.11
C PRO B 326 -37.63 -35.53 -7.92
N ILE B 327 -37.35 -35.27 -6.65
CA ILE B 327 -36.14 -34.55 -6.28
C ILE B 327 -34.93 -35.42 -6.59
N LEU B 328 -33.86 -34.77 -7.03
CA LEU B 328 -32.62 -35.45 -7.36
C LEU B 328 -31.46 -34.57 -6.93
N ILE B 329 -30.60 -35.11 -6.07
CA ILE B 329 -29.38 -34.45 -5.66
C ILE B 329 -28.21 -35.22 -6.27
N ARG B 330 -27.17 -34.50 -6.65
CA ARG B 330 -26.03 -35.13 -7.30
C ARG B 330 -25.00 -35.64 -6.30
N ASN B 331 -24.56 -34.78 -5.40
CA ASN B 331 -23.55 -35.13 -4.41
C ASN B 331 -24.04 -34.80 -3.01
N PRO B 332 -24.34 -35.79 -2.16
CA PRO B 332 -24.41 -37.23 -2.36
C PRO B 332 -25.73 -37.66 -2.98
N PHE B 333 -25.63 -38.52 -3.98
CA PHE B 333 -26.76 -38.90 -4.80
C PHE B 333 -27.89 -39.47 -3.96
N ARG B 334 -29.07 -38.87 -4.07
CA ARG B 334 -30.23 -39.32 -3.31
C ARG B 334 -31.46 -39.09 -4.16
N MET B 335 -32.39 -40.04 -4.10
CA MET B 335 -33.58 -40.04 -4.93
C MET B 335 -34.80 -40.15 -4.03
N GLU B 336 -35.73 -39.21 -4.20
CA GLU B 336 -36.93 -39.22 -3.37
C GLU B 336 -37.69 -40.52 -3.52
N PHE B 337 -37.92 -40.97 -4.74
CA PHE B 337 -38.46 -42.30 -4.95
C PHE B 337 -37.90 -42.92 -6.22
N SER B 338 -37.86 -44.26 -6.22
CA SER B 338 -37.26 -45.04 -7.28
C SER B 338 -38.25 -45.83 -8.12
N LEU B 339 -39.54 -45.77 -7.81
CA LEU B 339 -40.52 -46.46 -8.63
C LEU B 339 -41.92 -45.98 -8.30
N ARG B 340 -42.86 -46.41 -9.14
CA ARG B 340 -44.28 -46.14 -9.01
C ARG B 340 -45.08 -47.43 -9.10
N LEU B 341 -46.15 -47.50 -8.33
CA LEU B 341 -46.93 -48.71 -8.18
C LEU B 341 -48.40 -48.35 -8.02
N ALA B 342 -49.26 -49.14 -8.65
CA ALA B 342 -50.69 -48.90 -8.57
C ALA B 342 -51.42 -50.11 -9.14
N LYS B 343 -52.73 -50.07 -9.00
CA LYS B 343 -53.64 -51.02 -9.63
C LYS B 343 -54.41 -50.33 -10.74
N ARG B 344 -54.56 -51.01 -11.87
CA ARG B 344 -55.16 -50.41 -13.04
C ARG B 344 -56.58 -49.96 -12.74
N ASP B 345 -57.36 -50.79 -12.05
CA ASP B 345 -58.76 -50.47 -11.83
C ASP B 345 -58.93 -49.17 -11.08
N GLU B 346 -57.95 -48.80 -10.25
CA GLU B 346 -58.06 -47.60 -9.44
C GLU B 346 -57.77 -46.35 -10.26
N VAL B 347 -56.85 -46.44 -11.20
CA VAL B 347 -56.40 -45.28 -11.96
C VAL B 347 -57.43 -44.98 -13.05
N ILE B 348 -58.23 -43.94 -12.83
CA ILE B 348 -59.30 -43.57 -13.76
C ILE B 348 -58.90 -42.29 -14.47
N GLY B 349 -58.29 -42.42 -15.62
CA GLY B 349 -57.84 -41.27 -16.37
C GLY B 349 -56.65 -41.65 -17.24
N GLY B 350 -55.99 -40.63 -17.74
CA GLY B 350 -54.77 -40.84 -18.47
C GLY B 350 -53.78 -39.71 -18.30
N PRO B 351 -52.55 -39.96 -18.73
CA PRO B 351 -51.47 -39.00 -18.52
C PRO B 351 -51.48 -37.88 -19.54
N GLN B 352 -50.85 -36.77 -19.14
CA GLN B 352 -50.77 -35.61 -20.00
C GLN B 352 -49.83 -35.87 -21.17
N ARG B 353 -48.68 -36.47 -20.90
CA ARG B 353 -47.76 -36.93 -21.93
C ARG B 353 -47.92 -38.43 -22.09
N ARG B 354 -47.98 -38.89 -23.32
CA ARG B 354 -48.23 -40.30 -23.55
C ARG B 354 -46.96 -41.11 -23.40
N PRO B 355 -47.08 -42.39 -23.07
CA PRO B 355 -45.90 -43.23 -22.90
C PRO B 355 -45.11 -43.42 -24.18
N ASP B 356 -43.79 -43.40 -24.05
CA ASP B 356 -42.91 -43.73 -25.15
C ASP B 356 -42.89 -45.23 -25.41
N GLU B 357 -43.01 -46.03 -24.36
CA GLU B 357 -43.03 -47.48 -24.47
C GLU B 357 -44.03 -48.05 -23.48
N LEU B 358 -44.85 -48.97 -23.95
CA LEU B 358 -45.82 -49.68 -23.13
C LEU B 358 -45.59 -51.17 -23.28
N PHE B 359 -45.36 -51.85 -22.18
CA PHE B 359 -45.16 -53.29 -22.15
C PHE B 359 -46.38 -53.95 -21.54
N LEU B 360 -47.14 -54.66 -22.36
CA LEU B 360 -48.25 -55.47 -21.88
C LEU B 360 -47.78 -56.91 -21.70
N ILE B 361 -47.91 -57.42 -20.48
CA ILE B 361 -47.53 -58.79 -20.16
C ILE B 361 -48.81 -59.58 -19.89
N ASN B 362 -49.09 -60.54 -20.75
CA ASN B 362 -50.22 -61.44 -20.59
C ASN B 362 -51.52 -60.68 -20.44
N VAL B 363 -51.63 -59.57 -21.17
CA VAL B 363 -52.87 -58.80 -21.27
C VAL B 363 -53.04 -58.46 -22.73
N ALA B 364 -54.28 -58.55 -23.21
CA ALA B 364 -54.59 -58.29 -24.61
C ALA B 364 -54.82 -56.82 -24.90
N ASP B 365 -55.68 -56.17 -24.13
CA ASP B 365 -56.15 -54.85 -24.45
C ASP B 365 -55.88 -53.89 -23.30
N ASP B 366 -55.92 -52.60 -23.61
CA ASP B 366 -55.72 -51.55 -22.65
C ASP B 366 -56.20 -50.25 -23.28
N GLU B 367 -56.59 -49.30 -22.42
CA GLU B 367 -57.14 -48.06 -22.92
C GLU B 367 -56.07 -47.13 -23.48
N TRP B 368 -54.83 -47.30 -23.04
CA TRP B 368 -53.74 -46.39 -23.39
C TRP B 368 -53.09 -46.73 -24.72
N LYS B 369 -53.56 -47.75 -25.42
CA LYS B 369 -53.01 -48.07 -26.73
C LYS B 369 -53.37 -46.98 -27.73
N HIS B 370 -52.38 -46.56 -28.50
CA HIS B 370 -52.52 -45.46 -29.44
C HIS B 370 -51.61 -45.73 -30.62
N GLU B 371 -51.94 -45.08 -31.74
CA GLU B 371 -51.14 -45.25 -32.94
C GLU B 371 -49.74 -44.70 -32.76
N ASP B 372 -49.58 -43.72 -31.88
CA ASP B 372 -48.30 -43.05 -31.66
C ASP B 372 -47.59 -43.54 -30.41
N VAL B 373 -47.81 -44.78 -30.00
CA VAL B 373 -47.10 -45.38 -28.88
C VAL B 373 -46.53 -46.72 -29.33
N ASN B 374 -45.29 -46.99 -28.91
CA ASN B 374 -44.58 -48.21 -29.26
C ASN B 374 -45.02 -49.36 -28.36
N VAL B 375 -46.17 -49.93 -28.69
CA VAL B 375 -46.74 -51.02 -27.92
C VAL B 375 -45.96 -52.30 -28.18
N HIS B 376 -45.68 -53.04 -27.11
CA HIS B 376 -44.98 -54.31 -27.17
C HIS B 376 -45.80 -55.34 -26.41
N GLY B 377 -45.93 -56.53 -26.97
CA GLY B 377 -46.76 -57.55 -26.35
C GLY B 377 -46.08 -58.90 -26.35
N PHE B 378 -46.12 -59.58 -25.21
CA PHE B 378 -45.53 -60.89 -25.06
C PHE B 378 -46.46 -61.81 -24.28
N LYS B 379 -46.12 -63.10 -24.30
CA LYS B 379 -46.77 -64.12 -23.49
C LYS B 379 -45.70 -64.93 -22.78
N ILE B 380 -45.71 -64.90 -21.45
CA ILE B 380 -44.66 -65.51 -20.65
C ILE B 380 -45.28 -66.51 -19.67
N GLU B 381 -44.43 -67.40 -19.18
CA GLU B 381 -44.81 -68.43 -18.23
C GLU B 381 -44.10 -68.28 -16.89
N ARG B 382 -42.86 -67.81 -16.88
CA ARG B 382 -42.11 -67.56 -15.67
C ARG B 382 -41.39 -66.23 -15.82
N LEU B 383 -41.14 -65.57 -14.69
CA LEU B 383 -40.53 -64.24 -14.75
C LEU B 383 -39.07 -64.29 -15.14
N SER B 384 -38.44 -65.46 -15.09
CA SER B 384 -37.06 -65.56 -15.53
C SER B 384 -36.95 -65.30 -17.01
N ASP B 385 -38.02 -65.52 -17.76
CA ASP B 385 -38.00 -65.29 -19.20
C ASP B 385 -37.94 -63.80 -19.53
N LEU B 386 -38.56 -62.97 -18.69
CA LEU B 386 -38.64 -61.55 -18.98
C LEU B 386 -37.30 -60.88 -18.75
N GLU B 387 -36.58 -61.31 -17.72
CA GLU B 387 -35.32 -60.69 -17.38
C GLU B 387 -34.35 -60.78 -18.55
N TYR B 388 -34.39 -61.87 -19.29
CA TYR B 388 -33.51 -62.02 -20.43
C TYR B 388 -33.84 -60.99 -21.51
N ILE B 389 -35.13 -60.77 -21.74
CA ILE B 389 -35.55 -59.74 -22.69
C ILE B 389 -35.10 -58.36 -22.23
N LEU B 390 -35.03 -58.14 -20.91
CA LEU B 390 -34.67 -56.84 -20.38
C LEU B 390 -33.21 -56.76 -19.99
N GLN B 391 -32.37 -57.61 -20.58
CA GLN B 391 -30.92 -57.56 -20.45
C GLN B 391 -30.50 -57.54 -18.98
N LEU B 392 -30.96 -58.55 -18.25
CA LEU B 392 -30.52 -58.79 -16.89
C LEU B 392 -29.84 -60.14 -16.72
N ARG B 393 -30.50 -61.23 -17.13
CA ARG B 393 -29.87 -62.55 -17.10
C ARG B 393 -29.22 -62.84 -18.45
N SER B 394 -28.04 -63.47 -18.41
CA SER B 394 -27.32 -63.73 -19.64
C SER B 394 -27.84 -64.94 -20.38
N ASP B 395 -28.46 -65.89 -19.69
CA ASP B 395 -28.88 -67.13 -20.31
C ASP B 395 -30.39 -67.28 -20.20
N TYR B 396 -30.94 -68.21 -20.96
CA TYR B 396 -32.36 -68.45 -20.94
C TYR B 396 -32.67 -69.65 -20.06
N ALA C 5 -70.57 20.50 -47.22
CA ALA C 5 -69.98 21.69 -47.82
C ALA C 5 -69.07 22.40 -46.84
N GLU C 6 -69.26 23.71 -46.68
CA GLU C 6 -68.45 24.46 -45.74
C GLU C 6 -68.59 23.91 -44.33
N TYR C 7 -69.83 23.75 -43.88
CA TYR C 7 -70.15 23.13 -42.59
C TYR C 7 -69.36 23.76 -41.45
N SER C 8 -69.68 25.03 -41.19
CA SER C 8 -69.06 25.73 -40.07
C SER C 8 -69.39 25.03 -38.76
N ILE C 9 -68.42 24.37 -38.14
CA ILE C 9 -68.75 23.54 -36.99
C ILE C 9 -68.90 24.37 -35.72
N LYS C 10 -68.34 25.57 -35.70
CA LYS C 10 -68.29 26.35 -34.49
C LYS C 10 -69.67 26.75 -34.02
N GLY C 11 -70.58 27.00 -34.97
CA GLY C 11 -71.93 27.35 -34.59
C GLY C 11 -72.67 26.20 -33.92
N TYR C 12 -72.56 25.00 -34.49
CA TYR C 12 -73.18 23.85 -33.85
C TYR C 12 -72.59 23.64 -32.47
N LEU C 13 -71.28 23.83 -32.33
CA LEU C 13 -70.65 23.64 -31.04
C LEU C 13 -71.14 24.69 -30.05
N TYR C 14 -71.32 25.93 -30.50
CA TYR C 14 -71.79 27.00 -29.62
C TYR C 14 -73.20 26.72 -29.14
N GLN C 15 -74.08 26.30 -30.04
CA GLN C 15 -75.46 26.04 -29.63
C GLN C 15 -75.50 24.80 -28.75
N PHE C 16 -74.62 23.83 -29.00
CA PHE C 16 -74.49 22.69 -28.10
C PHE C 16 -74.05 23.16 -26.71
N LEU C 17 -73.10 24.10 -26.68
CA LEU C 17 -72.60 24.59 -25.40
C LEU C 17 -73.68 25.33 -24.62
N LYS C 18 -74.53 26.09 -25.31
CA LYS C 18 -75.62 26.75 -24.61
C LYS C 18 -76.60 25.71 -24.09
N TYR C 19 -76.98 24.74 -24.94
CA TYR C 19 -77.85 23.65 -24.48
C TYR C 19 -77.24 22.98 -23.27
N LEU C 20 -75.91 22.97 -23.17
CA LEU C 20 -75.24 22.38 -22.02
C LEU C 20 -75.37 23.28 -20.80
N SER C 21 -75.11 24.58 -20.98
CA SER C 21 -75.19 25.52 -19.88
C SER C 21 -76.56 25.41 -19.23
N GLU C 22 -77.58 25.22 -20.06
CA GLU C 22 -78.95 25.14 -19.54
C GLU C 22 -79.11 23.99 -18.56
N ILE C 23 -78.45 22.87 -18.81
CA ILE C 23 -78.73 21.67 -18.00
C ILE C 23 -78.34 21.92 -16.55
N LEU C 24 -77.14 22.46 -16.33
CA LEU C 24 -76.62 22.48 -14.97
C LEU C 24 -77.44 23.40 -14.08
N ALA C 25 -77.93 24.53 -14.60
CA ALA C 25 -78.83 25.39 -13.85
C ALA C 25 -80.26 25.12 -14.31
N ALA C 26 -80.74 23.95 -13.92
CA ALA C 26 -82.02 23.42 -14.34
C ALA C 26 -82.78 22.97 -13.09
N GLY C 27 -84.09 23.18 -13.09
CA GLY C 27 -84.90 22.68 -12.00
C GLY C 27 -85.15 21.19 -12.14
N ASP C 28 -85.34 20.54 -11.00
CA ASP C 28 -85.54 19.10 -11.00
C ASP C 28 -86.77 18.73 -11.81
N GLY C 29 -86.64 17.67 -12.61
CA GLY C 29 -87.71 17.18 -13.43
C GLY C 29 -87.95 17.95 -14.70
N ALA C 30 -87.09 18.91 -15.04
CA ALA C 30 -87.23 19.71 -16.25
C ALA C 30 -86.43 19.05 -17.37
N ARG C 31 -87.05 18.87 -18.53
CA ARG C 31 -86.44 18.12 -19.61
C ARG C 31 -86.04 19.05 -20.75
N ILE C 32 -84.83 18.84 -21.27
CA ILE C 32 -84.29 19.63 -22.36
C ILE C 32 -84.19 18.74 -23.59
N THR C 33 -84.82 19.19 -24.66
CA THR C 33 -84.94 18.45 -25.90
C THR C 33 -84.12 19.18 -26.95
N ILE C 34 -83.41 18.43 -27.77
CA ILE C 34 -82.43 18.97 -28.69
C ILE C 34 -82.85 18.65 -30.12
N GLU C 35 -82.61 19.60 -31.01
CA GLU C 35 -82.93 19.46 -32.42
C GLU C 35 -81.71 19.03 -33.21
N GLY C 36 -81.89 18.05 -34.09
CA GLY C 36 -80.77 17.48 -34.80
C GLY C 36 -80.20 18.39 -35.86
N ALA C 37 -78.91 18.19 -36.15
CA ALA C 37 -78.28 18.89 -37.27
C ALA C 37 -78.74 18.30 -38.59
N ILE C 38 -79.04 19.16 -39.56
CA ILE C 38 -79.54 18.72 -40.85
C ILE C 38 -78.43 18.05 -41.65
N GLU C 39 -77.21 18.03 -41.11
CA GLU C 39 -76.06 17.43 -41.78
C GLU C 39 -75.74 16.03 -41.27
N ASP C 40 -76.75 15.25 -40.92
CA ASP C 40 -76.52 13.88 -40.45
C ASP C 40 -75.68 13.08 -41.45
N ILE C 44 -84.76 9.75 -45.32
CA ILE C 44 -85.02 9.11 -44.03
C ILE C 44 -85.16 10.17 -42.95
N ALA C 45 -84.08 10.39 -42.19
CA ALA C 45 -84.05 11.41 -41.15
C ALA C 45 -85.32 11.34 -40.31
N ALA C 46 -85.43 10.24 -39.58
CA ALA C 46 -86.54 10.09 -38.65
C ALA C 46 -86.61 11.30 -37.73
N GLY C 47 -87.82 11.79 -37.50
CA GLY C 47 -88.03 12.99 -36.71
C GLY C 47 -88.44 14.14 -37.60
N LEU C 48 -89.73 14.47 -37.62
CA LEU C 48 -90.22 15.48 -38.56
C LEU C 48 -89.69 16.87 -38.18
N THR C 49 -89.66 17.17 -36.89
CA THR C 49 -89.38 18.50 -36.38
C THR C 49 -88.21 18.45 -35.42
N THR C 50 -87.12 17.81 -35.85
CA THR C 50 -85.89 17.68 -35.07
C THR C 50 -84.70 18.09 -35.92
N ALA C 51 -84.92 19.05 -36.82
CA ALA C 51 -83.93 19.59 -37.74
C ALA C 51 -83.60 21.02 -37.34
N VAL C 52 -82.32 21.38 -37.39
CA VAL C 52 -81.89 22.72 -37.01
C VAL C 52 -80.58 23.03 -37.72
N GLN C 53 -80.31 24.32 -37.86
CA GLN C 53 -79.09 24.83 -38.47
C GLN C 53 -78.72 26.12 -37.75
N CYS C 54 -77.42 26.38 -37.66
CA CYS C 54 -76.94 27.53 -36.90
C CYS C 54 -75.55 27.91 -37.38
N LYS C 55 -75.23 29.19 -37.21
CA LYS C 55 -73.95 29.77 -37.59
C LYS C 55 -73.48 30.71 -36.49
N TYR C 56 -72.22 31.10 -36.59
CA TYR C 56 -71.58 31.90 -35.55
C TYR C 56 -70.63 32.86 -36.23
N HIS C 57 -70.74 34.14 -35.90
CA HIS C 57 -69.84 35.17 -36.45
C HIS C 57 -69.89 36.36 -35.51
N GLU C 58 -68.72 36.83 -35.08
CA GLU C 58 -68.66 37.94 -34.13
C GLU C 58 -67.36 38.73 -34.38
N GLN C 59 -67.46 39.78 -35.19
CA GLN C 59 -66.31 40.67 -35.35
C GLN C 59 -66.87 42.07 -35.63
N ALA C 60 -67.05 42.84 -34.57
CA ALA C 60 -67.65 44.16 -34.72
C ALA C 60 -67.55 44.91 -33.40
N GLU C 61 -67.53 46.23 -33.51
CA GLU C 61 -67.49 47.09 -32.34
C GLU C 61 -68.91 47.49 -31.95
N LYS C 62 -69.71 47.94 -32.91
CA LYS C 62 -71.04 48.47 -32.61
C LYS C 62 -72.02 47.79 -33.56
N TYR C 63 -73.28 47.78 -33.14
CA TYR C 63 -74.30 46.99 -33.81
C TYR C 63 -74.65 47.51 -35.20
N THR C 64 -74.68 46.61 -36.17
CA THR C 64 -75.14 46.94 -37.51
C THR C 64 -75.49 45.63 -38.18
N LEU C 65 -76.45 45.69 -39.09
CA LEU C 65 -76.83 44.54 -39.89
C LEU C 65 -76.06 44.39 -41.20
N GLY C 66 -75.32 45.40 -41.65
CA GLY C 66 -74.63 45.24 -42.92
C GLY C 66 -73.58 44.16 -42.87
N LYS C 67 -72.99 43.95 -41.69
CA LYS C 67 -71.87 43.03 -41.54
C LYS C 67 -72.26 41.60 -41.93
N ILE C 68 -73.41 41.13 -41.48
CA ILE C 68 -73.77 39.72 -41.66
C ILE C 68 -74.35 39.63 -43.06
N TYR C 69 -73.43 39.52 -44.03
CA TYR C 69 -73.74 39.45 -45.44
C TYR C 69 -74.01 38.01 -45.85
N LYS C 70 -73.14 37.11 -45.38
CA LYS C 70 -73.12 35.74 -45.88
C LYS C 70 -74.27 34.90 -45.37
N PRO C 71 -74.56 34.86 -44.06
CA PRO C 71 -75.42 33.79 -43.53
C PRO C 71 -76.77 33.61 -44.21
N ILE C 72 -77.53 34.70 -44.37
CA ILE C 72 -78.87 34.56 -44.91
C ILE C 72 -78.80 34.13 -46.37
N LEU C 73 -77.72 34.49 -47.06
CA LEU C 73 -77.58 34.17 -48.47
C LEU C 73 -77.81 32.68 -48.71
N LEU C 74 -77.24 31.84 -47.87
CA LEU C 74 -77.41 30.40 -48.01
C LEU C 74 -78.46 29.81 -47.09
N MET C 75 -78.83 30.51 -46.00
CA MET C 75 -79.95 30.04 -45.21
C MET C 75 -81.25 30.03 -46.03
N LEU C 76 -81.49 31.08 -46.81
CA LEU C 76 -82.69 31.07 -47.67
C LEU C 76 -82.57 30.00 -48.74
N GLU C 77 -81.37 29.76 -49.25
CA GLU C 77 -81.18 28.68 -50.20
C GLU C 77 -81.69 27.37 -49.61
N HIS C 78 -81.20 27.03 -48.41
CA HIS C 78 -81.65 25.80 -47.76
C HIS C 78 -83.17 25.83 -47.59
N PHE C 79 -83.69 26.98 -47.16
CA PHE C 79 -85.13 27.13 -46.93
C PHE C 79 -85.90 26.79 -48.20
N SER C 80 -85.44 27.29 -49.34
CA SER C 80 -86.15 27.06 -50.59
C SER C 80 -85.98 25.63 -51.08
N LYS C 81 -84.86 24.98 -50.72
CA LYS C 81 -84.52 23.75 -51.41
C LYS C 81 -85.63 22.71 -51.29
N ASN C 82 -86.11 22.47 -50.08
CA ASN C 82 -87.02 21.37 -49.83
C ASN C 82 -88.12 21.78 -48.86
N SER C 83 -89.20 21.00 -48.88
CA SER C 83 -90.33 21.20 -47.99
C SER C 83 -90.92 19.84 -47.68
N GLY C 84 -91.64 19.76 -46.57
CA GLY C 84 -92.26 18.51 -46.16
C GLY C 84 -93.03 18.62 -44.86
N VAL C 89 -86.84 21.84 -38.17
CA VAL C 89 -86.69 22.63 -39.38
C VAL C 89 -86.33 24.07 -39.02
N SER C 90 -86.46 24.40 -37.74
CA SER C 90 -86.23 25.76 -37.28
C SER C 90 -84.77 26.16 -37.46
N TYR C 91 -84.56 27.47 -37.48
CA TYR C 91 -83.25 28.09 -37.63
C TYR C 91 -82.94 28.91 -36.39
N ARG C 92 -81.66 28.94 -36.03
CA ARG C 92 -81.16 29.78 -34.95
C ARG C 92 -79.86 30.43 -35.41
N LEU C 93 -79.40 31.41 -34.65
CA LEU C 93 -78.14 32.06 -34.98
C LEU C 93 -77.61 32.74 -33.73
N PHE C 94 -76.30 32.98 -33.73
CA PHE C 94 -75.63 33.64 -32.62
C PHE C 94 -74.63 34.65 -33.14
N CYS C 95 -74.46 35.72 -32.36
CA CYS C 95 -73.50 36.76 -32.66
C CYS C 95 -73.18 37.48 -31.37
N HIS C 96 -71.94 37.94 -31.23
CA HIS C 96 -71.47 38.58 -30.02
C HIS C 96 -70.79 39.89 -30.37
N PHE C 97 -71.13 40.95 -29.68
CA PHE C 97 -70.32 42.15 -29.76
C PHE C 97 -70.78 43.14 -28.70
N PRO C 98 -70.12 44.29 -28.57
CA PRO C 98 -70.49 45.22 -27.50
C PRO C 98 -71.93 45.69 -27.64
N GLY C 99 -72.60 45.88 -26.51
CA GLY C 99 -73.89 46.53 -26.54
C GLY C 99 -75.05 45.55 -26.61
N GLU C 100 -75.26 44.99 -27.80
CA GLU C 100 -76.47 44.22 -28.07
C GLU C 100 -76.57 42.98 -27.21
N SER C 101 -77.82 42.54 -26.98
CA SER C 101 -78.11 41.27 -26.34
C SER C 101 -79.56 40.89 -26.61
N GLY C 102 -79.84 39.59 -26.48
CA GLY C 102 -81.20 39.07 -26.58
C GLY C 102 -81.59 38.42 -27.90
N THR C 103 -82.87 38.57 -28.24
CA THR C 103 -83.49 37.98 -29.41
C THR C 103 -84.31 39.07 -30.11
N LYS C 104 -84.23 39.14 -31.43
CA LYS C 104 -84.97 40.15 -32.20
C LYS C 104 -85.50 39.61 -33.52
N ALA C 105 -86.41 40.38 -34.10
CA ALA C 105 -87.00 40.10 -35.40
C ALA C 105 -86.66 41.24 -36.35
N LEU C 106 -86.28 40.88 -37.58
CA LEU C 106 -85.92 41.85 -38.59
C LEU C 106 -87.17 42.38 -39.29
N THR C 107 -87.05 43.54 -39.92
CA THR C 107 -88.18 44.06 -40.68
C THR C 107 -88.01 43.58 -42.11
N LYS C 108 -89.11 43.16 -42.72
CA LYS C 108 -89.03 42.57 -44.05
C LYS C 108 -88.41 43.52 -45.08
N ASP C 109 -88.76 44.81 -45.01
CA ASP C 109 -88.15 45.77 -45.92
C ASP C 109 -86.64 45.84 -45.71
N ASP C 110 -86.19 45.78 -44.46
CA ASP C 110 -84.76 45.74 -44.21
C ASP C 110 -84.17 44.44 -44.77
N LEU C 111 -84.92 43.35 -44.64
CA LEU C 111 -84.48 42.10 -45.26
C LEU C 111 -84.27 42.29 -46.76
N GLU C 112 -85.16 43.03 -47.41
CA GLU C 112 -84.99 43.23 -48.85
C GLU C 112 -83.77 44.10 -49.10
N THR C 113 -83.57 45.13 -48.29
CA THR C 113 -82.35 45.93 -48.45
C THR C 113 -81.11 45.07 -48.36
N VAL C 114 -81.09 44.10 -47.44
CA VAL C 114 -79.95 43.19 -47.41
C VAL C 114 -79.96 42.37 -48.69
N LEU C 115 -81.15 42.05 -49.20
CA LEU C 115 -81.23 41.31 -50.45
C LEU C 115 -80.53 42.09 -51.55
N SER C 116 -80.47 43.41 -51.42
CA SER C 116 -79.73 44.22 -52.36
C SER C 116 -78.32 43.70 -52.42
N THR C 117 -77.89 43.32 -53.63
CA THR C 117 -76.60 42.68 -53.85
C THR C 117 -75.57 43.69 -54.38
N LYS C 118 -74.85 44.30 -53.44
CA LYS C 118 -73.88 45.31 -53.78
C LYS C 118 -72.67 44.71 -54.49
N GLY C 119 -72.24 43.52 -54.09
CA GLY C 119 -71.05 42.90 -54.65
C GLY C 119 -71.36 41.79 -55.63
N GLU C 120 -70.45 41.59 -56.58
CA GLU C 120 -70.68 40.59 -57.63
C GLU C 120 -70.74 39.17 -57.08
N VAL C 121 -70.02 38.88 -56.00
CA VAL C 121 -70.11 37.55 -55.39
C VAL C 121 -71.53 37.30 -54.89
N LEU C 122 -72.11 38.30 -54.19
CA LEU C 122 -73.49 38.16 -53.77
C LEU C 122 -74.41 38.07 -54.98
N ARG C 123 -74.04 38.73 -56.08
CA ARG C 123 -74.83 38.60 -57.30
C ARG C 123 -74.77 37.15 -57.79
N ALA C 124 -73.62 36.51 -57.62
CA ALA C 124 -73.51 35.10 -57.99
C ALA C 124 -74.37 34.25 -57.08
N ILE C 125 -74.36 34.52 -55.78
CA ILE C 125 -75.23 33.79 -54.86
C ILE C 125 -76.70 33.93 -55.27
N VAL C 126 -77.16 35.16 -55.49
CA VAL C 126 -78.54 35.35 -55.95
C VAL C 126 -78.77 34.50 -57.19
N ALA C 127 -77.81 34.53 -58.12
CA ALA C 127 -77.92 33.69 -59.30
C ALA C 127 -78.09 32.23 -58.90
N ARG C 128 -77.48 31.83 -57.79
CA ARG C 128 -77.68 30.48 -57.31
C ARG C 128 -79.09 30.33 -56.76
N ILE C 129 -79.67 31.43 -56.29
CA ILE C 129 -81.04 31.40 -55.80
C ILE C 129 -81.98 31.23 -56.97
N ASP C 130 -83.07 30.49 -56.75
CA ASP C 130 -84.04 30.22 -57.80
C ASP C 130 -85.17 31.23 -57.72
N THR C 131 -85.98 31.26 -58.78
CA THR C 131 -87.03 32.25 -58.88
C THR C 131 -88.00 32.17 -57.70
N SER C 132 -88.35 30.95 -57.29
CA SER C 132 -89.28 30.79 -56.20
C SER C 132 -88.68 31.31 -54.90
N VAL C 133 -89.45 32.17 -54.21
CA VAL C 133 -89.03 32.78 -52.96
C VAL C 133 -90.27 33.03 -52.11
N ASP C 134 -90.02 33.23 -50.81
CA ASP C 134 -91.08 33.47 -49.84
C ASP C 134 -90.36 34.14 -48.68
N TYR C 135 -90.65 35.41 -48.44
CA TYR C 135 -89.88 36.20 -47.48
C TYR C 135 -90.58 36.27 -46.12
N GLU C 136 -91.87 36.59 -46.09
CA GLU C 136 -92.61 36.52 -44.84
C GLU C 136 -92.64 35.07 -44.38
N ALA C 137 -92.82 34.15 -45.31
CA ALA C 137 -92.82 32.73 -44.97
C ALA C 137 -91.48 32.39 -44.32
N PHE C 138 -90.39 32.82 -44.94
CA PHE C 138 -89.06 32.54 -44.40
C PHE C 138 -88.86 33.13 -43.01
N LEU C 139 -89.25 34.39 -42.80
CA LEU C 139 -89.12 34.96 -41.46
C LEU C 139 -89.97 34.23 -40.44
N ASP C 140 -91.11 33.66 -40.86
CA ASP C 140 -91.99 33.00 -39.92
C ASP C 140 -91.27 31.90 -39.14
N ARG C 141 -90.47 31.10 -39.82
CA ARG C 141 -89.79 29.99 -39.17
C ARG C 141 -88.38 30.34 -38.71
N PHE C 142 -87.93 31.56 -39.00
CA PHE C 142 -86.59 32.03 -38.69
C PHE C 142 -86.56 32.88 -37.43
N ALA C 143 -85.73 32.48 -36.48
CA ALA C 143 -85.51 33.19 -35.24
C ALA C 143 -84.07 33.68 -35.18
N ILE C 144 -83.81 34.65 -34.32
CA ILE C 144 -82.49 35.24 -34.17
C ILE C 144 -82.16 35.25 -32.68
N GLU C 145 -80.89 35.05 -32.35
CA GLU C 145 -80.44 35.02 -30.97
C GLU C 145 -79.07 35.70 -30.87
N PHE C 146 -78.82 36.30 -29.70
CA PHE C 146 -77.63 37.10 -29.47
C PHE C 146 -76.87 36.53 -28.28
N GLY C 147 -75.59 36.25 -28.48
CA GLY C 147 -74.79 35.58 -27.48
C GLY C 147 -73.50 36.32 -27.18
N PRO C 148 -72.87 35.99 -26.05
CA PRO C 148 -71.61 36.64 -25.69
C PRO C 148 -70.41 35.94 -26.32
N SER C 149 -69.20 36.35 -25.93
CA SER C 149 -68.01 35.68 -26.43
C SER C 149 -68.02 34.22 -25.99
N ALA C 150 -67.52 33.35 -26.86
CA ALA C 150 -67.57 31.91 -26.58
C ALA C 150 -66.58 31.50 -25.51
N GLU C 151 -65.37 32.05 -25.54
CA GLU C 151 -64.36 31.66 -24.56
C GLU C 151 -64.81 32.01 -23.14
N ASP C 152 -65.45 33.17 -22.98
CA ASP C 152 -66.07 33.51 -21.72
C ASP C 152 -67.10 32.46 -21.34
N LEU C 153 -67.83 31.95 -22.33
CA LEU C 153 -68.84 30.94 -22.08
C LEU C 153 -68.19 29.67 -21.57
N GLN C 154 -67.03 29.34 -22.13
CA GLN C 154 -66.34 28.11 -21.75
C GLN C 154 -65.82 28.23 -20.33
N VAL C 155 -65.21 29.37 -19.99
CA VAL C 155 -64.73 29.54 -18.63
C VAL C 155 -65.89 29.52 -17.66
N ALA C 156 -67.04 30.05 -18.09
CA ALA C 156 -68.22 30.01 -17.22
C ALA C 156 -68.70 28.58 -17.02
N VAL C 157 -68.70 27.77 -18.09
CA VAL C 157 -69.10 26.38 -17.94
C VAL C 157 -68.16 25.66 -16.99
N LEU C 158 -66.87 25.94 -17.09
CA LEU C 158 -65.90 25.32 -16.20
C LEU C 158 -66.19 25.70 -14.75
N ALA C 159 -66.39 27.00 -14.49
CA ALA C 159 -66.64 27.44 -13.12
C ALA C 159 -67.95 26.85 -12.61
N SER C 160 -68.96 26.78 -13.47
CA SER C 160 -70.23 26.17 -13.09
C SER C 160 -70.02 24.73 -12.63
N LEU C 161 -69.38 23.93 -13.47
CA LEU C 161 -69.10 22.56 -13.08
C LEU C 161 -68.29 22.52 -11.79
N LYS C 162 -67.36 23.45 -11.61
CA LYS C 162 -66.56 23.45 -10.39
C LYS C 162 -67.44 23.63 -9.16
N ASP C 163 -68.36 24.61 -9.19
CA ASP C 163 -69.22 24.80 -8.02
C ASP C 163 -69.99 23.52 -7.75
N LYS C 164 -70.50 22.88 -8.81
CA LYS C 164 -71.35 21.72 -8.61
C LYS C 164 -70.70 20.69 -7.70
N GLY C 165 -69.38 20.59 -7.74
CA GLY C 165 -68.67 19.63 -6.91
C GLY C 165 -68.18 18.41 -7.63
N PHE C 166 -66.90 18.43 -8.00
CA PHE C 166 -66.24 17.30 -8.63
C PHE C 166 -64.76 17.37 -8.29
N ASP C 167 -64.05 16.29 -8.62
CA ASP C 167 -62.60 16.26 -8.48
C ASP C 167 -61.99 17.30 -9.42
N PRO C 168 -61.39 18.37 -8.91
CA PRO C 168 -60.93 19.44 -9.81
C PRO C 168 -59.88 19.03 -10.83
N ASP C 169 -58.89 18.21 -10.47
CA ASP C 169 -57.93 17.76 -11.47
C ASP C 169 -58.59 16.98 -12.59
N ASP C 170 -59.63 16.21 -12.29
CA ASP C 170 -60.27 15.36 -13.29
C ASP C 170 -61.14 16.15 -14.25
N ILE C 171 -61.58 17.35 -13.85
CA ILE C 171 -62.61 18.05 -14.60
C ILE C 171 -62.16 18.37 -16.01
N ASP C 172 -60.95 18.91 -16.16
CA ASP C 172 -60.55 19.44 -17.46
C ASP C 172 -60.44 18.37 -18.53
N ALA C 173 -59.87 17.20 -18.19
CA ALA C 173 -59.53 16.21 -19.22
C ALA C 173 -60.66 15.24 -19.57
N VAL C 174 -61.49 14.83 -18.62
CA VAL C 174 -62.36 13.66 -18.80
C VAL C 174 -63.84 14.06 -18.82
N ILE C 175 -64.32 14.82 -17.83
CA ILE C 175 -65.76 14.97 -17.65
C ILE C 175 -66.34 15.88 -18.72
N PHE C 176 -65.70 17.02 -18.96
CA PHE C 176 -66.23 17.99 -19.91
C PHE C 176 -66.30 17.40 -21.31
N PRO C 177 -65.25 16.78 -21.84
CA PRO C 177 -65.35 16.26 -23.21
C PRO C 177 -66.37 15.14 -23.31
N ASN C 178 -66.38 14.22 -22.34
CA ASN C 178 -67.39 13.16 -22.36
C ASN C 178 -68.79 13.76 -22.28
N ALA C 179 -68.98 14.80 -21.47
CA ALA C 179 -70.26 15.46 -21.36
C ALA C 179 -70.71 15.97 -22.72
N ILE C 180 -69.86 16.78 -23.36
CA ILE C 180 -70.23 17.30 -24.66
C ILE C 180 -70.44 16.17 -25.64
N GLN C 181 -69.78 15.04 -25.41
CA GLN C 181 -69.84 13.95 -26.37
C GLN C 181 -71.20 13.27 -26.26
N ARG C 182 -71.69 13.10 -25.03
CA ARG C 182 -72.99 12.48 -24.84
C ARG C 182 -74.08 13.30 -25.51
N ILE C 183 -73.98 14.63 -25.45
CA ILE C 183 -74.96 15.47 -26.13
C ILE C 183 -74.82 15.34 -27.63
N VAL C 184 -73.60 15.43 -28.15
CA VAL C 184 -73.43 15.41 -29.59
C VAL C 184 -73.81 14.06 -30.17
N ASP C 185 -73.77 13.00 -29.38
CA ASP C 185 -74.13 11.69 -29.90
C ASP C 185 -75.60 11.67 -30.29
N LEU C 186 -76.47 12.24 -29.44
CA LEU C 186 -77.91 12.17 -29.68
C LEU C 186 -78.27 12.96 -30.93
N ALA C 187 -77.62 14.09 -31.15
CA ALA C 187 -78.01 14.96 -32.25
C ALA C 187 -77.99 14.21 -33.57
N THR C 188 -76.98 13.36 -33.78
CA THR C 188 -76.79 12.72 -35.08
C THR C 188 -76.62 11.20 -34.94
N ARG C 189 -77.73 10.49 -34.97
CA ARG C 189 -77.73 9.02 -35.00
C ARG C 189 -79.17 8.56 -35.23
N SER C 190 -79.30 7.33 -35.71
CA SER C 190 -80.60 6.71 -35.97
C SER C 190 -80.78 5.65 -34.89
N ASP C 191 -81.39 6.06 -33.77
CA ASP C 191 -81.74 5.16 -32.68
C ASP C 191 -83.11 5.52 -32.15
N VAL C 192 -83.90 4.50 -31.84
CA VAL C 192 -85.27 4.68 -31.35
C VAL C 192 -85.23 5.01 -29.87
N ASN C 193 -84.97 6.28 -29.54
CA ASN C 193 -84.81 6.70 -28.17
C ASN C 193 -85.01 8.20 -28.06
N ASP C 194 -85.14 8.64 -26.82
CA ASP C 194 -85.54 10.01 -26.51
C ASP C 194 -84.54 11.00 -27.07
N ARG C 195 -84.99 12.24 -27.20
CA ARG C 195 -84.12 13.36 -27.54
C ARG C 195 -84.08 14.35 -26.40
N THR C 196 -84.42 13.89 -25.20
CA THR C 196 -84.42 14.71 -24.00
C THR C 196 -84.08 13.80 -22.84
N VAL C 197 -83.39 14.37 -21.87
CA VAL C 197 -82.78 13.63 -20.78
C VAL C 197 -83.09 14.32 -19.46
N GLU C 198 -83.16 13.53 -18.41
CA GLU C 198 -83.35 14.09 -17.08
C GLU C 198 -82.03 14.60 -16.55
N PRO C 199 -81.91 15.88 -16.22
CA PRO C 199 -80.60 16.41 -15.84
C PRO C 199 -80.08 15.75 -14.58
N LYS C 200 -80.99 15.31 -13.71
CA LYS C 200 -80.56 14.77 -12.42
C LYS C 200 -79.71 13.52 -12.62
N THR C 201 -80.22 12.57 -13.40
CA THR C 201 -79.51 11.29 -13.55
C THR C 201 -78.22 11.46 -14.33
N PHE C 202 -78.15 12.43 -15.26
CA PHE C 202 -76.96 12.55 -16.10
C PHE C 202 -75.72 12.87 -15.27
N LEU C 203 -75.84 13.84 -14.37
CA LEU C 203 -74.68 14.24 -13.59
C LEU C 203 -74.22 13.13 -12.65
N ALA C 204 -75.14 12.33 -12.13
CA ALA C 204 -74.77 11.23 -11.26
C ALA C 204 -74.16 10.10 -12.05
N GLY C 205 -74.69 9.81 -13.24
CA GLY C 205 -74.19 8.70 -14.02
C GLY C 205 -72.81 8.97 -14.59
N LEU C 206 -72.53 10.23 -14.94
CA LEU C 206 -71.27 10.57 -15.58
C LEU C 206 -70.06 10.19 -14.71
N ARG C 207 -70.20 10.26 -13.39
CA ARG C 207 -69.05 10.01 -12.51
C ARG C 207 -68.55 8.57 -12.61
N GLU C 208 -69.45 7.62 -12.87
CA GLU C 208 -69.11 6.20 -12.82
C GLU C 208 -68.26 5.76 -14.02
N VAL C 209 -68.53 6.34 -15.19
CA VAL C 209 -67.94 5.92 -16.46
C VAL C 209 -66.61 6.63 -16.67
N ARG C 210 -65.55 5.83 -16.88
CA ARG C 210 -64.19 6.33 -17.05
C ARG C 210 -63.67 5.99 -18.44
N ARG C 211 -63.20 7.02 -19.14
CA ARG C 211 -62.71 6.90 -20.51
C ARG C 211 -62.05 8.23 -20.85
N VAL C 212 -61.57 8.35 -22.08
CA VAL C 212 -61.09 9.62 -22.62
C VAL C 212 -61.41 9.64 -24.11
N THR C 213 -62.01 10.71 -24.60
CA THR C 213 -62.55 10.71 -25.95
C THR C 213 -61.79 11.71 -26.82
N PHE C 214 -61.53 11.31 -28.08
CA PHE C 214 -60.88 12.14 -29.08
C PHE C 214 -61.75 12.15 -30.33
N THR C 215 -62.44 13.26 -30.59
CA THR C 215 -63.25 13.38 -31.79
C THR C 215 -63.09 14.77 -32.37
N ARG C 216 -63.43 14.93 -33.65
CA ARG C 216 -63.31 16.23 -34.28
C ARG C 216 -64.08 17.28 -33.50
N TRP C 217 -65.23 16.91 -32.92
CA TRP C 217 -65.96 17.86 -32.09
C TRP C 217 -65.17 18.13 -30.80
N THR C 218 -64.78 17.06 -30.10
CA THR C 218 -64.04 17.20 -28.85
C THR C 218 -62.69 17.84 -29.07
N ARG C 219 -62.04 17.55 -30.19
CA ARG C 219 -60.74 18.14 -30.47
C ARG C 219 -60.86 19.65 -30.64
N GLU C 220 -61.90 20.12 -31.32
CA GLU C 220 -62.13 21.56 -31.55
C GLU C 220 -62.76 22.17 -30.29
N LEU C 221 -61.89 22.50 -29.34
CA LEU C 221 -62.31 23.02 -28.05
C LEU C 221 -61.12 23.75 -27.43
N ALA C 222 -61.36 24.38 -26.28
CA ALA C 222 -60.31 25.19 -25.66
C ALA C 222 -59.32 24.32 -24.91
N THR C 223 -59.83 23.39 -24.09
CA THR C 223 -59.00 22.58 -23.21
C THR C 223 -58.42 21.36 -23.94
N LYS C 224 -58.31 21.41 -25.26
CA LYS C 224 -57.68 20.33 -26.01
C LYS C 224 -56.25 20.08 -25.54
N GLY C 225 -55.51 21.15 -25.28
CA GLY C 225 -54.09 21.01 -25.00
C GLY C 225 -53.84 20.27 -23.70
N ARG C 226 -54.45 20.74 -22.61
CA ARG C 226 -54.19 20.16 -21.32
C ARG C 226 -54.59 18.70 -21.27
N MET C 227 -55.63 18.32 -22.03
CA MET C 227 -56.11 16.94 -21.97
C MET C 227 -55.02 15.99 -22.43
N PHE C 228 -54.46 16.30 -23.60
CA PHE C 228 -53.41 15.48 -24.16
C PHE C 228 -52.20 15.46 -23.24
N SER C 229 -51.80 16.63 -22.76
CA SER C 229 -50.62 16.66 -21.90
C SER C 229 -50.84 15.81 -20.66
N SER C 230 -52.05 15.85 -20.10
CA SER C 230 -52.36 15.08 -18.91
C SER C 230 -52.23 13.59 -19.17
N LEU C 231 -52.82 13.12 -20.27
CA LEU C 231 -52.69 11.71 -20.60
C LEU C 231 -51.23 11.32 -20.78
N ARG C 232 -50.47 12.14 -21.50
CA ARG C 232 -49.06 11.85 -21.68
C ARG C 232 -48.34 11.70 -20.34
N LYS C 233 -48.58 12.64 -19.42
CA LYS C 233 -47.94 12.58 -18.12
C LYS C 233 -48.42 11.40 -17.28
N SER C 234 -49.59 10.87 -17.57
CA SER C 234 -50.13 9.78 -16.76
C SER C 234 -49.38 8.48 -17.00
N LEU C 235 -49.15 8.15 -18.27
CA LEU C 235 -48.63 6.85 -18.66
C LEU C 235 -47.11 6.79 -18.71
N ARG C 236 -46.43 7.77 -18.16
CA ARG C 236 -44.97 7.77 -18.22
C ARG C 236 -44.39 6.63 -17.40
N SER C 237 -44.89 6.43 -16.18
CA SER C 237 -44.34 5.42 -15.30
C SER C 237 -44.59 4.02 -15.82
N CYS C 238 -45.70 3.82 -16.53
CA CYS C 238 -46.03 2.50 -17.05
C CYS C 238 -45.08 2.12 -18.19
N LEU C 239 -44.90 3.01 -19.14
CA LEU C 239 -44.10 2.75 -20.32
C LEU C 239 -42.60 2.83 -20.05
N ALA C 240 -42.19 3.20 -18.84
CA ALA C 240 -40.78 3.30 -18.54
C ALA C 240 -40.13 1.93 -18.40
N HIS C 241 -40.86 0.96 -17.89
CA HIS C 241 -40.30 -0.36 -17.65
C HIS C 241 -39.94 -1.05 -18.97
N ASN C 242 -39.05 -2.04 -18.84
CA ASN C 242 -38.61 -2.84 -19.97
C ASN C 242 -39.49 -4.08 -20.14
N SER C 243 -39.58 -4.89 -19.11
CA SER C 243 -40.36 -6.12 -19.13
C SER C 243 -41.70 -5.87 -18.45
N ARG C 244 -42.77 -5.96 -19.22
CA ARG C 244 -44.09 -5.88 -18.63
C ARG C 244 -45.13 -6.25 -19.67
N TRP C 245 -46.20 -6.89 -19.20
CA TRP C 245 -47.20 -7.45 -20.09
C TRP C 245 -48.19 -6.38 -20.52
N ARG C 246 -48.35 -6.21 -21.82
CA ARG C 246 -49.22 -5.20 -22.38
C ARG C 246 -50.15 -5.83 -23.39
N VAL C 247 -51.44 -5.56 -23.26
CA VAL C 247 -52.47 -6.11 -24.14
C VAL C 247 -53.29 -4.98 -24.73
N PHE C 248 -53.48 -5.02 -26.04
CA PHE C 248 -54.24 -4.00 -26.74
C PHE C 248 -55.44 -4.66 -27.40
N VAL C 249 -56.63 -4.14 -27.14
CA VAL C 249 -57.86 -4.62 -27.74
C VAL C 249 -58.49 -3.48 -28.52
N ILE C 250 -58.85 -3.76 -29.76
CA ILE C 250 -59.14 -2.74 -30.76
C ILE C 250 -60.39 -3.10 -31.55
N ASN C 251 -61.09 -2.07 -32.01
CA ASN C 251 -62.25 -2.23 -32.87
C ASN C 251 -62.03 -1.28 -34.04
N PRO C 252 -62.06 -1.75 -35.29
CA PRO C 252 -61.66 -0.90 -36.42
C PRO C 252 -62.80 -0.23 -37.17
N LEU C 253 -64.05 -0.30 -36.70
CA LEU C 253 -65.17 0.23 -37.45
C LEU C 253 -65.08 1.76 -37.60
N THR C 254 -64.92 2.46 -36.49
CA THR C 254 -65.04 3.91 -36.47
C THR C 254 -63.76 4.62 -36.87
N ILE C 255 -62.65 3.91 -36.96
CA ILE C 255 -61.36 4.52 -37.27
C ILE C 255 -61.28 4.77 -38.78
N GLU C 256 -60.42 5.70 -39.16
CA GLU C 256 -60.27 6.13 -40.54
C GLU C 256 -58.90 5.73 -41.06
N ASN C 257 -58.90 5.07 -42.22
CA ASN C 257 -57.68 4.58 -42.88
C ASN C 257 -56.95 3.59 -41.99
N PHE C 258 -57.72 2.68 -41.39
CA PHE C 258 -57.16 1.62 -40.56
C PHE C 258 -56.21 0.73 -41.34
N ASP C 259 -56.68 0.23 -42.49
CA ASP C 259 -55.93 -0.80 -43.21
C ASP C 259 -54.53 -0.32 -43.52
N ASP C 260 -54.35 0.98 -43.67
CA ASP C 260 -53.09 1.55 -44.10
C ASP C 260 -52.20 1.95 -42.92
N ASP C 261 -52.80 2.36 -41.81
CA ASP C 261 -52.05 2.96 -40.71
C ASP C 261 -51.79 2.02 -39.56
N ILE C 262 -52.51 0.88 -39.51
CA ILE C 262 -52.27 -0.08 -38.44
C ILE C 262 -50.86 -0.61 -38.50
N VAL C 263 -50.40 -0.94 -39.71
CA VAL C 263 -49.05 -1.46 -39.90
C VAL C 263 -48.03 -0.46 -39.39
N ARG C 264 -48.22 0.81 -39.70
CA ARG C 264 -47.28 1.84 -39.29
C ARG C 264 -47.26 1.99 -37.78
N PHE C 265 -48.43 1.92 -37.16
CA PHE C 265 -48.50 2.01 -35.71
C PHE C 265 -47.77 0.85 -35.05
N ILE C 266 -48.02 -0.37 -35.51
CA ILE C 266 -47.34 -1.54 -34.92
C ILE C 266 -45.85 -1.45 -35.13
N LYS C 267 -45.42 -0.96 -36.29
CA LYS C 267 -44.00 -0.88 -36.57
C LYS C 267 -43.33 0.15 -35.67
N ALA C 268 -44.04 1.24 -35.36
CA ALA C 268 -43.52 2.23 -34.43
C ALA C 268 -43.46 1.67 -33.03
N PHE C 269 -44.43 0.86 -32.65
CA PHE C 269 -44.46 0.37 -31.27
C PHE C 269 -43.35 -0.65 -31.06
N VAL C 270 -43.15 -1.55 -32.04
CA VAL C 270 -42.15 -2.58 -31.87
C VAL C 270 -40.75 -2.01 -31.98
N GLN C 271 -40.57 -0.93 -32.75
CA GLN C 271 -39.23 -0.40 -32.91
C GLN C 271 -38.74 0.32 -31.67
N ARG C 272 -39.63 0.61 -30.72
CA ARG C 272 -39.31 1.34 -29.51
C ARG C 272 -39.44 0.52 -28.25
N TYR C 273 -40.49 -0.29 -28.11
CA TYR C 273 -40.77 -0.98 -26.87
C TYR C 273 -40.51 -2.48 -26.91
N SER C 274 -40.23 -3.08 -28.06
CA SER C 274 -39.87 -4.49 -28.14
C SER C 274 -38.73 -4.78 -29.10
N SER C 275 -37.58 -4.11 -28.92
CA SER C 275 -36.36 -4.51 -29.63
C SER C 275 -35.15 -4.33 -28.73
N LYS C 276 -34.85 -5.34 -27.92
CA LYS C 276 -33.75 -5.31 -26.98
C LYS C 276 -33.72 -6.64 -26.24
N TYR C 277 -32.56 -6.98 -25.70
CA TYR C 277 -32.38 -8.25 -25.01
C TYR C 277 -33.10 -8.26 -23.68
N LEU C 278 -33.38 -7.10 -23.13
CA LEU C 278 -34.07 -6.96 -21.86
C LEU C 278 -35.57 -6.87 -22.01
N HIS C 279 -36.07 -6.84 -23.24
CA HIS C 279 -37.50 -6.75 -23.50
C HIS C 279 -38.05 -8.16 -23.65
N SER C 280 -38.32 -8.78 -22.51
CA SER C 280 -38.54 -10.22 -22.47
C SER C 280 -39.95 -10.63 -22.89
N ASN C 281 -40.96 -9.85 -22.56
CA ASN C 281 -42.35 -10.24 -22.81
C ASN C 281 -42.93 -9.40 -23.93
N PRO C 282 -43.00 -9.91 -25.16
CA PRO C 282 -43.58 -9.17 -26.25
C PRO C 282 -45.07 -8.96 -26.08
N PRO C 283 -45.62 -7.95 -26.74
CA PRO C 283 -47.02 -7.58 -26.54
C PRO C 283 -47.97 -8.36 -27.44
N LEU C 284 -49.26 -8.13 -27.18
CA LEU C 284 -50.33 -8.81 -27.90
C LEU C 284 -51.35 -7.82 -28.39
N PHE C 285 -51.74 -7.96 -29.64
CA PHE C 285 -52.80 -7.18 -30.26
C PHE C 285 -53.96 -8.09 -30.58
N MET C 286 -55.18 -7.64 -30.27
CA MET C 286 -56.39 -8.40 -30.54
C MET C 286 -57.38 -7.50 -31.24
N LEU C 287 -57.77 -7.89 -32.44
CA LEU C 287 -58.76 -7.19 -33.25
C LEU C 287 -60.08 -7.95 -33.20
N THR C 288 -61.16 -7.25 -32.93
CA THR C 288 -62.47 -7.85 -32.74
C THR C 288 -63.37 -7.46 -33.90
N GLY C 289 -64.03 -8.45 -34.50
CA GLY C 289 -64.89 -8.22 -35.64
C GLY C 289 -64.70 -9.21 -36.77
N ASP C 290 -64.78 -8.70 -38.00
CA ASP C 290 -64.71 -9.51 -39.21
C ASP C 290 -63.38 -9.35 -39.95
N TYR C 291 -62.40 -8.70 -39.34
CA TYR C 291 -61.12 -8.43 -39.99
C TYR C 291 -60.43 -9.73 -40.35
N ASP C 292 -59.62 -9.68 -41.42
CA ASP C 292 -58.81 -10.81 -41.85
C ASP C 292 -57.34 -10.50 -41.65
N LEU C 293 -56.66 -11.34 -40.87
CA LEU C 293 -55.32 -11.04 -40.40
C LEU C 293 -54.21 -11.44 -41.37
N SER C 294 -54.50 -12.29 -42.35
CA SER C 294 -53.45 -12.76 -43.25
C SER C 294 -52.80 -11.59 -43.99
N VAL C 295 -53.62 -10.66 -44.48
CA VAL C 295 -53.10 -9.56 -45.26
C VAL C 295 -52.22 -8.67 -44.41
N LEU C 296 -52.41 -8.68 -43.10
CA LEU C 296 -51.59 -7.88 -42.21
C LEU C 296 -50.29 -8.60 -41.92
N GLN C 297 -50.39 -9.90 -41.65
CA GLN C 297 -49.22 -10.67 -41.28
C GLN C 297 -48.21 -10.63 -42.40
N LYS C 298 -48.69 -10.61 -43.65
CA LYS C 298 -47.78 -10.62 -44.78
C LYS C 298 -47.03 -9.30 -44.87
N ARG C 299 -47.72 -8.19 -44.67
CA ARG C 299 -47.07 -6.88 -44.75
C ARG C 299 -46.08 -6.70 -43.62
N LEU C 300 -46.34 -7.36 -42.50
CA LEU C 300 -45.37 -7.31 -41.41
C LEU C 300 -44.15 -8.16 -41.74
N TYR C 301 -44.36 -9.33 -42.37
CA TYR C 301 -43.20 -10.08 -42.86
C TYR C 301 -42.40 -9.23 -43.82
N ASP C 302 -43.09 -8.45 -44.65
CA ASP C 302 -42.42 -7.55 -45.58
C ASP C 302 -41.53 -6.59 -44.82
N ALA C 303 -42.03 -6.02 -43.73
CA ALA C 303 -41.25 -5.05 -42.99
C ALA C 303 -40.03 -5.69 -42.33
N GLY C 304 -40.14 -6.93 -41.88
CA GLY C 304 -39.05 -7.61 -41.20
C GLY C 304 -39.39 -8.25 -39.89
N LEU C 305 -40.66 -8.20 -39.51
CA LEU C 305 -41.12 -8.72 -38.24
C LEU C 305 -41.72 -10.11 -38.39
N ARG C 306 -41.75 -10.85 -37.28
CA ARG C 306 -42.38 -12.15 -37.19
C ARG C 306 -43.41 -12.13 -36.07
N CYS C 307 -44.48 -12.88 -36.26
CA CYS C 307 -45.61 -12.90 -35.34
C CYS C 307 -45.86 -14.30 -34.80
N GLU C 308 -46.41 -14.36 -33.59
CA GLU C 308 -46.81 -15.60 -32.94
C GLU C 308 -48.33 -15.72 -32.99
N THR C 309 -48.83 -16.52 -33.94
CA THR C 309 -50.27 -16.64 -34.12
C THR C 309 -50.92 -17.56 -33.12
N GLY C 310 -50.21 -18.61 -32.70
CA GLY C 310 -50.75 -19.60 -31.80
C GLY C 310 -51.32 -20.82 -32.47
N LYS C 311 -51.39 -20.83 -33.79
CA LYS C 311 -52.05 -21.88 -34.54
C LYS C 311 -51.05 -22.92 -35.04
N VAL C 312 -51.35 -24.19 -34.75
CA VAL C 312 -50.59 -25.31 -35.28
C VAL C 312 -51.43 -25.96 -36.35
N GLY C 313 -51.30 -25.48 -37.58
CA GLY C 313 -52.08 -25.98 -38.69
C GLY C 313 -53.24 -25.09 -39.10
N GLY C 314 -53.23 -23.83 -38.69
CA GLY C 314 -54.25 -22.88 -39.14
C GLY C 314 -55.68 -23.35 -38.95
N THR C 315 -55.96 -24.00 -37.83
CA THR C 315 -57.33 -24.35 -37.44
C THR C 315 -57.80 -23.57 -36.22
N ASP C 316 -57.06 -23.66 -35.10
CA ASP C 316 -57.52 -23.07 -33.85
C ASP C 316 -56.31 -22.71 -32.99
N VAL C 317 -56.58 -22.07 -31.85
CA VAL C 317 -55.57 -21.45 -31.01
C VAL C 317 -55.35 -22.26 -29.75
N ILE C 318 -54.14 -22.77 -29.57
CA ILE C 318 -53.70 -23.34 -28.30
C ILE C 318 -53.17 -22.21 -27.44
N ILE C 319 -53.59 -22.19 -26.18
CA ILE C 319 -53.31 -21.04 -25.33
C ILE C 319 -51.85 -21.04 -24.89
N LYS C 320 -51.25 -22.22 -24.76
CA LYS C 320 -49.89 -22.28 -24.24
C LYS C 320 -48.91 -21.66 -25.23
N GLU C 321 -49.13 -21.86 -26.52
CA GLU C 321 -48.19 -21.41 -27.52
C GLU C 321 -48.26 -19.89 -27.71
N LEU C 322 -49.41 -19.29 -27.46
CA LEU C 322 -49.58 -17.87 -27.69
C LEU C 322 -48.82 -17.03 -26.67
N PHE C 323 -48.60 -17.58 -25.48
CA PHE C 323 -48.11 -16.80 -24.35
C PHE C 323 -46.72 -17.25 -23.90
N ARG C 324 -46.06 -18.11 -24.66
CA ARG C 324 -44.76 -18.60 -24.26
C ARG C 324 -43.70 -17.53 -24.45
N ARG C 325 -42.50 -17.84 -23.98
CA ARG C 325 -41.35 -16.96 -24.02
C ARG C 325 -40.46 -17.29 -25.20
N PRO C 326 -39.94 -16.29 -25.89
CA PRO C 326 -39.08 -16.54 -27.03
C PRO C 326 -37.61 -16.74 -26.68
N ILE C 327 -36.90 -17.31 -27.64
CA ILE C 327 -35.45 -17.37 -27.54
C ILE C 327 -34.89 -15.99 -27.80
N LEU C 328 -33.83 -15.66 -27.08
CA LEU C 328 -33.09 -14.43 -27.32
C LEU C 328 -31.61 -14.74 -27.29
N ILE C 329 -30.88 -14.18 -28.24
CA ILE C 329 -29.44 -14.30 -28.32
C ILE C 329 -28.85 -12.91 -28.43
N ARG C 330 -27.74 -12.69 -27.74
CA ARG C 330 -27.25 -11.35 -27.47
C ARG C 330 -26.33 -10.82 -28.57
N ASN C 331 -25.38 -11.62 -29.02
CA ASN C 331 -24.38 -11.17 -29.99
C ASN C 331 -24.28 -12.18 -31.12
N PRO C 332 -24.81 -11.89 -32.31
CA PRO C 332 -25.66 -10.75 -32.62
C PRO C 332 -27.09 -10.95 -32.11
N PHE C 333 -27.85 -9.86 -32.03
CA PHE C 333 -29.18 -9.90 -31.45
C PHE C 333 -30.18 -10.52 -32.43
N ARG C 334 -31.04 -11.36 -31.90
CA ARG C 334 -32.14 -11.94 -32.66
C ARG C 334 -33.28 -12.28 -31.72
N MET C 335 -34.50 -12.12 -32.21
CA MET C 335 -35.70 -12.55 -31.53
C MET C 335 -36.47 -13.54 -32.39
N GLU C 336 -36.91 -14.63 -31.77
CA GLU C 336 -37.76 -15.59 -32.45
C GLU C 336 -39.02 -14.94 -32.99
N PHE C 337 -39.68 -14.13 -32.16
CA PHE C 337 -40.78 -13.30 -32.62
C PHE C 337 -40.80 -12.01 -31.83
N SER C 338 -41.28 -10.96 -32.48
CA SER C 338 -41.33 -9.63 -31.89
C SER C 338 -42.73 -9.20 -31.47
N LEU C 339 -43.78 -9.92 -31.83
CA LEU C 339 -45.11 -9.55 -31.39
C LEU C 339 -46.04 -10.75 -31.44
N ARG C 340 -47.26 -10.53 -30.98
CA ARG C 340 -48.31 -11.54 -30.93
C ARG C 340 -49.56 -10.97 -31.56
N LEU C 341 -50.22 -11.78 -32.38
CA LEU C 341 -51.36 -11.33 -33.16
C LEU C 341 -52.45 -12.39 -33.08
N ALA C 342 -53.68 -11.96 -32.84
CA ALA C 342 -54.78 -12.89 -32.65
C ALA C 342 -56.09 -12.16 -32.80
N LYS C 343 -57.15 -12.95 -32.99
CA LYS C 343 -58.51 -12.45 -33.08
C LYS C 343 -59.26 -12.83 -31.81
N ARG C 344 -60.16 -11.96 -31.38
CA ARG C 344 -60.67 -12.03 -30.03
C ARG C 344 -61.66 -13.16 -29.83
N ASP C 345 -62.56 -13.36 -30.80
CA ASP C 345 -63.55 -14.41 -30.67
C ASP C 345 -62.89 -15.78 -30.58
N GLU C 346 -61.75 -15.96 -31.26
CA GLU C 346 -61.07 -17.26 -31.24
C GLU C 346 -60.48 -17.55 -29.87
N VAL C 347 -59.71 -16.62 -29.33
CA VAL C 347 -59.05 -16.84 -28.04
C VAL C 347 -60.08 -17.16 -26.98
N ILE C 348 -59.94 -18.34 -26.38
CA ILE C 348 -60.87 -18.86 -25.39
C ILE C 348 -60.08 -19.17 -24.14
N GLY C 349 -60.54 -18.65 -23.02
CA GLY C 349 -59.86 -18.83 -21.76
C GLY C 349 -59.07 -17.61 -21.37
N GLY C 350 -58.10 -17.84 -20.50
CA GLY C 350 -57.32 -16.76 -19.95
C GLY C 350 -55.88 -17.15 -19.72
N PRO C 351 -55.04 -16.15 -19.50
CA PRO C 351 -53.63 -16.42 -19.25
C PRO C 351 -53.36 -16.77 -17.79
N GLN C 352 -52.24 -17.46 -17.59
CA GLN C 352 -51.85 -17.86 -16.25
C GLN C 352 -51.60 -16.66 -15.36
N ARG C 353 -51.11 -15.56 -15.93
CA ARG C 353 -50.83 -14.34 -15.19
C ARG C 353 -51.64 -13.20 -15.76
N ARG C 354 -52.12 -12.37 -14.88
CA ARG C 354 -53.03 -11.32 -15.30
C ARG C 354 -52.25 -10.14 -15.89
N PRO C 355 -52.79 -9.50 -16.91
CA PRO C 355 -52.10 -8.38 -17.53
C PRO C 355 -51.84 -7.24 -16.57
N ASP C 356 -50.72 -6.57 -16.78
CA ASP C 356 -50.38 -5.40 -15.98
C ASP C 356 -51.09 -4.17 -16.51
N GLU C 357 -51.23 -4.07 -17.82
CA GLU C 357 -51.95 -2.98 -18.47
C GLU C 357 -52.88 -3.54 -19.54
N LEU C 358 -54.04 -2.90 -19.70
CA LEU C 358 -55.01 -3.28 -20.70
C LEU C 358 -55.56 -2.03 -21.36
N PHE C 359 -55.35 -1.91 -22.67
CA PHE C 359 -55.79 -0.76 -23.44
C PHE C 359 -57.00 -1.16 -24.26
N LEU C 360 -58.12 -0.47 -24.04
CA LEU C 360 -59.34 -0.70 -24.78
C LEU C 360 -59.59 0.48 -25.70
N ILE C 361 -59.44 0.27 -26.99
CA ILE C 361 -59.70 1.29 -28.01
C ILE C 361 -61.06 0.98 -28.62
N ASN C 362 -62.06 1.75 -28.24
CA ASN C 362 -63.42 1.63 -28.76
C ASN C 362 -63.99 0.24 -28.46
N VAL C 363 -63.96 -0.11 -27.18
CA VAL C 363 -64.52 -1.36 -26.70
C VAL C 363 -65.02 -1.11 -25.29
N ALA C 364 -66.31 -1.29 -25.07
CA ALA C 364 -66.92 -0.93 -23.80
C ALA C 364 -66.45 -1.83 -22.67
N ASP C 365 -66.70 -3.13 -22.79
CA ASP C 365 -66.41 -4.08 -21.74
C ASP C 365 -65.64 -5.27 -22.28
N ASP C 366 -64.88 -5.91 -21.40
CA ASP C 366 -64.11 -7.09 -21.75
C ASP C 366 -63.96 -7.96 -20.52
N GLU C 367 -63.78 -9.25 -20.75
CA GLU C 367 -63.74 -10.21 -19.65
C GLU C 367 -62.47 -10.08 -18.84
N TRP C 368 -61.35 -9.77 -19.48
CA TRP C 368 -60.07 -9.76 -18.79
C TRP C 368 -59.98 -8.66 -17.75
N LYS C 369 -60.90 -7.71 -17.75
CA LYS C 369 -60.96 -6.71 -16.69
C LYS C 369 -60.94 -7.35 -15.33
N HIS C 370 -60.41 -6.63 -14.36
CA HIS C 370 -60.33 -7.10 -12.98
C HIS C 370 -59.82 -5.94 -12.15
N GLU C 371 -59.87 -6.10 -10.83
CA GLU C 371 -59.41 -5.05 -9.93
C GLU C 371 -57.90 -4.87 -10.04
N ASP C 372 -57.16 -5.97 -10.13
CA ASP C 372 -55.71 -5.94 -10.09
C ASP C 372 -55.09 -5.74 -11.47
N VAL C 373 -55.84 -5.19 -12.41
CA VAL C 373 -55.36 -4.92 -13.76
C VAL C 373 -55.66 -3.47 -14.09
N ASN C 374 -54.62 -2.69 -14.36
CA ASN C 374 -54.79 -1.32 -14.78
C ASN C 374 -55.46 -1.26 -16.15
N VAL C 375 -56.56 -0.54 -16.25
CA VAL C 375 -57.35 -0.45 -17.46
C VAL C 375 -57.39 0.99 -17.92
N HIS C 376 -57.28 1.19 -19.23
CA HIS C 376 -57.24 2.51 -19.84
C HIS C 376 -58.12 2.49 -21.07
N GLY C 377 -59.11 3.36 -21.09
CA GLY C 377 -60.10 3.40 -22.15
C GLY C 377 -60.02 4.68 -22.95
N PHE C 378 -60.09 4.56 -24.27
CA PHE C 378 -60.05 5.68 -25.17
C PHE C 378 -61.06 5.48 -26.28
N LYS C 379 -61.66 6.58 -26.73
CA LYS C 379 -62.54 6.61 -27.89
C LYS C 379 -61.92 7.58 -28.88
N ILE C 380 -61.37 7.06 -29.96
CA ILE C 380 -60.58 7.83 -30.90
C ILE C 380 -61.07 7.60 -32.31
N GLU C 381 -60.90 8.62 -33.15
CA GLU C 381 -61.20 8.54 -34.57
C GLU C 381 -59.97 8.37 -35.43
N ARG C 382 -58.79 8.67 -34.90
CA ARG C 382 -57.54 8.61 -35.65
C ARG C 382 -56.48 7.96 -34.77
N LEU C 383 -55.56 7.24 -35.40
CA LEU C 383 -54.52 6.52 -34.66
C LEU C 383 -53.40 7.43 -34.20
N SER C 384 -53.09 8.47 -34.97
CA SER C 384 -52.00 9.37 -34.61
C SER C 384 -52.13 9.89 -33.19
N ASP C 385 -53.35 10.18 -32.75
CA ASP C 385 -53.51 10.78 -31.43
C ASP C 385 -53.06 9.84 -30.34
N LEU C 386 -53.18 8.54 -30.57
CA LEU C 386 -52.67 7.57 -29.62
C LEU C 386 -51.17 7.45 -29.74
N GLU C 387 -50.65 7.54 -30.97
CA GLU C 387 -49.21 7.55 -31.14
C GLU C 387 -48.57 8.66 -30.33
N TYR C 388 -49.24 9.81 -30.25
CA TYR C 388 -48.76 10.90 -29.42
C TYR C 388 -48.91 10.58 -27.95
N ILE C 389 -50.07 10.08 -27.54
CA ILE C 389 -50.25 9.70 -26.16
C ILE C 389 -49.12 8.80 -25.69
N LEU C 390 -48.68 7.89 -26.56
CA LEU C 390 -47.66 6.90 -26.25
C LEU C 390 -46.24 7.34 -26.61
N GLN C 391 -46.02 8.62 -26.86
CA GLN C 391 -44.68 9.20 -27.04
C GLN C 391 -44.02 8.84 -28.35
N LEU C 392 -44.76 8.31 -29.31
CA LEU C 392 -44.14 7.91 -30.56
C LEU C 392 -43.85 9.11 -31.46
N ARG C 393 -44.62 10.19 -31.33
CA ARG C 393 -44.44 11.37 -32.15
C ARG C 393 -44.53 12.61 -31.27
N SER C 394 -44.08 13.74 -31.80
CA SER C 394 -43.86 14.94 -31.00
C SER C 394 -45.08 15.85 -30.95
N ASP C 395 -45.73 16.08 -32.10
CA ASP C 395 -46.77 17.10 -32.23
C ASP C 395 -48.15 16.48 -32.45
N TYR C 396 -49.15 17.03 -31.77
CA TYR C 396 -50.52 16.51 -31.84
C TYR C 396 -51.31 17.20 -32.95
N ALA C 397 -50.79 17.06 -34.16
CA ALA C 397 -51.48 17.55 -35.35
C ALA C 397 -51.70 19.06 -35.26
N ALA D 222 -36.00 -63.29 -47.63
CA ALA D 222 -35.27 -64.17 -48.54
C ALA D 222 -34.33 -63.35 -49.43
N THR D 223 -34.48 -63.50 -50.74
CA THR D 223 -33.63 -62.74 -51.66
C THR D 223 -33.88 -61.24 -51.54
N LYS D 224 -35.13 -60.85 -51.29
CA LYS D 224 -35.43 -59.42 -51.16
C LYS D 224 -34.73 -58.84 -49.95
N GLY D 225 -34.61 -59.62 -48.88
CA GLY D 225 -33.87 -59.16 -47.71
C GLY D 225 -32.42 -58.86 -48.01
N ARG D 226 -31.79 -59.69 -48.84
CA ARG D 226 -30.41 -59.39 -49.24
C ARG D 226 -30.31 -58.04 -49.94
N MET D 227 -31.32 -57.66 -50.72
CA MET D 227 -31.34 -56.34 -51.33
C MET D 227 -31.24 -55.26 -50.26
N PHE D 228 -32.07 -55.34 -49.23
CA PHE D 228 -32.05 -54.34 -48.17
C PHE D 228 -30.72 -54.36 -47.44
N SER D 229 -30.14 -55.55 -47.25
CA SER D 229 -28.88 -55.61 -46.55
C SER D 229 -27.80 -54.90 -47.36
N SER D 230 -27.79 -55.13 -48.67
CA SER D 230 -26.85 -54.45 -49.54
C SER D 230 -27.04 -52.94 -49.49
N LEU D 231 -28.28 -52.48 -49.33
CA LEU D 231 -28.51 -51.04 -49.30
C LEU D 231 -28.04 -50.44 -47.98
N ARG D 232 -28.23 -51.17 -46.88
CA ARG D 232 -27.87 -50.67 -45.57
C ARG D 232 -26.44 -50.17 -45.52
N LYS D 233 -25.56 -50.76 -46.34
CA LYS D 233 -24.14 -50.44 -46.28
C LYS D 233 -23.79 -49.27 -47.17
N SER D 234 -24.46 -49.17 -48.32
CA SER D 234 -24.19 -48.08 -49.24
C SER D 234 -24.40 -46.72 -48.58
N LEU D 235 -25.24 -46.67 -47.54
CA LEU D 235 -25.71 -45.42 -46.98
C LEU D 235 -25.04 -45.08 -45.66
N ARG D 236 -24.05 -45.86 -45.24
CA ARG D 236 -23.51 -45.72 -43.89
C ARG D 236 -22.74 -44.42 -43.74
N SER D 237 -21.76 -44.19 -44.62
CA SER D 237 -20.87 -43.05 -44.44
C SER D 237 -21.63 -41.74 -44.47
N CYS D 238 -22.67 -41.66 -45.31
CA CYS D 238 -23.45 -40.44 -45.42
C CYS D 238 -24.03 -40.02 -44.09
N LEU D 239 -24.62 -40.96 -43.36
CA LEU D 239 -25.24 -40.66 -42.08
C LEU D 239 -24.23 -40.41 -40.97
N ALA D 240 -22.97 -40.83 -41.15
CA ALA D 240 -21.97 -40.56 -40.14
C ALA D 240 -21.69 -39.07 -40.00
N HIS D 241 -22.04 -38.28 -41.01
CA HIS D 241 -21.82 -36.83 -40.95
C HIS D 241 -22.88 -36.15 -40.11
N ASN D 242 -22.42 -35.27 -39.22
CA ASN D 242 -23.31 -34.51 -38.37
C ASN D 242 -24.18 -33.56 -39.19
N SER D 243 -23.56 -32.78 -40.06
CA SER D 243 -24.24 -31.73 -40.81
C SER D 243 -24.30 -32.09 -42.28
N ARG D 244 -25.50 -32.07 -42.84
CA ARG D 244 -25.74 -32.33 -44.24
C ARG D 244 -27.19 -31.99 -44.57
N TRP D 245 -27.43 -31.70 -45.84
CA TRP D 245 -28.75 -31.28 -46.32
C TRP D 245 -29.41 -32.49 -46.95
N ARG D 246 -30.36 -33.08 -46.23
CA ARG D 246 -31.05 -34.28 -46.66
C ARG D 246 -32.49 -33.96 -47.02
N VAL D 247 -32.99 -34.58 -48.08
CA VAL D 247 -34.33 -34.35 -48.57
C VAL D 247 -35.02 -35.69 -48.80
N PHE D 248 -36.32 -35.70 -48.58
CA PHE D 248 -37.16 -36.90 -48.70
C PHE D 248 -38.40 -36.57 -49.51
N VAL D 249 -38.69 -37.40 -50.50
CA VAL D 249 -39.94 -37.35 -51.23
C VAL D 249 -40.61 -38.71 -51.12
N ILE D 250 -41.89 -38.73 -50.71
CA ILE D 250 -42.58 -39.95 -50.33
C ILE D 250 -43.95 -40.00 -50.98
N ASN D 251 -44.40 -41.21 -51.26
CA ASN D 251 -45.71 -41.46 -51.88
C ASN D 251 -46.51 -42.39 -50.99
N PRO D 252 -47.60 -41.92 -50.38
CA PRO D 252 -48.34 -42.77 -49.45
C PRO D 252 -49.31 -43.74 -50.10
N LEU D 253 -49.73 -43.48 -51.32
CA LEU D 253 -50.76 -44.31 -51.94
C LEU D 253 -50.39 -45.78 -51.94
N THR D 254 -49.12 -46.09 -52.16
CA THR D 254 -48.67 -47.47 -52.30
C THR D 254 -47.81 -47.94 -51.14
N ILE D 255 -47.98 -47.35 -49.97
CA ILE D 255 -47.38 -47.85 -48.74
C ILE D 255 -48.48 -48.33 -47.81
N GLU D 256 -48.26 -49.50 -47.21
CA GLU D 256 -49.24 -50.08 -46.31
C GLU D 256 -49.11 -49.46 -44.93
N ASN D 257 -50.25 -49.14 -44.33
CA ASN D 257 -50.31 -48.67 -42.96
C ASN D 257 -49.38 -47.46 -42.74
N PHE D 258 -49.52 -46.47 -43.62
CA PHE D 258 -48.68 -45.29 -43.57
C PHE D 258 -49.11 -44.37 -42.42
N ASP D 259 -50.41 -44.07 -42.36
CA ASP D 259 -50.93 -43.14 -41.38
C ASP D 259 -50.75 -43.65 -39.96
N ASP D 260 -50.45 -44.93 -39.79
CA ASP D 260 -50.29 -45.52 -38.48
C ASP D 260 -48.86 -45.45 -37.99
N ASP D 261 -47.88 -45.23 -38.88
CA ASP D 261 -46.48 -45.37 -38.54
C ASP D 261 -45.67 -44.12 -38.84
N ILE D 262 -46.26 -43.14 -39.52
CA ILE D 262 -45.48 -41.99 -39.97
C ILE D 262 -44.85 -41.26 -38.78
N VAL D 263 -45.61 -41.08 -37.71
CA VAL D 263 -45.11 -40.29 -36.59
C VAL D 263 -44.01 -41.03 -35.85
N ARG D 264 -44.18 -42.34 -35.66
CA ARG D 264 -43.12 -43.10 -35.02
C ARG D 264 -41.83 -42.99 -35.83
N PHE D 265 -41.98 -43.02 -37.16
CA PHE D 265 -40.82 -42.92 -38.04
C PHE D 265 -40.11 -41.58 -37.86
N ILE D 266 -40.89 -40.49 -37.85
CA ILE D 266 -40.29 -39.17 -37.72
C ILE D 266 -39.64 -38.99 -36.37
N LYS D 267 -40.26 -39.51 -35.31
CA LYS D 267 -39.73 -39.30 -33.98
C LYS D 267 -38.41 -40.04 -33.82
N ALA D 268 -38.32 -41.25 -34.37
CA ALA D 268 -37.06 -41.97 -34.36
C ALA D 268 -35.98 -41.23 -35.13
N PHE D 269 -36.29 -40.82 -36.36
CA PHE D 269 -35.30 -40.15 -37.18
C PHE D 269 -34.80 -38.88 -36.49
N VAL D 270 -35.71 -38.12 -35.88
CA VAL D 270 -35.32 -36.87 -35.26
C VAL D 270 -34.50 -37.13 -34.01
N GLN D 271 -34.78 -38.20 -33.28
CA GLN D 271 -33.98 -38.46 -32.10
C GLN D 271 -32.57 -38.85 -32.48
N ARG D 272 -32.41 -39.65 -33.54
CA ARG D 272 -31.06 -40.10 -33.87
C ARG D 272 -30.26 -39.02 -34.59
N TYR D 273 -30.89 -38.28 -35.50
CA TYR D 273 -30.16 -37.40 -36.41
C TYR D 273 -30.42 -35.92 -36.21
N SER D 274 -31.27 -35.52 -35.28
CA SER D 274 -31.56 -34.10 -35.09
C SER D 274 -31.83 -33.78 -33.62
N SER D 275 -30.92 -34.20 -32.74
CA SER D 275 -31.08 -33.90 -31.32
C SER D 275 -29.77 -33.49 -30.65
N LYS D 276 -28.81 -32.98 -31.40
CA LYS D 276 -27.56 -32.50 -30.85
C LYS D 276 -27.19 -31.18 -31.49
N TYR D 277 -26.22 -30.51 -30.87
CA TYR D 277 -25.86 -29.16 -31.30
C TYR D 277 -25.17 -29.18 -32.65
N LEU D 278 -24.29 -30.16 -32.87
CA LEU D 278 -23.55 -30.25 -34.10
C LEU D 278 -24.44 -30.51 -35.30
N HIS D 279 -25.67 -30.96 -35.06
CA HIS D 279 -26.64 -31.26 -36.11
C HIS D 279 -27.36 -29.98 -36.50
N SER D 280 -26.69 -29.17 -37.30
CA SER D 280 -27.14 -27.82 -37.58
C SER D 280 -28.23 -27.76 -38.63
N ASN D 281 -28.10 -28.54 -39.69
CA ASN D 281 -29.05 -28.52 -40.79
C ASN D 281 -30.13 -29.56 -40.56
N PRO D 282 -31.40 -29.18 -40.45
CA PRO D 282 -32.44 -30.16 -40.27
C PRO D 282 -33.02 -30.64 -41.59
N PRO D 283 -33.73 -31.75 -41.58
CA PRO D 283 -34.22 -32.36 -42.81
C PRO D 283 -35.59 -31.87 -43.26
N LEU D 284 -35.96 -32.30 -44.47
CA LEU D 284 -37.21 -31.93 -45.09
C LEU D 284 -37.92 -33.19 -45.55
N PHE D 285 -39.23 -33.22 -45.33
CA PHE D 285 -40.09 -34.30 -45.75
C PHE D 285 -41.16 -33.76 -46.68
N MET D 286 -41.19 -34.26 -47.90
CA MET D 286 -42.12 -33.83 -48.93
C MET D 286 -43.04 -35.00 -49.25
N LEU D 287 -44.34 -34.75 -49.20
CA LEU D 287 -45.35 -35.77 -49.41
C LEU D 287 -46.16 -35.42 -50.64
N THR D 288 -46.12 -36.30 -51.64
CA THR D 288 -46.94 -36.14 -52.82
C THR D 288 -48.34 -36.69 -52.59
N GLY D 289 -49.25 -36.32 -53.48
CA GLY D 289 -50.63 -36.74 -53.35
C GLY D 289 -51.48 -35.70 -52.64
N ASP D 290 -52.79 -35.88 -52.76
CA ASP D 290 -53.76 -35.00 -52.12
C ASP D 290 -53.93 -35.47 -50.68
N TYR D 291 -53.15 -34.87 -49.78
CA TYR D 291 -53.04 -35.31 -48.40
C TYR D 291 -53.18 -34.11 -47.47
N ASP D 292 -53.44 -34.39 -46.20
CA ASP D 292 -53.77 -33.38 -45.20
C ASP D 292 -52.64 -33.23 -44.19
N LEU D 293 -51.88 -32.14 -44.31
CA LEU D 293 -50.73 -31.94 -43.42
C LEU D 293 -51.14 -31.43 -42.05
N SER D 294 -52.26 -30.72 -41.94
CA SER D 294 -52.64 -30.11 -40.68
C SER D 294 -52.77 -31.15 -39.58
N VAL D 295 -53.41 -32.27 -39.86
CA VAL D 295 -53.60 -33.30 -38.85
C VAL D 295 -52.27 -33.86 -38.42
N LEU D 296 -51.39 -34.14 -39.37
CA LEU D 296 -50.07 -34.67 -39.03
C LEU D 296 -49.30 -33.69 -38.16
N GLN D 297 -49.43 -32.39 -38.46
CA GLN D 297 -48.72 -31.39 -37.68
C GLN D 297 -49.25 -31.32 -36.26
N LYS D 298 -50.57 -31.45 -36.10
CA LYS D 298 -51.13 -31.45 -34.76
C LYS D 298 -50.68 -32.67 -33.98
N ARG D 299 -50.62 -33.82 -34.66
CA ARG D 299 -50.15 -35.03 -34.00
C ARG D 299 -48.72 -34.86 -33.56
N LEU D 300 -47.91 -34.22 -34.40
CA LEU D 300 -46.50 -34.06 -34.07
C LEU D 300 -46.31 -33.11 -32.90
N TYR D 301 -47.12 -32.05 -32.83
CA TYR D 301 -47.08 -31.18 -31.67
C TYR D 301 -47.47 -31.94 -30.41
N ASP D 302 -48.49 -32.78 -30.50
CA ASP D 302 -48.84 -33.64 -29.37
C ASP D 302 -47.71 -34.57 -29.01
N ALA D 303 -46.90 -34.98 -29.98
CA ALA D 303 -45.79 -35.88 -29.74
C ALA D 303 -44.58 -35.19 -29.14
N GLY D 304 -44.53 -33.87 -29.16
CA GLY D 304 -43.44 -33.11 -28.57
C GLY D 304 -42.58 -32.36 -29.55
N LEU D 305 -42.74 -32.57 -30.85
CA LEU D 305 -41.88 -31.93 -31.82
C LEU D 305 -42.45 -30.61 -32.31
N ARG D 306 -41.62 -29.87 -33.02
CA ARG D 306 -42.02 -28.64 -33.70
C ARG D 306 -41.57 -28.72 -35.15
N CYS D 307 -42.14 -27.86 -35.98
CA CYS D 307 -42.00 -27.96 -37.42
C CYS D 307 -41.91 -26.58 -38.03
N GLU D 308 -41.52 -26.54 -39.31
CA GLU D 308 -41.33 -25.30 -40.04
C GLU D 308 -42.06 -25.40 -41.38
N THR D 309 -43.33 -25.03 -41.38
CA THR D 309 -44.17 -25.24 -42.54
C THR D 309 -43.76 -24.35 -43.70
N GLY D 310 -43.23 -23.17 -43.41
CA GLY D 310 -42.84 -22.23 -44.43
C GLY D 310 -43.89 -21.23 -44.85
N LYS D 311 -45.02 -21.19 -44.16
CA LYS D 311 -46.13 -20.34 -44.54
C LYS D 311 -46.27 -19.19 -43.55
N VAL D 312 -46.80 -18.06 -44.02
CA VAL D 312 -47.06 -16.89 -43.18
C VAL D 312 -48.54 -16.56 -43.28
N GLY D 313 -49.36 -17.20 -42.46
CA GLY D 313 -50.77 -16.89 -42.41
C GLY D 313 -51.58 -17.15 -43.65
N GLY D 314 -50.98 -17.69 -44.70
CA GLY D 314 -51.69 -17.87 -45.94
C GLY D 314 -51.31 -19.16 -46.65
N THR D 315 -52.05 -19.40 -47.73
CA THR D 315 -51.88 -20.64 -48.49
C THR D 315 -50.49 -20.74 -49.10
N ASP D 316 -49.93 -19.62 -49.52
CA ASP D 316 -48.70 -19.65 -50.29
C ASP D 316 -47.52 -20.00 -49.40
N VAL D 317 -46.54 -20.68 -49.99
CA VAL D 317 -45.36 -21.19 -49.29
C VAL D 317 -44.18 -20.34 -49.71
N ILE D 318 -43.72 -19.48 -48.81
CA ILE D 318 -42.54 -18.66 -49.05
C ILE D 318 -41.29 -19.52 -48.87
N ILE D 319 -40.51 -19.62 -49.93
CA ILE D 319 -39.45 -20.63 -50.00
C ILE D 319 -38.27 -20.22 -49.15
N LYS D 320 -37.97 -18.93 -49.11
CA LYS D 320 -36.84 -18.45 -48.32
C LYS D 320 -37.02 -18.76 -46.84
N GLU D 321 -38.27 -18.87 -46.39
CA GLU D 321 -38.55 -19.08 -44.98
C GLU D 321 -38.53 -20.55 -44.60
N LEU D 322 -38.62 -21.45 -45.57
CA LEU D 322 -38.60 -22.87 -45.30
C LEU D 322 -37.20 -23.46 -45.26
N PHE D 323 -36.23 -22.78 -45.86
CA PHE D 323 -34.84 -23.23 -45.89
C PHE D 323 -33.94 -22.31 -45.09
N ARG D 324 -34.42 -21.79 -43.98
CA ARG D 324 -33.61 -20.94 -43.13
C ARG D 324 -32.89 -21.75 -42.07
N ARG D 325 -31.90 -21.12 -41.45
CA ARG D 325 -31.15 -21.69 -40.35
C ARG D 325 -31.87 -21.43 -39.03
N PRO D 326 -31.89 -22.42 -38.13
CA PRO D 326 -32.49 -22.22 -36.82
C PRO D 326 -31.53 -21.61 -35.80
N ILE D 327 -32.11 -21.19 -34.70
CA ILE D 327 -31.36 -20.74 -33.54
C ILE D 327 -31.00 -21.94 -32.70
N LEU D 328 -29.76 -21.97 -32.21
CA LEU D 328 -29.27 -23.03 -31.37
C LEU D 328 -28.55 -22.44 -30.18
N ILE D 329 -28.88 -22.92 -28.99
CA ILE D 329 -28.21 -22.56 -27.75
C ILE D 329 -27.50 -23.80 -27.22
N ARG D 330 -26.19 -23.68 -27.01
CA ARG D 330 -25.38 -24.84 -26.69
C ARG D 330 -25.69 -25.36 -25.29
N ASN D 331 -25.70 -24.46 -24.31
CA ASN D 331 -25.94 -24.83 -22.91
C ASN D 331 -26.93 -23.86 -22.31
N PRO D 332 -28.14 -24.29 -21.94
CA PRO D 332 -28.73 -25.61 -22.16
C PRO D 332 -29.24 -25.82 -23.58
N PHE D 333 -29.39 -27.07 -23.98
CA PHE D 333 -29.77 -27.39 -25.34
C PHE D 333 -31.17 -26.90 -25.64
N ARG D 334 -31.27 -26.06 -26.67
CA ARG D 334 -32.54 -25.62 -27.20
C ARG D 334 -32.46 -25.59 -28.71
N MET D 335 -33.62 -25.71 -29.34
CA MET D 335 -33.70 -25.79 -30.79
C MET D 335 -35.01 -25.18 -31.23
N GLU D 336 -34.92 -24.23 -32.15
CA GLU D 336 -36.11 -23.51 -32.61
C GLU D 336 -37.05 -24.44 -33.35
N PHE D 337 -36.50 -25.30 -34.22
CA PHE D 337 -37.32 -26.33 -34.83
C PHE D 337 -36.43 -27.51 -35.19
N SER D 338 -37.04 -28.69 -35.21
CA SER D 338 -36.35 -29.94 -35.45
C SER D 338 -36.51 -30.45 -36.89
N LEU D 339 -37.70 -30.35 -37.46
CA LEU D 339 -37.95 -30.85 -38.79
C LEU D 339 -38.63 -29.82 -39.68
N ARG D 340 -38.42 -29.98 -40.98
CA ARG D 340 -39.06 -29.19 -42.03
C ARG D 340 -40.07 -30.05 -42.78
N LEU D 341 -41.29 -29.53 -42.93
CA LEU D 341 -42.40 -30.26 -43.51
C LEU D 341 -43.07 -29.40 -44.58
N ALA D 342 -43.49 -30.03 -45.67
CA ALA D 342 -44.08 -29.32 -46.79
C ALA D 342 -44.76 -30.31 -47.72
N LYS D 343 -45.38 -29.79 -48.76
CA LYS D 343 -46.09 -30.55 -49.76
C LYS D 343 -45.56 -30.15 -51.13
N ARG D 344 -45.26 -31.14 -51.98
CA ARG D 344 -44.44 -30.90 -53.16
C ARG D 344 -45.11 -29.96 -54.15
N ASP D 345 -46.42 -30.11 -54.33
CA ASP D 345 -47.13 -29.26 -55.27
C ASP D 345 -46.97 -27.79 -54.95
N GLU D 346 -46.83 -27.45 -53.67
CA GLU D 346 -46.80 -26.06 -53.23
C GLU D 346 -45.40 -25.46 -53.18
N VAL D 347 -44.37 -26.21 -53.54
CA VAL D 347 -43.01 -25.70 -53.63
C VAL D 347 -42.72 -25.47 -55.11
N ILE D 348 -42.58 -24.21 -55.49
CA ILE D 348 -42.25 -23.84 -56.86
C ILE D 348 -40.91 -23.12 -56.83
N GLY D 349 -39.86 -23.84 -57.18
CA GLY D 349 -38.52 -23.32 -57.09
C GLY D 349 -37.56 -24.30 -56.47
N GLY D 350 -36.30 -23.91 -56.39
CA GLY D 350 -35.27 -24.75 -55.84
C GLY D 350 -34.35 -23.97 -54.94
N PRO D 351 -33.69 -24.65 -54.01
CA PRO D 351 -32.79 -23.94 -53.09
C PRO D 351 -31.51 -23.51 -53.77
N GLN D 352 -30.90 -22.46 -53.22
CA GLN D 352 -29.66 -21.96 -53.78
C GLN D 352 -28.55 -22.98 -53.64
N ARG D 353 -28.51 -23.68 -52.52
CA ARG D 353 -27.53 -24.74 -52.28
C ARG D 353 -28.22 -26.07 -52.47
N ARG D 354 -27.78 -26.81 -53.48
CA ARG D 354 -28.44 -28.04 -53.86
C ARG D 354 -28.19 -29.15 -52.84
N PRO D 355 -29.10 -30.10 -52.74
CA PRO D 355 -29.01 -31.10 -51.68
C PRO D 355 -27.92 -32.10 -51.90
N ASP D 356 -27.35 -32.57 -50.80
CA ASP D 356 -26.33 -33.61 -50.84
C ASP D 356 -26.94 -34.97 -51.09
N GLU D 357 -28.12 -35.22 -50.51
CA GLU D 357 -28.86 -36.46 -50.69
C GLU D 357 -30.32 -36.17 -50.99
N LEU D 358 -30.86 -36.92 -51.95
CA LEU D 358 -32.24 -36.77 -52.40
C LEU D 358 -32.84 -38.18 -52.50
N PHE D 359 -33.31 -38.67 -51.37
CA PHE D 359 -34.07 -39.91 -51.36
C PHE D 359 -35.40 -39.75 -52.07
N LEU D 360 -35.83 -40.82 -52.72
CA LEU D 360 -37.04 -40.84 -53.55
C LEU D 360 -37.77 -42.15 -53.27
N ILE D 361 -38.63 -42.13 -52.26
CA ILE D 361 -39.35 -43.34 -51.85
C ILE D 361 -40.60 -43.44 -52.70
N ASN D 362 -40.55 -44.33 -53.68
CA ASN D 362 -41.68 -44.75 -54.49
C ASN D 362 -42.14 -43.69 -55.47
N VAL D 363 -41.27 -42.75 -55.83
CA VAL D 363 -41.52 -41.80 -56.89
C VAL D 363 -40.50 -42.04 -58.00
N ALA D 364 -40.96 -41.97 -59.24
CA ALA D 364 -40.11 -42.29 -60.38
C ALA D 364 -39.14 -41.16 -60.68
N ASP D 365 -39.66 -39.98 -61.01
CA ASP D 365 -38.85 -38.85 -61.44
C ASP D 365 -39.27 -37.58 -60.72
N ASP D 366 -38.29 -36.72 -60.47
CA ASP D 366 -38.49 -35.46 -59.79
C ASP D 366 -37.57 -34.40 -60.38
N GLU D 367 -37.93 -33.14 -60.13
CA GLU D 367 -37.28 -32.04 -60.83
C GLU D 367 -35.88 -31.77 -60.31
N TRP D 368 -35.65 -32.02 -59.02
CA TRP D 368 -34.39 -31.67 -58.39
C TRP D 368 -33.29 -32.67 -58.69
N LYS D 369 -33.51 -33.59 -59.60
CA LYS D 369 -32.48 -34.52 -60.00
C LYS D 369 -31.46 -33.82 -60.88
N HIS D 370 -30.19 -34.15 -60.68
CA HIS D 370 -29.11 -33.47 -61.36
C HIS D 370 -27.88 -34.37 -61.33
N GLU D 371 -26.83 -33.92 -62.01
CA GLU D 371 -25.63 -34.74 -62.15
C GLU D 371 -24.87 -34.81 -60.83
N ASP D 372 -24.81 -33.69 -60.12
CA ASP D 372 -23.96 -33.53 -58.96
C ASP D 372 -24.73 -33.67 -57.66
N VAL D 373 -25.92 -34.28 -57.72
CA VAL D 373 -26.74 -34.57 -56.54
C VAL D 373 -26.86 -36.08 -56.41
N ASN D 374 -26.50 -36.61 -55.25
CA ASN D 374 -26.59 -38.03 -55.03
C ASN D 374 -28.05 -38.43 -54.87
N VAL D 375 -28.47 -39.44 -55.62
CA VAL D 375 -29.85 -39.87 -55.69
C VAL D 375 -29.96 -41.32 -55.30
N HIS D 376 -31.01 -41.64 -54.53
CA HIS D 376 -31.26 -42.99 -54.05
C HIS D 376 -32.74 -43.28 -54.20
N GLY D 377 -33.08 -44.21 -55.07
CA GLY D 377 -34.46 -44.52 -55.37
C GLY D 377 -34.84 -45.94 -55.01
N PHE D 378 -35.87 -46.09 -54.17
CA PHE D 378 -36.28 -47.37 -53.65
C PHE D 378 -37.77 -47.61 -53.91
N LYS D 379 -38.19 -48.83 -53.59
CA LYS D 379 -39.60 -49.19 -53.48
C LYS D 379 -39.78 -50.01 -52.22
N ILE D 380 -40.81 -49.68 -51.43
CA ILE D 380 -40.99 -50.25 -50.11
C ILE D 380 -42.46 -50.62 -49.92
N GLU D 381 -42.69 -51.77 -49.28
CA GLU D 381 -44.04 -52.25 -49.06
C GLU D 381 -44.62 -51.65 -47.79
N ARG D 382 -43.81 -51.59 -46.72
CA ARG D 382 -44.22 -50.92 -45.50
C ARG D 382 -43.02 -50.17 -44.92
N LEU D 383 -43.34 -49.19 -44.07
CA LEU D 383 -42.33 -48.27 -43.57
C LEU D 383 -41.33 -48.95 -42.64
N SER D 384 -41.68 -50.08 -42.06
CA SER D 384 -40.74 -50.82 -41.23
C SER D 384 -39.53 -51.27 -42.02
N ASP D 385 -39.63 -51.29 -43.36
CA ASP D 385 -38.51 -51.70 -44.19
C ASP D 385 -37.47 -50.59 -44.33
N LEU D 386 -37.86 -49.35 -44.13
CA LEU D 386 -36.95 -48.23 -44.30
C LEU D 386 -36.12 -48.02 -43.03
N GLU D 387 -36.74 -48.19 -41.88
CA GLU D 387 -36.05 -47.97 -40.62
C GLU D 387 -34.81 -48.83 -40.53
N TYR D 388 -34.87 -50.03 -41.10
CA TYR D 388 -33.71 -50.92 -41.08
C TYR D 388 -32.62 -50.38 -41.99
N ILE D 389 -33.01 -49.78 -43.10
CA ILE D 389 -32.05 -49.25 -44.05
C ILE D 389 -31.31 -48.07 -43.44
N LEU D 390 -32.01 -47.27 -42.64
CA LEU D 390 -31.45 -46.07 -42.06
C LEU D 390 -31.07 -46.24 -40.59
N GLN D 391 -30.89 -47.47 -40.14
CA GLN D 391 -30.26 -47.77 -38.86
C GLN D 391 -31.03 -47.19 -37.69
N LEU D 392 -32.31 -47.50 -37.64
CA LEU D 392 -33.14 -47.24 -36.48
C LEU D 392 -33.52 -48.50 -35.73
N ARG D 393 -33.88 -49.55 -36.44
CA ARG D 393 -34.22 -50.84 -35.85
C ARG D 393 -33.11 -51.83 -36.18
N SER D 394 -32.66 -52.59 -35.20
CA SER D 394 -31.44 -53.37 -35.40
C SER D 394 -31.68 -54.51 -36.37
N ASP D 395 -32.83 -55.17 -36.27
CA ASP D 395 -33.09 -56.35 -37.09
C ASP D 395 -34.13 -56.04 -38.16
N TYR D 396 -34.29 -56.99 -39.06
CA TYR D 396 -35.27 -56.91 -40.13
C TYR D 396 -36.69 -57.10 -39.61
N ALA E 5 9.17 23.59 -85.96
CA ALA E 5 9.53 24.97 -85.68
C ALA E 5 9.60 25.21 -84.18
N GLU E 6 10.09 26.38 -83.77
CA GLU E 6 10.20 26.66 -82.34
C GLU E 6 8.82 26.82 -81.69
N TYR E 7 7.97 27.69 -82.24
CA TYR E 7 6.56 27.82 -81.87
C TYR E 7 6.42 28.06 -80.37
N SER E 8 6.91 29.23 -79.93
CA SER E 8 6.55 29.73 -78.62
C SER E 8 5.05 29.90 -78.48
N ILE E 9 4.48 29.30 -77.42
CA ILE E 9 3.04 29.18 -77.26
C ILE E 9 2.48 30.17 -76.23
N LYS E 10 3.35 30.93 -75.58
CA LYS E 10 2.87 31.86 -74.57
C LYS E 10 1.98 32.89 -75.22
N GLY E 11 2.32 33.31 -76.43
CA GLY E 11 1.49 34.30 -77.09
C GLY E 11 0.09 33.78 -77.26
N TYR E 12 -0.03 32.46 -77.46
CA TYR E 12 -1.34 31.86 -77.66
C TYR E 12 -2.10 31.90 -76.34
N LEU E 13 -1.39 31.59 -75.25
CA LEU E 13 -1.97 31.76 -73.93
C LEU E 13 -2.50 33.17 -73.73
N TYR E 14 -1.71 34.17 -74.12
CA TYR E 14 -2.09 35.55 -73.92
C TYR E 14 -3.32 35.90 -74.74
N GLN E 15 -3.36 35.42 -75.98
CA GLN E 15 -4.44 35.80 -76.87
C GLN E 15 -5.74 35.15 -76.44
N PHE E 16 -5.68 33.91 -75.93
CA PHE E 16 -6.91 33.31 -75.43
C PHE E 16 -7.35 33.96 -74.13
N LEU E 17 -6.41 34.40 -73.29
CA LEU E 17 -6.84 35.15 -72.12
C LEU E 17 -7.57 36.41 -72.51
N LYS E 18 -7.06 37.14 -73.50
CA LYS E 18 -7.75 38.34 -73.96
C LYS E 18 -9.11 38.00 -74.55
N TYR E 19 -9.20 36.91 -75.33
CA TYR E 19 -10.51 36.52 -75.81
C TYR E 19 -11.46 36.33 -74.64
N LEU E 20 -10.97 35.71 -73.56
CA LEU E 20 -11.85 35.45 -72.43
C LEU E 20 -12.24 36.75 -71.76
N SER E 21 -11.30 37.69 -71.67
CA SER E 21 -11.63 39.01 -71.16
C SER E 21 -12.80 39.58 -71.94
N GLU E 22 -12.72 39.51 -73.27
CA GLU E 22 -13.82 40.01 -74.09
C GLU E 22 -15.10 39.23 -73.78
N ILE E 23 -14.99 37.91 -73.64
CA ILE E 23 -16.16 37.05 -73.51
C ILE E 23 -16.89 37.41 -72.24
N LEU E 24 -16.15 37.70 -71.19
CA LEU E 24 -16.76 38.03 -69.91
C LEU E 24 -17.26 39.47 -69.93
N ALA E 25 -16.57 40.34 -70.65
CA ALA E 25 -16.94 41.76 -70.73
C ALA E 25 -17.86 41.98 -71.93
N ALA E 26 -19.16 41.84 -71.70
CA ALA E 26 -20.12 41.92 -72.79
C ALA E 26 -21.54 41.95 -72.23
N GLY E 27 -22.47 42.38 -73.09
CA GLY E 27 -23.88 42.36 -72.77
C GLY E 27 -24.60 41.18 -73.39
N ASP E 28 -25.89 41.11 -73.10
CA ASP E 28 -26.70 39.99 -73.60
C ASP E 28 -26.92 40.13 -75.10
N GLY E 29 -27.14 38.99 -75.74
CA GLY E 29 -27.42 38.95 -77.16
C GLY E 29 -26.21 39.04 -78.05
N ALA E 30 -25.01 38.99 -77.49
CA ALA E 30 -23.81 39.10 -78.30
C ALA E 30 -23.42 37.74 -78.88
N ARG E 31 -22.39 37.75 -79.72
CA ARG E 31 -21.82 36.55 -80.31
C ARG E 31 -20.37 36.85 -80.68
N ILE E 32 -19.45 35.99 -80.25
CA ILE E 32 -18.04 36.15 -80.54
C ILE E 32 -17.43 34.78 -80.74
N THR E 33 -16.57 34.67 -81.75
CA THR E 33 -15.94 33.42 -82.15
C THR E 33 -14.44 33.61 -82.13
N ILE E 34 -13.73 32.48 -82.25
CA ILE E 34 -12.28 32.42 -82.18
C ILE E 34 -11.76 31.74 -83.44
N GLU E 35 -10.51 32.04 -83.76
CA GLU E 35 -9.86 31.50 -84.93
C GLU E 35 -9.17 30.18 -84.55
N GLY E 36 -8.21 29.73 -85.34
CA GLY E 36 -7.52 28.48 -85.04
C GLY E 36 -6.05 28.57 -85.38
N ALA E 37 -5.24 27.91 -84.57
CA ALA E 37 -3.82 27.82 -84.85
C ALA E 37 -3.56 26.72 -85.88
N ILE E 38 -2.60 26.96 -86.77
CA ILE E 38 -2.30 25.98 -87.81
C ILE E 38 -1.39 24.87 -87.30
N GLU E 39 -0.92 24.98 -86.06
CA GLU E 39 -0.02 24.02 -85.44
C GLU E 39 -0.74 22.96 -84.63
N ASP E 40 -2.06 23.01 -84.55
CA ASP E 40 -2.83 22.02 -83.80
C ASP E 40 -2.51 20.60 -84.24
N ILE E 44 -8.22 19.11 -90.77
CA ILE E 44 -9.26 19.71 -91.57
C ILE E 44 -8.87 21.14 -91.89
N ALA E 45 -8.47 21.88 -90.86
CA ALA E 45 -8.13 23.30 -90.99
C ALA E 45 -9.32 24.10 -91.53
N ALA E 46 -10.53 23.72 -91.13
CA ALA E 46 -11.72 24.35 -91.66
C ALA E 46 -11.69 25.86 -91.41
N GLY E 47 -12.11 26.61 -92.42
CA GLY E 47 -12.18 28.05 -92.35
C GLY E 47 -10.98 28.65 -93.06
N LEU E 48 -11.17 29.11 -94.29
CA LEU E 48 -10.03 29.61 -95.05
C LEU E 48 -9.34 30.75 -94.32
N THR E 49 -10.12 31.66 -93.74
CA THR E 49 -9.59 32.82 -93.04
C THR E 49 -9.85 32.75 -91.54
N THR E 50 -10.18 31.58 -91.02
CA THR E 50 -10.44 31.38 -89.60
C THR E 50 -9.25 30.77 -88.87
N ALA E 51 -8.12 30.64 -89.57
CA ALA E 51 -6.86 30.14 -89.00
C ALA E 51 -6.01 31.33 -88.61
N VAL E 52 -5.60 31.38 -87.34
CA VAL E 52 -4.84 32.49 -86.78
C VAL E 52 -3.55 31.99 -86.15
N GLN E 53 -2.58 32.90 -86.07
CA GLN E 53 -1.29 32.68 -85.44
C GLN E 53 -0.89 33.94 -84.69
N CYS E 54 0.04 33.78 -83.76
CA CYS E 54 0.43 34.89 -82.90
C CYS E 54 1.73 34.56 -82.21
N LYS E 55 2.44 35.61 -81.82
CA LYS E 55 3.64 35.52 -81.01
C LYS E 55 3.57 36.65 -79.98
N TYR E 56 4.31 36.51 -78.90
CA TYR E 56 4.24 37.48 -77.82
C TYR E 56 5.63 37.80 -77.31
N HIS E 57 5.77 39.02 -76.80
CA HIS E 57 7.03 39.48 -76.22
C HIS E 57 6.76 40.81 -75.52
N GLU E 58 7.33 40.98 -74.33
CA GLU E 58 6.94 42.10 -73.49
C GLU E 58 8.07 42.84 -72.79
N GLN E 59 9.32 42.39 -72.86
CA GLN E 59 10.38 43.00 -72.09
C GLN E 59 11.17 44.00 -72.93
N ALA E 60 11.01 45.28 -72.60
CA ALA E 60 11.70 46.36 -73.28
C ALA E 60 12.07 47.47 -72.30
N GLU E 61 13.34 47.88 -72.33
CA GLU E 61 13.74 49.11 -71.66
C GLU E 61 13.29 50.34 -72.42
N LYS E 62 13.42 50.35 -73.74
CA LYS E 62 12.88 51.48 -74.45
C LYS E 62 12.57 51.00 -75.85
N TYR E 63 11.43 51.46 -76.38
CA TYR E 63 10.93 51.00 -77.66
C TYR E 63 11.83 51.34 -78.83
N THR E 64 12.07 50.33 -79.68
CA THR E 64 12.71 50.54 -80.97
C THR E 64 11.99 49.67 -81.98
N LEU E 65 12.13 50.03 -83.25
CA LEU E 65 11.41 49.31 -84.30
C LEU E 65 12.06 47.98 -84.67
N GLY E 66 13.39 47.93 -84.71
CA GLY E 66 14.08 46.74 -85.16
C GLY E 66 14.69 45.86 -84.10
N LYS E 67 14.42 46.12 -82.82
CA LYS E 67 14.93 45.23 -81.78
C LYS E 67 14.25 43.89 -81.85
N ILE E 68 13.00 43.87 -82.30
CA ILE E 68 12.25 42.62 -82.45
C ILE E 68 12.50 42.15 -83.88
N TYR E 69 13.67 41.54 -84.08
CA TYR E 69 13.99 40.96 -85.37
C TYR E 69 13.52 39.52 -85.43
N LYS E 70 13.98 38.70 -84.48
CA LYS E 70 13.77 37.26 -84.56
C LYS E 70 12.33 36.88 -84.86
N PRO E 71 11.31 37.51 -84.28
CA PRO E 71 9.95 37.02 -84.54
C PRO E 71 9.53 37.21 -85.97
N ILE E 72 10.06 38.22 -86.65
CA ILE E 72 9.56 38.64 -87.94
C ILE E 72 10.39 38.13 -89.11
N LEU E 73 11.54 37.50 -88.85
CA LEU E 73 12.35 37.01 -89.96
C LEU E 73 11.60 36.01 -90.81
N LEU E 74 10.77 35.16 -90.18
CA LEU E 74 10.16 34.03 -90.88
C LEU E 74 8.64 34.02 -90.76
N MET E 75 8.02 35.17 -90.51
CA MET E 75 6.57 35.18 -90.38
C MET E 75 5.89 34.87 -91.70
N LEU E 76 6.47 35.37 -92.81
CA LEU E 76 5.82 35.25 -94.11
C LEU E 76 5.86 33.82 -94.61
N GLU E 77 6.97 33.10 -94.39
CA GLU E 77 7.11 31.79 -94.99
C GLU E 77 5.96 30.89 -94.54
N HIS E 78 5.55 31.05 -93.28
CA HIS E 78 4.48 30.21 -92.76
C HIS E 78 3.26 30.33 -93.66
N PHE E 79 2.94 31.56 -94.09
CA PHE E 79 1.90 31.78 -95.07
C PHE E 79 2.29 31.26 -96.44
N SER E 80 3.54 31.53 -96.85
CA SER E 80 3.97 31.18 -98.20
C SER E 80 3.72 29.70 -98.47
N LYS E 81 3.90 28.88 -97.45
CA LYS E 81 3.74 27.44 -97.63
C LYS E 81 2.37 27.10 -98.17
N ASN E 82 1.34 27.75 -97.65
CA ASN E 82 -0.02 27.39 -98.02
C ASN E 82 -0.66 28.43 -98.93
N SER E 83 -1.69 27.96 -99.65
CA SER E 83 -2.53 28.80 -100.49
C SER E 83 -3.95 28.24 -100.42
N GLY E 84 -4.93 29.09 -100.73
CA GLY E 84 -6.31 28.66 -100.66
C GLY E 84 -6.61 28.08 -99.30
N VAL E 89 -6.20 33.22 -92.18
CA VAL E 89 -4.78 33.17 -92.45
C VAL E 89 -4.12 34.41 -91.84
N SER E 90 -4.92 35.20 -91.12
CA SER E 90 -4.45 36.46 -90.58
C SER E 90 -3.43 36.24 -89.47
N TYR E 91 -2.57 37.25 -89.31
CA TYR E 91 -1.49 37.26 -88.33
C TYR E 91 -1.68 38.42 -87.37
N ARG E 92 -1.78 38.12 -86.08
CA ARG E 92 -1.92 39.14 -85.05
C ARG E 92 -0.82 38.95 -84.02
N LEU E 93 -0.17 40.05 -83.65
CA LEU E 93 0.96 40.01 -82.73
C LEU E 93 0.63 40.86 -81.52
N PHE E 94 0.99 40.36 -80.34
CA PHE E 94 0.84 41.09 -79.09
C PHE E 94 2.19 41.31 -78.44
N CYS E 95 2.46 42.55 -78.04
CA CYS E 95 3.70 42.92 -77.39
C CYS E 95 3.41 44.00 -76.35
N HIS E 96 4.22 44.04 -75.29
CA HIS E 96 4.05 45.01 -74.21
C HIS E 96 5.39 45.71 -73.96
N PHE E 97 5.46 47.00 -74.27
CA PHE E 97 6.64 47.82 -74.01
C PHE E 97 6.20 49.06 -73.22
N PRO E 98 7.08 49.59 -72.38
CA PRO E 98 6.73 50.80 -71.61
C PRO E 98 6.23 51.94 -72.50
N GLY E 99 5.05 52.45 -72.15
CA GLY E 99 4.45 53.61 -72.79
C GLY E 99 3.45 53.28 -73.87
N GLU E 100 3.78 52.35 -74.77
CA GLU E 100 2.93 52.12 -75.92
C GLU E 100 1.56 51.63 -75.50
N SER E 101 0.55 51.98 -76.29
CA SER E 101 -0.82 51.54 -76.08
C SER E 101 -1.58 51.66 -77.37
N GLY E 102 -2.67 50.93 -77.48
CA GLY E 102 -3.45 50.97 -78.70
C GLY E 102 -3.03 49.96 -79.75
N THR E 103 -3.50 50.25 -80.95
CA THR E 103 -3.27 49.46 -82.15
C THR E 103 -2.59 50.36 -83.18
N LYS E 104 -1.51 49.87 -83.77
CA LYS E 104 -0.74 50.67 -84.71
C LYS E 104 -0.08 49.77 -85.74
N ALA E 105 -0.05 50.24 -86.98
CA ALA E 105 0.58 49.51 -88.07
C ALA E 105 1.63 50.38 -88.74
N LEU E 106 2.80 49.80 -88.97
CA LEU E 106 3.89 50.43 -89.68
C LEU E 106 3.55 50.64 -91.16
N THR E 107 4.30 51.54 -91.80
CA THR E 107 4.10 51.71 -93.23
C THR E 107 4.86 50.61 -93.97
N LYS E 108 4.53 50.40 -95.26
CA LYS E 108 5.14 49.28 -95.97
C LYS E 108 6.64 49.44 -96.17
N ASP E 109 7.09 50.65 -96.55
CA ASP E 109 8.52 50.86 -96.79
C ASP E 109 9.33 50.66 -95.52
N ASP E 110 8.84 51.17 -94.40
CA ASP E 110 9.51 50.95 -93.13
C ASP E 110 9.65 49.46 -92.85
N LEU E 111 8.67 48.68 -93.32
CA LEU E 111 8.77 47.23 -93.16
C LEU E 111 9.82 46.67 -94.10
N GLU E 112 9.95 47.24 -95.30
CA GLU E 112 10.95 46.74 -96.21
C GLU E 112 12.32 46.91 -95.60
N THR E 113 12.52 48.05 -94.93
CA THR E 113 13.81 48.28 -94.30
C THR E 113 14.19 47.11 -93.42
N VAL E 114 13.19 46.37 -92.94
CA VAL E 114 13.49 45.28 -92.02
C VAL E 114 14.06 44.08 -92.77
N LEU E 115 13.71 43.90 -94.05
CA LEU E 115 14.31 42.79 -94.78
C LEU E 115 15.82 42.89 -94.76
N SER E 116 16.35 44.09 -94.54
CA SER E 116 17.78 44.29 -94.38
C SER E 116 18.27 43.60 -93.12
N THR E 117 19.50 43.09 -93.18
CA THR E 117 20.09 42.38 -92.07
C THR E 117 21.44 42.99 -91.68
N LYS E 118 21.68 43.04 -90.38
CA LYS E 118 22.89 43.57 -89.77
C LYS E 118 23.51 42.57 -88.81
N GLY E 119 23.06 41.31 -88.85
CA GLY E 119 23.70 40.24 -88.11
C GLY E 119 23.81 39.01 -88.98
N GLU E 120 24.84 38.20 -88.70
CA GLU E 120 25.17 37.05 -89.54
C GLU E 120 24.20 35.90 -89.33
N VAL E 121 24.01 35.47 -88.08
CA VAL E 121 23.05 34.39 -87.85
C VAL E 121 21.69 34.80 -88.41
N LEU E 122 21.39 36.10 -88.40
CA LEU E 122 20.20 36.58 -89.10
C LEU E 122 20.30 36.39 -90.61
N ARG E 123 21.51 36.45 -91.18
CA ARG E 123 21.64 36.07 -92.58
C ARG E 123 21.24 34.62 -92.77
N ALA E 124 21.64 33.76 -91.84
CA ALA E 124 21.25 32.36 -91.93
C ALA E 124 19.73 32.22 -91.82
N ILE E 125 19.12 32.93 -90.88
CA ILE E 125 17.69 32.78 -90.67
C ILE E 125 16.91 33.28 -91.88
N VAL E 126 17.32 34.41 -92.46
CA VAL E 126 16.68 34.88 -93.69
C VAL E 126 16.90 33.87 -94.82
N ALA E 127 18.11 33.32 -94.91
CA ALA E 127 18.40 32.28 -95.88
C ALA E 127 17.41 31.13 -95.75
N ARG E 128 17.04 30.78 -94.52
CA ARG E 128 16.04 29.73 -94.38
C ARG E 128 14.70 30.13 -94.99
N ILE E 129 14.45 31.43 -95.19
CA ILE E 129 13.15 31.86 -95.66
C ILE E 129 12.97 31.45 -97.13
N ASP E 130 11.71 31.28 -97.54
CA ASP E 130 11.41 30.96 -98.93
C ASP E 130 11.89 32.11 -99.82
N THR E 131 12.28 31.78 -101.05
CA THR E 131 12.84 32.81 -101.93
C THR E 131 11.80 33.86 -102.28
N SER E 132 10.57 33.45 -102.58
CA SER E 132 9.53 34.41 -102.94
C SER E 132 9.33 35.44 -101.83
N VAL E 133 9.19 36.70 -102.24
CA VAL E 133 9.09 37.84 -101.33
C VAL E 133 7.89 38.74 -101.61
N ASP E 134 6.77 38.16 -102.05
CA ASP E 134 5.58 38.97 -102.37
C ASP E 134 5.03 39.56 -101.07
N TYR E 135 5.66 40.65 -100.64
CA TYR E 135 5.38 41.19 -99.31
C TYR E 135 3.96 41.72 -99.21
N GLU E 136 3.51 42.44 -100.24
CA GLU E 136 2.29 43.25 -100.09
C GLU E 136 1.07 42.37 -99.83
N ALA E 137 0.94 41.28 -100.59
CA ALA E 137 -0.26 40.45 -100.49
C ALA E 137 -0.41 39.91 -99.07
N PHE E 138 0.70 39.56 -98.44
CA PHE E 138 0.67 39.06 -97.06
C PHE E 138 0.45 40.20 -96.08
N LEU E 139 0.98 41.39 -96.42
CA LEU E 139 1.09 42.48 -95.46
C LEU E 139 -0.28 42.97 -95.02
N ASP E 140 -1.20 43.13 -95.96
CA ASP E 140 -2.39 43.94 -95.69
C ASP E 140 -3.09 43.46 -94.43
N ARG E 141 -3.33 42.15 -94.34
CA ARG E 141 -4.03 41.61 -93.17
C ARG E 141 -3.16 41.71 -91.92
N PHE E 142 -1.84 41.58 -92.07
CA PHE E 142 -0.96 41.56 -90.91
C PHE E 142 -0.83 42.93 -90.27
N ALA E 143 -0.98 42.97 -88.93
CA ALA E 143 -0.96 44.20 -88.16
C ALA E 143 -0.28 43.90 -86.83
N ILE E 144 0.01 44.95 -86.07
CA ILE E 144 0.71 44.84 -84.79
C ILE E 144 -0.18 45.40 -83.68
N GLU E 145 -0.42 44.61 -82.64
CA GLU E 145 -1.25 45.05 -81.53
C GLU E 145 -0.44 45.14 -80.24
N PHE E 146 -0.62 46.24 -79.52
CA PHE E 146 0.01 46.49 -78.23
C PHE E 146 -0.97 46.19 -77.10
N GLY E 147 -0.53 45.34 -76.17
CA GLY E 147 -1.31 44.96 -75.03
C GLY E 147 -0.46 45.00 -73.78
N PRO E 148 -1.08 45.11 -72.62
CA PRO E 148 -0.32 45.15 -71.36
C PRO E 148 0.13 43.75 -70.95
N SER E 149 0.99 43.72 -69.94
CA SER E 149 1.50 42.46 -69.42
C SER E 149 0.40 41.51 -68.99
N ALA E 150 0.65 40.23 -69.19
CA ALA E 150 -0.34 39.20 -68.88
C ALA E 150 -0.57 39.11 -67.38
N GLU E 151 0.52 39.05 -66.61
CA GLU E 151 0.38 38.84 -65.18
C GLU E 151 -0.45 39.95 -64.56
N ASP E 152 -0.26 41.18 -65.03
CA ASP E 152 -1.08 42.29 -64.56
C ASP E 152 -2.52 42.14 -64.99
N LEU E 153 -2.74 41.47 -66.12
CA LEU E 153 -4.08 41.34 -66.68
C LEU E 153 -4.90 40.30 -65.93
N GLN E 154 -4.27 39.18 -65.60
CA GLN E 154 -4.98 38.09 -64.94
C GLN E 154 -5.59 38.56 -63.63
N VAL E 155 -4.97 39.54 -62.99
CA VAL E 155 -5.49 40.05 -61.73
C VAL E 155 -6.87 40.66 -61.96
N ALA E 156 -6.98 41.48 -63.00
CA ALA E 156 -8.27 42.08 -63.32
C ALA E 156 -9.24 41.03 -63.85
N VAL E 157 -8.74 40.05 -64.57
CA VAL E 157 -9.62 39.00 -65.10
C VAL E 157 -10.29 38.27 -63.94
N LEU E 158 -9.49 37.92 -62.94
CA LEU E 158 -10.02 37.24 -61.76
C LEU E 158 -11.00 38.16 -61.05
N ALA E 159 -10.66 39.45 -60.99
CA ALA E 159 -11.57 40.41 -60.39
C ALA E 159 -12.88 40.50 -61.14
N SER E 160 -12.86 40.35 -62.46
CA SER E 160 -14.10 40.37 -63.22
C SER E 160 -14.96 39.15 -62.94
N LEU E 161 -14.33 37.98 -62.85
CA LEU E 161 -15.09 36.79 -62.45
C LEU E 161 -15.70 37.01 -61.08
N LYS E 162 -14.95 37.62 -60.18
CA LYS E 162 -15.48 37.96 -58.87
C LYS E 162 -16.66 38.92 -58.98
N ASP E 163 -16.55 39.91 -59.88
CA ASP E 163 -17.63 40.87 -60.04
C ASP E 163 -18.91 40.18 -60.48
N LYS E 164 -18.79 39.28 -61.46
CA LYS E 164 -19.96 38.51 -61.91
C LYS E 164 -20.58 37.73 -60.76
N GLY E 165 -19.77 37.27 -59.80
CA GLY E 165 -20.35 36.70 -58.60
C GLY E 165 -20.34 35.18 -58.54
N PHE E 166 -19.34 34.63 -57.86
CA PHE E 166 -19.23 33.20 -57.60
C PHE E 166 -18.72 33.00 -56.19
N ASP E 167 -18.72 31.75 -55.76
CA ASP E 167 -18.11 31.42 -54.48
C ASP E 167 -16.63 31.81 -54.53
N PRO E 168 -16.15 32.60 -53.58
CA PRO E 168 -14.79 33.15 -53.74
C PRO E 168 -13.73 32.06 -53.80
N ASP E 169 -13.73 31.13 -52.85
CA ASP E 169 -12.70 30.09 -52.85
C ASP E 169 -12.71 29.30 -54.15
N ASP E 170 -13.90 29.04 -54.69
CA ASP E 170 -14.00 28.21 -55.89
C ASP E 170 -13.45 28.95 -57.11
N ILE E 171 -13.46 30.29 -57.08
CA ILE E 171 -13.06 31.07 -58.26
C ILE E 171 -11.67 30.67 -58.74
N ASP E 172 -10.73 30.49 -57.82
CA ASP E 172 -9.35 30.23 -58.22
C ASP E 172 -9.07 28.76 -58.55
N ALA E 173 -9.69 27.82 -57.84
CA ALA E 173 -9.29 26.42 -57.98
C ALA E 173 -9.88 25.75 -59.21
N VAL E 174 -11.16 25.95 -59.48
CA VAL E 174 -11.92 25.11 -60.39
C VAL E 174 -12.32 25.87 -61.65
N ILE E 175 -12.84 27.09 -61.51
CA ILE E 175 -13.48 27.76 -62.65
C ILE E 175 -12.44 28.22 -63.66
N PHE E 176 -11.58 29.15 -63.24
CA PHE E 176 -10.67 29.78 -64.19
C PHE E 176 -9.89 28.77 -65.02
N PRO E 177 -9.40 27.66 -64.47
CA PRO E 177 -8.78 26.64 -65.33
C PRO E 177 -9.75 26.01 -66.30
N ASN E 178 -11.04 25.96 -65.95
CA ASN E 178 -12.02 25.29 -66.80
C ASN E 178 -12.43 26.17 -67.96
N ALA E 179 -12.49 27.47 -67.73
CA ALA E 179 -12.91 28.41 -68.77
C ALA E 179 -11.95 28.36 -69.96
N ILE E 180 -10.66 28.55 -69.68
CA ILE E 180 -9.66 28.54 -70.74
C ILE E 180 -9.73 27.24 -71.52
N GLN E 181 -10.01 26.13 -70.83
CA GLN E 181 -10.08 24.84 -71.49
C GLN E 181 -11.33 24.75 -72.36
N ARG E 182 -12.44 25.32 -71.89
CA ARG E 182 -13.65 25.35 -72.69
C ARG E 182 -13.40 26.07 -74.01
N ILE E 183 -12.75 27.22 -73.91
CA ILE E 183 -12.52 28.01 -75.12
C ILE E 183 -11.52 27.34 -76.03
N VAL E 184 -10.45 26.77 -75.47
CA VAL E 184 -9.48 26.07 -76.28
C VAL E 184 -10.07 24.84 -76.96
N ASP E 185 -11.00 24.13 -76.32
CA ASP E 185 -11.64 23.02 -77.01
C ASP E 185 -12.45 23.52 -78.18
N LEU E 186 -13.30 24.53 -77.97
CA LEU E 186 -14.02 25.09 -79.10
C LEU E 186 -13.05 25.49 -80.21
N ALA E 187 -11.88 25.96 -79.85
CA ALA E 187 -10.92 26.38 -80.87
C ALA E 187 -10.34 25.17 -81.60
N THR E 188 -9.90 24.15 -80.85
CA THR E 188 -8.97 23.15 -81.35
C THR E 188 -9.51 21.75 -81.14
N ARG E 189 -10.13 21.20 -82.19
CA ARG E 189 -10.53 19.80 -82.26
C ARG E 189 -11.07 19.56 -83.67
N SER E 190 -11.42 18.30 -83.95
CA SER E 190 -11.97 17.91 -85.24
C SER E 190 -13.49 17.78 -85.15
N ASP E 191 -14.19 18.89 -85.29
CA ASP E 191 -15.64 18.92 -85.28
C ASP E 191 -16.09 20.29 -85.77
N VAL E 192 -17.39 20.45 -85.98
CA VAL E 192 -17.97 21.72 -86.39
C VAL E 192 -19.17 22.05 -85.50
N ASN E 193 -19.25 23.29 -85.07
CA ASN E 193 -20.30 23.76 -84.16
C ASN E 193 -20.31 25.29 -84.21
N ASP E 194 -21.31 25.87 -83.56
CA ASP E 194 -21.44 27.32 -83.57
C ASP E 194 -20.34 27.90 -82.69
N ARG E 195 -19.18 28.10 -83.31
CA ARG E 195 -17.99 28.55 -82.59
C ARG E 195 -18.32 29.78 -81.78
N THR E 196 -19.00 30.72 -82.39
CA THR E 196 -19.36 31.93 -81.69
C THR E 196 -20.24 31.57 -80.51
N VAL E 197 -19.81 32.00 -79.33
CA VAL E 197 -20.36 31.53 -78.07
C VAL E 197 -21.34 32.57 -77.57
N GLU E 198 -22.61 32.20 -77.50
CA GLU E 198 -23.59 33.07 -76.88
C GLU E 198 -23.16 33.28 -75.44
N PRO E 199 -23.15 34.52 -74.93
CA PRO E 199 -22.59 34.70 -73.59
C PRO E 199 -23.43 34.08 -72.50
N LYS E 200 -24.75 34.20 -72.61
CA LYS E 200 -25.62 33.83 -71.50
C LYS E 200 -25.52 32.34 -71.18
N THR E 201 -25.49 31.51 -72.21
CA THR E 201 -25.51 30.07 -71.98
C THR E 201 -24.15 29.58 -71.49
N PHE E 202 -23.08 30.28 -71.82
CA PHE E 202 -21.75 29.85 -71.41
C PHE E 202 -21.65 29.81 -69.90
N LEU E 203 -22.05 30.90 -69.24
CA LEU E 203 -22.01 30.94 -67.78
C LEU E 203 -22.98 29.94 -67.17
N ALA E 204 -24.20 29.83 -67.73
CA ALA E 204 -25.17 28.90 -67.21
C ALA E 204 -24.63 27.47 -67.21
N GLY E 205 -24.00 27.06 -68.32
CA GLY E 205 -23.40 25.74 -68.37
C GLY E 205 -22.20 25.62 -67.45
N LEU E 206 -21.47 26.72 -67.24
CA LEU E 206 -20.22 26.68 -66.49
C LEU E 206 -20.42 26.62 -64.99
N ARG E 207 -21.51 27.18 -64.47
CA ARG E 207 -21.66 27.26 -63.02
C ARG E 207 -21.77 25.88 -62.38
N GLU E 208 -22.57 25.00 -62.97
CA GLU E 208 -22.86 23.71 -62.33
C GLU E 208 -21.66 22.77 -62.42
N VAL E 209 -21.06 22.66 -63.61
CA VAL E 209 -20.03 21.65 -63.84
C VAL E 209 -18.89 21.86 -62.85
N ARG E 210 -18.54 20.79 -62.14
CA ARG E 210 -17.55 20.83 -61.05
C ARG E 210 -16.46 19.77 -61.23
N ARG E 211 -15.32 20.19 -61.76
CA ARG E 211 -14.16 19.33 -61.99
C ARG E 211 -12.94 20.23 -62.08
N VAL E 212 -11.77 19.61 -61.95
CA VAL E 212 -10.49 20.31 -62.06
C VAL E 212 -9.73 19.75 -63.25
N THR E 213 -9.29 20.63 -64.13
CA THR E 213 -8.63 20.24 -65.37
C THR E 213 -7.14 20.46 -65.26
N PHE E 214 -6.37 19.37 -65.27
CA PHE E 214 -4.91 19.41 -65.30
C PHE E 214 -4.54 19.19 -66.76
N THR E 215 -4.32 20.27 -67.49
CA THR E 215 -3.97 20.21 -68.89
C THR E 215 -2.81 21.15 -69.18
N ARG E 216 -2.12 20.90 -70.29
CA ARG E 216 -0.92 21.67 -70.60
C ARG E 216 -1.21 23.15 -70.60
N TRP E 217 -2.33 23.54 -71.21
CA TRP E 217 -2.70 24.96 -71.24
C TRP E 217 -2.82 25.52 -69.84
N THR E 218 -3.40 24.75 -68.92
CA THR E 218 -3.53 25.19 -67.54
C THR E 218 -2.20 25.11 -66.81
N ARG E 219 -1.25 24.34 -67.31
CA ARG E 219 0.02 24.23 -66.62
C ARG E 219 0.74 25.58 -66.59
N GLU E 220 0.94 26.19 -67.75
CA GLU E 220 1.64 27.47 -67.87
C GLU E 220 0.69 28.63 -67.58
N LEU E 221 0.48 28.90 -66.30
CA LEU E 221 -0.47 29.92 -65.86
C LEU E 221 -0.05 30.40 -64.48
N ALA E 222 -0.71 31.47 -64.04
CA ALA E 222 -0.31 32.15 -62.81
C ALA E 222 -0.86 31.48 -61.56
N THR E 223 -2.11 31.01 -61.62
CA THR E 223 -2.79 30.40 -60.48
C THR E 223 -2.51 28.91 -60.35
N LYS E 224 -1.33 28.48 -60.82
CA LYS E 224 -0.96 27.06 -60.80
C LYS E 224 -0.95 26.52 -59.37
N GLY E 225 -0.12 27.10 -58.51
CA GLY E 225 0.17 26.48 -57.23
C GLY E 225 -1.05 26.32 -56.36
N ARG E 226 -1.92 27.32 -56.35
CA ARG E 226 -3.10 27.26 -55.49
C ARG E 226 -4.00 26.10 -55.85
N MET E 227 -4.16 25.82 -57.15
CA MET E 227 -5.05 24.74 -57.57
C MET E 227 -4.57 23.39 -57.06
N PHE E 228 -3.27 23.15 -57.21
CA PHE E 228 -2.69 21.90 -56.76
C PHE E 228 -2.80 21.81 -55.25
N SER E 229 -2.40 22.87 -54.56
CA SER E 229 -2.35 22.83 -53.11
C SER E 229 -3.73 22.57 -52.56
N SER E 230 -4.75 23.18 -53.15
CA SER E 230 -6.09 23.06 -52.59
C SER E 230 -6.66 21.68 -52.85
N LEU E 231 -6.35 21.09 -54.00
CA LEU E 231 -6.82 19.72 -54.22
C LEU E 231 -6.11 18.75 -53.29
N ARG E 232 -4.84 19.00 -52.99
CA ARG E 232 -4.13 18.18 -52.02
C ARG E 232 -4.75 18.30 -50.64
N LYS E 233 -5.00 19.53 -50.19
CA LYS E 233 -5.55 19.75 -48.85
C LYS E 233 -7.02 19.37 -48.76
N SER E 234 -7.68 19.15 -49.88
CA SER E 234 -9.08 18.76 -49.85
C SER E 234 -9.24 17.31 -49.41
N LEU E 235 -8.40 16.42 -49.93
CA LEU E 235 -8.56 14.98 -49.77
C LEU E 235 -7.76 14.43 -48.60
N ARG E 236 -7.24 15.29 -47.73
CA ARG E 236 -6.43 14.81 -46.62
C ARG E 236 -7.26 13.99 -45.65
N SER E 237 -8.52 14.38 -45.42
CA SER E 237 -9.35 13.69 -44.45
C SER E 237 -9.74 12.31 -44.95
N CYS E 238 -9.99 12.19 -46.25
CA CYS E 238 -10.40 10.92 -46.83
C CYS E 238 -9.28 9.89 -46.71
N LEU E 239 -8.11 10.21 -47.23
CA LEU E 239 -7.02 9.26 -47.33
C LEU E 239 -6.42 8.89 -45.98
N ALA E 240 -6.85 9.54 -44.90
CA ALA E 240 -6.33 9.22 -43.57
C ALA E 240 -6.79 7.87 -43.06
N HIS E 241 -8.01 7.46 -43.37
CA HIS E 241 -8.58 6.27 -42.78
C HIS E 241 -7.93 5.00 -43.33
N ASN E 242 -7.74 4.03 -42.44
CA ASN E 242 -7.19 2.73 -42.83
C ASN E 242 -8.17 1.94 -43.68
N SER E 243 -9.40 1.78 -43.21
CA SER E 243 -10.39 0.96 -43.86
C SER E 243 -11.43 1.84 -44.54
N ARG E 244 -11.53 1.72 -45.86
CA ARG E 244 -12.48 2.50 -46.61
C ARG E 244 -12.45 2.02 -48.05
N TRP E 245 -13.61 2.00 -48.69
CA TRP E 245 -13.75 1.48 -50.04
C TRP E 245 -13.60 2.60 -51.05
N ARG E 246 -12.72 2.38 -52.02
CA ARG E 246 -12.38 3.37 -53.03
C ARG E 246 -12.44 2.73 -54.41
N VAL E 247 -12.93 3.49 -55.39
CA VAL E 247 -13.09 3.01 -56.75
C VAL E 247 -12.53 4.05 -57.72
N PHE E 248 -11.85 3.56 -58.75
CA PHE E 248 -11.31 4.38 -59.82
C PHE E 248 -11.90 3.97 -61.15
N VAL E 249 -11.97 4.93 -62.07
CA VAL E 249 -12.26 4.66 -63.47
C VAL E 249 -11.33 5.50 -64.33
N ILE E 250 -10.67 4.87 -65.29
CA ILE E 250 -9.67 5.52 -66.11
C ILE E 250 -9.95 5.24 -67.58
N ASN E 251 -10.00 6.29 -68.39
CA ASN E 251 -10.14 6.18 -69.84
C ASN E 251 -8.86 6.66 -70.48
N PRO E 252 -8.00 5.78 -70.98
CA PRO E 252 -6.61 6.14 -71.25
C PRO E 252 -6.29 6.61 -72.66
N LEU E 253 -7.27 6.74 -73.54
CA LEU E 253 -6.95 7.17 -74.90
C LEU E 253 -6.18 8.49 -74.87
N THR E 254 -6.56 9.40 -73.98
CA THR E 254 -5.93 10.71 -73.93
C THR E 254 -4.63 10.68 -73.15
N ILE E 255 -4.60 9.98 -72.01
CA ILE E 255 -3.41 9.96 -71.17
C ILE E 255 -2.24 9.40 -71.96
N GLU E 256 -1.06 9.95 -71.68
CA GLU E 256 0.14 9.65 -72.44
C GLU E 256 0.98 8.60 -71.73
N ASN E 257 1.49 7.65 -72.50
CA ASN E 257 2.44 6.65 -72.01
C ASN E 257 1.81 5.85 -70.88
N PHE E 258 0.54 5.49 -71.08
CA PHE E 258 -0.25 4.88 -70.02
C PHE E 258 0.34 3.55 -69.58
N ASP E 259 0.84 2.76 -70.54
CA ASP E 259 1.24 1.39 -70.23
C ASP E 259 2.40 1.37 -69.24
N ASP E 260 3.39 2.23 -69.48
CA ASP E 260 4.63 2.18 -68.74
C ASP E 260 4.51 2.81 -67.36
N ASP E 261 3.44 3.56 -67.10
CA ASP E 261 3.30 4.32 -65.88
C ASP E 261 2.16 3.85 -64.99
N ILE E 262 1.14 3.19 -65.56
CA ILE E 262 0.06 2.67 -64.74
C ILE E 262 0.60 1.70 -63.71
N VAL E 263 1.62 0.94 -64.08
CA VAL E 263 2.23 -0.02 -63.17
C VAL E 263 2.83 0.70 -61.98
N ARG E 264 3.66 1.70 -62.25
CA ARG E 264 4.30 2.45 -61.18
C ARG E 264 3.27 3.11 -60.28
N PHE E 265 2.17 3.60 -60.85
CA PHE E 265 1.16 4.26 -60.03
C PHE E 265 0.46 3.25 -59.12
N ILE E 266 0.08 2.10 -59.68
CA ILE E 266 -0.54 1.05 -58.88
C ILE E 266 0.39 0.62 -57.76
N LYS E 267 1.66 0.38 -58.07
CA LYS E 267 2.61 -0.01 -57.04
C LYS E 267 2.69 1.03 -55.94
N ALA E 268 2.80 2.30 -56.31
CA ALA E 268 2.95 3.35 -55.31
C ALA E 268 1.69 3.48 -54.46
N PHE E 269 0.53 3.26 -55.05
CA PHE E 269 -0.70 3.35 -54.29
C PHE E 269 -0.82 2.19 -53.32
N VAL E 270 -0.50 0.98 -53.78
CA VAL E 270 -0.70 -0.20 -52.97
C VAL E 270 0.31 -0.25 -51.83
N GLN E 271 1.56 0.13 -52.10
CA GLN E 271 2.57 0.07 -51.06
C GLN E 271 2.22 0.95 -49.87
N ARG E 272 1.38 1.97 -50.07
CA ARG E 272 1.11 2.96 -49.05
C ARG E 272 -0.26 2.79 -48.42
N TYR E 273 -1.26 2.38 -49.21
CA TYR E 273 -2.62 2.32 -48.75
C TYR E 273 -3.21 0.92 -48.73
N SER E 274 -2.44 -0.12 -49.06
CA SER E 274 -2.91 -1.49 -48.88
C SER E 274 -1.77 -2.41 -48.47
N SER E 275 -1.02 -2.03 -47.44
CA SER E 275 0.03 -2.89 -46.90
C SER E 275 0.05 -2.77 -45.37
N LYS E 276 -0.83 -3.53 -44.73
CA LYS E 276 -0.98 -3.50 -43.29
C LYS E 276 -2.12 -4.44 -42.92
N TYR E 277 -2.15 -4.84 -41.65
CA TYR E 277 -3.19 -5.74 -41.17
C TYR E 277 -4.54 -5.04 -41.10
N LEU E 278 -4.56 -3.74 -40.83
CA LEU E 278 -5.78 -3.00 -40.63
C LEU E 278 -6.42 -2.52 -41.93
N HIS E 279 -5.75 -2.69 -43.05
CA HIS E 279 -6.27 -2.32 -44.36
C HIS E 279 -7.13 -3.45 -44.92
N SER E 280 -8.41 -3.45 -44.56
CA SER E 280 -9.26 -4.61 -44.78
C SER E 280 -9.77 -4.69 -46.22
N ASN E 281 -10.27 -3.58 -46.77
CA ASN E 281 -10.84 -3.59 -48.11
C ASN E 281 -9.84 -3.06 -49.12
N PRO E 282 -9.43 -3.85 -50.09
CA PRO E 282 -8.56 -3.35 -51.14
C PRO E 282 -9.33 -2.58 -52.20
N PRO E 283 -8.63 -1.74 -52.96
CA PRO E 283 -9.30 -0.90 -53.95
C PRO E 283 -9.52 -1.56 -55.30
N LEU E 284 -10.42 -0.96 -56.07
CA LEU E 284 -10.81 -1.44 -57.39
C LEU E 284 -10.43 -0.42 -58.45
N PHE E 285 -9.73 -0.90 -59.47
CA PHE E 285 -9.40 -0.11 -60.64
C PHE E 285 -10.16 -0.68 -61.83
N MET E 286 -11.06 0.10 -62.41
CA MET E 286 -11.84 -0.30 -63.58
C MET E 286 -11.44 0.58 -64.75
N LEU E 287 -10.62 0.03 -65.64
CA LEU E 287 -10.38 0.66 -66.92
C LEU E 287 -11.57 0.50 -67.86
N THR E 288 -11.69 1.45 -68.78
CA THR E 288 -12.77 1.46 -69.76
C THR E 288 -12.18 1.54 -71.15
N GLY E 289 -12.73 0.76 -72.07
CA GLY E 289 -12.31 0.82 -73.45
C GLY E 289 -12.09 -0.56 -74.05
N ASP E 290 -11.11 -0.65 -74.94
CA ASP E 290 -10.70 -1.92 -75.54
C ASP E 290 -9.31 -2.34 -75.05
N TYR E 291 -8.98 -2.01 -73.80
CA TYR E 291 -7.71 -2.39 -73.21
C TYR E 291 -7.67 -3.89 -72.94
N ASP E 292 -6.45 -4.41 -72.77
CA ASP E 292 -6.20 -5.80 -72.41
C ASP E 292 -5.56 -5.85 -71.05
N LEU E 293 -6.11 -6.66 -70.16
CA LEU E 293 -5.67 -6.71 -68.78
C LEU E 293 -4.68 -7.82 -68.49
N SER E 294 -4.52 -8.76 -69.42
CA SER E 294 -3.63 -9.89 -69.19
C SER E 294 -2.20 -9.42 -68.97
N VAL E 295 -1.73 -8.52 -69.83
CA VAL E 295 -0.35 -8.05 -69.73
C VAL E 295 -0.13 -7.32 -68.42
N LEU E 296 -1.11 -6.51 -68.01
CA LEU E 296 -0.94 -5.71 -66.81
C LEU E 296 -0.97 -6.58 -65.56
N GLN E 297 -1.73 -7.67 -65.61
CA GLN E 297 -1.77 -8.57 -64.48
C GLN E 297 -0.48 -9.36 -64.40
N LYS E 298 0.04 -9.78 -65.56
CA LYS E 298 1.30 -10.51 -65.59
C LYS E 298 2.41 -9.65 -65.00
N ARG E 299 2.46 -8.38 -65.39
CA ARG E 299 3.56 -7.55 -64.96
C ARG E 299 3.43 -7.24 -63.48
N LEU E 300 2.20 -6.99 -63.02
CA LEU E 300 2.04 -6.71 -61.60
C LEU E 300 2.44 -7.92 -60.78
N TYR E 301 2.15 -9.13 -61.29
CA TYR E 301 2.56 -10.32 -60.57
C TYR E 301 4.07 -10.45 -60.54
N ASP E 302 4.74 -9.98 -61.59
CA ASP E 302 6.20 -9.95 -61.53
C ASP E 302 6.68 -8.98 -60.47
N ALA E 303 5.99 -7.84 -60.33
CA ALA E 303 6.31 -6.91 -59.26
C ALA E 303 6.15 -7.54 -57.88
N GLY E 304 5.27 -8.54 -57.76
CA GLY E 304 5.05 -9.21 -56.49
C GLY E 304 3.60 -9.26 -56.05
N LEU E 305 2.78 -8.39 -56.61
CA LEU E 305 1.40 -8.26 -56.17
C LEU E 305 0.51 -9.31 -56.81
N ARG E 306 -0.59 -9.62 -56.12
CA ARG E 306 -1.57 -10.58 -56.60
C ARG E 306 -2.93 -9.90 -56.70
N CYS E 307 -3.59 -10.07 -57.85
CA CYS E 307 -4.81 -9.37 -58.18
C CYS E 307 -6.02 -10.28 -58.01
N GLU E 308 -7.20 -9.68 -57.97
CA GLU E 308 -8.48 -10.40 -57.86
C GLU E 308 -9.35 -10.09 -59.08
N THR E 309 -9.39 -11.03 -60.02
CA THR E 309 -10.05 -10.81 -61.31
C THR E 309 -11.57 -10.93 -61.19
N GLY E 310 -12.05 -11.88 -60.41
CA GLY E 310 -13.46 -12.15 -60.34
C GLY E 310 -13.95 -13.25 -61.25
N LYS E 311 -13.06 -13.92 -61.96
CA LYS E 311 -13.41 -14.84 -63.03
C LYS E 311 -13.08 -16.26 -62.60
N VAL E 312 -14.09 -17.12 -62.61
CA VAL E 312 -13.89 -18.56 -62.48
C VAL E 312 -14.07 -19.14 -63.87
N GLY E 313 -12.96 -19.51 -64.49
CA GLY E 313 -12.95 -20.08 -65.82
C GLY E 313 -12.69 -19.11 -66.94
N GLY E 314 -12.42 -17.85 -66.64
CA GLY E 314 -12.12 -16.85 -67.65
C GLY E 314 -13.20 -16.70 -68.69
N THR E 315 -14.45 -16.63 -68.24
CA THR E 315 -15.58 -16.36 -69.12
C THR E 315 -16.28 -15.05 -68.76
N ASP E 316 -16.82 -14.93 -67.55
CA ASP E 316 -17.58 -13.76 -67.18
C ASP E 316 -17.39 -13.48 -65.70
N VAL E 317 -17.72 -12.25 -65.32
CA VAL E 317 -17.44 -11.73 -63.99
C VAL E 317 -18.55 -12.09 -63.02
N ILE E 318 -18.17 -12.68 -61.89
CA ILE E 318 -19.10 -13.08 -60.84
C ILE E 318 -18.96 -12.08 -59.70
N ILE E 319 -20.05 -11.38 -59.40
CA ILE E 319 -19.97 -10.17 -58.58
C ILE E 319 -19.63 -10.50 -57.14
N LYS E 320 -20.19 -11.60 -56.62
CA LYS E 320 -19.98 -11.94 -55.23
C LYS E 320 -18.50 -12.19 -54.93
N GLU E 321 -17.76 -12.74 -55.89
CA GLU E 321 -16.37 -13.08 -55.66
C GLU E 321 -15.49 -11.84 -55.69
N LEU E 322 -15.77 -10.89 -56.59
CA LEU E 322 -14.94 -9.71 -56.72
C LEU E 322 -15.10 -8.74 -55.56
N PHE E 323 -16.15 -8.87 -54.75
CA PHE E 323 -16.43 -7.93 -53.67
C PHE E 323 -16.24 -8.57 -52.29
N ARG E 324 -15.38 -9.57 -52.18
CA ARG E 324 -15.20 -10.29 -50.93
C ARG E 324 -13.94 -9.85 -50.21
N ARG E 325 -13.86 -10.27 -48.99
CA ARG E 325 -12.73 -9.97 -48.13
C ARG E 325 -11.65 -11.04 -48.28
N PRO E 326 -10.40 -10.67 -48.08
CA PRO E 326 -9.31 -11.65 -48.10
C PRO E 326 -8.95 -12.20 -46.73
N ILE E 327 -8.17 -13.28 -46.77
CA ILE E 327 -7.57 -13.85 -45.57
C ILE E 327 -6.35 -13.03 -45.21
N LEU E 328 -6.21 -12.71 -43.93
CA LEU E 328 -5.11 -11.90 -43.45
C LEU E 328 -4.47 -12.58 -42.25
N ILE E 329 -3.15 -12.70 -42.28
CA ILE E 329 -2.36 -13.26 -41.19
C ILE E 329 -1.38 -12.21 -40.69
N ARG E 330 -1.24 -12.10 -39.38
CA ARG E 330 -0.45 -11.03 -38.80
C ARG E 330 1.04 -11.37 -38.78
N ASN E 331 1.40 -12.45 -38.12
CA ASN E 331 2.81 -12.79 -37.91
C ASN E 331 3.14 -14.12 -38.54
N PRO E 332 3.89 -14.16 -39.65
CA PRO E 332 4.27 -13.01 -40.46
C PRO E 332 3.14 -12.52 -41.34
N PHE E 333 3.31 -11.32 -41.88
CA PHE E 333 2.28 -10.72 -42.72
C PHE E 333 2.17 -11.45 -44.06
N ARG E 334 0.94 -11.86 -44.40
CA ARG E 334 0.63 -12.25 -45.75
C ARG E 334 -0.81 -11.86 -46.04
N MET E 335 -1.07 -11.54 -47.31
CA MET E 335 -2.40 -11.22 -47.78
C MET E 335 -2.71 -12.02 -49.03
N GLU E 336 -3.96 -12.44 -49.16
CA GLU E 336 -4.39 -13.21 -50.32
C GLU E 336 -4.34 -12.38 -51.59
N PHE E 337 -4.69 -11.11 -51.51
CA PHE E 337 -4.51 -10.22 -52.64
C PHE E 337 -4.49 -8.78 -52.15
N SER E 338 -4.02 -7.90 -53.02
CA SER E 338 -3.80 -6.51 -52.70
C SER E 338 -4.56 -5.54 -53.57
N LEU E 339 -5.12 -5.97 -54.68
CA LEU E 339 -5.95 -5.08 -55.49
C LEU E 339 -6.98 -5.85 -56.25
N ARG E 340 -8.05 -5.14 -56.60
CA ARG E 340 -9.14 -5.64 -57.43
C ARG E 340 -9.05 -4.99 -58.80
N LEU E 341 -9.17 -5.78 -59.85
CA LEU E 341 -8.99 -5.30 -61.21
C LEU E 341 -10.03 -5.91 -62.12
N ALA E 342 -10.64 -5.09 -62.96
CA ALA E 342 -11.67 -5.56 -63.88
C ALA E 342 -12.00 -4.47 -64.89
N LYS E 343 -12.56 -4.89 -66.01
CA LYS E 343 -13.06 -3.99 -67.05
C LYS E 343 -14.50 -3.58 -66.77
N ARG E 344 -14.80 -2.33 -67.11
CA ARG E 344 -16.06 -1.73 -66.70
C ARG E 344 -17.25 -2.45 -67.31
N ASP E 345 -17.24 -2.60 -68.64
CA ASP E 345 -18.40 -3.13 -69.32
C ASP E 345 -18.78 -4.50 -68.78
N GLU E 346 -17.79 -5.36 -68.53
CA GLU E 346 -18.06 -6.71 -68.08
C GLU E 346 -18.75 -6.75 -66.74
N VAL E 347 -18.64 -5.68 -65.94
CA VAL E 347 -19.23 -5.64 -64.61
C VAL E 347 -20.64 -5.07 -64.75
N ILE E 348 -21.63 -5.96 -64.70
CA ILE E 348 -23.02 -5.58 -64.80
C ILE E 348 -23.65 -5.89 -63.46
N GLY E 349 -23.87 -4.87 -62.65
CA GLY E 349 -24.57 -5.04 -61.41
C GLY E 349 -24.20 -3.95 -60.43
N GLY E 350 -24.57 -4.19 -59.18
CA GLY E 350 -24.35 -3.25 -58.11
C GLY E 350 -24.08 -3.95 -56.80
N PRO E 351 -23.10 -3.49 -56.03
CA PRO E 351 -22.72 -4.22 -54.82
C PRO E 351 -23.68 -3.96 -53.67
N GLN E 352 -23.62 -4.87 -52.69
CA GLN E 352 -24.48 -4.76 -51.51
C GLN E 352 -24.21 -3.50 -50.73
N ARG E 353 -22.98 -3.01 -50.75
CA ARG E 353 -22.62 -1.77 -50.08
C ARG E 353 -22.12 -0.80 -51.14
N ARG E 354 -22.27 0.45 -50.83
CA ARG E 354 -21.95 1.49 -51.78
C ARG E 354 -20.60 2.10 -51.48
N PRO E 355 -19.97 2.69 -52.47
CA PRO E 355 -18.64 3.25 -52.26
C PRO E 355 -18.69 4.48 -51.39
N ASP E 356 -17.51 4.87 -50.94
CA ASP E 356 -17.31 6.07 -50.15
C ASP E 356 -16.64 7.16 -50.96
N GLU E 357 -15.74 6.77 -51.86
CA GLU E 357 -15.08 7.68 -52.77
C GLU E 357 -15.12 7.08 -54.17
N LEU E 358 -15.32 7.93 -55.17
CA LEU E 358 -15.30 7.51 -56.56
C LEU E 358 -14.48 8.52 -57.36
N PHE E 359 -13.44 8.04 -58.02
CA PHE E 359 -12.52 8.87 -58.78
C PHE E 359 -12.77 8.64 -60.27
N LEU E 360 -13.25 9.67 -60.95
CA LEU E 360 -13.57 9.60 -62.38
C LEU E 360 -12.45 10.31 -63.14
N ILE E 361 -11.41 9.55 -63.49
CA ILE E 361 -10.26 10.09 -64.19
C ILE E 361 -10.54 10.04 -65.69
N ASN E 362 -10.87 11.19 -66.28
CA ASN E 362 -11.14 11.32 -67.70
C ASN E 362 -12.38 10.54 -68.10
N VAL E 363 -13.47 10.78 -67.37
CA VAL E 363 -14.76 10.19 -67.64
C VAL E 363 -15.83 11.20 -67.26
N ALA E 364 -16.96 11.15 -67.95
CA ALA E 364 -18.01 12.16 -67.79
C ALA E 364 -19.08 11.72 -66.80
N ASP E 365 -19.70 10.56 -67.04
CA ASP E 365 -20.79 10.08 -66.23
C ASP E 365 -20.58 8.61 -65.92
N ASP E 366 -21.23 8.15 -64.86
CA ASP E 366 -21.10 6.78 -64.41
C ASP E 366 -22.38 6.36 -63.71
N GLU E 367 -22.64 5.05 -63.75
CA GLU E 367 -23.90 4.52 -63.27
C GLU E 367 -24.02 4.56 -61.76
N TRP E 368 -22.91 4.69 -61.04
CA TRP E 368 -22.90 4.58 -59.60
C TRP E 368 -22.97 5.92 -58.88
N LYS E 369 -22.97 7.03 -59.60
CA LYS E 369 -23.18 8.32 -58.98
C LYS E 369 -24.47 8.30 -58.17
N HIS E 370 -24.41 8.84 -56.96
CA HIS E 370 -25.55 8.85 -56.06
C HIS E 370 -25.31 9.92 -55.01
N GLU E 371 -26.29 10.11 -54.12
CA GLU E 371 -26.20 11.13 -53.11
C GLU E 371 -25.15 10.79 -52.06
N ASP E 372 -25.16 9.55 -51.58
CA ASP E 372 -24.29 9.13 -50.50
C ASP E 372 -22.85 8.86 -50.92
N VAL E 373 -22.49 9.06 -52.18
CA VAL E 373 -21.15 8.81 -52.68
C VAL E 373 -20.47 10.11 -53.06
N ASN E 374 -19.26 10.31 -52.55
CA ASN E 374 -18.44 11.45 -52.90
C ASN E 374 -17.85 11.23 -54.29
N VAL E 375 -18.06 12.19 -55.18
CA VAL E 375 -17.64 12.10 -56.57
C VAL E 375 -16.62 13.19 -56.83
N HIS E 376 -15.36 12.81 -56.90
CA HIS E 376 -14.27 13.69 -57.28
C HIS E 376 -13.90 13.40 -58.73
N GLY E 377 -14.00 14.41 -59.57
CA GLY E 377 -13.75 14.26 -61.00
C GLY E 377 -12.57 15.11 -61.45
N PHE E 378 -11.77 14.55 -62.35
CA PHE E 378 -10.59 15.24 -62.82
C PHE E 378 -10.35 14.89 -64.28
N LYS E 379 -9.76 15.85 -65.02
CA LYS E 379 -9.29 15.63 -66.37
C LYS E 379 -7.80 15.92 -66.39
N ILE E 380 -7.02 14.92 -66.77
CA ILE E 380 -5.56 15.00 -66.71
C ILE E 380 -4.97 14.52 -68.03
N GLU E 381 -3.68 14.72 -68.16
CA GLU E 381 -2.88 14.39 -69.32
C GLU E 381 -1.69 13.53 -68.97
N ARG E 382 -1.00 13.86 -67.89
CA ARG E 382 0.08 13.07 -67.33
C ARG E 382 -0.35 12.52 -65.98
N LEU E 383 0.17 11.34 -65.63
CA LEU E 383 -0.21 10.66 -64.41
C LEU E 383 0.59 11.12 -63.20
N SER E 384 1.68 11.85 -63.42
CA SER E 384 2.45 12.37 -62.30
C SER E 384 1.62 13.29 -61.42
N ASP E 385 0.67 14.02 -62.00
CA ASP E 385 -0.04 15.04 -61.24
C ASP E 385 -0.92 14.40 -60.18
N LEU E 386 -1.58 13.30 -60.53
CA LEU E 386 -2.46 12.65 -59.58
C LEU E 386 -1.66 12.14 -58.39
N GLU E 387 -0.42 11.72 -58.61
CA GLU E 387 0.41 11.24 -57.52
C GLU E 387 0.63 12.33 -56.48
N TYR E 388 0.86 13.56 -56.94
CA TYR E 388 1.01 14.68 -56.02
C TYR E 388 -0.30 15.00 -55.34
N ILE E 389 -1.41 14.83 -56.07
CA ILE E 389 -2.72 15.08 -55.47
C ILE E 389 -2.97 14.09 -54.34
N LEU E 390 -2.46 12.87 -54.46
CA LEU E 390 -2.69 11.80 -53.50
C LEU E 390 -1.51 11.56 -52.56
N GLN E 391 -0.46 12.38 -52.62
CA GLN E 391 0.64 12.38 -51.67
C GLN E 391 1.65 11.27 -51.90
N LEU E 392 1.74 10.74 -53.10
CA LEU E 392 2.74 9.73 -53.38
C LEU E 392 4.11 10.33 -53.68
N ARG E 393 4.17 11.57 -54.14
CA ARG E 393 5.43 12.27 -54.36
C ARG E 393 5.33 13.68 -53.80
N SER E 394 6.49 14.24 -53.43
CA SER E 394 6.51 15.52 -52.75
C SER E 394 6.29 16.67 -53.72
N ASP E 395 7.07 16.75 -54.78
CA ASP E 395 7.08 17.91 -55.65
C ASP E 395 6.93 17.50 -57.10
N TYR E 396 6.48 18.45 -57.91
CA TYR E 396 6.17 18.26 -59.31
C TYR E 396 6.90 19.30 -60.15
N ALA E 397 7.63 18.84 -61.17
CA ALA E 397 8.35 19.75 -62.06
C ALA E 397 9.28 20.69 -61.30
N ALA F 222 -16.05 -62.14 -59.50
CA ALA F 222 -15.32 -62.48 -60.70
C ALA F 222 -13.83 -62.29 -60.49
N THR F 223 -13.07 -62.22 -61.59
CA THR F 223 -11.63 -61.99 -61.49
C THR F 223 -11.35 -60.58 -61.00
N LYS F 224 -11.98 -59.58 -61.63
CA LYS F 224 -11.79 -58.20 -61.21
C LYS F 224 -12.28 -57.99 -59.78
N GLY F 225 -13.30 -58.71 -59.36
CA GLY F 225 -13.80 -58.55 -58.00
C GLY F 225 -12.74 -58.86 -56.97
N ARG F 226 -11.88 -59.83 -57.27
CA ARG F 226 -10.86 -60.26 -56.32
C ARG F 226 -9.74 -59.23 -56.24
N MET F 227 -9.20 -58.83 -57.40
CA MET F 227 -7.98 -58.03 -57.41
C MET F 227 -8.18 -56.72 -56.67
N PHE F 228 -9.37 -56.15 -56.77
CA PHE F 228 -9.61 -54.84 -56.16
C PHE F 228 -9.55 -54.91 -54.66
N SER F 229 -9.86 -56.07 -54.07
CA SER F 229 -9.75 -56.21 -52.62
C SER F 229 -8.29 -56.10 -52.21
N SER F 230 -7.41 -56.83 -52.90
CA SER F 230 -6.00 -56.78 -52.56
C SER F 230 -5.44 -55.39 -52.78
N LEU F 231 -5.93 -54.69 -53.80
CA LEU F 231 -5.42 -53.36 -54.08
C LEU F 231 -5.92 -52.35 -53.06
N ARG F 232 -7.18 -52.47 -52.65
CA ARG F 232 -7.70 -51.68 -51.55
C ARG F 232 -6.87 -51.88 -50.30
N LYS F 233 -6.48 -53.12 -50.02
CA LYS F 233 -5.70 -53.38 -48.82
C LYS F 233 -4.26 -52.90 -48.97
N SER F 234 -3.78 -52.83 -50.20
CA SER F 234 -2.39 -52.43 -50.45
C SER F 234 -2.14 -50.99 -50.03
N LEU F 235 -3.11 -50.10 -50.24
CA LEU F 235 -2.95 -48.67 -50.04
C LEU F 235 -3.46 -48.14 -48.71
N ARG F 236 -3.83 -49.01 -47.77
CA ARG F 236 -4.39 -48.52 -46.52
C ARG F 236 -3.37 -47.73 -45.71
N SER F 237 -2.09 -48.09 -45.82
CA SER F 237 -1.07 -47.44 -45.03
C SER F 237 -0.83 -46.02 -45.50
N CYS F 238 -0.75 -45.83 -46.81
CA CYS F 238 -0.37 -44.55 -47.38
C CYS F 238 -1.39 -43.48 -47.03
N LEU F 239 -2.67 -43.77 -47.21
CA LEU F 239 -3.70 -42.76 -47.13
C LEU F 239 -3.97 -42.30 -45.70
N ALA F 240 -3.42 -43.00 -44.71
CA ALA F 240 -3.61 -42.59 -43.33
C ALA F 240 -2.79 -41.36 -43.01
N HIS F 241 -1.67 -41.16 -43.69
CA HIS F 241 -0.83 -39.99 -43.43
C HIS F 241 -1.58 -38.71 -43.76
N ASN F 242 -1.61 -37.80 -42.79
CA ASN F 242 -2.32 -36.56 -42.97
C ASN F 242 -1.66 -35.69 -44.03
N SER F 243 -0.34 -35.57 -43.97
CA SER F 243 0.42 -34.77 -44.92
C SER F 243 1.07 -35.67 -45.95
N ARG F 244 0.87 -35.33 -47.22
CA ARG F 244 1.53 -36.03 -48.31
C ARG F 244 1.24 -35.30 -49.62
N TRP F 245 2.00 -35.65 -50.64
CA TRP F 245 1.83 -35.14 -51.99
C TRP F 245 1.36 -36.27 -52.88
N ARG F 246 0.15 -36.15 -53.38
CA ARG F 246 -0.47 -37.14 -54.23
C ARG F 246 -0.81 -36.48 -55.55
N VAL F 247 -0.60 -37.23 -56.64
CA VAL F 247 -0.79 -36.72 -57.98
C VAL F 247 -1.55 -37.76 -58.78
N PHE F 248 -2.55 -37.31 -59.53
CA PHE F 248 -3.47 -38.17 -60.25
C PHE F 248 -3.44 -37.81 -61.72
N VAL F 249 -3.32 -38.82 -62.58
CA VAL F 249 -3.40 -38.65 -64.01
C VAL F 249 -4.49 -39.58 -64.54
N ILE F 250 -5.37 -39.03 -65.36
CA ILE F 250 -6.58 -39.72 -65.79
C ILE F 250 -6.79 -39.49 -67.28
N ASN F 251 -7.55 -40.39 -67.88
CA ASN F 251 -7.88 -40.33 -69.29
C ASN F 251 -9.37 -40.60 -69.46
N PRO F 252 -10.15 -39.63 -69.94
CA PRO F 252 -11.60 -39.79 -69.92
C PRO F 252 -12.23 -40.41 -71.16
N LEU F 253 -11.44 -40.77 -72.17
CA LEU F 253 -12.03 -41.30 -73.40
C LEU F 253 -12.66 -42.66 -73.15
N THR F 254 -12.00 -43.50 -72.38
CA THR F 254 -12.41 -44.88 -72.16
C THR F 254 -12.99 -45.12 -70.76
N ILE F 255 -13.47 -44.07 -70.11
CA ILE F 255 -14.16 -44.16 -68.82
C ILE F 255 -15.61 -43.83 -69.04
N GLU F 256 -16.48 -44.81 -68.92
CA GLU F 256 -17.89 -44.58 -69.24
C GLU F 256 -18.55 -43.76 -68.15
N ASN F 257 -19.30 -42.75 -68.56
CA ASN F 257 -20.09 -41.94 -67.65
C ASN F 257 -19.19 -41.10 -66.75
N PHE F 258 -18.31 -40.32 -67.38
CA PHE F 258 -17.31 -39.48 -66.73
C PHE F 258 -17.86 -38.11 -66.36
N ASP F 259 -18.43 -37.43 -67.36
CA ASP F 259 -18.88 -36.05 -67.20
C ASP F 259 -19.92 -35.92 -66.10
N ASP F 260 -20.52 -37.03 -65.69
CA ASP F 260 -21.56 -37.01 -64.67
C ASP F 260 -21.01 -37.28 -63.29
N ASP F 261 -19.97 -38.10 -63.16
CA ASP F 261 -19.53 -38.60 -61.87
C ASP F 261 -18.29 -37.89 -61.35
N ILE F 262 -17.62 -37.10 -62.19
CA ILE F 262 -16.34 -36.54 -61.79
C ILE F 262 -16.49 -35.62 -60.58
N VAL F 263 -17.53 -34.79 -60.58
CA VAL F 263 -17.67 -33.79 -59.52
C VAL F 263 -17.90 -34.47 -58.18
N ARG F 264 -18.76 -35.47 -58.15
CA ARG F 264 -19.02 -36.20 -56.92
C ARG F 264 -17.77 -36.93 -56.44
N PHE F 265 -17.01 -37.53 -57.36
CA PHE F 265 -15.76 -38.15 -56.97
C PHE F 265 -14.85 -37.16 -56.26
N ILE F 266 -14.62 -35.99 -56.87
CA ILE F 266 -13.72 -35.01 -56.29
C ILE F 266 -14.26 -34.53 -54.95
N LYS F 267 -15.58 -34.36 -54.85
CA LYS F 267 -16.17 -33.83 -53.63
C LYS F 267 -15.92 -34.80 -52.48
N ALA F 268 -16.13 -36.09 -52.73
CA ALA F 268 -15.88 -37.10 -51.71
C ALA F 268 -14.41 -37.10 -51.33
N PHE F 269 -13.52 -37.15 -52.32
CA PHE F 269 -12.09 -37.13 -52.02
C PHE F 269 -11.72 -35.96 -51.13
N VAL F 270 -12.14 -34.75 -51.50
CA VAL F 270 -11.81 -33.57 -50.71
C VAL F 270 -12.35 -33.69 -49.30
N GLN F 271 -13.59 -34.16 -49.14
CA GLN F 271 -14.12 -34.28 -47.80
C GLN F 271 -13.34 -35.32 -46.99
N ARG F 272 -12.74 -36.29 -47.67
CA ARG F 272 -12.06 -37.38 -46.99
C ARG F 272 -10.65 -36.98 -46.58
N TYR F 273 -9.91 -36.32 -47.47
CA TYR F 273 -8.48 -36.14 -47.32
C TYR F 273 -8.00 -34.70 -47.46
N SER F 274 -8.90 -33.73 -47.58
CA SER F 274 -8.48 -32.34 -47.59
C SER F 274 -9.54 -31.46 -46.91
N SER F 275 -10.00 -31.89 -45.74
CA SER F 275 -11.08 -31.21 -45.05
C SER F 275 -10.72 -30.77 -43.64
N LYS F 276 -9.48 -30.95 -43.22
CA LYS F 276 -9.06 -30.59 -41.88
C LYS F 276 -7.81 -29.73 -41.92
N TYR F 277 -7.18 -29.51 -40.77
CA TYR F 277 -6.00 -28.67 -40.71
C TYR F 277 -4.74 -29.43 -41.08
N LEU F 278 -4.51 -30.57 -40.44
CA LEU F 278 -3.27 -31.30 -40.62
C LEU F 278 -3.13 -31.83 -42.04
N HIS F 279 -4.16 -31.62 -42.85
CA HIS F 279 -4.11 -31.94 -44.27
C HIS F 279 -3.58 -30.71 -45.00
N SER F 280 -2.25 -30.66 -45.11
CA SER F 280 -1.57 -29.44 -45.50
C SER F 280 -1.51 -29.28 -47.01
N ASN F 281 -0.99 -30.28 -47.71
CA ASN F 281 -0.78 -30.19 -49.14
C ASN F 281 -1.95 -30.78 -49.90
N PRO F 282 -2.67 -30.01 -50.71
CA PRO F 282 -3.76 -30.56 -51.49
C PRO F 282 -3.28 -31.36 -52.69
N PRO F 283 -4.15 -32.17 -53.28
CA PRO F 283 -3.77 -33.00 -54.42
C PRO F 283 -3.92 -32.34 -55.78
N LEU F 284 -3.40 -33.02 -56.79
CA LEU F 284 -3.27 -32.50 -58.15
C LEU F 284 -3.90 -33.49 -59.13
N PHE F 285 -5.10 -33.15 -59.60
CA PHE F 285 -5.77 -33.91 -60.63
C PHE F 285 -5.33 -33.38 -61.98
N MET F 286 -4.79 -34.25 -62.83
CA MET F 286 -4.31 -33.87 -64.14
C MET F 286 -4.99 -34.72 -65.19
N LEU F 287 -5.61 -34.07 -66.16
CA LEU F 287 -6.36 -34.73 -67.22
C LEU F 287 -5.61 -34.69 -68.54
N THR F 288 -5.83 -35.73 -69.34
CA THR F 288 -5.13 -35.93 -70.61
C THR F 288 -6.15 -35.95 -71.73
N GLY F 289 -5.96 -35.08 -72.70
CA GLY F 289 -6.84 -35.05 -73.85
C GLY F 289 -7.34 -33.66 -74.17
N ASP F 290 -8.52 -33.57 -74.78
CA ASP F 290 -9.08 -32.30 -75.23
C ASP F 290 -10.23 -31.84 -74.34
N TYR F 291 -10.23 -32.24 -73.07
CA TYR F 291 -11.28 -31.88 -72.15
C TYR F 291 -11.38 -30.36 -72.04
N ASP F 292 -12.49 -29.91 -71.45
CA ASP F 292 -12.77 -28.51 -71.21
C ASP F 292 -12.82 -28.25 -69.71
N LEU F 293 -11.81 -27.55 -69.18
CA LEU F 293 -11.75 -27.28 -67.75
C LEU F 293 -12.68 -26.13 -67.33
N SER F 294 -12.95 -25.21 -68.25
CA SER F 294 -13.69 -24.00 -67.90
C SER F 294 -15.06 -24.34 -67.31
N VAL F 295 -15.70 -25.39 -67.82
CA VAL F 295 -17.02 -25.75 -67.33
C VAL F 295 -16.93 -26.48 -66.02
N LEU F 296 -15.90 -27.31 -65.86
CA LEU F 296 -15.74 -28.08 -64.65
C LEU F 296 -15.48 -27.16 -63.46
N GLN F 297 -14.71 -26.09 -63.68
CA GLN F 297 -14.39 -25.21 -62.57
C GLN F 297 -15.64 -24.51 -62.08
N LYS F 298 -16.57 -24.19 -62.98
CA LYS F 298 -17.79 -23.53 -62.57
C LYS F 298 -18.73 -24.50 -61.88
N ARG F 299 -18.83 -25.72 -62.40
CA ARG F 299 -19.62 -26.75 -61.72
C ARG F 299 -19.11 -26.99 -60.31
N LEU F 300 -17.80 -26.90 -60.13
CA LEU F 300 -17.22 -27.13 -58.83
C LEU F 300 -17.45 -25.94 -57.91
N TYR F 301 -17.29 -24.72 -58.43
CA TYR F 301 -17.56 -23.55 -57.60
C TYR F 301 -19.01 -23.59 -57.13
N ASP F 302 -19.92 -24.00 -58.02
CA ASP F 302 -21.31 -24.13 -57.64
C ASP F 302 -21.45 -25.16 -56.54
N ALA F 303 -20.64 -26.22 -56.60
CA ALA F 303 -20.70 -27.24 -55.54
C ALA F 303 -20.14 -26.73 -54.23
N GLY F 304 -19.15 -25.84 -54.27
CA GLY F 304 -18.63 -25.23 -53.05
C GLY F 304 -17.13 -25.23 -52.88
N LEU F 305 -16.40 -25.58 -53.93
CA LEU F 305 -14.96 -25.79 -53.85
C LEU F 305 -14.21 -24.80 -54.73
N ARG F 306 -13.17 -24.21 -54.17
CA ARG F 306 -12.28 -23.30 -54.87
C ARG F 306 -11.00 -24.03 -55.27
N CYS F 307 -10.46 -23.68 -56.44
CA CYS F 307 -9.41 -24.44 -57.09
C CYS F 307 -8.26 -23.52 -57.48
N GLU F 308 -7.10 -24.13 -57.70
CA GLU F 308 -5.88 -23.45 -58.12
C GLU F 308 -5.42 -24.00 -59.46
N THR F 309 -5.55 -23.19 -60.50
CA THR F 309 -5.15 -23.61 -61.83
C THR F 309 -3.70 -23.26 -62.16
N GLY F 310 -3.25 -22.08 -61.78
CA GLY F 310 -1.90 -21.62 -62.02
C GLY F 310 -1.81 -20.48 -62.99
N LYS F 311 -2.89 -20.19 -63.70
CA LYS F 311 -2.91 -19.12 -64.68
C LYS F 311 -2.97 -17.76 -64.02
N VAL F 312 -2.15 -16.83 -64.50
CA VAL F 312 -2.21 -15.43 -64.10
C VAL F 312 -2.18 -14.62 -65.38
N GLY F 313 -3.34 -14.39 -65.98
CA GLY F 313 -3.42 -13.70 -67.24
C GLY F 313 -4.32 -14.35 -68.27
N GLY F 314 -4.25 -15.67 -68.37
CA GLY F 314 -5.26 -16.42 -69.09
C GLY F 314 -4.70 -17.54 -69.94
N THR F 315 -3.47 -17.36 -70.41
CA THR F 315 -2.91 -18.24 -71.44
C THR F 315 -2.13 -19.43 -70.89
N ASP F 316 -1.12 -19.19 -70.08
CA ASP F 316 -0.14 -20.22 -69.74
C ASP F 316 -0.09 -20.46 -68.25
N VAL F 317 0.53 -21.59 -67.89
CA VAL F 317 0.60 -22.06 -66.51
C VAL F 317 2.01 -21.81 -65.99
N ILE F 318 2.09 -21.19 -64.81
CA ILE F 318 3.35 -20.97 -64.12
C ILE F 318 3.51 -22.09 -63.10
N ILE F 319 4.54 -22.92 -63.28
CA ILE F 319 4.69 -24.12 -62.46
C ILE F 319 4.79 -23.77 -61.00
N LYS F 320 5.32 -22.59 -60.69
CA LYS F 320 5.58 -22.22 -59.30
C LYS F 320 4.30 -21.90 -58.55
N GLU F 321 3.27 -21.41 -59.23
CA GLU F 321 2.04 -21.03 -58.58
C GLU F 321 1.07 -22.19 -58.43
N LEU F 322 1.29 -23.29 -59.15
CA LEU F 322 0.40 -24.44 -59.11
C LEU F 322 0.76 -25.38 -57.98
N PHE F 323 1.91 -25.18 -57.35
CA PHE F 323 2.43 -26.06 -56.32
C PHE F 323 2.72 -25.31 -55.03
N ARG F 324 2.18 -24.12 -54.88
CA ARG F 324 2.39 -23.34 -53.67
C ARG F 324 1.58 -23.90 -52.51
N ARG F 325 2.01 -23.56 -51.31
CA ARG F 325 1.31 -23.94 -50.11
C ARG F 325 0.20 -22.96 -49.80
N PRO F 326 -0.97 -23.44 -49.39
CA PRO F 326 -2.09 -22.57 -49.07
C PRO F 326 -2.06 -22.02 -47.66
N ILE F 327 -2.68 -20.86 -47.51
CA ILE F 327 -2.89 -20.30 -46.18
C ILE F 327 -3.84 -21.20 -45.41
N LEU F 328 -3.56 -21.37 -44.12
CA LEU F 328 -4.33 -22.26 -43.27
C LEU F 328 -4.60 -21.54 -41.97
N ILE F 329 -5.86 -21.28 -41.69
CA ILE F 329 -6.31 -20.74 -40.42
C ILE F 329 -7.01 -21.86 -39.66
N ARG F 330 -6.70 -21.97 -38.36
CA ARG F 330 -7.23 -23.02 -37.53
C ARG F 330 -8.58 -22.63 -36.92
N ASN F 331 -8.59 -21.54 -36.15
CA ASN F 331 -9.77 -21.12 -35.40
C ASN F 331 -10.25 -19.77 -35.91
N PRO F 332 -11.31 -19.73 -36.73
CA PRO F 332 -12.07 -20.78 -37.39
C PRO F 332 -11.43 -21.30 -38.66
N PHE F 333 -11.64 -22.60 -38.91
CA PHE F 333 -10.96 -23.28 -40.00
C PHE F 333 -11.31 -22.64 -41.34
N ARG F 334 -10.29 -22.18 -42.05
CA ARG F 334 -10.44 -21.64 -43.39
C ARG F 334 -9.32 -22.15 -44.27
N MET F 335 -9.67 -22.48 -45.51
CA MET F 335 -8.73 -22.96 -46.51
C MET F 335 -8.68 -21.94 -47.63
N GLU F 336 -7.49 -21.70 -48.16
CA GLU F 336 -7.39 -20.88 -49.36
C GLU F 336 -7.86 -21.67 -50.58
N PHE F 337 -7.48 -22.94 -50.67
CA PHE F 337 -8.11 -23.83 -51.63
C PHE F 337 -7.98 -25.26 -51.14
N SER F 338 -8.75 -26.13 -51.78
CA SER F 338 -8.79 -27.53 -51.46
C SER F 338 -8.22 -28.44 -52.54
N LEU F 339 -8.03 -27.92 -53.75
CA LEU F 339 -7.59 -28.75 -54.86
C LEU F 339 -6.91 -27.89 -55.90
N ARG F 340 -6.05 -28.54 -56.69
CA ARG F 340 -5.35 -27.95 -57.81
C ARG F 340 -5.54 -28.81 -59.05
N LEU F 341 -5.80 -28.14 -60.17
CA LEU F 341 -6.27 -28.78 -61.39
C LEU F 341 -5.61 -28.17 -62.61
N ALA F 342 -5.05 -29.01 -63.48
CA ALA F 342 -4.41 -28.56 -64.70
C ALA F 342 -4.45 -29.65 -65.75
N LYS F 343 -4.42 -29.23 -67.02
CA LYS F 343 -4.19 -30.14 -68.12
C LYS F 343 -2.71 -30.49 -68.26
N ARG F 344 -2.46 -31.72 -68.70
CA ARG F 344 -1.11 -32.27 -68.69
C ARG F 344 -0.22 -31.58 -69.70
N ASP F 345 -0.77 -31.23 -70.87
CA ASP F 345 0.05 -30.68 -71.93
C ASP F 345 0.50 -29.27 -71.61
N GLU F 346 -0.38 -28.46 -71.01
CA GLU F 346 -0.01 -27.09 -70.68
C GLU F 346 1.05 -27.05 -69.59
N VAL F 347 1.09 -28.07 -68.74
CA VAL F 347 2.08 -28.15 -67.66
C VAL F 347 3.36 -28.74 -68.20
N ILE F 348 4.20 -27.89 -68.79
CA ILE F 348 5.48 -28.31 -69.33
C ILE F 348 6.55 -28.00 -68.30
N GLY F 349 7.08 -29.04 -67.67
CA GLY F 349 8.14 -28.87 -66.71
C GLY F 349 8.16 -30.01 -65.72
N GLY F 350 8.74 -29.72 -64.57
CA GLY F 350 8.80 -30.65 -63.47
C GLY F 350 8.73 -29.91 -62.16
N PRO F 351 8.53 -30.63 -61.07
CA PRO F 351 8.47 -29.99 -59.76
C PRO F 351 9.82 -29.98 -59.07
N GLN F 352 9.98 -29.02 -58.16
CA GLN F 352 11.21 -28.93 -57.38
C GLN F 352 11.37 -30.18 -56.52
N ARG F 353 10.30 -30.58 -55.84
CA ARG F 353 10.29 -31.80 -55.04
C ARG F 353 9.43 -32.84 -55.73
N ARG F 354 9.78 -34.08 -55.54
CA ARG F 354 9.15 -35.17 -56.25
C ARG F 354 7.90 -35.65 -55.54
N PRO F 355 6.98 -36.25 -56.29
CA PRO F 355 5.77 -36.78 -55.66
C PRO F 355 6.05 -38.05 -54.89
N ASP F 356 5.23 -38.28 -53.88
CA ASP F 356 5.34 -39.48 -53.06
C ASP F 356 4.59 -40.63 -53.71
N GLU F 357 3.39 -40.35 -54.21
CA GLU F 357 2.56 -41.33 -54.88
C GLU F 357 1.98 -40.72 -56.15
N LEU F 358 2.06 -41.48 -57.23
CA LEU F 358 1.53 -41.09 -58.52
C LEU F 358 0.57 -42.16 -59.01
N PHE F 359 -0.72 -41.84 -59.00
CA PHE F 359 -1.74 -42.72 -59.51
C PHE F 359 -1.96 -42.47 -60.99
N LEU F 360 -1.71 -43.47 -61.82
CA LEU F 360 -1.87 -43.37 -63.26
C LEU F 360 -3.08 -44.24 -63.64
N ILE F 361 -4.25 -43.63 -63.65
CA ILE F 361 -5.49 -44.31 -64.01
C ILE F 361 -5.61 -44.29 -65.53
N ASN F 362 -5.23 -45.38 -66.18
CA ASN F 362 -5.49 -45.71 -67.57
C ASN F 362 -4.50 -45.07 -68.54
N VAL F 363 -3.40 -44.49 -68.04
CA VAL F 363 -2.35 -43.92 -68.87
C VAL F 363 -1.15 -44.84 -68.86
N ALA F 364 -0.63 -45.14 -70.04
CA ALA F 364 0.42 -46.13 -70.19
C ALA F 364 1.71 -45.65 -69.56
N ASP F 365 2.21 -44.49 -70.00
CA ASP F 365 3.51 -43.99 -69.55
C ASP F 365 3.47 -42.48 -69.45
N ASP F 366 4.24 -41.96 -68.49
CA ASP F 366 4.34 -40.53 -68.23
C ASP F 366 5.80 -40.18 -68.02
N GLU F 367 6.09 -38.88 -68.04
CA GLU F 367 7.45 -38.40 -67.91
C GLU F 367 7.92 -38.40 -66.46
N TRP F 368 7.02 -38.33 -65.50
CA TRP F 368 7.37 -38.21 -64.10
C TRP F 368 7.54 -39.56 -63.41
N LYS F 369 7.62 -40.65 -64.17
CA LYS F 369 7.99 -41.92 -63.57
C LYS F 369 9.46 -41.91 -63.19
N HIS F 370 9.75 -42.45 -62.01
CA HIS F 370 11.09 -42.44 -61.47
C HIS F 370 11.18 -43.56 -60.45
N GLU F 371 12.39 -44.10 -60.31
CA GLU F 371 12.60 -45.25 -59.44
C GLU F 371 12.20 -44.92 -58.01
N ASP F 372 12.63 -43.77 -57.51
CA ASP F 372 12.41 -43.35 -56.15
C ASP F 372 11.01 -42.80 -55.91
N VAL F 373 10.10 -42.92 -56.88
CA VAL F 373 8.72 -42.50 -56.74
C VAL F 373 7.78 -43.67 -56.96
N ASN F 374 6.85 -43.87 -56.04
CA ASN F 374 5.92 -44.99 -56.12
C ASN F 374 4.86 -44.71 -57.18
N VAL F 375 4.45 -45.78 -57.86
CA VAL F 375 3.60 -45.67 -59.04
C VAL F 375 2.60 -46.82 -59.02
N HIS F 376 1.31 -46.50 -59.08
CA HIS F 376 0.26 -47.50 -59.17
C HIS F 376 -0.53 -47.28 -60.44
N GLY F 377 -0.44 -48.21 -61.37
CA GLY F 377 -1.13 -48.14 -62.65
C GLY F 377 -2.24 -49.17 -62.75
N PHE F 378 -3.37 -48.75 -63.32
CA PHE F 378 -4.65 -49.42 -63.16
C PHE F 378 -5.41 -49.35 -64.48
N LYS F 379 -6.44 -50.18 -64.58
CA LYS F 379 -7.51 -49.98 -65.55
C LYS F 379 -8.84 -50.09 -64.83
N ILE F 380 -9.73 -49.14 -65.10
CA ILE F 380 -11.04 -49.10 -64.48
C ILE F 380 -12.10 -48.81 -65.53
N GLU F 381 -13.27 -49.41 -65.35
CA GLU F 381 -14.39 -49.30 -66.27
C GLU F 381 -15.26 -48.10 -65.93
N ARG F 382 -15.62 -47.95 -64.65
CA ARG F 382 -16.45 -46.85 -64.18
C ARG F 382 -15.84 -46.25 -62.92
N LEU F 383 -16.09 -44.95 -62.74
CA LEU F 383 -15.54 -44.23 -61.60
C LEU F 383 -16.00 -44.81 -60.27
N SER F 384 -17.06 -45.60 -60.28
CA SER F 384 -17.49 -46.27 -59.06
C SER F 384 -16.49 -47.32 -58.61
N ASP F 385 -15.65 -47.78 -59.52
CA ASP F 385 -14.68 -48.82 -59.20
C ASP F 385 -13.56 -48.28 -58.33
N LEU F 386 -13.25 -47.00 -58.45
CA LEU F 386 -12.11 -46.41 -57.76
C LEU F 386 -12.46 -45.93 -56.36
N GLU F 387 -13.74 -45.58 -56.16
CA GLU F 387 -14.17 -45.15 -54.85
C GLU F 387 -13.97 -46.26 -53.82
N TYR F 388 -14.08 -47.51 -54.26
CA TYR F 388 -13.82 -48.63 -53.39
C TYR F 388 -12.34 -48.72 -53.06
N ILE F 389 -11.50 -48.59 -54.07
CA ILE F 389 -10.05 -48.69 -53.88
C ILE F 389 -9.58 -47.64 -52.89
N LEU F 390 -10.15 -46.44 -52.96
CA LEU F 390 -9.68 -45.33 -52.15
C LEU F 390 -10.61 -45.03 -50.97
N GLN F 391 -11.44 -45.98 -50.58
CA GLN F 391 -12.18 -45.95 -49.32
C GLN F 391 -13.19 -44.81 -49.26
N LEU F 392 -13.93 -44.64 -50.36
CA LEU F 392 -15.03 -43.71 -50.41
C LEU F 392 -16.39 -44.40 -50.36
N ARG F 393 -16.42 -45.69 -50.65
CA ARG F 393 -17.60 -46.52 -50.45
C ARG F 393 -17.15 -47.87 -49.93
N SER F 394 -18.14 -48.68 -49.57
CA SER F 394 -17.91 -49.88 -48.78
C SER F 394 -18.73 -51.05 -49.31
N ASP F 395 -19.23 -50.95 -50.52
CA ASP F 395 -19.68 -52.15 -51.21
C ASP F 395 -18.96 -52.32 -52.53
N TYR F 396 -19.70 -52.65 -53.58
CA TYR F 396 -19.18 -52.75 -54.93
C TYR F 396 -20.13 -53.52 -55.85
N ALA G 5 74.81 -13.13 -45.49
CA ALA G 5 75.65 -12.99 -44.31
C ALA G 5 74.99 -12.12 -43.25
N GLU G 6 75.51 -10.90 -43.07
CA GLU G 6 74.89 -9.96 -42.14
C GLU G 6 73.50 -9.53 -42.64
N TYR G 7 73.37 -9.28 -43.94
CA TYR G 7 72.05 -9.08 -44.57
C TYR G 7 71.37 -7.79 -44.08
N SER G 8 72.15 -6.71 -43.96
CA SER G 8 71.59 -5.47 -43.44
C SER G 8 70.53 -4.92 -44.38
N ILE G 9 69.45 -4.38 -43.81
CA ILE G 9 68.35 -3.83 -44.58
C ILE G 9 68.24 -2.31 -44.47
N LYS G 10 68.78 -1.70 -43.42
CA LYS G 10 68.67 -0.27 -43.23
C LYS G 10 69.33 0.54 -44.34
N GLY G 11 70.42 0.05 -44.92
CA GLY G 11 71.02 0.76 -46.04
C GLY G 11 70.09 0.87 -47.23
N TYR G 12 69.43 -0.23 -47.56
CA TYR G 12 68.48 -0.19 -48.66
C TYR G 12 67.26 0.64 -48.31
N LEU G 13 66.79 0.55 -47.07
CA LEU G 13 65.63 1.35 -46.72
C LEU G 13 65.95 2.83 -46.94
N TYR G 14 67.09 3.28 -46.39
CA TYR G 14 67.41 4.70 -46.42
C TYR G 14 67.58 5.17 -47.86
N GLN G 15 68.25 4.37 -48.67
CA GLN G 15 68.43 4.79 -50.05
C GLN G 15 67.11 4.75 -50.81
N PHE G 16 66.20 3.84 -50.46
CA PHE G 16 64.89 3.85 -51.10
C PHE G 16 64.18 5.15 -50.76
N LEU G 17 64.37 5.64 -49.53
CA LEU G 17 63.86 6.97 -49.16
C LEU G 17 64.44 8.04 -50.06
N LYS G 18 65.71 7.90 -50.44
CA LYS G 18 66.26 8.91 -51.36
C LYS G 18 65.60 8.81 -52.73
N TYR G 19 65.38 7.59 -53.19
CA TYR G 19 64.59 7.40 -54.40
C TYR G 19 63.27 8.16 -54.32
N LEU G 20 62.56 8.02 -53.20
CA LEU G 20 61.28 8.71 -53.03
C LEU G 20 61.43 10.22 -52.98
N SER G 21 62.48 10.70 -52.32
CA SER G 21 62.70 12.15 -52.29
C SER G 21 62.86 12.67 -53.70
N GLU G 22 63.65 11.96 -54.50
CA GLU G 22 63.83 12.35 -55.89
C GLU G 22 62.50 12.28 -56.64
N ILE G 23 61.69 11.27 -56.34
CA ILE G 23 60.41 11.10 -57.03
C ILE G 23 59.50 12.29 -56.76
N LEU G 24 59.43 12.72 -55.50
CA LEU G 24 58.56 13.83 -55.17
C LEU G 24 59.12 15.13 -55.74
N ALA G 25 60.43 15.28 -55.75
CA ALA G 25 61.08 16.44 -56.35
C ALA G 25 61.58 16.06 -57.75
N ALA G 26 60.63 15.93 -58.68
CA ALA G 26 60.94 15.49 -60.02
C ALA G 26 60.10 16.25 -61.05
N GLY G 27 60.66 16.36 -62.25
CA GLY G 27 59.96 16.95 -63.37
C GLY G 27 59.06 15.95 -64.09
N ASP G 28 58.18 16.49 -64.92
CA ASP G 28 57.20 15.69 -65.64
C ASP G 28 57.89 14.70 -66.57
N GLY G 29 57.39 13.47 -66.58
CA GLY G 29 57.91 12.44 -67.48
C GLY G 29 59.37 12.12 -67.25
N ALA G 30 59.85 12.31 -66.02
CA ALA G 30 61.26 12.08 -65.70
C ALA G 30 61.46 10.61 -65.31
N ARG G 31 61.72 9.79 -66.31
CA ARG G 31 61.90 8.36 -66.08
C ARG G 31 63.20 8.11 -65.31
N ILE G 32 63.10 7.30 -64.26
CA ILE G 32 64.24 6.96 -63.42
C ILE G 32 64.18 5.46 -63.11
N THR G 33 65.34 4.82 -63.10
CA THR G 33 65.41 3.37 -63.04
C THR G 33 65.97 2.93 -61.69
N ILE G 34 65.74 1.66 -61.39
CA ILE G 34 66.15 1.03 -60.15
C ILE G 34 66.98 -0.20 -60.48
N GLU G 35 67.88 -0.57 -59.58
CA GLU G 35 68.74 -1.74 -59.77
C GLU G 35 68.50 -2.72 -58.63
N GLY G 36 68.30 -3.98 -58.97
CA GLY G 36 68.00 -4.98 -57.96
C GLY G 36 69.21 -5.37 -57.13
N ALA G 37 68.98 -5.52 -55.83
CA ALA G 37 70.03 -5.88 -54.88
C ALA G 37 70.56 -7.28 -55.18
N ILE G 38 71.81 -7.53 -54.77
CA ILE G 38 72.46 -8.81 -55.08
C ILE G 38 71.85 -9.95 -54.28
N GLU G 39 71.25 -9.66 -53.12
CA GLU G 39 70.74 -10.68 -52.22
C GLU G 39 69.70 -11.58 -52.89
N ASP G 40 69.07 -11.10 -53.96
CA ASP G 40 68.11 -11.87 -54.74
C ASP G 40 68.62 -13.27 -55.00
N ILE G 44 68.26 -16.34 -62.30
CA ILE G 44 67.99 -15.77 -63.61
C ILE G 44 69.10 -14.77 -63.96
N ALA G 45 69.47 -13.96 -62.98
CA ALA G 45 70.51 -12.95 -63.17
C ALA G 45 70.16 -12.01 -64.32
N ALA G 46 68.89 -11.64 -64.41
CA ALA G 46 68.45 -10.73 -65.46
C ALA G 46 69.15 -9.38 -65.30
N GLY G 47 69.65 -8.84 -66.41
CA GLY G 47 70.37 -7.58 -66.36
C GLY G 47 71.85 -7.76 -66.14
N LEU G 48 72.68 -7.28 -67.06
CA LEU G 48 74.12 -7.44 -66.93
C LEU G 48 74.61 -6.69 -65.69
N THR G 49 74.18 -5.43 -65.55
CA THR G 49 74.58 -4.57 -64.43
C THR G 49 73.29 -3.99 -63.85
N THR G 50 72.70 -4.71 -62.89
CA THR G 50 71.50 -4.25 -62.22
C THR G 50 71.61 -4.47 -60.71
N ALA G 51 72.83 -4.54 -60.18
CA ALA G 51 73.08 -4.83 -58.78
C ALA G 51 73.66 -3.59 -58.09
N VAL G 52 73.27 -3.39 -56.83
CA VAL G 52 73.76 -2.28 -56.04
C VAL G 52 73.71 -2.67 -54.58
N GLN G 53 74.50 -1.97 -53.76
CA GLN G 53 74.58 -2.27 -52.35
C GLN G 53 74.94 -1.02 -51.56
N CYS G 54 74.59 -1.04 -50.28
CA CYS G 54 74.90 0.09 -49.40
C CYS G 54 74.69 -0.33 -47.95
N LYS G 55 75.34 0.41 -47.05
CA LYS G 55 75.28 0.19 -45.60
C LYS G 55 74.98 1.51 -44.92
N TYR G 56 74.75 1.45 -43.59
CA TYR G 56 74.25 2.59 -42.84
C TYR G 56 74.91 2.64 -41.47
N HIS G 57 75.62 3.73 -41.19
CA HIS G 57 76.29 3.95 -39.90
C HIS G 57 76.66 5.42 -39.82
N GLU G 58 76.06 6.15 -38.86
CA GLU G 58 76.25 7.59 -38.78
C GLU G 58 76.35 8.06 -37.32
N GLN G 59 77.12 7.38 -36.48
CA GLN G 59 77.12 7.70 -35.05
C GLN G 59 78.50 8.18 -34.65
N ALA G 60 78.69 9.49 -34.76
CA ALA G 60 79.88 10.22 -34.34
C ALA G 60 79.57 11.71 -34.40
N GLU G 61 80.10 12.48 -33.46
CA GLU G 61 79.86 13.92 -33.49
C GLU G 61 80.59 14.59 -34.64
N LYS G 62 81.82 14.16 -34.95
CA LYS G 62 82.59 14.71 -36.06
C LYS G 62 83.19 13.58 -36.88
N TYR G 63 83.38 13.87 -38.16
CA TYR G 63 83.76 12.87 -39.15
C TYR G 63 85.24 12.53 -39.13
N THR G 64 85.54 11.25 -39.31
CA THR G 64 86.89 10.75 -39.46
C THR G 64 86.84 9.44 -40.24
N LEU G 65 87.83 9.25 -41.12
CA LEU G 65 87.81 8.16 -42.09
C LEU G 65 88.04 6.80 -41.43
N GLY G 66 88.83 6.74 -40.37
CA GLY G 66 89.30 5.46 -39.87
C GLY G 66 88.16 4.63 -39.31
N LYS G 67 87.17 5.29 -38.72
CA LYS G 67 86.13 4.61 -37.95
C LYS G 67 85.45 3.50 -38.75
N ILE G 68 85.29 3.68 -40.06
CA ILE G 68 84.53 2.75 -40.88
C ILE G 68 85.37 1.55 -41.30
N TYR G 69 85.50 0.56 -40.42
CA TYR G 69 86.35 -0.57 -40.75
C TYR G 69 85.58 -1.68 -41.46
N LYS G 70 84.52 -2.18 -40.82
CA LYS G 70 83.92 -3.44 -41.23
C LYS G 70 83.33 -3.39 -42.63
N PRO G 71 82.62 -2.34 -43.03
CA PRO G 71 81.95 -2.37 -44.33
C PRO G 71 82.97 -2.52 -45.43
N ILE G 72 83.91 -1.58 -45.52
CA ILE G 72 84.87 -1.60 -46.61
C ILE G 72 85.74 -2.84 -46.55
N LEU G 73 86.01 -3.36 -45.34
CA LEU G 73 86.86 -4.53 -45.20
C LEU G 73 86.38 -5.68 -46.07
N LEU G 74 85.07 -5.81 -46.25
CA LEU G 74 84.49 -6.93 -46.98
C LEU G 74 83.64 -6.51 -48.16
N MET G 75 83.45 -5.22 -48.39
CA MET G 75 82.61 -4.79 -49.50
C MET G 75 83.23 -5.20 -50.84
N LEU G 76 84.56 -5.22 -50.92
CA LEU G 76 85.25 -5.61 -52.15
C LEU G 76 85.10 -7.09 -52.48
N GLU G 77 85.10 -7.94 -51.46
CA GLU G 77 85.14 -9.38 -51.66
C GLU G 77 84.23 -9.86 -52.79
N HIS G 78 82.99 -9.40 -52.80
CA HIS G 78 82.02 -9.89 -53.77
C HIS G 78 82.38 -9.43 -55.18
N PHE G 79 82.75 -8.16 -55.32
CA PHE G 79 83.15 -7.65 -56.62
C PHE G 79 84.35 -8.42 -57.14
N SER G 80 85.35 -8.64 -56.27
CA SER G 80 86.49 -9.46 -56.68
C SER G 80 85.99 -10.82 -57.15
N LYS G 81 85.10 -11.43 -56.37
CA LYS G 81 84.53 -12.73 -56.68
C LYS G 81 83.63 -12.66 -57.91
N ASN G 82 82.79 -11.63 -57.97
CA ASN G 82 81.73 -11.53 -58.97
C ASN G 82 82.15 -10.58 -60.09
N SER G 83 82.02 -11.03 -61.33
CA SER G 83 82.26 -10.21 -62.50
C SER G 83 81.25 -10.59 -63.59
N GLY G 84 81.10 -9.68 -64.55
CA GLY G 84 80.17 -9.89 -65.64
C GLY G 84 80.26 -8.85 -66.74
N VAL G 89 76.34 -3.16 -60.75
CA VAL G 89 77.52 -3.74 -60.12
C VAL G 89 78.15 -2.78 -59.13
N SER G 90 77.73 -1.52 -59.17
CA SER G 90 78.41 -0.50 -58.38
C SER G 90 77.92 -0.48 -56.93
N TYR G 91 78.73 0.16 -56.10
CA TYR G 91 78.55 0.24 -54.66
C TYR G 91 78.41 1.69 -54.24
N ARG G 92 77.73 1.88 -53.10
CA ARG G 92 77.47 3.22 -52.58
C ARG G 92 77.48 3.14 -51.06
N LEU G 93 77.53 4.30 -50.43
CA LEU G 93 77.53 4.36 -48.97
C LEU G 93 76.92 5.70 -48.56
N PHE G 94 76.18 5.68 -47.45
CA PHE G 94 75.55 6.89 -46.93
C PHE G 94 75.87 7.04 -45.44
N CYS G 95 76.32 8.23 -45.07
CA CYS G 95 76.66 8.54 -43.68
C CYS G 95 76.24 9.97 -43.37
N HIS G 96 76.05 10.25 -42.08
CA HIS G 96 75.65 11.58 -41.65
C HIS G 96 76.39 12.01 -40.39
N PHE G 97 77.03 13.18 -40.45
CA PHE G 97 77.66 13.81 -39.30
C PHE G 97 77.66 15.32 -39.53
N PRO G 98 77.73 16.10 -38.44
CA PRO G 98 77.81 17.56 -38.59
C PRO G 98 78.98 17.98 -39.47
N GLY G 99 78.80 19.12 -40.15
CA GLY G 99 79.88 19.69 -40.94
C GLY G 99 80.02 18.99 -42.28
N GLU G 100 80.34 17.71 -42.26
CA GLU G 100 80.53 16.96 -43.49
C GLU G 100 79.25 16.94 -44.32
N SER G 101 79.42 16.78 -45.63
CA SER G 101 78.32 16.72 -46.57
C SER G 101 78.89 16.29 -47.92
N GLY G 102 78.03 15.69 -48.73
CA GLY G 102 78.35 15.41 -50.11
C GLY G 102 79.23 14.20 -50.31
N THR G 103 79.37 13.85 -51.59
CA THR G 103 80.16 12.72 -52.06
C THR G 103 81.63 13.09 -52.08
N LYS G 104 82.50 12.09 -51.89
CA LYS G 104 83.93 12.33 -51.87
C LYS G 104 84.70 11.21 -52.54
N ALA G 105 85.90 11.55 -53.00
CA ALA G 105 86.82 10.61 -53.64
C ALA G 105 87.94 10.30 -52.67
N LEU G 106 88.09 9.03 -52.30
CA LEU G 106 89.17 8.62 -51.41
C LEU G 106 90.53 8.86 -52.05
N THR G 107 91.50 9.33 -51.25
CA THR G 107 92.85 9.43 -51.79
C THR G 107 93.50 8.05 -51.67
N LYS G 108 94.33 7.70 -52.66
CA LYS G 108 94.91 6.36 -52.65
C LYS G 108 95.85 6.14 -51.47
N ASP G 109 96.58 7.19 -51.05
CA ASP G 109 97.53 7.00 -49.96
C ASP G 109 96.79 6.84 -48.64
N ASP G 110 95.76 7.66 -48.42
CA ASP G 110 94.89 7.44 -47.28
C ASP G 110 94.16 6.11 -47.42
N LEU G 111 93.90 5.66 -48.65
CA LEU G 111 93.39 4.30 -48.81
C LEU G 111 94.36 3.26 -48.27
N GLU G 112 95.66 3.42 -48.55
CA GLU G 112 96.63 2.49 -47.98
C GLU G 112 96.62 2.59 -46.46
N THR G 113 96.54 3.80 -45.93
CA THR G 113 96.38 3.95 -44.47
C THR G 113 95.19 3.12 -44.01
N VAL G 114 94.12 3.10 -44.81
CA VAL G 114 92.94 2.37 -44.42
C VAL G 114 93.27 0.89 -44.49
N LEU G 115 94.15 0.52 -45.42
CA LEU G 115 94.50 -0.87 -45.60
C LEU G 115 95.13 -1.42 -44.34
N SER G 116 95.87 -0.59 -43.61
CA SER G 116 96.49 -1.01 -42.37
C SER G 116 95.44 -1.62 -41.47
N THR G 117 95.66 -2.85 -41.04
CA THR G 117 94.77 -3.59 -40.15
C THR G 117 95.56 -4.01 -38.93
N LYS G 118 95.64 -3.11 -37.95
CA LYS G 118 96.37 -3.43 -36.73
C LYS G 118 95.57 -4.35 -35.83
N GLY G 119 94.24 -4.26 -35.88
CA GLY G 119 93.42 -5.04 -34.96
C GLY G 119 93.51 -6.52 -35.27
N GLU G 120 93.44 -7.33 -34.20
CA GLU G 120 93.45 -8.78 -34.40
C GLU G 120 92.19 -9.24 -35.12
N VAL G 121 91.04 -8.65 -34.76
CA VAL G 121 89.78 -8.98 -35.39
C VAL G 121 89.80 -8.67 -36.88
N LEU G 122 90.48 -7.59 -37.29
CA LEU G 122 90.44 -7.24 -38.71
C LEU G 122 91.21 -8.28 -39.51
N ARG G 123 92.19 -8.92 -38.87
CA ARG G 123 92.91 -9.97 -39.57
C ARG G 123 91.94 -11.09 -39.91
N ALA G 124 90.85 -11.20 -39.16
CA ALA G 124 89.86 -12.23 -39.47
C ALA G 124 89.35 -12.01 -40.89
N ILE G 125 89.13 -10.74 -41.25
CA ILE G 125 88.71 -10.40 -42.59
C ILE G 125 89.86 -10.64 -43.56
N VAL G 126 91.06 -10.20 -43.17
CA VAL G 126 92.22 -10.40 -44.03
C VAL G 126 92.34 -11.86 -44.42
N ALA G 127 92.00 -12.75 -43.49
CA ALA G 127 92.00 -14.16 -43.76
C ALA G 127 91.03 -14.48 -44.90
N ARG G 128 89.88 -13.82 -44.88
CA ARG G 128 88.86 -14.07 -45.87
C ARG G 128 89.20 -13.41 -47.20
N ILE G 129 89.90 -12.28 -47.19
CA ILE G 129 90.19 -11.60 -48.44
C ILE G 129 91.04 -12.52 -49.31
N ASP G 130 90.81 -12.49 -50.62
CA ASP G 130 91.55 -13.34 -51.54
C ASP G 130 92.97 -12.80 -51.75
N THR G 131 93.87 -13.66 -52.25
CA THR G 131 95.25 -13.22 -52.43
C THR G 131 95.35 -12.11 -53.46
N SER G 132 94.61 -12.22 -54.56
CA SER G 132 94.67 -11.24 -55.63
C SER G 132 93.53 -10.24 -55.47
N VAL G 133 93.90 -8.96 -55.37
CA VAL G 133 92.93 -7.87 -55.20
C VAL G 133 93.28 -6.72 -56.12
N ASP G 134 92.26 -6.18 -56.77
CA ASP G 134 92.37 -4.98 -57.61
C ASP G 134 91.79 -3.83 -56.81
N TYR G 135 92.58 -2.78 -56.60
CA TYR G 135 92.10 -1.60 -55.88
C TYR G 135 91.60 -0.51 -56.81
N GLU G 136 92.39 -0.20 -57.84
CA GLU G 136 92.11 0.95 -58.69
C GLU G 136 90.85 0.72 -59.52
N ALA G 137 90.69 -0.47 -60.07
CA ALA G 137 89.47 -0.77 -60.82
C ALA G 137 88.24 -0.65 -59.94
N PHE G 138 88.35 -0.99 -58.67
CA PHE G 138 87.21 -0.88 -57.77
C PHE G 138 86.93 0.60 -57.51
N LEU G 139 87.99 1.38 -57.30
CA LEU G 139 87.86 2.80 -56.96
C LEU G 139 87.00 3.55 -57.96
N ASP G 140 87.18 3.28 -59.26
CA ASP G 140 86.45 4.03 -60.27
C ASP G 140 84.96 3.78 -60.13
N ARG G 141 84.59 2.57 -59.75
CA ARG G 141 83.20 2.15 -59.63
C ARG G 141 82.65 2.32 -58.23
N PHE G 142 83.48 2.68 -57.25
CA PHE G 142 83.03 2.86 -55.87
C PHE G 142 82.90 4.34 -55.51
N ALA G 143 81.80 4.66 -54.85
CA ALA G 143 81.48 6.03 -54.47
C ALA G 143 80.95 6.08 -53.05
N ILE G 144 81.18 7.21 -52.38
CA ILE G 144 80.72 7.45 -51.03
C ILE G 144 79.91 8.74 -51.03
N GLU G 145 78.87 8.78 -50.21
CA GLU G 145 77.98 9.93 -50.17
C GLU G 145 77.63 10.26 -48.72
N PHE G 146 77.37 11.54 -48.49
CA PHE G 146 76.99 12.08 -47.19
C PHE G 146 75.65 12.80 -47.29
N GLY G 147 74.72 12.42 -46.42
CA GLY G 147 73.38 12.97 -46.43
C GLY G 147 72.81 13.09 -45.04
N PRO G 148 71.71 13.81 -44.89
CA PRO G 148 71.09 13.95 -43.57
C PRO G 148 70.52 12.63 -43.08
N SER G 149 70.27 12.59 -41.78
CA SER G 149 69.76 11.38 -41.14
C SER G 149 68.42 10.96 -41.73
N ALA G 150 68.14 9.66 -41.64
CA ALA G 150 66.94 9.11 -42.25
C ALA G 150 65.68 9.69 -41.64
N GLU G 151 65.65 9.86 -40.32
CA GLU G 151 64.41 10.26 -39.66
C GLU G 151 64.04 11.69 -40.03
N ASP G 152 65.01 12.59 -40.05
CA ASP G 152 64.73 13.96 -40.46
C ASP G 152 64.31 13.98 -41.93
N LEU G 153 64.91 13.10 -42.73
CA LEU G 153 64.53 12.98 -44.13
C LEU G 153 63.07 12.59 -44.26
N GLN G 154 62.63 11.62 -43.46
CA GLN G 154 61.23 11.21 -43.46
C GLN G 154 60.32 12.34 -43.01
N VAL G 155 60.76 13.11 -42.02
CA VAL G 155 59.95 14.23 -41.53
C VAL G 155 59.77 15.28 -42.61
N ALA G 156 60.85 15.61 -43.32
CA ALA G 156 60.75 16.54 -44.43
C ALA G 156 59.82 16.01 -45.51
N VAL G 157 59.90 14.72 -45.80
CA VAL G 157 59.04 14.12 -46.81
C VAL G 157 57.58 14.23 -46.39
N LEU G 158 57.30 13.94 -45.12
CA LEU G 158 55.94 14.06 -44.60
C LEU G 158 55.44 15.49 -44.71
N ALA G 159 56.29 16.46 -44.36
CA ALA G 159 55.89 17.85 -44.47
C ALA G 159 55.53 18.19 -45.92
N SER G 160 56.27 17.64 -46.87
CA SER G 160 55.99 17.97 -48.26
C SER G 160 54.74 17.27 -48.78
N LEU G 161 54.45 16.06 -48.28
CA LEU G 161 53.33 15.29 -48.80
C LEU G 161 52.03 16.07 -48.72
N LYS G 162 51.81 16.77 -47.61
CA LYS G 162 50.61 17.59 -47.48
C LYS G 162 50.57 18.69 -48.53
N ASP G 163 51.71 19.30 -48.83
CA ASP G 163 51.74 20.33 -49.86
C ASP G 163 51.43 19.74 -51.23
N LYS G 164 51.83 18.50 -51.46
CA LYS G 164 51.57 17.87 -52.75
C LYS G 164 50.08 17.81 -53.06
N GLY G 165 49.26 17.63 -52.03
CA GLY G 165 47.82 17.64 -52.16
C GLY G 165 47.20 16.26 -52.13
N PHE G 166 46.73 15.84 -50.95
CA PHE G 166 46.14 14.54 -50.68
C PHE G 166 45.42 14.62 -49.34
N ASP G 167 44.61 13.61 -49.04
CA ASP G 167 43.94 13.57 -47.75
C ASP G 167 44.96 13.39 -46.63
N PRO G 168 44.96 14.28 -45.61
CA PRO G 168 46.01 14.22 -44.59
C PRO G 168 45.95 12.96 -43.72
N ASP G 169 44.75 12.61 -43.28
CA ASP G 169 44.59 11.45 -42.41
C ASP G 169 44.98 10.18 -43.15
N ASP G 170 44.65 10.10 -44.44
CA ASP G 170 44.96 8.91 -45.23
C ASP G 170 46.46 8.75 -45.46
N ILE G 171 47.20 9.87 -45.50
CA ILE G 171 48.61 9.82 -45.85
C ILE G 171 49.37 8.87 -44.93
N ASP G 172 49.19 9.00 -43.63
CA ASP G 172 49.95 8.17 -42.69
C ASP G 172 49.55 6.71 -42.74
N ALA G 173 48.24 6.43 -42.83
CA ALA G 173 47.76 5.06 -42.66
C ALA G 173 48.10 4.16 -43.84
N VAL G 174 47.87 4.62 -45.07
CA VAL G 174 47.91 3.72 -46.22
C VAL G 174 48.86 4.19 -47.31
N ILE G 175 48.72 5.44 -47.76
CA ILE G 175 49.33 5.88 -49.02
C ILE G 175 50.84 5.77 -48.98
N PHE G 176 51.46 6.15 -47.87
CA PHE G 176 52.91 6.22 -47.82
C PHE G 176 53.55 4.83 -47.72
N PRO G 177 53.09 3.95 -46.82
CA PRO G 177 53.62 2.58 -46.86
C PRO G 177 53.35 1.87 -48.17
N ASN G 178 52.17 2.10 -48.75
CA ASN G 178 51.87 1.52 -50.05
C ASN G 178 52.79 2.06 -51.12
N ALA G 179 53.13 3.35 -51.06
CA ALA G 179 54.05 3.94 -52.03
C ALA G 179 55.42 3.30 -51.92
N ILE G 180 55.93 3.17 -50.70
CA ILE G 180 57.24 2.57 -50.54
C ILE G 180 57.21 1.13 -51.05
N GLN G 181 56.12 0.41 -50.78
CA GLN G 181 56.04 -0.96 -51.27
C GLN G 181 55.94 -1.00 -52.79
N ARG G 182 55.18 -0.09 -53.39
CA ARG G 182 55.07 -0.05 -54.85
C ARG G 182 56.44 0.14 -55.48
N ILE G 183 57.21 1.09 -54.94
CA ILE G 183 58.54 1.33 -55.49
C ILE G 183 59.51 0.20 -55.18
N VAL G 184 59.33 -0.49 -54.05
CA VAL G 184 60.20 -1.60 -53.74
C VAL G 184 59.93 -2.77 -54.68
N ASP G 185 58.66 -2.98 -55.03
CA ASP G 185 58.30 -4.17 -55.79
C ASP G 185 59.06 -4.21 -57.11
N LEU G 186 59.20 -3.06 -57.77
CA LEU G 186 59.83 -3.05 -59.08
C LEU G 186 61.28 -3.47 -59.00
N ALA G 187 61.93 -3.23 -57.86
CA ALA G 187 63.35 -3.50 -57.74
C ALA G 187 63.65 -4.95 -58.08
N THR G 188 62.93 -5.88 -57.47
CA THR G 188 63.20 -7.31 -57.60
C THR G 188 61.93 -8.07 -57.98
N ARG G 189 61.73 -8.23 -59.29
CA ARG G 189 60.72 -9.14 -59.81
C ARG G 189 61.18 -9.72 -61.13
N SER G 190 61.06 -11.03 -61.27
CA SER G 190 61.52 -11.74 -62.47
C SER G 190 60.41 -11.63 -63.50
N ASP G 191 60.45 -10.56 -64.29
CA ASP G 191 59.48 -10.36 -65.35
C ASP G 191 60.04 -9.42 -66.40
N VAL G 192 59.52 -9.51 -67.61
CA VAL G 192 59.96 -8.69 -68.73
C VAL G 192 59.07 -7.47 -68.76
N ASN G 193 59.55 -6.38 -68.18
CA ASN G 193 58.83 -5.11 -68.17
C ASN G 193 59.80 -4.01 -67.77
N ASP G 194 59.40 -2.77 -68.02
CA ASP G 194 60.24 -1.62 -67.72
C ASP G 194 60.49 -1.49 -66.22
N ARG G 195 61.57 -0.78 -65.86
CA ARG G 195 61.93 -0.59 -64.46
C ARG G 195 61.93 0.89 -64.08
N THR G 196 61.32 1.75 -64.87
CA THR G 196 61.26 3.18 -64.61
C THR G 196 59.86 3.59 -64.18
N VAL G 197 59.77 4.58 -63.29
CA VAL G 197 58.48 5.08 -62.82
C VAL G 197 58.32 6.54 -63.25
N GLU G 198 57.30 6.80 -64.07
CA GLU G 198 56.95 8.18 -64.34
C GLU G 198 56.23 8.73 -63.11
N PRO G 199 56.59 9.92 -62.62
CA PRO G 199 56.00 10.38 -61.34
C PRO G 199 54.52 10.70 -61.38
N LYS G 200 54.02 11.35 -62.45
CA LYS G 200 52.63 11.77 -62.45
C LYS G 200 51.67 10.60 -62.39
N THR G 201 51.91 9.58 -63.21
CA THR G 201 51.01 8.43 -63.22
C THR G 201 51.06 7.67 -61.90
N PHE G 202 52.24 7.62 -61.28
CA PHE G 202 52.39 6.98 -59.98
C PHE G 202 51.57 7.72 -58.93
N LEU G 203 51.72 9.04 -58.88
CA LEU G 203 50.98 9.86 -57.92
C LEU G 203 49.48 9.78 -58.16
N ALA G 204 49.06 9.68 -59.41
CA ALA G 204 47.64 9.59 -59.73
C ALA G 204 47.07 8.22 -59.38
N GLY G 205 47.86 7.17 -59.51
CA GLY G 205 47.37 5.83 -59.35
C GLY G 205 47.29 5.42 -57.89
N LEU G 206 48.27 5.87 -57.10
CA LEU G 206 48.28 5.51 -55.68
C LEU G 206 46.93 5.76 -55.01
N ARG G 207 46.14 6.71 -55.54
CA ARG G 207 44.82 6.96 -54.96
C ARG G 207 43.83 5.85 -55.30
N GLU G 208 43.92 5.31 -56.52
CA GLU G 208 42.87 4.45 -57.03
C GLU G 208 42.76 3.16 -56.24
N VAL G 209 43.89 2.54 -55.89
CA VAL G 209 43.90 1.23 -55.26
C VAL G 209 44.30 1.41 -53.80
N ARG G 210 43.58 0.72 -52.92
CA ARG G 210 43.76 0.83 -51.47
C ARG G 210 43.80 -0.54 -50.82
N ARG G 211 44.96 -0.88 -50.26
CA ARG G 211 45.16 -2.11 -49.52
C ARG G 211 46.28 -1.90 -48.50
N VAL G 212 46.13 -2.52 -47.35
CA VAL G 212 47.09 -2.37 -46.26
C VAL G 212 48.30 -3.24 -46.55
N THR G 213 49.44 -2.87 -45.98
CA THR G 213 50.70 -3.59 -46.19
C THR G 213 51.32 -3.89 -44.84
N PHE G 214 51.60 -5.18 -44.60
CA PHE G 214 52.30 -5.67 -43.42
C PHE G 214 53.38 -6.62 -43.95
N THR G 215 54.53 -6.07 -44.32
CA THR G 215 55.62 -6.89 -44.79
C THR G 215 56.89 -6.60 -44.00
N ARG G 216 57.83 -7.53 -44.09
CA ARG G 216 59.09 -7.39 -43.36
C ARG G 216 59.77 -6.07 -43.68
N TRP G 217 59.67 -5.61 -44.93
CA TRP G 217 60.24 -4.32 -45.28
C TRP G 217 59.56 -3.18 -44.52
N THR G 218 58.23 -3.18 -44.49
CA THR G 218 57.50 -2.11 -43.80
C THR G 218 57.64 -2.16 -42.29
N ARG G 219 57.78 -3.35 -41.69
CA ARG G 219 57.92 -3.43 -40.24
C ARG G 219 59.09 -2.59 -39.74
N GLU G 220 60.26 -2.67 -40.39
CA GLU G 220 61.38 -1.81 -40.02
C GLU G 220 61.13 -0.46 -40.69
N LEU G 221 60.50 0.44 -39.93
CA LEU G 221 60.18 1.77 -40.40
C LEU G 221 60.00 2.69 -39.18
N ALA G 222 59.96 4.00 -39.43
CA ALA G 222 59.81 4.97 -38.37
C ALA G 222 58.40 5.02 -37.80
N THR G 223 57.37 4.87 -38.62
CA THR G 223 55.99 5.00 -38.13
C THR G 223 55.24 3.69 -38.30
N LYS G 224 55.93 2.58 -38.07
CA LYS G 224 55.31 1.27 -38.28
C LYS G 224 54.23 1.00 -37.26
N GLY G 225 54.30 1.60 -36.08
CA GLY G 225 53.37 1.24 -35.02
C GLY G 225 51.97 1.75 -35.28
N ARG G 226 51.86 3.03 -35.67
CA ARG G 226 50.56 3.65 -35.78
C ARG G 226 49.69 2.96 -36.83
N MET G 227 50.31 2.39 -37.86
CA MET G 227 49.57 1.74 -38.92
C MET G 227 48.77 0.57 -38.39
N PHE G 228 49.28 -0.09 -37.36
CA PHE G 228 48.57 -1.20 -36.75
C PHE G 228 47.34 -0.71 -36.01
N SER G 229 47.53 0.25 -35.10
CA SER G 229 46.45 0.75 -34.27
C SER G 229 45.34 1.35 -35.12
N SER G 230 45.68 2.01 -36.22
CA SER G 230 44.65 2.59 -37.06
C SER G 230 43.69 1.53 -37.55
N LEU G 231 44.23 0.42 -38.05
CA LEU G 231 43.39 -0.66 -38.54
C LEU G 231 42.60 -1.27 -37.40
N ARG G 232 43.28 -1.56 -36.29
CA ARG G 232 42.59 -2.15 -35.15
C ARG G 232 41.38 -1.33 -34.75
N LYS G 233 41.52 0.00 -34.74
CA LYS G 233 40.40 0.86 -34.40
C LYS G 233 39.37 0.90 -35.52
N SER G 234 39.79 0.63 -36.75
CA SER G 234 38.87 0.70 -37.88
C SER G 234 37.80 -0.38 -37.80
N LEU G 235 38.18 -1.56 -37.30
CA LEU G 235 37.34 -2.75 -37.33
C LEU G 235 36.63 -3.03 -36.02
N ARG G 236 36.77 -2.17 -35.02
CA ARG G 236 36.21 -2.46 -33.71
C ARG G 236 34.69 -2.53 -33.78
N SER G 237 34.08 -1.56 -34.44
CA SER G 237 32.62 -1.50 -34.50
C SER G 237 32.03 -2.76 -35.12
N CYS G 238 32.73 -3.36 -36.07
CA CYS G 238 32.19 -4.51 -36.78
C CYS G 238 32.29 -5.78 -35.95
N LEU G 239 33.45 -6.02 -35.34
CA LEU G 239 33.69 -7.26 -34.65
C LEU G 239 32.88 -7.41 -33.37
N ALA G 240 32.32 -6.32 -32.85
CA ALA G 240 31.57 -6.41 -31.60
C ALA G 240 30.29 -7.23 -31.76
N HIS G 241 29.62 -7.08 -32.88
CA HIS G 241 28.32 -7.70 -33.09
C HIS G 241 28.35 -9.22 -32.89
N ASN G 242 27.30 -9.74 -32.27
CA ASN G 242 27.20 -11.19 -32.05
C ASN G 242 26.83 -11.92 -33.34
N SER G 243 25.87 -11.40 -34.08
CA SER G 243 25.34 -12.07 -35.27
C SER G 243 25.71 -11.27 -36.51
N ARG G 244 26.61 -11.83 -37.31
CA ARG G 244 27.02 -11.19 -38.54
C ARG G 244 27.70 -12.24 -39.42
N TRP G 245 27.60 -12.03 -40.73
CA TRP G 245 28.21 -12.92 -41.71
C TRP G 245 29.56 -12.36 -42.14
N ARG G 246 30.58 -13.19 -42.05
CA ARG G 246 31.95 -12.80 -42.29
C ARG G 246 32.60 -13.86 -43.17
N VAL G 247 33.30 -13.41 -44.20
CA VAL G 247 33.95 -14.29 -45.16
C VAL G 247 35.44 -13.99 -45.16
N PHE G 248 36.23 -15.03 -45.33
CA PHE G 248 37.67 -14.93 -45.47
C PHE G 248 38.09 -15.55 -46.80
N VAL G 249 38.94 -14.85 -47.54
CA VAL G 249 39.60 -15.41 -48.72
C VAL G 249 41.09 -15.26 -48.53
N ILE G 250 41.82 -16.35 -48.75
CA ILE G 250 43.23 -16.44 -48.42
C ILE G 250 44.00 -17.02 -49.60
N ASN G 251 45.21 -16.50 -49.82
CA ASN G 251 46.15 -17.04 -50.79
C ASN G 251 47.43 -17.42 -50.07
N PRO G 252 47.75 -18.70 -49.92
CA PRO G 252 48.83 -19.10 -49.02
C PRO G 252 50.21 -19.31 -49.64
N LEU G 253 50.41 -18.97 -50.91
CA LEU G 253 51.71 -19.23 -51.52
C LEU G 253 52.78 -18.31 -50.94
N THR G 254 52.46 -17.05 -50.74
CA THR G 254 53.46 -16.10 -50.26
C THR G 254 53.55 -16.07 -48.74
N ILE G 255 52.47 -16.47 -48.04
CA ILE G 255 52.52 -16.41 -46.60
C ILE G 255 53.52 -17.42 -46.07
N GLU G 256 54.01 -17.18 -44.87
CA GLU G 256 55.03 -18.01 -44.26
C GLU G 256 54.43 -18.92 -43.20
N ASN G 257 54.86 -20.18 -43.21
CA ASN G 257 54.52 -21.14 -42.17
C ASN G 257 53.01 -21.27 -42.00
N PHE G 258 52.32 -21.39 -43.12
CA PHE G 258 50.86 -21.53 -43.14
C PHE G 258 50.41 -22.84 -42.54
N ASP G 259 51.06 -23.94 -42.92
CA ASP G 259 50.58 -25.27 -42.57
C ASP G 259 50.47 -25.45 -41.07
N ASP G 260 51.34 -24.80 -40.30
CA ASP G 260 51.42 -25.02 -38.87
C ASP G 260 50.87 -23.88 -38.04
N ASP G 261 50.28 -22.86 -38.67
CA ASP G 261 49.68 -21.73 -37.97
C ASP G 261 48.23 -21.50 -38.32
N ILE G 262 47.76 -22.02 -39.46
CA ILE G 262 46.37 -21.82 -39.85
C ILE G 262 45.45 -22.42 -38.81
N VAL G 263 45.84 -23.57 -38.28
CA VAL G 263 45.03 -24.28 -37.29
C VAL G 263 44.87 -23.43 -36.04
N ARG G 264 45.98 -22.94 -35.50
CA ARG G 264 45.92 -22.11 -34.31
C ARG G 264 45.08 -20.87 -34.55
N PHE G 265 45.19 -20.28 -35.75
CA PHE G 265 44.44 -19.07 -36.05
C PHE G 265 42.94 -19.35 -36.05
N ILE G 266 42.51 -20.43 -36.71
CA ILE G 266 41.09 -20.77 -36.71
C ILE G 266 40.61 -21.11 -35.32
N LYS G 267 41.42 -21.84 -34.55
CA LYS G 267 41.04 -22.23 -33.22
C LYS G 267 40.87 -21.03 -32.31
N ALA G 268 41.63 -19.96 -32.54
CA ALA G 268 41.48 -18.75 -31.75
C ALA G 268 40.25 -17.96 -32.19
N PHE G 269 40.03 -17.88 -33.50
CA PHE G 269 38.93 -17.07 -34.00
C PHE G 269 37.60 -17.70 -33.64
N VAL G 270 37.52 -19.03 -33.64
CA VAL G 270 36.24 -19.67 -33.36
C VAL G 270 35.93 -19.52 -31.87
N GLN G 271 36.94 -19.65 -31.04
CA GLN G 271 36.72 -19.56 -29.60
C GLN G 271 36.23 -18.18 -29.24
N ARG G 272 36.82 -17.15 -29.82
CA ARG G 272 36.46 -15.81 -29.39
C ARG G 272 35.15 -15.35 -30.02
N TYR G 273 34.89 -15.73 -31.28
CA TYR G 273 33.76 -15.20 -32.02
C TYR G 273 32.65 -16.19 -32.36
N SER G 274 32.84 -17.49 -32.12
CA SER G 274 31.79 -18.48 -32.39
C SER G 274 31.72 -19.56 -31.32
N SER G 275 31.58 -19.17 -30.06
CA SER G 275 31.48 -20.12 -28.96
C SER G 275 30.38 -19.73 -27.99
N LYS G 276 29.18 -19.50 -28.51
CA LYS G 276 28.10 -18.99 -27.71
C LYS G 276 26.77 -19.25 -28.41
N TYR G 277 25.69 -19.06 -27.66
CA TYR G 277 24.36 -19.33 -28.16
C TYR G 277 23.84 -18.18 -29.02
N LEU G 278 24.29 -16.97 -28.74
CA LEU G 278 23.88 -15.81 -29.51
C LEU G 278 24.68 -15.66 -30.80
N HIS G 279 25.60 -16.56 -31.06
CA HIS G 279 26.41 -16.55 -32.28
C HIS G 279 25.74 -17.48 -33.29
N SER G 280 24.98 -16.89 -34.20
CA SER G 280 24.03 -17.61 -35.03
C SER G 280 24.63 -18.06 -36.36
N ASN G 281 25.32 -17.15 -37.05
CA ASN G 281 25.88 -17.46 -38.36
C ASN G 281 27.38 -17.68 -38.25
N PRO G 282 27.85 -18.92 -38.36
CA PRO G 282 29.27 -19.17 -38.27
C PRO G 282 30.03 -18.64 -39.47
N PRO G 283 31.34 -18.48 -39.35
CA PRO G 283 32.14 -17.91 -40.43
C PRO G 283 32.59 -18.93 -41.46
N LEU G 284 32.90 -18.41 -42.64
CA LEU G 284 33.26 -19.22 -43.79
C LEU G 284 34.66 -18.87 -44.25
N PHE G 285 35.48 -19.89 -44.47
CA PHE G 285 36.88 -19.73 -44.83
C PHE G 285 37.07 -20.37 -46.19
N MET G 286 37.70 -19.64 -47.11
CA MET G 286 37.88 -20.12 -48.48
C MET G 286 39.32 -19.91 -48.87
N LEU G 287 40.01 -21.00 -49.18
CA LEU G 287 41.37 -20.96 -49.66
C LEU G 287 41.41 -21.24 -51.15
N THR G 288 42.19 -20.44 -51.87
CA THR G 288 42.32 -20.54 -53.31
C THR G 288 43.71 -21.07 -53.64
N GLY G 289 43.77 -21.91 -54.67
CA GLY G 289 45.02 -22.52 -55.06
C GLY G 289 44.91 -24.02 -55.21
N ASP G 290 45.97 -24.73 -54.88
CA ASP G 290 46.02 -26.19 -54.96
C ASP G 290 46.22 -26.82 -53.59
N TYR G 291 45.49 -26.33 -52.58
CA TYR G 291 45.66 -26.82 -51.22
C TYR G 291 44.84 -28.09 -51.01
N ASP G 292 45.40 -29.01 -50.22
CA ASP G 292 44.75 -30.26 -49.83
C ASP G 292 44.09 -30.05 -48.47
N LEU G 293 42.78 -29.86 -48.46
CA LEU G 293 42.07 -29.51 -47.23
C LEU G 293 41.88 -30.69 -46.30
N SER G 294 41.73 -31.90 -46.85
CA SER G 294 41.35 -33.03 -46.01
C SER G 294 42.22 -33.14 -44.78
N VAL G 295 43.53 -32.91 -44.92
CA VAL G 295 44.42 -32.96 -43.77
C VAL G 295 44.04 -31.91 -42.75
N LEU G 296 43.68 -30.71 -43.20
CA LEU G 296 43.35 -29.64 -42.28
C LEU G 296 42.07 -29.94 -41.53
N GLN G 297 41.06 -30.43 -42.24
CA GLN G 297 39.82 -30.81 -41.59
C GLN G 297 40.06 -31.89 -40.54
N LYS G 298 40.82 -32.92 -40.92
CA LYS G 298 41.15 -33.99 -39.97
C LYS G 298 41.86 -33.43 -38.76
N ARG G 299 42.74 -32.47 -38.96
CA ARG G 299 43.55 -31.98 -37.84
C ARG G 299 42.71 -31.11 -36.92
N LEU G 300 41.80 -30.33 -37.48
CA LEU G 300 40.92 -29.54 -36.64
C LEU G 300 39.98 -30.44 -35.86
N TYR G 301 39.56 -31.56 -36.44
CA TYR G 301 38.65 -32.45 -35.74
C TYR G 301 39.19 -32.82 -34.37
N ASP G 302 40.51 -33.02 -34.27
CA ASP G 302 41.10 -33.43 -33.02
C ASP G 302 40.90 -32.39 -31.93
N ALA G 303 41.09 -31.12 -32.28
CA ALA G 303 40.92 -30.05 -31.30
C ALA G 303 39.51 -30.05 -30.74
N GLY G 304 38.53 -30.37 -31.57
CA GLY G 304 37.14 -30.37 -31.14
C GLY G 304 36.20 -29.75 -32.13
N LEU G 305 36.73 -28.87 -32.97
CA LEU G 305 35.91 -28.18 -33.94
C LEU G 305 35.38 -29.15 -34.99
N ARG G 306 34.11 -28.97 -35.34
CA ARG G 306 33.47 -29.70 -36.42
C ARG G 306 33.12 -28.72 -37.54
N CYS G 307 33.24 -29.18 -38.78
CA CYS G 307 33.19 -28.34 -39.96
C CYS G 307 31.98 -28.69 -40.84
N GLU G 308 31.70 -27.79 -41.79
CA GLU G 308 30.62 -27.95 -42.76
C GLU G 308 31.18 -27.67 -44.14
N THR G 309 31.22 -28.71 -44.98
CA THR G 309 31.80 -28.62 -46.31
C THR G 309 30.79 -28.67 -47.44
N GLY G 310 29.49 -28.64 -47.13
CA GLY G 310 28.47 -28.61 -48.17
C GLY G 310 28.61 -29.68 -49.22
N LYS G 311 29.20 -30.80 -48.84
CA LYS G 311 29.41 -31.93 -49.74
C LYS G 311 28.58 -33.14 -49.33
N VAL G 312 28.11 -33.88 -50.32
CA VAL G 312 27.50 -35.19 -50.12
C VAL G 312 28.16 -36.15 -51.10
N GLY G 313 28.78 -37.20 -50.57
CA GLY G 313 29.38 -38.22 -51.39
C GLY G 313 30.74 -37.85 -51.94
N GLY G 314 31.35 -36.79 -51.44
CA GLY G 314 32.68 -36.38 -51.83
C GLY G 314 32.87 -36.23 -53.33
N THR G 315 31.96 -35.51 -53.98
CA THR G 315 32.10 -35.15 -55.39
C THR G 315 32.14 -33.64 -55.59
N ASP G 316 31.07 -32.93 -55.27
CA ASP G 316 30.96 -31.52 -55.60
C ASP G 316 29.98 -30.85 -54.65
N VAL G 317 30.09 -29.54 -54.59
CA VAL G 317 29.48 -28.74 -53.54
C VAL G 317 28.05 -28.38 -53.88
N ILE G 318 27.25 -28.21 -52.84
CA ILE G 318 25.86 -27.79 -52.93
C ILE G 318 25.69 -26.54 -52.08
N ILE G 319 25.26 -25.46 -52.72
CA ILE G 319 25.29 -24.16 -52.06
C ILE G 319 24.26 -24.10 -50.95
N LYS G 320 23.15 -24.80 -51.12
CA LYS G 320 22.06 -24.74 -50.16
C LYS G 320 22.47 -25.31 -48.81
N GLU G 321 23.39 -26.28 -48.79
CA GLU G 321 23.82 -26.87 -47.54
C GLU G 321 24.96 -26.11 -46.87
N LEU G 322 25.82 -25.45 -47.65
CA LEU G 322 26.96 -24.78 -47.06
C LEU G 322 26.56 -23.52 -46.30
N PHE G 323 25.35 -23.01 -46.55
CA PHE G 323 24.89 -21.76 -45.98
C PHE G 323 23.72 -21.96 -45.03
N ARG G 324 23.49 -23.18 -44.58
CA ARG G 324 22.37 -23.45 -43.71
C ARG G 324 22.69 -23.06 -42.28
N ARG G 325 21.64 -22.86 -41.51
CA ARG G 325 21.76 -22.54 -40.11
C ARG G 325 21.90 -23.81 -39.28
N PRO G 326 22.59 -23.74 -38.15
CA PRO G 326 22.79 -24.93 -37.34
C PRO G 326 21.80 -25.10 -36.20
N ILE G 327 21.78 -26.28 -35.62
CA ILE G 327 20.98 -26.54 -34.45
C ILE G 327 21.75 -26.09 -33.23
N LEU G 328 21.08 -25.40 -32.32
CA LEU G 328 21.69 -24.87 -31.13
C LEU G 328 20.83 -25.23 -29.92
N ILE G 329 21.43 -25.91 -28.95
CA ILE G 329 20.78 -26.25 -27.70
C ILE G 329 21.50 -25.54 -26.56
N ARG G 330 20.71 -25.05 -25.61
CA ARG G 330 21.20 -24.12 -24.60
C ARG G 330 21.92 -24.84 -23.46
N ASN G 331 21.19 -25.66 -22.71
CA ASN G 331 21.71 -26.24 -21.47
C ASN G 331 21.78 -27.75 -21.59
N PRO G 332 22.97 -28.34 -21.75
CA PRO G 332 24.27 -27.71 -21.98
C PRO G 332 24.48 -27.29 -23.42
N PHE G 333 25.42 -26.37 -23.63
CA PHE G 333 25.61 -25.81 -24.96
C PHE G 333 26.18 -26.85 -25.90
N ARG G 334 25.55 -26.96 -27.06
CA ARG G 334 26.07 -27.69 -28.21
C ARG G 334 25.66 -26.95 -29.47
N MET G 335 26.53 -26.97 -30.47
CA MET G 335 26.19 -26.51 -31.79
C MET G 335 26.71 -27.51 -32.82
N GLU G 336 25.86 -27.81 -33.79
CA GLU G 336 26.16 -28.80 -34.82
C GLU G 336 27.51 -28.56 -35.46
N PHE G 337 27.80 -27.32 -35.85
CA PHE G 337 29.11 -27.01 -36.40
C PHE G 337 29.49 -25.60 -36.00
N SER G 338 30.80 -25.36 -35.98
CA SER G 338 31.36 -24.07 -35.65
C SER G 338 31.96 -23.32 -36.82
N LEU G 339 32.29 -23.97 -37.92
CA LEU G 339 32.90 -23.25 -39.03
C LEU G 339 32.56 -23.90 -40.35
N ARG G 340 32.60 -23.07 -41.40
CA ARG G 340 32.44 -23.49 -42.78
C ARG G 340 33.77 -23.40 -43.51
N LEU G 341 34.01 -24.36 -44.40
CA LEU G 341 35.28 -24.48 -45.09
C LEU G 341 35.03 -24.93 -46.52
N ALA G 342 35.79 -24.40 -47.45
CA ALA G 342 35.63 -24.72 -48.86
C ALA G 342 36.86 -24.26 -49.63
N LYS G 343 36.88 -24.61 -50.91
CA LYS G 343 37.90 -24.16 -51.85
C LYS G 343 37.23 -23.30 -52.91
N ARG G 344 37.84 -22.16 -53.22
CA ARG G 344 37.13 -21.10 -53.93
C ARG G 344 36.70 -21.54 -55.32
N ASP G 345 37.52 -22.34 -56.00
CA ASP G 345 37.21 -22.72 -57.37
C ASP G 345 35.97 -23.58 -57.42
N GLU G 346 35.71 -24.33 -56.36
CA GLU G 346 34.64 -25.31 -56.35
C GLU G 346 33.28 -24.65 -56.16
N VAL G 347 33.26 -23.49 -55.51
CA VAL G 347 31.99 -22.88 -55.07
C VAL G 347 31.49 -22.05 -56.25
N ILE G 348 30.84 -22.73 -57.19
CA ILE G 348 30.20 -22.04 -58.29
C ILE G 348 28.91 -21.42 -57.78
N GLY G 349 28.76 -20.13 -57.93
CA GLY G 349 27.52 -19.44 -57.66
C GLY G 349 27.68 -18.42 -56.55
N GLY G 350 26.53 -17.94 -56.07
CA GLY G 350 26.48 -16.86 -55.12
C GLY G 350 25.46 -17.11 -54.04
N PRO G 351 25.67 -16.51 -52.87
CA PRO G 351 24.75 -16.74 -51.76
C PRO G 351 23.47 -15.93 -51.89
N GLN G 352 22.41 -16.45 -51.29
CA GLN G 352 21.12 -15.77 -51.30
C GLN G 352 21.19 -14.42 -50.61
N ARG G 353 22.17 -14.24 -49.73
CA ARG G 353 22.35 -13.00 -48.99
C ARG G 353 23.78 -12.56 -49.12
N ARG G 354 24.00 -11.28 -48.93
CA ARG G 354 25.30 -10.73 -49.25
C ARG G 354 26.15 -10.53 -48.01
N PRO G 355 27.44 -10.78 -48.11
CA PRO G 355 28.30 -10.68 -46.94
C PRO G 355 28.38 -9.27 -46.40
N ASP G 356 28.26 -9.16 -45.08
CA ASP G 356 28.36 -7.86 -44.45
C ASP G 356 29.82 -7.41 -44.41
N GLU G 357 30.73 -8.34 -44.20
CA GLU G 357 32.16 -8.09 -44.22
C GLU G 357 32.86 -9.09 -45.13
N LEU G 358 33.89 -8.63 -45.82
CA LEU G 358 34.72 -9.50 -46.64
C LEU G 358 36.18 -9.11 -46.45
N PHE G 359 36.98 -10.06 -46.04
CA PHE G 359 38.40 -9.90 -45.85
C PHE G 359 39.13 -10.59 -46.99
N LEU G 360 39.78 -9.81 -47.84
CA LEU G 360 40.58 -10.33 -48.94
C LEU G 360 42.04 -10.27 -48.52
N ILE G 361 42.60 -11.41 -48.15
CA ILE G 361 43.97 -11.50 -47.68
C ILE G 361 44.83 -11.98 -48.84
N ASN G 362 45.77 -11.13 -49.25
CA ASN G 362 46.70 -11.43 -50.33
C ASN G 362 45.96 -11.90 -51.58
N VAL G 363 44.86 -11.22 -51.89
CA VAL G 363 44.11 -11.42 -53.10
C VAL G 363 43.76 -10.05 -53.67
N ALA G 364 43.78 -9.93 -55.01
CA ALA G 364 43.50 -8.65 -55.64
C ALA G 364 42.01 -8.42 -55.78
N ASP G 365 41.29 -9.34 -56.41
CA ASP G 365 39.88 -9.15 -56.73
C ASP G 365 39.13 -10.46 -56.60
N ASP G 366 37.82 -10.34 -56.42
CA ASP G 366 36.95 -11.48 -56.20
C ASP G 366 35.55 -11.12 -56.68
N GLU G 367 34.85 -12.10 -57.23
CA GLU G 367 33.59 -11.84 -57.91
C GLU G 367 32.48 -11.46 -56.95
N TRP G 368 32.66 -11.70 -55.65
CA TRP G 368 31.59 -11.41 -54.71
C TRP G 368 31.51 -9.94 -54.36
N LYS G 369 32.53 -9.15 -54.70
CA LYS G 369 32.56 -7.75 -54.38
C LYS G 369 31.32 -7.04 -54.91
N HIS G 370 30.98 -5.92 -54.31
CA HIS G 370 29.73 -5.24 -54.59
C HIS G 370 29.73 -3.96 -53.77
N GLU G 371 28.74 -3.12 -53.96
CA GLU G 371 28.73 -1.82 -53.28
C GLU G 371 28.32 -1.99 -51.83
N ASP G 372 27.19 -2.64 -51.60
CA ASP G 372 26.64 -2.78 -50.25
C ASP G 372 27.35 -3.84 -49.43
N VAL G 373 28.51 -4.30 -49.85
CA VAL G 373 29.30 -5.26 -49.10
C VAL G 373 30.58 -4.57 -48.68
N ASN G 374 30.77 -4.43 -47.37
CA ASN G 374 32.04 -3.91 -46.88
C ASN G 374 33.18 -4.81 -47.32
N VAL G 375 34.33 -4.19 -47.55
CA VAL G 375 35.51 -4.92 -47.99
C VAL G 375 36.73 -4.38 -47.26
N HIS G 376 37.72 -5.23 -47.10
CA HIS G 376 39.00 -4.91 -46.49
C HIS G 376 40.07 -5.66 -47.24
N GLY G 377 41.18 -5.00 -47.50
CA GLY G 377 42.33 -5.63 -48.12
C GLY G 377 43.57 -5.52 -47.26
N PHE G 378 44.37 -6.57 -47.27
CA PHE G 378 45.62 -6.61 -46.53
C PHE G 378 46.70 -7.20 -47.42
N LYS G 379 47.94 -7.11 -46.94
CA LYS G 379 49.05 -7.84 -47.54
C LYS G 379 50.02 -8.22 -46.42
N ILE G 380 49.86 -9.42 -45.90
CA ILE G 380 50.61 -9.89 -44.75
C ILE G 380 51.55 -10.99 -45.19
N GLU G 381 52.68 -11.10 -44.48
CA GLU G 381 53.64 -12.17 -44.71
C GLU G 381 53.62 -13.19 -43.57
N ARG G 382 53.06 -12.82 -42.43
CA ARG G 382 52.93 -13.69 -41.27
C ARG G 382 51.57 -13.46 -40.62
N LEU G 383 51.01 -14.53 -40.03
CA LEU G 383 49.63 -14.48 -39.54
C LEU G 383 49.48 -13.80 -38.20
N SER G 384 50.57 -13.56 -37.47
CA SER G 384 50.46 -12.88 -36.19
C SER G 384 49.85 -11.50 -36.34
N ASP G 385 50.10 -10.81 -37.45
CA ASP G 385 49.62 -9.45 -37.62
C ASP G 385 48.11 -9.42 -37.71
N LEU G 386 47.52 -10.37 -38.42
CA LEU G 386 46.06 -10.44 -38.48
C LEU G 386 45.50 -10.71 -37.09
N GLU G 387 46.11 -11.63 -36.35
CA GLU G 387 45.69 -11.87 -34.97
C GLU G 387 45.69 -10.59 -34.15
N TYR G 388 46.73 -9.76 -34.29
CA TYR G 388 46.73 -8.51 -33.55
C TYR G 388 45.61 -7.60 -34.03
N ILE G 389 45.36 -7.59 -35.35
CA ILE G 389 44.33 -6.71 -35.89
C ILE G 389 42.97 -7.09 -35.34
N LEU G 390 42.74 -8.38 -35.09
CA LEU G 390 41.42 -8.87 -34.75
C LEU G 390 41.23 -9.06 -33.25
N GLN G 391 42.07 -8.45 -32.43
CA GLN G 391 41.94 -8.49 -30.98
C GLN G 391 42.13 -9.89 -30.40
N LEU G 392 43.07 -10.63 -30.94
CA LEU G 392 43.38 -11.96 -30.45
C LEU G 392 44.72 -12.03 -29.75
N ARG G 393 45.49 -10.94 -29.72
CA ARG G 393 46.77 -10.95 -29.04
C ARG G 393 47.15 -9.52 -28.65
N SER G 394 48.06 -9.43 -27.68
CA SER G 394 48.39 -8.14 -27.06
C SER G 394 49.23 -7.26 -27.98
N ASP G 395 50.39 -7.75 -28.41
CA ASP G 395 51.37 -6.91 -29.09
C ASP G 395 51.85 -7.56 -30.38
N TYR G 396 52.46 -6.74 -31.23
CA TYR G 396 52.83 -7.14 -32.60
C TYR G 396 54.24 -7.73 -32.62
N ALA G 397 54.39 -8.81 -31.88
CA ALA G 397 55.67 -9.53 -31.85
C ALA G 397 56.79 -8.63 -31.36
N ALA H 222 2.29 -74.01 -49.48
CA ALA H 222 3.25 -72.92 -49.60
C ALA H 222 4.27 -72.98 -48.48
N THR H 223 5.18 -73.95 -48.54
CA THR H 223 6.17 -74.09 -47.49
C THR H 223 6.98 -72.82 -47.31
N LYS H 224 7.31 -72.15 -48.42
CA LYS H 224 8.07 -70.90 -48.33
C LYS H 224 7.24 -69.76 -47.77
N GLY H 225 5.98 -69.64 -48.18
CA GLY H 225 5.15 -68.56 -47.65
C GLY H 225 4.97 -68.66 -46.14
N ARG H 226 4.87 -69.89 -45.64
CA ARG H 226 4.75 -70.10 -44.20
C ARG H 226 6.00 -69.63 -43.47
N MET H 227 7.16 -69.82 -44.09
CA MET H 227 8.38 -69.31 -43.51
C MET H 227 8.25 -67.83 -43.21
N PHE H 228 7.85 -67.06 -44.23
CA PHE H 228 7.75 -65.63 -44.05
C PHE H 228 6.69 -65.27 -43.02
N SER H 229 5.56 -65.97 -43.02
CA SER H 229 4.49 -65.60 -42.10
C SER H 229 4.91 -65.83 -40.65
N SER H 230 5.50 -66.99 -40.36
CA SER H 230 5.91 -67.23 -38.99
C SER H 230 7.06 -66.33 -38.61
N LEU H 231 7.95 -66.03 -39.56
CA LEU H 231 9.08 -65.16 -39.24
C LEU H 231 8.58 -63.77 -38.91
N ARG H 232 7.51 -63.34 -39.60
CA ARG H 232 6.89 -62.05 -39.30
C ARG H 232 6.28 -62.06 -37.91
N LYS H 233 5.74 -63.19 -37.48
CA LYS H 233 5.13 -63.23 -36.17
C LYS H 233 6.17 -63.31 -35.07
N SER H 234 7.33 -63.89 -35.37
CA SER H 234 8.44 -63.90 -34.42
C SER H 234 8.85 -62.49 -34.03
N LEU H 235 9.23 -61.68 -35.01
CA LEU H 235 9.89 -60.40 -34.81
C LEU H 235 9.00 -59.33 -34.28
N ARG H 236 7.81 -59.62 -33.78
CA ARG H 236 6.88 -58.56 -33.43
C ARG H 236 7.37 -57.76 -32.23
N SER H 237 7.67 -58.44 -31.13
CA SER H 237 8.05 -57.75 -29.91
C SER H 237 9.34 -56.98 -30.06
N CYS H 238 10.25 -57.47 -30.91
CA CYS H 238 11.52 -56.77 -31.10
C CYS H 238 11.32 -55.38 -31.68
N LEU H 239 10.25 -55.17 -32.42
CA LEU H 239 10.00 -53.89 -33.08
C LEU H 239 8.92 -53.07 -32.40
N ALA H 240 8.37 -53.52 -31.28
CA ALA H 240 7.41 -52.71 -30.56
C ALA H 240 8.11 -51.64 -29.76
N HIS H 241 9.29 -51.93 -29.24
CA HIS H 241 10.06 -50.97 -28.48
C HIS H 241 10.36 -49.73 -29.32
N ASN H 242 10.53 -48.61 -28.63
CA ASN H 242 10.84 -47.35 -29.26
C ASN H 242 12.34 -47.18 -29.49
N SER H 243 13.12 -47.36 -28.43
CA SER H 243 14.57 -47.17 -28.48
C SER H 243 15.27 -48.53 -28.44
N ARG H 244 15.94 -48.88 -29.54
CA ARG H 244 16.80 -50.05 -29.56
C ARG H 244 17.88 -49.84 -30.60
N TRP H 245 18.96 -50.60 -30.45
CA TRP H 245 20.11 -50.52 -31.33
C TRP H 245 19.98 -51.64 -32.34
N ARG H 246 19.51 -51.31 -33.54
CA ARG H 246 19.35 -52.27 -34.62
C ARG H 246 20.43 -52.06 -35.66
N VAL H 247 20.89 -53.16 -36.22
CA VAL H 247 21.94 -53.18 -37.23
C VAL H 247 21.57 -54.18 -38.32
N PHE H 248 21.88 -53.82 -39.57
CA PHE H 248 21.56 -54.63 -40.75
C PHE H 248 22.84 -54.83 -41.54
N VAL H 249 22.96 -56.00 -42.14
CA VAL H 249 23.98 -56.29 -43.14
C VAL H 249 23.28 -56.94 -44.32
N ILE H 250 23.74 -56.62 -45.54
CA ILE H 250 23.11 -57.11 -46.76
C ILE H 250 24.18 -57.44 -47.79
N ASN H 251 23.83 -58.33 -48.71
CA ASN H 251 24.62 -58.59 -49.92
C ASN H 251 23.75 -58.37 -51.14
N PRO H 252 24.09 -57.43 -52.02
CA PRO H 252 23.21 -57.11 -53.15
C PRO H 252 23.40 -57.92 -54.42
N LEU H 253 24.45 -58.74 -54.52
CA LEU H 253 24.66 -59.51 -55.73
C LEU H 253 23.68 -60.65 -55.90
N THR H 254 22.98 -61.04 -54.84
CA THR H 254 21.97 -62.11 -54.92
C THR H 254 20.58 -61.59 -54.63
N ILE H 255 20.36 -60.29 -54.72
CA ILE H 255 19.03 -59.69 -54.62
C ILE H 255 18.70 -59.04 -55.95
N GLU H 256 17.58 -59.46 -56.55
CA GLU H 256 17.18 -58.93 -57.83
C GLU H 256 16.54 -57.57 -57.68
N ASN H 257 16.90 -56.64 -58.56
CA ASN H 257 16.33 -55.31 -58.61
C ASN H 257 16.49 -54.59 -57.29
N PHE H 258 17.75 -54.39 -56.90
CA PHE H 258 18.10 -53.75 -55.65
C PHE H 258 18.25 -52.24 -55.82
N ASP H 259 18.98 -51.85 -56.87
CA ASP H 259 19.31 -50.45 -57.09
C ASP H 259 18.05 -49.62 -57.28
N ASP H 260 16.99 -50.23 -57.78
CA ASP H 260 15.74 -49.54 -58.00
C ASP H 260 14.82 -49.58 -56.79
N ASP H 261 15.00 -50.57 -55.91
CA ASP H 261 14.07 -50.86 -54.83
C ASP H 261 14.56 -50.40 -53.47
N ILE H 262 15.77 -49.87 -53.37
CA ILE H 262 16.38 -49.67 -52.05
C ILE H 262 15.89 -48.40 -51.36
N VAL H 263 15.77 -47.29 -52.09
CA VAL H 263 15.46 -46.02 -51.44
C VAL H 263 14.04 -46.02 -50.89
N ARG H 264 13.08 -46.51 -51.67
CA ARG H 264 11.73 -46.70 -51.17
C ARG H 264 11.74 -47.44 -49.83
N PHE H 265 12.58 -48.46 -49.72
CA PHE H 265 12.65 -49.25 -48.50
C PHE H 265 13.15 -48.41 -47.34
N ILE H 266 14.26 -47.71 -47.55
CA ILE H 266 14.86 -46.99 -46.43
C ILE H 266 13.93 -45.87 -45.98
N LYS H 267 13.25 -45.22 -46.92
CA LYS H 267 12.31 -44.18 -46.53
C LYS H 267 11.14 -44.75 -45.75
N ALA H 268 10.66 -45.92 -46.15
CA ALA H 268 9.54 -46.52 -45.43
C ALA H 268 9.93 -46.91 -44.01
N PHE H 269 11.13 -47.46 -43.86
CA PHE H 269 11.59 -47.87 -42.55
C PHE H 269 11.78 -46.65 -41.66
N VAL H 270 12.42 -45.61 -42.19
CA VAL H 270 12.63 -44.43 -41.37
C VAL H 270 11.31 -43.78 -41.02
N GLN H 271 10.32 -43.89 -41.90
CA GLN H 271 9.03 -43.28 -41.61
C GLN H 271 8.29 -44.02 -40.53
N ARG H 272 8.53 -45.32 -40.38
CA ARG H 272 7.82 -46.04 -39.33
C ARG H 272 8.60 -46.03 -38.02
N TYR H 273 9.91 -46.27 -38.07
CA TYR H 273 10.70 -46.56 -36.88
C TYR H 273 11.81 -45.57 -36.59
N SER H 274 11.92 -44.46 -37.31
CA SER H 274 12.87 -43.43 -36.94
C SER H 274 12.36 -42.02 -37.25
N SER H 275 11.06 -41.80 -37.07
CA SER H 275 10.47 -40.51 -37.38
C SER H 275 9.66 -39.99 -36.21
N LYS H 276 10.18 -40.11 -35.00
CA LYS H 276 9.58 -39.50 -33.82
C LYS H 276 10.67 -39.17 -32.81
N TYR H 277 10.25 -38.54 -31.72
CA TYR H 277 11.19 -38.10 -30.69
C TYR H 277 11.69 -39.28 -29.87
N LEU H 278 10.79 -40.13 -29.42
CA LEU H 278 11.16 -41.22 -28.54
C LEU H 278 12.04 -42.26 -29.23
N HIS H 279 12.27 -42.10 -30.53
CA HIS H 279 13.13 -42.99 -31.31
C HIS H 279 14.56 -42.47 -31.23
N SER H 280 15.25 -42.86 -30.17
CA SER H 280 16.54 -42.25 -29.84
C SER H 280 17.64 -42.71 -30.78
N ASN H 281 17.75 -44.01 -31.02
CA ASN H 281 18.90 -44.57 -31.71
C ASN H 281 18.53 -44.88 -33.15
N PRO H 282 19.22 -44.31 -34.14
CA PRO H 282 18.92 -44.63 -35.52
C PRO H 282 19.55 -45.95 -35.94
N PRO H 283 19.09 -46.50 -37.06
CA PRO H 283 19.65 -47.75 -37.58
C PRO H 283 20.91 -47.59 -38.41
N LEU H 284 21.61 -48.70 -38.54
CA LEU H 284 22.86 -48.77 -39.28
C LEU H 284 22.70 -49.81 -40.38
N PHE H 285 22.82 -49.37 -41.62
CA PHE H 285 22.83 -50.24 -42.78
C PHE H 285 24.26 -50.34 -43.30
N MET H 286 24.74 -51.56 -43.43
CA MET H 286 26.03 -51.84 -44.01
C MET H 286 25.86 -52.76 -45.19
N LEU H 287 26.85 -52.74 -46.09
CA LEU H 287 26.77 -53.49 -47.31
C LEU H 287 28.08 -54.19 -47.61
N THR H 288 28.01 -55.18 -48.48
CA THR H 288 29.13 -55.99 -48.89
C THR H 288 29.28 -55.97 -50.41
N GLY H 289 30.52 -56.02 -50.87
CA GLY H 289 30.83 -56.07 -52.29
C GLY H 289 31.73 -54.92 -52.71
N ASP H 290 31.42 -54.36 -53.88
CA ASP H 290 32.11 -53.19 -54.42
C ASP H 290 31.16 -52.02 -54.63
N TYR H 291 29.98 -52.06 -54.00
CA TYR H 291 28.95 -51.05 -54.19
C TYR H 291 29.52 -49.65 -53.97
N ASP H 292 28.96 -48.69 -54.70
CA ASP H 292 29.38 -47.29 -54.66
C ASP H 292 28.36 -46.50 -53.87
N LEU H 293 28.74 -46.08 -52.67
CA LEU H 293 27.77 -45.50 -51.75
C LEU H 293 27.42 -44.06 -52.11
N SER H 294 28.38 -43.30 -52.63
CA SER H 294 28.18 -41.88 -52.88
C SER H 294 26.89 -41.62 -53.64
N VAL H 295 26.64 -42.40 -54.69
CA VAL H 295 25.44 -42.21 -55.50
C VAL H 295 24.20 -42.45 -54.67
N LEU H 296 24.24 -43.44 -53.78
CA LEU H 296 23.07 -43.71 -52.95
C LEU H 296 22.86 -42.59 -51.94
N GLN H 297 23.94 -42.01 -51.45
CA GLN H 297 23.83 -40.88 -50.54
C GLN H 297 23.19 -39.70 -51.24
N LYS H 298 23.57 -39.46 -52.49
CA LYS H 298 22.98 -38.37 -53.25
C LYS H 298 21.49 -38.62 -53.47
N ARG H 299 21.13 -39.85 -53.84
CA ARG H 299 19.72 -40.15 -54.09
C ARG H 299 18.91 -40.01 -52.82
N LEU H 300 19.42 -40.49 -51.69
CA LEU H 300 18.70 -40.36 -50.43
C LEU H 300 18.57 -38.90 -50.02
N TYR H 301 19.59 -38.09 -50.30
CA TYR H 301 19.49 -36.67 -50.00
C TYR H 301 18.37 -36.05 -50.83
N ASP H 302 18.33 -36.36 -52.12
CA ASP H 302 17.27 -35.81 -52.95
C ASP H 302 15.91 -36.33 -52.52
N ALA H 303 15.86 -37.55 -51.98
CA ALA H 303 14.62 -38.07 -51.43
C ALA H 303 14.16 -37.28 -50.21
N GLY H 304 15.10 -36.81 -49.39
CA GLY H 304 14.74 -35.98 -48.25
C GLY H 304 15.45 -36.30 -46.96
N LEU H 305 16.39 -37.24 -46.98
CA LEU H 305 17.00 -37.74 -45.76
C LEU H 305 18.47 -37.36 -45.70
N ARG H 306 19.01 -37.42 -44.49
CA ARG H 306 20.40 -37.10 -44.22
C ARG H 306 21.04 -38.22 -43.42
N CYS H 307 22.31 -38.52 -43.70
CA CYS H 307 22.97 -39.71 -43.20
C CYS H 307 24.27 -39.34 -42.50
N GLU H 308 24.71 -40.21 -41.61
CA GLU H 308 26.03 -40.13 -41.00
C GLU H 308 26.97 -41.16 -41.63
N THR H 309 27.87 -40.70 -42.50
CA THR H 309 28.82 -41.59 -43.14
C THR H 309 29.95 -42.02 -42.22
N GLY H 310 30.24 -41.24 -41.18
CA GLY H 310 31.33 -41.57 -40.29
C GLY H 310 32.70 -41.12 -40.73
N LYS H 311 32.80 -40.11 -41.59
CA LYS H 311 34.05 -39.74 -42.21
C LYS H 311 34.38 -38.29 -41.93
N VAL H 312 35.69 -38.00 -41.98
CA VAL H 312 36.21 -36.66 -41.85
C VAL H 312 37.34 -36.50 -42.86
N GLY H 313 37.00 -36.04 -44.05
CA GLY H 313 37.91 -35.99 -45.18
C GLY H 313 37.63 -37.01 -46.25
N GLY H 314 36.81 -38.03 -45.98
CA GLY H 314 36.48 -39.04 -46.94
C GLY H 314 37.50 -40.15 -47.10
N THR H 315 38.60 -40.09 -46.37
CA THR H 315 39.61 -41.14 -46.46
C THR H 315 39.10 -42.46 -45.91
N ASP H 316 38.73 -42.48 -44.62
CA ASP H 316 38.37 -43.72 -43.96
C ASP H 316 37.58 -43.43 -42.71
N VAL H 317 36.83 -44.44 -42.27
CA VAL H 317 35.82 -44.31 -41.23
C VAL H 317 36.45 -44.22 -39.85
N ILE H 318 36.02 -43.22 -39.07
CA ILE H 318 36.35 -43.11 -37.67
C ILE H 318 35.19 -43.67 -36.87
N ILE H 319 35.44 -44.75 -36.14
CA ILE H 319 34.36 -45.51 -35.50
C ILE H 319 33.55 -44.60 -34.59
N LYS H 320 34.23 -43.73 -33.84
CA LYS H 320 33.58 -43.01 -32.76
C LYS H 320 32.45 -42.14 -33.28
N GLU H 321 32.56 -41.64 -34.51
CA GLU H 321 31.55 -40.73 -35.03
C GLU H 321 30.33 -41.49 -35.55
N LEU H 322 30.55 -42.65 -36.15
CA LEU H 322 29.43 -43.39 -36.74
C LEU H 322 28.44 -43.84 -35.69
N PHE H 323 28.89 -44.02 -34.46
CA PHE H 323 28.07 -44.59 -33.40
C PHE H 323 27.65 -43.54 -32.38
N ARG H 324 27.47 -42.29 -32.79
CA ARG H 324 27.20 -41.24 -31.82
C ARG H 324 25.71 -40.96 -31.74
N ARG H 325 25.36 -40.21 -30.71
CA ARG H 325 24.00 -39.81 -30.41
C ARG H 325 23.65 -38.51 -31.13
N PRO H 326 22.43 -38.38 -31.64
CA PRO H 326 22.05 -37.18 -32.38
C PRO H 326 21.47 -36.09 -31.50
N ILE H 327 21.41 -34.89 -32.07
CA ILE H 327 20.74 -33.76 -31.44
C ILE H 327 19.25 -33.84 -31.74
N LEU H 328 18.44 -33.83 -30.70
CA LEU H 328 17.00 -33.93 -30.83
C LEU H 328 16.34 -32.76 -30.13
N ILE H 329 15.57 -32.00 -30.88
CA ILE H 329 14.63 -31.02 -30.35
C ILE H 329 13.23 -31.61 -30.46
N ARG H 330 12.37 -31.26 -29.51
CA ARG H 330 10.98 -31.70 -29.57
C ARG H 330 10.06 -30.68 -30.23
N ASN H 331 10.00 -29.47 -29.69
CA ASN H 331 9.15 -28.41 -30.22
C ASN H 331 9.98 -27.33 -30.88
N PRO H 332 10.03 -27.25 -32.21
CA PRO H 332 9.54 -28.19 -33.23
C PRO H 332 10.55 -29.30 -33.50
N PHE H 333 10.04 -30.45 -33.90
CA PHE H 333 10.85 -31.66 -33.98
C PHE H 333 11.80 -31.59 -35.17
N ARG H 334 13.10 -31.63 -34.87
CA ARG H 334 14.12 -31.76 -35.88
C ARG H 334 15.11 -32.79 -35.39
N MET H 335 15.62 -33.59 -36.32
CA MET H 335 16.48 -34.72 -36.01
C MET H 335 17.71 -34.63 -36.89
N GLU H 336 18.86 -34.48 -36.25
CA GLU H 336 20.12 -34.25 -36.96
C GLU H 336 20.33 -35.26 -38.08
N PHE H 337 20.12 -36.55 -37.79
CA PHE H 337 20.15 -37.54 -38.85
C PHE H 337 19.23 -38.69 -38.50
N SER H 338 18.65 -39.29 -39.54
CA SER H 338 17.73 -40.39 -39.40
C SER H 338 18.32 -41.76 -39.67
N LEU H 339 19.48 -41.85 -40.33
CA LEU H 339 20.07 -43.14 -40.62
C LEU H 339 21.59 -43.05 -40.59
N ARG H 340 22.21 -44.22 -40.57
CA ARG H 340 23.65 -44.40 -40.65
C ARG H 340 23.96 -45.33 -41.81
N LEU H 341 25.03 -45.02 -42.54
CA LEU H 341 25.38 -45.74 -43.75
C LEU H 341 26.88 -45.95 -43.82
N ALA H 342 27.28 -47.21 -44.04
CA ALA H 342 28.69 -47.55 -44.10
C ALA H 342 28.88 -48.79 -44.96
N LYS H 343 30.14 -49.10 -45.22
CA LYS H 343 30.54 -50.34 -45.86
C LYS H 343 31.30 -51.18 -44.85
N ARG H 344 31.19 -52.50 -44.99
CA ARG H 344 31.57 -53.39 -43.90
C ARG H 344 33.08 -53.45 -43.75
N ASP H 345 33.80 -53.54 -44.87
CA ASP H 345 35.25 -53.65 -44.82
C ASP H 345 35.88 -52.47 -44.11
N GLU H 346 35.46 -51.26 -44.47
CA GLU H 346 36.10 -50.07 -43.93
C GLU H 346 35.90 -49.97 -42.42
N VAL H 347 34.84 -50.54 -41.90
CA VAL H 347 34.52 -50.49 -40.49
C VAL H 347 35.31 -51.54 -39.74
N ILE H 348 36.47 -51.15 -39.20
CA ILE H 348 37.43 -52.09 -38.65
C ILE H 348 37.40 -51.93 -37.14
N GLY H 349 36.80 -52.90 -36.47
CA GLY H 349 36.71 -52.92 -35.04
C GLY H 349 35.32 -53.27 -34.56
N GLY H 350 34.88 -52.63 -33.49
CA GLY H 350 33.56 -52.83 -32.99
C GLY H 350 33.12 -51.76 -32.03
N PRO H 351 31.84 -51.76 -31.71
CA PRO H 351 31.30 -50.76 -30.77
C PRO H 351 31.54 -51.15 -29.32
N GLN H 352 31.22 -50.20 -28.46
CA GLN H 352 31.42 -50.32 -27.02
C GLN H 352 30.24 -51.03 -26.37
N ARG H 353 29.04 -50.80 -26.89
CA ARG H 353 27.84 -51.49 -26.43
C ARG H 353 27.34 -52.39 -27.55
N ARG H 354 27.23 -53.67 -27.26
CA ARG H 354 26.90 -54.64 -28.29
C ARG H 354 25.51 -54.36 -28.83
N PRO H 355 25.21 -54.82 -30.03
CA PRO H 355 23.89 -54.56 -30.59
C PRO H 355 22.83 -55.46 -29.97
N ASP H 356 21.61 -54.94 -29.97
CA ASP H 356 20.46 -55.68 -29.45
C ASP H 356 19.95 -56.68 -30.48
N GLU H 357 19.99 -56.30 -31.75
CA GLU H 357 19.54 -57.14 -32.84
C GLU H 357 20.49 -57.00 -34.01
N LEU H 358 20.74 -58.11 -34.68
CA LEU H 358 21.57 -58.13 -35.88
C LEU H 358 20.81 -58.90 -36.93
N PHE H 359 20.67 -58.30 -38.10
CA PHE H 359 19.87 -58.84 -39.19
C PHE H 359 20.79 -59.15 -40.35
N LEU H 360 20.94 -60.41 -40.66
CA LEU H 360 21.86 -60.90 -41.68
C LEU H 360 21.06 -61.34 -42.89
N ILE H 361 20.98 -60.46 -43.88
CA ILE H 361 20.20 -60.69 -45.08
C ILE H 361 21.14 -61.20 -46.16
N ASN H 362 21.31 -62.51 -46.20
CA ASN H 362 22.03 -63.25 -47.23
C ASN H 362 23.52 -63.39 -46.99
N VAL H 363 24.00 -63.01 -45.81
CA VAL H 363 25.39 -63.19 -45.44
C VAL H 363 25.50 -64.38 -44.51
N ALA H 364 26.47 -65.25 -44.77
CA ALA H 364 26.58 -66.49 -44.00
C ALA H 364 27.22 -66.23 -42.64
N ASP H 365 28.38 -65.59 -42.62
CA ASP H 365 29.16 -65.42 -41.41
C ASP H 365 29.43 -63.94 -41.17
N ASP H 366 29.74 -63.61 -39.91
CA ASP H 366 29.99 -62.24 -39.51
C ASP H 366 30.82 -62.27 -38.23
N GLU H 367 31.45 -61.14 -37.94
CA GLU H 367 32.38 -61.04 -36.81
C GLU H 367 31.74 -60.41 -35.59
N TRP H 368 30.53 -59.89 -35.70
CA TRP H 368 29.82 -59.32 -34.57
C TRP H 368 28.89 -60.32 -33.90
N LYS H 369 28.76 -61.53 -34.45
CA LYS H 369 28.06 -62.60 -33.77
C LYS H 369 28.69 -62.88 -32.41
N HIS H 370 27.84 -62.95 -31.39
CA HIS H 370 28.26 -63.28 -30.06
C HIS H 370 27.08 -63.91 -29.35
N GLU H 371 27.37 -64.63 -28.26
CA GLU H 371 26.34 -65.45 -27.63
C GLU H 371 25.19 -64.60 -27.13
N ASP H 372 25.51 -63.42 -26.60
CA ASP H 372 24.53 -62.54 -25.96
C ASP H 372 23.98 -61.50 -26.92
N VAL H 373 23.85 -61.81 -28.20
CA VAL H 373 23.25 -60.91 -29.17
C VAL H 373 22.26 -61.71 -30.00
N ASN H 374 21.01 -61.27 -30.02
CA ASN H 374 20.04 -61.85 -30.95
C ASN H 374 20.56 -61.74 -32.37
N VAL H 375 20.34 -62.79 -33.13
CA VAL H 375 20.84 -62.89 -34.49
C VAL H 375 19.78 -63.56 -35.34
N HIS H 376 19.59 -63.02 -36.54
CA HIS H 376 18.65 -63.54 -37.51
C HIS H 376 19.32 -63.67 -38.86
N GLY H 377 18.95 -64.70 -39.60
CA GLY H 377 19.55 -64.99 -40.87
C GLY H 377 18.53 -65.46 -41.88
N PHE H 378 18.50 -64.82 -43.04
CA PHE H 378 17.45 -65.00 -44.02
C PHE H 378 18.07 -65.29 -45.37
N LYS H 379 17.23 -65.68 -46.32
CA LYS H 379 17.56 -65.64 -47.74
C LYS H 379 16.34 -65.18 -48.50
N ILE H 380 16.40 -63.97 -49.02
CA ILE H 380 15.30 -63.36 -49.74
C ILE H 380 15.74 -63.08 -51.17
N GLU H 381 14.84 -63.36 -52.12
CA GLU H 381 15.10 -63.13 -53.53
C GLU H 381 14.76 -61.70 -53.94
N ARG H 382 13.70 -61.13 -53.38
CA ARG H 382 13.24 -59.80 -53.72
C ARG H 382 12.92 -59.05 -52.44
N LEU H 383 13.18 -57.73 -52.45
CA LEU H 383 13.16 -56.96 -51.21
C LEU H 383 11.77 -56.89 -50.59
N SER H 384 10.73 -56.86 -51.41
CA SER H 384 9.36 -56.78 -50.91
C SER H 384 9.13 -57.79 -49.78
N ASP H 385 9.72 -58.96 -49.88
CA ASP H 385 9.56 -59.97 -48.84
C ASP H 385 9.96 -59.41 -47.49
N LEU H 386 11.05 -58.65 -47.45
CA LEU H 386 11.49 -58.07 -46.19
C LEU H 386 10.52 -57.00 -45.73
N GLU H 387 9.95 -56.25 -46.67
CA GLU H 387 8.96 -55.25 -46.33
C GLU H 387 7.75 -55.89 -45.68
N TYR H 388 7.48 -57.13 -46.01
CA TYR H 388 6.38 -57.84 -45.36
C TYR H 388 6.81 -58.32 -43.99
N ILE H 389 8.02 -58.87 -43.87
CA ILE H 389 8.50 -59.34 -42.58
C ILE H 389 8.56 -58.21 -41.57
N LEU H 390 8.72 -56.98 -42.02
CA LEU H 390 8.94 -55.85 -41.12
C LEU H 390 7.80 -54.85 -41.14
N GLN H 391 6.58 -55.36 -41.28
CA GLN H 391 5.36 -54.58 -41.13
C GLN H 391 5.41 -53.27 -41.90
N LEU H 392 5.60 -53.41 -43.20
CA LEU H 392 5.56 -52.28 -44.11
C LEU H 392 4.64 -52.48 -45.31
N ARG H 393 4.30 -53.72 -45.66
CA ARG H 393 3.28 -53.99 -46.66
C ARG H 393 2.53 -55.23 -46.23
N SER H 394 1.21 -55.22 -46.41
CA SER H 394 0.40 -56.30 -45.87
C SER H 394 0.50 -57.57 -46.72
N ASP H 395 0.38 -57.44 -48.04
CA ASP H 395 0.30 -58.61 -48.91
C ASP H 395 1.67 -59.15 -49.24
N TYR H 396 1.84 -60.45 -49.10
CA TYR H 396 3.09 -61.07 -49.43
C TYR H 396 3.39 -60.84 -50.91
N ALA I 5 62.90 -51.88 31.90
CA ALA I 5 63.54 -51.29 33.07
C ALA I 5 63.23 -49.80 33.13
N GLU I 6 64.13 -49.03 33.74
CA GLU I 6 63.92 -47.59 33.83
C GLU I 6 63.79 -46.95 32.45
N TYR I 7 64.73 -47.24 31.55
CA TYR I 7 64.59 -46.80 30.16
C TYR I 7 64.35 -45.30 30.12
N SER I 8 65.08 -44.58 30.97
CA SER I 8 64.93 -43.14 31.11
C SER I 8 65.41 -42.37 29.88
N ILE I 9 64.50 -42.22 28.93
CA ILE I 9 64.82 -41.67 27.61
C ILE I 9 65.42 -40.28 27.69
N LYS I 10 65.12 -39.52 28.74
CA LYS I 10 65.62 -38.14 28.77
C LYS I 10 67.12 -38.12 28.61
N GLY I 11 67.81 -39.16 29.05
CA GLY I 11 69.26 -39.22 28.90
C GLY I 11 69.64 -39.31 27.43
N TYR I 12 69.07 -40.28 26.73
CA TYR I 12 69.34 -40.43 25.30
C TYR I 12 68.88 -39.22 24.52
N LEU I 13 67.81 -38.58 24.98
CA LEU I 13 67.34 -37.37 24.32
C LEU I 13 68.38 -36.28 24.42
N TYR I 14 68.93 -36.10 25.62
CA TYR I 14 70.02 -35.15 25.80
C TYR I 14 71.20 -35.51 24.92
N GLN I 15 71.48 -36.80 24.81
CA GLN I 15 72.68 -37.22 24.10
C GLN I 15 72.55 -36.95 22.60
N PHE I 16 71.43 -37.36 22.00
CA PHE I 16 71.22 -37.08 20.59
C PHE I 16 71.08 -35.59 20.32
N LEU I 17 70.55 -34.83 21.28
CA LEU I 17 70.41 -33.41 21.05
C LEU I 17 71.76 -32.71 21.06
N LYS I 18 72.63 -33.09 22.01
CA LYS I 18 73.98 -32.59 22.03
C LYS I 18 74.73 -32.97 20.76
N TYR I 19 74.56 -34.20 20.27
CA TYR I 19 75.18 -34.55 19.00
C TYR I 19 74.67 -33.65 17.89
N LEU I 20 73.39 -33.30 17.95
CA LEU I 20 72.82 -32.43 16.94
C LEU I 20 73.47 -31.06 16.99
N SER I 21 73.68 -30.54 18.20
CA SER I 21 74.35 -29.25 18.33
C SER I 21 75.75 -29.33 17.76
N GLU I 22 76.41 -30.47 17.93
CA GLU I 22 77.73 -30.63 17.36
C GLU I 22 77.63 -30.55 15.84
N ILE I 23 76.73 -31.33 15.26
CA ILE I 23 76.66 -31.41 13.81
C ILE I 23 76.37 -30.04 13.23
N LEU I 24 75.43 -29.31 13.82
CA LEU I 24 75.14 -27.98 13.30
C LEU I 24 76.35 -27.07 13.46
N ALA I 25 77.14 -27.30 14.51
CA ALA I 25 78.39 -26.56 14.72
C ALA I 25 79.56 -27.48 14.34
N ALA I 26 79.77 -27.63 13.03
CA ALA I 26 80.85 -28.49 12.56
C ALA I 26 81.53 -27.88 11.34
N GLY I 27 82.81 -28.25 11.18
CA GLY I 27 83.61 -27.80 10.06
C GLY I 27 83.29 -28.54 8.77
N ASP I 28 83.62 -27.89 7.66
CA ASP I 28 83.39 -28.48 6.34
C ASP I 28 84.30 -29.69 6.15
N GLY I 29 83.84 -30.64 5.34
CA GLY I 29 84.61 -31.82 5.05
C GLY I 29 84.93 -32.66 6.28
N ALA I 30 83.98 -32.78 7.20
CA ALA I 30 84.17 -33.57 8.41
C ALA I 30 83.07 -34.61 8.57
N ARG I 31 83.48 -35.82 8.93
CA ARG I 31 82.57 -36.94 9.14
C ARG I 31 82.41 -37.19 10.63
N ILE I 32 81.17 -37.08 11.13
CA ILE I 32 80.85 -37.35 12.52
C ILE I 32 79.85 -38.49 12.56
N THR I 33 80.08 -39.46 13.44
CA THR I 33 79.20 -40.62 13.55
C THR I 33 78.93 -40.90 15.03
N ILE I 34 77.88 -41.68 15.29
CA ILE I 34 77.38 -41.84 16.64
C ILE I 34 77.26 -43.33 16.91
N GLU I 35 77.22 -43.67 18.19
CA GLU I 35 77.12 -45.06 18.63
C GLU I 35 75.71 -45.35 19.13
N GLY I 36 75.12 -46.41 18.60
CA GLY I 36 73.72 -46.69 18.89
C GLY I 36 73.52 -47.23 20.29
N ALA I 37 72.55 -46.67 21.00
CA ALA I 37 72.28 -47.02 22.38
C ALA I 37 71.97 -48.52 22.50
N ILE I 38 72.14 -49.03 23.72
CA ILE I 38 72.03 -50.47 23.94
C ILE I 38 70.59 -50.93 23.89
N GLU I 39 69.66 -50.10 24.38
CA GLU I 39 68.32 -50.61 24.65
C GLU I 39 67.59 -51.07 23.39
N ASP I 40 68.02 -50.64 22.21
CA ASP I 40 67.40 -51.10 20.97
C ASP I 40 67.33 -52.62 20.94
N ILE I 44 71.62 -58.10 18.09
CA ILE I 44 72.91 -58.67 17.71
C ILE I 44 74.05 -57.81 18.23
N ALA I 45 73.69 -56.70 18.88
CA ALA I 45 74.67 -55.76 19.45
C ALA I 45 75.67 -55.33 18.38
N ALA I 46 75.14 -54.88 17.24
CA ALA I 46 75.99 -54.43 16.15
C ALA I 46 76.93 -53.33 16.62
N GLY I 47 78.20 -53.43 16.19
CA GLY I 47 79.22 -52.49 16.60
C GLY I 47 79.89 -52.99 17.86
N LEU I 48 81.21 -53.14 17.86
CA LEU I 48 81.85 -53.71 19.03
C LEU I 48 81.78 -52.76 20.21
N THR I 49 82.12 -51.49 20.00
CA THR I 49 82.15 -50.50 21.07
C THR I 49 81.41 -49.24 20.65
N THR I 50 80.17 -49.44 20.19
CA THR I 50 79.30 -48.38 19.71
C THR I 50 77.99 -48.32 20.51
N ALA I 51 78.00 -48.85 21.73
CA ALA I 51 76.82 -48.91 22.58
C ALA I 51 77.04 -48.12 23.87
N VAL I 52 76.01 -47.41 24.31
CA VAL I 52 76.09 -46.56 25.50
C VAL I 52 74.71 -46.41 26.13
N GLN I 53 74.69 -46.31 27.45
CA GLN I 53 73.49 -46.19 28.26
C GLN I 53 73.67 -45.06 29.26
N CYS I 54 72.57 -44.37 29.57
CA CYS I 54 72.64 -43.11 30.29
C CYS I 54 71.43 -42.94 31.21
N LYS I 55 71.54 -41.95 32.11
CA LYS I 55 70.45 -41.53 32.97
C LYS I 55 70.49 -40.00 33.09
N TYR I 56 69.53 -39.42 33.81
CA TYR I 56 69.41 -37.97 33.88
C TYR I 56 68.81 -37.58 35.22
N HIS I 57 69.27 -36.47 35.80
CA HIS I 57 68.76 -36.04 37.10
C HIS I 57 69.28 -34.65 37.44
N GLU I 58 68.40 -33.71 37.80
CA GLU I 58 68.87 -32.32 37.96
C GLU I 58 68.22 -31.60 39.13
N GLN I 59 68.03 -32.26 40.28
CA GLN I 59 67.32 -31.60 41.37
C GLN I 59 68.22 -31.61 42.60
N ALA I 60 68.95 -30.49 42.77
CA ALA I 60 69.76 -30.22 43.95
C ALA I 60 70.22 -28.76 43.86
N GLU I 61 70.52 -28.17 45.02
CA GLU I 61 71.10 -26.83 45.03
C GLU I 61 72.59 -26.83 44.73
N LYS I 62 73.35 -27.76 45.33
CA LYS I 62 74.78 -27.87 45.08
C LYS I 62 75.17 -29.30 44.78
N TYR I 63 76.34 -29.42 44.14
CA TYR I 63 76.92 -30.68 43.71
C TYR I 63 77.39 -31.54 44.86
N THR I 64 76.65 -32.61 45.15
CA THR I 64 77.04 -33.63 46.11
C THR I 64 76.89 -34.97 45.40
N LEU I 65 77.98 -35.73 45.31
CA LEU I 65 77.89 -37.03 44.66
C LEU I 65 77.04 -38.03 45.42
N GLY I 66 76.84 -37.82 46.73
CA GLY I 66 76.15 -38.82 47.53
C GLY I 66 74.74 -39.10 47.06
N LYS I 67 73.99 -38.04 46.77
CA LYS I 67 72.56 -38.22 46.48
C LYS I 67 72.33 -39.11 45.27
N ILE I 68 73.20 -39.06 44.27
CA ILE I 68 72.99 -39.85 43.05
C ILE I 68 73.65 -41.19 43.27
N TYR I 69 72.93 -42.09 43.95
CA TYR I 69 73.39 -43.46 44.03
C TYR I 69 72.86 -44.30 42.87
N LYS I 70 71.63 -44.04 42.43
CA LYS I 70 70.87 -45.04 41.69
C LYS I 70 71.52 -45.42 40.36
N PRO I 71 71.92 -44.47 39.51
CA PRO I 71 72.41 -44.83 38.17
C PRO I 71 73.57 -45.80 38.20
N ILE I 72 74.46 -45.63 39.18
CA ILE I 72 75.70 -46.38 39.24
C ILE I 72 75.42 -47.86 39.40
N LEU I 73 74.41 -48.20 40.19
CA LEU I 73 74.14 -49.60 40.46
C LEU I 73 73.78 -50.34 39.17
N LEU I 74 72.84 -49.80 38.42
CA LEU I 74 72.41 -50.47 37.21
C LEU I 74 73.52 -50.42 36.17
N MET I 75 74.27 -49.33 36.10
CA MET I 75 75.34 -49.29 35.10
C MET I 75 76.40 -50.35 35.41
N LEU I 76 76.81 -50.47 36.68
CA LEU I 76 77.78 -51.50 37.04
C LEU I 76 77.22 -52.88 36.75
N GLU I 77 75.95 -53.10 37.09
CA GLU I 77 75.32 -54.38 36.77
C GLU I 77 75.33 -54.62 35.27
N HIS I 78 75.12 -53.55 34.50
CA HIS I 78 75.07 -53.64 33.05
C HIS I 78 76.41 -54.09 32.50
N PHE I 79 77.49 -53.52 33.06
CA PHE I 79 78.83 -54.00 32.73
C PHE I 79 78.99 -55.45 33.15
N SER I 80 78.39 -55.82 34.27
CA SER I 80 78.48 -57.18 34.78
C SER I 80 77.88 -58.17 33.80
N LYS I 81 76.74 -57.82 33.21
CA LYS I 81 75.93 -58.78 32.47
C LYS I 81 76.67 -59.34 31.28
N ASN I 82 77.38 -58.50 30.55
CA ASN I 82 78.00 -58.94 29.30
C ASN I 82 79.23 -58.09 29.00
N SER I 83 80.10 -58.67 28.18
CA SER I 83 81.33 -58.05 27.75
C SER I 83 81.36 -57.97 26.22
N GLY I 84 82.03 -56.95 25.71
CA GLY I 84 82.17 -56.75 24.28
C GLY I 84 82.56 -58.02 23.55
N VAL I 89 80.32 -50.53 23.93
CA VAL I 89 80.14 -51.20 25.22
C VAL I 89 80.41 -50.21 26.32
N SER I 90 80.56 -48.94 25.94
CA SER I 90 80.87 -47.89 26.88
C SER I 90 79.65 -47.54 27.72
N TYR I 91 79.85 -46.71 28.71
CA TYR I 91 78.77 -46.21 29.55
C TYR I 91 79.01 -44.72 29.84
N ARG I 92 77.93 -43.96 29.95
CA ARG I 92 78.01 -42.53 30.18
C ARG I 92 76.86 -42.09 31.07
N LEU I 93 76.78 -40.78 31.30
CA LEU I 93 75.76 -40.17 32.12
C LEU I 93 75.76 -38.67 31.89
N PHE I 94 74.62 -38.04 32.13
CA PHE I 94 74.48 -36.59 32.07
C PHE I 94 73.55 -36.14 33.19
N CYS I 95 73.96 -35.14 33.95
CA CYS I 95 73.15 -34.56 35.01
C CYS I 95 73.45 -33.07 35.13
N HIS I 96 72.53 -32.33 35.74
CA HIS I 96 72.68 -30.88 35.89
C HIS I 96 72.43 -30.45 37.32
N PHE I 97 73.48 -29.97 38.00
CA PHE I 97 73.38 -29.26 39.27
C PHE I 97 74.08 -27.92 39.18
N PRO I 98 73.67 -26.95 39.99
CA PRO I 98 74.31 -25.63 39.95
C PRO I 98 75.76 -25.73 40.38
N GLY I 99 76.62 -24.98 39.69
CA GLY I 99 78.01 -24.90 40.10
C GLY I 99 78.93 -25.97 39.55
N GLU I 100 78.49 -26.79 38.60
CA GLU I 100 79.32 -27.86 38.09
C GLU I 100 79.40 -27.78 36.58
N SER I 101 80.60 -28.03 36.05
CA SER I 101 80.86 -28.19 34.64
C SER I 101 81.86 -29.32 34.45
N GLY I 102 81.99 -29.77 33.21
CA GLY I 102 83.03 -30.72 32.85
C GLY I 102 82.79 -32.16 33.30
N THR I 103 83.90 -32.88 33.37
CA THR I 103 83.94 -34.29 33.76
C THR I 103 84.65 -34.41 35.10
N LYS I 104 84.10 -35.27 35.97
CA LYS I 104 84.68 -35.50 37.29
C LYS I 104 84.93 -36.99 37.50
N ALA I 105 86.19 -37.35 37.71
CA ALA I 105 86.59 -38.73 37.89
C ALA I 105 86.51 -39.08 39.37
N LEU I 106 85.62 -40.01 39.72
CA LEU I 106 85.57 -40.50 41.09
C LEU I 106 86.78 -41.35 41.41
N THR I 107 87.04 -41.55 42.71
CA THR I 107 88.17 -42.37 43.10
C THR I 107 87.65 -43.78 43.39
N LYS I 108 88.58 -44.68 43.75
CA LYS I 108 88.18 -46.05 44.07
C LYS I 108 87.41 -46.15 45.37
N ASP I 109 87.89 -45.49 46.42
CA ASP I 109 87.15 -45.48 47.68
C ASP I 109 85.78 -44.82 47.52
N ASP I 110 85.69 -43.78 46.70
CA ASP I 110 84.41 -43.14 46.47
C ASP I 110 83.44 -44.05 45.75
N LEU I 111 83.92 -44.81 44.77
CA LEU I 111 83.00 -45.72 44.10
C LEU I 111 82.64 -46.85 45.04
N GLU I 112 83.55 -47.28 45.90
CA GLU I 112 83.21 -48.34 46.84
C GLU I 112 82.14 -47.84 47.79
N THR I 113 82.24 -46.56 48.18
CA THR I 113 81.21 -45.99 49.04
C THR I 113 79.87 -46.04 48.33
N VAL I 114 79.89 -45.86 47.00
CA VAL I 114 78.65 -46.06 46.25
C VAL I 114 78.28 -47.54 46.30
N LEU I 115 79.30 -48.41 46.22
CA LEU I 115 79.09 -49.84 46.43
C LEU I 115 78.58 -50.08 47.83
N SER I 116 79.12 -49.34 48.80
CA SER I 116 78.75 -49.53 50.18
C SER I 116 77.24 -49.52 50.34
N THR I 117 76.76 -50.34 51.28
CA THR I 117 75.35 -50.37 51.65
C THR I 117 75.10 -49.24 52.64
N LYS I 118 74.99 -48.04 52.08
CA LYS I 118 74.74 -46.87 52.92
C LYS I 118 73.30 -46.88 53.41
N GLY I 119 72.40 -47.48 52.63
CA GLY I 119 71.01 -47.57 52.99
C GLY I 119 70.51 -49.00 52.81
N GLU I 120 69.33 -49.25 53.37
CA GLU I 120 68.74 -50.58 53.32
C GLU I 120 68.44 -51.05 51.90
N VAL I 121 67.95 -50.15 51.04
CA VAL I 121 67.77 -50.52 49.64
C VAL I 121 69.08 -50.99 49.03
N LEU I 122 70.15 -50.23 49.24
CA LEU I 122 71.43 -50.61 48.66
C LEU I 122 71.92 -51.94 49.18
N ARG I 123 71.75 -52.22 50.47
CA ARG I 123 72.15 -53.55 50.92
C ARG I 123 71.34 -54.60 50.20
N ALA I 124 70.07 -54.32 49.94
CA ALA I 124 69.28 -55.28 49.17
C ALA I 124 69.85 -55.45 47.76
N ILE I 125 70.24 -54.35 47.12
CA ILE I 125 70.61 -54.43 45.70
C ILE I 125 71.97 -55.07 45.51
N VAL I 126 72.92 -54.77 46.40
CA VAL I 126 74.31 -55.23 46.19
C VAL I 126 74.36 -56.74 45.99
N ALA I 127 73.50 -57.47 46.70
CA ALA I 127 73.50 -58.93 46.57
C ALA I 127 73.25 -59.37 45.14
N ARG I 128 72.54 -58.57 44.34
CA ARG I 128 72.22 -59.02 43.00
C ARG I 128 73.46 -59.00 42.13
N ILE I 129 74.33 -58.00 42.32
CA ILE I 129 75.56 -57.90 41.55
C ILE I 129 76.52 -58.97 42.02
N ASP I 130 77.30 -59.52 41.07
CA ASP I 130 78.23 -60.59 41.39
C ASP I 130 79.36 -60.11 42.30
N THR I 131 80.00 -61.08 42.96
CA THR I 131 81.09 -60.78 43.88
C THR I 131 82.35 -60.38 43.14
N SER I 132 82.63 -61.06 42.02
CA SER I 132 83.86 -60.83 41.27
C SER I 132 83.52 -59.90 40.11
N VAL I 133 84.08 -58.70 40.16
CA VAL I 133 83.74 -57.63 39.22
C VAL I 133 84.89 -56.65 39.22
N ASP I 134 85.10 -55.99 38.08
CA ASP I 134 86.14 -55.00 37.97
C ASP I 134 85.64 -53.64 38.42
N TYR I 135 86.53 -52.89 39.06
CA TYR I 135 86.26 -51.56 39.57
C TYR I 135 87.20 -50.52 38.99
N GLU I 136 88.51 -50.76 39.05
CA GLU I 136 89.46 -49.82 38.47
C GLU I 136 89.39 -49.86 36.95
N ALA I 137 89.41 -51.06 36.36
CA ALA I 137 89.17 -51.19 34.94
C ALA I 137 87.79 -50.65 34.57
N PHE I 138 86.82 -50.85 35.46
CA PHE I 138 85.49 -50.31 35.22
C PHE I 138 85.52 -48.79 35.11
N LEU I 139 86.21 -48.13 36.03
CA LEU I 139 86.28 -46.67 35.98
C LEU I 139 87.02 -46.22 34.73
N ASP I 140 88.12 -46.88 34.38
CA ASP I 140 88.77 -46.56 33.11
C ASP I 140 87.79 -46.73 31.96
N ARG I 141 86.87 -47.67 32.09
CA ARG I 141 85.88 -47.96 31.06
C ARG I 141 84.65 -47.08 31.13
N PHE I 142 84.34 -46.49 32.29
CA PHE I 142 83.16 -45.66 32.47
C PHE I 142 83.59 -44.29 32.96
N ALA I 143 83.07 -43.25 32.29
CA ALA I 143 83.23 -41.87 32.69
C ALA I 143 81.87 -41.21 32.89
N ILE I 144 81.90 -40.05 33.53
CA ILE I 144 80.69 -39.28 33.86
C ILE I 144 80.83 -37.87 33.30
N GLU I 145 79.72 -37.33 32.78
CA GLU I 145 79.67 -36.04 32.12
C GLU I 145 78.58 -35.19 32.76
N PHE I 146 78.84 -33.89 32.91
CA PHE I 146 77.85 -32.99 33.45
C PHE I 146 77.06 -32.31 32.33
N GLY I 147 75.90 -31.76 32.70
CA GLY I 147 75.08 -31.02 31.78
C GLY I 147 74.37 -29.82 32.40
N PRO I 148 73.88 -28.91 31.56
CA PRO I 148 73.07 -27.80 32.06
C PRO I 148 71.58 -28.13 32.05
N SER I 149 70.73 -27.14 32.31
CA SER I 149 69.29 -27.37 32.26
C SER I 149 68.87 -27.78 30.84
N ALA I 150 67.99 -28.77 30.75
CA ALA I 150 67.63 -29.35 29.45
C ALA I 150 66.84 -28.38 28.59
N GLU I 151 65.87 -27.67 29.18
CA GLU I 151 65.03 -26.79 28.38
C GLU I 151 65.85 -25.70 27.72
N ASP I 152 66.83 -25.16 28.44
CA ASP I 152 67.73 -24.18 27.86
C ASP I 152 68.51 -24.77 26.69
N LEU I 153 68.81 -26.07 26.76
CA LEU I 153 69.54 -26.73 25.70
C LEU I 153 68.68 -26.86 24.45
N GLN I 154 67.45 -27.33 24.63
CA GLN I 154 66.52 -27.42 23.51
C GLN I 154 66.30 -26.03 22.90
N VAL I 155 66.29 -25.00 23.74
CA VAL I 155 66.17 -23.65 23.21
C VAL I 155 67.41 -23.29 22.42
N ALA I 156 68.58 -23.73 22.89
CA ALA I 156 69.82 -23.37 22.21
C ALA I 156 69.84 -23.97 20.82
N VAL I 157 69.33 -25.19 20.68
CA VAL I 157 69.32 -25.83 19.36
C VAL I 157 68.50 -25.01 18.38
N LEU I 158 67.32 -24.57 18.82
CA LEU I 158 66.44 -23.83 17.93
C LEU I 158 67.00 -22.45 17.63
N ALA I 159 67.60 -21.81 18.63
CA ALA I 159 68.24 -20.51 18.40
C ALA I 159 69.38 -20.66 17.42
N SER I 160 70.14 -21.74 17.51
CA SER I 160 71.23 -21.96 16.57
C SER I 160 70.69 -22.11 15.15
N LEU I 161 69.62 -22.91 14.99
CA LEU I 161 69.06 -23.06 13.65
C LEU I 161 68.53 -21.73 13.12
N LYS I 162 67.94 -20.90 13.99
CA LYS I 162 67.54 -19.57 13.55
C LYS I 162 68.77 -18.81 13.05
N ASP I 163 69.86 -18.88 13.81
CA ASP I 163 71.08 -18.17 13.43
C ASP I 163 71.58 -18.68 12.09
N LYS I 164 71.39 -19.95 11.83
CA LYS I 164 71.82 -20.55 10.58
C LYS I 164 71.12 -19.87 9.40
N GLY I 165 69.84 -19.55 9.57
CA GLY I 165 69.01 -19.00 8.51
C GLY I 165 68.01 -19.98 7.94
N PHE I 166 66.79 -19.85 8.46
CA PHE I 166 65.60 -20.55 7.97
C PHE I 166 64.39 -19.64 8.19
N ASP I 167 63.31 -19.97 7.50
CA ASP I 167 62.06 -19.29 7.74
C ASP I 167 61.65 -19.47 9.20
N PRO I 168 61.34 -18.40 9.93
CA PRO I 168 61.07 -18.57 11.37
C PRO I 168 59.91 -19.50 11.67
N ASP I 169 58.80 -19.39 10.93
CA ASP I 169 57.64 -20.23 11.23
C ASP I 169 57.90 -21.69 10.88
N ASP I 170 58.61 -21.94 9.79
CA ASP I 170 58.79 -23.31 9.31
C ASP I 170 59.68 -24.13 10.23
N ILE I 171 60.59 -23.48 10.96
CA ILE I 171 61.56 -24.19 11.78
C ILE I 171 60.85 -25.09 12.80
N ASP I 172 60.07 -24.48 13.69
CA ASP I 172 59.55 -25.22 14.84
C ASP I 172 58.66 -26.38 14.41
N ALA I 173 57.88 -26.19 13.35
CA ALA I 173 56.80 -27.12 13.03
C ALA I 173 57.32 -28.37 12.35
N VAL I 174 58.20 -28.22 11.36
CA VAL I 174 58.54 -29.28 10.44
C VAL I 174 60.03 -29.60 10.45
N ILE I 175 60.90 -28.59 10.46
CA ILE I 175 62.31 -28.82 10.18
C ILE I 175 62.97 -29.59 11.31
N PHE I 176 62.71 -29.18 12.55
CA PHE I 176 63.49 -29.70 13.67
C PHE I 176 63.10 -31.13 14.04
N PRO I 177 61.83 -31.49 14.17
CA PRO I 177 61.50 -32.89 14.45
C PRO I 177 61.95 -33.86 13.37
N ASN I 178 61.73 -33.51 12.11
CA ASN I 178 62.22 -34.36 11.02
C ASN I 178 63.73 -34.45 11.06
N ALA I 179 64.40 -33.40 11.51
CA ALA I 179 65.85 -33.43 11.57
C ALA I 179 66.34 -34.39 12.64
N ILE I 180 65.78 -34.29 13.86
CA ILE I 180 66.15 -35.23 14.91
C ILE I 180 65.75 -36.65 14.57
N GLN I 181 64.73 -36.83 13.73
CA GLN I 181 64.32 -38.18 13.36
C GLN I 181 65.44 -38.93 12.67
N ARG I 182 66.22 -38.24 11.84
CA ARG I 182 67.31 -38.91 11.16
C ARG I 182 68.37 -39.35 12.15
N ILE I 183 68.64 -38.54 13.17
CA ILE I 183 69.59 -38.96 14.19
C ILE I 183 69.09 -40.22 14.84
N VAL I 184 67.80 -40.27 15.17
CA VAL I 184 67.28 -41.44 15.86
C VAL I 184 67.26 -42.66 14.95
N ASP I 185 67.11 -42.47 13.64
CA ASP I 185 67.19 -43.60 12.72
C ASP I 185 68.61 -44.13 12.63
N LEU I 186 69.58 -43.23 12.55
CA LEU I 186 70.97 -43.64 12.41
C LEU I 186 71.41 -44.38 13.65
N ALA I 187 71.13 -43.79 14.82
CA ALA I 187 71.54 -44.40 16.08
C ALA I 187 71.14 -45.87 16.13
N THR I 188 69.93 -46.20 15.67
CA THR I 188 69.44 -47.57 15.68
C THR I 188 68.97 -47.95 14.29
N ARG I 189 69.59 -48.97 13.71
CA ARG I 189 69.12 -49.56 12.46
C ARG I 189 69.79 -50.91 12.24
N SER I 190 69.14 -51.75 11.41
CA SER I 190 69.66 -53.06 11.00
C SER I 190 69.63 -53.11 9.47
N ASP I 191 70.66 -52.55 8.85
CA ASP I 191 70.80 -52.52 7.40
C ASP I 191 72.27 -52.27 7.09
N VAL I 192 72.63 -52.37 5.82
CA VAL I 192 74.02 -52.12 5.40
C VAL I 192 74.10 -50.71 4.84
N ASN I 193 74.75 -49.81 5.59
CA ASN I 193 74.97 -48.44 5.17
C ASN I 193 75.91 -47.79 6.19
N ASP I 194 76.33 -46.56 5.90
CA ASP I 194 77.28 -45.86 6.75
C ASP I 194 76.61 -45.30 7.99
N ARG I 195 77.44 -44.97 8.98
CA ARG I 195 76.98 -44.48 10.28
C ARG I 195 77.45 -43.06 10.57
N THR I 196 77.89 -42.32 9.56
CA THR I 196 78.47 -41.00 9.77
C THR I 196 77.70 -39.96 8.95
N VAL I 197 77.65 -38.73 9.48
CA VAL I 197 76.93 -37.63 8.85
C VAL I 197 77.87 -36.45 8.63
N GLU I 198 77.92 -35.97 7.40
CA GLU I 198 78.62 -34.75 7.03
C GLU I 198 77.62 -33.63 6.94
N PRO I 199 77.88 -32.44 7.50
CA PRO I 199 76.83 -31.39 7.49
C PRO I 199 76.38 -30.98 6.10
N LYS I 200 77.28 -30.95 5.11
CA LYS I 200 76.91 -30.41 3.80
C LYS I 200 75.84 -31.26 3.13
N THR I 201 76.03 -32.57 3.10
CA THR I 201 75.01 -33.43 2.53
C THR I 201 73.80 -33.54 3.44
N PHE I 202 74.01 -33.42 4.75
CA PHE I 202 72.90 -33.57 5.70
C PHE I 202 71.86 -32.47 5.51
N LEU I 203 72.30 -31.21 5.40
CA LEU I 203 71.37 -30.09 5.43
C LEU I 203 70.46 -30.04 4.19
N ALA I 204 71.02 -30.29 3.00
CA ALA I 204 70.23 -30.17 1.78
C ALA I 204 69.06 -31.15 1.77
N GLY I 205 69.30 -32.35 2.29
CA GLY I 205 68.25 -33.35 2.33
C GLY I 205 67.04 -32.86 3.08
N LEU I 206 67.28 -32.28 4.26
CA LEU I 206 66.17 -31.77 5.05
C LEU I 206 65.54 -30.56 4.41
N ARG I 207 66.32 -29.70 3.75
CA ARG I 207 65.72 -28.52 3.17
C ARG I 207 64.84 -28.83 1.97
N GLU I 208 65.12 -29.92 1.24
CA GLU I 208 64.36 -30.16 0.03
C GLU I 208 63.02 -30.83 0.30
N VAL I 209 62.93 -31.71 1.30
CA VAL I 209 61.77 -32.58 1.49
C VAL I 209 60.86 -31.99 2.56
N ARG I 210 59.55 -32.04 2.31
CA ARG I 210 58.55 -31.55 3.25
C ARG I 210 57.58 -32.64 3.68
N ARG I 211 57.57 -32.96 4.97
CA ARG I 211 56.69 -33.94 5.58
C ARG I 211 56.82 -33.76 7.09
N VAL I 212 55.89 -34.36 7.83
CA VAL I 212 55.83 -34.26 9.29
C VAL I 212 55.92 -35.64 9.91
N THR I 213 56.40 -35.70 11.15
CA THR I 213 56.65 -36.96 11.84
C THR I 213 56.18 -36.90 13.29
N PHE I 214 55.43 -37.93 13.69
CA PHE I 214 54.98 -38.12 15.06
C PHE I 214 55.41 -39.50 15.52
N THR I 215 56.27 -39.58 16.53
CA THR I 215 56.74 -40.88 17.01
C THR I 215 57.16 -40.74 18.47
N ARG I 216 57.58 -41.87 19.06
CA ARG I 216 57.78 -41.92 20.50
C ARG I 216 58.70 -40.81 20.98
N TRP I 217 59.87 -40.66 20.35
CA TRP I 217 60.81 -39.66 20.83
C TRP I 217 60.31 -38.25 20.54
N THR I 218 59.71 -38.05 19.38
CA THR I 218 59.22 -36.72 19.02
C THR I 218 58.19 -36.20 20.02
N ARG I 219 57.37 -37.08 20.56
CA ARG I 219 56.36 -36.67 21.53
C ARG I 219 56.98 -35.94 22.72
N GLU I 220 58.01 -36.54 23.33
CA GLU I 220 58.67 -35.96 24.51
C GLU I 220 59.74 -34.92 24.14
N LEU I 221 59.27 -33.75 23.72
CA LEU I 221 60.10 -32.60 23.40
C LEU I 221 59.49 -31.34 24.00
N ALA I 222 60.21 -30.24 23.83
CA ALA I 222 59.81 -28.96 24.39
C ALA I 222 58.64 -28.38 23.62
N THR I 223 58.63 -28.55 22.31
CA THR I 223 57.66 -27.88 21.44
C THR I 223 56.53 -28.81 21.03
N LYS I 224 56.08 -29.65 21.96
CA LYS I 224 55.09 -30.67 21.65
C LYS I 224 53.77 -30.04 21.21
N GLY I 225 53.23 -29.19 22.08
CA GLY I 225 51.95 -28.55 21.79
C GLY I 225 51.99 -27.70 20.55
N ARG I 226 53.10 -26.99 20.35
CA ARG I 226 53.24 -26.13 19.19
C ARG I 226 53.30 -26.91 17.88
N MET I 227 53.52 -28.22 17.94
CA MET I 227 53.67 -29.01 16.72
C MET I 227 52.33 -29.39 16.14
N PHE I 228 51.41 -29.86 16.98
CA PHE I 228 50.14 -30.34 16.49
C PHE I 228 49.31 -29.21 15.89
N SER I 229 49.09 -28.16 16.68
CA SER I 229 48.18 -27.10 16.28
C SER I 229 48.61 -26.47 14.96
N SER I 230 49.90 -26.28 14.77
CA SER I 230 50.38 -25.63 13.55
C SER I 230 49.96 -26.41 12.32
N LEU I 231 49.94 -27.73 12.42
CA LEU I 231 49.47 -28.55 11.32
C LEU I 231 47.96 -28.53 11.24
N ARG I 232 47.28 -28.78 12.36
CA ARG I 232 45.82 -28.74 12.41
C ARG I 232 45.28 -27.52 11.69
N LYS I 233 45.94 -26.38 11.88
CA LYS I 233 45.45 -25.12 11.33
C LYS I 233 45.57 -25.05 9.82
N SER I 234 46.40 -25.90 9.22
CA SER I 234 46.60 -25.85 7.78
C SER I 234 45.47 -26.54 7.05
N LEU I 235 44.99 -27.65 7.59
CA LEU I 235 44.00 -28.50 6.97
C LEU I 235 42.57 -28.02 7.18
N ARG I 236 42.36 -26.96 7.94
CA ARG I 236 41.00 -26.50 8.20
C ARG I 236 40.30 -26.06 6.93
N SER I 237 40.99 -25.29 6.11
CA SER I 237 40.37 -24.78 4.88
C SER I 237 39.86 -25.92 4.01
N CYS I 238 40.57 -27.04 4.01
CA CYS I 238 40.21 -28.15 3.15
C CYS I 238 38.99 -28.88 3.67
N LEU I 239 38.97 -29.20 4.95
CA LEU I 239 37.95 -30.05 5.52
C LEU I 239 36.61 -29.34 5.73
N ALA I 240 36.56 -28.03 5.54
CA ALA I 240 35.30 -27.31 5.67
C ALA I 240 34.32 -27.69 4.57
N HIS I 241 34.81 -27.96 3.37
CA HIS I 241 33.96 -28.20 2.23
C HIS I 241 33.11 -29.45 2.39
N ASN I 242 31.91 -29.40 1.82
CA ASN I 242 30.99 -30.53 1.83
C ASN I 242 31.39 -31.59 0.81
N SER I 243 31.67 -31.15 -0.41
CA SER I 243 31.94 -32.02 -1.55
C SER I 243 33.38 -31.81 -1.98
N ARG I 244 34.20 -32.84 -1.80
CA ARG I 244 35.49 -32.86 -2.47
C ARG I 244 36.15 -34.21 -2.31
N TRP I 245 37.04 -34.51 -3.27
CA TRP I 245 37.64 -35.82 -3.39
C TRP I 245 38.79 -35.95 -2.41
N ARG I 246 38.79 -37.00 -1.62
CA ARG I 246 39.87 -37.26 -0.68
C ARG I 246 40.33 -38.69 -0.79
N VAL I 247 41.63 -38.90 -0.70
CA VAL I 247 42.24 -40.20 -0.92
C VAL I 247 43.27 -40.43 0.18
N PHE I 248 43.27 -41.64 0.71
CA PHE I 248 44.11 -42.05 1.82
C PHE I 248 44.94 -43.26 1.40
N VAL I 249 46.19 -43.31 1.86
CA VAL I 249 47.05 -44.46 1.63
C VAL I 249 47.77 -44.76 2.94
N ILE I 250 47.46 -45.91 3.53
CA ILE I 250 47.99 -46.33 4.82
C ILE I 250 48.88 -47.56 4.64
N ASN I 251 49.99 -47.57 5.36
CA ASN I 251 50.87 -48.74 5.44
C ASN I 251 50.90 -49.25 6.88
N PRO I 252 50.33 -50.41 7.17
CA PRO I 252 49.99 -50.76 8.55
C PRO I 252 51.06 -51.51 9.34
N LEU I 253 52.26 -51.69 8.79
CA LEU I 253 53.28 -52.45 9.52
C LEU I 253 53.58 -51.80 10.85
N THR I 254 53.90 -50.50 10.84
CA THR I 254 54.45 -49.86 12.03
C THR I 254 53.36 -49.53 13.04
N ILE I 255 52.18 -49.13 12.58
CA ILE I 255 51.14 -48.64 13.47
C ILE I 255 50.72 -49.73 14.43
N GLU I 256 50.43 -49.33 15.66
CA GLU I 256 50.12 -50.24 16.73
C GLU I 256 48.61 -50.46 16.82
N ASN I 257 48.21 -51.71 16.97
CA ASN I 257 46.82 -52.06 17.19
C ASN I 257 45.96 -51.56 16.02
N PHE I 258 46.43 -51.83 14.81
CA PHE I 258 45.76 -51.34 13.60
C PHE I 258 44.39 -51.97 13.44
N ASP I 259 44.32 -53.31 13.55
CA ASP I 259 43.11 -54.04 13.25
C ASP I 259 41.92 -53.51 14.03
N ASP I 260 42.16 -53.03 15.25
CA ASP I 260 41.10 -52.62 16.14
C ASP I 260 40.79 -51.13 16.00
N ASP I 261 41.80 -50.31 15.77
CA ASP I 261 41.62 -48.87 15.79
C ASP I 261 41.12 -48.34 14.46
N ILE I 262 41.41 -49.06 13.37
CA ILE I 262 41.07 -48.58 12.04
C ILE I 262 39.56 -48.39 11.93
N VAL I 263 38.80 -49.31 12.52
CA VAL I 263 37.34 -49.23 12.46
C VAL I 263 36.86 -47.97 13.16
N ARG I 264 37.40 -47.70 14.35
CA ARG I 264 37.08 -46.49 15.08
C ARG I 264 37.32 -45.25 14.23
N PHE I 265 38.50 -45.20 13.60
CA PHE I 265 38.85 -44.05 12.79
C PHE I 265 37.89 -43.87 11.61
N ILE I 266 37.53 -44.97 10.94
CA ILE I 266 36.65 -44.88 9.79
C ILE I 266 35.27 -44.43 10.20
N LYS I 267 34.75 -44.98 11.29
CA LYS I 267 33.42 -44.59 11.73
C LYS I 267 33.39 -43.12 12.09
N ALA I 268 34.44 -42.62 12.73
CA ALA I 268 34.50 -41.20 13.05
C ALA I 268 34.51 -40.35 11.79
N PHE I 269 35.37 -40.72 10.84
CA PHE I 269 35.51 -39.91 9.64
C PHE I 269 34.22 -39.89 8.84
N VAL I 270 33.51 -41.02 8.77
CA VAL I 270 32.26 -41.05 8.04
C VAL I 270 31.18 -40.27 8.77
N GLN I 271 31.12 -40.40 10.09
CA GLN I 271 30.06 -39.73 10.82
C GLN I 271 30.24 -38.23 10.80
N ARG I 272 31.47 -37.75 10.63
CA ARG I 272 31.69 -36.32 10.54
C ARG I 272 31.71 -35.78 9.12
N TYR I 273 32.05 -36.59 8.13
CA TYR I 273 32.27 -36.09 6.79
C TYR I 273 31.55 -36.83 5.67
N SER I 274 30.79 -37.88 5.95
CA SER I 274 30.03 -38.55 4.91
C SER I 274 28.66 -38.99 5.39
N SER I 275 27.97 -38.16 6.15
CA SER I 275 26.64 -38.47 6.64
C SER I 275 25.68 -37.31 6.42
N LYS I 276 25.64 -36.84 5.17
CA LYS I 276 24.86 -35.67 4.82
C LYS I 276 24.49 -35.72 3.35
N TYR I 277 23.41 -35.05 3.01
CA TYR I 277 22.86 -35.07 1.67
C TYR I 277 23.68 -34.24 0.69
N LEU I 278 24.44 -33.28 1.20
CA LEU I 278 25.32 -32.47 0.38
C LEU I 278 26.72 -33.05 0.27
N HIS I 279 26.92 -34.26 0.77
CA HIS I 279 28.21 -34.94 0.74
C HIS I 279 28.22 -35.95 -0.42
N SER I 280 28.39 -35.40 -1.62
CA SER I 280 28.17 -36.17 -2.85
C SER I 280 29.25 -37.21 -3.09
N ASN I 281 30.53 -36.84 -2.94
CA ASN I 281 31.62 -37.74 -3.24
C ASN I 281 32.20 -38.34 -1.97
N PRO I 282 32.01 -39.64 -1.71
CA PRO I 282 32.60 -40.24 -0.54
C PRO I 282 34.10 -40.40 -0.69
N PRO I 283 34.80 -40.74 0.38
CA PRO I 283 36.24 -40.94 0.32
C PRO I 283 36.66 -42.35 -0.08
N LEU I 284 37.97 -42.49 -0.28
CA LEU I 284 38.60 -43.74 -0.66
C LEU I 284 39.72 -44.06 0.30
N PHE I 285 39.82 -45.32 0.68
CA PHE I 285 40.91 -45.83 1.47
C PHE I 285 41.62 -46.93 0.69
N MET I 286 42.94 -46.83 0.60
CA MET I 286 43.77 -47.81 -0.07
C MET I 286 44.86 -48.25 0.88
N LEU I 287 44.94 -49.55 1.15
CA LEU I 287 45.90 -50.12 2.06
C LEU I 287 46.95 -50.91 1.29
N THR I 288 48.21 -50.68 1.62
CA THR I 288 49.34 -51.34 0.99
C THR I 288 49.87 -52.40 1.94
N GLY I 289 50.10 -53.58 1.42
CA GLY I 289 50.53 -54.68 2.25
C GLY I 289 49.97 -55.99 1.73
N ASP I 290 49.89 -56.95 2.65
CA ASP I 290 49.30 -58.26 2.40
C ASP I 290 48.02 -58.45 3.21
N TYR I 291 47.21 -57.39 3.30
CA TYR I 291 46.04 -57.38 4.15
C TYR I 291 44.87 -58.15 3.55
N ASP I 292 44.00 -58.64 4.43
CA ASP I 292 42.76 -59.31 4.08
C ASP I 292 41.62 -58.36 4.36
N LEU I 293 40.89 -57.95 3.33
CA LEU I 293 39.91 -56.89 3.49
C LEU I 293 38.57 -57.39 3.98
N SER I 294 38.23 -58.65 3.67
CA SER I 294 36.92 -59.17 3.97
C SER I 294 36.54 -59.00 5.43
N VAL I 295 37.51 -59.15 6.33
CA VAL I 295 37.20 -59.07 7.76
C VAL I 295 36.77 -57.65 8.12
N LEU I 296 37.56 -56.67 7.69
CA LEU I 296 37.22 -55.28 7.96
C LEU I 296 35.88 -54.92 7.34
N GLN I 297 35.62 -55.42 6.13
CA GLN I 297 34.35 -55.14 5.47
C GLN I 297 33.19 -55.68 6.28
N LYS I 298 33.32 -56.91 6.79
CA LYS I 298 32.25 -57.49 7.58
C LYS I 298 32.06 -56.73 8.88
N ARG I 299 33.15 -56.29 9.49
CA ARG I 299 33.02 -55.56 10.75
C ARG I 299 32.35 -54.22 10.53
N LEU I 300 32.66 -53.55 9.42
CA LEU I 300 31.99 -52.30 9.11
C LEU I 300 30.53 -52.54 8.78
N TYR I 301 30.21 -53.69 8.20
CA TYR I 301 28.81 -54.04 7.97
C TYR I 301 28.07 -54.16 9.29
N ASP I 302 28.66 -54.87 10.24
CA ASP I 302 28.05 -54.96 11.57
C ASP I 302 27.93 -53.59 12.20
N ALA I 303 28.88 -52.70 11.92
CA ALA I 303 28.84 -51.36 12.51
C ALA I 303 27.62 -50.58 12.01
N GLY I 304 27.29 -50.70 10.73
CA GLY I 304 26.17 -49.97 10.20
C GLY I 304 26.40 -49.42 8.80
N LEU I 305 27.64 -49.45 8.33
CA LEU I 305 28.02 -48.83 7.08
C LEU I 305 28.03 -49.84 5.94
N ARG I 306 28.17 -49.31 4.73
CA ARG I 306 28.20 -50.11 3.52
C ARG I 306 29.26 -49.56 2.59
N CYS I 307 30.01 -50.46 1.96
CA CYS I 307 31.20 -50.12 1.21
C CYS I 307 31.01 -50.39 -0.28
N GLU I 308 31.90 -49.82 -1.08
CA GLU I 308 31.93 -49.98 -2.53
C GLU I 308 33.27 -50.57 -2.94
N THR I 309 33.31 -51.87 -3.21
CA THR I 309 34.58 -52.54 -3.43
C THR I 309 35.12 -52.31 -4.82
N GLY I 310 34.28 -52.43 -5.84
CA GLY I 310 34.71 -52.30 -7.22
C GLY I 310 34.66 -53.57 -8.02
N LYS I 311 34.20 -54.66 -7.45
CA LYS I 311 34.33 -55.99 -8.03
C LYS I 311 32.97 -56.53 -8.41
N VAL I 312 32.83 -56.91 -9.67
CA VAL I 312 31.67 -57.65 -10.12
C VAL I 312 32.14 -59.07 -10.41
N GLY I 313 32.17 -59.90 -9.37
CA GLY I 313 32.69 -61.25 -9.47
C GLY I 313 33.90 -61.55 -8.61
N GLY I 314 34.28 -60.61 -7.76
CA GLY I 314 35.32 -60.88 -6.76
C GLY I 314 36.59 -61.44 -7.33
N THR I 315 36.98 -61.02 -8.53
CA THR I 315 38.28 -61.36 -9.09
C THR I 315 39.18 -60.16 -9.25
N ASP I 316 38.75 -59.13 -9.99
CA ASP I 316 39.60 -57.99 -10.28
C ASP I 316 38.73 -56.75 -10.43
N VAL I 317 39.38 -55.61 -10.27
CA VAL I 317 38.71 -54.33 -10.07
C VAL I 317 38.43 -53.61 -11.37
N ILE I 318 37.31 -52.89 -11.38
CA ILE I 318 36.88 -52.06 -12.49
C ILE I 318 36.86 -50.63 -12.00
N ILE I 319 37.49 -49.73 -12.75
CA ILE I 319 37.74 -48.39 -12.25
C ILE I 319 36.47 -47.56 -12.35
N LYS I 320 35.70 -47.75 -13.41
CA LYS I 320 34.49 -46.97 -13.61
C LYS I 320 33.47 -47.23 -12.52
N GLU I 321 33.42 -48.45 -11.99
CA GLU I 321 32.47 -48.78 -10.94
C GLU I 321 32.92 -48.28 -9.58
N LEU I 322 34.22 -48.16 -9.36
CA LEU I 322 34.72 -47.71 -8.06
C LEU I 322 34.55 -46.22 -7.85
N PHE I 323 34.53 -45.45 -8.94
CA PHE I 323 34.53 -44.00 -8.88
C PHE I 323 33.17 -43.40 -9.24
N ARG I 324 32.10 -44.16 -9.12
CA ARG I 324 30.80 -43.68 -9.52
C ARG I 324 30.16 -42.85 -8.41
N ARG I 325 29.02 -42.28 -8.73
CA ARG I 325 28.24 -41.44 -7.84
C ARG I 325 27.05 -42.21 -7.30
N PRO I 326 26.79 -42.15 -6.00
CA PRO I 326 25.68 -42.91 -5.42
C PRO I 326 24.34 -42.21 -5.48
N ILE I 327 23.29 -43.05 -5.41
CA ILE I 327 21.94 -42.54 -5.28
C ILE I 327 21.75 -41.96 -3.89
N LEU I 328 21.13 -40.80 -3.81
CA LEU I 328 20.81 -40.18 -2.54
C LEU I 328 19.35 -39.77 -2.47
N ILE I 329 18.68 -40.15 -1.40
CA ILE I 329 17.31 -39.74 -1.12
C ILE I 329 17.29 -38.83 0.09
N ARG I 330 16.47 -37.79 0.02
CA ARG I 330 16.54 -36.70 0.98
C ARG I 330 15.79 -36.99 2.27
N ASN I 331 14.49 -37.17 2.17
CA ASN I 331 13.64 -37.43 3.34
C ASN I 331 12.72 -38.60 3.04
N PRO I 332 12.93 -39.77 3.62
CA PRO I 332 13.97 -40.16 4.57
C PRO I 332 15.33 -40.38 3.93
N PHE I 333 16.38 -40.09 4.69
CA PHE I 333 17.73 -40.03 4.15
C PHE I 333 18.33 -41.42 4.05
N ARG I 334 18.98 -41.70 2.92
CA ARG I 334 19.72 -42.93 2.73
C ARG I 334 20.86 -42.67 1.78
N MET I 335 21.88 -43.53 1.87
CA MET I 335 23.02 -43.51 1.00
C MET I 335 23.22 -44.90 0.45
N GLU I 336 23.38 -45.01 -0.87
CA GLU I 336 23.75 -46.28 -1.47
C GLU I 336 25.04 -46.82 -0.89
N PHE I 337 26.05 -45.97 -0.76
CA PHE I 337 27.26 -46.35 -0.06
C PHE I 337 27.91 -45.11 0.53
N SER I 338 28.56 -45.30 1.66
CA SER I 338 29.20 -44.22 2.38
C SER I 338 30.71 -44.20 2.29
N LEU I 339 31.34 -45.20 1.68
CA LEU I 339 32.78 -45.16 1.54
C LEU I 339 33.23 -46.04 0.39
N ARG I 340 34.54 -45.99 0.11
CA ARG I 340 35.18 -46.76 -0.95
C ARG I 340 36.41 -47.42 -0.37
N LEU I 341 36.61 -48.69 -0.68
CA LEU I 341 37.69 -49.48 -0.13
C LEU I 341 38.33 -50.33 -1.21
N ALA I 342 39.66 -50.47 -1.14
CA ALA I 342 40.40 -51.20 -2.16
C ALA I 342 41.82 -51.42 -1.68
N LYS I 343 42.55 -52.23 -2.45
CA LYS I 343 43.96 -52.49 -2.24
C LYS I 343 44.73 -51.83 -3.37
N ARG I 344 45.90 -51.29 -3.05
CA ARG I 344 46.59 -50.45 -4.01
C ARG I 344 47.08 -51.27 -5.19
N ASP I 345 47.79 -52.36 -4.92
CA ASP I 345 48.33 -53.20 -5.99
C ASP I 345 47.28 -53.48 -7.05
N GLU I 346 46.11 -53.97 -6.63
CA GLU I 346 45.10 -54.40 -7.59
C GLU I 346 44.70 -53.27 -8.53
N VAL I 347 44.58 -52.05 -8.00
CA VAL I 347 44.14 -50.94 -8.82
C VAL I 347 45.18 -50.64 -9.88
N ILE I 348 44.71 -50.40 -11.10
CA ILE I 348 45.57 -50.01 -12.21
C ILE I 348 44.88 -48.89 -12.95
N GLY I 349 45.66 -47.88 -13.31
CA GLY I 349 45.11 -46.72 -13.97
C GLY I 349 44.84 -45.60 -12.98
N GLY I 350 44.24 -44.54 -13.52
CA GLY I 350 43.90 -43.39 -12.75
C GLY I 350 42.50 -42.91 -13.04
N PRO I 351 41.94 -42.12 -12.12
CA PRO I 351 40.61 -41.55 -12.36
C PRO I 351 40.66 -40.46 -13.42
N GLN I 352 39.47 -40.17 -13.94
CA GLN I 352 39.34 -39.10 -14.94
C GLN I 352 39.63 -37.74 -14.32
N ARG I 353 39.26 -37.54 -13.06
CA ARG I 353 39.47 -36.29 -12.38
C ARG I 353 40.50 -36.48 -11.28
N ARG I 354 41.33 -35.48 -11.11
CA ARG I 354 42.45 -35.57 -10.20
C ARG I 354 42.00 -35.33 -8.76
N PRO I 355 42.64 -35.97 -7.79
CA PRO I 355 42.28 -35.70 -6.40
C PRO I 355 42.63 -34.30 -5.98
N ASP I 356 41.70 -33.70 -5.24
CA ASP I 356 41.96 -32.42 -4.60
C ASP I 356 42.94 -32.54 -3.44
N GLU I 357 42.93 -33.67 -2.74
CA GLU I 357 43.85 -33.92 -1.65
C GLU I 357 44.27 -35.39 -1.71
N LEU I 358 45.47 -35.65 -1.19
CA LEU I 358 45.96 -37.02 -1.02
C LEU I 358 46.76 -37.10 0.25
N PHE I 359 46.37 -38.01 1.13
CA PHE I 359 46.98 -38.18 2.43
C PHE I 359 47.79 -39.46 2.42
N LEU I 360 49.11 -39.31 2.49
CA LEU I 360 50.02 -40.44 2.52
C LEU I 360 50.47 -40.64 3.95
N ILE I 361 50.19 -41.81 4.50
CA ILE I 361 50.53 -42.16 5.87
C ILE I 361 51.51 -43.31 5.83
N ASN I 362 52.74 -43.05 6.25
CA ASN I 362 53.79 -44.07 6.29
C ASN I 362 54.12 -44.58 4.89
N VAL I 363 54.27 -43.66 3.93
CA VAL I 363 54.49 -44.02 2.54
C VAL I 363 55.41 -43.00 1.89
N ALA I 364 56.32 -43.48 1.05
CA ALA I 364 57.36 -42.66 0.45
C ALA I 364 56.88 -41.96 -0.82
N ASP I 365 56.33 -42.73 -1.76
CA ASP I 365 55.96 -42.18 -3.05
C ASP I 365 54.72 -42.89 -3.57
N ASP I 366 54.02 -42.23 -4.48
CA ASP I 366 52.87 -42.80 -5.15
C ASP I 366 52.77 -42.21 -6.54
N GLU I 367 52.12 -42.95 -7.44
CA GLU I 367 52.10 -42.60 -8.84
C GLU I 367 50.97 -41.64 -9.19
N TRP I 368 50.08 -41.37 -8.24
CA TRP I 368 49.00 -40.42 -8.48
C TRP I 368 49.43 -38.99 -8.26
N LYS I 369 50.63 -38.77 -7.72
CA LYS I 369 51.12 -37.43 -7.47
C LYS I 369 51.21 -36.63 -8.76
N HIS I 370 51.14 -35.32 -8.61
CA HIS I 370 51.17 -34.40 -9.73
C HIS I 370 51.36 -33.01 -9.15
N GLU I 371 51.41 -32.00 -10.02
CA GLU I 371 51.67 -30.64 -9.58
C GLU I 371 50.41 -29.95 -9.08
N ASP I 372 49.29 -30.23 -9.74
CA ASP I 372 48.00 -29.63 -9.42
C ASP I 372 47.21 -30.43 -8.39
N VAL I 373 47.89 -31.23 -7.58
CA VAL I 373 47.28 -32.06 -6.55
C VAL I 373 48.04 -31.78 -5.27
N ASN I 374 47.31 -31.54 -4.19
CA ASN I 374 47.94 -31.38 -2.89
C ASN I 374 48.36 -32.72 -2.32
N VAL I 375 49.43 -32.70 -1.54
CA VAL I 375 50.00 -33.90 -0.95
C VAL I 375 50.47 -33.56 0.45
N HIS I 376 49.85 -34.19 1.44
CA HIS I 376 50.26 -34.06 2.82
C HIS I 376 50.75 -35.40 3.32
N GLY I 377 51.88 -35.39 4.02
CA GLY I 377 52.51 -36.61 4.45
C GLY I 377 52.73 -36.62 5.95
N PHE I 378 52.74 -37.83 6.50
CA PHE I 378 52.85 -38.04 7.93
C PHE I 378 53.66 -39.30 8.18
N LYS I 379 54.14 -39.43 9.41
CA LYS I 379 54.74 -40.66 9.90
C LYS I 379 54.28 -40.86 11.33
N ILE I 380 53.43 -41.86 11.55
CA ILE I 380 52.72 -42.01 12.81
C ILE I 380 52.93 -43.40 13.37
N GLU I 381 52.82 -43.49 14.69
CA GLU I 381 52.92 -44.74 15.43
C GLU I 381 51.62 -45.08 16.14
N ARG I 382 50.77 -44.09 16.39
CA ARG I 382 49.43 -44.27 16.91
C ARG I 382 48.48 -43.49 16.01
N LEU I 383 47.29 -44.03 15.79
CA LEU I 383 46.31 -43.36 14.95
C LEU I 383 45.61 -42.20 15.66
N SER I 384 45.63 -42.15 16.99
CA SER I 384 44.93 -41.08 17.68
C SER I 384 45.45 -39.71 17.27
N ASP I 385 46.74 -39.61 16.96
CA ASP I 385 47.30 -38.32 16.60
C ASP I 385 46.69 -37.80 15.32
N LEU I 386 46.19 -38.69 14.47
CA LEU I 386 45.54 -38.26 13.25
C LEU I 386 44.11 -37.88 13.53
N GLU I 387 43.44 -38.63 14.42
CA GLU I 387 42.11 -38.25 14.85
C GLU I 387 42.13 -36.83 15.39
N TYR I 388 43.18 -36.48 16.13
CA TYR I 388 43.30 -35.10 16.61
C TYR I 388 43.60 -34.14 15.47
N ILE I 389 44.43 -34.56 14.52
CA ILE I 389 44.82 -33.64 13.47
C ILE I 389 43.63 -33.28 12.59
N LEU I 390 42.66 -34.19 12.46
CA LEU I 390 41.52 -33.98 11.61
C LEU I 390 40.26 -33.58 12.37
N GLN I 391 40.41 -33.09 13.60
CA GLN I 391 39.33 -32.53 14.40
C GLN I 391 38.33 -33.56 14.89
N LEU I 392 38.71 -34.84 14.94
CA LEU I 392 37.76 -35.85 15.37
C LEU I 392 37.70 -35.96 16.88
N ARG I 393 38.79 -35.63 17.58
CA ARG I 393 38.83 -35.67 19.04
C ARG I 393 39.55 -34.46 19.57
N SER I 394 39.23 -34.11 20.81
CA SER I 394 39.60 -32.80 21.37
C SER I 394 41.03 -32.78 21.91
N ASP I 395 41.48 -33.87 22.53
CA ASP I 395 42.77 -33.87 23.21
C ASP I 395 43.58 -35.09 22.81
N TYR I 396 44.88 -35.01 23.09
CA TYR I 396 45.85 -36.02 22.74
C TYR I 396 46.69 -36.38 23.95
N ALA I 397 46.74 -37.66 24.28
CA ALA I 397 47.54 -38.14 25.40
C ALA I 397 47.22 -37.39 26.68
N ALA J 222 3.40 -82.10 -31.80
CA ALA J 222 2.43 -83.14 -31.54
C ALA J 222 1.60 -82.81 -30.31
N THR J 223 1.36 -83.82 -29.46
CA THR J 223 0.57 -83.60 -28.26
C THR J 223 1.25 -82.67 -27.29
N LYS J 224 2.57 -82.60 -27.30
CA LYS J 224 3.27 -81.75 -26.34
C LYS J 224 2.89 -80.28 -26.46
N GLY J 225 2.53 -79.82 -27.66
CA GLY J 225 2.18 -78.42 -27.82
C GLY J 225 1.01 -78.01 -26.94
N ARG J 226 0.03 -78.91 -26.78
CA ARG J 226 -1.18 -78.58 -26.03
C ARG J 226 -0.85 -78.28 -24.58
N MET J 227 0.02 -79.06 -23.97
CA MET J 227 0.34 -78.86 -22.56
C MET J 227 0.88 -77.46 -22.34
N PHE J 228 1.82 -77.05 -23.19
CA PHE J 228 2.43 -75.74 -23.04
C PHE J 228 1.41 -74.64 -23.32
N SER J 229 0.58 -74.84 -24.34
CA SER J 229 -0.46 -73.86 -24.62
C SER J 229 -1.39 -73.70 -23.41
N SER J 230 -1.64 -74.77 -22.68
CA SER J 230 -2.51 -74.67 -21.50
C SER J 230 -1.80 -73.93 -20.38
N LEU J 231 -0.56 -74.30 -20.11
CA LEU J 231 0.20 -73.59 -19.08
C LEU J 231 0.24 -72.11 -19.36
N ARG J 232 0.47 -71.74 -20.62
CA ARG J 232 0.55 -70.34 -20.97
C ARG J 232 -0.68 -69.57 -20.52
N LYS J 233 -1.83 -70.24 -20.46
CA LYS J 233 -3.07 -69.58 -20.11
C LYS J 233 -3.34 -69.65 -18.63
N SER J 234 -2.86 -70.71 -17.97
CA SER J 234 -3.02 -70.81 -16.53
C SER J 234 -2.32 -69.68 -15.80
N LEU J 235 -1.19 -69.20 -16.32
CA LEU J 235 -0.29 -68.31 -15.60
C LEU J 235 -0.46 -66.85 -15.98
N ARG J 236 -1.57 -66.49 -16.60
CA ARG J 236 -1.74 -65.13 -17.10
C ARG J 236 -2.05 -64.16 -15.97
N SER J 237 -2.97 -64.52 -15.09
CA SER J 237 -3.35 -63.62 -14.00
C SER J 237 -2.16 -63.35 -13.08
N CYS J 238 -1.35 -64.37 -12.80
CA CYS J 238 -0.20 -64.20 -11.92
C CYS J 238 0.78 -63.17 -12.47
N LEU J 239 1.02 -63.19 -13.77
CA LEU J 239 2.00 -62.32 -14.39
C LEU J 239 1.46 -60.96 -14.77
N ALA J 240 0.19 -60.68 -14.52
CA ALA J 240 -0.33 -59.34 -14.74
C ALA J 240 0.07 -58.42 -13.60
N HIS J 241 0.03 -58.92 -12.38
CA HIS J 241 0.29 -58.12 -11.19
C HIS J 241 1.66 -57.45 -11.29
N ASN J 242 1.71 -56.19 -10.88
CA ASN J 242 2.96 -55.44 -10.96
C ASN J 242 3.94 -55.88 -9.89
N SER J 243 3.47 -56.05 -8.66
CA SER J 243 4.32 -56.31 -7.51
C SER J 243 4.01 -57.70 -6.99
N ARG J 244 5.01 -58.57 -7.00
CA ARG J 244 4.84 -59.90 -6.46
C ARG J 244 6.21 -60.54 -6.28
N TRP J 245 6.31 -61.44 -5.31
CA TRP J 245 7.56 -62.11 -4.96
C TRP J 245 7.63 -63.43 -5.71
N ARG J 246 8.41 -63.46 -6.78
CA ARG J 246 8.59 -64.63 -7.62
C ARG J 246 9.98 -65.24 -7.45
N VAL J 247 10.03 -66.56 -7.34
CA VAL J 247 11.26 -67.31 -7.15
C VAL J 247 11.38 -68.37 -8.23
N PHE J 248 12.61 -68.66 -8.62
CA PHE J 248 12.92 -69.60 -9.69
C PHE J 248 14.02 -70.54 -9.25
N VAL J 249 13.86 -71.83 -9.56
CA VAL J 249 14.92 -72.82 -9.41
C VAL J 249 15.13 -73.52 -10.75
N ILE J 250 16.39 -73.73 -11.10
CA ILE J 250 16.78 -74.32 -12.37
C ILE J 250 17.92 -75.28 -12.17
N ASN J 251 17.85 -76.42 -12.86
CA ASN J 251 18.97 -77.34 -12.94
C ASN J 251 19.49 -77.37 -14.37
N PRO J 252 20.75 -77.00 -14.62
CA PRO J 252 21.21 -76.90 -16.01
C PRO J 252 21.67 -78.20 -16.62
N LEU J 253 22.00 -79.21 -15.83
CA LEU J 253 22.57 -80.43 -16.39
C LEU J 253 21.67 -81.05 -17.44
N THR J 254 20.36 -80.90 -17.30
CA THR J 254 19.40 -81.55 -18.18
C THR J 254 18.79 -80.60 -19.22
N ILE J 255 19.50 -79.55 -19.59
CA ILE J 255 19.02 -78.60 -20.58
C ILE J 255 20.11 -78.40 -21.62
N GLU J 256 19.70 -78.30 -22.87
CA GLU J 256 20.64 -78.15 -23.97
C GLU J 256 20.86 -76.68 -24.26
N ASN J 257 22.12 -76.33 -24.49
CA ASN J 257 22.51 -74.99 -24.89
C ASN J 257 21.98 -73.95 -23.90
N PHE J 258 22.52 -74.06 -22.68
CA PHE J 258 22.09 -73.23 -21.55
C PHE J 258 22.98 -72.00 -21.40
N ASP J 259 24.29 -72.24 -21.37
CA ASP J 259 25.26 -71.15 -21.28
C ASP J 259 24.97 -70.06 -22.32
N ASP J 260 24.47 -70.46 -23.47
CA ASP J 260 24.26 -69.51 -24.56
C ASP J 260 22.95 -68.74 -24.41
N ASP J 261 21.96 -69.33 -23.77
CA ASP J 261 20.61 -68.76 -23.74
C ASP J 261 20.30 -67.98 -22.48
N ILE J 262 20.93 -68.35 -21.37
CA ILE J 262 20.56 -67.83 -20.05
C ILE J 262 20.46 -66.32 -20.06
N VAL J 263 21.44 -65.65 -20.66
CA VAL J 263 21.53 -64.20 -20.53
C VAL J 263 20.37 -63.53 -21.27
N ARG J 264 20.10 -63.96 -22.50
CA ARG J 264 18.97 -63.43 -23.23
C ARG J 264 17.67 -63.70 -22.49
N PHE J 265 17.54 -64.87 -21.90
CA PHE J 265 16.36 -65.20 -21.11
C PHE J 265 16.17 -64.18 -19.99
N ILE J 266 17.23 -63.92 -19.22
CA ILE J 266 17.12 -63.04 -18.07
C ILE J 266 16.81 -61.62 -18.50
N LYS J 267 17.42 -61.17 -19.60
CA LYS J 267 17.19 -59.81 -20.05
C LYS J 267 15.76 -59.64 -20.55
N ALA J 268 15.27 -60.59 -21.34
CA ALA J 268 13.89 -60.55 -21.78
C ALA J 268 12.94 -60.56 -20.61
N PHE J 269 13.27 -61.26 -19.52
CA PHE J 269 12.39 -61.25 -18.36
C PHE J 269 12.42 -59.89 -17.67
N VAL J 270 13.60 -59.32 -17.51
CA VAL J 270 13.71 -58.04 -16.81
C VAL J 270 12.96 -56.95 -17.56
N GLN J 271 13.03 -56.94 -18.90
CA GLN J 271 12.40 -55.86 -19.64
C GLN J 271 10.92 -55.77 -19.33
N ARG J 272 10.23 -56.91 -19.30
CA ARG J 272 8.78 -56.89 -19.18
C ARG J 272 8.33 -56.69 -17.75
N TYR J 273 9.01 -57.29 -16.78
CA TYR J 273 8.54 -57.33 -15.40
C TYR J 273 9.40 -56.62 -14.38
N SER J 274 10.53 -56.04 -14.77
CA SER J 274 11.34 -55.25 -13.84
C SER J 274 11.98 -54.06 -14.54
N SER J 275 11.18 -53.31 -15.29
CA SER J 275 11.66 -52.11 -15.94
C SER J 275 10.67 -50.97 -15.79
N LYS J 276 10.05 -50.86 -14.63
CA LYS J 276 9.17 -49.74 -14.34
C LYS J 276 9.29 -49.39 -12.86
N TYR J 277 8.60 -48.31 -12.49
CA TYR J 277 8.61 -47.86 -11.10
C TYR J 277 7.60 -48.60 -10.25
N LEU J 278 6.58 -49.19 -10.86
CA LEU J 278 5.58 -49.94 -10.13
C LEU J 278 5.97 -51.38 -9.93
N HIS J 279 7.14 -51.78 -10.42
CA HIS J 279 7.66 -53.12 -10.25
C HIS J 279 8.57 -53.16 -9.04
N SER J 280 7.98 -53.47 -7.88
CA SER J 280 8.65 -53.26 -6.61
C SER J 280 9.72 -54.31 -6.33
N ASN J 281 9.33 -55.59 -6.29
CA ASN J 281 10.22 -56.65 -5.85
C ASN J 281 10.92 -57.30 -7.03
N PRO J 282 12.23 -57.18 -7.17
CA PRO J 282 12.95 -57.93 -8.20
C PRO J 282 12.93 -59.41 -7.94
N PRO J 283 13.02 -60.23 -8.99
CA PRO J 283 12.96 -61.67 -8.84
C PRO J 283 14.29 -62.30 -8.43
N LEU J 284 14.21 -63.58 -8.10
CA LEU J 284 15.33 -64.35 -7.55
C LEU J 284 15.57 -65.58 -8.40
N PHE J 285 16.80 -65.75 -8.86
CA PHE J 285 17.21 -66.89 -9.66
C PHE J 285 18.18 -67.71 -8.84
N MET J 286 17.84 -68.97 -8.60
CA MET J 286 18.64 -69.88 -7.78
C MET J 286 18.99 -71.08 -8.63
N LEU J 287 20.28 -71.31 -8.84
CA LEU J 287 20.74 -72.45 -9.59
C LEU J 287 21.07 -73.62 -8.66
N THR J 288 21.23 -74.79 -9.28
CA THR J 288 21.42 -76.04 -8.56
C THR J 288 22.54 -76.83 -9.24
N GLY J 289 23.58 -77.13 -8.50
CA GLY J 289 24.73 -77.80 -9.04
C GLY J 289 26.05 -77.17 -8.67
N ASP J 290 27.03 -77.27 -9.57
CA ASP J 290 28.37 -76.75 -9.34
C ASP J 290 28.71 -75.62 -10.31
N TYR J 291 27.71 -74.80 -10.63
CA TYR J 291 27.90 -73.80 -11.67
C TYR J 291 28.75 -72.64 -11.14
N ASP J 292 29.37 -71.93 -12.07
CA ASP J 292 30.24 -70.80 -11.76
C ASP J 292 29.50 -69.49 -11.95
N LEU J 293 29.17 -68.81 -10.86
CA LEU J 293 28.44 -67.55 -10.97
C LEU J 293 29.33 -66.40 -11.43
N SER J 294 30.63 -66.45 -11.10
CA SER J 294 31.50 -65.32 -11.36
C SER J 294 31.47 -64.90 -12.82
N VAL J 295 31.30 -65.86 -13.73
CA VAL J 295 31.31 -65.54 -15.16
C VAL J 295 29.99 -64.90 -15.58
N LEU J 296 28.90 -65.42 -15.06
CA LEU J 296 27.59 -64.92 -15.44
C LEU J 296 27.40 -63.51 -14.91
N GLN J 297 27.91 -63.24 -13.71
CA GLN J 297 27.75 -61.93 -13.10
C GLN J 297 28.51 -60.86 -13.86
N LYS J 298 29.52 -61.26 -14.63
CA LYS J 298 30.29 -60.35 -15.45
C LYS J 298 29.62 -60.18 -16.80
N ARG J 299 29.10 -61.27 -17.35
CA ARG J 299 28.38 -61.17 -18.62
C ARG J 299 27.17 -60.28 -18.48
N LEU J 300 26.48 -60.35 -17.34
CA LEU J 300 25.31 -59.50 -17.14
C LEU J 300 25.70 -58.03 -17.08
N TYR J 301 26.80 -57.72 -16.41
CA TYR J 301 27.30 -56.35 -16.40
C TYR J 301 27.67 -55.88 -17.80
N ASP J 302 28.36 -56.73 -18.56
CA ASP J 302 28.64 -56.38 -19.95
C ASP J 302 27.36 -56.12 -20.72
N ALA J 303 26.27 -56.79 -20.36
CA ALA J 303 25.00 -56.59 -21.04
C ALA J 303 24.29 -55.31 -20.58
N GLY J 304 24.50 -54.90 -19.34
CA GLY J 304 23.89 -53.67 -18.86
C GLY J 304 23.03 -53.82 -17.63
N LEU J 305 23.30 -54.81 -16.79
CA LEU J 305 22.48 -55.11 -15.65
C LEU J 305 23.34 -55.23 -14.40
N ARG J 306 22.71 -54.91 -13.26
CA ARG J 306 23.32 -55.02 -11.95
C ARG J 306 22.52 -55.99 -11.10
N CYS J 307 23.21 -56.74 -10.25
CA CYS J 307 22.62 -57.85 -9.53
C CYS J 307 22.98 -57.77 -8.06
N GLU J 308 22.16 -58.42 -7.25
CA GLU J 308 22.39 -58.53 -5.81
C GLU J 308 22.65 -59.98 -5.45
N THR J 309 23.80 -60.25 -4.86
CA THR J 309 24.22 -61.59 -4.52
C THR J 309 24.12 -61.92 -3.05
N GLY J 310 24.17 -60.92 -2.18
CA GLY J 310 24.14 -61.12 -0.76
C GLY J 310 25.49 -61.28 -0.12
N LYS J 311 26.55 -61.35 -0.91
CA LYS J 311 27.88 -61.50 -0.37
C LYS J 311 28.46 -60.17 0.05
N VAL J 312 29.13 -60.14 1.19
CA VAL J 312 29.78 -58.94 1.69
C VAL J 312 31.26 -59.28 1.85
N GLY J 313 32.01 -59.13 0.76
CA GLY J 313 33.41 -59.51 0.80
C GLY J 313 33.61 -61.01 0.78
N GLY J 314 33.16 -61.65 1.84
CA GLY J 314 33.47 -63.03 2.09
C GLY J 314 32.59 -63.99 1.32
N THR J 315 32.93 -65.27 1.43
CA THR J 315 32.23 -66.32 0.71
C THR J 315 30.83 -66.57 1.27
N ASP J 316 30.57 -66.15 2.50
CA ASP J 316 29.30 -66.44 3.14
C ASP J 316 28.19 -65.56 2.60
N VAL J 317 26.98 -66.09 2.63
CA VAL J 317 25.79 -65.46 2.06
C VAL J 317 24.89 -65.05 3.22
N ILE J 318 24.32 -63.85 3.14
CA ILE J 318 23.48 -63.33 4.20
C ILE J 318 22.05 -63.20 3.70
N ILE J 319 21.10 -63.61 4.54
CA ILE J 319 19.70 -63.67 4.13
C ILE J 319 19.11 -62.28 4.03
N LYS J 320 19.50 -61.38 4.93
CA LYS J 320 18.89 -60.06 4.98
C LYS J 320 19.21 -59.26 3.72
N GLU J 321 20.47 -59.29 3.27
CA GLU J 321 20.88 -58.41 2.19
C GLU J 321 20.29 -58.84 0.86
N LEU J 322 19.98 -60.12 0.71
CA LEU J 322 19.41 -60.61 -0.53
C LEU J 322 17.94 -60.24 -0.64
N PHE J 323 17.19 -60.44 0.44
CA PHE J 323 15.78 -60.11 0.46
C PHE J 323 15.59 -58.69 0.98
N ARG J 324 16.14 -57.76 0.22
CA ARG J 324 16.18 -56.35 0.55
C ARG J 324 15.45 -55.52 -0.49
N ARG J 325 14.77 -54.50 -0.05
CA ARG J 325 14.09 -53.62 -0.97
C ARG J 325 15.09 -52.65 -1.59
N PRO J 326 14.93 -52.31 -2.86
CA PRO J 326 15.87 -51.40 -3.50
C PRO J 326 15.40 -49.95 -3.51
N ILE J 327 16.36 -49.04 -3.63
CA ILE J 327 16.05 -47.64 -3.86
C ILE J 327 15.46 -47.49 -5.26
N LEU J 328 14.32 -46.82 -5.34
CA LEU J 328 13.70 -46.51 -6.61
C LEU J 328 13.39 -45.02 -6.66
N ILE J 329 13.95 -44.35 -7.66
CA ILE J 329 13.66 -42.95 -7.95
C ILE J 329 12.77 -42.92 -9.17
N ARG J 330 11.68 -42.16 -9.09
CA ARG J 330 10.69 -42.15 -10.16
C ARG J 330 11.16 -41.33 -11.35
N ASN J 331 11.21 -40.02 -11.20
CA ASN J 331 11.66 -39.12 -12.27
C ASN J 331 12.91 -38.40 -11.86
N PRO J 332 14.06 -38.67 -12.48
CA PRO J 332 14.35 -39.70 -13.49
C PRO J 332 14.40 -41.10 -12.92
N PHE J 333 14.23 -42.09 -13.78
CA PHE J 333 14.04 -43.47 -13.35
C PHE J 333 15.39 -44.17 -13.21
N ARG J 334 15.64 -44.72 -12.03
CA ARG J 334 16.86 -45.44 -11.75
C ARG J 334 16.57 -46.46 -10.66
N MET J 335 17.25 -47.59 -10.74
CA MET J 335 17.01 -48.72 -9.84
C MET J 335 18.34 -49.23 -9.31
N GLU J 336 18.43 -49.39 -7.99
CA GLU J 336 19.62 -49.95 -7.39
C GLU J 336 19.99 -51.29 -7.99
N PHE J 337 19.00 -52.18 -8.15
CA PHE J 337 19.26 -53.41 -8.87
C PHE J 337 17.97 -53.95 -9.47
N SER J 338 18.13 -54.76 -10.51
CA SER J 338 17.03 -55.36 -11.24
C SER J 338 16.81 -56.83 -10.93
N LEU J 339 17.82 -57.56 -10.48
CA LEU J 339 17.72 -59.00 -10.34
C LEU J 339 18.49 -59.49 -9.12
N ARG J 340 18.21 -60.73 -8.72
CA ARG J 340 18.87 -61.39 -7.61
C ARG J 340 19.35 -62.76 -8.04
N LEU J 341 20.58 -63.09 -7.72
CA LEU J 341 21.23 -64.31 -8.17
C LEU J 341 21.88 -65.02 -6.99
N ALA J 342 21.81 -66.34 -6.99
CA ALA J 342 22.34 -67.11 -5.88
C ALA J 342 22.55 -68.55 -6.31
N LYS J 343 23.35 -69.26 -5.52
CA LYS J 343 23.55 -70.69 -5.65
C LYS J 343 22.86 -71.35 -4.46
N ARG J 344 22.02 -72.34 -4.73
CA ARG J 344 21.12 -72.89 -3.71
C ARG J 344 21.87 -73.33 -2.45
N ASP J 345 22.88 -74.19 -2.62
CA ASP J 345 23.53 -74.81 -1.47
C ASP J 345 24.12 -73.77 -0.55
N GLU J 346 24.63 -72.67 -1.09
CA GLU J 346 25.23 -71.64 -0.26
C GLU J 346 24.18 -70.91 0.56
N VAL J 347 22.94 -70.90 0.11
CA VAL J 347 21.85 -70.22 0.79
C VAL J 347 21.28 -71.18 1.82
N ILE J 348 21.42 -70.84 3.10
CA ILE J 348 20.86 -71.63 4.18
C ILE J 348 19.88 -70.75 4.94
N GLY J 349 18.71 -71.29 5.20
CA GLY J 349 17.73 -70.66 6.03
C GLY J 349 16.43 -70.55 5.30
N GLY J 350 15.62 -69.59 5.72
CA GLY J 350 14.38 -69.29 5.07
C GLY J 350 14.12 -67.81 5.02
N PRO J 351 13.12 -67.41 4.26
CA PRO J 351 12.80 -65.99 4.16
C PRO J 351 11.82 -65.54 5.22
N GLN J 352 11.50 -64.24 5.21
CA GLN J 352 10.52 -63.70 6.14
C GLN J 352 9.11 -63.95 5.65
N ARG J 353 8.85 -63.74 4.38
CA ARG J 353 7.54 -63.94 3.78
C ARG J 353 7.64 -65.05 2.74
N ARG J 354 6.83 -66.07 2.91
CA ARG J 354 6.86 -67.18 1.98
C ARG J 354 6.46 -66.71 0.60
N PRO J 355 7.12 -67.17 -0.45
CA PRO J 355 6.91 -66.57 -1.78
C PRO J 355 5.49 -66.75 -2.28
N ASP J 356 5.14 -65.87 -3.21
CA ASP J 356 3.83 -65.89 -3.85
C ASP J 356 3.80 -66.91 -4.98
N GLU J 357 4.93 -67.13 -5.64
CA GLU J 357 5.05 -68.16 -6.65
C GLU J 357 6.43 -68.76 -6.59
N LEU J 358 6.52 -70.06 -6.82
CA LEU J 358 7.77 -70.78 -6.90
C LEU J 358 7.76 -71.63 -8.15
N PHE J 359 8.82 -71.54 -8.93
CA PHE J 359 8.91 -72.24 -10.21
C PHE J 359 10.01 -73.26 -10.13
N LEU J 360 9.66 -74.51 -10.38
CA LEU J 360 10.60 -75.63 -10.33
C LEU J 360 10.81 -76.12 -11.75
N ILE J 361 12.03 -75.95 -12.26
CA ILE J 361 12.37 -76.32 -13.64
C ILE J 361 13.39 -77.44 -13.56
N ASN J 362 12.93 -78.66 -13.76
CA ASN J 362 13.72 -79.88 -13.72
C ASN J 362 14.25 -80.17 -12.32
N VAL J 363 13.49 -79.80 -11.30
CA VAL J 363 13.82 -80.12 -9.92
C VAL J 363 12.63 -80.86 -9.34
N ALA J 364 12.92 -81.90 -8.56
CA ALA J 364 11.87 -82.72 -7.99
C ALA J 364 11.32 -82.13 -6.70
N ASP J 365 12.18 -81.86 -5.73
CA ASP J 365 11.76 -81.36 -4.45
C ASP J 365 12.66 -80.24 -3.97
N ASP J 366 12.07 -79.32 -3.21
CA ASP J 366 12.77 -78.22 -2.57
C ASP J 366 12.12 -77.92 -1.24
N GLU J 367 12.91 -77.37 -0.32
CA GLU J 367 12.47 -77.26 1.06
C GLU J 367 11.29 -76.31 1.18
N TRP J 368 11.31 -75.22 0.43
CA TRP J 368 10.30 -74.18 0.56
C TRP J 368 8.93 -74.61 0.08
N LYS J 369 8.77 -75.82 -0.43
CA LYS J 369 7.45 -76.30 -0.83
C LYS J 369 6.52 -76.33 0.38
N HIS J 370 5.41 -75.63 0.28
CA HIS J 370 4.49 -75.49 1.41
C HIS J 370 3.09 -75.41 0.86
N GLU J 371 2.12 -75.53 1.75
CA GLU J 371 0.72 -75.64 1.36
C GLU J 371 0.06 -74.29 1.16
N ASP J 372 0.79 -73.20 1.30
CA ASP J 372 0.28 -71.85 1.08
C ASP J 372 1.06 -71.11 0.01
N VAL J 373 1.83 -71.84 -0.79
CA VAL J 373 2.64 -71.27 -1.85
C VAL J 373 2.20 -71.88 -3.18
N ASN J 374 2.02 -71.03 -4.18
CA ASN J 374 1.51 -71.44 -5.48
C ASN J 374 2.64 -72.03 -6.29
N VAL J 375 2.86 -73.31 -6.12
CA VAL J 375 3.92 -74.02 -6.81
C VAL J 375 3.51 -74.34 -8.24
N HIS J 376 4.52 -74.44 -9.10
CA HIS J 376 4.35 -74.84 -10.49
C HIS J 376 5.56 -75.66 -10.89
N GLY J 377 5.34 -76.91 -11.25
CA GLY J 377 6.42 -77.80 -11.66
C GLY J 377 6.30 -78.14 -13.15
N PHE J 378 7.40 -77.97 -13.86
CA PHE J 378 7.46 -78.22 -15.28
C PHE J 378 8.52 -79.27 -15.60
N LYS J 379 8.74 -79.49 -16.89
CA LYS J 379 9.88 -80.21 -17.41
C LYS J 379 10.18 -79.70 -18.81
N ILE J 380 11.41 -79.27 -19.04
CA ILE J 380 11.78 -78.59 -20.27
C ILE J 380 12.98 -79.25 -20.93
N GLU J 381 13.10 -79.00 -22.23
CA GLU J 381 14.20 -79.45 -23.06
C GLU J 381 15.11 -78.31 -23.46
N ARG J 382 14.55 -77.16 -23.82
CA ARG J 382 15.31 -75.99 -24.21
C ARG J 382 14.64 -74.75 -23.63
N LEU J 383 15.44 -73.72 -23.40
CA LEU J 383 14.93 -72.54 -22.72
C LEU J 383 13.92 -71.78 -23.56
N SER J 384 13.99 -71.91 -24.88
CA SER J 384 13.01 -71.24 -25.74
C SER J 384 11.59 -71.66 -25.41
N ASP J 385 11.40 -72.86 -24.86
CA ASP J 385 10.07 -73.29 -24.46
C ASP J 385 9.54 -72.43 -23.33
N LEU J 386 10.40 -72.15 -22.35
CA LEU J 386 9.94 -71.42 -21.18
C LEU J 386 9.59 -70.00 -21.55
N GLU J 387 10.29 -69.44 -22.54
CA GLU J 387 9.98 -68.08 -22.95
C GLU J 387 8.57 -68.01 -23.48
N TYR J 388 8.11 -69.07 -24.13
CA TYR J 388 6.72 -69.16 -24.57
C TYR J 388 5.79 -69.25 -23.39
N ILE J 389 6.16 -70.05 -22.39
CA ILE J 389 5.28 -70.23 -21.25
C ILE J 389 5.09 -68.91 -20.51
N LEU J 390 6.17 -68.12 -20.42
CA LEU J 390 6.18 -66.90 -19.64
C LEU J 390 5.88 -65.66 -20.48
N GLN J 391 5.36 -65.85 -21.68
CA GLN J 391 4.85 -64.79 -22.54
C GLN J 391 5.94 -63.92 -23.15
N LEU J 392 7.14 -64.46 -23.31
CA LEU J 392 8.24 -63.63 -23.78
C LEU J 392 8.30 -63.60 -25.31
N ARG J 393 8.02 -64.72 -25.95
CA ARG J 393 8.02 -64.82 -27.39
C ARG J 393 6.63 -65.21 -27.89
N SER J 394 6.38 -64.89 -29.17
CA SER J 394 5.03 -64.93 -29.71
C SER J 394 4.59 -66.33 -30.10
N ASP J 395 5.51 -67.18 -30.55
CA ASP J 395 5.12 -68.49 -31.04
C ASP J 395 6.24 -69.49 -30.83
N TYR J 396 5.82 -70.72 -30.60
CA TYR J 396 6.68 -71.86 -30.35
C TYR J 396 7.89 -71.90 -31.27
N ALA K 5 -14.50 -54.91 67.98
CA ALA K 5 -14.25 -53.99 69.09
C ALA K 5 -14.28 -52.54 68.62
N GLU K 6 -14.12 -51.61 69.57
CA GLU K 6 -13.98 -50.21 69.22
C GLU K 6 -12.71 -49.96 68.41
N TYR K 7 -11.62 -50.62 68.77
CA TYR K 7 -10.40 -50.61 67.97
C TYR K 7 -9.87 -49.18 67.80
N SER K 8 -9.46 -48.60 68.91
CA SER K 8 -8.84 -47.28 68.92
C SER K 8 -7.48 -47.41 68.23
N ILE K 9 -7.43 -46.94 66.99
CA ILE K 9 -6.28 -47.20 66.13
C ILE K 9 -5.04 -46.43 66.60
N LYS K 10 -5.20 -45.15 66.90
CA LYS K 10 -4.05 -44.28 67.09
C LYS K 10 -3.15 -44.73 68.22
N GLY K 11 -3.64 -45.57 69.13
CA GLY K 11 -2.82 -46.05 70.22
C GLY K 11 -1.61 -46.81 69.74
N TYR K 12 -1.85 -47.84 68.95
CA TYR K 12 -0.76 -48.62 68.38
C TYR K 12 0.18 -47.71 67.61
N LEU K 13 -0.37 -46.70 66.96
CA LEU K 13 0.47 -45.79 66.18
C LEU K 13 1.44 -45.05 67.09
N TYR K 14 0.92 -44.49 68.18
CA TYR K 14 1.79 -43.81 69.15
C TYR K 14 2.83 -44.77 69.69
N GLN K 15 2.46 -46.02 69.88
CA GLN K 15 3.35 -47.00 70.49
C GLN K 15 4.47 -47.38 69.53
N PHE K 16 4.15 -47.65 68.26
CA PHE K 16 5.22 -47.91 67.30
C PHE K 16 6.07 -46.66 67.10
N LEU K 17 5.47 -45.49 67.21
CA LEU K 17 6.23 -44.27 67.03
C LEU K 17 7.24 -44.10 68.17
N LYS K 18 6.84 -44.47 69.38
CA LYS K 18 7.78 -44.41 70.49
C LYS K 18 8.89 -45.42 70.27
N TYR K 19 8.54 -46.61 69.78
CA TYR K 19 9.57 -47.55 69.36
C TYR K 19 10.53 -46.88 68.40
N LEU K 20 10.00 -46.06 67.48
CA LEU K 20 10.89 -45.43 66.51
C LEU K 20 11.81 -44.42 67.18
N SER K 21 11.28 -43.68 68.15
CA SER K 21 12.12 -42.78 68.91
C SER K 21 13.28 -43.51 69.56
N GLU K 22 13.03 -44.69 70.11
CA GLU K 22 14.13 -45.45 70.69
C GLU K 22 15.07 -45.96 69.61
N ILE K 23 14.54 -46.47 68.51
CA ILE K 23 15.38 -46.99 67.43
C ILE K 23 16.37 -45.93 66.99
N LEU K 24 15.91 -44.69 66.87
CA LEU K 24 16.79 -43.64 66.38
C LEU K 24 17.69 -43.11 67.47
N ALA K 25 17.19 -43.06 68.70
CA ALA K 25 17.97 -42.64 69.87
C ALA K 25 18.45 -43.90 70.59
N ALA K 26 19.48 -44.53 70.01
CA ALA K 26 19.97 -45.78 70.57
C ALA K 26 21.45 -45.92 70.30
N GLY K 27 22.08 -46.84 71.05
CA GLY K 27 23.48 -47.16 70.87
C GLY K 27 23.70 -48.23 69.84
N ASP K 28 24.56 -47.95 68.87
CA ASP K 28 24.77 -48.85 67.75
C ASP K 28 25.23 -50.23 68.23
N GLY K 29 24.78 -51.25 67.52
CA GLY K 29 25.06 -52.63 67.83
C GLY K 29 24.03 -53.33 68.69
N ALA K 30 22.99 -52.62 69.12
CA ALA K 30 22.01 -53.20 70.02
C ALA K 30 20.87 -53.87 69.26
N ARG K 31 19.99 -54.52 70.01
CA ARG K 31 18.77 -55.13 69.51
C ARG K 31 17.57 -54.63 70.27
N ILE K 32 16.55 -54.18 69.54
CA ILE K 32 15.33 -53.60 70.09
C ILE K 32 14.15 -54.40 69.58
N THR K 33 13.38 -54.94 70.50
CA THR K 33 12.33 -55.90 70.24
C THR K 33 10.99 -55.22 70.39
N ILE K 34 10.00 -55.74 69.67
CA ILE K 34 8.65 -55.20 69.66
C ILE K 34 7.66 -56.33 69.90
N GLU K 35 6.51 -55.97 70.45
CA GLU K 35 5.49 -56.91 70.88
C GLU K 35 4.25 -56.80 69.98
N GLY K 36 3.75 -57.94 69.56
CA GLY K 36 2.70 -57.95 68.55
C GLY K 36 1.37 -57.48 69.09
N ALA K 37 0.60 -56.82 68.24
CA ALA K 37 -0.69 -56.33 68.67
C ALA K 37 -1.66 -57.50 68.79
N ILE K 38 -2.59 -57.39 69.73
CA ILE K 38 -3.53 -58.49 69.96
C ILE K 38 -4.27 -58.82 68.68
N GLU K 39 -4.69 -57.80 67.94
CA GLU K 39 -5.37 -57.98 66.65
C GLU K 39 -4.38 -58.45 65.59
N ASP K 40 -4.35 -59.75 65.36
CA ASP K 40 -3.38 -60.35 64.47
C ASP K 40 -4.06 -61.42 63.63
N ILE K 44 -2.01 -69.55 65.40
CA ILE K 44 -0.62 -69.14 65.46
C ILE K 44 -0.31 -68.52 66.81
N ALA K 45 -0.41 -67.19 66.92
CA ALA K 45 -0.16 -66.49 68.17
C ALA K 45 1.20 -66.90 68.76
N ALA K 46 2.25 -66.74 67.94
CA ALA K 46 3.59 -67.01 68.40
C ALA K 46 3.94 -66.13 69.60
N GLY K 47 4.31 -66.76 70.70
CA GLY K 47 4.61 -66.08 71.95
C GLY K 47 3.47 -66.27 72.94
N LEU K 48 3.77 -66.86 74.09
CA LEU K 48 2.72 -67.12 75.08
C LEU K 48 2.13 -65.80 75.55
N THR K 49 2.97 -64.78 75.77
CA THR K 49 2.53 -63.43 76.09
C THR K 49 3.09 -62.41 75.11
N THR K 50 3.48 -62.84 73.91
CA THR K 50 3.95 -61.89 72.90
C THR K 50 2.88 -60.86 72.59
N ALA K 51 1.62 -61.26 72.60
CA ALA K 51 0.52 -60.36 72.27
C ALA K 51 0.44 -59.19 73.25
N VAL K 52 0.10 -58.01 72.72
CA VAL K 52 -0.03 -56.79 73.49
C VAL K 52 -1.17 -55.93 72.96
N GLN K 53 -1.70 -55.09 73.85
CA GLN K 53 -2.80 -54.18 73.56
C GLN K 53 -2.43 -52.78 74.03
N CYS K 54 -3.07 -51.78 73.42
CA CYS K 54 -2.76 -50.39 73.71
C CYS K 54 -3.99 -49.53 73.47
N LYS K 55 -4.03 -48.38 74.17
CA LYS K 55 -5.11 -47.42 74.06
C LYS K 55 -4.56 -46.03 74.36
N TYR K 56 -5.31 -45.01 74.00
CA TYR K 56 -4.80 -43.65 74.04
C TYR K 56 -5.95 -42.68 74.30
N HIS K 57 -5.69 -41.66 75.13
CA HIS K 57 -6.73 -40.72 75.54
C HIS K 57 -6.15 -39.51 76.28
N GLU K 58 -6.46 -38.30 75.81
CA GLU K 58 -5.76 -37.11 76.29
C GLU K 58 -6.69 -35.90 76.38
N GLN K 59 -7.93 -36.10 76.82
CA GLN K 59 -8.92 -35.03 76.79
C GLN K 59 -9.30 -34.64 78.22
N ALA K 60 -8.75 -33.53 78.69
CA ALA K 60 -9.05 -32.93 79.98
C ALA K 60 -8.16 -31.70 80.10
N GLU K 61 -8.44 -30.90 81.12
CA GLU K 61 -7.61 -29.72 81.37
C GLU K 61 -6.45 -30.05 82.29
N LYS K 62 -6.67 -30.89 83.30
CA LYS K 62 -5.64 -31.22 84.27
C LYS K 62 -5.78 -32.69 84.67
N TYR K 63 -4.75 -33.20 85.34
CA TYR K 63 -4.71 -34.60 85.73
C TYR K 63 -5.81 -34.94 86.73
N THR K 64 -6.46 -36.08 86.52
CA THR K 64 -7.38 -36.66 87.47
C THR K 64 -7.59 -38.12 87.08
N LEU K 65 -8.28 -38.85 87.95
CA LEU K 65 -8.57 -40.26 87.73
C LEU K 65 -10.05 -40.55 87.55
N GLY K 66 -10.93 -39.62 87.90
CA GLY K 66 -12.35 -39.81 87.66
C GLY K 66 -12.65 -39.88 86.19
N LYS K 67 -11.72 -39.42 85.36
CA LYS K 67 -11.90 -39.40 83.92
C LYS K 67 -11.81 -40.79 83.28
N ILE K 68 -10.90 -41.64 83.75
CA ILE K 68 -10.48 -42.82 82.98
C ILE K 68 -11.42 -43.98 83.31
N TYR K 69 -12.59 -43.98 82.66
CA TYR K 69 -13.59 -45.01 82.97
C TYR K 69 -13.62 -46.10 81.91
N LYS K 70 -13.93 -45.79 80.65
CA LYS K 70 -14.11 -46.86 79.66
C LYS K 70 -12.82 -47.62 79.41
N PRO K 71 -11.64 -47.00 79.41
CA PRO K 71 -10.43 -47.74 79.03
C PRO K 71 -10.16 -49.00 79.83
N ILE K 72 -9.99 -48.84 81.14
CA ILE K 72 -9.62 -49.97 81.97
C ILE K 72 -10.76 -50.98 82.02
N LEU K 73 -12.00 -50.50 81.98
CA LEU K 73 -13.13 -51.40 81.99
C LEU K 73 -13.08 -52.36 80.82
N LEU K 74 -12.99 -51.84 79.60
CA LEU K 74 -12.94 -52.75 78.45
C LEU K 74 -11.63 -53.52 78.41
N MET K 75 -10.53 -52.94 78.90
CA MET K 75 -9.26 -53.61 78.83
C MET K 75 -9.30 -54.89 79.68
N LEU K 76 -9.84 -54.78 80.89
CA LEU K 76 -9.97 -55.96 81.72
C LEU K 76 -11.09 -56.84 81.19
N GLU K 77 -12.11 -56.28 80.54
CA GLU K 77 -13.08 -57.12 79.86
C GLU K 77 -12.36 -58.07 78.89
N HIS K 78 -11.43 -57.53 78.09
CA HIS K 78 -10.70 -58.37 77.17
C HIS K 78 -10.01 -59.48 77.95
N PHE K 79 -9.32 -59.09 79.02
CA PHE K 79 -8.74 -60.09 79.90
C PHE K 79 -9.77 -61.15 80.31
N SER K 80 -10.97 -60.71 80.64
CA SER K 80 -12.02 -61.62 81.09
C SER K 80 -12.35 -62.64 80.01
N LYS K 81 -12.33 -62.22 78.74
CA LYS K 81 -12.84 -63.07 77.68
C LYS K 81 -12.07 -64.38 77.58
N ASN K 82 -10.75 -64.32 77.57
CA ASN K 82 -9.93 -65.51 77.36
C ASN K 82 -8.62 -65.43 78.12
N SER K 83 -8.10 -66.60 78.50
CA SER K 83 -6.80 -66.73 79.11
C SER K 83 -6.04 -67.83 78.38
N GLY K 84 -4.73 -67.69 78.32
CA GLY K 84 -3.90 -68.65 77.63
C GLY K 84 -3.05 -69.45 78.58
N VAL K 89 -0.88 -60.59 76.13
CA VAL K 89 -1.78 -60.54 77.26
C VAL K 89 -1.70 -59.17 77.92
N SER K 90 -0.48 -58.70 78.12
CA SER K 90 -0.31 -57.45 78.84
C SER K 90 -1.08 -56.33 78.16
N TYR K 91 -1.57 -55.43 78.98
CA TYR K 91 -2.26 -54.24 78.52
C TYR K 91 -1.47 -53.01 78.92
N ARG K 92 -1.66 -51.92 78.17
CA ARG K 92 -1.02 -50.65 78.44
C ARG K 92 -1.98 -49.53 78.06
N LEU K 93 -1.85 -48.39 78.73
CA LEU K 93 -2.70 -47.25 78.48
C LEU K 93 -1.85 -45.99 78.49
N PHE K 94 -2.15 -45.09 77.55
CA PHE K 94 -1.40 -43.87 77.33
C PHE K 94 -2.28 -42.66 77.57
N CYS K 95 -1.71 -41.61 78.16
CA CYS K 95 -2.40 -40.35 78.32
C CYS K 95 -1.39 -39.22 78.41
N HIS K 96 -1.86 -38.01 78.17
CA HIS K 96 -1.00 -36.83 78.10
C HIS K 96 -1.73 -35.62 78.67
N PHE K 97 -1.27 -35.11 79.80
CA PHE K 97 -1.82 -33.93 80.45
C PHE K 97 -0.71 -33.16 81.12
N PRO K 98 -0.92 -31.89 81.43
CA PRO K 98 0.13 -31.08 82.05
C PRO K 98 0.56 -31.69 83.38
N GLY K 99 1.82 -31.44 83.74
CA GLY K 99 2.35 -31.90 85.00
C GLY K 99 2.67 -33.38 85.03
N GLU K 100 1.69 -34.24 84.75
CA GLU K 100 1.90 -35.67 84.92
C GLU K 100 3.04 -36.14 84.01
N SER K 101 3.69 -37.22 84.44
CA SER K 101 4.75 -37.84 83.67
C SER K 101 5.04 -39.21 84.25
N GLY K 102 5.78 -40.01 83.49
CA GLY K 102 6.21 -41.30 83.97
C GLY K 102 5.07 -42.31 84.07
N THR K 103 5.17 -43.16 85.08
CA THR K 103 4.25 -44.27 85.28
C THR K 103 3.83 -44.31 86.74
N LYS K 104 2.52 -44.21 86.97
CA LYS K 104 1.94 -44.25 88.31
C LYS K 104 0.92 -45.37 88.35
N ALA K 105 1.38 -46.58 88.61
CA ALA K 105 0.48 -47.72 88.68
C ALA K 105 -0.39 -47.58 89.93
N LEU K 106 -1.64 -47.98 89.80
CA LEU K 106 -2.57 -47.93 90.92
C LEU K 106 -2.38 -49.17 91.81
N THR K 107 -2.96 -49.12 93.01
CA THR K 107 -2.93 -50.29 93.88
C THR K 107 -4.25 -51.05 93.68
N LYS K 108 -4.27 -52.33 94.08
CA LYS K 108 -5.46 -53.14 93.81
C LYS K 108 -6.69 -52.55 94.49
N ASP K 109 -6.54 -52.06 95.72
CA ASP K 109 -7.67 -51.37 96.36
C ASP K 109 -8.10 -50.17 95.54
N ASP K 110 -7.17 -49.52 94.85
CA ASP K 110 -7.54 -48.37 94.03
C ASP K 110 -8.43 -48.78 92.87
N LEU K 111 -8.06 -49.86 92.16
CA LEU K 111 -8.92 -50.32 91.09
C LEU K 111 -10.25 -50.81 91.62
N GLU K 112 -10.27 -51.40 92.81
CA GLU K 112 -11.54 -51.78 93.41
C GLU K 112 -12.40 -50.57 93.67
N THR K 113 -11.78 -49.48 94.14
CA THR K 113 -12.53 -48.24 94.32
C THR K 113 -13.08 -47.77 92.98
N VAL K 114 -12.23 -47.73 91.95
CA VAL K 114 -12.65 -47.36 90.61
C VAL K 114 -13.74 -48.28 90.11
N LEU K 115 -13.82 -49.50 90.65
CA LEU K 115 -14.74 -50.50 90.14
C LEU K 115 -16.18 -50.07 90.34
N SER K 116 -16.44 -49.18 91.29
CA SER K 116 -17.80 -48.72 91.53
C SER K 116 -18.44 -48.25 90.23
N THR K 117 -19.71 -48.57 90.08
CA THR K 117 -20.50 -48.27 88.88
C THR K 117 -21.08 -46.88 89.01
N LYS K 118 -20.31 -45.89 88.58
CA LYS K 118 -20.72 -44.50 88.70
C LYS K 118 -21.77 -44.15 87.66
N GLY K 119 -21.73 -44.78 86.49
CA GLY K 119 -22.54 -44.35 85.37
C GLY K 119 -23.50 -45.43 84.93
N GLU K 120 -24.54 -45.03 84.19
CA GLU K 120 -25.50 -46.00 83.69
C GLU K 120 -24.93 -46.75 82.49
N VAL K 121 -24.31 -46.03 81.56
CA VAL K 121 -23.55 -46.70 80.52
C VAL K 121 -22.46 -47.54 81.16
N LEU K 122 -21.79 -47.00 82.19
CA LEU K 122 -20.84 -47.81 82.94
C LEU K 122 -21.55 -48.95 83.65
N ARG K 123 -22.83 -48.78 83.97
CA ARG K 123 -23.60 -49.87 84.55
C ARG K 123 -23.78 -50.98 83.52
N ALA K 124 -23.99 -50.58 82.27
CA ALA K 124 -24.03 -51.54 81.16
C ALA K 124 -22.68 -52.22 81.05
N ILE K 125 -21.59 -51.46 81.15
CA ILE K 125 -20.26 -52.06 81.05
C ILE K 125 -20.07 -53.08 82.16
N VAL K 126 -20.56 -52.76 83.36
CA VAL K 126 -20.53 -53.74 84.45
C VAL K 126 -21.30 -54.97 84.04
N ALA K 127 -22.50 -54.78 83.48
CA ALA K 127 -23.26 -55.90 82.96
C ALA K 127 -22.42 -56.71 81.98
N ARG K 128 -21.52 -56.03 81.26
CA ARG K 128 -20.58 -56.74 80.40
C ARG K 128 -19.51 -57.43 81.25
N ILE K 129 -19.19 -56.84 82.40
CA ILE K 129 -18.22 -57.42 83.31
C ILE K 129 -18.72 -58.77 83.80
N ASP K 130 -17.95 -59.83 83.56
CA ASP K 130 -18.42 -61.16 83.90
C ASP K 130 -18.27 -61.39 85.41
N THR K 131 -18.86 -62.49 85.88
CA THR K 131 -18.82 -62.80 87.31
C THR K 131 -17.39 -63.10 87.77
N SER K 132 -16.68 -63.93 87.01
CA SER K 132 -15.32 -64.29 87.39
C SER K 132 -14.42 -63.08 87.31
N VAL K 133 -13.52 -62.95 88.29
CA VAL K 133 -12.66 -61.78 88.37
C VAL K 133 -11.35 -62.14 89.05
N ASP K 134 -10.30 -61.41 88.69
CA ASP K 134 -8.98 -61.53 89.30
C ASP K 134 -8.43 -60.11 89.32
N TYR K 135 -8.66 -59.39 90.43
CA TYR K 135 -8.24 -58.01 90.55
C TYR K 135 -6.78 -57.90 90.97
N GLU K 136 -6.45 -58.47 92.13
CA GLU K 136 -5.07 -58.46 92.57
C GLU K 136 -4.18 -59.08 91.50
N ALA K 137 -4.71 -60.08 90.80
CA ALA K 137 -3.98 -60.70 89.72
C ALA K 137 -3.79 -59.71 88.58
N PHE K 138 -4.88 -59.09 88.12
CA PHE K 138 -4.79 -58.28 86.90
C PHE K 138 -3.96 -57.03 87.10
N LEU K 139 -3.91 -56.48 88.31
CA LEU K 139 -3.15 -55.24 88.47
C LEU K 139 -1.68 -55.47 88.19
N ASP K 140 -1.16 -56.65 88.53
CA ASP K 140 0.26 -56.89 88.36
C ASP K 140 0.67 -56.85 86.90
N ARG K 141 -0.26 -57.07 85.99
CA ARG K 141 0.04 -57.24 84.58
C ARG K 141 -0.35 -56.02 83.76
N PHE K 142 -0.71 -54.92 84.43
CA PHE K 142 -1.04 -53.65 83.78
C PHE K 142 -0.30 -52.49 84.41
N ALA K 143 -0.12 -51.43 83.60
CA ALA K 143 0.48 -50.18 84.03
C ALA K 143 -0.21 -49.04 83.31
N ILE K 144 0.08 -47.82 83.74
CA ILE K 144 -0.47 -46.60 83.16
C ILE K 144 0.66 -45.60 82.93
N GLU K 145 0.58 -44.88 81.82
CA GLU K 145 1.67 -44.07 81.32
C GLU K 145 1.25 -42.61 81.16
N PHE K 146 2.07 -41.69 81.66
CA PHE K 146 1.82 -40.25 81.57
C PHE K 146 2.84 -39.67 80.60
N GLY K 147 2.37 -39.26 79.42
CA GLY K 147 3.24 -38.95 78.33
C GLY K 147 3.00 -37.59 77.70
N PRO K 148 3.81 -37.23 76.72
CA PRO K 148 3.66 -35.94 76.04
C PRO K 148 2.62 -35.98 74.94
N SER K 149 2.34 -34.78 74.41
CA SER K 149 1.47 -34.60 73.26
C SER K 149 2.04 -35.28 72.03
N ALA K 150 1.27 -36.17 71.43
CA ALA K 150 1.78 -36.99 70.33
C ALA K 150 2.35 -36.12 69.21
N GLU K 151 1.65 -35.07 68.81
CA GLU K 151 2.11 -34.28 67.68
C GLU K 151 3.48 -33.67 67.96
N ASP K 152 3.72 -33.27 69.20
CA ASP K 152 5.05 -32.82 69.59
C ASP K 152 6.07 -33.95 69.42
N LEU K 153 5.63 -35.18 69.67
CA LEU K 153 6.54 -36.31 69.54
C LEU K 153 6.88 -36.57 68.09
N GLN K 154 5.90 -36.38 67.20
CA GLN K 154 6.17 -36.43 65.77
C GLN K 154 7.18 -35.36 65.38
N VAL K 155 7.00 -34.15 65.89
CA VAL K 155 7.90 -33.06 65.56
C VAL K 155 9.32 -33.42 65.99
N ALA K 156 9.46 -33.98 67.19
CA ALA K 156 10.78 -34.36 67.67
C ALA K 156 11.38 -35.44 66.79
N VAL K 157 10.56 -36.38 66.32
CA VAL K 157 11.08 -37.43 65.45
C VAL K 157 11.62 -36.82 64.17
N LEU K 158 10.87 -35.88 63.59
CA LEU K 158 11.35 -35.22 62.38
C LEU K 158 12.65 -34.49 62.64
N ALA K 159 12.74 -33.79 63.77
CA ALA K 159 13.98 -33.08 64.09
C ALA K 159 15.15 -34.05 64.20
N SER K 160 14.94 -35.21 64.83
CA SER K 160 16.03 -36.18 64.93
C SER K 160 16.46 -36.66 63.56
N LEU K 161 15.50 -37.06 62.73
CA LEU K 161 15.84 -37.52 61.38
C LEU K 161 16.60 -36.45 60.62
N LYS K 162 16.16 -35.19 60.76
CA LYS K 162 16.84 -34.09 60.11
C LYS K 162 18.27 -33.96 60.60
N ASP K 163 18.48 -34.12 61.90
CA ASP K 163 19.84 -34.01 62.44
C ASP K 163 20.74 -35.11 61.91
N LYS K 164 20.22 -36.33 61.81
CA LYS K 164 21.02 -37.43 61.28
C LYS K 164 21.56 -37.12 59.89
N GLY K 165 20.78 -36.46 59.06
CA GLY K 165 21.27 -36.01 57.78
C GLY K 165 20.82 -36.89 56.63
N PHE K 166 19.75 -36.44 55.98
CA PHE K 166 19.20 -37.03 54.76
C PHE K 166 18.76 -35.87 53.89
N ASP K 167 18.34 -36.18 52.66
CA ASP K 167 17.83 -35.13 51.79
C ASP K 167 16.63 -34.46 52.44
N PRO K 168 16.58 -33.13 52.49
CA PRO K 168 15.50 -32.47 53.24
C PRO K 168 14.13 -32.71 52.63
N ASP K 169 14.03 -32.68 51.30
CA ASP K 169 12.71 -32.78 50.67
C ASP K 169 12.10 -34.16 50.87
N ASP K 170 12.95 -35.19 50.89
CA ASP K 170 12.46 -36.57 50.94
C ASP K 170 11.84 -36.93 52.28
N ILE K 171 12.34 -36.34 53.37
CA ILE K 171 12.00 -36.84 54.70
C ILE K 171 10.49 -36.96 54.86
N ASP K 172 9.72 -36.09 54.21
CA ASP K 172 8.29 -35.99 54.47
C ASP K 172 7.47 -37.05 53.77
N ALA K 173 7.90 -37.52 52.60
CA ALA K 173 7.09 -38.45 51.79
C ALA K 173 7.61 -39.87 51.78
N VAL K 174 8.91 -40.07 51.64
CA VAL K 174 9.45 -41.40 51.36
C VAL K 174 9.98 -42.02 52.64
N ILE K 175 10.98 -41.40 53.26
CA ILE K 175 11.74 -42.06 54.32
C ILE K 175 10.84 -42.36 55.52
N PHE K 176 10.10 -41.36 55.99
CA PHE K 176 9.41 -41.50 57.26
C PHE K 176 8.30 -42.54 57.19
N PRO K 177 7.41 -42.50 56.21
CA PRO K 177 6.36 -43.53 56.16
C PRO K 177 6.91 -44.92 55.90
N ASN K 178 7.94 -45.04 55.08
CA ASN K 178 8.57 -46.35 54.87
C ASN K 178 9.14 -46.88 56.17
N ALA K 179 9.78 -46.02 56.95
CA ALA K 179 10.34 -46.42 58.22
C ALA K 179 9.23 -46.95 59.14
N ILE K 180 8.11 -46.22 59.19
CA ILE K 180 7.00 -46.68 60.01
C ILE K 180 6.47 -48.00 59.46
N GLN K 181 6.52 -48.16 58.14
CA GLN K 181 5.91 -49.31 57.52
C GLN K 181 6.67 -50.59 57.83
N ARG K 182 7.99 -50.54 57.84
CA ARG K 182 8.73 -51.76 58.14
C ARG K 182 8.41 -52.26 59.55
N ILE K 183 8.17 -51.34 60.47
CA ILE K 183 7.76 -51.74 61.80
C ILE K 183 6.34 -52.29 61.78
N VAL K 184 5.42 -51.56 61.16
CA VAL K 184 4.06 -52.05 61.15
C VAL K 184 4.03 -53.44 60.53
N ASP K 185 4.97 -53.72 59.63
CA ASP K 185 5.01 -55.05 59.03
C ASP K 185 5.40 -56.07 60.09
N LEU K 186 6.51 -55.82 60.79
CA LEU K 186 6.95 -56.77 61.81
C LEU K 186 5.91 -56.94 62.91
N ALA K 187 5.10 -55.93 63.17
CA ALA K 187 4.10 -56.02 64.22
C ALA K 187 3.11 -57.15 63.96
N THR K 188 2.59 -57.26 62.74
CA THR K 188 1.49 -58.19 62.47
C THR K 188 1.68 -58.86 61.12
N ARG K 189 2.36 -60.00 61.13
CA ARG K 189 2.64 -60.80 59.95
C ARG K 189 2.96 -62.22 60.41
N SER K 190 2.36 -63.21 59.76
CA SER K 190 2.64 -64.61 60.09
C SER K 190 3.88 -65.08 59.35
N ASP K 191 5.03 -64.64 59.86
CA ASP K 191 6.32 -65.06 59.34
C ASP K 191 7.28 -65.31 60.51
N VAL K 192 8.29 -66.14 60.25
CA VAL K 192 9.32 -66.48 61.27
C VAL K 192 10.45 -65.47 61.18
N ASN K 193 10.24 -64.31 61.81
CA ASN K 193 11.24 -63.25 61.83
C ASN K 193 11.30 -62.71 63.24
N ASP K 194 12.51 -62.52 63.77
CA ASP K 194 12.62 -62.00 65.12
C ASP K 194 12.15 -60.56 65.13
N ARG K 195 11.31 -60.22 66.10
CA ARG K 195 10.83 -58.84 66.20
C ARG K 195 11.99 -57.86 66.21
N THR K 196 13.10 -58.24 66.81
CA THR K 196 14.20 -57.30 66.96
C THR K 196 14.90 -57.09 65.63
N VAL K 197 15.47 -55.90 65.47
CA VAL K 197 16.16 -55.52 64.25
C VAL K 197 17.30 -54.59 64.62
N GLU K 198 18.49 -54.89 64.15
CA GLU K 198 19.61 -54.02 64.43
C GLU K 198 19.40 -52.68 63.71
N PRO K 199 19.66 -51.57 64.39
CA PRO K 199 19.34 -50.26 63.78
C PRO K 199 20.27 -49.84 62.66
N LYS K 200 21.55 -50.16 62.72
CA LYS K 200 22.48 -49.72 61.68
C LYS K 200 22.09 -50.31 60.32
N THR K 201 22.05 -51.65 60.26
CA THR K 201 21.65 -52.34 59.03
C THR K 201 20.26 -51.91 58.59
N PHE K 202 19.39 -51.59 59.56
CA PHE K 202 18.06 -51.10 59.21
C PHE K 202 18.19 -49.81 58.41
N LEU K 203 18.89 -48.83 58.99
CA LEU K 203 18.92 -47.50 58.42
C LEU K 203 19.59 -47.51 57.05
N ALA K 204 20.76 -48.14 56.97
CA ALA K 204 21.60 -48.03 55.78
C ALA K 204 20.84 -48.39 54.51
N GLY K 205 19.96 -49.39 54.59
CA GLY K 205 19.27 -49.83 53.39
C GLY K 205 18.21 -48.84 52.94
N LEU K 206 17.47 -48.29 53.90
CA LEU K 206 16.39 -47.35 53.61
C LEU K 206 16.85 -46.18 52.74
N ARG K 207 18.13 -45.79 52.84
CA ARG K 207 18.63 -44.75 51.96
C ARG K 207 18.58 -45.16 50.50
N GLU K 208 18.71 -46.46 50.20
CA GLU K 208 18.75 -46.92 48.82
C GLU K 208 17.36 -47.02 48.20
N VAL K 209 16.37 -47.50 48.95
CA VAL K 209 15.05 -47.78 48.38
C VAL K 209 14.35 -46.47 48.05
N ARG K 210 13.63 -46.46 46.92
CA ARG K 210 12.81 -45.32 46.48
C ARG K 210 11.40 -45.76 46.07
N ARG K 211 10.51 -45.89 47.06
CA ARG K 211 9.13 -46.27 46.84
C ARG K 211 8.26 -45.47 47.80
N VAL K 212 6.98 -45.32 47.47
CA VAL K 212 6.05 -44.51 48.25
C VAL K 212 4.85 -45.37 48.64
N THR K 213 4.43 -45.29 49.90
CA THR K 213 3.41 -46.17 50.45
C THR K 213 2.20 -45.39 50.93
N PHE K 214 1.02 -45.78 50.46
CA PHE K 214 -0.25 -45.24 50.93
C PHE K 214 -1.02 -46.36 51.59
N THR K 215 -1.27 -46.23 52.89
CA THR K 215 -1.90 -47.31 53.64
C THR K 215 -2.75 -46.73 54.77
N ARG K 216 -3.67 -47.56 55.27
CA ARG K 216 -4.53 -47.14 56.37
C ARG K 216 -3.72 -46.60 57.54
N TRP K 217 -2.59 -47.23 57.87
CA TRP K 217 -1.76 -46.70 58.94
C TRP K 217 -1.14 -45.36 58.57
N THR K 218 -0.51 -45.28 57.41
CA THR K 218 0.18 -44.04 57.05
C THR K 218 -0.75 -42.88 56.77
N ARG K 219 -2.02 -43.13 56.47
CA ARG K 219 -2.96 -42.04 56.23
C ARG K 219 -3.29 -41.26 57.50
N GLU K 220 -3.30 -41.92 58.66
CA GLU K 220 -3.54 -41.23 59.93
C GLU K 220 -2.19 -40.81 60.49
N LEU K 221 -1.70 -39.70 59.96
CA LEU K 221 -0.44 -39.10 60.39
C LEU K 221 -0.51 -37.60 60.11
N ALA K 222 0.48 -36.89 60.62
CA ALA K 222 0.49 -35.43 60.48
C ALA K 222 0.93 -35.01 59.09
N THR K 223 1.79 -35.79 58.43
CA THR K 223 2.34 -35.45 57.14
C THR K 223 1.47 -35.96 55.99
N LYS K 224 0.18 -36.18 56.24
CA LYS K 224 -0.69 -36.71 55.19
C LYS K 224 -0.71 -35.79 53.99
N GLY K 225 -1.08 -34.53 54.20
CA GLY K 225 -1.30 -33.63 53.08
C GLY K 225 -0.05 -33.46 52.22
N ARG K 226 1.10 -33.39 52.88
CA ARG K 226 2.33 -33.04 52.18
C ARG K 226 2.70 -34.14 51.19
N MET K 227 2.50 -35.40 51.58
CA MET K 227 2.93 -36.50 50.74
C MET K 227 2.15 -36.49 49.43
N PHE K 228 0.82 -36.42 49.55
CA PHE K 228 -0.05 -36.38 48.37
C PHE K 228 0.33 -35.22 47.48
N SER K 229 0.49 -34.04 48.06
CA SER K 229 0.73 -32.87 47.23
C SER K 229 2.07 -32.98 46.51
N SER K 230 3.10 -33.49 47.18
CA SER K 230 4.38 -33.62 46.53
C SER K 230 4.33 -34.63 45.39
N LEU K 231 3.76 -35.80 45.65
CA LEU K 231 3.68 -36.80 44.59
C LEU K 231 2.89 -36.28 43.40
N ARG K 232 1.85 -35.49 43.66
CA ARG K 232 1.10 -34.91 42.55
C ARG K 232 1.97 -33.93 41.76
N LYS K 233 2.63 -33.01 42.46
CA LYS K 233 3.47 -32.02 41.79
C LYS K 233 4.62 -32.67 41.04
N SER K 234 4.99 -33.89 41.39
CA SER K 234 6.14 -34.53 40.77
C SER K 234 5.84 -35.12 39.41
N LEU K 235 4.60 -35.53 39.17
CA LEU K 235 4.23 -36.22 37.95
C LEU K 235 3.64 -35.30 36.89
N ARG K 236 3.51 -34.01 37.18
CA ARG K 236 2.80 -33.12 36.26
C ARG K 236 3.48 -33.10 34.89
N SER K 237 4.80 -32.96 34.87
CA SER K 237 5.50 -32.81 33.61
C SER K 237 5.32 -34.03 32.73
N CYS K 238 5.29 -35.22 33.34
CA CYS K 238 5.13 -36.44 32.56
C CYS K 238 3.75 -36.52 31.92
N LEU K 239 2.72 -36.18 32.66
CA LEU K 239 1.35 -36.34 32.21
C LEU K 239 0.90 -35.23 31.27
N ALA K 240 1.72 -34.22 31.03
CA ALA K 240 1.32 -33.12 30.17
C ALA K 240 1.41 -33.46 28.70
N HIS K 241 2.30 -34.36 28.33
CA HIS K 241 2.53 -34.68 26.93
C HIS K 241 1.37 -35.43 26.31
N ASN K 242 1.11 -35.13 25.04
CA ASN K 242 0.06 -35.83 24.30
C ASN K 242 0.47 -37.23 23.92
N SER K 243 1.70 -37.40 23.44
CA SER K 243 2.19 -38.68 22.95
C SER K 243 3.32 -39.16 23.85
N ARG K 244 3.12 -40.32 24.46
CA ARG K 244 4.11 -40.89 25.37
C ARG K 244 3.71 -42.32 25.71
N TRP K 245 4.69 -43.20 25.76
CA TRP K 245 4.45 -44.60 26.10
C TRP K 245 4.38 -44.78 27.60
N ARG K 246 3.29 -45.37 28.07
CA ARG K 246 3.07 -45.59 29.49
C ARG K 246 2.70 -47.05 29.73
N VAL K 247 3.27 -47.62 30.78
CA VAL K 247 3.07 -49.02 31.14
C VAL K 247 2.75 -49.12 32.62
N PHE K 248 1.65 -49.78 32.94
CA PHE K 248 1.25 -50.11 34.30
C PHE K 248 1.44 -51.60 34.54
N VAL K 249 1.85 -51.96 35.76
CA VAL K 249 1.94 -53.36 36.19
C VAL K 249 1.32 -53.48 37.57
N ILE K 250 0.07 -53.88 37.63
CA ILE K 250 -0.68 -53.94 38.87
C ILE K 250 -0.68 -55.37 39.41
N ASN K 251 -0.85 -55.48 40.72
CA ASN K 251 -0.97 -56.77 41.39
C ASN K 251 -2.22 -56.74 42.26
N PRO K 252 -3.23 -57.55 41.98
CA PRO K 252 -4.52 -57.38 42.65
C PRO K 252 -4.70 -58.14 43.95
N LEU K 253 -3.73 -58.96 44.35
CA LEU K 253 -3.94 -59.86 45.48
C LEU K 253 -4.31 -59.09 46.73
N THR K 254 -3.69 -57.93 46.95
CA THR K 254 -3.78 -57.22 48.22
C THR K 254 -4.58 -55.92 48.11
N ILE K 255 -5.22 -55.67 47.00
CA ILE K 255 -6.00 -54.45 46.84
C ILE K 255 -7.40 -54.74 47.35
N GLU K 256 -8.15 -53.69 47.66
CA GLU K 256 -9.46 -53.82 48.26
C GLU K 256 -10.53 -53.35 47.28
N ASN K 257 -11.53 -54.21 47.02
CA ASN K 257 -12.62 -53.89 46.10
C ASN K 257 -12.16 -53.64 44.67
N PHE K 258 -11.40 -54.58 44.13
CA PHE K 258 -10.72 -54.40 42.86
C PHE K 258 -11.66 -54.59 41.68
N ASP K 259 -12.44 -55.67 41.68
CA ASP K 259 -13.17 -56.07 40.49
C ASP K 259 -14.11 -54.97 40.04
N ASP K 260 -14.58 -54.13 40.96
CA ASP K 260 -15.55 -53.11 40.64
C ASP K 260 -14.88 -51.79 40.24
N ASP K 261 -13.76 -51.47 40.89
CA ASP K 261 -13.12 -50.18 40.72
C ASP K 261 -12.10 -50.13 39.59
N ILE K 262 -11.60 -51.28 39.15
CA ILE K 262 -10.65 -51.30 38.04
C ILE K 262 -11.28 -50.69 36.80
N VAL K 263 -12.52 -51.05 36.51
CA VAL K 263 -13.22 -50.53 35.34
C VAL K 263 -13.34 -49.01 35.42
N ARG K 264 -13.78 -48.51 36.57
CA ARG K 264 -13.91 -47.06 36.74
C ARG K 264 -12.57 -46.37 36.51
N PHE K 265 -11.50 -46.99 36.99
CA PHE K 265 -10.16 -46.42 36.80
C PHE K 265 -9.80 -46.33 35.33
N ILE K 266 -9.96 -47.45 34.60
CA ILE K 266 -9.61 -47.45 33.18
C ILE K 266 -10.46 -46.46 32.40
N LYS K 267 -11.73 -46.33 32.75
CA LYS K 267 -12.58 -45.36 32.10
C LYS K 267 -12.08 -43.95 32.32
N ALA K 268 -11.81 -43.61 33.59
CA ALA K 268 -11.35 -42.26 33.91
C ALA K 268 -10.03 -41.96 33.23
N PHE K 269 -9.17 -42.96 33.10
CA PHE K 269 -7.85 -42.72 32.53
C PHE K 269 -7.90 -42.61 31.01
N VAL K 270 -8.77 -43.37 30.36
CA VAL K 270 -8.91 -43.25 28.91
C VAL K 270 -9.70 -42.04 28.49
N GLN K 271 -10.56 -41.50 29.35
CA GLN K 271 -11.27 -40.29 28.97
C GLN K 271 -10.42 -39.04 29.09
N ARG K 272 -9.19 -39.16 29.55
CA ARG K 272 -8.29 -38.04 29.78
C ARG K 272 -7.04 -38.12 28.92
N TYR K 273 -6.44 -39.31 28.81
CA TYR K 273 -5.15 -39.49 28.16
C TYR K 273 -5.18 -40.36 26.92
N SER K 274 -6.34 -40.77 26.41
CA SER K 274 -6.37 -41.48 25.14
C SER K 274 -7.66 -41.21 24.36
N SER K 275 -8.10 -39.96 24.31
CA SER K 275 -9.35 -39.61 23.65
C SER K 275 -9.17 -38.43 22.71
N LYS K 276 -8.19 -38.50 21.82
CA LYS K 276 -7.94 -37.40 20.91
C LYS K 276 -7.09 -37.89 19.76
N TYR K 277 -7.06 -37.10 18.69
CA TYR K 277 -6.35 -37.46 17.47
C TYR K 277 -4.85 -37.27 17.59
N LEU K 278 -4.42 -36.44 18.54
CA LEU K 278 -3.01 -36.22 18.83
C LEU K 278 -2.48 -37.15 19.90
N HIS K 279 -3.28 -38.13 20.30
CA HIS K 279 -2.88 -39.13 21.27
C HIS K 279 -2.57 -40.41 20.53
N SER K 280 -1.30 -40.65 20.26
CA SER K 280 -0.88 -41.62 19.27
C SER K 280 -0.66 -43.01 19.85
N ASN K 281 0.05 -43.13 20.97
CA ASN K 281 0.41 -44.42 21.53
C ASN K 281 -0.49 -44.75 22.70
N PRO K 282 -1.48 -45.60 22.55
CA PRO K 282 -2.36 -45.94 23.65
C PRO K 282 -1.62 -46.65 24.76
N PRO K 283 -2.13 -46.60 25.98
CA PRO K 283 -1.45 -47.25 27.10
C PRO K 283 -1.56 -48.75 27.13
N LEU K 284 -0.89 -49.37 28.10
CA LEU K 284 -0.83 -50.81 28.22
C LEU K 284 -0.93 -51.17 29.69
N PHE K 285 -1.91 -52.01 30.02
CA PHE K 285 -2.10 -52.52 31.37
C PHE K 285 -1.74 -54.00 31.41
N MET K 286 -0.92 -54.39 32.38
CA MET K 286 -0.53 -55.77 32.58
C MET K 286 -0.80 -56.17 34.02
N LEU K 287 -1.68 -57.14 34.20
CA LEU K 287 -1.98 -57.73 35.49
C LEU K 287 -1.18 -59.01 35.68
N THR K 288 -0.73 -59.25 36.90
CA THR K 288 0.05 -60.42 37.23
C THR K 288 -0.69 -61.28 38.25
N GLY K 289 -0.67 -62.59 38.03
CA GLY K 289 -1.34 -63.52 38.91
C GLY K 289 -2.22 -64.52 38.20
N ASP K 290 -3.39 -64.81 38.78
CA ASP K 290 -4.32 -65.80 38.26
C ASP K 290 -5.64 -65.16 37.82
N TYR K 291 -5.65 -63.86 37.61
CA TYR K 291 -6.86 -63.16 37.19
C TYR K 291 -7.27 -63.56 35.78
N ASP K 292 -8.56 -63.41 35.50
CA ASP K 292 -9.12 -63.72 34.19
C ASP K 292 -9.60 -62.44 33.54
N LEU K 293 -9.17 -62.22 32.30
CA LEU K 293 -9.45 -60.99 31.58
C LEU K 293 -10.66 -61.06 30.67
N SER K 294 -11.15 -62.26 30.38
CA SER K 294 -12.33 -62.41 29.54
C SER K 294 -13.49 -61.58 30.06
N VAL K 295 -13.66 -61.52 31.38
CA VAL K 295 -14.84 -60.87 31.94
C VAL K 295 -14.68 -59.36 31.93
N LEU K 296 -13.47 -58.88 32.24
CA LEU K 296 -13.24 -57.46 32.28
C LEU K 296 -13.29 -56.87 30.89
N GLN K 297 -12.74 -57.59 29.90
CA GLN K 297 -12.77 -57.08 28.54
C GLN K 297 -14.20 -56.89 28.11
N LYS K 298 -15.09 -57.79 28.53
CA LYS K 298 -16.50 -57.69 28.19
C LYS K 298 -17.13 -56.47 28.83
N ARG K 299 -16.83 -56.23 30.11
CA ARG K 299 -17.45 -55.08 30.76
C ARG K 299 -16.95 -53.79 30.15
N LEU K 300 -15.69 -53.76 29.76
CA LEU K 300 -15.15 -52.59 29.09
C LEU K 300 -15.83 -52.39 27.73
N TYR K 301 -16.09 -53.49 27.02
CA TYR K 301 -16.79 -53.35 25.75
C TYR K 301 -18.22 -52.90 25.97
N ASP K 302 -18.77 -53.19 27.14
CA ASP K 302 -20.10 -52.71 27.50
C ASP K 302 -20.07 -51.20 27.68
N ALA K 303 -18.98 -50.68 28.22
CA ALA K 303 -18.90 -49.24 28.45
C ALA K 303 -18.84 -48.47 27.14
N GLY K 304 -18.03 -48.94 26.19
CA GLY K 304 -17.91 -48.26 24.91
C GLY K 304 -16.51 -48.25 24.36
N LEU K 305 -15.60 -48.90 25.06
CA LEU K 305 -14.20 -49.00 24.69
C LEU K 305 -13.88 -50.32 24.02
N ARG K 306 -12.75 -50.33 23.33
CA ARG K 306 -12.20 -51.51 22.69
C ARG K 306 -10.75 -51.68 23.11
N CYS K 307 -10.25 -52.89 22.95
CA CYS K 307 -8.94 -53.27 23.47
C CYS K 307 -8.16 -54.05 22.43
N GLU K 308 -6.86 -54.13 22.65
CA GLU K 308 -5.94 -54.89 21.81
C GLU K 308 -5.20 -55.91 22.66
N THR K 309 -5.61 -57.16 22.58
CA THR K 309 -5.06 -58.19 23.45
C THR K 309 -3.75 -58.73 22.93
N GLY K 310 -3.61 -58.83 21.62
CA GLY K 310 -2.43 -59.35 21.00
C GLY K 310 -2.58 -60.77 20.51
N LYS K 311 -3.69 -61.40 20.81
CA LYS K 311 -3.90 -62.80 20.49
C LYS K 311 -4.62 -62.96 19.17
N VAL K 312 -3.88 -63.35 18.15
CA VAL K 312 -4.47 -63.81 16.89
C VAL K 312 -4.77 -65.27 17.10
N GLY K 313 -5.98 -65.67 16.78
CA GLY K 313 -6.35 -67.04 17.04
C GLY K 313 -6.44 -67.12 18.54
N GLY K 314 -5.70 -68.04 19.14
CA GLY K 314 -5.83 -68.20 20.57
C GLY K 314 -4.55 -68.64 21.24
N THR K 315 -4.54 -68.41 22.54
CA THR K 315 -3.51 -68.79 23.50
C THR K 315 -2.24 -67.95 23.47
N ASP K 316 -1.52 -67.85 22.35
CA ASP K 316 -0.23 -67.17 22.41
C ASP K 316 -0.41 -65.66 22.17
N VAL K 317 0.64 -64.90 22.49
CA VAL K 317 0.66 -63.45 22.31
C VAL K 317 1.78 -63.08 21.35
N ILE K 318 1.45 -62.38 20.28
CA ILE K 318 2.44 -61.94 19.30
C ILE K 318 2.84 -60.51 19.64
N ILE K 319 4.15 -60.27 19.74
CA ILE K 319 4.63 -58.96 20.19
C ILE K 319 4.38 -57.90 19.14
N LYS K 320 4.63 -58.22 17.88
CA LYS K 320 4.46 -57.22 16.82
C LYS K 320 3.04 -56.68 16.81
N GLU K 321 2.06 -57.56 17.01
CA GLU K 321 0.67 -57.17 16.84
C GLU K 321 0.13 -56.41 18.06
N LEU K 322 0.72 -56.62 19.24
CA LEU K 322 0.26 -55.96 20.45
C LEU K 322 0.82 -54.55 20.62
N PHE K 323 1.90 -54.20 19.95
CA PHE K 323 2.55 -52.91 20.11
C PHE K 323 2.57 -52.13 18.81
N ARG K 324 1.48 -52.20 18.06
CA ARG K 324 1.36 -51.50 16.80
C ARG K 324 0.61 -50.19 16.98
N ARG K 325 0.54 -49.43 15.91
CA ARG K 325 -0.05 -48.11 15.88
C ARG K 325 -1.46 -48.17 15.34
N PRO K 326 -2.43 -47.54 15.98
CA PRO K 326 -3.81 -47.64 15.53
C PRO K 326 -4.12 -46.70 14.38
N ILE K 327 -5.26 -46.95 13.77
CA ILE K 327 -5.81 -46.10 12.72
C ILE K 327 -6.65 -45.02 13.36
N LEU K 328 -6.50 -43.79 12.88
CA LEU K 328 -7.16 -42.63 13.44
C LEU K 328 -7.77 -41.79 12.34
N ILE K 329 -9.02 -41.39 12.52
CA ILE K 329 -9.74 -40.54 11.57
C ILE K 329 -10.19 -39.30 12.31
N ARG K 330 -10.07 -38.15 11.65
CA ARG K 330 -10.21 -36.85 12.31
C ARG K 330 -11.68 -36.44 12.41
N ASN K 331 -12.38 -36.49 11.28
CA ASN K 331 -13.76 -36.02 11.11
C ASN K 331 -14.65 -37.06 10.49
N PRO K 332 -15.51 -37.72 11.27
CA PRO K 332 -15.60 -37.73 12.74
C PRO K 332 -14.57 -38.64 13.42
N PHE K 333 -14.29 -38.35 14.69
CA PHE K 333 -13.22 -39.03 15.42
C PHE K 333 -13.61 -40.48 15.70
N ARG K 334 -12.75 -41.41 15.27
CA ARG K 334 -12.89 -42.81 15.62
C ARG K 334 -11.51 -43.42 15.79
N MET K 335 -11.34 -44.22 16.83
CA MET K 335 -10.11 -44.93 17.11
C MET K 335 -10.32 -46.42 16.90
N GLU K 336 -9.31 -47.08 16.36
CA GLU K 336 -9.36 -48.53 16.22
C GLU K 336 -9.30 -49.21 17.57
N PHE K 337 -8.50 -48.69 18.49
CA PHE K 337 -8.54 -49.13 19.87
C PHE K 337 -7.96 -48.05 20.76
N SER K 338 -8.39 -48.08 22.01
CA SER K 338 -8.04 -47.09 23.01
C SER K 338 -7.09 -47.58 24.08
N LEU K 339 -7.10 -48.87 24.42
CA LEU K 339 -6.19 -49.39 25.42
C LEU K 339 -5.65 -50.76 25.02
N ARG K 340 -4.65 -51.20 25.77
CA ARG K 340 -4.00 -52.48 25.59
C ARG K 340 -4.01 -53.30 26.87
N LEU K 341 -4.17 -54.61 26.73
CA LEU K 341 -4.33 -55.53 27.83
C LEU K 341 -3.62 -56.85 27.55
N ALA K 342 -3.20 -57.49 28.63
CA ALA K 342 -2.46 -58.73 28.61
C ALA K 342 -2.16 -59.12 30.05
N LYS K 343 -1.65 -60.33 30.22
CA LYS K 343 -1.07 -60.83 31.45
C LYS K 343 0.45 -60.87 31.32
N ARG K 344 1.14 -60.61 32.43
CA ARG K 344 2.58 -60.40 32.35
C ARG K 344 3.31 -61.68 31.96
N ASP K 345 2.87 -62.82 32.50
CA ASP K 345 3.56 -64.07 32.23
C ASP K 345 3.58 -64.40 30.74
N GLU K 346 2.47 -64.13 30.05
CA GLU K 346 2.37 -64.50 28.64
C GLU K 346 3.34 -63.71 27.78
N VAL K 347 3.63 -62.47 28.13
CA VAL K 347 4.43 -61.59 27.30
C VAL K 347 5.89 -61.95 27.47
N ILE K 348 6.35 -62.93 26.71
CA ILE K 348 7.73 -63.38 26.79
C ILE K 348 8.48 -62.69 25.65
N GLY K 349 9.13 -61.58 25.99
CA GLY K 349 9.90 -60.84 25.01
C GLY K 349 10.19 -59.45 25.53
N GLY K 350 10.51 -58.57 24.59
CA GLY K 350 10.83 -57.21 24.90
C GLY K 350 10.41 -56.27 23.80
N PRO K 351 10.00 -55.06 24.16
CA PRO K 351 9.48 -54.14 23.14
C PRO K 351 10.61 -53.58 22.30
N GLN K 352 10.25 -53.16 21.09
CA GLN K 352 11.23 -52.56 20.20
C GLN K 352 11.84 -51.32 20.82
N ARG K 353 11.03 -50.52 21.50
CA ARG K 353 11.52 -49.31 22.15
C ARG K 353 11.14 -49.34 23.62
N ARG K 354 11.73 -48.48 24.33
CA ARG K 354 11.62 -48.50 25.77
C ARG K 354 10.50 -47.59 26.26
N PRO K 355 9.89 -47.95 27.40
CA PRO K 355 8.81 -47.15 27.94
C PRO K 355 9.31 -45.94 28.72
N ASP K 356 8.82 -44.77 28.34
CA ASP K 356 9.22 -43.54 28.99
C ASP K 356 8.86 -43.54 30.47
N GLU K 357 7.73 -44.14 30.83
CA GLU K 357 7.31 -44.30 32.21
C GLU K 357 6.91 -45.74 32.47
N LEU K 358 7.06 -46.15 33.73
CA LEU K 358 6.73 -47.51 34.14
C LEU K 358 6.25 -47.47 35.58
N PHE K 359 4.95 -47.66 35.78
CA PHE K 359 4.36 -47.65 37.10
C PHE K 359 4.26 -49.08 37.62
N LEU K 360 4.67 -49.28 38.87
CA LEU K 360 4.65 -50.59 39.50
C LEU K 360 3.84 -50.48 40.79
N ILE K 361 2.60 -50.93 40.74
CA ILE K 361 1.69 -50.91 41.88
C ILE K 361 1.75 -52.27 42.56
N ASN K 362 2.13 -52.26 43.84
CA ASN K 362 2.21 -53.46 44.67
C ASN K 362 3.03 -54.54 43.97
N VAL K 363 4.09 -54.12 43.30
CA VAL K 363 5.03 -55.01 42.65
C VAL K 363 6.42 -54.57 43.04
N ALA K 364 7.31 -55.53 43.24
CA ALA K 364 8.65 -55.25 43.74
C ALA K 364 9.64 -54.96 42.61
N ASP K 365 9.79 -55.91 41.68
CA ASP K 365 10.84 -55.82 40.68
C ASP K 365 10.35 -56.46 39.39
N ASP K 366 11.02 -56.10 38.29
CA ASP K 366 10.60 -56.53 36.97
C ASP K 366 11.77 -56.31 36.01
N GLU K 367 11.71 -57.01 34.87
CA GLU K 367 12.84 -57.03 33.95
C GLU K 367 13.01 -55.69 33.25
N TRP K 368 11.91 -55.04 32.89
CA TRP K 368 11.98 -53.88 32.01
C TRP K 368 12.57 -52.65 32.69
N LYS K 369 12.91 -52.74 33.97
CA LYS K 369 13.69 -51.71 34.62
C LYS K 369 15.01 -51.47 33.90
N HIS K 370 15.40 -50.21 33.79
CA HIS K 370 16.61 -49.83 33.09
C HIS K 370 16.88 -48.38 33.44
N GLU K 371 18.12 -47.94 33.22
CA GLU K 371 18.49 -46.59 33.66
C GLU K 371 17.79 -45.53 32.84
N ASP K 372 17.57 -45.79 31.55
CA ASP K 372 16.94 -44.83 30.67
C ASP K 372 15.44 -44.77 30.87
N VAL K 373 14.89 -45.59 31.76
CA VAL K 373 13.46 -45.68 32.01
C VAL K 373 13.16 -45.14 33.40
N ASN K 374 12.09 -44.38 33.50
CA ASN K 374 11.66 -43.82 34.78
C ASN K 374 10.66 -44.71 35.49
N VAL K 375 10.95 -45.03 36.75
CA VAL K 375 10.17 -46.00 37.51
C VAL K 375 9.58 -45.32 38.74
N HIS K 376 8.28 -45.44 38.90
CA HIS K 376 7.55 -44.88 40.02
C HIS K 376 6.85 -46.00 40.77
N GLY K 377 7.21 -46.19 42.03
CA GLY K 377 6.66 -47.25 42.86
C GLY K 377 5.58 -46.73 43.79
N PHE K 378 4.70 -47.65 44.17
CA PHE K 378 3.60 -47.34 45.05
C PHE K 378 3.27 -48.58 45.86
N LYS K 379 2.62 -48.38 47.00
CA LYS K 379 2.14 -49.46 47.84
C LYS K 379 0.76 -49.10 48.35
N ILE K 380 -0.09 -48.70 47.41
CA ILE K 380 -1.44 -48.31 47.74
C ILE K 380 -2.24 -49.50 48.25
N GLU K 381 -3.34 -49.19 48.93
CA GLU K 381 -4.33 -50.15 49.36
C GLU K 381 -5.71 -49.87 48.78
N ARG K 382 -5.96 -48.64 48.35
CA ARG K 382 -7.18 -48.26 47.66
C ARG K 382 -6.79 -47.54 46.37
N LEU K 383 -7.65 -47.64 45.37
CA LEU K 383 -7.34 -47.05 44.07
C LEU K 383 -7.69 -45.58 43.97
N SER K 384 -8.51 -45.05 44.85
CA SER K 384 -8.82 -43.62 44.82
C SER K 384 -7.56 -42.77 44.92
N ASP K 385 -6.57 -43.22 45.70
CA ASP K 385 -5.43 -42.37 45.95
C ASP K 385 -4.58 -42.24 44.70
N LEU K 386 -4.55 -43.27 43.89
CA LEU K 386 -3.80 -43.18 42.66
C LEU K 386 -4.51 -42.23 41.72
N GLU K 387 -5.84 -42.24 41.75
CA GLU K 387 -6.60 -41.29 40.95
C GLU K 387 -6.23 -39.87 41.32
N TYR K 388 -6.16 -39.59 42.62
CA TYR K 388 -5.78 -38.24 43.04
C TYR K 388 -4.39 -37.90 42.56
N ILE K 389 -3.47 -38.85 42.60
CA ILE K 389 -2.11 -38.57 42.17
C ILE K 389 -2.04 -38.36 40.67
N LEU K 390 -2.96 -38.94 39.92
CA LEU K 390 -3.02 -38.79 38.47
C LEU K 390 -4.00 -37.73 38.01
N GLN K 391 -4.56 -36.95 38.95
CA GLN K 391 -5.41 -35.80 38.64
C GLN K 391 -6.80 -36.18 38.17
N LEU K 392 -7.23 -37.41 38.44
CA LEU K 392 -8.53 -37.84 37.97
C LEU K 392 -9.65 -37.31 38.85
N ARG K 393 -9.38 -37.10 40.14
CA ARG K 393 -10.36 -36.55 41.05
C ARG K 393 -9.68 -35.51 41.93
N SER K 394 -10.51 -34.73 42.63
CA SER K 394 -10.06 -33.51 43.30
C SER K 394 -9.53 -33.80 44.70
N ASP K 395 -10.34 -34.44 45.54
CA ASP K 395 -10.06 -34.57 46.95
C ASP K 395 -9.93 -36.03 47.36
N TYR K 396 -9.20 -36.24 48.44
CA TYR K 396 -8.94 -37.56 49.00
C TYR K 396 -9.66 -37.71 50.33
N ALA K 397 -10.29 -38.87 50.52
CA ALA K 397 -11.00 -39.21 51.75
C ALA K 397 -11.74 -38.01 52.34
N ALA L 222 -17.17 -84.45 -19.40
CA ALA L 222 -18.02 -84.43 -20.58
C ALA L 222 -19.13 -83.42 -20.44
N THR L 223 -20.24 -83.87 -19.85
CA THR L 223 -21.36 -82.99 -19.59
C THR L 223 -21.02 -81.97 -18.51
N LYS L 224 -20.22 -82.38 -17.53
CA LYS L 224 -19.88 -81.51 -16.41
C LYS L 224 -19.27 -80.20 -16.87
N GLY L 225 -18.50 -80.24 -17.95
CA GLY L 225 -17.92 -79.02 -18.49
C GLY L 225 -18.96 -77.96 -18.79
N ARG L 226 -20.10 -78.38 -19.33
CA ARG L 226 -21.17 -77.42 -19.61
C ARG L 226 -21.90 -76.99 -18.36
N MET L 227 -22.09 -77.89 -17.39
CA MET L 227 -22.78 -77.45 -16.18
C MET L 227 -22.03 -76.30 -15.55
N PHE L 228 -20.71 -76.46 -15.43
CA PHE L 228 -19.90 -75.46 -14.77
C PHE L 228 -19.79 -74.20 -15.62
N SER L 229 -19.72 -74.34 -16.94
CA SER L 229 -19.62 -73.11 -17.72
C SER L 229 -20.94 -72.33 -17.67
N SER L 230 -22.06 -73.04 -17.62
CA SER L 230 -23.35 -72.39 -17.45
C SER L 230 -23.41 -71.61 -16.15
N LEU L 231 -22.98 -72.24 -15.05
CA LEU L 231 -22.95 -71.52 -13.78
C LEU L 231 -22.03 -70.31 -13.86
N ARG L 232 -20.85 -70.49 -14.46
CA ARG L 232 -19.90 -69.39 -14.58
C ARG L 232 -20.53 -68.21 -15.28
N LYS L 233 -21.34 -68.47 -16.29
CA LYS L 233 -21.94 -67.38 -17.05
C LYS L 233 -23.17 -66.81 -16.36
N SER L 234 -23.78 -67.57 -15.45
CA SER L 234 -24.93 -67.06 -14.72
C SER L 234 -24.55 -65.97 -13.74
N LEU L 235 -23.42 -66.13 -13.05
CA LEU L 235 -23.04 -65.27 -11.94
C LEU L 235 -22.10 -64.16 -12.35
N ARG L 236 -22.03 -63.86 -13.63
CA ARG L 236 -21.10 -62.84 -14.11
C ARG L 236 -21.57 -61.43 -13.75
N SER L 237 -22.87 -61.25 -13.54
CA SER L 237 -23.43 -59.93 -13.30
C SER L 237 -23.29 -59.53 -11.85
N CYS L 238 -23.59 -60.44 -10.92
CA CYS L 238 -23.48 -60.15 -9.51
C CYS L 238 -22.09 -59.64 -9.14
N LEU L 239 -21.05 -60.26 -9.69
CA LEU L 239 -19.71 -60.01 -9.23
C LEU L 239 -19.10 -58.75 -9.85
N ALA L 240 -19.63 -58.30 -10.99
CA ALA L 240 -19.19 -57.02 -11.53
C ALA L 240 -19.37 -55.90 -10.53
N HIS L 241 -20.41 -55.98 -9.71
CA HIS L 241 -20.66 -54.98 -8.69
C HIS L 241 -19.54 -54.96 -7.68
N ASN L 242 -19.31 -53.77 -7.11
CA ASN L 242 -18.25 -53.55 -6.15
C ASN L 242 -18.74 -53.73 -4.73
N SER L 243 -19.74 -52.95 -4.32
CA SER L 243 -20.31 -53.05 -3.00
C SER L 243 -21.48 -54.03 -2.99
N ARG L 244 -21.41 -55.03 -2.13
CA ARG L 244 -22.44 -56.04 -2.07
C ARG L 244 -22.15 -56.99 -0.91
N TRP L 245 -23.21 -57.57 -0.36
CA TRP L 245 -23.12 -58.47 0.78
C TRP L 245 -23.20 -59.90 0.26
N ARG L 246 -22.13 -60.67 0.48
CA ARG L 246 -22.08 -62.07 0.10
C ARG L 246 -21.78 -62.93 1.32
N VAL L 247 -22.47 -64.06 1.40
CA VAL L 247 -22.23 -65.09 2.41
C VAL L 247 -21.88 -66.40 1.73
N PHE L 248 -21.01 -67.17 2.39
CA PHE L 248 -20.67 -68.51 1.98
C PHE L 248 -20.93 -69.48 3.12
N VAL L 249 -21.51 -70.64 2.80
CA VAL L 249 -21.60 -71.76 3.71
C VAL L 249 -20.95 -72.97 3.04
N ILE L 250 -20.12 -73.68 3.79
CA ILE L 250 -19.31 -74.78 3.26
C ILE L 250 -19.33 -75.95 4.23
N ASN L 251 -19.17 -77.15 3.68
CA ASN L 251 -19.19 -78.40 4.44
C ASN L 251 -17.99 -79.25 4.04
N PRO L 252 -16.88 -79.14 4.77
CA PRO L 252 -15.63 -79.73 4.30
C PRO L 252 -15.57 -81.24 4.37
N LEU L 253 -16.58 -81.90 4.94
CA LEU L 253 -16.47 -83.33 5.18
C LEU L 253 -16.35 -84.10 3.88
N THR L 254 -16.84 -83.54 2.78
CA THR L 254 -16.85 -84.21 1.48
C THR L 254 -15.80 -83.68 0.52
N ILE L 255 -15.53 -82.38 0.56
CA ILE L 255 -14.55 -81.81 -0.36
C ILE L 255 -13.21 -82.48 -0.17
N GLU L 256 -12.59 -82.87 -1.27
CA GLU L 256 -11.28 -83.47 -1.22
C GLU L 256 -10.23 -82.38 -1.06
N ASN L 257 -9.24 -82.66 -0.22
CA ASN L 257 -8.09 -81.78 -0.04
C ASN L 257 -8.53 -80.35 0.26
N PHE L 258 -9.18 -80.21 1.42
CA PHE L 258 -9.70 -78.91 1.87
C PHE L 258 -8.63 -78.12 2.59
N ASP L 259 -8.05 -78.71 3.63
CA ASP L 259 -7.05 -78.02 4.45
C ASP L 259 -5.89 -77.53 3.62
N ASP L 260 -5.66 -78.13 2.46
CA ASP L 260 -4.50 -77.79 1.65
C ASP L 260 -4.74 -76.55 0.79
N ASP L 261 -5.98 -76.34 0.34
CA ASP L 261 -6.28 -75.33 -0.66
C ASP L 261 -7.13 -74.18 -0.14
N ILE L 262 -7.60 -74.27 1.10
CA ILE L 262 -8.53 -73.26 1.61
C ILE L 262 -7.89 -71.87 1.60
N VAL L 263 -6.64 -71.77 2.04
CA VAL L 263 -6.02 -70.47 2.21
C VAL L 263 -5.73 -69.83 0.86
N ARG L 264 -5.26 -70.63 -0.10
CA ARG L 264 -5.04 -70.12 -1.44
C ARG L 264 -6.35 -69.62 -2.05
N PHE L 265 -7.42 -70.37 -1.85
CA PHE L 265 -8.74 -69.90 -2.26
C PHE L 265 -9.04 -68.52 -1.68
N ILE L 266 -8.94 -68.39 -0.36
CA ILE L 266 -9.37 -67.14 0.27
C ILE L 266 -8.51 -65.98 -0.21
N LYS L 267 -7.21 -66.19 -0.34
CA LYS L 267 -6.35 -65.10 -0.77
C LYS L 267 -6.68 -64.68 -2.19
N ALA L 268 -6.89 -65.65 -3.08
CA ALA L 268 -7.26 -65.32 -4.44
C ALA L 268 -8.56 -64.52 -4.47
N PHE L 269 -9.55 -64.94 -3.69
CA PHE L 269 -10.83 -64.26 -3.70
C PHE L 269 -10.68 -62.84 -3.19
N VAL L 270 -9.88 -62.64 -2.14
CA VAL L 270 -9.73 -61.32 -1.55
C VAL L 270 -8.99 -60.39 -2.51
N GLN L 271 -7.99 -60.90 -3.22
CA GLN L 271 -7.19 -60.02 -4.05
C GLN L 271 -8.02 -59.31 -5.09
N ARG L 272 -9.10 -59.94 -5.56
CA ARG L 272 -9.88 -59.45 -6.68
C ARG L 272 -11.13 -58.70 -6.26
N TYR L 273 -11.79 -59.15 -5.20
CA TYR L 273 -13.05 -58.58 -4.75
C TYR L 273 -12.96 -57.83 -3.43
N SER L 274 -11.79 -57.76 -2.79
CA SER L 274 -11.66 -57.01 -1.55
C SER L 274 -10.27 -56.40 -1.40
N SER L 275 -9.80 -55.71 -2.44
CA SER L 275 -8.48 -55.10 -2.42
C SER L 275 -8.47 -53.63 -2.80
N LYS L 276 -9.62 -53.05 -3.13
CA LYS L 276 -9.74 -51.66 -3.53
C LYS L 276 -10.54 -50.89 -2.50
N TYR L 277 -10.64 -49.58 -2.72
CA TYR L 277 -11.34 -48.72 -1.78
C TYR L 277 -12.84 -48.74 -1.99
N LEU L 278 -13.27 -48.95 -3.23
CA LEU L 278 -14.67 -48.97 -3.58
C LEU L 278 -15.38 -50.21 -3.06
N HIS L 279 -14.64 -51.17 -2.52
CA HIS L 279 -15.19 -52.42 -2.02
C HIS L 279 -15.45 -52.25 -0.53
N SER L 280 -16.68 -51.86 -0.19
CA SER L 280 -16.98 -51.45 1.16
C SER L 280 -17.24 -52.64 2.08
N ASN L 281 -18.07 -53.57 1.66
CA ASN L 281 -18.47 -54.68 2.52
C ASN L 281 -17.58 -55.88 2.24
N PRO L 282 -16.85 -56.38 3.22
CA PRO L 282 -16.13 -57.61 3.04
C PRO L 282 -17.04 -58.82 3.10
N PRO L 283 -16.58 -59.97 2.66
CA PRO L 283 -17.39 -61.18 2.68
C PRO L 283 -17.34 -61.94 4.01
N LEU L 284 -18.21 -62.93 4.10
CA LEU L 284 -18.40 -63.74 5.29
C LEU L 284 -18.31 -65.21 4.93
N PHE L 285 -17.40 -65.92 5.55
CA PHE L 285 -17.20 -67.34 5.32
C PHE L 285 -17.62 -68.09 6.57
N MET L 286 -18.63 -68.94 6.43
CA MET L 286 -19.13 -69.76 7.51
C MET L 286 -18.89 -71.22 7.16
N LEU L 287 -18.50 -71.98 8.17
CA LEU L 287 -18.19 -73.38 8.01
C LEU L 287 -18.99 -74.19 9.03
N THR L 288 -19.37 -75.40 8.63
CA THR L 288 -20.23 -76.24 9.43
C THR L 288 -19.48 -77.47 9.86
N GLY L 289 -19.82 -77.96 11.04
CA GLY L 289 -19.24 -79.17 11.59
C GLY L 289 -18.12 -78.88 12.58
N ASP L 290 -17.66 -79.94 13.22
CA ASP L 290 -16.51 -79.86 14.12
C ASP L 290 -15.27 -79.51 13.31
N TYR L 291 -14.79 -78.29 13.49
CA TYR L 291 -13.62 -77.78 12.80
C TYR L 291 -12.99 -76.68 13.65
N ASP L 292 -11.66 -76.62 13.64
CA ASP L 292 -10.91 -75.68 14.47
C ASP L 292 -10.47 -74.50 13.63
N LEU L 293 -11.04 -73.34 13.93
CA LEU L 293 -10.73 -72.13 13.18
C LEU L 293 -9.37 -71.56 13.55
N SER L 294 -8.97 -71.69 14.81
CA SER L 294 -7.78 -71.00 15.30
C SER L 294 -6.60 -71.18 14.37
N VAL L 295 -6.38 -72.40 13.89
CA VAL L 295 -5.20 -72.67 13.10
C VAL L 295 -5.29 -71.96 11.77
N LEU L 296 -6.49 -71.90 11.20
CA LEU L 296 -6.67 -71.23 9.92
C LEU L 296 -6.50 -69.73 10.08
N GLN L 297 -6.94 -69.18 11.21
CA GLN L 297 -6.75 -67.77 11.48
C GLN L 297 -5.27 -67.44 11.59
N LYS L 298 -4.51 -68.28 12.28
CA LYS L 298 -3.08 -68.06 12.39
C LYS L 298 -2.41 -68.16 11.03
N ARG L 299 -2.84 -69.11 10.22
CA ARG L 299 -2.25 -69.27 8.90
C ARG L 299 -2.53 -68.05 8.02
N LEU L 300 -3.77 -67.57 8.04
CA LEU L 300 -4.10 -66.37 7.28
C LEU L 300 -3.37 -65.16 7.80
N TYR L 301 -3.00 -65.14 9.08
CA TYR L 301 -2.15 -64.07 9.57
C TYR L 301 -0.75 -64.20 9.01
N ASP L 302 -0.21 -65.40 8.98
CA ASP L 302 1.12 -65.58 8.42
C ASP L 302 1.13 -65.23 6.94
N ALA L 303 -0.01 -65.40 6.27
CA ALA L 303 -0.10 -65.11 4.84
C ALA L 303 -0.11 -63.62 4.56
N GLY L 304 -0.70 -62.83 5.45
CA GLY L 304 -0.75 -61.39 5.24
C GLY L 304 -2.11 -60.79 5.34
N LEU L 305 -3.05 -61.47 5.99
CA LEU L 305 -4.41 -60.99 6.07
C LEU L 305 -4.87 -60.88 7.52
N ARG L 306 -6.04 -60.27 7.70
CA ARG L 306 -6.63 -60.06 9.01
C ARG L 306 -8.12 -60.36 8.92
N CYS L 307 -8.63 -61.04 9.95
CA CYS L 307 -9.99 -61.52 10.01
C CYS L 307 -10.73 -60.95 11.21
N GLU L 308 -12.04 -60.90 11.10
CA GLU L 308 -12.93 -60.49 12.18
C GLU L 308 -13.81 -61.65 12.58
N THR L 309 -13.75 -62.02 13.86
CA THR L 309 -14.44 -63.19 14.37
C THR L 309 -15.63 -62.86 15.24
N GLY L 310 -15.76 -61.63 15.70
CA GLY L 310 -16.90 -61.22 16.50
C GLY L 310 -16.80 -61.54 17.97
N LYS L 311 -15.61 -61.88 18.46
CA LYS L 311 -15.43 -62.33 19.82
C LYS L 311 -14.75 -61.25 20.65
N VAL L 312 -15.44 -60.76 21.67
CA VAL L 312 -14.85 -59.82 22.63
C VAL L 312 -14.25 -60.64 23.76
N GLY L 313 -13.08 -61.21 23.51
CA GLY L 313 -12.44 -62.04 24.49
C GLY L 313 -13.04 -63.43 24.61
N GLY L 314 -14.30 -63.45 24.98
CA GLY L 314 -14.98 -64.70 25.23
C GLY L 314 -15.27 -65.48 23.96
N THR L 315 -15.52 -66.77 24.15
CA THR L 315 -15.84 -67.64 23.04
C THR L 315 -17.17 -67.25 22.38
N ASP L 316 -18.12 -66.76 23.17
CA ASP L 316 -19.40 -66.37 22.61
C ASP L 316 -19.21 -65.34 21.49
N VAL L 317 -20.13 -65.39 20.53
CA VAL L 317 -20.09 -64.58 19.31
C VAL L 317 -21.12 -63.48 19.41
N ILE L 318 -20.68 -62.24 19.42
CA ILE L 318 -21.56 -61.08 19.44
C ILE L 318 -21.84 -60.66 18.00
N ILE L 319 -23.11 -60.76 17.59
CA ILE L 319 -23.48 -60.59 16.19
C ILE L 319 -23.28 -59.15 15.76
N LYS L 320 -23.56 -58.21 16.65
CA LYS L 320 -23.49 -56.80 16.29
C LYS L 320 -22.07 -56.32 16.05
N GLU L 321 -21.07 -57.15 16.36
CA GLU L 321 -19.67 -56.80 16.16
C GLU L 321 -19.02 -57.60 15.05
N LEU L 322 -19.78 -58.45 14.35
CA LEU L 322 -19.26 -59.18 13.21
C LEU L 322 -19.71 -58.60 11.88
N PHE L 323 -20.84 -57.90 11.86
CA PHE L 323 -21.38 -57.31 10.64
C PHE L 323 -21.21 -55.80 10.64
N ARG L 324 -20.12 -55.31 11.23
CA ARG L 324 -19.85 -53.89 11.29
C ARG L 324 -19.06 -53.42 10.08
N ARG L 325 -19.05 -52.11 9.90
CA ARG L 325 -18.39 -51.49 8.77
C ARG L 325 -16.95 -51.13 9.16
N PRO L 326 -15.98 -51.38 8.28
CA PRO L 326 -14.59 -51.12 8.60
C PRO L 326 -14.16 -49.68 8.35
N ILE L 327 -12.98 -49.36 8.84
CA ILE L 327 -12.35 -48.07 8.62
C ILE L 327 -11.57 -48.15 7.32
N LEU L 328 -11.76 -47.16 6.46
CA LEU L 328 -11.17 -47.15 5.13
C LEU L 328 -10.58 -45.78 4.88
N ILE L 329 -9.26 -45.72 4.81
CA ILE L 329 -8.54 -44.56 4.31
C ILE L 329 -8.22 -44.80 2.85
N ARG L 330 -8.39 -43.76 2.03
CA ARG L 330 -8.14 -43.88 0.61
C ARG L 330 -6.66 -43.78 0.29
N ASN L 331 -6.07 -42.63 0.55
CA ASN L 331 -4.66 -42.38 0.27
C ASN L 331 -3.97 -41.97 1.55
N PRO L 332 -2.99 -42.74 2.06
CA PRO L 332 -2.59 -44.07 1.60
C PRO L 332 -3.59 -45.14 1.98
N PHE L 333 -3.71 -46.17 1.15
CA PHE L 333 -4.76 -47.15 1.34
C PHE L 333 -4.50 -47.98 2.59
N ARG L 334 -5.59 -48.39 3.24
CA ARG L 334 -5.52 -49.33 4.35
C ARG L 334 -6.92 -49.84 4.64
N MET L 335 -6.99 -51.11 5.02
CA MET L 335 -8.23 -51.77 5.40
C MET L 335 -8.09 -52.32 6.81
N GLU L 336 -9.04 -51.98 7.68
CA GLU L 336 -9.00 -52.50 9.03
C GLU L 336 -9.08 -54.02 9.03
N PHE L 337 -10.00 -54.58 8.26
CA PHE L 337 -10.03 -56.02 8.05
C PHE L 337 -10.56 -56.31 6.65
N SER L 338 -10.14 -57.45 6.12
CA SER L 338 -10.44 -57.86 4.76
C SER L 338 -11.48 -58.96 4.66
N LEU L 339 -11.63 -59.80 5.67
CA LEU L 339 -12.61 -60.88 5.60
C LEU L 339 -13.16 -61.24 6.97
N ARG L 340 -14.35 -61.81 6.96
CA ARG L 340 -15.02 -62.32 8.13
C ARG L 340 -15.05 -63.84 8.10
N LEU L 341 -15.00 -64.45 9.27
CA LEU L 341 -14.87 -65.89 9.41
C LEU L 341 -15.51 -66.32 10.72
N ALA L 342 -16.39 -67.30 10.66
CA ALA L 342 -17.07 -67.79 11.85
C ALA L 342 -17.68 -69.15 11.58
N LYS L 343 -17.90 -69.90 12.65
CA LYS L 343 -18.65 -71.13 12.59
C LYS L 343 -20.14 -70.85 12.62
N ARG L 344 -20.90 -71.77 12.03
CA ARG L 344 -22.34 -71.56 11.86
C ARG L 344 -23.09 -71.83 13.15
N ASP L 345 -22.79 -72.97 13.80
CA ASP L 345 -23.47 -73.32 15.03
C ASP L 345 -23.37 -72.23 16.08
N GLU L 346 -22.33 -71.41 16.03
CA GLU L 346 -22.12 -70.40 17.05
C GLU L 346 -22.99 -69.18 16.85
N VAL L 347 -23.26 -68.83 15.59
CA VAL L 347 -23.98 -67.61 15.26
C VAL L 347 -25.46 -67.88 15.51
N ILE L 348 -26.02 -67.25 16.55
CA ILE L 348 -27.41 -67.43 16.91
C ILE L 348 -28.11 -66.09 16.69
N GLY L 349 -28.81 -65.99 15.60
CA GLY L 349 -29.54 -64.79 15.27
C GLY L 349 -29.66 -64.64 13.78
N GLY L 350 -29.69 -63.38 13.37
CA GLY L 350 -29.70 -63.02 11.97
C GLY L 350 -29.24 -61.60 11.79
N PRO L 351 -29.11 -61.16 10.54
CA PRO L 351 -28.66 -59.81 10.27
C PRO L 351 -29.83 -58.83 10.18
N GLN L 352 -29.52 -57.57 10.48
CA GLN L 352 -30.54 -56.52 10.39
C GLN L 352 -30.94 -56.28 8.95
N ARG L 353 -29.98 -56.36 8.02
CA ARG L 353 -30.25 -56.22 6.61
C ARG L 353 -29.85 -57.50 5.90
N ARG L 354 -30.76 -58.01 5.08
CA ARG L 354 -30.62 -59.33 4.51
C ARG L 354 -29.56 -59.39 3.42
N PRO L 355 -29.01 -60.56 3.18
CA PRO L 355 -27.93 -60.70 2.21
C PRO L 355 -28.43 -60.80 0.78
N ASP L 356 -27.66 -60.17 -0.12
CA ASP L 356 -28.03 -60.14 -1.53
C ASP L 356 -27.92 -61.52 -2.13
N GLU L 357 -26.71 -62.10 -2.08
CA GLU L 357 -26.48 -63.45 -2.56
C GLU L 357 -25.97 -64.34 -1.44
N LEU L 358 -26.39 -65.59 -1.50
CA LEU L 358 -26.02 -66.63 -0.53
C LEU L 358 -25.54 -67.85 -1.29
N PHE L 359 -24.27 -68.17 -1.16
CA PHE L 359 -23.66 -69.30 -1.83
C PHE L 359 -23.58 -70.47 -0.87
N LEU L 360 -24.34 -71.51 -1.16
CA LEU L 360 -24.35 -72.73 -0.37
C LEU L 360 -23.60 -73.82 -1.14
N ILE L 361 -22.48 -74.27 -0.60
CA ILE L 361 -21.66 -75.30 -1.20
C ILE L 361 -21.77 -76.55 -0.35
N ASN L 362 -22.39 -77.58 -0.91
CA ASN L 362 -22.45 -78.90 -0.28
C ASN L 362 -23.20 -78.84 1.04
N VAL L 363 -24.35 -78.18 1.01
CA VAL L 363 -25.25 -78.09 2.16
C VAL L 363 -26.68 -77.98 1.65
N ALA L 364 -27.59 -78.61 2.37
CA ALA L 364 -28.98 -78.74 1.92
C ALA L 364 -29.77 -77.47 2.20
N ASP L 365 -29.96 -77.14 3.49
CA ASP L 365 -30.83 -76.03 3.84
C ASP L 365 -30.23 -75.26 5.00
N ASP L 366 -30.58 -73.97 5.05
CA ASP L 366 -30.13 -73.08 6.10
C ASP L 366 -31.32 -72.23 6.54
N GLU L 367 -31.15 -71.52 7.65
CA GLU L 367 -32.22 -70.72 8.21
C GLU L 367 -32.33 -69.33 7.58
N TRP L 368 -31.34 -68.93 6.79
CA TRP L 368 -31.32 -67.62 6.16
C TRP L 368 -31.93 -67.61 4.78
N LYS L 369 -32.49 -68.73 4.33
CA LYS L 369 -33.17 -68.74 3.04
C LYS L 369 -34.49 -67.98 3.15
N HIS L 370 -34.78 -67.19 2.13
CA HIS L 370 -35.99 -66.41 2.08
C HIS L 370 -36.26 -66.07 0.62
N GLU L 371 -37.48 -65.59 0.37
CA GLU L 371 -37.90 -65.40 -1.00
C GLU L 371 -37.20 -64.22 -1.66
N ASP L 372 -36.65 -63.31 -0.87
CA ASP L 372 -36.05 -62.08 -1.38
C ASP L 372 -34.53 -62.14 -1.41
N VAL L 373 -33.96 -63.34 -1.55
CA VAL L 373 -32.53 -63.53 -1.63
C VAL L 373 -32.22 -64.52 -2.74
N ASN L 374 -31.12 -64.30 -3.44
CA ASN L 374 -30.68 -65.14 -4.56
C ASN L 374 -29.84 -66.29 -4.02
N VAL L 375 -30.47 -67.44 -3.89
CA VAL L 375 -29.94 -68.57 -3.16
C VAL L 375 -29.37 -69.55 -4.17
N HIS L 376 -28.06 -69.56 -4.30
CA HIS L 376 -27.35 -70.44 -5.22
C HIS L 376 -26.91 -71.68 -4.47
N GLY L 377 -26.90 -72.80 -5.17
CA GLY L 377 -26.56 -74.07 -4.57
C GLY L 377 -25.77 -74.90 -5.54
N PHE L 378 -24.65 -75.45 -5.08
CA PHE L 378 -23.75 -76.19 -5.94
C PHE L 378 -23.44 -77.55 -5.31
N LYS L 379 -22.72 -78.37 -6.07
CA LYS L 379 -22.14 -79.61 -5.58
C LYS L 379 -20.81 -79.83 -6.27
N ILE L 380 -19.74 -79.84 -5.49
CA ILE L 380 -18.38 -79.91 -6.02
C ILE L 380 -17.55 -80.78 -5.09
N GLU L 381 -16.46 -81.32 -5.63
CA GLU L 381 -15.60 -82.23 -4.89
C GLU L 381 -14.18 -81.72 -4.76
N ARG L 382 -13.77 -80.78 -5.60
CA ARG L 382 -12.51 -80.08 -5.47
C ARG L 382 -12.77 -78.58 -5.49
N LEU L 383 -11.88 -77.82 -4.86
CA LEU L 383 -12.08 -76.39 -4.68
C LEU L 383 -11.66 -75.58 -5.88
N SER L 384 -10.88 -76.16 -6.80
CA SER L 384 -10.60 -75.45 -8.04
C SER L 384 -11.84 -75.23 -8.87
N ASP L 385 -12.84 -76.10 -8.74
CA ASP L 385 -14.07 -75.95 -9.50
C ASP L 385 -14.68 -74.58 -9.22
N LEU L 386 -14.75 -74.23 -7.94
CA LEU L 386 -15.31 -72.94 -7.58
C LEU L 386 -14.40 -71.82 -8.08
N GLU L 387 -13.10 -72.07 -8.10
CA GLU L 387 -12.18 -71.04 -8.54
C GLU L 387 -12.43 -70.72 -10.00
N TYR L 388 -12.92 -71.71 -10.76
CA TYR L 388 -13.29 -71.47 -12.14
C TYR L 388 -14.61 -70.73 -12.22
N ILE L 389 -15.57 -71.11 -11.40
CA ILE L 389 -16.89 -70.49 -11.48
C ILE L 389 -16.79 -69.01 -11.14
N LEU L 390 -16.01 -68.67 -10.14
CA LEU L 390 -15.94 -67.31 -9.62
C LEU L 390 -14.92 -66.45 -10.36
N GLN L 391 -14.30 -66.96 -11.42
CA GLN L 391 -13.43 -66.23 -12.32
C GLN L 391 -12.04 -65.99 -11.76
N LEU L 392 -11.60 -66.81 -10.82
CA LEU L 392 -10.26 -66.71 -10.30
C LEU L 392 -9.27 -67.43 -11.20
N ARG L 393 -9.67 -68.57 -11.75
CA ARG L 393 -8.85 -69.35 -12.66
C ARG L 393 -9.42 -69.29 -14.07
N SER L 394 -8.54 -69.09 -15.05
CA SER L 394 -9.00 -68.83 -16.42
C SER L 394 -9.64 -70.05 -17.05
N ASP L 395 -9.06 -71.24 -16.87
CA ASP L 395 -9.46 -72.41 -17.62
C ASP L 395 -9.69 -73.58 -16.68
N TYR L 396 -10.70 -74.37 -17.00
CA TYR L 396 -11.19 -75.43 -16.12
C TYR L 396 -10.04 -76.24 -15.55
N MET M 1 -44.30 -5.37 11.36
CA MET M 1 -45.69 -5.73 11.64
C MET M 1 -46.46 -6.00 10.35
N PRO M 2 -46.44 -5.06 9.41
CA PRO M 2 -47.19 -5.24 8.17
C PRO M 2 -46.51 -6.23 7.24
N ASP M 3 -47.30 -6.77 6.31
CA ASP M 3 -46.75 -7.72 5.36
C ASP M 3 -45.67 -7.05 4.50
N LEU M 4 -44.52 -7.69 4.39
CA LEU M 4 -43.39 -7.05 3.74
C LEU M 4 -43.20 -7.48 2.30
N GLY M 5 -44.05 -8.36 1.79
CA GLY M 5 -44.01 -8.72 0.39
C GLY M 5 -43.13 -9.90 0.07
N THR M 6 -42.62 -9.91 -1.15
CA THR M 6 -41.73 -10.90 -1.71
C THR M 6 -40.28 -10.44 -1.60
N PRO M 7 -39.35 -11.31 -1.22
CA PRO M 7 -37.98 -10.86 -0.99
C PRO M 7 -37.21 -10.66 -2.29
N ILE M 8 -36.19 -9.81 -2.19
CA ILE M 8 -35.31 -9.52 -3.30
C ILE M 8 -34.18 -10.51 -3.41
N GLY M 9 -33.59 -10.91 -2.28
CA GLY M 9 -32.35 -11.64 -2.33
C GLY M 9 -31.98 -12.24 -1.01
N SER M 10 -30.92 -13.04 -1.06
CA SER M 10 -30.40 -13.79 0.06
C SER M 10 -29.04 -13.24 0.49
N VAL M 11 -28.67 -13.57 1.70
CA VAL M 11 -27.39 -13.17 2.26
C VAL M 11 -26.33 -14.17 1.84
N THR M 12 -25.14 -13.66 1.53
CA THR M 12 -24.01 -14.48 1.13
C THR M 12 -22.88 -14.39 2.15
N ASP M 13 -22.44 -13.19 2.50
CA ASP M 13 -21.42 -12.97 3.50
C ASP M 13 -21.95 -12.05 4.60
N SER M 14 -21.66 -12.43 5.84
CA SER M 14 -22.18 -11.78 7.03
C SER M 14 -21.05 -11.48 7.98
N SER M 15 -21.23 -10.43 8.77
CA SER M 15 -20.21 -9.96 9.69
C SER M 15 -20.73 -8.73 10.43
N PRO M 16 -20.18 -8.40 11.60
CA PRO M 16 -20.78 -7.31 12.40
C PRO M 16 -20.58 -5.94 11.79
N SER M 17 -19.77 -5.81 10.75
CA SER M 17 -19.53 -4.55 10.10
C SER M 17 -19.92 -4.55 8.63
N LEU M 18 -20.37 -5.68 8.09
CA LEU M 18 -20.70 -5.76 6.68
C LEU M 18 -21.71 -6.88 6.47
N ILE M 19 -22.57 -6.68 5.47
CA ILE M 19 -23.50 -7.70 5.01
C ILE M 19 -23.59 -7.56 3.50
N ARG M 20 -23.54 -8.69 2.80
CA ARG M 20 -23.60 -8.73 1.35
C ARG M 20 -24.84 -9.50 0.92
N ILE M 21 -25.63 -8.88 0.04
CA ILE M 21 -26.83 -9.46 -0.53
C ILE M 21 -26.64 -9.61 -2.02
N GLU M 22 -27.16 -10.70 -2.57
CA GLU M 22 -27.02 -11.02 -3.98
C GLU M 22 -28.38 -11.19 -4.63
N ILE M 23 -28.51 -10.62 -5.83
CA ILE M 23 -29.68 -10.80 -6.68
C ILE M 23 -29.23 -11.36 -8.01
N SER M 24 -30.02 -12.30 -8.55
CA SER M 24 -29.67 -13.03 -9.75
C SER M 24 -30.76 -12.93 -10.81
N SER M 25 -31.68 -11.98 -10.66
CA SER M 25 -32.75 -11.76 -11.62
C SER M 25 -32.94 -10.29 -11.88
N ALA M 26 -32.79 -9.89 -13.14
CA ALA M 26 -32.91 -8.48 -13.50
C ALA M 26 -34.34 -7.98 -13.47
N GLU M 27 -35.31 -8.87 -13.67
CA GLU M 27 -36.70 -8.45 -13.67
C GLU M 27 -37.11 -7.89 -12.32
N ASP M 28 -36.62 -8.50 -11.23
CA ASP M 28 -36.99 -8.01 -9.90
C ASP M 28 -36.23 -6.73 -9.61
N PHE M 29 -34.92 -6.74 -9.90
CA PHE M 29 -34.10 -5.58 -9.65
C PHE M 29 -34.77 -4.37 -10.25
N GLU M 30 -35.04 -4.40 -11.57
CA GLU M 30 -35.64 -3.22 -12.19
C GLU M 30 -36.96 -2.87 -11.54
N LYS M 31 -37.64 -3.86 -10.96
CA LYS M 31 -38.92 -3.60 -10.33
C LYS M 31 -38.75 -2.70 -9.12
N TYR M 32 -37.70 -2.95 -8.34
CA TYR M 32 -37.46 -2.23 -7.09
C TYR M 32 -36.23 -1.32 -7.11
N LYS M 33 -35.70 -1.01 -8.28
CA LYS M 33 -34.47 -0.24 -8.36
C LYS M 33 -34.57 1.09 -7.61
N SER M 34 -35.77 1.66 -7.54
CA SER M 34 -35.92 2.96 -6.90
C SER M 34 -35.57 2.90 -5.43
N MET M 35 -35.88 1.79 -4.78
CA MET M 35 -35.71 1.65 -3.34
C MET M 35 -34.40 1.00 -2.95
N LEU M 36 -33.51 0.74 -3.92
CA LEU M 36 -32.23 0.07 -3.67
C LEU M 36 -31.06 1.01 -3.84
N GLY M 37 -31.28 2.30 -3.70
CA GLY M 37 -30.21 3.27 -3.82
C GLY M 37 -29.47 3.54 -2.54
N VAL M 38 -28.28 4.11 -2.70
CA VAL M 38 -27.43 4.42 -1.57
C VAL M 38 -28.11 5.43 -0.68
N GLY M 39 -28.17 5.11 0.61
CA GLY M 39 -28.86 5.92 1.59
C GLY M 39 -30.15 5.33 2.08
N GLN M 40 -30.75 4.43 1.33
CA GLN M 40 -32.00 3.80 1.70
C GLN M 40 -31.74 2.61 2.60
N TYR M 41 -32.82 2.05 3.13
CA TYR M 41 -32.76 1.06 4.18
C TYR M 41 -33.43 -0.23 3.75
N LEU M 42 -32.86 -1.34 4.22
CA LEU M 42 -33.35 -2.67 3.96
C LEU M 42 -33.61 -3.39 5.27
N LEU M 43 -34.52 -4.35 5.24
CA LEU M 43 -34.78 -5.23 6.37
C LEU M 43 -34.21 -6.60 6.07
N VAL M 44 -33.47 -7.14 7.04
CA VAL M 44 -32.96 -8.49 6.96
C VAL M 44 -33.54 -9.29 8.12
N ALA M 45 -33.45 -10.60 8.02
CA ALA M 45 -34.04 -11.49 9.00
C ALA M 45 -32.97 -12.28 9.72
N SER M 46 -32.99 -12.21 11.04
CA SER M 46 -32.12 -13.00 11.91
C SER M 46 -33.03 -13.76 12.86
N GLY M 47 -33.32 -15.00 12.53
CA GLY M 47 -34.18 -15.81 13.34
C GLY M 47 -35.63 -15.65 12.98
N ASN M 48 -36.48 -16.11 13.90
CA ASN M 48 -37.91 -15.97 13.81
C ASN M 48 -38.33 -14.80 14.69
N ASN M 49 -39.19 -13.95 14.16
CA ASN M 49 -39.76 -12.84 14.91
C ASN M 49 -38.70 -11.81 15.30
N LEU M 50 -37.96 -11.34 14.30
CA LEU M 50 -36.92 -10.35 14.48
C LEU M 50 -36.44 -9.91 13.10
N TYR M 51 -36.02 -8.65 13.03
CA TYR M 51 -35.53 -8.09 11.80
C TYR M 51 -34.46 -7.07 12.13
N LEU M 52 -33.55 -6.89 11.20
CA LEU M 52 -32.47 -5.92 11.30
C LEU M 52 -32.64 -4.87 10.23
N LEU M 53 -32.18 -3.66 10.53
CA LEU M 53 -32.31 -2.52 9.65
C LEU M 53 -30.92 -2.09 9.21
N ALA M 54 -30.65 -2.22 7.93
CA ALA M 54 -29.33 -1.96 7.37
C ALA M 54 -29.38 -0.88 6.31
N SER M 55 -28.29 -0.13 6.20
CA SER M 55 -28.16 0.98 5.27
C SER M 55 -27.21 0.61 4.14
N ILE M 56 -27.63 0.89 2.92
CA ILE M 56 -26.84 0.51 1.76
C ILE M 56 -25.63 1.42 1.64
N THR M 57 -24.50 0.84 1.27
CA THR M 57 -23.26 1.56 1.12
C THR M 57 -22.48 1.04 -0.07
N GLY M 58 -23.19 0.54 -1.07
CA GLY M 58 -22.57 0.10 -2.31
C GLY M 58 -23.42 -0.85 -3.11
N VAL M 59 -23.43 -0.65 -4.43
CA VAL M 59 -24.12 -1.48 -5.39
C VAL M 59 -23.18 -1.77 -6.55
N ARG M 60 -23.14 -3.02 -6.98
CA ARG M 60 -22.39 -3.42 -8.16
C ARG M 60 -23.22 -4.37 -9.01
N ALA M 61 -23.13 -4.21 -10.32
CA ALA M 61 -23.83 -5.04 -11.27
C ALA M 61 -22.86 -5.58 -12.31
N THR M 62 -22.99 -6.87 -12.62
CA THR M 62 -22.09 -7.51 -13.56
C THR M 62 -22.85 -8.56 -14.35
N HIS M 63 -22.41 -8.77 -15.59
CA HIS M 63 -22.92 -9.80 -16.48
C HIS M 63 -21.70 -10.58 -16.97
N VAL M 64 -21.49 -11.76 -16.41
CA VAL M 64 -20.44 -12.68 -16.83
C VAL M 64 -21.09 -13.99 -17.25
N GLU M 65 -20.65 -14.52 -18.39
CA GLU M 65 -21.17 -15.73 -19.00
C GLU M 65 -20.04 -16.68 -19.34
N ARG M 66 -20.28 -17.97 -19.08
CA ARG M 66 -19.30 -19.02 -19.34
C ARG M 66 -19.99 -20.37 -19.50
N ASN M 87 -24.03 -15.20 -16.15
CA ASN M 87 -25.15 -14.29 -16.27
C ASN M 87 -25.18 -13.32 -15.09
N PHE M 88 -26.34 -12.71 -14.87
CA PHE M 88 -26.41 -11.52 -14.05
C PHE M 88 -26.02 -11.80 -12.60
N ARG M 89 -25.20 -10.91 -12.04
CA ARG M 89 -25.00 -10.79 -10.60
C ARG M 89 -25.23 -9.35 -10.20
N PHE M 90 -25.98 -9.15 -9.11
CA PHE M 90 -26.07 -7.86 -8.45
C PHE M 90 -25.67 -8.04 -7.00
N GLN M 91 -24.72 -7.22 -6.54
CA GLN M 91 -24.25 -7.22 -5.17
C GLN M 91 -24.62 -5.92 -4.49
N ILE M 92 -25.09 -6.03 -3.26
CA ILE M 92 -25.49 -4.90 -2.44
C ILE M 92 -24.80 -5.06 -1.09
N ASP M 93 -24.13 -4.01 -0.64
CA ASP M 93 -23.43 -4.02 0.64
C ASP M 93 -24.14 -3.10 1.62
N THR M 94 -24.19 -3.53 2.89
CA THR M 94 -25.00 -2.85 3.88
C THR M 94 -24.20 -2.67 5.16
N GLN M 95 -24.78 -1.93 6.09
CA GLN M 95 -24.21 -1.65 7.41
C GLN M 95 -25.33 -1.56 8.42
N PRO M 96 -25.34 -2.40 9.44
CA PRO M 96 -26.49 -2.46 10.34
C PRO M 96 -26.54 -1.38 11.40
N ILE M 97 -27.76 -0.94 11.68
CA ILE M 97 -28.04 0.17 12.55
C ILE M 97 -28.78 -0.27 13.80
N GLY M 98 -29.66 -1.24 13.68
CA GLY M 98 -30.42 -1.69 14.82
C GLY M 98 -31.45 -2.72 14.43
N THR M 99 -32.35 -2.97 15.39
CA THR M 99 -33.26 -4.10 15.35
C THR M 99 -34.69 -3.66 15.50
N LEU M 100 -35.59 -4.48 14.98
CA LEU M 100 -37.01 -4.23 15.00
C LEU M 100 -37.71 -5.57 15.14
N SER M 101 -38.52 -5.69 16.17
CA SER M 101 -39.32 -6.87 16.42
C SER M 101 -40.64 -6.83 15.67
N GLU M 102 -41.43 -7.88 15.86
CA GLU M 102 -42.74 -7.98 15.22
C GLU M 102 -43.70 -6.95 15.80
N ASP M 103 -43.59 -6.66 17.10
CA ASP M 103 -44.46 -5.67 17.71
C ASP M 103 -44.18 -4.27 17.20
N GLY M 104 -42.91 -3.94 16.98
CA GLY M 104 -42.55 -2.67 16.36
C GLY M 104 -41.65 -1.81 17.22
N GLU M 105 -40.80 -2.42 18.01
CA GLU M 105 -39.86 -1.71 18.86
C GLU M 105 -38.50 -1.64 18.18
N PHE M 106 -38.06 -0.41 17.89
CA PHE M 106 -36.78 -0.16 17.24
C PHE M 106 -35.71 0.07 18.30
N SER M 107 -34.87 -0.93 18.51
CA SER M 107 -33.78 -0.85 19.45
C SER M 107 -32.46 -0.71 18.72
N ARG M 108 -31.80 0.42 18.93
CA ARG M 108 -30.47 0.61 18.41
C ARG M 108 -29.47 -0.33 19.06
N GLY M 109 -28.48 -0.72 18.29
CA GLY M 109 -27.48 -1.69 18.67
C GLY M 109 -27.67 -2.97 17.88
N SER M 110 -26.57 -3.50 17.36
CA SER M 110 -26.61 -4.71 16.54
C SER M 110 -25.58 -5.68 17.06
N HIS M 111 -25.98 -6.47 18.07
CA HIS M 111 -25.17 -7.58 18.56
C HIS M 111 -25.37 -8.84 17.71
N SER M 112 -26.58 -9.04 17.20
CA SER M 112 -26.90 -10.29 16.54
C SER M 112 -26.18 -10.36 15.19
N LEU M 113 -26.14 -11.56 14.62
CA LEU M 113 -25.56 -11.77 13.32
C LEU M 113 -26.48 -12.63 12.47
N PRO M 114 -26.72 -12.25 11.22
CA PRO M 114 -27.56 -13.07 10.34
C PRO M 114 -26.80 -14.15 9.61
N VAL M 115 -27.32 -15.37 9.65
CA VAL M 115 -26.72 -16.51 8.98
C VAL M 115 -27.08 -16.48 7.51
N PRO M 116 -26.21 -16.94 6.63
CA PRO M 116 -26.54 -16.99 5.21
C PRO M 116 -27.75 -17.83 4.92
N THR M 117 -28.34 -17.58 3.75
CA THR M 117 -29.59 -18.14 3.27
C THR M 117 -30.79 -17.40 3.83
N GLU M 118 -30.59 -16.28 4.51
CA GLU M 118 -31.68 -15.48 5.02
C GLU M 118 -32.05 -14.39 4.02
N TYR M 119 -33.29 -13.95 4.12
CA TYR M 119 -33.91 -13.12 3.09
C TYR M 119 -33.78 -11.65 3.42
N ALA M 120 -34.02 -10.82 2.41
CA ALA M 120 -33.96 -9.38 2.52
C ALA M 120 -35.20 -8.79 1.88
N TYR M 121 -35.72 -7.74 2.50
CA TYR M 121 -36.92 -7.07 2.03
C TYR M 121 -36.71 -5.57 2.00
N VAL M 122 -37.51 -4.91 1.18
CA VAL M 122 -37.51 -3.46 1.04
C VAL M 122 -38.43 -2.86 2.08
N THR M 123 -38.00 -1.75 2.67
CA THR M 123 -38.69 -1.13 3.79
C THR M 123 -39.89 -0.32 3.32
N PRO M 124 -41.12 -0.80 3.52
CA PRO M 124 -42.26 -0.01 3.15
C PRO M 124 -42.33 1.28 3.94
N PRO M 125 -42.69 2.40 3.31
CA PRO M 125 -42.53 3.69 3.97
C PRO M 125 -43.37 3.83 5.23
N ALA M 126 -44.58 3.28 5.21
CA ALA M 126 -45.45 3.36 6.37
C ALA M 126 -44.78 2.81 7.60
N VAL M 127 -43.78 1.96 7.45
CA VAL M 127 -43.11 1.41 8.61
C VAL M 127 -42.18 2.46 9.19
N LEU M 128 -41.52 3.23 8.34
CA LEU M 128 -40.59 4.24 8.80
C LEU M 128 -41.34 5.40 9.43
N GLU M 129 -42.55 5.68 8.93
CA GLU M 129 -43.35 6.74 9.52
C GLU M 129 -43.52 6.52 11.02
N GLY M 130 -43.92 5.31 11.40
CA GLY M 130 -44.15 5.02 12.80
C GLY M 130 -42.89 5.12 13.64
N ILE M 131 -41.78 4.63 13.10
CA ILE M 131 -40.52 4.72 13.82
C ILE M 131 -40.17 6.18 14.06
N PHE M 132 -40.41 7.04 13.06
CA PHE M 132 -40.17 8.46 13.25
C PHE M 132 -41.08 9.00 14.35
N SER M 133 -42.35 8.60 14.33
CA SER M 133 -43.32 9.21 15.23
C SER M 133 -43.02 8.84 16.68
N HIS M 134 -42.94 7.54 16.96
CA HIS M 134 -42.96 7.06 18.33
C HIS M 134 -41.60 7.12 19.03
N GLN M 135 -40.63 7.81 18.46
CA GLN M 135 -39.33 7.92 19.11
C GLN M 135 -38.68 9.29 18.93
N ILE M 136 -39.47 10.31 18.61
CA ILE M 136 -38.99 11.69 18.44
C ILE M 136 -39.87 12.59 19.28
N LYS M 137 -39.29 13.19 20.32
CA LYS M 137 -40.06 13.81 21.39
C LYS M 137 -40.64 15.14 20.95
N SER M 138 -39.78 16.11 20.63
CA SER M 138 -40.21 17.44 20.21
C SER M 138 -40.02 17.58 18.71
N PRO M 139 -41.05 17.32 17.91
CA PRO M 139 -40.84 17.16 16.48
C PRO M 139 -40.76 18.47 15.73
N PHE M 140 -40.21 18.36 14.52
CA PHE M 140 -39.97 19.51 13.67
C PHE M 140 -39.83 18.99 12.25
N ALA M 141 -40.71 19.41 11.37
CA ALA M 141 -40.72 18.95 10.00
C ALA M 141 -39.65 19.69 9.21
N LEU M 142 -38.88 18.94 8.42
CA LEU M 142 -37.79 19.53 7.68
C LEU M 142 -37.86 19.25 6.19
N GLY M 143 -38.88 18.55 5.74
CA GLY M 143 -38.98 18.23 4.35
C GLY M 143 -39.65 16.88 4.18
N THR M 144 -39.32 16.26 3.06
CA THR M 144 -39.92 15.01 2.65
C THR M 144 -38.84 14.04 2.21
N LEU M 145 -39.17 12.76 2.30
CA LEU M 145 -38.24 11.71 1.94
C LEU M 145 -38.21 11.56 0.43
N GLY M 146 -37.04 11.21 -0.11
CA GLY M 146 -36.88 11.22 -1.55
C GLY M 146 -37.72 10.20 -2.28
N ILE M 147 -37.82 8.98 -1.74
CA ILE M 147 -38.57 7.94 -2.42
C ILE M 147 -40.06 8.22 -2.39
N SER M 148 -40.56 8.80 -1.31
CA SER M 148 -42.00 9.02 -1.14
C SER M 148 -42.26 10.46 -0.76
N PRO M 149 -42.74 11.28 -1.69
CA PRO M 149 -43.08 12.67 -1.38
C PRO M 149 -44.20 12.85 -0.39
N ASP M 150 -44.92 11.79 -0.02
CA ASP M 150 -46.04 11.97 0.88
C ASP M 150 -45.57 12.13 2.33
N ILE M 151 -44.64 11.30 2.77
CA ILE M 151 -44.25 11.33 4.17
C ILE M 151 -43.44 12.58 4.47
N LYS M 152 -43.43 12.95 5.75
CA LYS M 152 -42.68 14.09 6.26
C LYS M 152 -41.51 13.58 7.10
N LEU M 153 -40.35 14.17 6.90
CA LEU M 153 -39.20 13.90 7.72
C LEU M 153 -39.20 14.79 8.94
N LYS M 154 -39.08 14.16 10.11
CA LYS M 154 -39.19 14.82 11.39
C LYS M 154 -37.91 14.66 12.17
N ILE M 155 -37.49 15.76 12.80
CA ILE M 155 -36.32 15.80 13.65
C ILE M 155 -36.70 16.41 14.99
N ASP M 156 -35.78 16.36 15.93
CA ASP M 156 -35.99 16.92 17.25
C ASP M 156 -35.57 18.39 17.24
N GLY M 157 -36.47 19.26 17.64
CA GLY M 157 -36.24 20.68 17.53
C GLY M 157 -35.27 21.16 18.57
N ASP M 158 -35.38 20.58 19.76
CA ASP M 158 -34.62 21.06 20.90
C ASP M 158 -33.13 20.83 20.69
N ARG M 159 -32.79 19.68 20.11
CA ARG M 159 -31.39 19.35 19.88
C ARG M 159 -30.84 20.08 18.66
N PHE M 160 -31.69 20.34 17.68
CA PHE M 160 -31.28 21.03 16.47
C PHE M 160 -30.98 22.49 16.72
N PHE M 161 -31.94 23.21 17.29
CA PHE M 161 -31.83 24.65 17.39
C PHE M 161 -31.08 25.11 18.63
N SER M 162 -30.98 24.27 19.65
CA SER M 162 -30.23 24.60 20.85
C SER M 162 -28.73 24.49 20.65
N LYS M 163 -28.28 23.89 19.57
CA LYS M 163 -26.87 23.70 19.31
C LYS M 163 -26.51 24.24 17.93
N HIS M 164 -25.21 24.26 17.65
CA HIS M 164 -24.70 24.84 16.43
C HIS M 164 -24.91 23.92 15.23
N VAL M 165 -25.12 24.54 14.07
CA VAL M 165 -25.54 23.87 12.85
C VAL M 165 -24.67 24.34 11.70
N ALA M 166 -24.55 23.48 10.68
CA ALA M 166 -23.83 23.79 9.46
C ALA M 166 -24.66 23.46 8.23
N VAL M 167 -24.42 24.23 7.16
CA VAL M 167 -25.07 24.05 5.88
C VAL M 167 -24.03 24.25 4.79
N VAL M 168 -23.84 23.24 3.95
CA VAL M 168 -22.81 23.27 2.92
C VAL M 168 -23.39 22.86 1.59
N GLY M 169 -22.81 23.41 0.52
CA GLY M 169 -23.24 23.06 -0.82
C GLY M 169 -22.36 23.73 -1.85
N SER M 170 -22.77 23.60 -3.10
CA SER M 170 -22.13 24.24 -4.22
C SER M 170 -23.12 25.10 -4.97
N THR M 171 -22.61 25.84 -5.93
CA THR M 171 -23.47 26.66 -6.77
C THR M 171 -24.37 25.78 -7.62
N GLY M 172 -25.56 26.29 -7.91
CA GLY M 172 -26.53 25.50 -8.63
C GLY M 172 -27.28 24.48 -7.83
N SER M 173 -27.22 24.55 -6.50
CA SER M 173 -27.84 23.55 -5.64
C SER M 173 -28.87 24.12 -4.68
N GLY M 174 -29.15 25.40 -4.73
CA GLY M 174 -30.20 26.00 -3.96
C GLY M 174 -30.00 26.02 -2.46
N LYS M 175 -28.83 26.47 -2.01
CA LYS M 175 -28.64 26.69 -0.58
C LYS M 175 -29.60 27.75 -0.06
N SER M 176 -29.66 28.89 -0.75
CA SER M 176 -30.42 30.02 -0.28
C SER M 176 -31.86 29.64 0.00
N CYS M 177 -32.47 28.89 -0.90
CA CYS M 177 -33.85 28.48 -0.71
C CYS M 177 -33.98 27.63 0.54
N ALA M 178 -33.00 26.76 0.79
CA ALA M 178 -33.08 25.85 1.92
C ALA M 178 -32.95 26.60 3.22
N VAL M 179 -32.00 27.52 3.30
CA VAL M 179 -31.82 28.29 4.51
C VAL M 179 -33.04 29.16 4.76
N ALA M 180 -33.62 29.69 3.69
CA ALA M 180 -34.84 30.48 3.83
C ALA M 180 -35.95 29.64 4.42
N LYS M 181 -36.11 28.41 3.92
CA LYS M 181 -37.18 27.56 4.42
C LYS M 181 -36.97 27.19 5.88
N ILE M 182 -35.74 26.90 6.25
CA ILE M 182 -35.44 26.58 7.63
C ILE M 182 -35.81 27.75 8.53
N LEU M 183 -35.34 28.94 8.17
CA LEU M 183 -35.60 30.11 9.02
C LEU M 183 -37.09 30.42 9.07
N GLN M 184 -37.78 30.23 7.96
CA GLN M 184 -39.21 30.45 7.94
C GLN M 184 -39.91 29.52 8.90
N THR M 185 -39.66 28.22 8.77
CA THR M 185 -40.33 27.30 9.66
C THR M 185 -39.97 27.63 11.10
N ALA M 186 -38.77 28.15 11.32
CA ALA M 186 -38.35 28.51 12.66
C ALA M 186 -39.24 29.60 13.23
N VAL M 187 -39.63 30.57 12.39
CA VAL M 187 -40.41 31.70 12.89
C VAL M 187 -41.89 31.52 12.57
N GLY M 188 -42.33 30.28 12.42
CA GLY M 188 -43.75 30.01 12.23
C GLY M 188 -44.36 30.68 11.03
N ILE M 189 -43.59 30.87 9.97
CA ILE M 189 -44.13 31.34 8.71
C ILE M 189 -44.03 30.29 7.61
N LYS M 201 -40.12 30.02 22.35
CA LYS M 201 -40.92 29.88 21.14
C LYS M 201 -41.04 31.30 20.59
N ASN M 202 -39.96 32.09 20.73
CA ASN M 202 -39.86 33.41 20.13
C ASN M 202 -38.43 33.66 19.63
N SER M 203 -38.15 33.20 18.41
CA SER M 203 -36.80 33.19 17.89
C SER M 203 -36.36 34.57 17.46
N HIS M 204 -35.14 34.95 17.84
CA HIS M 204 -34.55 36.22 17.49
C HIS M 204 -33.33 35.98 16.60
N ILE M 205 -33.39 36.42 15.35
CA ILE M 205 -32.42 36.06 14.32
C ILE M 205 -31.70 37.31 13.85
N VAL M 206 -30.37 37.23 13.81
CA VAL M 206 -29.52 38.27 13.22
C VAL M 206 -28.77 37.64 12.05
N ILE M 207 -28.99 38.20 10.85
CA ILE M 207 -28.46 37.63 9.62
C ILE M 207 -27.44 38.59 9.02
N PHE M 208 -26.30 38.05 8.61
CA PHE M 208 -25.25 38.85 7.97
C PHE M 208 -25.31 38.60 6.46
N ASP M 209 -26.08 39.43 5.76
CA ASP M 209 -26.33 39.23 4.33
C ASP M 209 -25.28 39.98 3.53
N ILE M 210 -24.40 39.24 2.89
CA ILE M 210 -23.32 39.83 2.13
C ILE M 210 -23.77 40.24 0.74
N HIS M 211 -24.74 39.53 0.17
CA HIS M 211 -25.21 39.78 -1.19
C HIS M 211 -26.60 40.42 -1.24
N ALA M 212 -27.16 40.82 -0.11
CA ALA M 212 -28.46 41.48 -0.07
C ALA M 212 -29.53 40.68 -0.79
N GLU M 213 -29.79 39.50 -0.24
CA GLU M 213 -30.72 38.57 -0.86
C GLU M 213 -31.91 38.20 0.02
N TYR M 214 -31.76 38.20 1.34
CA TYR M 214 -32.78 37.63 2.21
C TYR M 214 -33.84 38.63 2.63
N ALA M 215 -33.96 39.74 1.91
CA ALA M 215 -34.99 40.71 2.25
C ALA M 215 -36.36 40.27 1.79
N ALA M 216 -36.44 39.54 0.68
CA ALA M 216 -37.71 39.12 0.13
C ALA M 216 -38.31 37.95 0.89
N ALA M 217 -37.50 37.22 1.63
CA ALA M 217 -37.99 36.10 2.41
C ALA M 217 -39.09 36.53 3.37
N PHE M 218 -38.89 37.63 4.08
CA PHE M 218 -39.84 38.05 5.09
C PHE M 218 -40.55 39.37 4.82
N ASN M 219 -40.29 40.03 3.70
CA ASN M 219 -40.94 41.31 3.44
C ASN M 219 -42.44 41.13 3.31
N LEU M 220 -42.86 40.09 2.62
CA LEU M 220 -44.25 39.83 2.30
C LEU M 220 -44.95 39.00 3.37
N GLU M 221 -44.99 39.54 4.59
CA GLU M 221 -45.73 38.92 5.69
C GLU M 221 -46.66 39.94 6.35
N ALA M 222 -46.10 40.75 7.25
CA ALA M 222 -46.85 41.80 7.93
C ALA M 222 -48.11 41.25 8.59
N GLY M 223 -48.00 40.07 9.18
CA GLY M 223 -49.08 39.44 9.89
C GLY M 223 -49.15 39.72 11.38
N GLU M 224 -48.16 40.44 11.91
CA GLU M 224 -48.01 40.81 13.32
C GLU M 224 -47.46 39.65 14.13
N ALA M 225 -47.08 38.56 13.47
CA ALA M 225 -46.46 37.45 14.19
C ALA M 225 -45.09 37.83 14.69
N PHE M 226 -44.35 38.57 13.87
CA PHE M 226 -43.01 39.02 14.16
C PHE M 226 -42.85 40.43 13.63
N THR M 227 -41.81 41.09 14.11
CA THR M 227 -41.49 42.46 13.76
C THR M 227 -40.11 42.46 13.15
N LEU M 228 -40.03 42.90 11.90
CA LEU M 228 -38.82 42.79 11.08
C LEU M 228 -38.13 44.14 11.00
N ASN M 229 -36.85 44.18 11.31
CA ASN M 229 -36.06 45.39 11.17
C ASN M 229 -35.06 45.21 10.05
N LEU M 230 -34.93 46.21 9.18
CA LEU M 230 -34.27 46.06 7.89
C LEU M 230 -33.23 47.16 7.74
N LEU M 231 -31.99 46.81 8.03
CA LEU M 231 -30.89 47.73 8.20
C LEU M 231 -30.15 47.98 6.90
N GLY M 232 -29.29 49.00 6.95
CA GLY M 232 -28.54 49.46 5.80
C GLY M 232 -27.49 50.45 6.24
N VAL M 233 -26.64 50.82 5.30
CA VAL M 233 -25.50 51.69 5.62
C VAL M 233 -25.96 53.08 6.01
N ASP M 234 -27.07 53.54 5.44
CA ASP M 234 -27.61 54.84 5.77
C ASP M 234 -28.35 54.85 7.09
N ASN M 235 -28.99 53.74 7.45
CA ASN M 235 -29.92 53.69 8.56
C ASN M 235 -29.28 53.22 9.84
N LEU M 236 -28.00 52.88 9.80
CA LEU M 236 -27.35 52.19 10.90
C LEU M 236 -26.58 53.17 11.76
N ARG M 237 -26.84 53.11 13.05
CA ARG M 237 -26.17 53.93 14.04
C ARG M 237 -25.28 53.03 14.89
N LEU M 238 -24.00 53.35 14.98
CA LEU M 238 -23.07 52.48 15.68
C LEU M 238 -21.80 53.23 16.05
N PRO M 239 -21.66 53.66 17.30
CA PRO M 239 -20.49 54.46 17.67
C PRO M 239 -19.21 53.65 17.60
N TYR M 240 -18.11 54.39 17.73
CA TYR M 240 -16.76 53.83 17.70
C TYR M 240 -16.11 53.74 19.07
N TRP M 241 -16.80 54.19 20.13
CA TRP M 241 -16.22 54.14 21.46
C TRP M 241 -16.31 52.76 22.06
N LEU M 242 -17.05 51.86 21.41
CA LEU M 242 -17.20 50.49 21.84
C LEU M 242 -16.00 49.67 21.42
N MET M 243 -15.24 50.17 20.47
CA MET M 243 -14.06 49.50 19.95
C MET M 243 -13.09 49.18 21.07
N ASN M 244 -12.61 47.94 21.07
CA ASN M 244 -11.51 47.52 21.91
C ASN M 244 -10.18 47.92 21.30
N ALA M 245 -9.11 47.28 21.74
CA ALA M 245 -7.77 47.73 21.39
C ALA M 245 -7.46 47.40 19.95
N GLN M 246 -7.71 46.14 19.58
CA GLN M 246 -7.23 45.63 18.32
C GLN M 246 -7.95 46.32 17.17
N GLU M 247 -9.24 46.60 17.35
CA GLU M 247 -10.01 47.22 16.29
C GLU M 247 -9.69 48.70 16.17
N LEU M 248 -9.55 49.39 17.30
CA LEU M 248 -9.19 50.80 17.25
C LEU M 248 -7.84 50.98 16.59
N GLU M 249 -6.97 49.97 16.75
CA GLU M 249 -5.66 50.00 16.15
C GLU M 249 -5.73 49.72 14.66
N GLN M 250 -6.54 48.72 14.26
CA GLN M 250 -6.62 48.44 12.84
C GLN M 250 -7.18 49.64 12.10
N ILE M 251 -8.14 50.34 12.72
CA ILE M 251 -8.75 51.48 12.07
C ILE M 251 -7.71 52.58 11.89
N PHE M 252 -7.18 53.08 13.00
CA PHE M 252 -6.47 54.35 12.93
C PHE M 252 -4.98 54.21 12.65
N ILE M 253 -4.23 53.58 13.54
CA ILE M 253 -2.79 53.34 13.30
C ILE M 253 -2.67 52.07 12.48
N GLU M 254 -2.64 52.22 11.17
CA GLU M 254 -2.36 51.07 10.33
C GLU M 254 -0.91 50.65 10.47
N SER M 255 -0.67 49.34 10.30
CA SER M 255 0.67 48.80 10.48
C SER M 255 1.64 49.23 9.39
N ASN M 256 1.17 49.99 8.40
CA ASN M 256 2.01 50.34 7.26
C ASN M 256 3.21 51.18 7.70
N GLU M 257 2.96 52.11 8.62
CA GLU M 257 3.90 53.17 8.95
C GLU M 257 5.28 52.64 9.33
N HIS M 258 6.30 53.47 9.09
CA HIS M 258 7.68 53.17 9.40
C HIS M 258 8.13 53.66 10.78
N ASN M 259 7.34 54.52 11.43
CA ASN M 259 7.67 55.01 12.77
C ASN M 259 6.79 54.37 13.83
N SER M 260 6.35 53.13 13.58
CA SER M 260 5.36 52.49 14.43
C SER M 260 5.84 52.37 15.87
N HIS M 261 7.13 52.07 16.07
CA HIS M 261 7.64 51.73 17.39
C HIS M 261 7.30 52.75 18.47
N ASN M 262 7.50 54.03 18.19
CA ASN M 262 7.13 55.07 19.13
C ASN M 262 5.66 55.45 18.97
N GLN M 263 5.18 55.32 17.74
CA GLN M 263 3.87 55.84 17.34
C GLN M 263 2.75 55.16 18.11
N ILE M 264 2.77 53.84 18.18
CA ILE M 264 1.66 53.14 18.81
C ILE M 264 1.57 53.53 20.28
N SER M 265 2.70 53.59 20.97
CA SER M 265 2.69 53.98 22.37
C SER M 265 2.22 55.42 22.54
N GLN M 266 2.70 56.32 21.67
CA GLN M 266 2.27 57.72 21.77
C GLN M 266 0.76 57.82 21.64
N PHE M 267 0.19 57.00 20.76
CA PHE M 267 -1.24 57.11 20.52
C PHE M 267 -2.01 56.48 21.67
N ARG M 268 -1.52 55.36 22.20
CA ARG M 268 -2.13 54.76 23.38
C ARG M 268 -2.20 55.78 24.49
N HIS M 269 -1.08 56.47 24.73
CA HIS M 269 -1.04 57.46 25.79
C HIS M 269 -2.06 58.56 25.53
N ALA M 270 -2.09 59.05 24.30
CA ALA M 270 -2.98 60.15 23.97
C ALA M 270 -4.43 59.78 24.20
N VAL M 271 -4.80 58.55 23.84
CA VAL M 271 -6.20 58.16 23.92
C VAL M 271 -6.58 57.92 25.37
N VAL M 272 -5.75 57.20 26.11
CA VAL M 272 -6.04 57.00 27.53
C VAL M 272 -6.22 58.34 28.22
N ARG M 273 -5.32 59.28 27.92
CA ARG M 273 -5.43 60.59 28.55
C ARG M 273 -6.73 61.27 28.19
N ASN M 274 -7.11 61.22 26.91
CA ASN M 274 -8.25 62.02 26.51
C ASN M 274 -9.53 61.43 27.06
N LYS M 275 -9.57 60.12 27.28
CA LYS M 275 -10.82 59.50 27.73
C LYS M 275 -11.28 60.16 29.03
N CYS M 276 -10.33 60.45 29.92
CA CYS M 276 -10.64 60.73 31.32
C CYS M 276 -11.71 61.80 31.44
N LYS M 277 -11.51 62.94 30.79
CA LYS M 277 -12.23 64.15 31.15
C LYS M 277 -13.72 64.00 30.90
N HIS M 278 -14.07 63.15 29.95
CA HIS M 278 -15.45 63.06 29.49
C HIS M 278 -16.34 62.39 30.51
N ASN M 279 -15.75 61.56 31.36
CA ASN M 279 -16.53 60.87 32.36
C ASN M 279 -16.13 61.36 33.74
N PRO M 280 -16.61 62.53 34.16
CA PRO M 280 -16.27 63.03 35.48
C PRO M 280 -17.24 62.55 36.53
N THR M 281 -18.45 62.15 36.11
CA THR M 281 -19.38 61.63 37.09
C THR M 281 -18.80 60.39 37.74
N LEU M 282 -17.98 59.63 37.00
CA LEU M 282 -17.24 58.51 37.55
C LEU M 282 -15.76 58.88 37.69
N THR M 283 -14.94 57.90 38.07
CA THR M 283 -13.56 58.14 38.50
C THR M 283 -12.55 58.16 37.36
N ASN M 284 -12.33 57.03 36.70
CA ASN M 284 -11.19 56.90 35.81
C ASN M 284 -11.37 55.69 34.92
N LEU M 285 -10.50 55.58 33.92
CA LEU M 285 -10.66 54.59 32.86
C LEU M 285 -9.36 53.85 32.59
N SER M 286 -9.30 53.17 31.45
CA SER M 286 -8.05 52.64 30.92
C SER M 286 -8.11 52.67 29.40
N PHE M 287 -7.23 51.92 28.75
CA PHE M 287 -7.09 52.01 27.29
C PHE M 287 -8.27 51.39 26.56
N ASP M 288 -8.62 50.15 26.91
CA ASP M 288 -9.71 49.44 26.25
C ASP M 288 -11.03 49.52 27.01
N THR M 289 -11.21 50.57 27.80
CA THR M 289 -12.39 50.67 28.64
C THR M 289 -13.48 51.44 27.90
N PRO M 290 -14.51 50.79 27.41
CA PRO M 290 -15.41 51.40 26.42
C PRO M 290 -16.37 52.41 27.04
N VAL M 291 -15.81 53.50 27.56
CA VAL M 291 -16.59 54.55 28.19
C VAL M 291 -16.38 55.80 27.35
N TYR M 292 -17.40 56.66 27.33
CA TYR M 292 -17.50 57.75 26.36
C TYR M 292 -16.17 58.46 26.16
N PHE M 293 -16.02 59.04 24.98
CA PHE M 293 -14.76 59.43 24.39
C PHE M 293 -15.07 60.49 23.34
N SER M 294 -14.02 61.01 22.71
CA SER M 294 -14.23 61.95 21.62
C SER M 294 -12.95 62.18 20.84
N ILE M 295 -12.92 61.76 19.58
CA ILE M 295 -11.81 62.11 18.69
C ILE M 295 -11.94 63.54 18.20
N ASP M 296 -13.02 64.23 18.57
CA ASP M 296 -13.24 65.57 18.04
C ASP M 296 -12.28 66.56 18.66
N GLU M 297 -12.05 66.43 19.97
CA GLU M 297 -11.08 67.28 20.63
C GLU M 297 -9.66 66.77 20.41
N VAL M 298 -9.48 65.49 20.11
CA VAL M 298 -8.15 64.99 19.79
C VAL M 298 -7.72 65.57 18.47
N VAL M 299 -8.66 65.69 17.53
CA VAL M 299 -8.36 66.26 16.21
C VAL M 299 -7.64 67.60 16.38
N THR M 300 -7.95 68.31 17.46
CA THR M 300 -7.36 69.61 17.77
C THR M 300 -6.11 69.46 18.61
N TYR M 301 -6.24 68.80 19.75
CA TYR M 301 -5.19 68.66 20.74
C TYR M 301 -3.93 68.03 20.16
N LEU M 302 -4.02 67.26 19.08
CA LEU M 302 -2.84 66.62 18.55
C LEU M 302 -1.97 67.53 17.71
N GLU M 303 -2.53 68.60 17.17
CA GLU M 303 -1.69 69.48 16.39
C GLU M 303 -0.85 70.37 17.27
N ASN M 304 -1.32 70.72 18.48
CA ASN M 304 -0.47 71.41 19.43
C ASN M 304 0.88 70.67 19.54
N MET M 305 0.86 69.43 20.04
CA MET M 305 2.10 68.69 20.22
C MET M 305 2.82 68.56 18.90
N ASN M 306 2.06 68.53 17.82
CA ASN M 306 2.66 68.53 16.50
C ASN M 306 3.47 69.80 16.26
N ASN M 307 3.10 70.91 16.93
CA ASN M 307 3.73 72.20 16.67
C ASN M 307 4.05 72.99 17.95
N GLU M 308 4.28 72.31 19.08
CA GLU M 308 4.45 73.03 20.35
C GLU M 308 5.92 73.36 20.63
N VAL M 309 6.12 74.27 21.61
CA VAL M 309 7.44 74.68 22.08
C VAL M 309 7.41 74.81 23.60
N ILE M 310 8.61 74.83 24.20
CA ILE M 310 8.77 74.99 25.64
C ILE M 310 9.87 76.01 25.87
N GLY M 311 9.75 76.78 26.95
CA GLY M 311 10.77 77.77 27.26
C GLY M 311 12.07 77.12 27.70
N LYS M 312 13.18 77.83 27.49
CA LYS M 312 14.50 77.30 27.82
C LYS M 312 15.38 78.30 28.61
N LEU M 313 14.79 79.40 29.08
CA LEU M 313 15.52 80.36 29.90
C LEU M 313 15.93 79.71 31.22
N ALA M 314 17.06 80.16 31.75
CA ALA M 314 17.60 79.59 32.97
C ALA M 314 16.59 79.68 34.10
N GLY M 315 16.42 78.57 34.81
CA GLY M 315 15.46 78.49 35.91
C GLY M 315 14.03 78.77 35.50
N GLU M 316 13.66 78.42 34.28
CA GLU M 316 12.31 78.65 33.75
C GLU M 316 11.82 77.35 33.14
N GLY M 317 11.25 76.47 33.97
CA GLY M 317 10.67 75.24 33.48
C GLY M 317 9.18 75.35 33.21
N LYS M 318 8.80 76.21 32.27
CA LYS M 318 7.40 76.43 31.97
C LYS M 318 7.25 76.72 30.48
N PRO M 319 6.03 76.64 29.94
CA PRO M 319 5.85 76.74 28.49
C PRO M 319 6.24 78.12 27.96
N LYS M 320 6.55 78.16 26.68
CA LYS M 320 6.87 79.40 25.95
C LYS M 320 5.68 79.77 25.07
N LEU M 321 4.79 80.60 25.61
CA LEU M 321 3.53 80.92 24.97
C LEU M 321 3.60 82.30 24.32
N ALA M 322 2.56 82.62 23.54
CA ALA M 322 2.50 83.91 22.86
C ALA M 322 2.49 85.07 23.84
N ASN M 323 1.59 85.01 24.81
CA ASN M 323 1.60 85.93 25.94
C ASN M 323 2.37 85.35 27.10
N GLU M 324 3.05 84.22 26.88
CA GLU M 324 3.89 83.58 27.88
C GLU M 324 3.10 83.26 29.13
N THR M 325 1.81 82.97 28.97
CA THR M 325 1.04 82.43 30.08
C THR M 325 1.51 81.01 30.31
N LEU M 326 1.67 80.66 31.57
CA LEU M 326 2.25 79.38 31.95
C LEU M 326 1.17 78.52 32.61
N VAL M 327 1.06 77.27 32.15
CA VAL M 327 -0.03 76.38 32.56
C VAL M 327 0.55 75.20 33.32
N SER M 328 -0.05 74.89 34.47
CA SER M 328 0.47 73.76 35.25
C SER M 328 0.14 72.43 34.60
N ASP M 329 -1.05 72.31 34.01
CA ASP M 329 -1.53 71.05 33.46
C ASP M 329 -1.80 71.22 31.97
N ARG M 330 -1.46 70.19 31.19
CA ARG M 330 -1.62 70.27 29.73
C ARG M 330 -3.09 70.44 29.34
N ASP M 331 -4.00 69.73 30.01
CA ASP M 331 -5.39 69.71 29.59
C ASP M 331 -5.99 71.11 29.51
N GLU M 332 -5.45 72.05 30.28
CA GLU M 332 -6.11 73.31 30.55
C GLU M 332 -6.42 74.03 29.24
N LEU M 333 -5.40 74.08 28.34
CA LEU M 333 -5.47 74.81 27.08
C LEU M 333 -5.24 73.98 25.81
N TYR M 334 -4.73 72.75 25.92
CA TYR M 334 -4.51 71.94 24.71
C TYR M 334 -5.79 71.40 24.10
N PHE M 335 -6.68 70.82 24.91
CA PHE M 335 -7.84 70.13 24.34
C PHE M 335 -8.82 71.09 23.67
N ASP M 336 -9.17 72.17 24.35
CA ASP M 336 -10.17 73.08 23.79
C ASP M 336 -9.67 73.66 22.47
N ALA M 337 -8.36 73.90 22.36
CA ALA M 337 -7.82 74.58 21.21
C ALA M 337 -6.33 74.27 21.10
N VAL M 338 -5.75 74.73 20.00
CA VAL M 338 -4.32 74.63 19.73
C VAL M 338 -3.74 76.02 19.90
N GLN M 339 -2.48 76.06 20.31
CA GLN M 339 -1.72 77.29 20.49
C GLN M 339 -0.42 77.15 19.72
N SER M 340 -0.12 78.16 18.90
CA SER M 340 1.10 78.17 18.10
C SER M 340 2.20 78.69 19.01
N PHE M 341 2.80 77.76 19.75
CA PHE M 341 3.77 78.13 20.77
C PHE M 341 4.96 78.86 20.16
N ILE M 342 5.50 79.83 20.90
CA ILE M 342 6.55 80.67 20.37
C ILE M 342 7.74 79.79 19.99
N VAL M 343 8.37 80.09 18.86
CA VAL M 343 9.35 79.17 18.31
C VAL M 343 10.59 79.12 19.20
N ALA M 344 11.43 78.12 18.98
CA ALA M 344 12.73 78.05 19.63
C ALA M 344 13.73 78.94 18.90
N SER M 345 14.58 79.61 19.67
CA SER M 345 15.62 80.45 19.10
C SER M 345 16.86 80.38 19.96
N GLN M 346 18.02 80.61 19.35
CA GLN M 346 19.27 80.56 20.10
C GLN M 346 19.47 81.84 20.91
N ALA M 347 18.87 82.95 20.47
CA ALA M 347 19.04 84.22 21.16
C ALA M 347 18.59 84.10 22.61
N ALA M 348 19.38 84.71 23.51
CA ALA M 348 19.11 84.58 24.94
C ALA M 348 17.76 85.16 25.32
N ALA M 349 17.40 86.33 24.76
CA ALA M 349 16.13 86.96 25.11
C ALA M 349 14.95 86.05 24.80
N THR M 350 15.00 85.32 23.68
CA THR M 350 13.88 84.52 23.21
C THR M 350 14.22 83.03 23.15
N LYS M 351 15.19 82.56 23.92
CA LYS M 351 15.57 81.15 23.84
C LYS M 351 14.44 80.23 24.27
N ALA M 352 14.33 79.11 23.55
CA ALA M 352 13.36 78.06 23.85
C ALA M 352 13.81 76.78 23.16
N SER M 353 13.11 75.69 23.47
CA SER M 353 13.42 74.38 22.91
C SER M 353 12.15 73.76 22.32
N ASN M 354 12.35 72.82 21.41
CA ASN M 354 11.26 72.19 20.67
C ASN M 354 11.20 70.71 21.02
N GLY M 355 10.03 70.12 20.78
CA GLY M 355 9.78 68.74 21.13
C GLY M 355 10.18 67.76 20.04
N PRO M 356 10.43 66.52 20.44
CA PRO M 356 10.59 65.44 19.45
C PRO M 356 9.33 65.19 18.63
N PHE M 357 8.17 65.70 19.07
CA PHE M 357 6.91 65.45 18.39
C PHE M 357 6.43 66.67 17.61
N ASN M 358 7.32 67.60 17.32
CA ASN M 358 6.92 68.78 16.55
C ASN M 358 6.72 68.41 15.09
N GLY M 359 5.73 67.56 14.82
CA GLY M 359 5.50 67.10 13.46
C GLY M 359 6.39 65.98 12.98
N GLU M 360 7.20 65.39 13.86
CA GLU M 360 8.09 64.33 13.41
C GLU M 360 7.30 63.08 13.02
N PHE M 361 6.12 62.92 13.61
CA PHE M 361 5.20 61.83 13.27
C PHE M 361 4.09 62.28 12.32
N ASP M 362 3.99 63.57 12.00
CA ASP M 362 2.82 64.16 11.37
C ASP M 362 2.38 63.45 10.10
N ARG M 363 3.21 62.58 9.56
CA ARG M 363 2.83 61.89 8.35
C ARG M 363 1.48 61.19 8.55
N MET M 364 1.37 60.38 9.60
CA MET M 364 0.12 59.68 9.87
C MET M 364 -1.06 60.63 9.98
N ILE M 365 -0.81 61.89 10.32
CA ILE M 365 -1.89 62.79 10.64
C ILE M 365 -2.72 63.11 9.40
N LEU M 366 -2.12 63.02 8.22
CA LEU M 366 -2.88 63.26 7.00
C LEU M 366 -3.76 62.07 6.66
N ARG M 367 -3.25 60.85 6.83
CA ARG M 367 -4.09 59.67 6.68
C ARG M 367 -5.28 59.75 7.62
N LEU M 368 -5.04 60.28 8.81
CA LEU M 368 -6.11 60.37 9.79
C LEU M 368 -7.12 61.43 9.37
N HIS M 369 -6.64 62.56 8.84
CA HIS M 369 -7.58 63.57 8.37
C HIS M 369 -8.42 63.00 7.24
N THR M 370 -7.79 62.21 6.37
CA THR M 370 -8.48 61.67 5.22
C THR M 370 -9.67 60.84 5.67
N ARG M 371 -9.41 59.85 6.53
CA ARG M 371 -10.46 58.89 6.85
C ARG M 371 -11.67 59.56 7.49
N LEU M 372 -11.46 60.63 8.25
CA LEU M 372 -12.58 61.27 8.94
C LEU M 372 -13.53 61.98 8.00
N ALA M 373 -13.09 62.33 6.79
CA ALA M 373 -13.96 63.03 5.87
C ALA M 373 -14.88 62.07 5.12
N ASP M 374 -14.41 60.85 4.86
CA ASP M 374 -15.07 59.91 3.97
C ASP M 374 -16.56 59.82 4.32
N PRO M 375 -17.46 60.06 3.38
CA PRO M 375 -18.88 60.07 3.74
C PRO M 375 -19.44 58.68 3.95
N ARG M 376 -18.94 57.68 3.22
CA ARG M 376 -19.43 56.34 3.42
C ARG M 376 -19.23 55.89 4.85
N LEU M 377 -18.09 56.24 5.44
CA LEU M 377 -17.73 55.78 6.78
C LEU M 377 -18.11 56.79 7.85
N GLN M 378 -19.36 57.23 7.88
CA GLN M 378 -19.79 58.18 8.88
C GLN M 378 -20.84 57.58 9.79
N PHE M 379 -21.17 56.30 9.62
CA PHE M 379 -21.94 55.59 10.62
C PHE M 379 -21.09 55.24 11.83
N LEU M 380 -19.77 55.15 11.64
CA LEU M 380 -18.89 54.86 12.76
C LEU M 380 -18.51 56.13 13.52
N PHE M 381 -18.20 57.20 12.79
CA PHE M 381 -17.54 58.36 13.35
C PHE M 381 -18.50 59.48 13.70
N TYR M 382 -19.47 59.74 12.85
CA TYR M 382 -20.34 60.88 13.01
C TYR M 382 -21.80 60.47 13.11
N PRO M 383 -22.14 59.58 14.04
CA PRO M 383 -23.55 59.25 14.27
C PRO M 383 -24.21 60.36 15.06
N LYS M 384 -25.45 60.68 14.66
CA LYS M 384 -26.22 61.71 15.31
C LYS M 384 -27.67 61.29 15.48
N LYS M 385 -28.27 61.71 16.60
CA LYS M 385 -29.62 61.25 16.95
C LYS M 385 -30.63 61.50 15.85
N GLU M 386 -31.74 60.77 15.87
CA GLU M 386 -32.80 60.98 14.89
C GLU M 386 -33.48 62.33 15.08
N ASP M 387 -33.63 62.77 16.33
CA ASP M 387 -34.29 64.06 16.57
C ASP M 387 -33.50 65.22 16.01
N GLY M 388 -32.18 65.12 15.99
CA GLY M 388 -31.34 66.21 15.55
C GLY M 388 -30.10 66.36 16.40
N GLU M 389 -30.08 65.69 17.55
CA GLU M 389 -29.02 65.76 18.55
C GLU M 389 -27.95 64.69 18.28
N ASP M 390 -26.82 64.82 18.97
CA ASP M 390 -25.76 63.83 18.90
C ASP M 390 -26.02 62.68 19.88
N LEU M 391 -25.15 61.66 19.80
CA LEU M 391 -25.29 60.43 20.58
C LEU M 391 -24.48 60.52 21.86
N ALA M 392 -25.16 60.75 22.98
CA ALA M 392 -24.51 60.75 24.27
C ALA M 392 -24.40 59.33 24.83
N THR M 393 -23.55 59.18 25.86
CA THR M 393 -23.33 57.87 26.47
C THR M 393 -24.62 57.21 26.93
N GLY M 394 -25.66 58.00 27.20
CA GLY M 394 -26.91 57.41 27.67
C GLY M 394 -27.72 56.78 26.57
N ASP M 395 -27.47 57.20 25.34
CA ASP M 395 -28.19 56.71 24.17
C ASP M 395 -27.85 55.26 23.85
N PHE M 396 -26.80 54.73 24.47
CA PHE M 396 -26.33 53.36 24.26
C PHE M 396 -27.44 52.36 24.01
N ALA M 397 -28.39 52.28 24.94
CA ALA M 397 -29.44 51.28 24.82
C ALA M 397 -30.00 51.22 23.41
N ASP M 398 -30.31 52.39 22.84
CA ASP M 398 -31.01 52.44 21.58
C ASP M 398 -30.30 51.60 20.52
N VAL M 399 -28.98 51.67 20.44
CA VAL M 399 -28.32 50.97 19.35
C VAL M 399 -28.62 49.48 19.46
N VAL M 400 -28.46 48.92 20.65
CA VAL M 400 -28.67 47.49 20.81
C VAL M 400 -30.11 47.16 20.50
N ARG M 401 -31.02 48.09 20.77
CA ARG M 401 -32.43 47.82 20.54
C ARG M 401 -32.68 47.42 19.11
N GLN M 402 -31.89 47.95 18.16
CA GLN M 402 -32.20 47.69 16.77
C GLN M 402 -31.77 46.29 16.34
N PHE M 403 -30.78 45.72 17.01
CA PHE M 403 -30.40 44.35 16.69
C PHE M 403 -31.32 43.36 17.40
N VAL M 404 -31.57 43.58 18.68
CA VAL M 404 -32.25 42.60 19.52
C VAL M 404 -33.76 42.76 19.44
N GLY M 405 -34.25 43.99 19.55
CA GLY M 405 -35.67 44.21 19.58
C GLY M 405 -36.28 43.94 20.93
N TYR M 406 -37.61 43.86 20.93
CA TYR M 406 -38.33 43.51 22.14
C TYR M 406 -38.06 42.05 22.49
N MET M 407 -37.90 41.79 23.80
CA MET M 407 -37.67 40.43 24.26
C MET M 407 -38.76 39.50 23.73
N THR M 408 -40.01 39.84 24.02
CA THR M 408 -41.15 39.16 23.44
C THR M 408 -41.28 39.52 21.96
N LYS M 409 -42.23 38.88 21.29
CA LYS M 409 -42.61 39.24 19.93
C LYS M 409 -41.43 39.12 18.98
N SER M 410 -41.10 37.88 18.62
CA SER M 410 -39.95 37.53 17.78
C SER M 410 -39.59 38.53 16.69
N ASN M 411 -38.29 38.74 16.52
CA ASN M 411 -37.71 39.72 15.61
C ASN M 411 -36.67 39.04 14.74
N VAL M 412 -36.57 39.49 13.49
CA VAL M 412 -35.61 38.97 12.53
C VAL M 412 -34.89 40.14 11.87
N SER M 413 -33.79 40.57 12.46
CA SER M 413 -33.05 41.69 11.92
C SER M 413 -32.07 41.23 10.84
N ILE M 414 -31.82 42.12 9.89
CA ILE M 414 -31.07 41.79 8.67
C ILE M 414 -30.04 42.87 8.46
N ILE M 415 -28.78 42.51 8.55
CA ILE M 415 -27.69 43.43 8.27
C ILE M 415 -27.32 43.30 6.80
N ASP M 416 -27.23 44.42 6.10
CA ASP M 416 -26.80 44.49 4.73
C ASP M 416 -25.35 44.95 4.70
N LEU M 417 -24.46 44.05 4.33
CA LEU M 417 -23.03 44.33 4.26
C LEU M 417 -22.53 44.53 2.85
N SER M 418 -23.42 44.83 1.92
CA SER M 418 -23.04 44.96 0.53
C SER M 418 -22.45 46.32 0.23
N GLY M 419 -23.00 47.37 0.85
CA GLY M 419 -22.54 48.73 0.64
C GLY M 419 -21.59 49.25 1.68
N ILE M 420 -21.13 48.40 2.59
CA ILE M 420 -20.11 48.81 3.56
C ILE M 420 -18.75 48.74 2.87
N PRO M 421 -17.87 49.70 3.13
CA PRO M 421 -16.53 49.65 2.54
C PRO M 421 -15.76 48.43 3.00
N PHE M 422 -14.94 47.91 2.11
CA PHE M 422 -14.28 46.64 2.34
C PHE M 422 -13.16 46.73 3.31
N GLU M 423 -12.95 47.88 3.93
CA GLU M 423 -11.85 48.05 4.86
C GLU M 423 -12.22 47.70 6.30
N VAL M 424 -13.47 47.94 6.71
CA VAL M 424 -13.90 47.89 8.10
C VAL M 424 -14.95 46.81 8.36
N LEU M 425 -15.19 45.96 7.37
CA LEU M 425 -16.25 44.96 7.50
C LEU M 425 -15.99 44.02 8.68
N SER M 426 -14.75 43.57 8.84
CA SER M 426 -14.43 42.60 9.88
C SER M 426 -14.56 43.23 11.25
N ILE M 427 -14.31 44.53 11.34
CA ILE M 427 -14.51 45.23 12.59
C ILE M 427 -15.99 45.27 12.90
N VAL M 428 -16.82 45.49 11.88
CA VAL M 428 -18.23 45.66 12.15
C VAL M 428 -18.81 44.34 12.65
N VAL M 429 -18.42 43.23 12.02
CA VAL M 429 -18.92 41.94 12.46
C VAL M 429 -18.48 41.66 13.89
N SER M 430 -17.19 41.87 14.19
CA SER M 430 -16.72 41.61 15.54
C SER M 430 -17.52 42.41 16.57
N LEU M 431 -17.71 43.70 16.29
CA LEU M 431 -18.43 44.56 17.22
C LEU M 431 -19.82 44.02 17.50
N ILE M 432 -20.57 43.73 16.44
CA ILE M 432 -21.95 43.27 16.61
C ILE M 432 -21.98 41.98 17.40
N SER M 433 -21.07 41.06 17.07
CA SER M 433 -21.04 39.76 17.72
C SER M 433 -20.79 39.90 19.22
N ARG M 434 -19.79 40.69 19.59
CA ARG M 434 -19.51 40.89 21.00
C ARG M 434 -20.70 41.52 21.72
N MET M 435 -21.31 42.53 21.13
CA MET M 435 -22.49 43.11 21.74
C MET M 435 -23.57 42.07 22.06
N ILE M 436 -23.87 41.20 21.09
CA ILE M 436 -24.92 40.22 21.32
C ILE M 436 -24.52 39.27 22.44
N PHE M 437 -23.31 38.74 22.35
CA PHE M 437 -22.83 37.78 23.33
C PHE M 437 -22.90 38.34 24.73
N ASP M 438 -22.52 39.61 24.90
CA ASP M 438 -22.55 40.20 26.23
C ASP M 438 -23.98 40.39 26.70
N PHE M 439 -24.88 40.78 25.80
CA PHE M 439 -26.27 40.93 26.22
C PHE M 439 -26.78 39.61 26.77
N GLY M 440 -26.40 38.52 26.12
CA GLY M 440 -26.86 37.24 26.60
C GLY M 440 -26.24 36.90 27.94
N PHE M 441 -24.96 37.21 28.10
CA PHE M 441 -24.29 37.00 29.37
C PHE M 441 -25.10 37.65 30.49
N HIS M 442 -25.42 38.93 30.31
CA HIS M 442 -26.02 39.69 31.39
C HIS M 442 -27.47 39.31 31.61
N TYR M 443 -28.14 38.82 30.57
CA TYR M 443 -29.54 38.47 30.75
C TYR M 443 -29.69 37.12 31.42
N SER M 444 -28.82 36.19 31.07
CA SER M 444 -28.89 34.84 31.58
C SER M 444 -28.06 34.64 32.84
N LYS M 445 -27.36 35.66 33.31
CA LYS M 445 -26.59 35.55 34.53
C LYS M 445 -27.39 34.97 35.70
N ASN M 446 -28.55 35.54 36.01
CA ASN M 446 -29.28 35.11 37.21
C ASN M 446 -30.42 34.13 36.93
N ARG M 447 -31.04 34.21 35.78
CA ARG M 447 -32.18 33.34 35.50
C ARG M 447 -31.79 31.88 35.40
N HIS M 448 -30.53 31.54 35.61
CA HIS M 448 -30.03 30.17 35.48
C HIS M 448 -30.31 29.39 36.76
N VAL M 449 -31.39 29.73 37.45
CA VAL M 449 -31.67 29.27 38.81
C VAL M 449 -31.22 27.84 39.03
N GLY M 450 -31.73 26.91 38.22
CA GLY M 450 -31.12 25.61 38.13
C GLY M 450 -31.10 25.09 36.71
N GLY M 451 -29.88 24.99 36.18
CA GLY M 451 -29.59 24.52 34.85
C GLY M 451 -30.61 24.83 33.79
N ALA M 452 -31.05 26.09 33.71
CA ALA M 452 -32.11 26.48 32.79
C ALA M 452 -31.58 27.49 31.77
N VAL M 453 -32.11 27.41 30.57
CA VAL M 453 -31.74 28.32 29.48
C VAL M 453 -32.73 29.47 29.42
N SER M 454 -32.35 30.53 28.71
CA SER M 454 -33.15 31.74 28.65
C SER M 454 -34.35 31.56 27.73
N ASP M 455 -35.39 32.35 27.98
CA ASP M 455 -36.57 32.34 27.14
C ASP M 455 -36.34 33.00 25.81
N VAL M 456 -35.38 33.91 25.72
CA VAL M 456 -35.08 34.61 24.48
C VAL M 456 -33.75 34.10 23.97
N PRO M 457 -33.75 33.11 23.08
CA PRO M 457 -32.53 32.64 22.42
C PRO M 457 -32.30 33.32 21.09
N ILE M 458 -31.05 33.67 20.84
CA ILE M 458 -30.69 34.29 19.60
C ILE M 458 -30.06 33.26 18.67
N LEU M 459 -30.09 33.59 17.38
CA LEU M 459 -29.45 32.80 16.34
C LEU M 459 -28.79 33.73 15.35
N VAL M 460 -27.51 33.49 15.14
CA VAL M 460 -26.65 34.31 14.30
C VAL M 460 -26.38 33.51 13.03
N VAL M 461 -26.79 34.07 11.89
CA VAL M 461 -26.66 33.39 10.61
C VAL M 461 -25.57 34.08 9.83
N CYS M 462 -24.53 33.31 9.52
CA CYS M 462 -23.34 33.79 8.84
C CYS M 462 -23.25 33.15 7.46
N GLU M 463 -23.50 33.97 6.45
CA GLU M 463 -23.48 33.60 5.05
C GLU M 463 -22.13 33.91 4.45
N GLU M 464 -21.74 33.14 3.44
CA GLU M 464 -20.44 33.29 2.78
C GLU M 464 -19.36 33.53 3.82
N ALA M 465 -19.17 32.53 4.67
CA ALA M 465 -18.29 32.68 5.81
C ALA M 465 -16.84 32.89 5.39
N HIS M 466 -16.42 32.26 4.30
CA HIS M 466 -15.01 32.30 3.94
C HIS M 466 -14.56 33.70 3.59
N ASN M 467 -15.50 34.62 3.36
CA ASN M 467 -15.12 35.99 3.09
C ASN M 467 -14.49 36.63 4.32
N TYR M 468 -15.02 36.35 5.50
CA TYR M 468 -14.57 37.01 6.71
C TYR M 468 -14.30 36.04 7.85
N LEU M 469 -13.72 34.91 7.53
CA LEU M 469 -13.27 33.97 8.54
C LEU M 469 -12.29 33.02 7.86
N PRO M 470 -11.27 33.54 7.20
CA PRO M 470 -10.44 32.68 6.36
C PRO M 470 -9.58 31.72 7.17
N ARG M 471 -9.28 30.60 6.53
CA ARG M 471 -8.36 29.63 7.11
C ARG M 471 -6.97 30.22 7.23
N SER M 472 -6.45 30.77 6.15
CA SER M 472 -5.15 31.44 6.13
C SER M 472 -5.38 32.89 5.78
N GLY M 473 -5.15 33.77 6.75
CA GLY M 473 -5.25 35.20 6.50
C GLY M 473 -4.40 35.96 7.49
N GLY M 474 -4.09 37.19 7.12
CA GLY M 474 -3.31 38.06 7.97
C GLY M 474 -4.16 38.81 8.94
N ALA M 475 -3.48 39.53 9.84
CA ALA M 475 -4.12 40.13 10.99
C ALA M 475 -5.43 40.83 10.62
N ALA M 476 -5.57 41.26 9.36
CA ALA M 476 -6.70 42.11 9.00
C ALA M 476 -8.03 41.41 9.29
N TYR M 477 -8.07 40.10 9.21
CA TYR M 477 -9.30 39.35 9.42
C TYR M 477 -9.31 38.64 10.76
N ASP M 478 -8.35 38.92 11.63
CA ASP M 478 -8.29 38.20 12.89
C ASP M 478 -9.46 38.59 13.77
N ALA M 479 -9.84 39.87 13.73
CA ALA M 479 -10.89 40.34 14.60
C ALA M 479 -12.16 39.55 14.38
N SER M 480 -12.32 38.94 13.21
CA SER M 480 -13.56 38.24 12.95
C SER M 480 -13.57 36.86 13.60
N ARG M 481 -12.42 36.21 13.66
CA ARG M 481 -12.33 34.91 14.32
C ARG M 481 -12.67 35.04 15.80
N LYS M 482 -11.93 35.91 16.50
CA LYS M 482 -11.94 35.93 17.95
C LYS M 482 -13.35 35.95 18.51
N SER M 483 -14.23 36.72 17.88
CA SER M 483 -15.58 36.82 18.41
C SER M 483 -16.37 35.55 18.07
N ILE M 484 -16.41 35.18 16.80
CA ILE M 484 -17.18 34.01 16.41
C ILE M 484 -16.73 32.79 17.19
N GLU M 485 -15.42 32.59 17.30
CA GLU M 485 -14.93 31.42 18.02
C GLU M 485 -15.40 31.44 19.47
N ARG M 486 -15.47 32.62 20.09
CA ARG M 486 -16.08 32.69 21.42
C ARG M 486 -17.44 32.01 21.41
N ILE M 487 -18.33 32.45 20.51
CA ILE M 487 -19.68 31.90 20.51
C ILE M 487 -19.63 30.41 20.29
N ALA M 488 -18.62 29.94 19.59
CA ALA M 488 -18.50 28.51 19.35
C ALA M 488 -18.20 27.79 20.65
N LYS M 489 -17.19 28.27 21.38
CA LYS M 489 -16.73 27.55 22.55
C LYS M 489 -17.71 27.65 23.69
N GLU M 490 -18.28 28.82 23.90
CA GLU M 490 -19.16 29.08 25.04
C GLU M 490 -20.33 29.93 24.56
N GLY M 491 -21.37 29.29 24.07
CA GLY M 491 -22.60 29.99 23.77
C GLY M 491 -23.84 29.38 24.35
N ARG M 492 -23.87 28.05 24.46
CA ARG M 492 -25.11 27.37 24.84
C ARG M 492 -25.60 27.88 26.18
N LYS M 493 -24.67 28.26 27.05
CA LYS M 493 -25.03 28.66 28.40
C LYS M 493 -25.93 29.87 28.39
N TYR M 494 -25.86 30.68 27.33
CA TYR M 494 -26.49 31.97 27.31
C TYR M 494 -27.53 32.11 26.22
N GLY M 495 -27.64 31.15 25.30
CA GLY M 495 -28.72 31.11 24.36
C GLY M 495 -28.40 31.61 22.97
N VAL M 496 -27.16 31.98 22.73
CA VAL M 496 -26.73 32.46 21.42
C VAL M 496 -26.18 31.28 20.65
N THR M 497 -26.78 30.99 19.50
CA THR M 497 -26.33 29.88 18.68
C THR M 497 -26.09 30.37 17.26
N LEU M 498 -25.49 29.50 16.46
CA LEU M 498 -24.94 29.85 15.16
C LEU M 498 -25.59 29.05 14.03
N MET M 499 -25.40 29.56 12.82
CA MET M 499 -25.63 28.82 11.58
C MET M 499 -24.62 29.33 10.55
N VAL M 500 -23.87 28.41 9.97
CA VAL M 500 -22.78 28.72 9.04
C VAL M 500 -23.13 28.21 7.67
N VAL M 501 -22.96 29.05 6.65
CA VAL M 501 -23.26 28.69 5.28
C VAL M 501 -22.08 29.05 4.40
N SER M 502 -21.57 28.07 3.66
CA SER M 502 -20.43 28.28 2.78
C SER M 502 -20.55 27.38 1.56
N GLN M 503 -20.17 27.92 0.41
CA GLN M 503 -20.07 27.16 -0.82
C GLN M 503 -18.65 26.68 -1.10
N ARG M 504 -17.71 26.99 -0.22
CA ARG M 504 -16.33 26.51 -0.32
C ARG M 504 -15.85 26.11 1.05
N PRO M 505 -16.30 24.95 1.55
CA PRO M 505 -15.96 24.56 2.91
C PRO M 505 -14.49 24.33 3.17
N SER M 506 -13.66 24.23 2.13
CA SER M 506 -12.25 24.01 2.33
C SER M 506 -11.59 25.24 2.94
N GLU M 507 -11.88 26.42 2.40
CA GLU M 507 -11.21 27.63 2.81
C GLU M 507 -11.65 28.15 4.16
N VAL M 508 -12.79 27.72 4.67
CA VAL M 508 -13.30 28.25 5.93
C VAL M 508 -12.48 27.70 7.10
N SER M 509 -12.43 28.47 8.18
CA SER M 509 -11.65 28.10 9.36
C SER M 509 -12.00 26.72 9.85
N GLU M 510 -11.00 26.07 10.45
CA GLU M 510 -11.12 24.67 10.83
C GLU M 510 -11.83 24.51 12.16
N THR M 511 -11.50 25.38 13.12
CA THR M 511 -12.01 25.18 14.46
C THR M 511 -13.53 25.32 14.51
N ILE M 512 -14.10 26.17 13.67
CA ILE M 512 -15.51 26.46 13.78
C ILE M 512 -16.37 25.30 13.31
N PHE M 513 -15.90 24.54 12.31
CA PHE M 513 -16.72 23.46 11.80
C PHE M 513 -16.86 22.34 12.82
N SER M 514 -15.75 21.96 13.46
CA SER M 514 -15.75 20.82 14.34
C SER M 514 -16.57 21.03 15.60
N GLN M 515 -17.10 22.22 15.82
CA GLN M 515 -17.92 22.54 16.97
C GLN M 515 -19.39 22.60 16.62
N CYS M 516 -19.77 22.04 15.48
CA CYS M 516 -21.15 22.02 15.03
C CYS M 516 -21.70 20.61 15.12
N SER M 517 -22.88 20.46 15.71
CA SER M 517 -23.37 19.14 16.03
C SER M 517 -23.98 18.46 14.81
N ASN M 518 -24.86 19.17 14.11
CA ASN M 518 -25.57 18.63 12.97
C ASN M 518 -25.02 19.18 11.67
N PHE M 519 -25.28 18.45 10.59
CA PHE M 519 -24.81 18.80 9.27
C PHE M 519 -25.87 18.52 8.23
N ILE M 520 -26.04 19.47 7.34
CA ILE M 520 -26.85 19.36 6.14
C ILE M 520 -25.94 19.61 4.95
N SER M 521 -25.93 18.67 4.01
CA SER M 521 -25.06 18.79 2.85
C SER M 521 -25.87 18.54 1.60
N LEU M 522 -25.75 19.45 0.65
CA LEU M 522 -26.31 19.35 -0.67
C LEU M 522 -25.20 18.97 -1.66
N ARG M 523 -25.50 19.05 -2.94
CA ARG M 523 -24.57 18.60 -3.96
C ARG M 523 -23.24 19.33 -3.84
N LEU M 524 -22.16 18.58 -3.99
CA LEU M 524 -20.79 19.07 -3.96
C LEU M 524 -20.00 18.37 -5.04
N THR M 525 -19.31 19.13 -5.88
CA THR M 525 -18.63 18.56 -7.03
C THR M 525 -17.13 18.69 -6.98
N ASN M 526 -16.58 19.69 -6.30
CA ASN M 526 -15.14 19.85 -6.24
C ASN M 526 -14.54 18.80 -5.31
N ALA M 527 -13.42 18.22 -5.73
CA ALA M 527 -12.86 17.07 -5.02
C ALA M 527 -12.45 17.44 -3.60
N VAL M 528 -11.86 18.63 -3.43
CA VAL M 528 -11.27 18.98 -2.15
C VAL M 528 -12.34 19.04 -1.08
N ASP M 529 -13.41 19.79 -1.34
CA ASP M 529 -14.43 19.94 -0.33
C ASP M 529 -15.11 18.61 -0.06
N GLN M 530 -15.28 17.78 -1.09
CA GLN M 530 -15.73 16.42 -0.88
C GLN M 530 -14.91 15.74 0.21
N THR M 531 -13.59 15.75 0.06
CA THR M 531 -12.74 15.03 1.00
C THR M 531 -12.79 15.66 2.39
N TYR M 532 -12.81 16.98 2.47
CA TYR M 532 -12.86 17.62 3.78
C TYR M 532 -14.13 17.23 4.51
N VAL M 533 -15.29 17.44 3.87
CA VAL M 533 -16.55 17.11 4.51
C VAL M 533 -16.61 15.63 4.84
N LYS M 534 -15.99 14.80 4.02
CA LYS M 534 -16.00 13.37 4.28
C LYS M 534 -15.19 13.04 5.52
N SER M 535 -14.12 13.79 5.76
CA SER M 535 -13.36 13.61 6.98
C SER M 535 -14.16 14.03 8.18
N LEU M 536 -14.78 15.21 8.13
CA LEU M 536 -15.41 15.76 9.31
C LEU M 536 -16.44 14.80 9.88
N LEU M 537 -17.48 14.49 9.11
CA LEU M 537 -18.57 13.65 9.57
C LEU M 537 -18.06 12.28 9.94
N PRO M 538 -18.11 11.88 11.22
CA PRO M 538 -17.55 10.57 11.59
C PRO M 538 -18.43 9.41 11.18
N ASP M 539 -19.74 9.51 11.42
CA ASP M 539 -20.65 8.41 11.08
C ASP M 539 -20.67 8.17 9.58
N LEU M 540 -20.66 9.23 8.79
CA LEU M 540 -20.50 9.11 7.35
C LEU M 540 -19.26 8.31 7.03
N SER M 541 -19.44 7.20 6.32
CA SER M 541 -18.35 6.32 5.98
C SER M 541 -17.80 6.68 4.59
N ALA M 542 -16.90 5.84 4.09
CA ALA M 542 -16.41 6.02 2.72
C ALA M 542 -17.49 5.76 1.70
N GLY M 543 -18.47 4.93 2.02
CA GLY M 543 -19.47 4.55 1.04
C GLY M 543 -20.50 5.63 0.83
N LEU M 544 -21.03 6.18 1.93
CA LEU M 544 -22.12 7.14 1.82
C LEU M 544 -21.66 8.49 1.28
N GLY M 545 -20.36 8.75 1.22
CA GLY M 545 -19.88 9.99 0.67
C GLY M 545 -19.87 10.03 -0.84
N ASP M 546 -19.75 8.87 -1.48
CA ASP M 546 -19.85 8.78 -2.94
C ASP M 546 -21.19 9.24 -3.46
N LEU M 547 -22.14 9.55 -2.56
CA LEU M 547 -23.47 9.96 -2.93
C LEU M 547 -23.56 11.44 -3.28
N LEU M 548 -22.60 12.23 -2.81
CA LEU M 548 -22.76 13.68 -2.87
C LEU M 548 -22.80 14.19 -4.29
N PRO M 549 -21.94 13.77 -5.20
CA PRO M 549 -21.92 14.35 -6.55
C PRO M 549 -23.11 13.93 -7.39
N ASN M 550 -24.05 13.20 -6.81
CA ASN M 550 -25.17 12.64 -7.54
C ASN M 550 -26.50 13.14 -7.03
N LEU M 551 -26.53 14.20 -6.23
CA LEU M 551 -27.77 14.68 -5.65
C LEU M 551 -28.44 15.62 -6.63
N ALA M 552 -29.76 15.50 -6.71
CA ALA M 552 -30.56 16.31 -7.60
C ALA M 552 -30.95 17.62 -6.94
N GLN M 553 -31.74 18.40 -7.67
CA GLN M 553 -32.11 19.72 -7.18
C GLN M 553 -32.99 19.58 -5.95
N GLY M 554 -32.62 20.30 -4.90
CA GLY M 554 -33.37 20.27 -3.67
C GLY M 554 -33.39 18.91 -3.01
N GLU M 555 -32.23 18.28 -2.90
CA GLU M 555 -32.09 17.02 -2.21
C GLU M 555 -30.90 17.17 -1.29
N PHE M 556 -30.99 16.55 -0.13
CA PHE M 556 -30.00 16.80 0.91
C PHE M 556 -29.75 15.58 1.77
N LEU M 557 -28.59 15.58 2.40
CA LEU M 557 -28.14 14.53 3.31
C LEU M 557 -27.95 15.14 4.68
N ILE M 558 -28.55 14.52 5.71
CA ILE M 558 -28.58 15.10 7.04
C ILE M 558 -27.93 14.12 7.99
N VAL M 559 -27.08 14.64 8.87
CA VAL M 559 -26.37 13.81 9.82
C VAL M 559 -26.24 14.53 11.15
N GLY M 560 -26.13 13.73 12.21
CA GLY M 560 -25.81 14.20 13.53
C GLY M 560 -26.75 13.68 14.59
N ASP M 561 -27.01 14.51 15.60
CA ASP M 561 -27.79 14.07 16.74
C ASP M 561 -29.29 14.24 16.54
N ALA M 562 -29.70 15.32 15.88
CA ALA M 562 -31.12 15.58 15.71
C ALA M 562 -31.87 14.45 15.04
N PRO M 563 -31.34 13.79 14.02
CA PRO M 563 -32.09 12.72 13.38
C PRO M 563 -31.81 11.38 14.01
N LEU M 564 -32.83 10.53 13.95
CA LEU M 564 -32.72 9.21 14.54
C LEU M 564 -31.73 8.35 13.78
N MET M 565 -31.81 8.40 12.45
CA MET M 565 -30.85 7.73 11.59
C MET M 565 -30.49 8.64 10.43
N PRO M 566 -29.29 8.52 9.89
CA PRO M 566 -28.91 9.35 8.75
C PRO M 566 -29.86 9.13 7.58
N THR M 567 -30.15 10.21 6.86
CA THR M 567 -31.23 10.18 5.91
C THR M 567 -30.94 11.14 4.76
N VAL M 568 -31.62 10.84 3.64
CA VAL M 568 -31.60 11.64 2.43
C VAL M 568 -33.03 12.13 2.21
N GLY M 569 -33.17 13.44 2.01
CA GLY M 569 -34.47 14.04 1.88
C GLY M 569 -34.51 15.10 0.82
N HIS M 570 -35.57 15.91 0.80
CA HIS M 570 -35.83 16.77 -0.34
C HIS M 570 -36.71 17.91 0.09
N PHE M 571 -36.40 19.10 -0.41
CA PHE M 571 -37.09 20.33 -0.07
C PHE M 571 -38.08 20.70 -1.17
N ALA M 572 -39.10 21.46 -0.78
CA ALA M 572 -39.98 22.14 -1.71
C ALA M 572 -39.57 23.60 -1.82
N LEU M 573 -40.05 24.24 -2.87
CA LEU M 573 -39.73 25.64 -3.09
C LEU M 573 -40.36 26.50 -1.99
N PRO M 574 -39.67 27.55 -1.56
CA PRO M 574 -40.25 28.46 -0.57
C PRO M 574 -41.02 29.59 -1.21
N VAL M 575 -41.95 30.13 -0.43
CA VAL M 575 -42.74 31.29 -0.82
C VAL M 575 -42.77 32.29 0.33
N PRO M 576 -42.30 33.53 0.13
CA PRO M 576 -41.69 34.13 -1.06
C PRO M 576 -40.29 33.62 -1.37
N GLU M 577 -39.86 33.73 -2.63
CA GLU M 577 -38.50 33.30 -2.99
C GLU M 577 -37.52 34.44 -2.78
N PRO M 578 -36.29 34.17 -2.35
CA PRO M 578 -35.27 35.22 -2.29
C PRO M 578 -34.51 35.49 -3.59
N HIS M 579 -34.84 36.57 -4.29
CA HIS M 579 -34.18 36.91 -5.54
C HIS M 579 -33.52 38.28 -5.41
N SER M 580 -32.20 38.24 -5.27
CA SER M 580 -31.33 39.40 -5.12
C SER M 580 -31.36 40.29 -6.37
N ARG M 581 -31.25 41.62 -6.15
CA ARG M 581 -31.32 42.59 -7.25
C ARG M 581 -29.95 42.66 -7.95
N SER M 582 -29.65 41.58 -8.65
CA SER M 582 -28.41 41.50 -9.39
C SER M 582 -28.50 42.34 -10.66
N VAL M 583 -27.33 42.76 -11.18
CA VAL M 583 -27.30 43.54 -12.41
C VAL M 583 -26.92 42.61 -13.55
N ASN M 584 -27.77 42.57 -14.57
CA ASN M 584 -27.56 41.72 -15.74
C ASN M 584 -26.89 42.54 -16.84
N TYR M 585 -25.72 42.12 -17.30
CA TYR M 585 -25.04 42.88 -18.35
C TYR M 585 -25.57 42.59 -19.75
N LEU M 586 -25.46 41.35 -20.21
CA LEU M 586 -25.78 41.11 -21.61
C LEU M 586 -27.27 40.99 -21.88
N GLN M 587 -28.11 41.04 -20.85
CA GLN M 587 -29.53 41.29 -21.08
C GLN M 587 -29.79 42.76 -21.39
N GLU M 588 -28.80 43.62 -21.13
CA GLU M 588 -28.97 45.06 -21.18
C GLU M 588 -28.02 45.68 -22.18
N TRP M 589 -27.07 44.90 -22.68
CA TRP M 589 -26.03 45.34 -23.61
C TRP M 589 -26.53 45.39 -25.04
N ASN M 590 -27.76 44.94 -25.28
CA ASN M 590 -28.37 44.86 -26.60
C ASN M 590 -29.31 46.03 -26.89
N SER M 591 -29.58 46.87 -25.89
CA SER M 591 -30.24 48.15 -26.11
C SER M 591 -29.23 49.19 -26.58
N GLY M 592 -29.76 50.32 -27.03
CA GLY M 592 -28.96 51.41 -27.54
C GLY M 592 -28.39 52.31 -26.45
N TRP M 593 -27.66 53.34 -26.87
CA TRP M 593 -27.13 54.36 -25.97
C TRP M 593 -28.21 55.03 -25.13
N ARG M 594 -28.18 54.85 -23.83
CA ARG M 594 -29.06 55.61 -22.97
C ARG M 594 -28.39 56.95 -22.69
N HIS M 595 -29.01 58.03 -23.15
CA HIS M 595 -28.40 59.34 -23.01
C HIS M 595 -28.10 59.60 -21.53
N VAL M 596 -26.88 60.03 -21.24
CA VAL M 596 -26.41 60.17 -19.87
C VAL M 596 -26.39 61.64 -19.51
N ASP M 597 -27.30 62.05 -18.65
CA ASP M 597 -27.42 63.45 -18.26
C ASP M 597 -26.23 63.77 -17.36
N PHE M 598 -25.05 63.72 -17.97
CA PHE M 598 -23.80 63.91 -17.25
C PHE M 598 -23.87 65.11 -16.32
N ASP M 599 -24.49 66.19 -16.79
CA ASP M 599 -24.60 67.40 -15.98
C ASP M 599 -25.13 67.07 -14.58
N SER M 600 -26.29 66.42 -14.51
CA SER M 600 -26.88 66.14 -13.20
C SER M 600 -26.03 65.16 -12.40
N VAL M 601 -25.40 64.20 -13.08
CA VAL M 601 -24.54 63.25 -12.40
C VAL M 601 -23.46 63.99 -11.64
N ILE M 602 -22.76 64.88 -12.34
CA ILE M 602 -21.68 65.61 -11.69
C ILE M 602 -22.28 66.56 -10.66
N ASP M 603 -23.47 67.10 -10.93
CA ASP M 603 -24.06 68.05 -10.01
C ASP M 603 -24.25 67.41 -8.65
N ARG M 604 -24.82 66.21 -8.63
CA ARG M 604 -24.88 65.45 -7.39
C ARG M 604 -23.49 65.05 -6.91
N TRP M 605 -22.54 64.92 -7.83
CA TRP M 605 -21.16 64.60 -7.48
C TRP M 605 -20.34 65.79 -7.05
N ARG M 606 -20.82 67.02 -7.18
CA ARG M 606 -20.14 68.10 -6.49
C ARG M 606 -20.26 67.87 -4.99
N GLY M 607 -21.51 67.78 -4.52
CA GLY M 607 -21.83 67.54 -3.12
C GLY M 607 -21.48 68.69 -2.20
N LYS M 608 -20.91 68.36 -1.06
CA LYS M 608 -20.56 69.32 -0.02
C LYS M 608 -21.75 70.19 0.37
N MET N 1 -33.94 13.28 -28.80
CA MET N 1 -35.06 13.56 -29.71
C MET N 1 -34.81 13.03 -31.12
N PRO N 2 -33.76 13.50 -31.76
CA PRO N 2 -33.50 13.08 -33.14
C PRO N 2 -32.93 11.67 -33.19
N ASP N 3 -32.97 11.08 -34.37
CA ASP N 3 -32.44 9.74 -34.53
C ASP N 3 -30.99 9.72 -34.11
N LEU N 4 -30.68 9.00 -33.04
CA LEU N 4 -29.33 8.99 -32.51
C LEU N 4 -28.38 8.22 -33.42
N GLY N 5 -28.82 7.07 -33.91
CA GLY N 5 -28.04 6.32 -34.86
C GLY N 5 -27.80 4.87 -34.46
N THR N 6 -26.60 4.39 -34.73
CA THR N 6 -26.19 3.04 -34.45
C THR N 6 -25.18 3.02 -33.32
N PRO N 7 -25.36 2.18 -32.30
CA PRO N 7 -24.54 2.30 -31.11
C PRO N 7 -23.10 1.85 -31.34
N ILE N 8 -22.24 2.31 -30.44
CA ILE N 8 -20.84 1.95 -30.45
C ILE N 8 -20.57 0.71 -29.63
N GLY N 9 -21.18 0.59 -28.46
CA GLY N 9 -20.97 -0.60 -27.66
C GLY N 9 -21.97 -0.72 -26.55
N SER N 10 -21.71 -1.69 -25.68
CA SER N 10 -22.61 -2.05 -24.60
C SER N 10 -21.91 -1.85 -23.27
N VAL N 11 -22.69 -2.02 -22.23
CA VAL N 11 -22.22 -1.91 -20.85
C VAL N 11 -21.83 -3.28 -20.34
N THR N 12 -20.79 -3.32 -19.54
CA THR N 12 -20.36 -4.53 -18.85
C THR N 12 -20.39 -4.39 -17.34
N ASP N 13 -19.91 -3.28 -16.80
CA ASP N 13 -19.95 -3.03 -15.38
C ASP N 13 -20.56 -1.65 -15.11
N SER N 14 -21.38 -1.58 -14.07
CA SER N 14 -22.11 -0.38 -13.73
C SER N 14 -22.03 -0.16 -12.23
N SER N 15 -21.96 1.11 -11.84
CA SER N 15 -21.96 1.48 -10.43
C SER N 15 -22.46 2.91 -10.33
N PRO N 16 -22.79 3.37 -9.13
CA PRO N 16 -23.17 4.77 -8.96
C PRO N 16 -22.13 5.75 -9.46
N SER N 17 -20.85 5.38 -9.44
CA SER N 17 -19.78 6.28 -9.85
C SER N 17 -19.28 5.99 -11.27
N LEU N 18 -18.87 4.76 -11.53
CA LEU N 18 -18.16 4.41 -12.75
C LEU N 18 -18.96 3.45 -13.62
N ILE N 19 -19.14 3.80 -14.88
CA ILE N 19 -19.70 2.90 -15.89
C ILE N 19 -18.57 2.48 -16.81
N ARG N 20 -18.60 1.23 -17.25
CA ARG N 20 -17.59 0.70 -18.14
C ARG N 20 -18.23 0.21 -19.44
N ILE N 21 -17.71 0.66 -20.57
CA ILE N 21 -18.21 0.30 -21.88
C ILE N 21 -17.13 -0.43 -22.65
N GLU N 22 -17.55 -1.37 -23.50
CA GLU N 22 -16.65 -2.19 -24.28
C GLU N 22 -16.99 -2.12 -25.76
N ILE N 23 -16.04 -1.68 -26.57
CA ILE N 23 -16.12 -1.76 -28.02
C ILE N 23 -15.23 -2.89 -28.51
N SER N 24 -15.72 -3.63 -29.50
CA SER N 24 -15.08 -4.87 -29.92
C SER N 24 -14.89 -4.91 -31.44
N SER N 25 -15.00 -3.77 -32.11
CA SER N 25 -14.72 -3.66 -33.54
C SER N 25 -13.83 -2.46 -33.81
N ALA N 26 -12.73 -2.71 -34.51
CA ALA N 26 -11.78 -1.64 -34.80
C ALA N 26 -12.27 -0.74 -35.92
N GLU N 27 -12.94 -1.30 -36.92
CA GLU N 27 -13.49 -0.48 -37.98
C GLU N 27 -14.47 0.55 -37.45
N ASP N 28 -15.19 0.21 -36.39
CA ASP N 28 -16.16 1.14 -35.81
C ASP N 28 -15.47 2.16 -34.93
N PHE N 29 -14.43 1.74 -34.21
CA PHE N 29 -13.70 2.65 -33.34
C PHE N 29 -12.94 3.68 -34.16
N GLU N 30 -12.27 3.24 -35.22
CA GLU N 30 -11.51 4.18 -36.02
C GLU N 30 -12.41 5.23 -36.65
N LYS N 31 -13.67 4.89 -36.87
CA LYS N 31 -14.61 5.82 -37.48
C LYS N 31 -14.88 7.00 -36.58
N TYR N 32 -15.11 6.73 -35.29
CA TYR N 32 -15.54 7.73 -34.33
C TYR N 32 -14.47 8.07 -33.30
N LYS N 33 -13.20 7.75 -33.57
CA LYS N 33 -12.13 8.08 -32.63
C LYS N 33 -12.14 9.55 -32.25
N SER N 34 -12.54 10.43 -33.15
CA SER N 34 -12.53 11.86 -32.88
C SER N 34 -13.45 12.21 -31.73
N MET N 35 -14.56 11.49 -31.58
CA MET N 35 -15.57 11.80 -30.60
C MET N 35 -15.45 11.01 -29.32
N LEU N 36 -14.51 10.07 -29.23
CA LEU N 36 -14.33 9.23 -28.06
C LEU N 36 -13.09 9.59 -27.25
N GLY N 37 -12.70 10.86 -27.27
CA GLY N 37 -11.61 11.30 -26.43
C GLY N 37 -12.04 11.78 -25.06
N VAL N 38 -11.04 11.96 -24.19
CA VAL N 38 -11.29 12.39 -22.83
C VAL N 38 -11.90 13.77 -22.81
N GLY N 39 -12.97 13.93 -22.04
CA GLY N 39 -13.71 15.17 -21.99
C GLY N 39 -15.05 15.11 -22.66
N GLN N 40 -15.11 14.43 -23.80
CA GLN N 40 -16.32 14.37 -24.57
C GLN N 40 -17.35 13.51 -23.88
N TYR N 41 -18.57 13.53 -24.39
CA TYR N 41 -19.70 12.94 -23.71
C TYR N 41 -20.32 11.81 -24.53
N LEU N 42 -21.01 10.94 -23.81
CA LEU N 42 -21.77 9.83 -24.39
C LEU N 42 -23.15 9.77 -23.75
N LEU N 43 -24.05 9.09 -24.45
CA LEU N 43 -25.43 8.89 -24.01
C LEU N 43 -25.70 7.41 -23.82
N VAL N 44 -26.02 7.02 -22.59
CA VAL N 44 -26.31 5.64 -22.24
C VAL N 44 -27.80 5.52 -21.96
N ALA N 45 -28.33 4.35 -22.22
CA ALA N 45 -29.75 4.10 -22.05
C ALA N 45 -30.04 3.53 -20.67
N SER N 46 -31.12 4.00 -20.07
CA SER N 46 -31.59 3.49 -18.79
C SER N 46 -33.11 3.47 -18.85
N GLY N 47 -33.66 2.31 -19.17
CA GLY N 47 -35.07 2.20 -19.37
C GLY N 47 -35.49 2.54 -20.78
N ASN N 48 -36.79 2.74 -20.92
CA ASN N 48 -37.37 3.29 -22.12
C ASN N 48 -37.65 4.76 -21.92
N ASN N 49 -37.41 5.54 -22.97
CA ASN N 49 -37.69 6.97 -23.03
C ASN N 49 -36.77 7.82 -22.18
N LEU N 50 -35.68 7.27 -21.66
CA LEU N 50 -34.79 8.01 -20.79
C LEU N 50 -33.35 7.67 -21.10
N TYR N 51 -32.48 8.68 -20.99
CA TYR N 51 -31.07 8.57 -21.35
C TYR N 51 -30.24 9.23 -20.26
N LEU N 52 -28.94 8.99 -20.32
CA LEU N 52 -28.00 9.38 -19.27
C LEU N 52 -26.72 9.89 -19.91
N LEU N 53 -26.32 11.10 -19.55
CA LEU N 53 -25.13 11.71 -20.10
C LEU N 53 -23.93 11.39 -19.23
N ALA N 54 -22.81 11.07 -19.88
CA ALA N 54 -21.63 10.64 -19.17
C ALA N 54 -20.37 11.20 -19.81
N SER N 55 -19.35 11.40 -18.97
CA SER N 55 -18.09 12.00 -19.36
C SER N 55 -16.99 10.97 -19.29
N ILE N 56 -16.17 10.94 -20.31
CA ILE N 56 -15.11 9.96 -20.41
C ILE N 56 -13.95 10.33 -19.50
N THR N 57 -13.31 9.32 -18.99
CA THR N 57 -12.15 9.45 -18.13
C THR N 57 -10.97 8.65 -18.62
N GLY N 58 -11.18 7.44 -19.09
CA GLY N 58 -10.10 6.61 -19.58
C GLY N 58 -10.50 5.78 -20.77
N VAL N 59 -9.51 5.52 -21.62
CA VAL N 59 -9.63 4.66 -22.79
C VAL N 59 -8.45 3.71 -22.81
N ARG N 60 -8.72 2.41 -22.90
CA ARG N 60 -7.68 1.40 -22.92
C ARG N 60 -7.92 0.43 -24.07
N ALA N 61 -6.85 0.08 -24.77
CA ALA N 61 -6.94 -0.74 -25.97
C ALA N 61 -5.97 -1.90 -25.90
N THR N 62 -6.43 -3.09 -26.24
CA THR N 62 -5.59 -4.27 -26.24
C THR N 62 -5.91 -5.15 -27.44
N HIS N 63 -4.91 -5.92 -27.84
CA HIS N 63 -5.03 -7.01 -28.81
C HIS N 63 -4.82 -8.31 -28.07
N VAL N 64 -5.83 -9.17 -28.08
CA VAL N 64 -5.79 -10.47 -27.43
C VAL N 64 -6.18 -11.53 -28.45
N GLU N 65 -5.80 -12.77 -28.14
CA GLU N 65 -6.06 -13.90 -29.01
C GLU N 65 -6.75 -14.99 -28.21
N ARG N 66 -7.63 -15.70 -28.89
CA ARG N 66 -8.46 -16.74 -28.27
C ARG N 66 -9.37 -17.38 -29.31
N ASN N 87 -9.27 -11.42 -30.36
CA ASN N 87 -9.21 -10.23 -31.18
C ASN N 87 -9.07 -8.98 -30.30
N PHE N 88 -9.73 -7.88 -30.67
CA PHE N 88 -9.49 -6.58 -30.07
C PHE N 88 -10.36 -6.36 -28.83
N ARG N 89 -9.93 -5.44 -27.98
CA ARG N 89 -10.73 -4.99 -26.85
C ARG N 89 -10.51 -3.49 -26.66
N PHE N 90 -11.57 -2.72 -26.60
CA PHE N 90 -11.53 -1.30 -26.30
C PHE N 90 -12.42 -1.02 -25.11
N GLN N 91 -11.85 -0.39 -24.08
CA GLN N 91 -12.58 -0.10 -22.86
C GLN N 91 -12.65 1.40 -22.64
N ILE N 92 -13.82 1.85 -22.19
CA ILE N 92 -14.08 3.26 -21.89
C ILE N 92 -14.66 3.33 -20.48
N ASP N 93 -14.04 4.15 -19.64
CA ASP N 93 -14.54 4.42 -18.30
C ASP N 93 -15.22 5.78 -18.26
N THR N 94 -16.41 5.83 -17.65
CA THR N 94 -17.24 7.01 -17.67
C THR N 94 -17.77 7.34 -16.29
N GLN N 95 -18.12 8.61 -16.11
CA GLN N 95 -18.65 9.19 -14.88
C GLN N 95 -19.92 9.96 -15.19
N PRO N 96 -21.02 9.71 -14.48
CA PRO N 96 -22.27 10.37 -14.82
C PRO N 96 -22.36 11.83 -14.40
N ILE N 97 -23.20 12.55 -15.14
CA ILE N 97 -23.49 13.94 -14.86
C ILE N 97 -24.98 14.20 -14.70
N GLY N 98 -25.81 13.63 -15.58
CA GLY N 98 -27.22 13.91 -15.49
C GLY N 98 -28.06 13.05 -16.42
N THR N 99 -29.35 13.35 -16.41
CA THR N 99 -30.37 12.59 -17.10
C THR N 99 -31.06 13.44 -18.16
N LEU N 100 -31.36 12.85 -19.30
CA LEU N 100 -32.03 13.53 -20.39
C LEU N 100 -33.21 12.70 -20.86
N SER N 101 -34.36 13.34 -20.96
CA SER N 101 -35.61 12.72 -21.38
C SER N 101 -35.81 12.87 -22.88
N GLU N 102 -36.92 12.32 -23.37
CA GLU N 102 -37.22 12.33 -24.79
C GLU N 102 -37.77 13.67 -25.23
N ASP N 103 -38.40 14.41 -24.31
CA ASP N 103 -38.86 15.74 -24.65
C ASP N 103 -37.69 16.69 -24.84
N GLY N 104 -36.69 16.59 -23.97
CA GLY N 104 -35.49 17.40 -24.07
C GLY N 104 -34.96 17.86 -22.74
N GLU N 105 -35.77 17.69 -21.69
CA GLU N 105 -35.38 18.12 -20.36
C GLU N 105 -34.09 17.46 -19.92
N PHE N 106 -33.28 18.22 -19.19
CA PHE N 106 -31.97 17.79 -18.70
C PHE N 106 -31.87 18.10 -17.22
N SER N 107 -31.64 17.08 -16.40
CA SER N 107 -31.63 17.25 -14.95
C SER N 107 -30.35 16.68 -14.37
N ARG N 108 -29.59 17.55 -13.70
CA ARG N 108 -28.37 17.14 -13.02
C ARG N 108 -28.67 16.26 -11.83
N GLY N 109 -27.79 15.30 -11.59
CA GLY N 109 -27.95 14.34 -10.53
C GLY N 109 -28.64 13.08 -11.01
N SER N 110 -27.92 11.98 -11.01
CA SER N 110 -28.42 10.71 -11.52
C SER N 110 -28.54 9.70 -10.40
N HIS N 111 -29.77 9.37 -10.03
CA HIS N 111 -29.98 8.37 -9.00
C HIS N 111 -29.90 6.96 -9.55
N SER N 112 -30.32 6.76 -10.80
CA SER N 112 -30.52 5.43 -11.33
C SER N 112 -29.20 4.83 -11.81
N LEU N 113 -29.17 3.50 -11.86
CA LEU N 113 -28.13 2.69 -12.47
C LEU N 113 -28.55 2.18 -13.84
N PRO N 114 -27.62 2.10 -14.78
CA PRO N 114 -27.90 1.40 -16.03
C PRO N 114 -27.52 -0.07 -15.97
N VAL N 115 -28.41 -0.95 -16.40
CA VAL N 115 -28.16 -2.39 -16.37
C VAL N 115 -27.28 -2.79 -17.53
N PRO N 116 -26.47 -3.83 -17.38
CA PRO N 116 -25.70 -4.34 -18.52
C PRO N 116 -26.59 -4.73 -19.67
N THR N 117 -25.96 -4.91 -20.82
CA THR N 117 -26.57 -5.14 -22.12
C THR N 117 -27.13 -3.87 -22.73
N GLU N 118 -26.92 -2.72 -22.12
CA GLU N 118 -27.50 -1.47 -22.58
C GLU N 118 -26.52 -0.73 -23.49
N TYR N 119 -27.06 -0.02 -24.46
CA TYR N 119 -26.30 0.52 -25.55
C TYR N 119 -25.80 1.92 -25.23
N ALA N 120 -24.67 2.27 -25.82
CA ALA N 120 -24.08 3.60 -25.70
C ALA N 120 -24.00 4.27 -27.06
N TYR N 121 -24.36 5.54 -27.11
CA TYR N 121 -24.38 6.34 -28.32
C TYR N 121 -23.47 7.55 -28.17
N VAL N 122 -23.09 8.10 -29.31
CA VAL N 122 -22.35 9.35 -29.37
C VAL N 122 -23.32 10.51 -29.45
N THR N 123 -22.87 11.66 -28.97
CA THR N 123 -23.70 12.84 -28.91
C THR N 123 -23.69 13.57 -30.24
N PRO N 124 -24.83 13.73 -30.91
CA PRO N 124 -24.86 14.53 -32.11
C PRO N 124 -24.77 16.01 -31.77
N PRO N 125 -24.03 16.78 -32.56
CA PRO N 125 -23.91 18.22 -32.27
C PRO N 125 -25.22 18.94 -32.06
N ALA N 126 -26.29 18.56 -32.75
CA ALA N 126 -27.56 19.24 -32.54
C ALA N 126 -28.05 19.09 -31.12
N VAL N 127 -27.89 17.89 -30.55
CA VAL N 127 -28.45 17.62 -29.22
C VAL N 127 -27.63 18.21 -28.08
N LEU N 128 -26.38 18.64 -28.32
CA LEU N 128 -25.52 19.05 -27.22
C LEU N 128 -25.80 20.47 -26.75
N GLU N 129 -26.12 21.37 -27.66
CA GLU N 129 -26.40 22.75 -27.29
C GLU N 129 -27.63 22.86 -26.41
N GLY N 130 -28.60 21.99 -26.63
CA GLY N 130 -29.80 22.02 -25.81
C GLY N 130 -29.52 21.71 -24.36
N ILE N 131 -28.55 20.84 -24.11
CA ILE N 131 -28.08 20.60 -22.76
C ILE N 131 -27.28 21.80 -22.27
N PHE N 132 -26.30 22.20 -23.07
CA PHE N 132 -25.27 23.13 -22.65
C PHE N 132 -25.83 24.50 -22.28
N SER N 133 -26.56 25.14 -23.21
CA SER N 133 -27.02 26.50 -22.97
C SER N 133 -28.49 26.81 -23.16
N HIS N 134 -29.30 25.92 -23.75
CA HIS N 134 -30.67 26.32 -24.03
C HIS N 134 -31.39 26.66 -22.72
N GLN N 135 -31.04 25.94 -21.65
CA GLN N 135 -31.64 26.10 -20.34
C GLN N 135 -31.46 27.50 -19.79
N ILE N 136 -30.33 28.16 -20.14
CA ILE N 136 -30.11 29.55 -19.73
C ILE N 136 -30.86 30.50 -20.66
N LYS N 137 -31.11 31.70 -20.12
CA LYS N 137 -31.96 32.68 -20.77
C LYS N 137 -31.30 33.36 -21.96
N SER N 138 -30.01 33.67 -21.89
CA SER N 138 -29.36 34.45 -22.94
C SER N 138 -28.18 33.69 -23.50
N PRO N 139 -28.12 33.41 -24.81
CA PRO N 139 -27.01 32.64 -25.33
C PRO N 139 -25.88 33.51 -25.87
N PHE N 140 -24.65 33.01 -25.73
CA PHE N 140 -23.45 33.72 -26.15
C PHE N 140 -22.45 32.71 -26.67
N ALA N 141 -22.21 32.72 -27.97
CA ALA N 141 -21.26 31.79 -28.58
C ALA N 141 -19.84 32.12 -28.13
N LEU N 142 -19.14 31.11 -27.61
CA LEU N 142 -17.76 31.31 -27.20
C LEU N 142 -16.80 30.83 -28.27
N GLY N 143 -16.88 29.56 -28.65
CA GLY N 143 -15.97 28.99 -29.60
C GLY N 143 -16.39 27.61 -30.02
N THR N 144 -15.44 26.68 -30.05
CA THR N 144 -15.72 25.33 -30.52
C THR N 144 -14.95 24.34 -29.66
N LEU N 145 -15.60 23.24 -29.31
CA LEU N 145 -15.00 22.28 -28.38
C LEU N 145 -14.01 21.37 -29.09
N GLY N 146 -14.47 20.58 -30.06
CA GLY N 146 -13.63 19.63 -30.74
C GLY N 146 -13.06 20.18 -32.04
N ILE N 147 -12.40 19.28 -32.78
CA ILE N 147 -11.83 19.65 -34.07
C ILE N 147 -12.93 20.04 -35.05
N SER N 148 -14.07 19.36 -34.99
CA SER N 148 -15.15 19.68 -35.90
C SER N 148 -15.68 21.09 -35.61
N PRO N 149 -15.89 21.91 -36.64
CA PRO N 149 -16.38 23.27 -36.40
C PRO N 149 -17.86 23.36 -36.05
N ASP N 150 -18.61 22.28 -36.24
CA ASP N 150 -20.06 22.33 -36.08
C ASP N 150 -20.47 22.69 -34.65
N ILE N 151 -19.68 22.26 -33.66
CA ILE N 151 -20.10 22.38 -32.25
C ILE N 151 -19.68 23.76 -31.76
N LYS N 152 -20.51 24.75 -32.07
CA LYS N 152 -20.24 26.14 -31.66
C LYS N 152 -20.69 26.32 -30.22
N LEU N 153 -19.86 25.85 -29.30
CA LEU N 153 -20.13 25.93 -27.87
C LEU N 153 -20.71 27.27 -27.46
N LYS N 154 -21.92 27.23 -26.91
CA LYS N 154 -22.61 28.40 -26.40
C LYS N 154 -22.59 28.38 -24.88
N ILE N 155 -22.65 29.56 -24.30
CA ILE N 155 -22.61 29.80 -22.87
C ILE N 155 -23.66 30.88 -22.61
N ASP N 156 -23.71 31.41 -21.39
CA ASP N 156 -24.45 32.63 -21.13
C ASP N 156 -23.50 33.79 -20.92
N GLY N 157 -23.76 34.90 -21.61
CA GLY N 157 -23.08 36.15 -21.32
C GLY N 157 -23.60 36.83 -20.07
N ASP N 158 -24.92 36.73 -19.87
CA ASP N 158 -25.58 37.33 -18.71
C ASP N 158 -24.84 36.95 -17.43
N ARG N 159 -24.32 35.74 -17.36
CA ARG N 159 -23.61 35.24 -16.20
C ARG N 159 -22.11 35.35 -16.37
N PHE N 160 -21.64 35.43 -17.61
CA PHE N 160 -20.21 35.40 -17.91
C PHE N 160 -19.59 36.75 -17.58
N PHE N 161 -20.19 37.83 -18.08
CA PHE N 161 -19.64 39.15 -17.87
C PHE N 161 -20.06 39.78 -16.54
N SER N 162 -21.07 39.24 -15.88
CA SER N 162 -21.55 39.77 -14.61
C SER N 162 -20.68 39.37 -13.43
N LYS N 163 -19.68 38.53 -13.64
CA LYS N 163 -18.75 38.13 -12.61
C LYS N 163 -17.36 38.15 -13.21
N HIS N 164 -16.37 38.48 -12.39
CA HIS N 164 -15.01 38.63 -12.87
C HIS N 164 -14.52 37.38 -13.58
N VAL N 165 -13.78 37.60 -14.66
CA VAL N 165 -13.40 36.57 -15.62
C VAL N 165 -11.91 36.67 -15.89
N ALA N 166 -11.18 35.59 -15.62
CA ALA N 166 -9.74 35.60 -15.63
C ALA N 166 -9.17 34.87 -16.84
N VAL N 167 -8.02 35.36 -17.29
CA VAL N 167 -7.29 34.83 -18.43
C VAL N 167 -5.82 35.09 -18.15
N VAL N 168 -4.95 34.18 -18.58
CA VAL N 168 -3.51 34.32 -18.38
C VAL N 168 -2.82 33.35 -19.31
N GLY N 169 -1.53 33.59 -19.55
CA GLY N 169 -0.82 32.70 -20.44
C GLY N 169 0.68 32.76 -20.26
N SER N 170 1.38 32.19 -21.23
CA SER N 170 2.84 32.23 -21.32
C SER N 170 3.27 32.74 -22.68
N THR N 171 4.41 33.42 -22.70
CA THR N 171 4.96 33.90 -23.95
C THR N 171 5.07 32.74 -24.94
N GLY N 172 4.91 33.07 -26.22
CA GLY N 172 4.87 32.08 -27.27
C GLY N 172 3.48 31.68 -27.69
N SER N 173 2.46 31.98 -26.89
CA SER N 173 1.10 31.62 -27.20
C SER N 173 0.24 32.86 -27.46
N GLY N 174 -0.65 32.74 -28.42
CA GLY N 174 -1.49 33.82 -28.89
C GLY N 174 -2.76 33.98 -28.06
N LYS N 175 -2.65 34.62 -26.90
CA LYS N 175 -3.83 34.93 -26.11
C LYS N 175 -4.57 36.12 -26.69
N SER N 176 -3.83 37.08 -27.24
CA SER N 176 -4.44 38.29 -27.78
C SER N 176 -5.48 37.96 -28.82
N CYS N 177 -5.18 37.02 -29.71
CA CYS N 177 -6.15 36.67 -30.74
C CYS N 177 -7.44 36.17 -30.12
N ALA N 178 -7.32 35.39 -29.05
CA ALA N 178 -8.50 34.89 -28.37
C ALA N 178 -9.28 36.04 -27.74
N VAL N 179 -8.58 36.95 -27.08
CA VAL N 179 -9.26 38.05 -26.41
C VAL N 179 -10.01 38.90 -27.40
N ALA N 180 -9.41 39.12 -28.57
CA ALA N 180 -10.11 39.85 -29.62
C ALA N 180 -11.31 39.06 -30.10
N LYS N 181 -11.15 37.74 -30.27
CA LYS N 181 -12.28 36.90 -30.66
C LYS N 181 -13.45 37.07 -29.71
N ILE N 182 -13.18 37.21 -28.42
CA ILE N 182 -14.27 37.37 -27.46
C ILE N 182 -14.89 38.75 -27.61
N LEU N 183 -14.06 39.78 -27.61
CA LEU N 183 -14.58 41.12 -27.56
C LEU N 183 -15.35 41.45 -28.83
N GLN N 184 -14.82 41.03 -29.97
CA GLN N 184 -15.51 41.26 -31.24
C GLN N 184 -16.92 40.69 -31.18
N THR N 185 -17.04 39.44 -30.74
CA THR N 185 -18.36 38.85 -30.60
C THR N 185 -19.22 39.68 -29.67
N ALA N 186 -18.62 40.20 -28.61
CA ALA N 186 -19.39 41.01 -27.68
C ALA N 186 -19.96 42.23 -28.38
N VAL N 187 -19.22 42.80 -29.33
CA VAL N 187 -19.61 44.07 -29.93
C VAL N 187 -20.18 43.89 -31.33
N GLY N 188 -20.16 42.68 -31.88
CA GLY N 188 -20.77 42.40 -33.16
C GLY N 188 -19.87 42.48 -34.36
N ILE N 189 -18.56 42.64 -34.18
CA ILE N 189 -17.64 42.73 -35.31
C ILE N 189 -17.16 41.31 -35.60
N GLU N 190 -17.97 40.56 -36.33
CA GLU N 190 -17.63 39.21 -36.76
C GLU N 190 -17.59 39.18 -38.28
N SER N 191 -16.64 38.43 -38.84
CA SER N 191 -16.51 38.28 -40.29
C SER N 191 -16.27 39.64 -40.95
N LYS N 192 -15.40 40.44 -40.34
CA LYS N 192 -14.95 41.71 -40.89
C LYS N 192 -16.12 42.58 -41.32
N ALA N 193 -17.19 42.57 -40.52
CA ALA N 193 -18.34 43.42 -40.80
C ALA N 193 -19.03 43.75 -39.50
N ASN N 194 -19.64 44.95 -39.45
CA ASN N 194 -20.36 45.41 -38.28
C ASN N 194 -21.84 45.06 -38.42
N ALA N 195 -22.30 44.09 -37.63
CA ALA N 195 -23.69 43.64 -37.71
C ALA N 195 -24.66 44.75 -37.34
N HIS N 196 -24.37 45.51 -36.29
CA HIS N 196 -25.27 46.54 -35.81
C HIS N 196 -24.92 47.91 -36.40
N LYS N 197 -24.93 47.99 -37.73
CA LYS N 197 -24.80 49.29 -38.38
C LYS N 197 -26.02 50.17 -38.13
N ALA N 198 -27.21 49.57 -38.11
CA ALA N 198 -28.43 50.37 -38.02
C ALA N 198 -28.56 51.01 -36.66
N ALA N 199 -28.27 50.27 -35.60
CA ALA N 199 -28.38 50.80 -34.26
C ALA N 199 -27.08 50.44 -33.55
N GLN N 200 -26.76 51.22 -32.53
CA GLN N 200 -25.51 51.05 -31.80
C GLN N 200 -25.89 50.43 -30.47
N LYS N 201 -25.70 49.12 -30.36
CA LYS N 201 -25.98 48.43 -29.11
C LYS N 201 -25.07 48.95 -28.00
N ASN N 202 -25.56 48.82 -26.78
CA ASN N 202 -24.91 49.35 -25.59
C ASN N 202 -23.80 48.40 -25.14
N SER N 203 -22.56 48.81 -25.40
CA SER N 203 -21.38 48.09 -24.96
C SER N 203 -20.32 49.09 -24.53
N HIS N 204 -19.79 48.95 -23.32
CA HIS N 204 -18.75 49.83 -22.82
C HIS N 204 -17.55 49.01 -22.38
N ILE N 205 -16.46 49.12 -23.12
CA ILE N 205 -15.20 48.45 -22.83
C ILE N 205 -14.12 49.50 -22.66
N VAL N 206 -13.19 49.26 -21.74
CA VAL N 206 -12.01 50.11 -21.59
C VAL N 206 -10.79 49.20 -21.50
N ILE N 207 -9.94 49.26 -22.51
CA ILE N 207 -8.83 48.33 -22.70
C ILE N 207 -7.51 48.99 -22.37
N PHE N 208 -6.67 48.29 -21.61
CA PHE N 208 -5.35 48.79 -21.21
C PHE N 208 -4.31 48.05 -22.04
N ASP N 209 -3.62 48.79 -22.92
CA ASP N 209 -2.70 48.21 -23.89
C ASP N 209 -1.26 48.64 -23.61
N ILE N 210 -0.35 47.67 -23.54
CA ILE N 210 1.07 47.94 -23.30
C ILE N 210 1.85 47.97 -24.61
N HIS N 211 1.62 46.97 -25.48
CA HIS N 211 2.24 46.85 -26.79
C HIS N 211 1.40 47.42 -27.92
N ALA N 212 0.22 47.92 -27.60
CA ALA N 212 -0.70 48.51 -28.58
C ALA N 212 -1.15 47.52 -29.65
N GLU N 213 -1.26 46.24 -29.30
CA GLU N 213 -1.61 45.23 -30.27
C GLU N 213 -3.05 45.35 -30.77
N TYR N 214 -3.97 45.82 -29.94
CA TYR N 214 -5.39 45.76 -30.22
C TYR N 214 -5.96 46.92 -31.01
N ALA N 215 -5.14 47.89 -31.41
CA ALA N 215 -5.66 49.03 -32.15
C ALA N 215 -6.30 48.57 -33.45
N ALA N 216 -5.63 47.66 -34.14
CA ALA N 216 -6.09 47.15 -35.42
C ALA N 216 -7.38 46.35 -35.28
N ALA N 217 -7.55 45.67 -34.15
CA ALA N 217 -8.61 44.68 -34.03
C ALA N 217 -9.96 45.27 -34.41
N PHE N 218 -10.22 46.52 -34.04
CA PHE N 218 -11.50 47.15 -34.32
C PHE N 218 -11.38 48.27 -35.34
N ASN N 219 -10.30 48.29 -36.11
CA ASN N 219 -10.09 49.32 -37.12
C ASN N 219 -10.54 48.77 -38.47
N LEU N 220 -11.84 48.69 -38.65
CA LEU N 220 -12.41 48.10 -39.84
C LEU N 220 -12.74 49.20 -40.84
N GLU N 221 -13.25 48.80 -42.01
CA GLU N 221 -13.48 49.77 -43.08
C GLU N 221 -14.51 50.79 -42.62
N ALA N 222 -14.40 52.00 -43.15
CA ALA N 222 -15.26 53.10 -42.71
C ALA N 222 -16.72 52.81 -43.02
N GLY N 223 -17.01 52.22 -44.18
CA GLY N 223 -18.39 51.97 -44.53
C GLY N 223 -19.14 51.24 -43.43
N GLU N 224 -18.42 50.47 -42.62
CA GLU N 224 -19.02 49.77 -41.48
C GLU N 224 -19.44 50.74 -40.39
N ALA N 225 -18.91 51.97 -40.42
CA ALA N 225 -19.32 53.02 -39.49
C ALA N 225 -19.02 52.67 -38.04
N PHE N 226 -17.73 52.52 -37.74
CA PHE N 226 -17.27 52.30 -36.38
C PHE N 226 -16.35 53.44 -35.92
N THR N 227 -16.62 53.95 -34.73
CA THR N 227 -15.89 55.06 -34.17
C THR N 227 -14.99 54.45 -33.10
N LEU N 228 -13.80 54.02 -33.49
CA LEU N 228 -12.89 53.37 -32.56
C LEU N 228 -12.08 54.44 -31.88
N ASN N 229 -12.63 54.96 -30.79
CA ASN N 229 -11.90 55.96 -30.02
C ASN N 229 -10.60 55.37 -29.54
N LEU N 230 -9.52 56.04 -29.86
CA LEU N 230 -8.17 55.57 -29.57
C LEU N 230 -7.42 56.73 -28.95
N LEU N 231 -7.37 56.74 -27.62
CA LEU N 231 -6.58 57.71 -26.91
C LEU N 231 -5.13 57.26 -26.79
N GLY N 232 -4.22 58.23 -26.86
CA GLY N 232 -2.81 57.95 -26.80
C GLY N 232 -2.07 59.11 -26.18
N VAL N 233 -0.74 58.98 -26.16
CA VAL N 233 0.09 59.99 -25.50
C VAL N 233 -0.24 61.38 -26.02
N ASP N 234 -0.46 61.50 -27.33
CA ASP N 234 -0.64 62.82 -27.90
C ASP N 234 -1.91 63.48 -27.40
N ASN N 235 -2.99 62.72 -27.28
CA ASN N 235 -4.27 63.29 -26.85
C ASN N 235 -4.82 62.50 -25.66
N LEU N 236 -4.56 63.02 -24.47
CA LEU N 236 -5.30 62.69 -23.26
C LEU N 236 -5.51 64.00 -22.53
N ARG N 237 -6.50 64.02 -21.66
CA ARG N 237 -6.84 65.21 -20.89
C ARG N 237 -6.98 64.87 -19.42
N LEU N 238 -6.06 64.06 -18.92
CA LEU N 238 -5.97 63.69 -17.52
C LEU N 238 -4.90 64.53 -16.86
N PRO N 239 -5.24 65.58 -16.16
CA PRO N 239 -4.26 66.46 -15.57
C PRO N 239 -3.78 65.94 -14.22
N TYR N 240 -2.85 66.71 -13.62
CA TYR N 240 -2.19 66.28 -12.41
C TYR N 240 -3.02 66.57 -11.18
N TRP N 241 -3.92 67.55 -11.25
CA TRP N 241 -4.51 68.10 -10.04
C TRP N 241 -5.52 67.16 -9.40
N LEU N 242 -6.09 66.23 -10.16
CA LEU N 242 -7.11 65.36 -9.59
C LEU N 242 -6.49 64.39 -8.60
N MET N 243 -5.21 64.07 -8.77
CA MET N 243 -4.58 62.99 -8.02
C MET N 243 -4.79 63.18 -6.53
N ASN N 244 -4.85 62.06 -5.82
CA ASN N 244 -4.99 62.14 -4.37
C ASN N 244 -3.66 62.50 -3.73
N ALA N 245 -3.73 62.78 -2.44
CA ALA N 245 -2.57 63.32 -1.73
C ALA N 245 -1.35 62.43 -1.89
N GLN N 246 -1.52 61.12 -1.74
CA GLN N 246 -0.39 60.20 -1.79
C GLN N 246 0.31 60.24 -3.12
N GLU N 247 -0.44 60.13 -4.20
CA GLU N 247 0.16 60.05 -5.52
C GLU N 247 0.86 61.35 -5.88
N LEU N 248 0.15 62.46 -5.73
CA LEU N 248 0.74 63.76 -6.02
C LEU N 248 2.03 63.96 -5.24
N GLU N 249 1.94 63.94 -3.90
CA GLU N 249 3.14 64.09 -3.10
C GLU N 249 4.23 63.15 -3.61
N GLN N 250 3.85 61.95 -4.04
CA GLN N 250 4.83 60.92 -4.33
C GLN N 250 5.62 61.32 -5.56
N ILE N 251 4.93 61.58 -6.66
CA ILE N 251 5.63 61.82 -7.92
C ILE N 251 6.58 63.00 -7.77
N PHE N 252 6.06 64.11 -7.26
CA PHE N 252 6.89 65.30 -7.15
C PHE N 252 8.04 65.05 -6.18
N ILE N 253 7.72 64.60 -4.97
CA ILE N 253 8.60 64.75 -3.83
C ILE N 253 9.02 63.37 -3.35
N GLU N 254 10.31 63.11 -3.34
CA GLU N 254 10.90 61.90 -2.80
C GLU N 254 11.64 62.27 -1.52
N SER N 255 11.72 61.33 -0.57
CA SER N 255 12.39 61.59 0.69
C SER N 255 13.65 60.76 0.85
N ASN N 256 14.25 60.30 -0.25
CA ASN N 256 15.44 59.48 -0.15
C ASN N 256 16.52 60.25 0.59
N GLU N 257 16.66 61.55 0.29
CA GLU N 257 17.60 62.36 1.02
C GLU N 257 17.15 62.48 2.48
N HIS N 258 15.84 62.35 2.72
CA HIS N 258 15.29 62.41 4.07
C HIS N 258 15.57 63.76 4.75
N ASN N 259 15.57 64.84 3.98
CA ASN N 259 15.69 66.18 4.54
C ASN N 259 14.36 66.92 4.46
N SER N 260 13.26 66.17 4.42
CA SER N 260 12.04 66.68 3.84
C SER N 260 11.13 67.41 4.82
N HIS N 261 11.17 67.05 6.10
CA HIS N 261 10.17 67.53 7.04
C HIS N 261 9.67 68.95 6.78
N ASN N 262 10.58 69.91 6.67
CA ASN N 262 10.13 71.29 6.53
C ASN N 262 9.55 71.49 5.14
N GLN N 263 10.13 70.84 4.13
CA GLN N 263 9.69 71.09 2.76
C GLN N 263 8.33 70.46 2.56
N ILE N 264 8.11 69.29 3.14
CA ILE N 264 6.79 68.69 3.13
C ILE N 264 5.80 69.66 3.75
N SER N 265 6.15 70.20 4.94
CA SER N 265 5.23 71.09 5.62
C SER N 265 4.87 72.27 4.74
N GLN N 266 5.88 73.00 4.27
CA GLN N 266 5.60 74.21 3.50
C GLN N 266 5.01 73.87 2.14
N PHE N 267 5.34 72.70 1.59
CA PHE N 267 4.69 72.26 0.37
C PHE N 267 3.20 72.22 0.61
N ARG N 268 2.79 71.41 1.58
CA ARG N 268 1.40 71.26 1.90
C ARG N 268 0.79 72.62 2.14
N HIS N 269 1.54 73.50 2.80
CA HIS N 269 1.07 74.86 3.05
C HIS N 269 0.80 75.60 1.76
N ALA N 270 1.74 75.53 0.82
CA ALA N 270 1.62 76.32 -0.39
C ALA N 270 0.44 75.83 -1.19
N VAL N 271 0.35 74.51 -1.39
CA VAL N 271 -0.73 73.96 -2.18
C VAL N 271 -2.06 74.28 -1.51
N VAL N 272 -2.23 73.87 -0.25
CA VAL N 272 -3.51 74.05 0.41
C VAL N 272 -3.93 75.51 0.39
N ARG N 273 -2.97 76.43 0.49
CA ARG N 273 -3.30 77.84 0.40
C ARG N 273 -3.79 78.19 -1.00
N ASN N 274 -3.12 77.66 -2.03
CA ASN N 274 -3.37 78.13 -3.38
C ASN N 274 -4.85 78.08 -3.70
N LYS N 275 -5.53 77.01 -3.29
CA LYS N 275 -6.89 76.78 -3.76
C LYS N 275 -7.81 77.92 -3.37
N CYS N 276 -7.67 78.43 -2.14
CA CYS N 276 -8.69 79.33 -1.63
C CYS N 276 -8.87 80.56 -2.50
N LYS N 277 -7.76 81.14 -2.97
CA LYS N 277 -7.85 82.39 -3.73
C LYS N 277 -8.73 82.22 -4.96
N HIS N 278 -8.77 81.03 -5.53
CA HIS N 278 -9.47 80.85 -6.80
C HIS N 278 -10.97 80.98 -6.59
N ASN N 279 -11.44 80.59 -5.41
CA ASN N 279 -12.80 80.88 -5.01
C ASN N 279 -12.96 80.49 -3.54
N PRO N 280 -13.61 81.30 -2.72
CA PRO N 280 -13.92 80.91 -1.34
C PRO N 280 -15.29 80.28 -1.14
N THR N 281 -16.05 80.06 -2.21
CA THR N 281 -17.41 79.57 -2.05
C THR N 281 -17.43 78.22 -1.36
N LEU N 282 -16.47 77.37 -1.67
CA LEU N 282 -16.29 76.13 -0.93
C LEU N 282 -15.52 76.42 0.35
N THR N 283 -15.86 75.68 1.41
CA THR N 283 -15.28 75.87 2.73
C THR N 283 -14.80 74.52 3.28
N ASN N 284 -13.87 74.60 4.23
CA ASN N 284 -13.28 73.42 4.87
C ASN N 284 -12.53 72.56 3.85
N LEU N 285 -11.81 73.22 2.95
CA LEU N 285 -11.00 72.52 1.98
C LEU N 285 -9.76 71.95 2.64
N SER N 286 -9.15 70.98 1.97
CA SER N 286 -7.98 70.29 2.51
C SER N 286 -6.96 70.11 1.41
N PHE N 287 -5.96 69.27 1.72
CA PHE N 287 -4.87 69.00 0.80
C PHE N 287 -5.35 68.16 -0.37
N ASP N 288 -6.12 67.11 -0.07
CA ASP N 288 -6.52 66.14 -1.08
C ASP N 288 -7.64 66.64 -1.98
N THR N 289 -8.54 67.45 -1.46
CA THR N 289 -9.70 67.91 -2.20
C THR N 289 -9.26 68.50 -3.54
N PRO N 290 -9.70 67.94 -4.67
CA PRO N 290 -9.29 68.45 -5.98
C PRO N 290 -10.07 69.68 -6.45
N VAL N 291 -9.40 70.83 -6.46
CA VAL N 291 -9.90 72.08 -7.01
C VAL N 291 -8.70 72.77 -7.66
N TYR N 292 -8.97 73.72 -8.55
CA TYR N 292 -7.89 74.16 -9.43
C TYR N 292 -6.70 74.70 -8.63
N PHE N 293 -5.52 74.35 -9.12
CA PHE N 293 -4.22 74.79 -8.63
C PHE N 293 -3.12 74.56 -9.65
N SER N 294 -2.10 75.40 -9.55
CA SER N 294 -0.98 75.47 -10.47
C SER N 294 0.31 75.03 -9.82
N ILE N 295 1.14 74.32 -10.57
CA ILE N 295 2.41 73.85 -10.02
C ILE N 295 3.54 74.86 -10.18
N ASP N 296 3.55 75.64 -11.27
CA ASP N 296 4.60 76.62 -11.48
C ASP N 296 4.54 77.73 -10.44
N GLU N 297 3.35 78.32 -10.30
CA GLU N 297 3.12 79.35 -9.31
C GLU N 297 3.62 78.90 -7.95
N VAL N 298 3.45 77.62 -7.66
CA VAL N 298 3.92 77.08 -6.38
C VAL N 298 5.43 77.04 -6.35
N VAL N 299 6.05 76.49 -7.40
CA VAL N 299 7.47 76.22 -7.34
C VAL N 299 8.23 77.53 -7.28
N THR N 300 7.59 78.63 -7.67
CA THR N 300 8.20 79.93 -7.44
C THR N 300 8.35 80.19 -5.94
N TYR N 301 7.39 79.70 -5.17
CA TYR N 301 7.37 79.97 -3.73
C TYR N 301 8.59 79.38 -3.06
N LEU N 302 8.96 78.15 -3.41
CA LEU N 302 10.14 77.55 -2.83
C LEU N 302 11.38 78.37 -3.15
N GLU N 303 11.60 78.66 -4.44
CA GLU N 303 12.78 79.42 -4.82
C GLU N 303 12.89 80.71 -4.00
N ASN N 304 11.85 81.55 -4.09
CA ASN N 304 11.97 82.89 -3.55
C ASN N 304 11.94 82.90 -2.02
N MET N 305 11.14 82.04 -1.41
CA MET N 305 11.09 81.98 0.04
C MET N 305 12.40 81.47 0.61
N ASN N 306 13.11 80.61 -0.14
CA ASN N 306 14.39 80.13 0.34
C ASN N 306 15.26 81.29 0.79
N ASN N 307 15.45 82.30 -0.07
CA ASN N 307 16.49 83.29 0.17
C ASN N 307 15.90 84.59 0.67
N GLU N 308 14.85 84.51 1.49
CA GLU N 308 14.23 85.72 2.03
C GLU N 308 15.03 86.21 3.23
N VAL N 309 14.98 87.52 3.45
CA VAL N 309 15.66 88.16 4.57
C VAL N 309 14.66 89.02 5.32
N ILE N 310 14.69 88.93 6.64
CA ILE N 310 13.78 89.62 7.53
C ILE N 310 14.59 90.59 8.38
N GLY N 311 14.04 91.77 8.59
CA GLY N 311 14.76 92.77 9.34
C GLY N 311 14.92 92.37 10.79
N LYS N 312 16.12 92.59 11.30
CA LYS N 312 16.40 92.50 12.72
C LYS N 312 16.25 93.84 13.39
N LEU N 313 16.10 94.89 12.61
CA LEU N 313 15.90 96.23 13.15
C LEU N 313 14.63 96.25 13.99
N ALA N 314 14.72 96.92 15.14
CA ALA N 314 13.56 97.00 16.02
C ALA N 314 12.36 97.53 15.24
N GLY N 315 11.23 96.81 15.37
CA GLY N 315 10.05 97.18 14.62
C GLY N 315 10.09 96.83 13.15
N GLU N 316 11.00 95.95 12.73
CA GLU N 316 11.14 95.55 11.34
C GLU N 316 11.12 94.02 11.20
N GLY N 317 10.33 93.35 12.02
CA GLY N 317 10.22 91.90 11.94
C GLY N 317 9.37 91.44 10.77
N LYS N 318 9.89 91.60 9.56
CA LYS N 318 9.17 91.31 8.34
C LYS N 318 10.21 91.16 7.23
N PRO N 319 9.89 90.43 6.17
CA PRO N 319 10.88 90.32 5.08
C PRO N 319 11.17 91.69 4.48
N LYS N 320 12.46 92.02 4.39
CA LYS N 320 12.89 93.31 3.86
C LYS N 320 13.25 93.16 2.38
N LEU N 321 12.82 94.14 1.58
CA LEU N 321 13.08 94.14 0.15
C LEU N 321 14.38 94.89 -0.16
N ALA N 322 14.76 94.88 -1.45
CA ALA N 322 15.93 95.63 -1.89
C ALA N 322 15.74 97.13 -1.69
N ASN N 323 14.50 97.60 -1.69
CA ASN N 323 14.20 99.00 -1.40
C ASN N 323 13.65 99.16 0.00
N GLU N 324 13.97 98.22 0.90
CA GLU N 324 13.66 98.30 2.32
C GLU N 324 12.17 98.11 2.58
N THR N 325 11.47 97.43 1.68
CA THR N 325 10.06 97.19 1.87
C THR N 325 9.81 95.92 2.67
N LEU N 326 8.67 95.90 3.35
CA LEU N 326 8.23 94.83 4.23
C LEU N 326 6.88 94.32 3.72
N VAL N 327 6.66 93.02 3.83
CA VAL N 327 5.46 92.39 3.28
C VAL N 327 4.81 91.55 4.36
N SER N 328 3.48 91.63 4.43
CA SER N 328 2.76 90.91 5.47
C SER N 328 2.73 89.41 5.18
N ASP N 329 2.33 89.03 3.97
CA ASP N 329 2.23 87.63 3.59
C ASP N 329 3.08 87.42 2.35
N ARG N 330 3.90 86.37 2.36
CA ARG N 330 4.82 86.17 1.25
C ARG N 330 4.05 85.81 -0.02
N ASP N 331 2.95 85.07 0.13
CA ASP N 331 2.22 84.55 -1.03
C ASP N 331 1.71 85.65 -1.92
N GLU N 332 1.40 86.83 -1.36
CA GLU N 332 0.87 87.91 -2.18
C GLU N 332 1.77 88.24 -3.36
N LEU N 333 3.09 88.12 -3.19
CA LEU N 333 4.00 88.38 -4.30
C LEU N 333 4.93 87.20 -4.54
N TYR N 334 5.32 86.47 -3.48
CA TYR N 334 6.27 85.38 -3.66
C TYR N 334 5.74 84.36 -4.66
N PHE N 335 4.45 84.01 -4.55
CA PHE N 335 3.85 83.12 -5.53
C PHE N 335 3.97 83.72 -6.92
N ASP N 336 3.69 85.02 -7.04
CA ASP N 336 3.62 85.64 -8.35
C ASP N 336 4.98 85.64 -9.02
N ALA N 337 6.01 86.13 -8.33
CA ALA N 337 7.31 86.27 -8.95
C ALA N 337 8.40 86.29 -7.87
N VAL N 338 9.62 85.94 -8.29
CA VAL N 338 10.76 85.98 -7.40
C VAL N 338 11.01 87.43 -6.96
N GLN N 339 11.57 87.59 -5.77
CA GLN N 339 11.92 88.89 -5.24
C GLN N 339 13.38 88.91 -4.81
N SER N 340 13.97 90.11 -4.86
CA SER N 340 15.36 90.34 -4.52
C SER N 340 15.42 91.06 -3.19
N PHE N 341 16.25 90.54 -2.29
CA PHE N 341 16.39 91.03 -0.93
C PHE N 341 17.84 91.35 -0.60
N ILE N 342 18.01 92.37 0.25
CA ILE N 342 19.34 92.80 0.64
C ILE N 342 20.06 91.67 1.35
N VAL N 343 21.40 91.65 1.23
CA VAL N 343 22.19 90.63 1.90
C VAL N 343 22.20 90.91 3.40
N ALA N 344 22.17 89.85 4.19
CA ALA N 344 22.25 90.03 5.63
C ALA N 344 23.68 90.30 6.07
N SER N 345 23.83 91.08 7.13
CA SER N 345 25.14 91.40 7.66
C SER N 345 25.06 91.38 9.18
N GLN N 346 26.21 91.11 9.82
CA GLN N 346 26.24 91.08 11.28
C GLN N 346 26.09 92.49 11.86
N ALA N 347 26.69 93.48 11.22
CA ALA N 347 26.71 94.83 11.75
C ALA N 347 25.29 95.32 12.06
N ALA N 348 25.18 96.20 13.05
CA ALA N 348 23.88 96.73 13.41
C ALA N 348 23.28 97.55 12.27
N ALA N 349 24.12 98.36 11.60
CA ALA N 349 23.61 99.17 10.51
C ALA N 349 22.97 98.30 9.43
N THR N 350 23.48 97.09 9.25
CA THR N 350 22.97 96.18 8.24
C THR N 350 22.52 94.89 8.92
N LYS N 351 21.82 95.01 10.04
CA LYS N 351 21.41 93.85 10.82
C LYS N 351 20.17 93.22 10.19
N ALA N 352 20.34 92.03 9.62
CA ALA N 352 19.25 91.30 9.00
C ALA N 352 19.44 89.81 9.26
N SER N 353 18.35 89.05 9.16
CA SER N 353 18.42 87.61 9.32
C SER N 353 17.93 86.95 8.05
N ASN N 354 18.56 85.86 7.65
CA ASN N 354 18.11 85.16 6.47
C ASN N 354 16.85 84.36 6.79
N GLY N 355 16.12 84.01 5.75
CA GLY N 355 14.97 83.15 5.87
C GLY N 355 15.29 81.83 6.55
N PRO N 356 14.28 81.26 7.22
CA PRO N 356 14.52 80.02 7.97
C PRO N 356 15.11 78.90 7.13
N PHE N 357 14.93 78.95 5.81
CA PHE N 357 15.32 77.85 4.95
C PHE N 357 16.41 78.24 3.95
N ASN N 358 16.95 79.45 4.04
CA ASN N 358 18.00 79.89 3.15
C ASN N 358 19.10 78.85 3.03
N GLY N 359 19.29 78.33 1.81
CA GLY N 359 20.37 77.41 1.56
C GLY N 359 20.10 75.97 1.92
N GLU N 360 18.83 75.61 2.12
CA GLU N 360 18.48 74.27 2.58
C GLU N 360 17.63 73.46 1.62
N PHE N 361 16.92 74.10 0.67
CA PHE N 361 16.04 73.35 -0.23
C PHE N 361 16.11 73.80 -1.68
N ASP N 362 17.13 74.55 -2.08
CA ASP N 362 17.29 74.83 -3.50
C ASP N 362 17.27 73.53 -4.32
N ARG N 363 17.95 72.49 -3.82
CA ARG N 363 17.96 71.20 -4.49
C ARG N 363 16.56 70.76 -4.86
N MET N 364 15.57 71.10 -4.03
CA MET N 364 14.21 70.66 -4.27
C MET N 364 13.78 71.06 -5.66
N ILE N 365 14.04 72.32 -6.00
CA ILE N 365 13.61 72.90 -7.26
C ILE N 365 14.39 72.29 -8.42
N LEU N 366 15.68 72.02 -8.18
CA LEU N 366 16.52 71.46 -9.23
C LEU N 366 16.01 70.09 -9.65
N ARG N 367 15.77 69.23 -8.66
CA ARG N 367 15.22 67.92 -8.97
C ARG N 367 13.81 68.05 -9.54
N LEU N 368 13.01 68.96 -8.99
CA LEU N 368 11.64 69.08 -9.46
C LEU N 368 11.59 69.45 -10.93
N HIS N 369 12.51 70.30 -11.37
CA HIS N 369 12.48 70.71 -12.77
C HIS N 369 12.99 69.60 -13.65
N THR N 370 14.02 68.88 -13.20
CA THR N 370 14.43 67.71 -13.96
C THR N 370 13.28 66.72 -14.09
N ARG N 371 12.40 66.69 -13.10
CA ARG N 371 11.16 65.92 -13.21
C ARG N 371 10.17 66.54 -14.19
N LEU N 372 10.13 67.88 -14.27
CA LEU N 372 9.02 68.52 -14.95
C LEU N 372 9.21 68.55 -16.47
N ALA N 373 10.38 69.00 -16.94
CA ALA N 373 10.50 69.34 -18.35
C ALA N 373 10.12 68.17 -19.25
N ASP N 374 10.35 66.95 -18.79
CA ASP N 374 10.31 65.75 -19.62
C ASP N 374 9.20 65.88 -20.66
N PRO N 375 9.48 65.64 -21.94
CA PRO N 375 8.44 65.89 -22.94
C PRO N 375 7.27 64.95 -22.83
N ARG N 376 7.52 63.70 -22.42
CA ARG N 376 6.44 62.72 -22.38
C ARG N 376 5.29 63.21 -21.53
N LEU N 377 5.57 63.91 -20.44
CA LEU N 377 4.55 64.25 -19.46
C LEU N 377 4.05 65.67 -19.62
N GLN N 378 4.37 66.35 -20.74
CA GLN N 378 3.97 67.74 -20.80
C GLN N 378 2.45 67.86 -20.82
N PHE N 379 1.76 66.81 -21.25
CA PHE N 379 0.30 66.78 -21.18
C PHE N 379 -0.18 66.73 -19.73
N LEU N 380 0.49 65.94 -18.89
CA LEU N 380 0.00 65.70 -17.55
C LEU N 380 0.12 66.96 -16.71
N PHE N 381 1.23 67.68 -16.86
CA PHE N 381 1.45 68.91 -16.12
C PHE N 381 0.64 70.05 -16.72
N TYR N 382 0.36 70.00 -18.02
CA TYR N 382 -0.36 71.07 -18.70
C TYR N 382 -1.45 70.49 -19.61
N PRO N 383 -2.73 70.68 -19.31
CA PRO N 383 -3.75 70.30 -20.28
C PRO N 383 -4.19 71.48 -21.15
N LYS N 384 -4.54 71.14 -22.39
CA LYS N 384 -5.01 72.10 -23.38
C LYS N 384 -6.24 71.55 -24.09
N LYS N 385 -7.24 72.42 -24.25
CA LYS N 385 -8.51 72.07 -24.87
C LYS N 385 -8.34 71.99 -26.39
N GLU N 386 -9.45 71.85 -27.11
CA GLU N 386 -9.40 71.83 -28.57
C GLU N 386 -8.95 73.20 -29.11
N ASP N 387 -9.52 74.27 -28.57
CA ASP N 387 -9.17 75.60 -29.06
C ASP N 387 -7.71 75.91 -28.73
N GLY N 388 -7.30 75.67 -27.49
CA GLY N 388 -5.90 75.72 -27.13
C GLY N 388 -5.60 76.21 -25.73
N GLU N 389 -6.63 76.61 -24.99
CA GLU N 389 -6.38 77.23 -23.69
C GLU N 389 -6.18 76.14 -22.64
N ASP N 390 -5.95 76.58 -21.41
CA ASP N 390 -5.75 75.69 -20.29
C ASP N 390 -7.10 75.19 -19.76
N LEU N 391 -7.07 74.05 -19.09
CA LEU N 391 -8.26 73.42 -18.57
C LEU N 391 -8.38 73.66 -17.08
N ALA N 392 -9.59 74.01 -16.66
CA ALA N 392 -9.87 74.31 -15.26
C ALA N 392 -11.20 73.66 -14.89
N THR N 393 -11.59 73.84 -13.62
CA THR N 393 -12.77 73.23 -13.04
C THR N 393 -13.97 73.26 -13.99
N GLY N 394 -14.15 74.37 -14.67
CA GLY N 394 -15.35 74.61 -15.44
C GLY N 394 -15.87 73.40 -16.19
N ASP N 395 -14.97 72.51 -16.63
CA ASP N 395 -15.33 71.45 -17.55
C ASP N 395 -14.90 70.10 -17.00
N PHE N 396 -15.18 69.86 -15.72
CA PHE N 396 -14.83 68.57 -15.13
C PHE N 396 -15.47 67.47 -15.95
N ALA N 397 -16.72 67.66 -16.33
CA ALA N 397 -17.47 66.60 -16.97
C ALA N 397 -16.73 66.10 -18.19
N ASP N 398 -16.24 67.01 -19.03
CA ASP N 398 -15.59 66.57 -20.26
C ASP N 398 -14.54 65.53 -19.97
N VAL N 399 -13.74 65.76 -18.92
CA VAL N 399 -12.59 64.90 -18.67
C VAL N 399 -13.03 63.46 -18.45
N VAL N 400 -14.22 63.27 -17.89
CA VAL N 400 -14.73 61.92 -17.70
C VAL N 400 -15.50 61.40 -18.92
N ARG N 401 -16.20 62.26 -19.63
CA ARG N 401 -16.94 61.79 -20.80
C ARG N 401 -16.02 61.16 -21.82
N GLN N 402 -14.74 61.45 -21.73
CA GLN N 402 -13.76 60.91 -22.65
C GLN N 402 -13.52 59.44 -22.38
N PHE N 403 -13.43 59.05 -21.11
CA PHE N 403 -12.93 57.72 -20.79
C PHE N 403 -13.98 56.66 -21.09
N VAL N 404 -15.23 56.92 -20.69
CA VAL N 404 -16.29 55.93 -20.84
C VAL N 404 -16.72 55.74 -22.28
N GLY N 405 -16.50 56.74 -23.13
CA GLY N 405 -16.82 56.64 -24.54
C GLY N 405 -18.04 57.41 -24.98
N TYR N 406 -18.74 58.08 -24.06
CA TYR N 406 -19.90 58.86 -24.44
C TYR N 406 -19.55 60.15 -25.18
N MET N 407 -18.32 60.66 -25.05
CA MET N 407 -17.99 61.94 -25.66
C MET N 407 -18.08 61.88 -27.18
N THR N 408 -17.51 60.84 -27.78
CA THR N 408 -17.54 60.63 -29.23
C THR N 408 -18.57 59.59 -29.65
N LYS N 409 -19.39 59.10 -28.73
CA LYS N 409 -20.37 58.06 -29.02
C LYS N 409 -19.68 56.83 -29.61
N SER N 410 -18.63 56.39 -28.94
CA SER N 410 -17.89 55.19 -29.30
C SER N 410 -17.99 54.17 -28.17
N ASN N 411 -18.19 52.91 -28.52
CA ASN N 411 -18.32 51.88 -27.50
C ASN N 411 -16.97 51.50 -26.91
N VAL N 412 -15.96 51.38 -27.75
CA VAL N 412 -14.64 50.91 -27.35
C VAL N 412 -13.71 52.10 -27.19
N SER N 413 -13.11 52.20 -26.01
CA SER N 413 -12.06 53.15 -25.72
C SER N 413 -10.77 52.42 -25.43
N ILE N 414 -9.69 52.84 -26.10
CA ILE N 414 -8.41 52.20 -26.03
C ILE N 414 -7.40 53.23 -25.55
N ILE N 415 -6.56 52.83 -24.59
CA ILE N 415 -5.51 53.67 -24.03
C ILE N 415 -4.16 53.03 -24.32
N ASP N 416 -3.24 53.81 -24.86
CA ASP N 416 -1.90 53.33 -25.16
C ASP N 416 -0.89 53.97 -24.22
N LEU N 417 -0.16 53.12 -23.50
CA LEU N 417 0.71 53.56 -22.41
C LEU N 417 2.17 53.46 -22.77
N SER N 418 2.50 53.16 -24.03
CA SER N 418 3.89 52.94 -24.39
C SER N 418 4.74 54.16 -24.10
N GLY N 419 4.40 55.28 -24.74
CA GLY N 419 5.16 56.49 -24.58
C GLY N 419 5.37 56.90 -23.14
N ILE N 420 4.44 56.52 -22.28
CA ILE N 420 4.52 56.93 -20.86
C ILE N 420 5.66 56.15 -20.21
N PRO N 421 6.45 56.77 -19.33
CA PRO N 421 7.51 56.03 -18.64
C PRO N 421 6.98 55.29 -17.42
N PHE N 422 7.81 54.37 -16.92
CA PHE N 422 7.43 53.54 -15.78
C PHE N 422 7.25 54.32 -14.48
N GLU N 423 7.77 55.55 -14.39
CA GLU N 423 7.74 56.25 -13.12
C GLU N 423 6.32 56.68 -12.74
N VAL N 424 5.43 56.87 -13.71
CA VAL N 424 4.10 57.40 -13.46
C VAL N 424 3.01 56.46 -13.98
N LEU N 425 3.37 55.26 -14.39
CA LEU N 425 2.43 54.29 -14.95
C LEU N 425 1.29 54.04 -13.97
N SER N 426 1.64 53.41 -12.86
CA SER N 426 0.63 53.01 -11.89
C SER N 426 -0.15 54.23 -11.42
N ILE N 427 0.50 55.38 -11.38
CA ILE N 427 -0.14 56.59 -10.91
C ILE N 427 -1.19 57.04 -11.91
N VAL N 428 -1.00 56.69 -13.18
CA VAL N 428 -1.99 57.00 -14.21
C VAL N 428 -3.18 56.07 -14.06
N VAL N 429 -2.91 54.78 -13.99
CA VAL N 429 -4.01 53.82 -14.00
C VAL N 429 -4.86 53.97 -12.75
N SER N 430 -4.26 54.38 -11.63
CA SER N 430 -5.05 54.60 -10.42
C SER N 430 -6.18 55.56 -10.68
N LEU N 431 -5.87 56.67 -11.34
CA LEU N 431 -6.87 57.71 -11.54
C LEU N 431 -7.87 57.28 -12.59
N ILE N 432 -7.38 56.64 -13.66
CA ILE N 432 -8.32 56.19 -14.69
C ILE N 432 -9.32 55.19 -14.12
N SER N 433 -8.90 54.35 -13.17
CA SER N 433 -9.81 53.36 -12.60
C SER N 433 -10.76 54.01 -11.60
N ARG N 434 -10.26 54.97 -10.85
CA ARG N 434 -11.08 55.59 -9.83
C ARG N 434 -12.21 56.35 -10.48
N MET N 435 -11.94 57.02 -11.61
CA MET N 435 -12.99 57.80 -12.23
C MET N 435 -14.16 56.90 -12.58
N ILE N 436 -13.86 55.74 -13.15
CA ILE N 436 -14.91 54.81 -13.59
C ILE N 436 -15.73 54.34 -12.40
N PHE N 437 -15.05 53.92 -11.33
CA PHE N 437 -15.80 53.41 -10.19
C PHE N 437 -16.68 54.48 -9.58
N ASP N 438 -16.16 55.69 -9.45
CA ASP N 438 -16.97 56.79 -8.95
C ASP N 438 -18.20 57.01 -9.82
N PHE N 439 -18.01 56.96 -11.14
CA PHE N 439 -19.14 57.22 -12.04
C PHE N 439 -20.22 56.17 -11.85
N GLY N 440 -19.82 54.92 -11.74
CA GLY N 440 -20.79 53.87 -11.53
C GLY N 440 -21.54 54.05 -10.23
N PHE N 441 -20.79 54.34 -9.15
CA PHE N 441 -21.41 54.56 -7.86
C PHE N 441 -22.49 55.62 -7.92
N HIS N 442 -22.14 56.78 -8.46
CA HIS N 442 -23.07 57.89 -8.38
C HIS N 442 -24.24 57.72 -9.34
N TYR N 443 -24.00 57.11 -10.50
CA TYR N 443 -25.10 56.86 -11.41
C TYR N 443 -26.07 55.86 -10.82
N SER N 444 -25.55 54.83 -10.15
CA SER N 444 -26.41 53.86 -9.50
C SER N 444 -27.24 54.53 -8.42
N LYS N 445 -26.63 55.39 -7.61
CA LYS N 445 -27.40 56.07 -6.59
C LYS N 445 -28.49 56.94 -7.20
N ASN N 446 -28.15 57.71 -8.24
CA ASN N 446 -29.12 58.61 -8.83
C ASN N 446 -30.27 57.84 -9.45
N ARG N 447 -29.99 56.67 -10.01
CA ARG N 447 -31.02 55.84 -10.62
C ARG N 447 -31.80 55.03 -9.59
N HIS N 448 -31.27 54.88 -8.37
CA HIS N 448 -31.94 54.05 -7.38
C HIS N 448 -33.33 54.55 -7.06
N VAL N 449 -33.49 55.87 -6.92
CA VAL N 449 -34.80 56.43 -6.58
C VAL N 449 -35.83 56.00 -7.63
N GLY N 450 -35.40 55.90 -8.88
CA GLY N 450 -36.29 55.39 -9.91
C GLY N 450 -36.70 53.96 -9.64
N GLY N 451 -35.82 53.20 -9.01
CA GLY N 451 -36.08 51.81 -8.67
C GLY N 451 -35.42 50.77 -9.52
N ALA N 452 -34.45 51.14 -10.36
CA ALA N 452 -33.76 50.18 -11.22
C ALA N 452 -32.26 50.32 -11.03
N VAL N 453 -31.56 49.23 -11.36
CA VAL N 453 -30.11 49.16 -11.25
C VAL N 453 -29.49 49.85 -12.46
N SER N 454 -28.19 50.09 -12.41
CA SER N 454 -27.52 50.78 -13.51
C SER N 454 -27.72 50.06 -14.83
N ASP N 455 -27.78 50.86 -15.90
CA ASP N 455 -27.96 50.38 -17.25
C ASP N 455 -26.83 50.80 -18.16
N VAL N 456 -25.74 51.31 -17.60
CA VAL N 456 -24.55 51.68 -18.36
C VAL N 456 -23.35 50.92 -17.84
N PRO N 457 -23.31 49.62 -18.06
CA PRO N 457 -22.23 48.79 -17.53
C PRO N 457 -20.91 49.03 -18.23
N ILE N 458 -19.83 48.82 -17.49
CA ILE N 458 -18.48 49.05 -17.98
C ILE N 458 -17.64 47.82 -17.69
N LEU N 459 -16.77 47.48 -18.63
CA LEU N 459 -15.89 46.32 -18.54
C LEU N 459 -14.46 46.78 -18.76
N VAL N 460 -13.77 47.05 -17.66
CA VAL N 460 -12.35 47.34 -17.72
C VAL N 460 -11.60 46.05 -18.03
N VAL N 461 -10.69 46.13 -18.99
CA VAL N 461 -9.93 44.99 -19.46
C VAL N 461 -8.47 45.34 -19.28
N CYS N 462 -7.75 44.45 -18.63
CA CYS N 462 -6.38 44.70 -18.21
C CYS N 462 -5.48 43.69 -18.89
N GLU N 463 -4.49 44.20 -19.60
CA GLU N 463 -3.50 43.40 -20.30
C GLU N 463 -2.15 43.61 -19.63
N GLU N 464 -1.44 42.51 -19.45
CA GLU N 464 -0.12 42.54 -18.84
C GLU N 464 -0.19 43.18 -17.45
N ALA N 465 -0.94 42.50 -16.58
CA ALA N 465 -1.17 43.03 -15.23
C ALA N 465 0.13 43.24 -14.47
N HIS N 466 1.16 42.46 -14.78
CA HIS N 466 2.40 42.53 -14.03
C HIS N 466 3.00 43.92 -14.12
N ASN N 467 2.96 44.52 -15.30
CA ASN N 467 3.57 45.83 -15.47
C ASN N 467 2.99 46.84 -14.50
N TYR N 468 1.90 46.51 -13.81
CA TYR N 468 1.33 47.46 -12.84
C TYR N 468 0.57 46.79 -11.72
N LEU N 469 0.78 45.50 -11.45
CA LEU N 469 0.21 44.85 -10.26
C LEU N 469 1.13 43.72 -9.81
N PRO N 470 2.17 44.04 -9.04
CA PRO N 470 3.11 43.00 -8.62
C PRO N 470 2.46 41.92 -7.77
N ARG N 471 3.14 40.78 -7.70
CA ARG N 471 2.84 39.79 -6.68
C ARG N 471 3.18 40.33 -5.29
N SER N 472 4.43 40.73 -5.10
CA SER N 472 4.90 41.31 -3.85
C SER N 472 5.01 42.81 -4.02
N GLY N 473 4.52 43.56 -3.03
CA GLY N 473 4.31 44.97 -3.20
C GLY N 473 5.50 45.86 -2.91
N GLY N 474 6.17 46.31 -3.96
CA GLY N 474 7.08 47.43 -3.86
C GLY N 474 6.30 48.68 -3.50
N ALA N 475 6.56 49.25 -2.32
CA ALA N 475 5.64 50.25 -1.78
C ALA N 475 5.40 51.38 -2.78
N ALA N 476 6.48 51.97 -3.29
CA ALA N 476 6.32 53.02 -4.30
C ALA N 476 5.47 52.56 -5.46
N TYR N 477 5.42 51.26 -5.72
CA TYR N 477 4.73 50.73 -6.88
C TYR N 477 3.46 49.97 -6.55
N ASP N 478 3.04 49.98 -5.29
CA ASP N 478 1.89 49.20 -4.84
C ASP N 478 0.74 50.11 -4.40
N ALA N 479 0.46 51.17 -5.15
CA ALA N 479 -0.69 52.04 -4.92
C ALA N 479 -1.88 51.67 -5.79
N SER N 480 -1.68 51.59 -7.11
CA SER N 480 -2.79 51.38 -8.02
C SER N 480 -3.58 50.15 -7.61
N ARG N 481 -2.90 49.14 -7.05
CA ARG N 481 -3.55 47.93 -6.57
C ARG N 481 -4.83 48.26 -5.83
N LYS N 482 -4.73 49.16 -4.86
CA LYS N 482 -5.90 49.54 -4.08
C LYS N 482 -7.08 49.84 -4.97
N SER N 483 -6.89 50.74 -5.93
CA SER N 483 -7.97 51.05 -6.86
C SER N 483 -8.48 49.78 -7.51
N ILE N 484 -7.58 49.04 -8.16
CA ILE N 484 -8.00 47.85 -8.87
C ILE N 484 -8.46 46.77 -7.92
N GLU N 485 -8.13 46.92 -6.65
CA GLU N 485 -8.61 45.99 -5.64
C GLU N 485 -10.09 46.20 -5.40
N ARG N 486 -10.50 47.46 -5.32
CA ARG N 486 -11.88 47.79 -4.99
C ARG N 486 -12.84 47.20 -6.00
N ILE N 487 -12.54 47.36 -7.29
CA ILE N 487 -13.41 46.83 -8.33
C ILE N 487 -13.61 45.34 -8.11
N ALA N 488 -12.61 44.66 -7.58
CA ALA N 488 -12.67 43.22 -7.45
C ALA N 488 -13.63 42.79 -6.36
N LYS N 489 -13.92 43.65 -5.40
CA LYS N 489 -14.77 43.31 -4.27
C LYS N 489 -16.19 43.83 -4.42
N GLU N 490 -16.33 45.11 -4.76
CA GLU N 490 -17.62 45.79 -4.71
C GLU N 490 -18.12 46.23 -6.08
N GLY N 491 -17.55 45.71 -7.16
CA GLY N 491 -17.87 46.25 -8.47
C GLY N 491 -19.25 45.87 -8.94
N ARG N 492 -19.66 44.63 -8.68
CA ARG N 492 -20.81 44.09 -9.38
C ARG N 492 -22.12 44.76 -8.97
N LYS N 493 -22.13 45.46 -7.84
CA LYS N 493 -23.35 46.14 -7.43
C LYS N 493 -23.52 47.46 -8.15
N TYR N 494 -22.46 47.99 -8.74
CA TYR N 494 -22.47 49.33 -9.29
C TYR N 494 -22.14 49.36 -10.77
N GLY N 495 -22.02 48.21 -11.40
CA GLY N 495 -21.81 48.14 -12.82
C GLY N 495 -20.44 48.55 -13.28
N VAL N 496 -19.43 47.88 -12.75
CA VAL N 496 -18.06 47.99 -13.25
C VAL N 496 -17.43 46.64 -12.99
N THR N 497 -16.93 46.01 -14.05
CA THR N 497 -16.28 44.73 -13.92
C THR N 497 -14.89 44.76 -14.54
N LEU N 498 -14.19 43.65 -14.33
CA LEU N 498 -12.78 43.53 -14.67
C LEU N 498 -12.51 42.19 -15.33
N MET N 499 -11.73 42.24 -16.41
CA MET N 499 -11.18 41.05 -17.05
C MET N 499 -9.67 41.22 -17.04
N VAL N 500 -8.96 40.20 -16.59
CA VAL N 500 -7.53 40.30 -16.34
C VAL N 500 -6.82 39.24 -17.17
N VAL N 501 -5.88 39.68 -18.01
CA VAL N 501 -5.04 38.79 -18.79
C VAL N 501 -3.60 39.25 -18.66
N SER N 502 -2.72 38.32 -18.29
CA SER N 502 -1.33 38.65 -18.00
C SER N 502 -0.42 37.60 -18.66
N GLN N 503 0.80 38.02 -18.99
CA GLN N 503 1.74 37.14 -19.67
C GLN N 503 2.70 36.44 -18.73
N ARG N 504 2.82 36.90 -17.48
CA ARG N 504 3.70 36.28 -16.50
C ARG N 504 2.94 36.20 -15.18
N PRO N 505 1.96 35.29 -15.09
CA PRO N 505 1.07 35.23 -13.92
C PRO N 505 1.77 35.19 -12.58
N SER N 506 3.06 34.84 -12.59
CA SER N 506 3.77 34.71 -11.33
C SER N 506 3.93 36.05 -10.64
N GLU N 507 4.27 37.09 -11.38
CA GLU N 507 4.56 38.39 -10.77
C GLU N 507 3.31 39.18 -10.45
N VAL N 508 2.12 38.62 -10.70
CA VAL N 508 0.85 39.32 -10.47
C VAL N 508 0.26 38.91 -9.14
N SER N 509 -0.40 39.86 -8.48
CA SER N 509 -0.88 39.65 -7.12
C SER N 509 -1.91 38.53 -7.06
N GLU N 510 -1.96 37.88 -5.90
CA GLU N 510 -2.86 36.76 -5.66
C GLU N 510 -4.27 37.21 -5.33
N THR N 511 -4.40 38.35 -4.67
CA THR N 511 -5.72 38.81 -4.24
C THR N 511 -6.64 38.93 -5.44
N ILE N 512 -6.18 39.57 -6.50
CA ILE N 512 -7.05 39.88 -7.63
C ILE N 512 -7.48 38.60 -8.32
N PHE N 513 -6.59 37.61 -8.43
CA PHE N 513 -7.00 36.33 -8.97
C PHE N 513 -7.98 35.62 -8.06
N SER N 514 -7.89 35.90 -6.74
CA SER N 514 -8.66 35.14 -5.78
C SER N 514 -10.16 35.18 -6.10
N GLN N 515 -10.65 36.29 -6.64
CA GLN N 515 -12.07 36.56 -6.73
C GLN N 515 -12.68 36.21 -8.07
N CYS N 516 -11.86 35.78 -9.04
CA CYS N 516 -12.39 35.51 -10.36
C CYS N 516 -13.31 34.29 -10.32
N SER N 517 -14.49 34.42 -10.94
CA SER N 517 -15.45 33.32 -10.91
C SER N 517 -15.05 32.24 -11.89
N ASN N 518 -14.71 32.62 -13.11
CA ASN N 518 -14.35 31.71 -14.17
C ASN N 518 -12.88 31.87 -14.51
N PHE N 519 -12.34 30.83 -15.14
CA PHE N 519 -10.96 30.82 -15.59
C PHE N 519 -10.91 30.26 -17.00
N ILE N 520 -10.10 30.89 -17.86
CA ILE N 520 -9.68 30.33 -19.13
C ILE N 520 -8.26 30.80 -19.37
N SER N 521 -7.33 29.86 -19.38
CA SER N 521 -5.91 30.19 -19.43
C SER N 521 -5.20 29.37 -20.48
N LEU N 522 -4.31 30.04 -21.20
CA LEU N 522 -3.62 29.50 -22.35
C LEU N 522 -2.36 28.75 -21.92
N ARG N 523 -1.54 28.44 -22.90
CA ARG N 523 -0.40 27.56 -22.72
C ARG N 523 0.61 28.11 -21.73
N LEU N 524 1.10 27.23 -20.86
CA LEU N 524 1.98 27.62 -19.76
C LEU N 524 3.25 26.77 -19.82
N THR N 525 4.24 27.20 -20.61
CA THR N 525 5.48 26.43 -20.68
C THR N 525 6.33 26.60 -19.42
N ASN N 526 6.42 27.82 -18.90
CA ASN N 526 7.28 28.11 -17.76
C ASN N 526 6.78 27.43 -16.50
N ALA N 527 7.69 26.75 -15.80
CA ALA N 527 7.29 25.94 -14.66
C ALA N 527 6.90 26.80 -13.47
N VAL N 528 7.70 27.83 -13.17
CA VAL N 528 7.43 28.67 -12.01
C VAL N 528 6.11 29.40 -12.13
N ASP N 529 5.52 29.44 -13.33
CA ASP N 529 4.22 30.06 -13.54
C ASP N 529 3.10 29.03 -13.46
N GLN N 530 3.36 27.81 -13.93
CA GLN N 530 2.33 26.79 -13.91
C GLN N 530 2.11 26.31 -12.49
N THR N 531 3.18 26.23 -11.70
CA THR N 531 3.00 25.95 -10.28
C THR N 531 2.11 26.99 -9.62
N TYR N 532 2.29 28.27 -9.97
CA TYR N 532 1.51 29.32 -9.35
C TYR N 532 0.04 29.19 -9.73
N VAL N 533 -0.24 29.00 -11.02
CA VAL N 533 -1.63 28.81 -11.42
C VAL N 533 -2.23 27.60 -10.71
N LYS N 534 -1.54 26.47 -10.74
CA LYS N 534 -2.07 25.27 -10.10
C LYS N 534 -2.36 25.51 -8.64
N SER N 535 -1.53 26.31 -7.96
CA SER N 535 -1.81 26.61 -6.57
C SER N 535 -3.02 27.51 -6.43
N LEU N 536 -3.22 28.44 -7.37
CA LEU N 536 -4.33 29.38 -7.27
C LEU N 536 -5.67 28.66 -7.43
N LEU N 537 -5.81 27.84 -8.46
CA LEU N 537 -7.04 27.07 -8.66
C LEU N 537 -6.72 25.58 -8.54
N PRO N 538 -7.13 24.92 -7.48
CA PRO N 538 -7.05 23.46 -7.43
C PRO N 538 -8.30 22.73 -7.91
N ASP N 539 -9.43 23.43 -8.02
CA ASP N 539 -10.67 22.76 -8.42
C ASP N 539 -10.51 21.96 -9.71
N LEU N 540 -9.64 22.39 -10.61
CA LEU N 540 -9.44 21.65 -11.84
C LEU N 540 -8.71 20.33 -11.60
N SER N 541 -9.24 19.26 -12.19
CA SER N 541 -8.74 17.92 -11.90
C SER N 541 -7.30 17.78 -12.38
N ALA N 542 -6.56 16.93 -11.67
CA ALA N 542 -5.12 16.82 -11.90
C ALA N 542 -4.80 16.33 -13.32
N GLY N 543 -5.55 15.35 -13.82
CA GLY N 543 -5.33 14.93 -15.19
C GLY N 543 -5.49 16.06 -16.19
N LEU N 544 -6.42 16.99 -15.93
CA LEU N 544 -6.53 18.16 -16.77
C LEU N 544 -5.32 19.07 -16.60
N GLY N 545 -4.79 19.15 -15.37
CA GLY N 545 -3.60 19.94 -15.14
C GLY N 545 -2.37 19.40 -15.83
N ASP N 546 -2.35 18.11 -16.12
CA ASP N 546 -1.22 17.52 -16.85
C ASP N 546 -1.08 18.09 -18.26
N LEU N 547 -2.08 18.83 -18.74
CA LEU N 547 -2.13 19.31 -20.12
C LEU N 547 -1.45 20.66 -20.33
N LEU N 548 -1.12 21.38 -19.28
CA LEU N 548 -0.66 22.75 -19.44
C LEU N 548 0.53 22.89 -20.38
N PRO N 549 1.56 22.03 -20.33
CA PRO N 549 2.59 22.08 -21.37
C PRO N 549 2.13 21.52 -22.71
N ASN N 550 1.51 20.34 -22.73
CA ASN N 550 1.11 19.69 -23.98
C ASN N 550 -0.27 20.23 -24.36
N LEU N 551 -0.26 21.43 -24.93
CA LEU N 551 -1.50 22.16 -25.25
C LEU N 551 -1.28 22.84 -26.59
N ALA N 552 -1.89 22.29 -27.64
CA ALA N 552 -1.63 22.76 -28.99
C ALA N 552 -2.00 24.23 -29.13
N GLN N 553 -1.54 24.83 -30.22
CA GLN N 553 -1.86 26.21 -30.54
C GLN N 553 -3.36 26.42 -30.72
N GLY N 554 -3.82 27.56 -30.21
CA GLY N 554 -5.22 27.95 -30.30
C GLY N 554 -6.14 27.18 -29.40
N GLU N 555 -5.62 26.55 -28.35
CA GLU N 555 -6.42 25.80 -27.41
C GLU N 555 -6.39 26.49 -26.05
N PHE N 556 -7.31 26.08 -25.18
CA PHE N 556 -7.52 26.79 -23.92
C PHE N 556 -7.92 25.81 -22.83
N LEU N 557 -8.04 26.36 -21.63
CA LEU N 557 -8.41 25.59 -20.43
C LEU N 557 -9.39 26.40 -19.61
N ILE N 558 -10.58 25.83 -19.42
CA ILE N 558 -11.77 26.56 -18.97
C ILE N 558 -12.34 25.92 -17.72
N VAL N 559 -12.87 26.75 -16.82
CA VAL N 559 -13.56 26.25 -15.63
C VAL N 559 -14.44 27.33 -15.03
N GLY N 560 -15.64 26.94 -14.59
CA GLY N 560 -16.50 27.81 -13.82
C GLY N 560 -17.97 27.58 -14.11
N ASP N 561 -18.79 28.49 -13.57
CA ASP N 561 -20.24 28.39 -13.67
C ASP N 561 -20.78 28.72 -15.06
N ALA N 562 -20.16 29.66 -15.75
CA ALA N 562 -20.61 30.17 -17.04
C ALA N 562 -21.23 29.07 -17.87
N PRO N 563 -20.58 27.92 -17.98
CA PRO N 563 -21.16 26.79 -18.70
C PRO N 563 -22.07 25.96 -17.81
N LEU N 564 -23.07 25.32 -18.44
CA LEU N 564 -23.79 24.26 -17.77
C LEU N 564 -22.85 23.17 -17.26
N MET N 565 -21.74 22.92 -17.96
CA MET N 565 -20.83 21.86 -17.59
C MET N 565 -19.47 22.15 -18.21
N PRO N 566 -18.38 21.73 -17.58
CA PRO N 566 -17.05 22.15 -18.04
C PRO N 566 -16.70 21.57 -19.40
N THR N 567 -15.59 22.07 -19.94
CA THR N 567 -15.07 21.64 -21.24
C THR N 567 -13.62 22.08 -21.38
N VAL N 568 -13.08 21.89 -22.58
CA VAL N 568 -11.76 22.35 -23.02
C VAL N 568 -11.91 22.62 -24.51
N GLY N 569 -10.84 23.08 -25.17
CA GLY N 569 -10.82 23.03 -26.62
C GLY N 569 -10.14 24.17 -27.36
N HIS N 570 -10.85 24.85 -28.27
CA HIS N 570 -10.14 25.61 -29.29
C HIS N 570 -11.04 26.72 -29.82
N PHE N 571 -10.44 27.63 -30.58
CA PHE N 571 -11.04 28.73 -31.29
C PHE N 571 -11.08 28.54 -32.81
N ALA N 572 -11.28 29.64 -33.54
CA ALA N 572 -10.65 29.82 -34.83
C ALA N 572 -9.95 31.19 -34.90
N LEU N 573 -9.25 31.41 -36.01
CA LEU N 573 -8.52 32.65 -36.27
C LEU N 573 -9.43 33.88 -36.32
N PRO N 574 -9.04 35.00 -35.70
CA PRO N 574 -9.85 36.22 -35.78
C PRO N 574 -9.50 37.04 -37.03
N VAL N 575 -10.40 37.96 -37.38
CA VAL N 575 -10.15 38.88 -38.50
C VAL N 575 -10.76 40.23 -38.12
N PRO N 576 -10.00 41.33 -38.08
CA PRO N 576 -8.56 41.55 -38.26
C PRO N 576 -7.70 41.19 -37.07
N GLU N 577 -6.67 40.41 -37.38
CA GLU N 577 -5.76 39.95 -36.36
C GLU N 577 -5.18 41.14 -35.62
N PRO N 578 -4.76 40.97 -34.36
CA PRO N 578 -4.18 42.11 -33.66
C PRO N 578 -2.90 42.50 -34.39
N HIS N 579 -2.60 43.78 -34.39
CA HIS N 579 -1.36 44.25 -34.99
C HIS N 579 -0.18 43.46 -34.46
N ASP N 597 28.58 56.36 -19.98
CA ASP N 597 28.00 57.38 -19.11
C ASP N 597 27.83 56.82 -17.70
N PHE N 598 28.66 55.84 -17.36
CA PHE N 598 28.53 55.17 -16.07
C PHE N 598 28.60 56.17 -14.92
N ASP N 599 29.52 57.14 -15.01
CA ASP N 599 29.65 58.11 -13.92
C ASP N 599 28.34 58.82 -13.68
N SER N 600 27.59 59.10 -14.74
CA SER N 600 26.31 59.76 -14.59
C SER N 600 25.34 58.92 -13.79
N VAL N 601 25.34 57.61 -14.03
CA VAL N 601 24.37 56.74 -13.39
C VAL N 601 24.39 56.82 -11.88
N ILE N 602 25.51 57.18 -11.28
CA ILE N 602 25.62 57.27 -9.83
C ILE N 602 24.93 58.52 -9.31
N ASP N 603 24.99 59.61 -10.08
CA ASP N 603 24.41 60.86 -9.61
C ASP N 603 22.95 60.64 -9.25
N ARG N 604 22.26 59.79 -10.01
CA ARG N 604 20.88 59.44 -9.71
C ARG N 604 20.79 58.75 -8.37
N TRP N 605 21.88 58.11 -7.93
CA TRP N 605 21.92 57.32 -6.73
C TRP N 605 22.23 58.16 -5.49
N MET O 1 9.25 12.38 -43.12
CA MET O 1 9.24 12.55 -44.58
C MET O 1 10.08 11.45 -45.25
N PRO O 2 11.35 11.35 -44.87
CA PRO O 2 12.23 10.39 -45.53
C PRO O 2 11.80 8.95 -45.24
N ASP O 3 12.24 8.05 -46.11
CA ASP O 3 12.05 6.63 -45.84
C ASP O 3 12.67 6.29 -44.50
N LEU O 4 11.88 5.65 -43.65
CA LEU O 4 12.29 5.34 -42.29
C LEU O 4 12.73 3.90 -42.10
N GLY O 5 12.62 3.07 -43.12
CA GLY O 5 13.20 1.75 -43.07
C GLY O 5 12.28 0.71 -42.49
N THR O 6 12.90 -0.38 -42.11
CA THR O 6 12.18 -1.55 -41.64
C THR O 6 11.72 -1.37 -40.19
N PRO O 7 10.54 -1.86 -39.84
CA PRO O 7 10.03 -1.64 -38.50
C PRO O 7 10.71 -2.51 -37.46
N ILE O 8 10.86 -1.95 -36.27
CA ILE O 8 11.40 -2.71 -35.14
C ILE O 8 10.35 -3.61 -34.55
N GLY O 9 9.15 -3.11 -34.32
CA GLY O 9 8.15 -3.87 -33.62
C GLY O 9 6.77 -3.31 -33.76
N SER O 10 5.94 -3.64 -32.78
CA SER O 10 4.50 -3.48 -32.88
C SER O 10 3.92 -3.16 -31.51
N VAL O 11 2.79 -2.48 -31.54
CA VAL O 11 2.11 -2.07 -30.33
C VAL O 11 1.29 -3.22 -29.78
N THR O 12 1.27 -3.34 -28.46
CA THR O 12 0.41 -4.29 -27.76
C THR O 12 -0.56 -3.64 -26.81
N ASP O 13 -0.26 -2.46 -26.28
CA ASP O 13 -1.19 -1.71 -25.45
C ASP O 13 -1.03 -0.23 -25.74
N SER O 14 -2.15 0.46 -25.76
CA SER O 14 -2.23 1.85 -26.20
C SER O 14 -3.17 2.62 -25.27
N SER O 15 -2.66 3.69 -24.68
CA SER O 15 -3.45 4.54 -23.81
C SER O 15 -2.99 5.99 -24.02
N PRO O 16 -3.82 6.95 -23.61
CA PRO O 16 -3.44 8.36 -23.81
C PRO O 16 -2.16 8.76 -23.10
N SER O 17 -1.68 7.96 -22.16
CA SER O 17 -0.51 8.31 -21.37
C SER O 17 0.52 7.20 -21.32
N LEU O 18 0.41 6.22 -22.21
CA LEU O 18 1.37 5.12 -22.25
C LEU O 18 1.16 4.33 -23.51
N ILE O 19 2.27 3.85 -24.08
CA ILE O 19 2.23 2.97 -25.24
C ILE O 19 3.29 1.92 -25.03
N ARG O 20 2.96 0.68 -25.40
CA ARG O 20 3.87 -0.43 -25.21
C ARG O 20 4.20 -1.05 -26.55
N ILE O 21 5.47 -1.37 -26.74
CA ILE O 21 5.95 -2.03 -27.94
C ILE O 21 6.69 -3.29 -27.55
N GLU O 22 6.60 -4.29 -28.43
CA GLU O 22 7.15 -5.61 -28.19
C GLU O 22 8.03 -6.04 -29.34
N ILE O 23 9.25 -6.44 -29.03
CA ILE O 23 10.18 -7.02 -30.00
C ILE O 23 10.36 -8.49 -29.69
N SER O 24 10.32 -9.30 -30.74
CA SER O 24 10.31 -10.74 -30.66
C SER O 24 11.65 -11.37 -31.01
N SER O 25 12.62 -10.58 -31.45
CA SER O 25 13.84 -11.11 -32.02
C SER O 25 15.06 -10.44 -31.41
N ALA O 26 16.14 -11.21 -31.32
CA ALA O 26 17.37 -10.74 -30.72
C ALA O 26 18.23 -9.97 -31.71
N GLU O 27 18.24 -10.38 -32.97
CA GLU O 27 19.11 -9.72 -33.95
C GLU O 27 18.69 -8.28 -34.20
N ASP O 28 17.39 -8.02 -34.35
CA ASP O 28 16.93 -6.65 -34.55
C ASP O 28 17.28 -5.77 -33.36
N PHE O 29 17.05 -6.27 -32.16
CA PHE O 29 17.36 -5.51 -30.97
C PHE O 29 18.86 -5.25 -30.88
N GLU O 30 19.68 -6.26 -31.16
CA GLU O 30 21.11 -6.03 -31.05
C GLU O 30 21.57 -5.08 -32.14
N LYS O 31 20.87 -5.04 -33.27
CA LYS O 31 21.21 -4.12 -34.34
C LYS O 31 20.93 -2.68 -33.93
N TYR O 32 19.85 -2.43 -33.21
CA TYR O 32 19.45 -1.06 -32.90
C TYR O 32 19.59 -0.70 -31.43
N LYS O 33 20.27 -1.54 -30.64
CA LYS O 33 20.49 -1.27 -29.23
C LYS O 33 21.03 0.11 -28.97
N SER O 34 21.82 0.65 -29.90
CA SER O 34 22.51 1.90 -29.64
C SER O 34 21.51 3.04 -29.44
N MET O 35 20.48 3.10 -30.26
CA MET O 35 19.53 4.19 -30.28
C MET O 35 18.15 3.74 -29.87
N LEU O 36 18.10 2.91 -28.82
CA LEU O 36 16.85 2.52 -28.18
C LEU O 36 16.95 2.65 -26.67
N GLY O 37 17.80 3.54 -26.21
CA GLY O 37 17.96 3.76 -24.79
C GLY O 37 17.04 4.82 -24.24
N VAL O 38 17.00 4.89 -22.91
CA VAL O 38 16.14 5.83 -22.23
C VAL O 38 16.52 7.24 -22.60
N GLY O 39 15.52 8.04 -22.94
CA GLY O 39 15.71 9.39 -23.39
C GLY O 39 15.57 9.58 -24.87
N GLN O 40 15.73 8.52 -25.66
CA GLN O 40 15.63 8.63 -27.09
C GLN O 40 14.18 8.58 -27.53
N TYR O 41 13.97 8.78 -28.82
CA TYR O 41 12.65 9.02 -29.38
C TYR O 41 12.34 8.02 -30.49
N LEU O 42 11.06 7.70 -30.63
CA LEU O 42 10.56 6.76 -31.61
C LEU O 42 9.37 7.35 -32.35
N LEU O 43 9.11 6.82 -33.54
CA LEU O 43 7.98 7.22 -34.36
C LEU O 43 6.98 6.08 -34.46
N VAL O 44 5.74 6.35 -34.10
CA VAL O 44 4.68 5.36 -34.08
C VAL O 44 3.60 5.80 -35.05
N ALA O 45 3.26 4.94 -35.99
CA ALA O 45 2.19 5.22 -36.93
C ALA O 45 0.83 5.24 -36.26
N SER O 46 0.05 6.27 -36.57
CA SER O 46 -1.33 6.39 -36.13
C SER O 46 -2.13 6.91 -37.30
N GLY O 47 -2.55 6.01 -38.18
CA GLY O 47 -3.24 6.38 -39.38
C GLY O 47 -2.32 6.57 -40.56
N ASN O 48 -2.93 6.64 -41.73
CA ASN O 48 -2.17 6.94 -42.93
C ASN O 48 -1.63 8.37 -42.87
N ASN O 49 -0.35 8.51 -43.16
CA ASN O 49 0.28 9.82 -43.37
C ASN O 49 0.39 10.64 -42.09
N LEU O 50 0.53 10.00 -40.95
CA LEU O 50 0.66 10.71 -39.69
C LEU O 50 1.52 9.87 -38.77
N TYR O 51 2.39 10.53 -38.01
CA TYR O 51 3.37 9.89 -37.15
C TYR O 51 3.32 10.53 -35.78
N LEU O 52 3.60 9.74 -34.75
CA LEU O 52 3.58 10.18 -33.37
C LEU O 52 4.97 10.02 -32.77
N LEU O 53 5.45 11.04 -32.08
CA LEU O 53 6.79 11.05 -31.50
C LEU O 53 6.68 10.71 -30.03
N ALA O 54 7.39 9.67 -29.61
CA ALA O 54 7.33 9.18 -28.25
C ALA O 54 8.71 9.02 -27.64
N SER O 55 8.77 9.19 -26.32
CA SER O 55 10.02 9.14 -25.55
C SER O 55 10.07 7.88 -24.72
N ILE O 56 11.16 7.14 -24.85
CA ILE O 56 11.32 5.89 -24.13
C ILE O 56 11.48 6.17 -22.64
N THR O 57 10.66 5.50 -21.84
CA THR O 57 10.69 5.62 -20.40
C THR O 57 10.98 4.31 -19.71
N GLY O 58 11.20 3.24 -20.46
CA GLY O 58 11.50 1.96 -19.85
C GLY O 58 11.72 0.84 -20.82
N VAL O 59 12.62 -0.06 -20.46
CA VAL O 59 12.98 -1.22 -21.26
C VAL O 59 13.00 -2.42 -20.32
N ARG O 60 12.71 -3.59 -20.89
CA ARG O 60 12.74 -4.82 -20.13
C ARG O 60 12.95 -5.97 -21.08
N ALA O 61 13.60 -7.02 -20.60
CA ALA O 61 13.98 -8.14 -21.43
C ALA O 61 13.81 -9.44 -20.65
N THR O 62 13.40 -10.50 -21.35
CA THR O 62 13.16 -11.75 -20.67
C THR O 62 13.23 -12.89 -21.67
N HIS O 63 13.55 -14.08 -21.15
CA HIS O 63 13.66 -15.30 -21.93
C HIS O 63 13.00 -16.46 -21.18
N VAL O 64 11.76 -16.26 -20.75
CA VAL O 64 11.02 -17.36 -20.13
C VAL O 64 10.64 -18.38 -21.19
N GLU O 65 11.24 -19.57 -21.09
CA GLU O 65 11.03 -20.62 -22.08
C GLU O 65 9.66 -21.26 -21.90
N ARG O 66 9.17 -21.89 -22.96
CA ARG O 66 7.87 -22.57 -22.92
C ARG O 66 7.45 -23.08 -24.29
N ASN O 87 11.09 -18.29 -25.34
CA ASN O 87 11.75 -17.50 -26.37
C ASN O 87 11.96 -16.09 -25.82
N PHE O 88 12.42 -15.17 -26.66
CA PHE O 88 12.80 -13.84 -26.20
C PHE O 88 11.63 -12.88 -26.26
N ARG O 89 11.52 -12.03 -25.23
CA ARG O 89 10.50 -10.99 -25.16
C ARG O 89 11.14 -9.69 -24.72
N PHE O 90 11.15 -8.70 -25.60
CA PHE O 90 11.64 -7.37 -25.29
C PHE O 90 10.47 -6.40 -25.23
N GLN O 91 10.37 -5.66 -24.14
CA GLN O 91 9.27 -4.73 -23.90
C GLN O 91 9.82 -3.31 -23.79
N ILE O 92 9.13 -2.37 -24.43
CA ILE O 92 9.46 -0.96 -24.36
C ILE O 92 8.22 -0.18 -23.99
N ASP O 93 8.39 0.84 -23.16
CA ASP O 93 7.32 1.71 -22.72
C ASP O 93 7.61 3.12 -23.19
N THR O 94 6.57 3.85 -23.58
CA THR O 94 6.72 5.15 -24.21
C THR O 94 5.63 6.11 -23.76
N GLN O 95 5.97 7.40 -23.80
CA GLN O 95 5.09 8.50 -23.50
C GLN O 95 5.12 9.49 -24.67
N PRO O 96 3.97 9.89 -25.20
CA PRO O 96 3.97 10.82 -26.34
C PRO O 96 4.30 12.26 -25.96
N ILE O 97 4.82 12.98 -26.96
CA ILE O 97 5.07 14.40 -26.84
C ILE O 97 4.61 15.19 -28.05
N GLY O 98 4.01 14.55 -29.03
CA GLY O 98 3.50 15.29 -30.17
C GLY O 98 3.43 14.45 -31.42
N THR O 99 3.16 15.14 -32.52
CA THR O 99 2.78 14.57 -33.79
C THR O 99 3.60 15.19 -34.90
N LEU O 100 3.68 14.47 -36.01
CA LEU O 100 4.52 14.84 -37.14
C LEU O 100 3.90 14.25 -38.41
N SER O 101 3.45 15.13 -39.29
CA SER O 101 2.87 14.72 -40.55
C SER O 101 3.96 14.32 -41.54
N GLU O 102 3.53 13.98 -42.75
CA GLU O 102 4.46 13.51 -43.77
C GLU O 102 5.21 14.67 -44.41
N ASP O 103 4.63 15.86 -44.41
CA ASP O 103 5.32 17.04 -44.92
C ASP O 103 6.56 17.33 -44.09
N GLY O 104 6.42 17.30 -42.76
CA GLY O 104 7.52 17.62 -41.88
C GLY O 104 7.13 18.55 -40.76
N GLU O 105 5.84 18.87 -40.64
CA GLU O 105 5.38 19.76 -39.59
C GLU O 105 5.27 19.01 -38.28
N PHE O 106 5.68 19.66 -37.20
CA PHE O 106 5.67 19.11 -35.86
C PHE O 106 4.71 19.88 -34.99
N SER O 107 3.72 19.18 -34.47
CA SER O 107 2.76 19.79 -33.55
C SER O 107 2.90 19.19 -32.18
N ARG O 108 2.78 20.03 -31.17
CA ARG O 108 2.83 19.59 -29.80
C ARG O 108 1.42 19.33 -29.30
N GLY O 109 1.27 18.28 -28.52
CA GLY O 109 -0.03 17.87 -28.04
C GLY O 109 -0.66 16.83 -28.92
N SER O 110 -0.73 15.61 -28.41
CA SER O 110 -1.24 14.47 -29.16
C SER O 110 -2.59 14.06 -28.59
N HIS O 111 -3.62 14.10 -29.44
CA HIS O 111 -4.94 13.62 -29.07
C HIS O 111 -5.30 12.35 -29.83
N SER O 112 -4.31 11.65 -30.36
CA SER O 112 -4.52 10.46 -31.16
C SER O 112 -4.06 9.22 -30.40
N LEU O 113 -4.74 8.11 -30.68
CA LEU O 113 -4.52 6.84 -29.97
C LEU O 113 -4.03 5.80 -30.96
N PRO O 114 -2.74 5.45 -30.95
CA PRO O 114 -2.26 4.41 -31.86
C PRO O 114 -2.94 3.07 -31.60
N VAL O 115 -3.59 2.55 -32.62
CA VAL O 115 -4.33 1.30 -32.53
C VAL O 115 -3.34 0.14 -32.60
N PRO O 116 -3.54 -0.92 -31.83
CA PRO O 116 -2.62 -2.05 -31.86
C PRO O 116 -2.47 -2.67 -33.24
N THR O 117 -1.36 -3.38 -33.40
CA THR O 117 -0.95 -3.95 -34.68
C THR O 117 -0.40 -2.88 -35.60
N GLU O 118 0.16 -1.83 -35.02
CA GLU O 118 0.80 -0.76 -35.76
C GLU O 118 2.27 -0.68 -35.39
N TYR O 119 3.05 -0.21 -36.35
CA TYR O 119 4.49 -0.33 -36.36
C TYR O 119 5.16 0.79 -35.59
N ALA O 120 6.45 0.62 -35.34
CA ALA O 120 7.27 1.59 -34.65
C ALA O 120 8.64 1.63 -35.30
N TYR O 121 9.18 2.83 -35.43
CA TYR O 121 10.40 3.06 -36.17
C TYR O 121 11.35 3.92 -35.36
N VAL O 122 12.64 3.78 -35.69
CA VAL O 122 13.66 4.67 -35.17
C VAL O 122 13.50 6.06 -35.77
N THR O 123 13.98 7.06 -35.03
CA THR O 123 13.99 8.43 -35.49
C THR O 123 15.35 8.77 -36.06
N PRO O 124 15.50 8.91 -37.37
CA PRO O 124 16.78 9.31 -37.91
C PRO O 124 17.16 10.71 -37.44
N PRO O 125 18.45 11.01 -37.38
CA PRO O 125 18.85 12.33 -36.88
C PRO O 125 18.41 13.47 -37.77
N ALA O 126 18.37 13.27 -39.08
CA ALA O 126 18.03 14.36 -39.99
C ALA O 126 16.70 15.00 -39.64
N VAL O 127 15.71 14.19 -39.29
CA VAL O 127 14.41 14.74 -38.92
C VAL O 127 14.53 15.63 -37.71
N LEU O 128 15.29 15.18 -36.71
CA LEU O 128 15.49 15.95 -35.50
C LEU O 128 16.15 17.28 -35.82
N GLU O 129 17.19 17.23 -36.65
CA GLU O 129 17.91 18.44 -37.02
C GLU O 129 16.98 19.42 -37.71
N GLY O 130 16.17 18.93 -38.65
CA GLY O 130 15.26 19.83 -39.34
C GLY O 130 14.25 20.42 -38.38
N ILE O 131 13.80 19.61 -37.42
CA ILE O 131 12.81 20.08 -36.46
C ILE O 131 13.35 21.29 -35.72
N PHE O 132 14.59 21.19 -35.24
CA PHE O 132 15.20 22.37 -34.62
C PHE O 132 15.36 23.49 -35.65
N SER O 133 16.10 23.22 -36.73
CA SER O 133 16.45 24.25 -37.70
C SER O 133 15.25 25.04 -38.20
N HIS O 134 14.04 24.50 -38.10
CA HIS O 134 12.86 25.16 -38.63
C HIS O 134 11.89 25.61 -37.55
N GLN O 135 12.24 25.49 -36.28
CA GLN O 135 11.27 25.85 -35.25
C GLN O 135 11.87 26.59 -34.07
N ILE O 136 13.07 27.15 -34.19
CA ILE O 136 13.67 27.92 -33.10
C ILE O 136 14.03 29.30 -33.61
N LYS O 137 13.80 30.29 -32.76
CA LYS O 137 13.98 31.69 -33.10
C LYS O 137 15.43 32.14 -32.93
N SER O 138 16.03 31.90 -31.76
CA SER O 138 17.37 32.39 -31.46
C SER O 138 18.29 31.21 -31.13
N PRO O 139 18.96 30.68 -32.14
CA PRO O 139 19.86 29.53 -31.95
C PRO O 139 21.00 29.76 -30.97
N PHE O 140 21.20 28.79 -30.09
CA PHE O 140 22.37 28.77 -29.23
C PHE O 140 22.79 27.31 -29.08
N ALA O 141 24.02 27.01 -29.48
CA ALA O 141 24.54 25.66 -29.44
C ALA O 141 24.97 25.29 -28.03
N LEU O 142 24.72 24.05 -27.65
CA LEU O 142 25.02 23.64 -26.28
C LEU O 142 25.66 22.27 -26.22
N GLY O 143 26.18 21.76 -27.33
CA GLY O 143 26.76 20.45 -27.35
C GLY O 143 26.30 19.64 -28.54
N THR O 144 26.27 18.33 -28.38
CA THR O 144 25.91 17.45 -29.47
C THR O 144 25.14 16.27 -28.94
N LEU O 145 24.23 15.77 -29.77
CA LEU O 145 23.35 14.68 -29.37
C LEU O 145 24.18 13.44 -29.08
N GLY O 146 23.81 12.71 -28.03
CA GLY O 146 24.64 11.60 -27.59
C GLY O 146 24.83 10.52 -28.63
N ILE O 147 23.75 10.13 -29.31
CA ILE O 147 23.86 9.09 -30.32
C ILE O 147 24.74 9.56 -31.49
N SER O 148 24.64 10.83 -31.84
CA SER O 148 25.28 11.33 -33.06
C SER O 148 26.26 12.44 -32.72
N PRO O 149 27.56 12.19 -32.81
CA PRO O 149 28.54 13.28 -32.58
C PRO O 149 28.39 14.46 -33.52
N ASP O 150 27.96 14.25 -34.75
CA ASP O 150 27.99 15.33 -35.72
C ASP O 150 26.86 16.32 -35.48
N ILE O 151 25.66 15.85 -35.23
CA ILE O 151 24.52 16.74 -35.09
C ILE O 151 24.70 17.60 -33.84
N LYS O 152 24.34 18.86 -33.94
CA LYS O 152 24.47 19.81 -32.85
C LYS O 152 23.12 19.98 -32.18
N LEU O 153 23.16 20.41 -30.93
CA LEU O 153 21.96 20.66 -30.17
C LEU O 153 21.80 22.15 -29.95
N LYS O 154 20.59 22.64 -30.23
CA LYS O 154 20.29 24.05 -30.27
C LYS O 154 19.15 24.36 -29.33
N ILE O 155 19.21 25.51 -28.68
CA ILE O 155 18.15 25.99 -27.81
C ILE O 155 18.03 27.50 -27.95
N ASP O 156 17.00 28.06 -27.33
CA ASP O 156 16.72 29.47 -27.40
C ASP O 156 17.48 30.21 -26.31
N GLY O 157 18.31 31.17 -26.70
CA GLY O 157 19.03 31.98 -25.75
C GLY O 157 18.13 33.02 -25.10
N ASP O 158 17.21 33.56 -25.89
CA ASP O 158 16.33 34.62 -25.43
C ASP O 158 15.57 34.20 -24.18
N ARG O 159 15.45 32.90 -23.95
CA ARG O 159 14.76 32.35 -22.80
C ARG O 159 15.69 31.59 -21.89
N PHE O 160 16.84 31.15 -22.38
CA PHE O 160 17.85 30.53 -21.54
C PHE O 160 18.46 31.53 -20.58
N PHE O 161 18.93 32.66 -21.10
CA PHE O 161 19.69 33.59 -20.29
C PHE O 161 18.84 34.70 -19.71
N SER O 162 17.61 34.85 -20.17
CA SER O 162 16.69 35.83 -19.63
C SER O 162 16.18 35.45 -18.26
N LYS O 163 16.38 34.21 -17.84
CA LYS O 163 15.84 33.72 -16.58
C LYS O 163 16.91 32.88 -15.88
N HIS O 164 16.54 32.38 -14.71
CA HIS O 164 17.49 31.71 -13.84
C HIS O 164 17.70 30.25 -14.25
N VAL O 165 18.96 29.82 -14.20
CA VAL O 165 19.41 28.52 -14.64
C VAL O 165 20.12 27.80 -13.51
N ALA O 166 19.90 26.49 -13.43
CA ALA O 166 20.41 25.64 -12.36
C ALA O 166 21.23 24.48 -12.90
N VAL O 167 22.37 24.24 -12.25
CA VAL O 167 23.31 23.20 -12.62
C VAL O 167 23.63 22.36 -11.41
N VAL O 168 23.68 21.05 -11.60
CA VAL O 168 23.75 20.10 -10.49
C VAL O 168 24.42 18.82 -10.95
N GLY O 169 25.34 18.32 -10.14
CA GLY O 169 26.09 17.15 -10.50
C GLY O 169 26.86 16.61 -9.32
N SER O 170 27.67 15.60 -9.60
CA SER O 170 28.45 14.89 -8.61
C SER O 170 29.93 15.15 -8.83
N THR O 171 30.74 14.69 -7.89
CA THR O 171 32.18 14.85 -7.99
C THR O 171 32.74 13.78 -8.91
N GLY O 172 33.45 14.22 -9.94
CA GLY O 172 33.90 13.35 -10.98
C GLY O 172 33.05 13.33 -12.22
N SER O 173 32.07 14.22 -12.32
CA SER O 173 31.15 14.24 -13.44
C SER O 173 31.44 15.30 -14.48
N GLY O 174 32.51 16.08 -14.31
CA GLY O 174 32.85 17.07 -15.30
C GLY O 174 31.93 18.28 -15.29
N LYS O 175 31.70 18.82 -14.12
CA LYS O 175 30.75 19.91 -13.94
C LYS O 175 31.38 21.27 -14.16
N SER O 176 32.54 21.49 -13.55
CA SER O 176 33.21 22.77 -13.67
C SER O 176 33.50 23.07 -15.12
N CYS O 177 33.96 22.07 -15.85
CA CYS O 177 34.24 22.25 -17.27
C CYS O 177 32.99 22.62 -18.03
N ALA O 178 31.83 22.12 -17.60
CA ALA O 178 30.58 22.45 -18.27
C ALA O 178 30.22 23.91 -18.04
N VAL O 179 30.29 24.36 -16.79
CA VAL O 179 30.03 25.75 -16.51
C VAL O 179 30.97 26.62 -17.32
N ALA O 180 32.21 26.16 -17.48
CA ALA O 180 33.20 26.95 -18.19
C ALA O 180 32.85 27.06 -19.65
N LYS O 181 32.44 25.96 -20.26
CA LYS O 181 32.05 25.99 -21.68
C LYS O 181 30.84 26.90 -21.88
N ILE O 182 29.86 26.81 -21.00
CA ILE O 182 28.67 27.65 -21.10
C ILE O 182 29.05 29.11 -21.07
N LEU O 183 29.78 29.53 -20.03
CA LEU O 183 30.13 30.93 -19.89
C LEU O 183 31.12 31.38 -20.96
N GLN O 184 31.88 30.46 -21.51
CA GLN O 184 32.77 30.78 -22.61
C GLN O 184 31.97 31.15 -23.85
N THR O 185 31.06 30.28 -24.27
CA THR O 185 30.23 30.61 -25.42
C THR O 185 29.30 31.77 -25.13
N ALA O 186 29.09 32.11 -23.86
CA ALA O 186 28.28 33.29 -23.56
C ALA O 186 28.96 34.56 -24.04
N VAL O 187 30.30 34.58 -24.05
CA VAL O 187 31.03 35.79 -24.38
C VAL O 187 31.88 35.65 -25.63
N GLY O 188 31.95 34.48 -26.22
CA GLY O 188 32.53 34.31 -27.53
C GLY O 188 33.96 33.84 -27.58
N ILE O 189 34.48 33.25 -26.51
CA ILE O 189 35.90 32.85 -26.48
C ILE O 189 35.95 31.39 -26.92
N GLU O 190 35.81 31.18 -28.23
CA GLU O 190 35.83 29.83 -28.78
C GLU O 190 35.84 29.89 -30.31
N LYS O 201 26.56 40.68 -28.54
CA LYS O 201 25.70 40.66 -27.37
C LYS O 201 26.51 40.90 -26.11
N ASN O 202 26.36 42.09 -25.55
CA ASN O 202 27.11 42.45 -24.36
C ASN O 202 26.64 41.63 -23.17
N SER O 203 27.59 41.21 -22.34
CA SER O 203 27.28 40.41 -21.17
C SER O 203 28.29 40.72 -20.08
N HIS O 204 27.81 40.73 -18.85
CA HIS O 204 28.61 41.01 -17.67
C HIS O 204 28.41 39.88 -16.68
N ILE O 205 29.50 39.37 -16.13
CA ILE O 205 29.52 38.18 -15.32
C ILE O 205 30.22 38.48 -14.01
N VAL O 206 29.73 37.89 -12.92
CA VAL O 206 30.43 37.95 -11.64
C VAL O 206 30.40 36.56 -11.01
N ILE O 207 31.56 35.93 -10.94
CA ILE O 207 31.71 34.54 -10.49
C ILE O 207 32.17 34.56 -9.05
N PHE O 208 31.33 34.10 -8.13
CA PHE O 208 31.78 33.83 -6.77
C PHE O 208 32.47 32.47 -6.72
N ASP O 209 33.79 32.48 -6.57
CA ASP O 209 34.60 31.26 -6.59
C ASP O 209 35.19 31.01 -5.22
N ILE O 210 35.04 29.78 -4.72
CA ILE O 210 35.56 29.37 -3.43
C ILE O 210 36.80 28.49 -3.54
N HIS O 211 37.20 28.12 -4.74
CA HIS O 211 38.34 27.25 -4.96
C HIS O 211 39.37 27.81 -5.93
N ALA O 212 39.20 29.03 -6.42
CA ALA O 212 40.15 29.65 -7.32
C ALA O 212 40.44 28.75 -8.51
N GLU O 213 39.37 28.42 -9.22
CA GLU O 213 39.39 27.43 -10.27
C GLU O 213 39.13 28.01 -11.65
N TYR O 214 38.65 29.25 -11.76
CA TYR O 214 38.07 29.76 -12.99
C TYR O 214 38.87 30.87 -13.62
N ALA O 215 40.10 31.10 -13.17
CA ALA O 215 40.95 32.09 -13.82
C ALA O 215 41.46 31.57 -15.15
N ALA O 216 41.76 30.27 -15.21
CA ALA O 216 42.48 29.73 -16.34
C ALA O 216 41.67 29.80 -17.62
N ALA O 217 40.36 29.86 -17.54
CA ALA O 217 39.51 29.75 -18.71
C ALA O 217 39.54 31.01 -19.55
N PHE O 218 39.47 32.16 -18.89
CA PHE O 218 39.21 33.45 -19.53
C PHE O 218 40.48 34.19 -19.87
N ASN O 219 41.61 33.81 -19.29
CA ASN O 219 42.86 34.55 -19.47
C ASN O 219 43.41 34.20 -20.84
N LEU O 220 43.20 35.11 -21.78
CA LEU O 220 43.73 35.01 -23.12
C LEU O 220 43.88 36.38 -23.78
N ALA O 225 38.66 42.04 -27.38
CA ALA O 225 37.48 41.18 -27.36
C ALA O 225 36.64 41.51 -26.15
N PHE O 226 37.20 41.28 -24.96
CA PHE O 226 36.48 41.51 -23.72
C PHE O 226 37.49 41.84 -22.64
N THR O 227 36.98 42.22 -21.48
CA THR O 227 37.81 42.68 -20.39
C THR O 227 37.81 41.63 -19.29
N LEU O 228 38.80 41.74 -18.41
CA LEU O 228 39.02 40.80 -17.33
C LEU O 228 39.52 41.55 -16.12
N ASN O 229 39.21 41.04 -14.92
CA ASN O 229 39.58 41.73 -13.69
C ASN O 229 39.65 40.73 -12.53
N LEU O 230 40.84 40.17 -12.30
CA LEU O 230 41.06 39.19 -11.23
C LEU O 230 41.14 39.89 -9.89
N LEU O 231 40.10 39.76 -9.08
CA LEU O 231 40.11 40.33 -7.75
C LEU O 231 40.66 39.35 -6.73
N GLY O 232 40.96 39.88 -5.55
CA GLY O 232 41.53 39.11 -4.47
C GLY O 232 41.50 39.91 -3.19
N VAL O 233 41.80 39.23 -2.09
CA VAL O 233 41.69 39.86 -0.77
C VAL O 233 42.60 41.08 -0.69
N ASP O 234 43.76 41.01 -1.34
CA ASP O 234 44.71 42.10 -1.27
C ASP O 234 44.17 43.35 -1.96
N ASN O 235 43.67 43.21 -3.17
CA ASN O 235 43.33 44.33 -4.03
C ASN O 235 41.83 44.60 -4.12
N LEU O 236 41.10 44.34 -3.06
CA LEU O 236 39.64 44.42 -3.08
C LEU O 236 39.14 45.50 -2.13
N ARG O 237 38.54 46.53 -2.70
CA ARG O 237 37.90 47.58 -1.91
C ARG O 237 36.51 47.15 -1.46
N LEU O 238 36.23 47.33 -0.18
CA LEU O 238 34.93 47.01 0.41
C LEU O 238 34.69 47.88 1.62
N PRO O 239 34.37 49.15 1.42
CA PRO O 239 34.08 50.00 2.55
C PRO O 239 33.09 49.34 3.50
N TYR O 240 33.15 49.74 4.76
CA TYR O 240 32.37 49.15 5.82
C TYR O 240 31.25 50.06 6.29
N TRP O 241 31.09 51.22 5.68
CA TRP O 241 30.00 52.13 5.97
C TRP O 241 28.90 52.03 4.92
N LEU O 242 28.84 50.88 4.24
CA LEU O 242 27.83 50.57 3.25
C LEU O 242 26.96 49.42 3.72
N MET O 243 27.02 49.13 5.01
CA MET O 243 26.37 47.98 5.60
C MET O 243 25.11 48.41 6.34
N ASN O 244 24.21 47.47 6.47
CA ASN O 244 22.95 47.67 7.17
C ASN O 244 23.12 47.31 8.65
N ALA O 245 22.02 46.99 9.32
CA ALA O 245 22.11 46.63 10.72
C ALA O 245 22.65 45.22 10.91
N GLN O 246 22.24 44.29 10.05
CA GLN O 246 22.52 42.87 10.27
C GLN O 246 24.01 42.60 10.10
N GLU O 247 24.64 43.29 9.15
CA GLU O 247 26.04 43.07 8.87
C GLU O 247 26.89 43.73 9.95
N LEU O 248 26.54 44.95 10.30
CA LEU O 248 27.33 45.68 11.27
C LEU O 248 27.28 44.95 12.61
N GLU O 249 26.07 44.57 13.03
CA GLU O 249 25.93 43.80 14.27
C GLU O 249 26.71 42.51 14.19
N GLN O 250 26.65 41.81 13.05
CA GLN O 250 27.31 40.52 12.96
C GLN O 250 28.81 40.68 13.15
N ILE O 251 29.42 41.62 12.43
CA ILE O 251 30.86 41.82 12.55
C ILE O 251 31.22 42.23 13.96
N PHE O 252 30.65 43.35 14.42
CA PHE O 252 31.19 44.00 15.60
C PHE O 252 30.63 43.41 16.89
N ILE O 253 29.34 43.55 17.11
CA ILE O 253 28.77 43.09 18.37
C ILE O 253 28.47 41.60 18.30
N GLU O 254 28.52 40.96 19.45
CA GLU O 254 28.27 39.54 19.59
C GLU O 254 27.37 39.34 20.81
N SER O 255 26.28 40.11 20.84
CA SER O 255 25.40 40.12 22.00
C SER O 255 24.95 38.72 22.40
N ASN O 256 24.84 37.80 21.44
CA ASN O 256 24.41 36.44 21.74
C ASN O 256 25.27 35.84 22.84
N GLU O 257 26.51 36.33 22.97
CA GLU O 257 27.42 35.79 23.97
C GLU O 257 26.85 36.01 25.36
N HIS O 258 26.45 37.24 25.68
CA HIS O 258 26.01 37.57 27.02
C HIS O 258 25.48 39.00 27.02
N ASN O 259 24.58 39.28 27.96
CA ASN O 259 24.09 40.61 28.29
C ASN O 259 23.82 41.42 27.01
N SER O 260 22.85 40.95 26.22
CA SER O 260 22.58 41.57 24.94
C SER O 260 21.88 42.92 25.07
N HIS O 261 20.90 43.02 25.96
CA HIS O 261 19.95 44.13 25.88
C HIS O 261 20.64 45.49 25.92
N ASN O 262 21.48 45.70 26.93
CA ASN O 262 22.08 47.00 27.12
C ASN O 262 23.22 47.18 26.12
N GLN O 263 23.98 46.13 25.88
CA GLN O 263 25.08 46.22 24.95
C GLN O 263 24.58 46.77 23.62
N ILE O 264 23.63 46.07 23.01
CA ILE O 264 23.15 46.48 21.69
C ILE O 264 22.49 47.85 21.79
N SER O 265 21.72 48.10 22.84
CA SER O 265 21.04 49.38 22.99
C SER O 265 22.05 50.53 22.90
N GLN O 266 22.99 50.55 23.83
CA GLN O 266 23.95 51.65 23.89
C GLN O 266 24.84 51.67 22.66
N PHE O 267 25.15 50.52 22.09
CA PHE O 267 25.92 50.49 20.85
C PHE O 267 25.23 51.31 19.78
N ARG O 268 23.98 50.97 19.50
CA ARG O 268 23.26 51.66 18.43
C ARG O 268 23.13 53.14 18.75
N HIS O 269 22.83 53.46 20.01
CA HIS O 269 22.79 54.87 20.40
C HIS O 269 24.09 55.57 20.03
N ALA O 270 25.21 54.93 20.33
CA ALA O 270 26.50 55.55 20.04
C ALA O 270 26.68 55.73 18.56
N VAL O 271 26.26 54.74 17.77
CA VAL O 271 26.51 54.83 16.33
C VAL O 271 25.75 56.01 15.76
N VAL O 272 24.49 56.18 16.17
CA VAL O 272 23.75 57.36 15.72
C VAL O 272 24.42 58.64 16.17
N ARG O 273 24.85 58.69 17.42
CA ARG O 273 25.45 59.91 17.94
C ARG O 273 26.72 60.27 17.19
N ASN O 274 27.48 59.26 16.78
CA ASN O 274 28.73 59.57 16.10
C ASN O 274 28.46 59.87 14.64
N LYS O 275 27.41 59.28 14.07
CA LYS O 275 27.08 59.53 12.68
C LYS O 275 26.65 60.97 12.50
N CYS O 276 25.79 61.46 13.39
CA CYS O 276 25.19 62.78 13.20
C CYS O 276 26.27 63.81 12.97
N LYS O 277 27.28 63.79 13.84
CA LYS O 277 28.31 64.83 13.86
C LYS O 277 29.07 64.89 12.55
N HIS O 278 29.27 63.76 11.92
CA HIS O 278 30.23 63.77 10.84
C HIS O 278 29.66 64.52 9.66
N ASN O 279 28.39 64.29 9.40
CA ASN O 279 27.66 64.78 8.24
C ASN O 279 26.34 65.45 8.64
N PRO O 280 26.27 66.78 8.69
CA PRO O 280 25.10 67.45 9.25
C PRO O 280 24.10 67.92 8.19
N THR O 281 24.49 67.83 6.92
CA THR O 281 23.67 68.35 5.84
C THR O 281 22.32 67.65 5.74
N LEU O 282 22.31 66.33 5.89
CA LEU O 282 21.11 65.53 5.85
C LEU O 282 20.46 65.42 7.23
N THR O 283 19.25 64.88 7.24
CA THR O 283 18.50 64.67 8.46
C THR O 283 17.92 63.27 8.46
N ASN O 284 17.25 62.92 9.56
CA ASN O 284 16.52 61.67 9.65
C ASN O 284 17.44 60.48 9.38
N LEU O 285 18.70 60.60 9.79
CA LEU O 285 19.71 59.61 9.44
C LEU O 285 19.58 58.40 10.34
N SER O 286 18.94 57.35 9.82
CA SER O 286 18.74 56.13 10.60
C SER O 286 20.04 55.36 10.69
N PHE O 287 20.01 54.26 11.44
CA PHE O 287 21.21 53.47 11.66
C PHE O 287 21.69 52.85 10.36
N ASP O 288 20.75 52.37 9.54
CA ASP O 288 21.10 51.68 8.31
C ASP O 288 21.73 52.61 7.29
N THR O 289 21.29 53.86 7.24
CA THR O 289 21.60 54.70 6.10
C THR O 289 23.11 54.77 5.91
N PRO O 290 23.59 54.65 4.67
CA PRO O 290 25.04 54.66 4.44
C PRO O 290 25.60 56.06 4.40
N VAL O 291 26.46 56.36 5.36
CA VAL O 291 27.22 57.59 5.39
C VAL O 291 28.62 57.24 5.90
N TYR O 292 29.58 58.09 5.57
CA TYR O 292 30.94 57.94 6.09
C TYR O 292 30.96 58.16 7.59
N PHE O 293 31.65 57.29 8.30
CA PHE O 293 31.74 57.41 9.75
C PHE O 293 32.96 56.61 10.21
N SER O 294 33.68 57.16 11.18
CA SER O 294 34.92 56.59 11.65
C SER O 294 34.69 55.72 12.87
N ILE O 295 35.38 54.60 12.92
CA ILE O 295 35.11 53.60 13.95
C ILE O 295 35.97 53.83 15.19
N ASP O 296 37.20 54.30 15.01
CA ASP O 296 38.06 54.59 16.15
C ASP O 296 37.36 55.54 17.10
N GLU O 297 36.74 56.57 16.54
CA GLU O 297 35.96 57.48 17.38
C GLU O 297 34.91 56.73 18.16
N VAL O 298 34.33 55.69 17.56
CA VAL O 298 33.26 54.98 18.24
C VAL O 298 33.82 54.23 19.43
N VAL O 299 34.96 53.55 19.24
CA VAL O 299 35.56 52.82 20.35
C VAL O 299 35.95 53.78 21.46
N THR O 300 36.53 54.92 21.09
CA THR O 300 36.99 55.87 22.11
C THR O 300 35.80 56.41 22.90
N TYR O 301 34.79 56.90 22.20
CA TYR O 301 33.57 57.38 22.84
C TYR O 301 32.99 56.29 23.72
N LEU O 302 33.13 55.03 23.31
CA LEU O 302 32.54 53.93 24.06
C LEU O 302 33.32 53.66 25.33
N GLU O 303 34.64 53.85 25.27
CA GLU O 303 35.48 53.64 26.45
C GLU O 303 35.28 54.76 27.46
N ASN O 304 35.06 55.99 26.95
CA ASN O 304 34.96 57.13 27.84
C ASN O 304 33.85 56.95 28.85
N MET O 305 32.79 56.23 28.47
CA MET O 305 31.68 56.00 29.40
C MET O 305 32.19 55.32 30.66
N ASN O 306 32.70 54.10 30.51
CA ASN O 306 33.29 53.42 31.66
C ASN O 306 34.33 54.29 32.35
N ASN O 307 35.07 55.09 31.58
CA ASN O 307 35.95 56.10 32.18
C ASN O 307 35.17 57.28 32.75
N GLU O 308 34.06 57.65 32.11
CA GLU O 308 33.40 58.92 32.37
C GLU O 308 32.83 58.98 33.77
N VAL O 309 33.09 60.10 34.44
CA VAL O 309 32.61 60.37 35.79
C VAL O 309 31.80 61.66 35.73
N ILE O 310 30.59 61.62 36.29
CA ILE O 310 29.64 62.71 36.15
C ILE O 310 29.58 63.50 37.45
N GLY O 311 29.55 64.82 37.33
CA GLY O 311 29.28 65.66 38.48
C GLY O 311 27.81 65.64 38.86
N LYS O 312 27.56 65.55 40.16
CA LYS O 312 26.21 65.52 40.72
C LYS O 312 25.86 66.83 41.42
N LEU O 313 26.67 67.87 41.23
CA LEU O 313 26.43 69.15 41.88
C LEU O 313 25.09 69.72 41.46
N ALA O 314 24.43 70.42 42.39
CA ALA O 314 23.13 70.99 42.12
C ALA O 314 23.22 71.94 40.93
N GLY O 315 22.34 71.72 39.94
CA GLY O 315 22.37 72.51 38.74
C GLY O 315 23.54 72.19 37.82
N GLU O 316 24.15 71.02 38.00
CA GLU O 316 25.34 70.62 37.25
C GLU O 316 25.21 69.19 36.77
N GLY O 317 24.11 68.88 36.10
CA GLY O 317 23.94 67.55 35.54
C GLY O 317 24.81 67.33 34.31
N LYS O 318 26.12 67.30 34.51
CA LYS O 318 27.09 67.22 33.43
C LYS O 318 28.38 66.60 33.99
N PRO O 319 29.40 66.35 33.17
CA PRO O 319 30.56 65.61 33.68
C PRO O 319 31.34 66.35 34.74
N LYS O 320 31.93 65.56 35.64
CA LYS O 320 32.84 66.05 36.68
C LYS O 320 34.24 66.27 36.09
N LEU O 321 34.42 67.40 35.42
CA LEU O 321 35.70 67.71 34.79
C LEU O 321 36.73 68.25 35.77
N ALA O 322 37.96 67.77 35.64
CA ALA O 322 39.01 68.14 36.58
C ALA O 322 39.16 69.65 36.62
N ASN O 323 39.22 70.29 35.46
CA ASN O 323 39.28 71.73 35.37
C ASN O 323 37.90 72.35 35.42
N GLU O 324 36.85 71.54 35.50
CA GLU O 324 35.48 72.03 35.64
C GLU O 324 35.12 72.92 34.46
N THR O 325 35.49 72.48 33.26
CA THR O 325 34.99 73.17 32.08
C THR O 325 33.59 72.67 31.74
N LEU O 326 32.87 73.55 31.04
CA LEU O 326 31.49 73.31 30.64
C LEU O 326 31.49 73.14 29.13
N VAL O 327 30.81 72.12 28.65
CA VAL O 327 30.72 71.82 27.23
C VAL O 327 29.26 71.80 26.83
N SER O 328 28.97 72.41 25.68
CA SER O 328 27.60 72.46 25.19
C SER O 328 27.11 71.07 24.83
N ASP O 329 27.95 70.30 24.16
CA ASP O 329 27.62 68.97 23.69
C ASP O 329 28.59 67.97 24.31
N ARG O 330 28.07 66.86 24.84
CA ARG O 330 28.95 65.84 25.38
C ARG O 330 29.96 65.43 24.34
N ASP O 331 29.50 65.25 23.11
CA ASP O 331 30.27 64.57 22.09
C ASP O 331 31.48 65.39 21.65
N GLU O 332 31.34 66.71 21.56
CA GLU O 332 32.47 67.52 21.10
C GLU O 332 33.71 67.31 21.97
N LEU O 333 33.52 67.13 23.27
CA LEU O 333 34.65 66.83 24.15
C LEU O 333 35.24 65.44 23.91
N TYR O 334 34.42 64.47 23.51
CA TYR O 334 34.95 63.12 23.42
C TYR O 334 35.74 62.88 22.13
N PHE O 335 35.32 63.50 21.03
CA PHE O 335 35.91 63.19 19.73
C PHE O 335 37.40 63.54 19.66
N ASP O 336 37.82 64.63 20.30
CA ASP O 336 39.23 65.00 20.22
C ASP O 336 40.11 63.88 20.76
N ALA O 337 39.74 63.30 21.88
CA ALA O 337 40.54 62.27 22.51
C ALA O 337 39.75 61.74 23.71
N VAL O 338 40.37 60.84 24.47
CA VAL O 338 39.76 60.31 25.67
C VAL O 338 40.12 61.21 26.86
N GLN O 339 39.10 61.64 27.58
CA GLN O 339 39.26 62.54 28.71
C GLN O 339 39.43 61.75 30.01
N SER O 340 39.96 62.42 31.02
CA SER O 340 40.21 61.84 32.34
C SER O 340 39.52 62.70 33.40
N PHE O 341 38.25 62.39 33.63
CA PHE O 341 37.44 63.12 34.60
C PHE O 341 37.81 62.67 36.01
N ILE O 342 37.85 63.63 36.94
CA ILE O 342 38.30 63.42 38.30
C ILE O 342 37.52 62.28 38.95
N VAL O 343 38.19 61.54 39.83
CA VAL O 343 37.55 60.40 40.46
C VAL O 343 36.58 60.88 41.54
N ALA O 344 35.66 59.99 41.91
CA ALA O 344 34.58 60.35 42.82
C ALA O 344 35.07 60.46 44.26
N SER O 345 34.37 61.27 45.04
CA SER O 345 34.56 61.37 46.47
C SER O 345 33.23 61.76 47.09
N GLN O 346 32.99 61.34 48.33
CA GLN O 346 31.73 61.71 48.98
C GLN O 346 31.58 63.22 49.10
N ALA O 347 32.68 63.93 49.35
CA ALA O 347 32.63 65.35 49.63
C ALA O 347 32.06 66.12 48.43
N ALA O 348 31.24 67.13 48.72
CA ALA O 348 30.62 67.92 47.67
C ALA O 348 31.68 68.58 46.77
N ALA O 349 32.77 69.06 47.37
CA ALA O 349 33.80 69.73 46.57
C ALA O 349 34.40 68.80 45.55
N THR O 350 34.71 67.56 45.95
CA THR O 350 35.28 66.56 45.06
C THR O 350 34.26 65.51 44.64
N LYS O 351 32.97 65.80 44.79
CA LYS O 351 31.95 64.80 44.53
C LYS O 351 31.80 64.47 43.06
N ALA O 352 31.63 63.18 42.78
CA ALA O 352 31.50 62.66 41.42
C ALA O 352 30.67 61.39 41.49
N SER O 353 30.29 60.88 40.32
CA SER O 353 29.30 59.82 40.22
C SER O 353 29.62 58.90 39.06
N ASN O 354 29.24 57.63 39.23
CA ASN O 354 29.29 56.60 38.21
C ASN O 354 28.03 56.63 37.35
N GLY O 355 27.85 55.59 36.53
CA GLY O 355 26.67 55.43 35.72
C GLY O 355 26.31 53.96 35.65
N PRO O 356 25.08 53.66 35.23
CA PRO O 356 24.69 52.24 35.12
C PRO O 356 25.43 51.45 34.04
N PHE O 357 25.73 52.06 32.90
CA PHE O 357 26.46 51.36 31.85
C PHE O 357 27.94 51.19 32.20
N ASN O 358 28.50 52.05 33.05
CA ASN O 358 29.92 51.95 33.38
C ASN O 358 30.20 50.63 34.10
N GLY O 359 31.21 49.94 33.60
CA GLY O 359 31.70 48.71 34.18
C GLY O 359 30.99 47.49 33.64
N GLU O 360 30.12 47.66 32.63
CA GLU O 360 29.42 46.58 31.97
C GLU O 360 29.95 46.27 30.57
N PHE O 361 30.78 47.14 30.00
CA PHE O 361 31.29 46.94 28.65
C PHE O 361 32.76 46.53 28.65
N ASP O 362 33.17 45.83 29.71
CA ASP O 362 34.58 45.52 29.92
C ASP O 362 35.14 44.75 28.73
N ARG O 363 34.40 43.75 28.26
CA ARG O 363 34.93 42.83 27.26
C ARG O 363 34.92 43.42 25.85
N MET O 364 33.93 44.27 25.54
CA MET O 364 33.73 44.69 24.17
C MET O 364 34.80 45.64 23.69
N ILE O 365 35.33 46.49 24.57
CA ILE O 365 36.39 47.39 24.17
C ILE O 365 37.58 46.59 23.65
N LEU O 366 37.97 45.55 24.38
CA LEU O 366 39.07 44.72 23.92
C LEU O 366 38.71 43.95 22.67
N ARG O 367 37.50 43.39 22.61
CA ARG O 367 37.14 42.58 21.46
C ARG O 367 37.19 43.41 20.19
N LEU O 368 36.67 44.64 20.24
CA LEU O 368 36.70 45.51 19.07
C LEU O 368 38.12 45.96 18.77
N HIS O 369 38.85 46.42 19.78
CA HIS O 369 40.19 46.90 19.55
C HIS O 369 41.06 45.81 18.93
N THR O 370 40.68 44.54 19.17
CA THR O 370 41.41 43.43 18.58
C THR O 370 40.94 43.17 17.15
N ARG O 371 39.65 42.86 16.99
CA ARG O 371 39.13 42.61 15.64
C ARG O 371 39.55 43.69 14.66
N LEU O 372 39.80 44.90 15.15
CA LEU O 372 40.26 45.96 14.29
C LEU O 372 41.69 45.73 13.83
N ALA O 373 42.43 44.90 14.54
CA ALA O 373 43.86 44.78 14.41
C ALA O 373 44.28 43.71 13.41
N ASP O 374 43.35 42.86 12.99
CA ASP O 374 43.71 41.77 12.11
C ASP O 374 44.13 42.33 10.76
N PRO O 375 45.32 41.99 10.26
CA PRO O 375 45.79 42.59 9.00
C PRO O 375 45.20 41.97 7.76
N ARG O 376 44.55 40.81 7.86
CA ARG O 376 43.86 40.25 6.71
C ARG O 376 42.59 41.02 6.43
N LEU O 377 41.84 41.35 7.47
CA LEU O 377 40.56 42.04 7.40
C LEU O 377 40.67 43.50 6.97
N GLN O 378 41.85 44.00 6.65
CA GLN O 378 42.00 45.42 6.39
C GLN O 378 41.12 45.90 5.25
N PHE O 379 40.93 45.07 4.23
CA PHE O 379 40.10 45.47 3.11
C PHE O 379 38.76 46.01 3.59
N LEU O 380 38.26 45.47 4.69
CA LEU O 380 36.96 45.89 5.20
C LEU O 380 37.06 47.16 6.01
N PHE O 381 38.12 47.30 6.81
CA PHE O 381 38.21 48.37 7.81
C PHE O 381 38.86 49.61 7.21
N TYR O 382 40.13 49.49 6.84
CA TYR O 382 40.95 50.61 6.37
C TYR O 382 41.35 50.34 4.93
N PRO O 383 40.46 50.59 3.98
CA PRO O 383 40.77 50.45 2.56
C PRO O 383 41.53 51.66 2.04
N LYS O 384 42.61 51.41 1.32
CA LYS O 384 43.52 52.46 0.91
C LYS O 384 43.60 52.52 -0.61
N LYS O 385 43.68 53.74 -1.12
CA LYS O 385 43.64 53.98 -2.55
C LYS O 385 44.96 53.60 -3.22
N GLU O 386 44.96 53.69 -4.54
CA GLU O 386 46.18 53.53 -5.32
C GLU O 386 47.19 54.62 -5.00
N ASP O 387 46.72 55.84 -4.72
CA ASP O 387 47.62 56.95 -4.44
C ASP O 387 48.41 56.73 -3.16
N GLY O 388 47.90 55.90 -2.25
CA GLY O 388 48.47 55.68 -0.95
C GLY O 388 47.66 56.32 0.16
N GLU O 389 46.74 57.21 -0.19
CA GLU O 389 45.88 57.90 0.76
C GLU O 389 44.64 57.07 1.07
N ASP O 390 43.94 57.49 2.12
CA ASP O 390 42.76 56.79 2.58
C ASP O 390 41.56 57.09 1.68
N LEU O 391 40.68 56.10 1.57
CA LEU O 391 39.46 56.24 0.78
C LEU O 391 38.59 57.35 1.32
N ALA O 392 37.78 57.93 0.43
CA ALA O 392 36.85 59.00 0.78
C ALA O 392 35.48 58.69 0.19
N THR O 393 34.45 59.32 0.77
CA THR O 393 33.08 59.07 0.33
C THR O 393 32.83 59.50 -1.10
N GLY O 394 33.72 60.32 -1.68
CA GLY O 394 33.54 60.70 -3.06
C GLY O 394 33.82 59.59 -4.06
N ASP O 395 34.55 58.56 -3.65
CA ASP O 395 34.98 57.46 -4.51
C ASP O 395 34.01 56.27 -4.45
N PHE O 396 32.76 56.52 -4.08
CA PHE O 396 31.75 55.47 -4.11
C PHE O 396 31.76 54.80 -5.48
N ALA O 397 31.63 55.62 -6.51
CA ALA O 397 31.65 55.12 -7.88
C ALA O 397 32.87 54.26 -8.15
N ASP O 398 34.00 54.62 -7.58
CA ASP O 398 35.23 53.92 -7.90
C ASP O 398 35.16 52.47 -7.44
N VAL O 399 34.42 52.20 -6.35
CA VAL O 399 34.32 50.83 -5.86
C VAL O 399 33.31 49.99 -6.60
N VAL O 400 32.56 50.55 -7.56
CA VAL O 400 31.62 49.74 -8.34
C VAL O 400 32.21 49.31 -9.67
N ARG O 401 33.03 50.15 -10.28
CA ARG O 401 33.61 49.80 -11.56
C ARG O 401 34.24 48.42 -11.52
N GLN O 402 34.91 48.09 -10.42
CA GLN O 402 35.60 46.81 -10.32
C GLN O 402 34.67 45.64 -10.59
N PHE O 403 33.44 45.70 -10.08
CA PHE O 403 32.50 44.62 -10.29
C PHE O 403 31.70 44.77 -11.58
N VAL O 404 31.72 45.93 -12.23
CA VAL O 404 30.97 46.14 -13.45
C VAL O 404 31.89 46.54 -14.60
N GLY O 405 32.50 47.71 -14.50
CA GLY O 405 33.38 48.21 -15.54
C GLY O 405 32.62 49.01 -16.58
N TYR O 406 33.24 49.13 -17.74
CA TYR O 406 32.66 49.91 -18.82
C TYR O 406 31.30 49.35 -19.21
N MET O 407 30.37 50.26 -19.54
CA MET O 407 29.04 49.83 -19.92
C MET O 407 29.05 49.07 -21.24
N THR O 408 29.98 49.40 -22.12
CA THR O 408 30.22 48.63 -23.33
C THR O 408 31.35 47.64 -23.07
N LYS O 409 31.80 46.94 -24.11
CA LYS O 409 32.98 46.09 -24.06
C LYS O 409 32.89 45.09 -22.90
N SER O 410 32.00 44.12 -23.08
CA SER O 410 31.69 43.12 -22.07
C SER O 410 32.93 42.67 -21.33
N ASN O 411 32.78 42.46 -20.02
CA ASN O 411 33.85 42.05 -19.15
C ASN O 411 33.44 40.85 -18.32
N VAL O 412 34.42 40.25 -17.65
CA VAL O 412 34.22 39.16 -16.72
C VAL O 412 35.05 39.41 -15.48
N SER O 413 34.41 39.49 -14.33
CA SER O 413 35.06 39.74 -13.07
C SER O 413 34.99 38.51 -12.19
N ILE O 414 36.07 38.22 -11.47
CA ILE O 414 36.18 37.05 -10.62
C ILE O 414 36.49 37.52 -9.21
N ILE O 415 35.71 37.03 -8.26
CA ILE O 415 35.94 37.32 -6.86
C ILE O 415 36.50 36.05 -6.24
N ASP O 416 37.80 36.02 -6.01
CA ASP O 416 38.38 34.96 -5.22
C ASP O 416 37.90 35.09 -3.79
N LEU O 417 37.73 33.95 -3.12
CA LEU O 417 37.17 33.92 -1.80
C LEU O 417 37.87 32.96 -0.87
N SER O 418 38.77 32.12 -1.38
CA SER O 418 39.51 31.21 -0.53
C SER O 418 40.33 31.97 0.51
N GLY O 419 40.82 33.16 0.16
CA GLY O 419 41.70 33.89 1.04
C GLY O 419 40.99 34.59 2.17
N ILE O 420 39.69 34.81 2.03
CA ILE O 420 38.98 35.68 2.97
C ILE O 420 38.82 34.95 4.30
N PRO O 421 39.05 35.62 5.43
CA PRO O 421 38.75 35.02 6.72
C PRO O 421 37.32 34.53 6.80
N PHE O 422 37.16 33.34 7.36
CA PHE O 422 35.95 32.56 7.17
C PHE O 422 34.81 33.07 8.02
N GLU O 423 35.05 34.04 8.90
CA GLU O 423 33.99 34.64 9.66
C GLU O 423 33.23 35.69 8.86
N VAL O 424 33.90 36.33 7.91
CA VAL O 424 33.38 37.52 7.25
C VAL O 424 32.99 37.24 5.81
N LEU O 425 32.60 36.01 5.53
CA LEU O 425 32.28 35.61 4.15
C LEU O 425 30.89 36.07 3.74
N SER O 426 29.88 35.64 4.50
CA SER O 426 28.50 35.91 4.13
C SER O 426 28.24 37.41 4.00
N ILE O 427 28.83 38.21 4.89
CA ILE O 427 28.73 39.66 4.79
C ILE O 427 29.20 40.13 3.43
N VAL O 428 30.29 39.55 2.96
CA VAL O 428 30.96 40.06 1.78
C VAL O 428 30.18 39.68 0.55
N VAL O 429 29.53 38.51 0.57
CA VAL O 429 28.67 38.18 -0.57
C VAL O 429 27.42 39.05 -0.57
N SER O 430 26.82 39.26 0.61
CA SER O 430 25.62 40.07 0.69
C SER O 430 25.86 41.46 0.12
N LEU O 431 26.88 42.15 0.61
CA LEU O 431 27.10 43.52 0.18
C LEU O 431 27.25 43.62 -1.34
N ILE O 432 28.00 42.70 -1.93
CA ILE O 432 28.22 42.74 -3.37
C ILE O 432 26.90 42.53 -4.11
N SER O 433 26.12 41.56 -3.64
CA SER O 433 24.83 41.30 -4.27
C SER O 433 23.94 42.53 -4.21
N ARG O 434 23.94 43.20 -3.06
CA ARG O 434 23.11 44.37 -2.86
C ARG O 434 23.48 45.46 -3.85
N MET O 435 24.77 45.72 -3.98
CA MET O 435 25.24 46.71 -4.94
C MET O 435 24.82 46.35 -6.36
N ILE O 436 25.02 45.10 -6.74
CA ILE O 436 24.75 44.70 -8.12
C ILE O 436 23.27 44.78 -8.42
N PHE O 437 22.43 44.67 -7.40
CA PHE O 437 20.99 44.75 -7.61
C PHE O 437 20.52 46.19 -7.71
N ASP O 438 20.99 47.04 -6.80
CA ASP O 438 20.54 48.42 -6.82
C ASP O 438 21.02 49.18 -8.05
N PHE O 439 22.22 48.88 -8.53
CA PHE O 439 22.69 49.55 -9.73
C PHE O 439 21.74 49.29 -10.88
N GLY O 440 21.30 48.05 -11.00
CA GLY O 440 20.38 47.69 -12.06
C GLY O 440 19.02 48.33 -11.87
N PHE O 441 18.58 48.43 -10.61
CA PHE O 441 17.32 49.10 -10.36
C PHE O 441 17.35 50.50 -10.90
N HIS O 442 18.42 51.23 -10.61
CA HIS O 442 18.50 52.62 -11.03
C HIS O 442 18.61 52.72 -12.55
N TYR O 443 19.40 51.83 -13.17
CA TYR O 443 19.52 51.81 -14.62
C TYR O 443 18.20 51.58 -15.30
N SER O 444 17.42 50.64 -14.79
CA SER O 444 16.12 50.31 -15.37
C SER O 444 15.13 51.44 -15.16
N LYS O 445 15.17 52.08 -14.00
CA LYS O 445 14.13 53.02 -13.62
C LYS O 445 13.93 54.13 -14.65
N ASN O 446 15.00 54.69 -15.20
CA ASN O 446 14.81 55.84 -16.09
C ASN O 446 14.63 55.45 -17.56
N ARG O 447 14.85 54.20 -17.90
CA ARG O 447 14.70 53.71 -19.27
C ARG O 447 13.34 53.00 -19.38
N HIS O 448 13.25 51.84 -20.03
CA HIS O 448 12.05 51.01 -20.02
C HIS O 448 10.78 51.81 -20.31
N VAL O 449 10.69 52.30 -21.56
CA VAL O 449 9.56 53.13 -21.92
C VAL O 449 8.27 52.34 -21.69
N GLY O 450 8.23 51.10 -22.17
CA GLY O 450 7.07 50.26 -22.00
C GLY O 450 7.40 48.82 -22.31
N GLY O 451 7.20 47.95 -21.34
CA GLY O 451 7.44 46.53 -21.50
C GLY O 451 8.82 46.20 -22.05
N ALA O 452 9.87 46.79 -21.47
CA ALA O 452 11.23 46.57 -21.95
C ALA O 452 12.14 46.15 -20.80
N VAL O 453 13.25 45.51 -21.17
CA VAL O 453 14.28 45.03 -20.23
C VAL O 453 15.54 45.86 -20.42
N SER O 454 16.35 45.92 -19.38
CA SER O 454 17.57 46.73 -19.39
C SER O 454 18.56 46.24 -20.45
N ASP O 455 19.28 47.21 -21.00
CA ASP O 455 20.23 46.98 -22.09
C ASP O 455 21.43 46.14 -21.66
N VAL O 456 21.87 46.26 -20.42
CA VAL O 456 23.10 45.61 -19.97
C VAL O 456 22.75 44.46 -19.03
N PRO O 457 22.72 43.23 -19.55
CA PRO O 457 22.43 42.03 -18.76
C PRO O 457 23.63 41.58 -17.93
N ILE O 458 23.45 41.55 -16.62
CA ILE O 458 24.45 41.09 -15.67
C ILE O 458 23.98 39.77 -15.07
N LEU O 459 24.90 38.82 -14.92
CA LEU O 459 24.55 37.56 -14.28
C LEU O 459 25.60 37.12 -13.28
N VAL O 460 25.11 36.52 -12.21
CA VAL O 460 25.88 36.19 -11.01
C VAL O 460 25.98 34.67 -10.95
N VAL O 461 27.17 34.14 -11.16
CA VAL O 461 27.41 32.71 -10.99
C VAL O 461 27.78 32.43 -9.54
N CYS O 462 27.10 31.46 -8.94
CA CYS O 462 27.16 31.17 -7.51
C CYS O 462 27.47 29.69 -7.31
N GLU O 463 28.77 29.40 -7.26
CA GLU O 463 29.31 28.06 -7.08
C GLU O 463 29.19 27.63 -5.62
N GLU O 464 29.39 26.34 -5.40
CA GLU O 464 29.43 25.75 -4.07
C GLU O 464 28.41 26.42 -3.16
N ALA O 465 27.20 26.54 -3.67
CA ALA O 465 26.19 27.35 -3.01
C ALA O 465 25.97 26.95 -1.58
N HIS O 466 26.16 25.68 -1.26
CA HIS O 466 25.71 25.19 0.04
C HIS O 466 26.57 25.72 1.17
N ASN O 467 27.77 26.20 0.87
CA ASN O 467 28.58 26.82 1.91
C ASN O 467 27.92 28.07 2.45
N TYR O 468 27.43 28.94 1.57
CA TYR O 468 26.91 30.23 1.99
C TYR O 468 25.41 30.44 1.78
N LEU O 469 24.69 29.50 1.19
CA LEU O 469 23.23 29.58 1.13
C LEU O 469 22.60 28.33 1.73
N PRO O 470 22.92 27.99 2.97
CA PRO O 470 22.52 26.71 3.52
C PRO O 470 21.00 26.54 3.60
N ARG O 471 20.62 25.28 3.71
CA ARG O 471 19.23 24.87 3.84
C ARG O 471 18.78 25.01 5.29
N SER O 472 19.46 24.31 6.18
CA SER O 472 19.23 24.39 7.61
C SER O 472 20.53 24.84 8.27
N GLY O 473 20.54 26.06 8.77
CA GLY O 473 21.73 26.60 9.39
C GLY O 473 21.41 27.76 10.30
N GLY O 474 22.36 28.08 11.15
CA GLY O 474 22.16 29.14 12.12
C GLY O 474 22.19 30.50 11.48
N ALA O 475 21.72 31.48 12.24
CA ALA O 475 21.58 32.83 11.72
C ALA O 475 22.89 33.39 11.19
N ALA O 476 24.02 32.77 11.50
CA ALA O 476 25.30 33.31 11.08
C ALA O 476 25.40 33.37 9.57
N TYR O 477 24.91 32.34 8.89
CA TYR O 477 24.87 32.28 7.45
C TYR O 477 23.58 32.85 6.87
N ASP O 478 22.84 33.64 7.64
CA ASP O 478 21.54 34.10 7.21
C ASP O 478 21.63 35.28 6.25
N ALA O 479 22.55 36.22 6.51
CA ALA O 479 22.50 37.50 5.84
C ALA O 479 22.52 37.36 4.33
N SER O 480 23.13 36.30 3.82
CA SER O 480 23.25 36.17 2.38
C SER O 480 21.93 35.79 1.75
N ARG O 481 21.17 34.91 2.41
CA ARG O 481 19.94 34.43 1.82
C ARG O 481 18.98 35.57 1.51
N LYS O 482 18.86 36.51 2.46
CA LYS O 482 17.95 37.63 2.28
C LYS O 482 18.26 38.36 0.99
N SER O 483 19.51 38.37 0.60
CA SER O 483 19.91 39.06 -0.61
C SER O 483 19.61 38.22 -1.82
N ILE O 484 20.20 37.03 -1.89
CA ILE O 484 20.00 36.17 -3.05
C ILE O 484 18.53 35.87 -3.25
N GLU O 485 17.83 35.55 -2.17
CA GLU O 485 16.42 35.26 -2.25
C GLU O 485 15.64 36.40 -2.87
N ARG O 486 16.13 37.63 -2.70
CA ARG O 486 15.53 38.76 -3.38
C ARG O 486 15.72 38.66 -4.89
N ILE O 487 16.96 38.53 -5.34
CA ILE O 487 17.23 38.49 -6.76
C ILE O 487 16.42 37.40 -7.42
N ALA O 488 16.31 36.26 -6.76
CA ALA O 488 15.59 35.14 -7.34
C ALA O 488 14.10 35.40 -7.33
N LYS O 489 13.61 36.09 -6.31
CA LYS O 489 12.17 36.30 -6.20
C LYS O 489 11.70 37.28 -7.27
N GLU O 490 12.29 38.46 -7.30
CA GLU O 490 11.94 39.48 -8.29
C GLU O 490 13.19 40.23 -8.76
N GLY O 491 13.83 39.72 -9.81
CA GLY O 491 14.97 40.41 -10.38
C GLY O 491 15.03 40.42 -11.90
N ARG O 492 14.22 39.60 -12.55
CA ARG O 492 14.16 39.61 -14.00
C ARG O 492 13.90 41.01 -14.51
N LYS O 493 12.89 41.66 -13.95
CA LYS O 493 12.49 42.98 -14.38
C LYS O 493 13.68 43.95 -14.40
N TYR O 494 14.65 43.74 -13.53
CA TYR O 494 15.75 44.67 -13.40
C TYR O 494 16.95 44.29 -14.24
N GLY O 495 16.98 43.07 -14.80
CA GLY O 495 17.98 42.68 -15.75
C GLY O 495 19.07 41.77 -15.22
N VAL O 496 19.17 41.59 -13.91
CA VAL O 496 20.25 40.84 -13.29
C VAL O 496 19.78 39.44 -12.95
N THR O 497 20.47 38.45 -13.48
CA THR O 497 20.09 37.06 -13.34
C THR O 497 21.11 36.29 -12.49
N LEU O 498 20.82 35.01 -12.30
CA LEU O 498 21.49 34.16 -11.33
C LEU O 498 21.77 32.81 -11.95
N MET O 499 22.81 32.15 -11.43
CA MET O 499 23.13 30.79 -11.86
C MET O 499 23.68 30.03 -10.67
N VAL O 500 23.11 28.87 -10.38
CA VAL O 500 23.44 28.07 -9.20
C VAL O 500 24.22 26.83 -9.58
N VAL O 501 25.24 26.51 -8.79
CA VAL O 501 25.99 25.28 -8.97
C VAL O 501 26.21 24.63 -7.62
N SER O 502 26.05 23.31 -7.57
CA SER O 502 26.36 22.59 -6.35
C SER O 502 26.54 21.11 -6.63
N GLN O 503 27.16 20.44 -5.66
CA GLN O 503 27.38 19.00 -5.67
C GLN O 503 26.59 18.32 -4.56
N ARG O 504 25.55 18.96 -4.07
CA ARG O 504 24.75 18.43 -2.99
C ARG O 504 23.44 19.20 -2.90
N PRO O 505 22.59 19.11 -3.90
CA PRO O 505 21.36 19.88 -3.93
C PRO O 505 20.49 19.70 -2.70
N SER O 506 20.67 18.58 -2.00
CA SER O 506 19.87 18.32 -0.82
C SER O 506 20.14 19.34 0.27
N GLU O 507 21.32 19.94 0.29
CA GLU O 507 21.74 20.86 1.33
C GLU O 507 21.71 22.31 0.86
N VAL O 508 20.93 22.60 -0.16
CA VAL O 508 20.72 23.97 -0.61
C VAL O 508 19.27 24.36 -0.39
N SER O 509 19.04 25.66 -0.24
CA SER O 509 17.72 26.14 0.12
C SER O 509 16.69 25.81 -0.94
N GLU O 510 15.48 25.48 -0.48
CA GLU O 510 14.43 25.06 -1.39
C GLU O 510 13.97 26.20 -2.27
N THR O 511 13.75 27.37 -1.67
CA THR O 511 13.22 28.50 -2.42
C THR O 511 14.11 28.87 -3.58
N ILE O 512 15.43 28.80 -3.40
CA ILE O 512 16.34 29.26 -4.43
C ILE O 512 16.23 28.36 -5.66
N PHE O 513 16.23 27.04 -5.45
CA PHE O 513 16.10 26.12 -6.57
C PHE O 513 14.72 26.20 -7.20
N SER O 514 13.69 26.44 -6.41
CA SER O 514 12.34 26.40 -6.95
C SER O 514 12.16 27.41 -8.07
N GLN O 515 12.77 28.58 -7.94
CA GLN O 515 12.61 29.67 -8.87
C GLN O 515 13.36 29.47 -10.18
N CYS O 516 14.13 28.41 -10.33
CA CYS O 516 14.92 28.22 -11.53
C CYS O 516 14.08 27.56 -12.61
N SER O 517 14.19 28.06 -13.84
CA SER O 517 13.36 27.56 -14.92
C SER O 517 13.96 26.32 -15.57
N ASN O 518 15.13 26.46 -16.18
CA ASN O 518 15.82 25.40 -16.87
C ASN O 518 16.86 24.75 -15.97
N PHE O 519 16.83 23.42 -15.91
CA PHE O 519 17.75 22.62 -15.13
C PHE O 519 18.67 21.79 -16.02
N ILE O 520 19.92 21.67 -15.60
CA ILE O 520 20.92 20.86 -16.26
C ILE O 520 21.42 19.84 -15.25
N SER O 521 21.34 18.56 -15.60
CA SER O 521 21.64 17.48 -14.68
C SER O 521 22.72 16.57 -15.24
N LEU O 522 23.82 16.44 -14.51
CA LEU O 522 24.87 15.47 -14.78
C LEU O 522 24.76 14.31 -13.82
N ARG O 523 25.66 13.33 -13.97
CA ARG O 523 25.62 12.10 -13.18
C ARG O 523 25.50 12.38 -11.70
N LEU O 524 24.45 11.86 -11.11
CA LEU O 524 24.25 11.85 -9.67
C LEU O 524 24.23 10.43 -9.16
N THR O 525 24.94 10.17 -8.06
CA THR O 525 25.05 8.83 -7.52
C THR O 525 24.43 8.66 -6.15
N ASN O 526 24.39 9.71 -5.34
CA ASN O 526 23.81 9.60 -4.01
C ASN O 526 22.31 9.45 -4.10
N ALA O 527 21.77 8.51 -3.32
CA ALA O 527 20.36 8.16 -3.42
C ALA O 527 19.47 9.33 -3.04
N VAL O 528 19.87 10.13 -2.06
CA VAL O 528 18.99 11.17 -1.55
C VAL O 528 18.89 12.32 -2.54
N ASP O 529 19.92 12.51 -3.35
CA ASP O 529 19.89 13.62 -4.29
C ASP O 529 19.00 13.28 -5.46
N GLN O 530 18.99 12.03 -5.88
CA GLN O 530 18.08 11.61 -6.93
C GLN O 530 16.65 11.93 -6.54
N THR O 531 16.29 11.59 -5.30
CA THR O 531 14.94 11.78 -4.84
C THR O 531 14.60 13.26 -4.74
N TYR O 532 15.56 14.07 -4.31
CA TYR O 532 15.27 15.50 -4.21
C TYR O 532 15.22 16.17 -5.57
N VAL O 533 15.86 15.61 -6.58
CA VAL O 533 15.84 16.20 -7.91
C VAL O 533 14.65 15.72 -8.72
N LYS O 534 14.08 14.57 -8.38
CA LYS O 534 12.91 14.09 -9.09
C LYS O 534 11.74 15.04 -8.89
N SER O 535 11.52 15.46 -7.66
CA SER O 535 10.40 16.34 -7.36
C SER O 535 10.52 17.67 -8.11
N LEU O 536 11.74 18.14 -8.30
CA LEU O 536 11.94 19.52 -8.70
C LEU O 536 11.62 19.74 -10.18
N LEU O 537 11.75 18.71 -11.00
CA LEU O 537 11.48 18.79 -12.43
C LEU O 537 10.18 18.04 -12.72
N PRO O 538 9.06 18.72 -12.96
CA PRO O 538 7.82 17.98 -13.27
C PRO O 538 7.86 17.22 -14.58
N ASP O 539 8.44 17.82 -15.63
CA ASP O 539 8.43 17.20 -16.96
C ASP O 539 8.97 15.78 -16.91
N LEU O 540 9.79 15.46 -15.92
CA LEU O 540 10.28 14.10 -15.78
C LEU O 540 9.16 13.19 -15.30
N SER O 541 9.01 12.06 -15.97
CA SER O 541 8.19 10.97 -15.48
C SER O 541 9.03 10.07 -14.59
N ALA O 542 8.48 8.93 -14.19
CA ALA O 542 9.20 8.00 -13.34
C ALA O 542 10.41 7.42 -14.06
N GLY O 543 10.43 7.44 -15.39
CA GLY O 543 11.39 6.67 -16.14
C GLY O 543 12.71 7.40 -16.28
N LEU O 544 12.64 8.69 -16.58
CA LEU O 544 13.86 9.44 -16.86
C LEU O 544 14.80 9.43 -15.67
N GLY O 545 14.24 9.32 -14.46
CA GLY O 545 15.05 9.48 -13.27
C GLY O 545 16.12 8.42 -13.14
N ASP O 546 15.81 7.19 -13.55
CA ASP O 546 16.75 6.10 -13.39
C ASP O 546 17.97 6.25 -14.27
N LEU O 547 17.99 7.24 -15.16
CA LEU O 547 19.06 7.39 -16.12
C LEU O 547 20.25 8.13 -15.54
N LEU O 548 20.03 8.91 -14.50
CA LEU O 548 21.07 9.77 -13.97
C LEU O 548 22.30 9.01 -13.50
N PRO O 549 22.19 7.90 -12.77
CA PRO O 549 23.39 7.20 -12.29
C PRO O 549 24.16 6.49 -13.38
N ASN O 550 23.59 6.36 -14.57
CA ASN O 550 24.22 5.63 -15.65
C ASN O 550 24.78 6.55 -16.72
N LEU O 551 24.84 7.85 -16.45
CA LEU O 551 25.34 8.79 -17.44
C LEU O 551 26.86 8.77 -17.49
N ALA O 552 27.40 8.93 -18.69
CA ALA O 552 28.82 8.87 -18.94
C ALA O 552 29.49 10.21 -18.68
N GLN O 553 30.79 10.24 -18.87
CA GLN O 553 31.57 11.44 -18.61
C GLN O 553 31.21 12.50 -19.63
N GLY O 554 30.78 13.66 -19.14
CA GLY O 554 30.41 14.73 -20.03
C GLY O 554 29.00 14.64 -20.59
N GLU O 555 28.16 13.74 -20.08
CA GLU O 555 26.83 13.53 -20.62
C GLU O 555 25.81 14.12 -19.66
N PHE O 556 24.84 14.85 -20.20
CA PHE O 556 23.91 15.63 -19.40
C PHE O 556 22.48 15.49 -19.88
N LEU O 557 21.57 15.98 -19.05
CA LEU O 557 20.14 15.99 -19.29
C LEU O 557 19.64 17.42 -19.19
N ILE O 558 19.01 17.92 -20.25
CA ILE O 558 18.42 19.25 -20.27
C ILE O 558 16.91 19.12 -20.34
N VAL O 559 16.24 19.76 -19.39
CA VAL O 559 14.79 19.69 -19.23
C VAL O 559 14.22 21.02 -18.76
N GLY O 560 13.71 21.81 -19.68
CA GLY O 560 13.09 23.06 -19.30
C GLY O 560 12.37 23.74 -20.45
N ASP O 561 12.16 25.04 -20.28
CA ASP O 561 11.48 25.84 -21.29
C ASP O 561 12.31 25.98 -22.55
N ALA O 562 13.60 26.28 -22.41
CA ALA O 562 14.45 26.54 -23.56
C ALA O 562 14.44 25.42 -24.58
N PRO O 563 14.61 24.16 -24.20
CA PRO O 563 14.56 23.09 -25.18
C PRO O 563 13.14 22.79 -25.61
N LEU O 564 13.03 22.32 -26.85
CA LEU O 564 11.74 21.94 -27.40
C LEU O 564 11.22 20.67 -26.75
N MET O 565 12.12 19.83 -26.24
CA MET O 565 11.75 18.57 -25.62
C MET O 565 12.92 18.10 -24.78
N PRO O 566 12.67 17.42 -23.67
CA PRO O 566 13.75 16.88 -22.86
C PRO O 566 14.76 16.11 -23.69
N THR O 567 16.05 16.30 -23.38
CA THR O 567 17.07 15.71 -24.21
C THR O 567 18.29 15.33 -23.40
N VAL O 568 19.01 14.34 -23.91
CA VAL O 568 20.30 13.90 -23.40
C VAL O 568 21.37 14.35 -24.38
N GLY O 569 22.46 14.90 -23.86
CA GLY O 569 23.48 15.51 -24.69
C GLY O 569 24.87 15.25 -24.16
N HIS O 570 25.84 15.63 -24.98
CA HIS O 570 27.25 15.41 -24.70
C HIS O 570 28.00 16.71 -24.87
N PHE O 571 29.02 16.90 -24.04
CA PHE O 571 29.82 18.12 -24.00
C PHE O 571 31.20 17.85 -24.58
N ALA O 572 31.76 18.85 -25.23
CA ALA O 572 33.14 18.78 -25.69
C ALA O 572 34.08 19.41 -24.66
N LEU O 573 35.34 19.05 -24.75
CA LEU O 573 36.33 19.54 -23.79
C LEU O 573 36.52 21.04 -23.92
N PRO O 574 36.70 21.74 -22.80
CA PRO O 574 36.94 23.18 -22.87
C PRO O 574 38.41 23.51 -23.17
N VAL O 575 38.62 24.77 -23.58
CA VAL O 575 39.95 25.25 -23.95
C VAL O 575 40.08 26.73 -23.59
N PRO O 576 40.97 27.11 -22.66
CA PRO O 576 41.85 26.34 -21.77
C PRO O 576 41.14 25.77 -20.54
N GLU O 577 41.47 24.56 -20.17
CA GLU O 577 40.75 23.93 -19.08
C GLU O 577 41.26 24.40 -17.72
N PRO O 578 40.39 24.44 -16.73
CA PRO O 578 40.80 24.89 -15.40
C PRO O 578 41.22 23.71 -14.54
N HIS O 579 42.37 23.78 -13.89
CA HIS O 579 42.57 22.89 -12.75
C HIS O 579 42.81 23.70 -11.47
N SER O 580 43.99 24.28 -11.31
CA SER O 580 44.32 25.05 -10.13
C SER O 580 45.82 25.35 -10.05
N ASN O 584 49.27 18.51 -4.02
CA ASN O 584 49.35 17.07 -3.84
C ASN O 584 50.39 16.67 -2.79
N TYR O 585 49.96 15.81 -1.87
CA TYR O 585 50.67 15.55 -0.62
C TYR O 585 51.66 14.38 -0.71
N LEU O 586 51.17 13.19 -1.04
CA LEU O 586 52.06 12.03 -1.12
C LEU O 586 53.14 12.25 -2.16
N GLN O 587 52.83 12.98 -3.24
CA GLN O 587 53.82 13.20 -4.28
C GLN O 587 55.00 13.95 -3.70
N GLU O 588 54.75 14.92 -2.82
CA GLU O 588 55.84 15.65 -2.21
C GLU O 588 56.53 14.79 -1.15
N TRP O 589 55.75 14.01 -0.40
CA TRP O 589 56.31 13.18 0.66
C TRP O 589 57.32 12.19 0.12
N ASN O 590 56.98 11.51 -0.98
CA ASN O 590 57.85 10.47 -1.51
C ASN O 590 59.23 11.02 -1.80
N SER O 591 59.33 12.31 -2.09
CA SER O 591 60.61 12.95 -2.33
C SER O 591 61.32 13.17 -1.01
N GLY O 592 62.59 13.54 -1.09
CA GLY O 592 63.41 13.65 0.10
C GLY O 592 63.23 14.92 0.89
N TRP O 593 63.83 14.88 2.08
CA TRP O 593 63.78 15.99 3.02
C TRP O 593 64.08 17.31 2.33
N ARG O 594 63.44 18.36 2.82
CA ARG O 594 63.69 19.72 2.37
C ARG O 594 64.29 20.45 3.56
N HIS O 595 65.62 20.45 3.68
CA HIS O 595 66.24 21.35 4.64
C HIS O 595 66.14 22.74 4.06
N VAL O 596 65.39 23.61 4.73
CA VAL O 596 64.94 24.86 4.16
C VAL O 596 65.27 25.96 5.16
N ASP O 597 65.12 27.20 4.70
CA ASP O 597 65.40 28.30 5.59
C ASP O 597 64.22 28.54 6.52
N PHE O 598 64.53 29.18 7.63
CA PHE O 598 63.56 29.43 8.68
C PHE O 598 63.69 30.79 9.34
N ASP O 599 64.74 31.55 9.04
CA ASP O 599 64.90 32.88 9.62
C ASP O 599 64.01 33.87 8.90
N SER O 600 63.93 33.76 7.57
CA SER O 600 63.08 34.63 6.78
C SER O 600 61.63 34.50 7.23
N VAL O 601 61.23 33.31 7.66
CA VAL O 601 59.88 33.13 8.18
C VAL O 601 59.66 34.05 9.34
N ILE O 602 60.53 33.96 10.34
CA ILE O 602 60.41 34.81 11.51
C ILE O 602 60.41 36.27 11.06
N ASP O 603 61.19 36.58 10.03
CA ASP O 603 61.26 37.97 9.58
C ASP O 603 59.91 38.41 9.01
N ARG O 604 59.21 37.50 8.33
CA ARG O 604 57.89 37.80 7.77
C ARG O 604 56.88 37.92 8.89
N TRP O 605 57.07 37.14 9.94
CA TRP O 605 56.21 37.12 11.10
C TRP O 605 56.53 38.27 12.06
N ARG O 606 57.57 39.05 11.75
CA ARG O 606 57.82 40.30 12.46
C ARG O 606 56.60 41.21 12.46
N GLY O 607 55.71 41.06 11.49
CA GLY O 607 54.54 41.91 11.40
C GLY O 607 54.89 43.34 11.04
N MET P 1 40.87 -8.92 -19.50
CA MET P 1 42.01 -9.20 -20.37
C MET P 1 42.53 -10.61 -20.18
N PRO P 2 42.79 -11.02 -18.95
CA PRO P 2 43.31 -12.37 -18.70
C PRO P 2 42.21 -13.41 -18.80
N ASP P 3 42.62 -14.68 -18.74
CA ASP P 3 41.63 -15.74 -18.69
C ASP P 3 40.76 -15.58 -17.46
N LEU P 4 39.45 -15.43 -17.68
CA LEU P 4 38.56 -15.21 -16.55
C LEU P 4 38.20 -16.52 -15.86
N GLY P 5 37.95 -17.57 -16.63
CA GLY P 5 37.68 -18.88 -16.08
C GLY P 5 36.31 -19.37 -16.49
N THR P 6 35.92 -20.47 -15.87
CA THR P 6 34.59 -21.03 -16.08
C THR P 6 33.55 -20.13 -15.42
N PRO P 7 32.43 -19.87 -16.07
CA PRO P 7 31.45 -18.95 -15.50
C PRO P 7 30.58 -19.58 -14.43
N ILE P 8 29.99 -18.70 -13.63
CA ILE P 8 29.07 -19.12 -12.58
C ILE P 8 27.67 -19.34 -13.12
N GLY P 9 27.24 -18.55 -14.08
CA GLY P 9 25.85 -18.57 -14.45
C GLY P 9 25.54 -17.70 -15.64
N SER P 10 24.25 -17.41 -15.78
CA SER P 10 23.70 -16.76 -16.95
C SER P 10 22.65 -15.76 -16.54
N VAL P 11 22.36 -14.86 -17.42
CA VAL P 11 21.40 -13.80 -17.18
C VAL P 11 20.01 -14.30 -17.51
N THR P 12 19.05 -13.86 -16.72
CA THR P 12 17.65 -14.21 -16.88
C THR P 12 16.78 -13.00 -17.17
N ASP P 13 16.86 -11.98 -16.33
CA ASP P 13 16.14 -10.74 -16.54
C ASP P 13 17.10 -9.55 -16.50
N SER P 14 16.86 -8.59 -17.39
CA SER P 14 17.70 -7.42 -17.52
C SER P 14 16.84 -6.17 -17.52
N SER P 15 17.52 -5.04 -17.44
CA SER P 15 16.89 -3.74 -17.30
C SER P 15 18.02 -2.71 -17.17
N PRO P 16 17.72 -1.41 -17.29
CA PRO P 16 18.80 -0.43 -17.15
C PRO P 16 19.36 -0.36 -15.75
N SER P 17 18.54 -0.56 -14.72
CA SER P 17 18.97 -0.45 -13.34
C SER P 17 18.96 -1.76 -12.58
N LEU P 18 18.87 -2.90 -13.26
CA LEU P 18 18.89 -4.16 -12.54
C LEU P 18 19.25 -5.30 -13.47
N ILE P 19 20.01 -6.26 -12.95
CA ILE P 19 20.33 -7.49 -13.68
C ILE P 19 20.15 -8.64 -12.72
N ARG P 20 19.63 -9.75 -13.21
CA ARG P 20 19.37 -10.92 -12.40
C ARG P 20 20.12 -12.11 -12.97
N ILE P 21 20.72 -12.91 -12.10
CA ILE P 21 21.53 -14.04 -12.50
C ILE P 21 21.08 -15.26 -11.71
N GLU P 22 21.24 -16.43 -12.32
CA GLU P 22 20.79 -17.68 -11.75
C GLU P 22 21.87 -18.74 -11.80
N ILE P 23 22.15 -19.33 -10.64
CA ILE P 23 23.00 -20.50 -10.52
C ILE P 23 22.12 -21.70 -10.19
N SER P 24 22.53 -22.85 -10.70
CA SER P 24 21.72 -24.06 -10.67
C SER P 24 22.39 -25.22 -9.95
N SER P 25 23.67 -25.09 -9.59
CA SER P 25 24.43 -26.18 -8.99
C SER P 25 25.00 -25.74 -7.65
N ALA P 26 25.00 -26.66 -6.70
CA ALA P 26 25.45 -26.35 -5.35
C ALA P 26 26.96 -26.39 -5.23
N GLU P 27 27.63 -27.25 -6.00
CA GLU P 27 29.08 -27.33 -5.95
C GLU P 27 29.72 -25.99 -6.29
N ASP P 28 29.36 -25.41 -7.43
CA ASP P 28 29.93 -24.14 -7.85
C ASP P 28 29.69 -23.05 -6.81
N PHE P 29 28.48 -22.97 -6.28
CA PHE P 29 28.18 -21.96 -5.28
C PHE P 29 29.00 -22.17 -4.02
N GLU P 30 29.07 -23.41 -3.53
CA GLU P 30 29.92 -23.68 -2.37
C GLU P 30 31.38 -23.34 -2.66
N LYS P 31 31.77 -23.40 -3.93
CA LYS P 31 33.16 -23.13 -4.30
C LYS P 31 33.44 -21.64 -4.26
N TYR P 32 32.56 -20.83 -4.85
CA TYR P 32 32.74 -19.39 -4.94
C TYR P 32 31.81 -18.61 -4.00
N LYS P 33 31.45 -19.20 -2.87
CA LYS P 33 30.66 -18.49 -1.87
C LYS P 33 31.38 -17.27 -1.32
N SER P 34 32.69 -17.35 -1.19
CA SER P 34 33.45 -16.24 -0.64
C SER P 34 33.36 -15.01 -1.52
N MET P 35 33.20 -15.18 -2.83
CA MET P 35 33.28 -14.11 -3.79
C MET P 35 31.92 -13.57 -4.21
N LEU P 36 30.85 -13.95 -3.51
CA LEU P 36 29.49 -13.64 -3.94
C LEU P 36 28.67 -12.94 -2.87
N GLY P 37 29.31 -12.30 -1.92
CA GLY P 37 28.61 -11.53 -0.93
C GLY P 37 28.35 -10.10 -1.32
N VAL P 38 27.39 -9.50 -0.62
CA VAL P 38 26.97 -8.13 -0.88
C VAL P 38 28.18 -7.20 -0.86
N GLY P 39 28.32 -6.42 -1.93
CA GLY P 39 29.35 -5.44 -2.03
C GLY P 39 30.48 -5.82 -2.95
N GLN P 40 30.63 -7.09 -3.24
CA GLN P 40 31.63 -7.54 -4.18
C GLN P 40 31.11 -7.37 -5.61
N TYR P 41 31.88 -7.87 -6.58
CA TYR P 41 31.71 -7.45 -7.96
C TYR P 41 31.69 -8.64 -8.90
N LEU P 42 31.06 -8.45 -10.04
CA LEU P 42 30.93 -9.48 -11.06
C LEU P 42 31.09 -8.85 -12.43
N LEU P 43 31.48 -9.67 -13.39
CA LEU P 43 31.73 -9.25 -14.76
C LEU P 43 30.74 -9.94 -15.68
N VAL P 44 29.94 -9.15 -16.38
CA VAL P 44 28.88 -9.65 -17.25
C VAL P 44 29.21 -9.27 -18.68
N ALA P 45 29.13 -10.25 -19.57
CA ALA P 45 29.43 -10.04 -20.97
C ALA P 45 28.29 -9.34 -21.69
N SER P 46 28.66 -8.37 -22.53
CA SER P 46 27.73 -7.60 -23.34
C SER P 46 28.41 -7.40 -24.69
N GLY P 47 28.23 -8.36 -25.58
CA GLY P 47 28.87 -8.33 -26.86
C GLY P 47 30.32 -8.77 -26.81
N ASN P 48 30.90 -8.90 -27.99
CA ASN P 48 32.29 -9.27 -28.10
C ASN P 48 33.17 -8.13 -27.62
N ASN P 49 34.21 -8.46 -26.86
CA ASN P 49 35.25 -7.53 -26.49
C ASN P 49 34.71 -6.38 -25.64
N LEU P 50 33.89 -6.73 -24.65
CA LEU P 50 33.30 -5.75 -23.77
C LEU P 50 32.77 -6.48 -22.54
N TYR P 51 32.76 -5.77 -21.41
CA TYR P 51 32.29 -6.32 -20.16
C TYR P 51 31.72 -5.22 -19.29
N LEU P 52 30.79 -5.60 -18.43
CA LEU P 52 30.15 -4.73 -17.46
C LEU P 52 30.48 -5.19 -16.06
N LEU P 53 30.70 -4.22 -15.17
CA LEU P 53 31.07 -4.48 -13.79
C LEU P 53 29.86 -4.17 -12.93
N ALA P 54 29.38 -5.16 -12.19
CA ALA P 54 28.15 -5.05 -11.43
C ALA P 54 28.34 -5.38 -9.96
N SER P 55 27.62 -4.65 -9.11
CA SER P 55 27.69 -4.79 -7.68
C SER P 55 26.49 -5.56 -7.16
N ILE P 56 26.76 -6.59 -6.36
CA ILE P 56 25.70 -7.43 -5.84
C ILE P 56 24.88 -6.69 -4.79
N THR P 57 23.57 -6.79 -4.92
CA THR P 57 22.66 -6.25 -3.93
C THR P 57 21.82 -7.30 -3.24
N GLY P 58 21.80 -8.54 -3.72
CA GLY P 58 21.05 -9.56 -3.05
C GLY P 58 21.31 -10.98 -3.52
N VAL P 59 21.15 -11.92 -2.60
CA VAL P 59 21.25 -13.35 -2.86
C VAL P 59 20.01 -14.02 -2.31
N ARG P 60 19.53 -15.05 -2.99
CA ARG P 60 18.38 -15.81 -2.55
C ARG P 60 18.52 -17.26 -2.97
N ALA P 61 18.25 -18.19 -2.06
CA ALA P 61 18.45 -19.60 -2.29
C ALA P 61 17.15 -20.36 -2.01
N THR P 62 16.80 -21.28 -2.90
CA THR P 62 15.60 -22.06 -2.68
C THR P 62 15.77 -23.47 -3.23
N HIS P 63 15.06 -24.40 -2.61
CA HIS P 63 14.98 -25.78 -3.04
C HIS P 63 13.53 -26.14 -3.32
N VAL P 64 13.26 -26.61 -4.52
CA VAL P 64 11.93 -26.99 -4.95
C VAL P 64 12.05 -28.22 -5.84
N GLU P 65 11.03 -29.07 -5.80
CA GLU P 65 10.97 -30.29 -6.60
C GLU P 65 9.76 -30.22 -7.52
N ARG P 66 10.04 -30.10 -8.82
CA ARG P 66 9.00 -30.01 -9.85
C ARG P 66 7.99 -31.15 -9.70
N ASN P 87 14.83 -29.34 -6.96
CA ASN P 87 16.16 -28.93 -7.37
C ASN P 87 16.45 -27.51 -6.89
N PHE P 88 17.71 -27.12 -6.92
CA PHE P 88 18.17 -25.86 -6.35
C PHE P 88 18.06 -24.73 -7.35
N ARG P 89 17.72 -23.55 -6.83
CA ARG P 89 17.84 -22.31 -7.59
C ARG P 89 18.45 -21.22 -6.72
N PHE P 90 19.48 -20.57 -7.24
CA PHE P 90 20.18 -19.49 -6.57
C PHE P 90 20.07 -18.24 -7.43
N GLN P 91 19.69 -17.12 -6.83
CA GLN P 91 19.42 -15.89 -7.55
C GLN P 91 20.25 -14.75 -6.99
N ILE P 92 20.95 -14.04 -7.87
CA ILE P 92 21.82 -12.93 -7.53
C ILE P 92 21.34 -11.69 -8.27
N ASP P 93 21.04 -10.64 -7.53
CA ASP P 93 20.61 -9.36 -8.09
C ASP P 93 21.76 -8.36 -8.08
N THR P 94 21.96 -7.67 -9.21
CA THR P 94 23.11 -6.80 -9.41
C THR P 94 22.70 -5.46 -9.99
N GLN P 95 23.57 -4.48 -9.75
CA GLN P 95 23.40 -3.09 -10.15
C GLN P 95 24.61 -2.64 -10.95
N PRO P 96 24.42 -1.96 -12.09
CA PRO P 96 25.56 -1.69 -12.98
C PRO P 96 26.33 -0.44 -12.60
N ILE P 97 27.65 -0.55 -12.66
CA ILE P 97 28.55 0.52 -12.25
C ILE P 97 29.36 1.06 -13.41
N GLY P 98 29.75 0.21 -14.36
CA GLY P 98 30.54 0.71 -15.45
C GLY P 98 30.95 -0.38 -16.42
N THR P 99 31.79 0.03 -17.37
CA THR P 99 32.21 -0.79 -18.49
C THR P 99 33.72 -0.95 -18.48
N LEU P 100 34.17 -2.13 -18.90
CA LEU P 100 35.57 -2.49 -19.00
C LEU P 100 35.77 -3.22 -20.31
N SER P 101 36.73 -2.75 -21.10
CA SER P 101 37.00 -3.34 -22.39
C SER P 101 38.07 -4.43 -22.33
N GLU P 102 38.36 -4.98 -23.50
CA GLU P 102 39.29 -6.09 -23.58
C GLU P 102 40.70 -5.62 -23.31
N ASP P 103 41.03 -4.46 -23.86
CA ASP P 103 42.36 -3.88 -23.67
C ASP P 103 42.64 -3.51 -22.22
N GLY P 104 41.64 -3.03 -21.50
CA GLY P 104 41.82 -2.68 -20.11
C GLY P 104 41.17 -1.38 -19.71
N GLU P 105 40.65 -0.65 -20.69
CA GLU P 105 40.07 0.66 -20.41
C GLU P 105 38.78 0.52 -19.63
N PHE P 106 38.66 1.34 -18.60
CA PHE P 106 37.51 1.32 -17.70
C PHE P 106 36.83 2.66 -17.78
N SER P 107 35.51 2.63 -17.96
CA SER P 107 34.74 3.85 -18.12
C SER P 107 33.47 3.76 -17.30
N ARG P 108 33.28 4.73 -16.43
CA ARG P 108 32.06 4.82 -15.66
C ARG P 108 30.92 5.24 -16.56
N GLY P 109 29.71 4.90 -16.16
CA GLY P 109 28.61 5.11 -17.04
C GLY P 109 28.41 3.95 -17.98
N SER P 110 27.20 3.42 -18.01
CA SER P 110 26.86 2.25 -18.82
C SER P 110 25.64 2.58 -19.65
N HIS P 111 25.78 2.52 -20.96
CA HIS P 111 24.68 2.69 -21.90
C HIS P 111 24.09 1.37 -22.35
N SER P 112 24.92 0.34 -22.47
CA SER P 112 24.53 -0.95 -23.00
C SER P 112 23.66 -1.74 -22.02
N LEU P 113 22.92 -2.70 -22.57
CA LEU P 113 22.02 -3.55 -21.83
C LEU P 113 22.44 -4.98 -22.15
N PRO P 114 22.66 -5.83 -21.16
CA PRO P 114 23.05 -7.21 -21.45
C PRO P 114 21.86 -8.10 -21.79
N VAL P 115 21.96 -8.83 -22.88
CA VAL P 115 20.86 -9.67 -23.35
C VAL P 115 20.93 -10.98 -22.59
N PRO P 116 19.81 -11.67 -22.39
CA PRO P 116 19.85 -12.95 -21.72
C PRO P 116 20.66 -13.97 -22.50
N THR P 117 20.94 -15.08 -21.81
CA THR P 117 21.79 -16.15 -22.32
C THR P 117 23.25 -15.74 -22.34
N GLU P 118 23.62 -14.78 -21.50
CA GLU P 118 24.97 -14.24 -21.44
C GLU P 118 25.59 -14.57 -20.10
N TYR P 119 26.87 -14.92 -20.15
CA TYR P 119 27.60 -15.48 -19.04
C TYR P 119 28.03 -14.39 -18.06
N ALA P 120 28.23 -14.80 -16.81
CA ALA P 120 28.77 -13.95 -15.77
C ALA P 120 29.94 -14.65 -15.10
N TYR P 121 30.95 -13.86 -14.74
CA TYR P 121 32.17 -14.37 -14.15
C TYR P 121 32.50 -13.61 -12.87
N VAL P 122 33.24 -14.29 -12.01
CA VAL P 122 33.82 -13.67 -10.82
C VAL P 122 35.10 -12.95 -11.19
N THR P 123 35.36 -11.88 -10.48
CA THR P 123 36.44 -10.96 -10.83
C THR P 123 37.77 -11.47 -10.29
N PRO P 124 38.79 -11.64 -11.12
CA PRO P 124 40.09 -12.02 -10.60
C PRO P 124 40.76 -10.83 -9.93
N PRO P 125 41.62 -11.06 -8.95
CA PRO P 125 42.26 -9.94 -8.25
C PRO P 125 43.08 -9.02 -9.13
N ALA P 126 43.74 -9.54 -10.15
CA ALA P 126 44.61 -8.69 -10.96
C ALA P 126 43.82 -7.60 -11.65
N VAL P 127 42.78 -7.99 -12.39
CA VAL P 127 41.94 -7.04 -13.08
C VAL P 127 41.26 -6.15 -12.07
N LEU P 128 40.94 -6.69 -10.90
CA LEU P 128 40.25 -5.93 -9.87
C LEU P 128 41.10 -4.76 -9.39
N GLU P 129 42.32 -5.06 -8.93
CA GLU P 129 43.23 -4.03 -8.45
C GLU P 129 43.57 -3.02 -9.55
N GLY P 130 43.69 -3.49 -10.78
CA GLY P 130 43.97 -2.55 -11.86
C GLY P 130 42.83 -1.59 -12.06
N ILE P 131 41.60 -2.12 -12.16
CA ILE P 131 40.43 -1.25 -12.26
C ILE P 131 40.47 -0.26 -11.11
N PHE P 132 40.81 -0.73 -9.91
CA PHE P 132 40.78 0.17 -8.75
C PHE P 132 41.69 1.37 -8.97
N SER P 133 42.99 1.14 -9.16
CA SER P 133 43.91 2.29 -9.04
C SER P 133 44.97 2.48 -10.12
N HIS P 134 44.97 1.71 -11.19
CA HIS P 134 45.89 1.95 -12.28
C HIS P 134 45.53 3.21 -13.05
N GLN P 135 44.25 3.59 -13.02
CA GLN P 135 43.78 4.80 -13.67
C GLN P 135 44.23 6.06 -12.94
N ILE P 136 44.46 5.96 -11.63
CA ILE P 136 44.84 7.10 -10.80
C ILE P 136 46.35 7.10 -10.59
N LYS P 137 46.91 8.29 -10.46
CA LYS P 137 48.34 8.51 -10.64
C LYS P 137 49.20 7.70 -9.69
N SER P 138 49.16 8.03 -8.42
CA SER P 138 50.14 7.47 -7.49
C SER P 138 49.50 6.37 -6.68
N PRO P 139 50.10 5.18 -6.61
CA PRO P 139 49.48 4.13 -5.81
C PRO P 139 49.78 4.28 -4.33
N PHE P 140 48.79 3.91 -3.52
CA PHE P 140 48.93 3.96 -2.08
C PHE P 140 48.15 2.79 -1.49
N ALA P 141 48.87 1.84 -0.90
CA ALA P 141 48.28 0.64 -0.34
C ALA P 141 47.59 0.94 0.97
N LEU P 142 46.37 0.44 1.11
CA LEU P 142 45.60 0.66 2.32
C LEU P 142 45.36 -0.63 3.07
N GLY P 143 44.75 -1.62 2.43
CA GLY P 143 44.35 -2.81 3.16
C GLY P 143 44.01 -3.91 2.20
N THR P 144 43.77 -5.08 2.78
CA THR P 144 43.39 -6.26 2.00
C THR P 144 41.87 -6.32 2.00
N LEU P 145 41.28 -5.97 0.86
CA LEU P 145 39.83 -5.99 0.70
C LEU P 145 39.27 -7.35 1.09
N GLY P 146 39.54 -8.39 0.32
CA GLY P 146 38.96 -9.67 0.65
C GLY P 146 39.87 -10.46 1.55
N ILE P 147 39.33 -11.56 2.06
CA ILE P 147 40.04 -12.35 3.06
C ILE P 147 41.34 -12.90 2.50
N SER P 148 41.41 -13.08 1.19
CA SER P 148 42.67 -13.53 0.58
C SER P 148 43.66 -12.37 0.63
N PRO P 149 44.90 -12.60 1.08
CA PRO P 149 45.88 -11.50 1.17
C PRO P 149 46.40 -10.99 -0.17
N ASP P 150 46.10 -11.67 -1.28
CA ASP P 150 46.65 -11.26 -2.58
C ASP P 150 46.10 -9.91 -3.01
N ILE P 151 44.92 -9.56 -2.50
CA ILE P 151 44.22 -8.33 -2.90
C ILE P 151 44.75 -7.21 -2.02
N LYS P 152 45.85 -6.58 -2.47
CA LYS P 152 46.34 -5.37 -1.81
C LYS P 152 45.65 -4.16 -2.43
N LEU P 153 44.65 -3.64 -1.73
CA LEU P 153 43.86 -2.54 -2.26
C LEU P 153 44.67 -1.25 -2.25
N LYS P 154 44.36 -0.38 -3.22
CA LYS P 154 45.18 0.78 -3.50
C LYS P 154 44.29 1.98 -3.79
N ILE P 155 44.84 3.16 -3.57
CA ILE P 155 44.17 4.42 -3.87
C ILE P 155 45.22 5.42 -4.34
N ASP P 156 44.82 6.68 -4.51
CA ASP P 156 45.76 7.75 -4.82
C ASP P 156 45.98 8.58 -3.56
N GLY P 157 47.21 8.57 -3.06
CA GLY P 157 47.50 9.29 -1.84
C GLY P 157 47.36 10.79 -1.97
N ASP P 158 47.65 11.32 -3.16
CA ASP P 158 47.57 12.76 -3.36
C ASP P 158 46.15 13.27 -3.16
N ARG P 159 45.17 12.40 -3.36
CA ARG P 159 43.77 12.73 -3.12
C ARG P 159 43.33 12.36 -1.73
N PHE P 160 44.01 11.39 -1.11
CA PHE P 160 43.64 10.89 0.21
C PHE P 160 44.10 11.84 1.31
N PHE P 161 45.39 12.16 1.33
CA PHE P 161 45.96 12.99 2.37
C PHE P 161 45.76 14.48 2.11
N SER P 162 45.28 14.87 0.94
CA SER P 162 45.15 16.27 0.59
C SER P 162 43.77 16.81 0.87
N LYS P 163 42.97 16.10 1.64
CA LYS P 163 41.64 16.53 2.04
C LYS P 163 41.30 15.86 3.35
N HIS P 164 40.26 16.38 3.99
CA HIS P 164 39.98 16.03 5.37
C HIS P 164 39.36 14.65 5.50
N VAL P 165 39.78 13.94 6.55
CA VAL P 165 39.56 12.51 6.71
C VAL P 165 39.02 12.25 8.11
N ALA P 166 38.33 11.13 8.26
CA ALA P 166 37.66 10.81 9.51
C ALA P 166 37.63 9.31 9.73
N VAL P 167 37.82 8.92 10.99
CA VAL P 167 37.45 7.59 11.47
C VAL P 167 36.81 7.81 12.83
N VAL P 168 35.97 6.86 13.22
CA VAL P 168 35.37 6.85 14.55
C VAL P 168 34.94 5.42 14.85
N GLY P 169 35.06 5.04 16.11
CA GLY P 169 34.87 3.65 16.45
C GLY P 169 34.37 3.43 17.86
N SER P 170 33.49 2.44 18.01
CA SER P 170 33.03 2.04 19.33
C SER P 170 34.12 1.28 20.06
N THR P 171 34.08 1.37 21.39
CA THR P 171 35.11 0.75 22.22
C THR P 171 35.03 -0.77 22.10
N GLY P 172 36.06 -1.44 22.58
CA GLY P 172 36.17 -2.87 22.38
C GLY P 172 36.50 -3.24 20.96
N SER P 173 37.04 -2.30 20.19
CA SER P 173 37.42 -2.51 18.80
C SER P 173 38.90 -2.18 18.65
N GLY P 174 39.34 -2.04 17.40
CA GLY P 174 40.76 -1.91 17.12
C GLY P 174 41.16 -0.67 16.37
N LYS P 175 40.43 0.42 16.57
CA LYS P 175 40.70 1.63 15.81
C LYS P 175 42.14 2.08 15.99
N SER P 176 42.67 1.95 17.20
CA SER P 176 44.04 2.38 17.43
C SER P 176 44.99 1.65 16.50
N CYS P 177 44.82 0.35 16.37
CA CYS P 177 45.71 -0.42 15.51
C CYS P 177 45.54 -0.03 14.05
N ALA P 178 44.31 0.26 13.63
CA ALA P 178 44.07 0.65 12.26
C ALA P 178 44.75 1.97 11.95
N VAL P 179 44.60 2.94 12.84
CA VAL P 179 45.27 4.22 12.68
C VAL P 179 46.77 4.02 12.61
N ALA P 180 47.30 3.23 13.53
CA ALA P 180 48.74 3.01 13.56
C ALA P 180 49.20 2.41 12.24
N LYS P 181 48.37 1.54 11.65
CA LYS P 181 48.79 0.86 10.43
C LYS P 181 48.76 1.80 9.25
N ILE P 182 47.71 2.61 9.17
CA ILE P 182 47.63 3.62 8.12
C ILE P 182 48.85 4.51 8.16
N LEU P 183 49.22 4.96 9.35
CA LEU P 183 50.34 5.88 9.46
C LEU P 183 51.66 5.20 9.17
N GLN P 184 51.83 3.96 9.65
CA GLN P 184 53.05 3.23 9.38
C GLN P 184 53.25 3.07 7.88
N THR P 185 52.21 2.69 7.16
CA THR P 185 52.34 2.58 5.72
C THR P 185 52.61 3.94 5.09
N ALA P 186 52.15 5.00 5.72
CA ALA P 186 52.46 6.34 5.21
C ALA P 186 53.96 6.60 5.29
N VAL P 187 54.53 6.48 6.49
CA VAL P 187 55.95 6.77 6.65
C VAL P 187 56.80 5.69 5.99
N GLY P 188 56.35 4.45 6.03
CA GLY P 188 57.02 3.37 5.32
C GLY P 188 57.53 2.26 6.20
N ILE P 189 57.17 2.27 7.48
CA ILE P 189 57.62 1.24 8.40
C ILE P 189 56.62 0.10 8.41
N GLU P 190 57.02 -1.04 7.86
CA GLU P 190 56.18 -2.24 7.82
C GLU P 190 57.04 -3.44 8.17
N SER P 191 56.49 -4.35 8.98
CA SER P 191 57.21 -5.55 9.39
C SER P 191 58.51 -5.19 10.12
N LYS P 192 58.48 -4.10 10.89
CA LYS P 192 59.64 -3.65 11.65
C LYS P 192 60.84 -3.38 10.76
N ALA P 193 60.60 -2.97 9.52
CA ALA P 193 61.66 -2.61 8.61
C ALA P 193 61.34 -1.28 7.94
N ASN P 194 62.36 -0.44 7.80
CA ASN P 194 62.23 0.88 7.22
C ASN P 194 62.94 0.92 5.88
N ALA P 195 62.18 1.18 4.81
CA ALA P 195 62.76 1.24 3.48
C ALA P 195 63.65 2.46 3.32
N HIS P 196 63.20 3.62 3.79
CA HIS P 196 63.92 4.87 3.59
C HIS P 196 64.86 5.19 4.75
N LYS P 197 65.70 4.21 5.09
CA LYS P 197 66.79 4.45 6.02
C LYS P 197 67.90 5.28 5.41
N ALA P 198 68.03 5.27 4.08
CA ALA P 198 69.07 6.04 3.42
C ALA P 198 68.85 7.54 3.61
N ALA P 199 67.64 8.01 3.31
CA ALA P 199 67.35 9.43 3.37
C ALA P 199 65.90 9.62 3.79
N GLN P 200 65.66 10.65 4.59
CA GLN P 200 64.31 10.91 5.08
C GLN P 200 63.42 11.38 3.93
N LYS P 201 62.17 10.95 3.98
CA LYS P 201 61.14 11.38 3.08
C LYS P 201 60.20 12.33 3.83
N ASN P 202 59.96 13.51 3.26
CA ASN P 202 59.47 14.64 4.03
C ASN P 202 58.00 14.42 4.37
N SER P 203 57.77 13.55 5.35
CA SER P 203 56.46 13.35 5.94
C SER P 203 56.45 14.01 7.31
N HIS P 204 55.42 14.79 7.57
CA HIS P 204 55.33 15.55 8.81
C HIS P 204 53.98 15.31 9.47
N ILE P 205 54.01 14.62 10.61
CA ILE P 205 52.83 14.24 11.36
C ILE P 205 52.96 14.69 12.80
N VAL P 206 51.84 15.03 13.39
CA VAL P 206 51.72 15.37 14.79
C VAL P 206 50.54 14.60 15.35
N ILE P 207 50.67 14.13 16.58
CA ILE P 207 49.62 13.35 17.23
C ILE P 207 49.30 13.96 18.58
N PHE P 208 48.01 14.12 18.83
CA PHE P 208 47.52 14.56 20.13
C PHE P 208 46.95 13.36 20.85
N ASP P 209 47.64 12.92 21.91
CA ASP P 209 47.34 11.67 22.58
C ASP P 209 47.25 11.92 24.07
N ILE P 210 46.23 11.31 24.69
CA ILE P 210 46.05 11.38 26.13
C ILE P 210 46.36 10.06 26.82
N HIS P 211 46.32 8.93 26.11
CA HIS P 211 46.54 7.62 26.69
C HIS P 211 47.98 7.14 26.65
N ALA P 212 48.84 7.79 25.87
CA ALA P 212 50.23 7.34 25.71
C ALA P 212 50.27 5.94 25.12
N GLU P 213 49.58 5.77 24.00
CA GLU P 213 49.36 4.47 23.40
C GLU P 213 49.99 4.30 22.03
N TYR P 214 50.45 5.37 21.39
CA TYR P 214 51.02 5.27 20.05
C TYR P 214 52.54 5.32 20.02
N ALA P 215 53.20 5.59 21.14
CA ALA P 215 54.64 5.70 21.12
C ALA P 215 55.28 4.35 20.82
N ALA P 216 54.77 3.29 21.43
CA ALA P 216 55.38 1.98 21.29
C ALA P 216 55.36 1.54 19.84
N ALA P 217 54.26 1.80 19.15
CA ALA P 217 54.12 1.25 17.81
C ALA P 217 55.25 1.73 16.92
N PHE P 218 55.70 2.96 17.14
CA PHE P 218 56.76 3.53 16.33
C PHE P 218 58.16 3.23 16.87
N ASN P 219 58.27 2.63 18.05
CA ASN P 219 59.59 2.30 18.59
C ASN P 219 60.25 1.21 17.76
N LEU P 220 61.44 1.48 17.27
CA LEU P 220 62.24 0.51 16.55
C LEU P 220 63.63 0.45 17.14
N GLU P 221 64.39 -0.57 16.75
CA GLU P 221 65.74 -0.70 17.31
C GLU P 221 66.62 0.46 16.83
N ALA P 222 67.77 0.60 17.47
CA ALA P 222 68.72 1.65 17.10
C ALA P 222 69.20 1.53 15.65
N GLY P 223 69.37 0.31 15.14
CA GLY P 223 69.93 0.17 13.81
C GLY P 223 69.14 0.89 12.74
N GLU P 224 67.82 0.89 12.86
CA GLU P 224 67.01 1.60 11.89
C GLU P 224 67.20 3.11 12.05
N ALA P 225 67.52 3.53 13.26
CA ALA P 225 67.80 4.93 13.57
C ALA P 225 66.67 5.86 13.16
N PHE P 226 65.49 5.60 13.72
CA PHE P 226 64.32 6.43 13.49
C PHE P 226 64.17 7.38 14.68
N THR P 227 64.25 8.69 14.39
CA THR P 227 64.24 9.75 15.39
C THR P 227 62.81 10.16 15.69
N LEU P 228 62.24 9.57 16.73
CA LEU P 228 60.86 9.83 17.13
C LEU P 228 60.88 10.84 18.27
N ASN P 229 60.52 12.08 17.94
CA ASN P 229 60.52 13.19 18.89
C ASN P 229 59.34 13.03 19.84
N LEU P 230 59.49 12.11 20.77
CA LEU P 230 58.53 11.93 21.84
C LEU P 230 58.59 13.12 22.78
N LEU P 231 57.44 13.63 23.17
CA LEU P 231 57.38 14.79 24.04
C LEU P 231 56.34 14.56 25.12
N GLY P 232 56.27 15.52 26.02
CA GLY P 232 55.40 15.44 27.17
C GLY P 232 55.69 16.58 28.12
N VAL P 233 55.18 16.45 29.33
CA VAL P 233 55.39 17.49 30.34
C VAL P 233 56.87 17.79 30.51
N ASP P 234 57.70 16.75 30.47
CA ASP P 234 59.11 16.94 30.84
C ASP P 234 59.85 17.78 29.82
N ASN P 235 59.59 17.59 28.53
CA ASN P 235 60.38 18.24 27.50
C ASN P 235 59.67 19.39 26.80
N LEU P 236 58.44 19.72 27.20
CA LEU P 236 57.69 20.76 26.51
C LEU P 236 58.16 22.14 26.94
N ARG P 237 58.11 23.05 25.99
CA ARG P 237 58.52 24.44 26.19
C ARG P 237 57.58 25.34 25.41
N LEU P 238 56.85 26.17 26.13
CA LEU P 238 55.90 27.11 25.58
C LEU P 238 55.54 28.24 26.56
N PRO P 239 56.21 29.35 26.46
CA PRO P 239 55.98 30.43 27.40
C PRO P 239 54.53 30.85 27.52
N TYR P 240 54.26 31.64 28.55
CA TYR P 240 52.92 32.18 28.74
C TYR P 240 52.69 33.41 27.89
N TRP P 241 53.74 34.08 27.43
CA TRP P 241 53.55 35.28 26.64
C TRP P 241 53.14 34.98 25.21
N LEU P 242 53.24 33.73 24.75
CA LEU P 242 52.58 33.34 23.51
C LEU P 242 51.08 33.44 23.63
N MET P 243 50.54 33.00 24.76
CA MET P 243 49.13 33.17 25.09
C MET P 243 48.67 34.57 24.70
N ASN P 244 47.46 34.64 24.14
CA ASN P 244 46.90 35.92 23.73
C ASN P 244 46.21 36.62 24.90
N ALA P 245 45.38 37.62 24.58
CA ALA P 245 44.62 38.30 25.62
C ALA P 245 43.52 37.42 26.17
N GLN P 246 42.80 36.74 25.29
CA GLN P 246 41.62 35.99 25.71
C GLN P 246 42.00 34.66 26.31
N GLU P 247 43.17 34.15 25.96
CA GLU P 247 43.68 32.95 26.60
C GLU P 247 44.31 33.23 27.96
N LEU P 248 44.67 34.47 28.23
CA LEU P 248 45.16 34.86 29.55
C LEU P 248 44.00 35.12 30.48
N GLU P 249 42.94 35.75 29.95
CA GLU P 249 41.84 36.21 30.79
C GLU P 249 41.35 35.07 31.68
N GLN P 250 40.93 33.96 31.06
CA GLN P 250 40.31 32.90 31.83
C GLN P 250 41.32 32.25 32.76
N ILE P 251 42.59 32.27 32.36
CA ILE P 251 43.62 31.69 33.20
C ILE P 251 43.73 32.43 34.53
N PHE P 252 43.86 33.76 34.49
CA PHE P 252 44.14 34.48 35.72
C PHE P 252 42.98 35.31 36.25
N ILE P 253 41.87 35.41 35.52
CA ILE P 253 40.67 36.10 36.00
C ILE P 253 39.45 35.24 35.70
N GLU P 254 39.04 34.42 36.67
CA GLU P 254 37.83 33.63 36.54
C GLU P 254 36.63 34.47 36.94
N SER P 255 35.65 34.58 36.03
CA SER P 255 34.57 35.54 36.10
C SER P 255 33.56 35.22 37.17
N ASN P 256 33.67 34.05 37.82
CA ASN P 256 32.70 33.67 38.84
C ASN P 256 32.53 34.78 39.86
N GLU P 257 33.62 35.43 40.25
CA GLU P 257 33.51 36.49 41.25
C GLU P 257 32.69 37.62 40.63
N HIS P 258 31.89 38.28 41.45
CA HIS P 258 30.97 39.28 40.91
C HIS P 258 31.71 40.45 40.27
N ASN P 259 32.42 41.23 41.08
CA ASN P 259 32.99 42.50 40.65
C ASN P 259 34.32 42.27 39.93
N SER P 260 34.22 41.45 38.89
CA SER P 260 35.37 41.06 38.09
C SER P 260 35.91 42.25 37.31
N HIS P 261 35.06 43.24 37.04
CA HIS P 261 35.43 44.36 36.18
C HIS P 261 36.64 45.11 36.74
N ASN P 262 36.65 45.41 38.03
CA ASN P 262 37.75 46.20 38.57
C ASN P 262 39.03 45.39 38.56
N GLN P 263 38.92 44.10 38.87
CA GLN P 263 40.08 43.23 38.82
C GLN P 263 40.66 43.22 37.41
N ILE P 264 39.80 43.09 36.41
CA ILE P 264 40.26 43.03 35.03
C ILE P 264 40.92 44.35 34.65
N SER P 265 40.34 45.46 35.07
CA SER P 265 40.87 46.76 34.68
C SER P 265 42.28 46.93 35.21
N GLN P 266 42.43 46.77 36.53
CA GLN P 266 43.77 46.87 37.10
C GLN P 266 44.72 45.87 36.46
N PHE P 267 44.26 44.64 36.20
CA PHE P 267 45.14 43.65 35.61
C PHE P 267 45.65 44.14 34.26
N ARG P 268 44.74 44.67 33.45
CA ARG P 268 45.11 45.14 32.12
C ARG P 268 46.13 46.24 32.23
N HIS P 269 45.90 47.17 33.15
CA HIS P 269 46.81 48.29 33.28
C HIS P 269 48.19 47.77 33.59
N ALA P 270 48.23 46.76 34.47
CA ALA P 270 49.49 46.17 34.87
C ALA P 270 50.21 45.54 33.69
N VAL P 271 49.53 44.67 32.96
CA VAL P 271 50.21 43.92 31.92
C VAL P 271 50.64 44.84 30.78
N VAL P 272 49.77 45.74 30.36
CA VAL P 272 50.10 46.64 29.26
C VAL P 272 51.26 47.55 29.64
N ARG P 273 51.22 48.11 30.85
CA ARG P 273 52.31 48.97 31.26
C ARG P 273 53.58 48.15 31.42
N ASN P 274 53.45 46.93 31.94
CA ASN P 274 54.61 46.10 32.20
C ASN P 274 55.33 45.84 30.90
N LYS P 275 54.58 45.47 29.88
CA LYS P 275 55.19 45.17 28.59
C LYS P 275 55.85 46.43 28.05
N CYS P 276 55.18 47.57 28.18
CA CYS P 276 55.71 48.82 27.61
C CYS P 276 57.02 49.21 28.28
N LYS P 277 57.06 49.13 29.62
CA LYS P 277 58.26 49.49 30.36
C LYS P 277 59.36 48.44 30.18
N HIS P 278 58.98 47.16 30.09
CA HIS P 278 59.96 46.10 29.97
C HIS P 278 60.76 46.23 28.69
N ASN P 279 60.09 46.52 27.58
CA ASN P 279 60.74 46.53 26.30
C ASN P 279 60.51 47.88 25.62
N PRO P 280 61.57 48.55 25.17
CA PRO P 280 61.45 49.73 24.30
C PRO P 280 61.70 49.39 22.84
N THR P 281 61.88 48.11 22.53
CA THR P 281 62.22 47.70 21.18
C THR P 281 61.15 48.13 20.19
N LEU P 282 59.87 47.95 20.55
CA LEU P 282 58.76 48.38 19.71
C LEU P 282 57.96 49.45 20.45
N THR P 283 57.67 50.54 19.74
CA THR P 283 56.92 51.66 20.29
C THR P 283 55.49 51.29 20.69
N ASN P 284 54.83 50.44 19.93
CA ASN P 284 53.43 50.10 20.14
C ASN P 284 53.29 48.69 20.70
N LEU P 285 52.45 48.56 21.73
CA LEU P 285 52.15 47.30 22.40
C LEU P 285 50.69 47.24 22.81
N SER P 286 50.22 46.04 23.14
CA SER P 286 48.84 45.86 23.58
C SER P 286 48.69 44.54 24.32
N PHE P 287 47.59 44.42 25.05
CA PHE P 287 47.29 43.22 25.82
C PHE P 287 47.38 41.95 24.99
N ASP P 288 46.93 42.01 23.74
CA ASP P 288 46.84 40.82 22.93
C ASP P 288 48.18 40.43 22.31
N THR P 289 49.10 41.37 22.22
CA THR P 289 50.33 41.13 21.48
C THR P 289 51.24 40.21 22.28
N PRO P 290 52.02 39.37 21.60
CA PRO P 290 52.92 38.45 22.30
C PRO P 290 54.24 39.08 22.68
N VAL P 291 54.42 39.36 23.98
CA VAL P 291 55.58 40.07 24.49
C VAL P 291 55.73 39.67 25.96
N TYR P 292 56.92 39.87 26.51
CA TYR P 292 57.24 39.33 27.82
C TYR P 292 56.47 40.02 28.95
N PHE P 293 56.42 39.34 30.08
CA PHE P 293 56.11 39.98 31.36
C PHE P 293 56.39 38.94 32.44
N SER P 294 56.51 39.41 33.67
CA SER P 294 56.76 38.55 34.82
C SER P 294 55.53 38.42 35.70
N ILE P 295 54.96 37.21 35.71
CA ILE P 295 53.72 36.99 36.45
C ILE P 295 53.83 37.47 37.89
N ASP P 296 55.04 37.47 38.46
CA ASP P 296 55.16 37.68 39.89
C ASP P 296 54.84 39.13 40.24
N GLU P 297 55.17 40.04 39.32
CA GLU P 297 54.91 41.45 39.57
C GLU P 297 53.43 41.70 39.73
N VAL P 298 52.60 40.96 38.99
CA VAL P 298 51.16 41.07 39.16
C VAL P 298 50.76 40.73 40.60
N VAL P 299 51.22 39.59 41.12
CA VAL P 299 50.91 39.23 42.51
C VAL P 299 51.36 40.35 43.45
N THR P 300 52.58 40.85 43.22
CA THR P 300 53.13 41.83 44.14
C THR P 300 52.27 43.09 44.16
N TYR P 301 51.90 43.58 42.98
CA TYR P 301 51.17 44.83 42.92
C TYR P 301 49.73 44.66 43.39
N LEU P 302 49.12 43.49 43.14
CA LEU P 302 47.80 43.26 43.70
C LEU P 302 47.83 43.35 45.22
N GLU P 303 48.75 42.60 45.85
CA GLU P 303 48.87 42.71 47.30
C GLU P 303 49.20 44.14 47.73
N ASN P 304 50.04 44.84 46.96
CA ASN P 304 50.39 46.22 47.25
C ASN P 304 49.16 47.09 47.37
N MET P 305 48.43 47.28 46.29
CA MET P 305 47.36 48.26 46.38
C MET P 305 46.16 47.69 47.11
N ASN P 306 46.21 46.41 47.50
CA ASN P 306 45.23 45.83 48.39
C ASN P 306 45.24 46.42 49.80
N ASN P 307 46.29 47.16 50.20
CA ASN P 307 46.25 47.80 51.52
C ASN P 307 46.17 49.28 51.24
N GLU P 308 45.28 49.67 50.32
CA GLU P 308 45.27 51.05 49.85
C GLU P 308 44.74 51.97 50.94
N VAL P 309 45.51 53.01 51.20
CA VAL P 309 45.20 54.06 52.16
C VAL P 309 45.94 55.29 51.68
N ILE P 310 45.43 56.47 52.04
CA ILE P 310 46.07 57.71 51.66
C ILE P 310 45.89 58.71 52.80
N GLY P 311 46.49 59.88 52.64
CA GLY P 311 46.34 60.97 53.59
C GLY P 311 45.15 61.86 53.31
N LYS P 312 44.57 62.40 54.39
CA LYS P 312 43.38 63.23 54.31
C LYS P 312 43.69 64.71 54.24
N LEU P 313 44.88 65.13 54.68
CA LEU P 313 45.21 66.55 54.71
C LEU P 313 45.20 67.13 53.31
N ALA P 314 44.94 68.44 53.24
CA ALA P 314 44.98 69.13 51.96
C ALA P 314 46.36 68.94 51.34
N GLY P 315 46.39 68.55 50.07
CA GLY P 315 47.67 68.27 49.46
C GLY P 315 48.34 67.00 49.96
N GLU P 316 47.56 66.10 50.57
CA GLU P 316 48.07 64.83 51.09
C GLU P 316 47.31 63.65 50.49
N GLY P 317 46.91 63.77 49.23
CA GLY P 317 46.15 62.75 48.54
C GLY P 317 47.06 61.76 47.84
N LYS P 318 47.89 61.07 48.63
CA LYS P 318 48.78 60.04 48.11
C LYS P 318 48.97 58.97 49.18
N PRO P 319 49.39 57.77 48.79
CA PRO P 319 49.54 56.66 49.74
C PRO P 319 50.63 56.95 50.76
N LYS P 320 50.26 56.90 52.03
CA LYS P 320 51.19 57.23 53.11
C LYS P 320 51.90 55.98 53.62
N LEU P 321 53.23 56.05 53.62
CA LEU P 321 54.06 54.97 54.12
C LEU P 321 54.16 55.06 55.64
N ALA P 322 54.83 54.07 56.24
CA ALA P 322 55.25 54.21 57.62
C ALA P 322 56.35 55.25 57.76
N ASN P 323 57.04 55.59 56.67
CA ASN P 323 58.07 56.62 56.68
C ASN P 323 57.55 58.03 56.44
N GLU P 324 56.23 58.21 56.36
CA GLU P 324 55.59 59.48 56.02
C GLU P 324 55.86 59.92 54.59
N THR P 325 56.52 59.10 53.77
CA THR P 325 56.80 59.47 52.40
C THR P 325 55.54 59.25 51.57
N LEU P 326 55.37 60.07 50.54
CA LEU P 326 54.28 59.92 49.60
C LEU P 326 54.85 59.65 48.21
N VAL P 327 54.12 58.88 47.41
CA VAL P 327 54.63 58.34 46.16
C VAL P 327 53.97 59.05 44.97
N SER P 328 54.81 59.43 44.00
CA SER P 328 54.32 60.07 42.77
C SER P 328 53.59 59.08 41.87
N ASP P 329 54.13 57.87 41.71
CA ASP P 329 53.54 56.87 40.82
C ASP P 329 53.33 55.56 41.56
N ARG P 330 52.09 55.08 41.51
CA ARG P 330 51.72 53.86 42.22
C ARG P 330 52.61 52.69 41.83
N ASP P 331 52.88 52.56 40.53
CA ASP P 331 53.50 51.35 39.99
C ASP P 331 55.00 51.28 40.29
N GLU P 332 55.76 52.25 39.81
CA GLU P 332 57.22 52.11 39.75
C GLU P 332 57.86 51.70 41.06
N LEU P 333 57.09 51.75 42.15
CA LEU P 333 57.56 51.26 43.44
C LEU P 333 56.75 50.09 43.96
N TYR P 334 55.43 50.03 43.68
CA TYR P 334 54.61 48.96 44.23
C TYR P 334 54.95 47.63 43.59
N PHE P 335 55.13 47.59 42.27
CA PHE P 335 55.50 46.33 41.64
C PHE P 335 56.84 45.84 42.15
N ASP P 336 57.67 46.76 42.66
CA ASP P 336 58.97 46.38 43.19
C ASP P 336 58.82 45.43 44.37
N ALA P 337 58.08 45.86 45.38
CA ALA P 337 57.82 45.05 46.56
C ALA P 337 56.62 45.61 47.33
N VAL P 338 55.95 44.71 48.05
CA VAL P 338 54.82 45.10 48.89
C VAL P 338 55.37 45.91 50.06
N GLN P 339 54.67 46.97 50.42
CA GLN P 339 55.11 47.85 51.50
C GLN P 339 53.98 47.96 52.52
N SER P 340 54.37 48.17 53.77
CA SER P 340 53.43 48.24 54.88
C SER P 340 53.12 49.70 55.23
N PHE P 341 51.84 50.06 55.18
CA PHE P 341 51.36 51.39 55.51
C PHE P 341 50.73 51.46 56.90
N ILE P 342 50.63 52.68 57.40
CA ILE P 342 50.16 53.01 58.73
C ILE P 342 48.65 52.76 58.83
N VAL P 343 48.13 52.74 60.07
CA VAL P 343 46.70 52.50 60.25
C VAL P 343 45.96 53.79 59.94
N ALA P 344 44.74 53.67 59.44
CA ALA P 344 43.90 54.84 59.19
C ALA P 344 42.99 55.07 60.39
N SER P 345 43.11 56.25 61.02
CA SER P 345 42.30 56.57 62.17
C SER P 345 41.79 58.00 62.05
N GLN P 346 40.64 58.28 62.67
CA GLN P 346 40.07 59.61 62.58
C GLN P 346 40.89 60.65 63.33
N ALA P 347 41.83 60.22 64.17
CA ALA P 347 42.69 61.15 64.88
C ALA P 347 43.40 62.08 63.92
N ALA P 348 43.47 63.36 64.29
CA ALA P 348 44.06 64.35 63.40
C ALA P 348 45.51 64.00 63.10
N ALA P 349 46.26 63.58 64.11
CA ALA P 349 47.66 63.25 63.89
C ALA P 349 47.79 62.19 62.80
N THR P 350 47.04 61.09 62.94
CA THR P 350 47.05 60.00 61.97
C THR P 350 45.85 60.08 61.02
N LYS P 351 45.33 61.28 60.80
CA LYS P 351 44.23 61.45 59.85
C LYS P 351 44.54 60.81 58.51
N ALA P 352 43.64 59.94 58.07
CA ALA P 352 43.85 59.19 56.83
C ALA P 352 42.51 58.88 56.18
N SER P 353 42.58 58.44 54.92
CA SER P 353 41.41 58.07 54.13
C SER P 353 41.61 56.65 53.58
N ASN P 354 40.58 55.82 53.69
CA ASN P 354 40.65 54.45 53.22
C ASN P 354 40.63 54.38 51.69
N GLY P 355 41.14 53.28 51.16
CA GLY P 355 41.13 53.05 49.73
C GLY P 355 39.78 52.52 49.28
N PRO P 356 39.31 52.99 48.10
CA PRO P 356 38.01 52.52 47.60
C PRO P 356 38.04 51.10 47.04
N PHE P 357 39.16 50.64 46.51
CA PHE P 357 39.27 49.31 45.93
C PHE P 357 39.85 48.29 46.90
N ASN P 358 40.31 48.73 48.07
CA ASN P 358 40.85 47.84 49.08
C ASN P 358 39.81 46.85 49.59
N GLY P 359 40.30 45.68 50.01
CA GLY P 359 39.48 44.60 50.54
C GLY P 359 38.85 43.68 49.51
N GLU P 360 38.79 44.09 48.24
CA GLU P 360 38.21 43.26 47.20
C GLU P 360 39.17 42.16 46.73
N PHE P 361 40.47 42.36 46.91
CA PHE P 361 41.48 41.49 46.32
C PHE P 361 41.93 40.37 47.25
N ASP P 362 41.70 40.49 48.55
CA ASP P 362 42.23 39.51 49.50
C ASP P 362 41.86 38.09 49.08
N ARG P 363 40.61 37.88 48.67
CA ARG P 363 40.18 36.54 48.31
C ARG P 363 40.92 36.08 47.06
N MET P 364 41.15 36.99 46.14
CA MET P 364 41.64 36.64 44.81
C MET P 364 43.12 36.28 44.83
N ILE P 365 43.93 37.06 45.53
CA ILE P 365 45.37 36.89 45.43
C ILE P 365 45.82 35.57 46.03
N LEU P 366 45.16 35.13 47.09
CA LEU P 366 45.55 33.87 47.73
C LEU P 366 45.26 32.72 46.80
N ARG P 367 44.13 32.77 46.11
CA ARG P 367 43.81 31.74 45.12
C ARG P 367 44.75 31.80 43.92
N LEU P 368 45.17 33.01 43.52
CA LEU P 368 46.19 33.12 42.49
C LEU P 368 47.49 32.43 42.89
N HIS P 369 47.85 32.57 44.16
CA HIS P 369 49.06 31.91 44.62
C HIS P 369 48.85 30.41 44.69
N THR P 370 47.72 29.99 45.24
CA THR P 370 47.47 28.55 45.35
C THR P 370 47.64 27.92 43.99
N ARG P 371 47.00 28.48 42.96
CA ARG P 371 47.18 27.87 41.65
C ARG P 371 48.63 27.99 41.21
N LEU P 372 49.34 29.01 41.71
CA LEU P 372 50.78 29.06 41.45
C LEU P 372 51.47 27.94 42.19
N ALA P 373 51.02 27.66 43.42
CA ALA P 373 51.60 26.58 44.21
C ALA P 373 51.55 25.25 43.48
N ASP P 374 50.68 25.11 42.49
CA ASP P 374 50.50 23.83 41.80
C ASP P 374 51.79 23.44 41.11
N PRO P 375 52.38 22.29 41.45
CA PRO P 375 53.71 21.97 40.91
C PRO P 375 53.70 21.34 39.53
N ARG P 376 52.56 20.80 39.09
CA ARG P 376 52.50 20.13 37.80
C ARG P 376 52.37 21.10 36.65
N LEU P 377 51.89 22.32 36.90
CA LEU P 377 51.74 23.34 35.88
C LEU P 377 52.91 24.29 35.82
N GLN P 378 53.99 24.01 36.56
CA GLN P 378 55.07 24.99 36.66
C GLN P 378 55.80 25.13 35.34
N PHE P 379 55.83 24.08 34.53
CA PHE P 379 56.63 24.11 33.31
C PHE P 379 56.25 25.33 32.48
N LEU P 380 54.96 25.52 32.24
CA LEU P 380 54.54 26.64 31.41
C LEU P 380 54.73 27.96 32.13
N PHE P 381 54.61 27.97 33.45
CA PHE P 381 54.91 29.18 34.19
C PHE P 381 56.42 29.37 34.32
N TYR P 382 57.14 28.27 34.49
CA TYR P 382 58.59 28.31 34.70
C TYR P 382 59.27 27.41 33.67
N PRO P 383 59.10 27.69 32.38
CA PRO P 383 59.79 26.89 31.37
C PRO P 383 61.17 27.42 31.08
N LYS P 384 62.19 26.60 31.14
CA LYS P 384 63.57 27.06 30.99
C LYS P 384 64.41 25.88 30.55
N LYS P 385 65.57 26.19 29.98
CA LYS P 385 66.56 25.20 29.58
C LYS P 385 67.31 24.66 30.80
N GLU P 386 68.18 23.69 30.56
CA GLU P 386 69.06 23.21 31.63
C GLU P 386 69.91 24.33 32.20
N ASP P 387 70.28 25.31 31.36
CA ASP P 387 71.07 26.42 31.85
C ASP P 387 70.34 27.14 32.98
N GLY P 388 69.02 27.14 32.94
CA GLY P 388 68.23 27.74 33.98
C GLY P 388 67.89 29.19 33.76
N GLU P 389 68.24 29.75 32.60
CA GLU P 389 68.00 31.16 32.34
C GLU P 389 66.54 31.39 32.04
N ASP P 390 66.06 32.57 32.44
CA ASP P 390 64.68 32.93 32.18
C ASP P 390 64.50 33.29 30.72
N LEU P 391 63.25 33.21 30.25
CA LEU P 391 62.98 33.40 28.84
C LEU P 391 63.17 34.85 28.44
N ALA P 392 63.43 35.03 27.14
CA ALA P 392 63.43 36.34 26.50
C ALA P 392 62.71 36.18 25.17
N THR P 393 61.78 37.11 24.90
CA THR P 393 60.98 37.01 23.68
C THR P 393 61.85 36.97 22.42
N GLY P 394 63.10 37.37 22.52
CA GLY P 394 63.92 37.58 21.34
C GLY P 394 64.04 36.38 20.40
N ASP P 395 63.85 35.17 20.90
CA ASP P 395 64.16 33.98 20.09
C ASP P 395 62.92 33.51 19.35
N PHE P 396 61.91 33.05 20.09
CA PHE P 396 60.62 32.68 19.53
C PHE P 396 60.76 31.81 18.27
N ALA P 397 61.87 31.07 18.17
CA ALA P 397 62.15 30.29 16.97
C ALA P 397 62.26 28.81 17.29
N ASP P 398 63.14 28.43 18.22
CA ASP P 398 63.37 27.02 18.51
C ASP P 398 62.07 26.35 18.87
N VAL P 399 61.21 27.06 19.59
CA VAL P 399 59.94 26.50 20.02
C VAL P 399 59.15 26.04 18.82
N VAL P 400 59.01 26.94 17.86
CA VAL P 400 58.23 26.64 16.66
C VAL P 400 58.78 25.41 15.99
N ARG P 401 60.06 25.15 16.18
CA ARG P 401 60.66 24.09 15.39
C ARG P 401 60.34 22.72 15.95
N GLN P 402 59.98 22.64 17.23
CA GLN P 402 59.96 21.35 17.90
C GLN P 402 58.72 20.56 17.52
N PHE P 403 57.56 21.23 17.48
CA PHE P 403 56.32 20.53 17.14
C PHE P 403 56.41 19.93 15.74
N VAL P 404 56.93 20.70 14.78
CA VAL P 404 57.00 20.28 13.39
C VAL P 404 58.03 19.17 13.17
N GLY P 405 59.04 19.09 14.02
CA GLY P 405 60.04 18.05 13.93
C GLY P 405 61.37 18.47 13.34
N TYR P 406 61.46 19.67 12.78
CA TYR P 406 62.70 20.15 12.20
C TYR P 406 63.77 20.47 13.24
N MET P 407 63.42 20.48 14.54
CA MET P 407 64.43 20.65 15.57
C MET P 407 65.32 19.43 15.74
N THR P 408 64.78 18.23 15.54
CA THR P 408 65.56 17.00 15.60
C THR P 408 65.37 16.13 14.37
N LYS P 409 64.81 16.67 13.30
CA LYS P 409 64.65 15.94 12.05
C LYS P 409 63.86 14.67 12.30
N SER P 410 62.71 14.84 12.95
CA SER P 410 61.78 13.77 13.25
C SER P 410 60.56 13.91 12.35
N ASN P 411 60.34 12.91 11.51
CA ASN P 411 59.11 12.90 10.72
C ASN P 411 57.88 12.97 11.62
N VAL P 412 57.86 12.15 12.67
CA VAL P 412 56.73 12.04 13.57
C VAL P 412 57.07 12.72 14.89
N SER P 413 56.06 13.38 15.47
CA SER P 413 56.15 14.01 16.77
C SER P 413 54.92 13.66 17.58
N ILE P 414 55.14 13.11 18.77
CA ILE P 414 54.07 12.69 19.67
C ILE P 414 54.02 13.67 20.83
N ILE P 415 52.80 13.97 21.28
CA ILE P 415 52.57 14.80 22.45
C ILE P 415 51.66 14.04 23.40
N ASP P 416 52.07 13.97 24.67
CA ASP P 416 51.27 13.33 25.71
C ASP P 416 50.55 14.38 26.53
N LEU P 417 49.22 14.25 26.61
CA LEU P 417 48.38 15.23 27.24
C LEU P 417 47.76 14.72 28.53
N SER P 418 48.19 13.56 29.02
CA SER P 418 47.56 12.97 30.20
C SER P 418 47.75 13.85 31.41
N GLY P 419 49.00 14.24 31.69
CA GLY P 419 49.32 14.87 32.95
C GLY P 419 48.53 16.14 33.23
N ILE P 420 48.04 16.80 32.19
CA ILE P 420 47.42 18.12 32.30
C ILE P 420 46.04 17.97 32.89
N PRO P 421 45.72 18.63 34.03
CA PRO P 421 44.48 18.35 34.76
C PRO P 421 43.23 19.07 34.25
N PHE P 422 42.97 18.97 32.95
CA PHE P 422 41.68 19.27 32.31
C PHE P 422 41.19 20.69 32.52
N GLU P 423 41.98 21.57 33.12
CA GLU P 423 41.58 22.97 33.19
C GLU P 423 42.21 23.82 32.10
N VAL P 424 43.36 23.42 31.55
CA VAL P 424 44.11 24.24 30.61
C VAL P 424 44.45 23.41 29.38
N LEU P 425 43.78 22.27 29.24
CA LEU P 425 44.04 21.39 28.10
C LEU P 425 43.62 22.04 26.79
N SER P 426 42.38 22.52 26.74
CA SER P 426 41.89 23.20 25.56
C SER P 426 42.80 24.36 25.19
N ILE P 427 43.30 25.05 26.20
CA ILE P 427 44.08 26.26 25.97
C ILE P 427 45.44 25.89 25.41
N VAL P 428 45.98 24.77 25.85
CA VAL P 428 47.24 24.27 25.32
C VAL P 428 47.09 23.92 23.84
N VAL P 429 46.17 22.99 23.55
CA VAL P 429 45.94 22.58 22.17
C VAL P 429 45.68 23.79 21.28
N SER P 430 44.96 24.78 21.79
CA SER P 430 44.69 25.97 21.00
C SER P 430 45.98 26.67 20.64
N LEU P 431 46.85 26.89 21.62
CA LEU P 431 48.07 27.63 21.32
C LEU P 431 48.90 26.87 20.30
N ILE P 432 48.98 25.56 20.45
CA ILE P 432 49.78 24.73 19.56
C ILE P 432 49.29 24.88 18.12
N SER P 433 48.00 24.66 17.90
CA SER P 433 47.49 24.70 16.54
C SER P 433 47.55 26.11 15.96
N ARG P 434 47.33 27.13 16.79
CA ARG P 434 47.48 28.50 16.34
C ARG P 434 48.87 28.68 15.74
N MET P 435 49.89 28.23 16.48
CA MET P 435 51.27 28.38 16.01
C MET P 435 51.49 27.67 14.69
N ILE P 436 51.05 26.42 14.61
CA ILE P 436 51.35 25.62 13.42
C ILE P 436 50.66 26.19 12.18
N PHE P 437 49.38 26.57 12.30
CA PHE P 437 48.67 27.16 11.17
C PHE P 437 49.36 28.43 10.71
N ASP P 438 49.69 29.31 11.65
CA ASP P 438 50.32 30.55 11.24
C ASP P 438 51.61 30.25 10.50
N PHE P 439 52.28 29.16 10.87
CA PHE P 439 53.55 28.84 10.24
C PHE P 439 53.34 28.46 8.79
N GLY P 440 52.41 27.55 8.56
CA GLY P 440 52.08 27.19 7.18
C GLY P 440 51.64 28.38 6.35
N PHE P 441 50.84 29.27 6.93
CA PHE P 441 50.42 30.47 6.22
C PHE P 441 51.60 31.29 5.77
N HIS P 442 52.52 31.55 6.67
CA HIS P 442 53.62 32.43 6.30
C HIS P 442 54.49 31.74 5.25
N TYR P 443 54.69 30.43 5.38
CA TYR P 443 55.54 29.72 4.45
C TYR P 443 54.95 29.75 3.06
N SER P 444 53.64 29.56 2.95
CA SER P 444 53.02 29.56 1.64
C SER P 444 53.04 30.94 1.02
N LYS P 445 52.78 31.99 1.80
CA LYS P 445 52.76 33.33 1.25
C LYS P 445 54.15 33.75 0.78
N ASN P 446 55.16 33.42 1.58
CA ASN P 446 56.54 33.74 1.21
C ASN P 446 56.98 32.98 -0.03
N ARG P 447 56.62 31.70 -0.14
CA ARG P 447 56.95 30.97 -1.35
C ARG P 447 56.11 31.44 -2.54
N HIS P 448 54.93 32.00 -2.27
CA HIS P 448 54.10 32.56 -3.32
C HIS P 448 54.75 33.81 -3.88
N VAL P 449 55.52 34.51 -3.04
CA VAL P 449 56.31 35.62 -3.55
C VAL P 449 57.52 35.00 -4.25
N GLY P 450 57.93 33.84 -3.74
CA GLY P 450 58.93 32.95 -4.31
C GLY P 450 58.38 32.12 -5.45
N GLY P 451 57.06 32.16 -5.62
CA GLY P 451 56.38 31.41 -6.67
C GLY P 451 56.23 29.91 -6.53
N ALA P 452 55.92 29.42 -5.32
CA ALA P 452 55.81 27.98 -5.12
C ALA P 452 54.76 27.66 -4.05
N VAL P 453 54.45 26.37 -3.93
CA VAL P 453 53.54 25.80 -2.93
C VAL P 453 54.37 25.35 -1.73
N SER P 454 53.79 25.41 -0.54
CA SER P 454 54.52 24.93 0.62
C SER P 454 54.85 23.45 0.56
N ASP P 455 56.12 23.11 0.30
CA ASP P 455 56.47 21.71 0.23
C ASP P 455 56.55 21.09 1.62
N VAL P 456 56.30 21.87 2.66
CA VAL P 456 56.27 21.36 4.03
C VAL P 456 54.81 21.22 4.44
N PRO P 457 54.16 20.11 4.10
CA PRO P 457 52.84 19.83 4.63
C PRO P 457 52.88 19.29 6.05
N ILE P 458 51.74 19.37 6.69
CA ILE P 458 51.58 18.92 8.06
C ILE P 458 50.24 18.22 8.16
N LEU P 459 50.25 17.07 8.79
CA LEU P 459 49.03 16.40 9.21
C LEU P 459 48.98 16.33 10.72
N VAL P 460 47.82 16.64 11.27
CA VAL P 460 47.61 16.61 12.71
C VAL P 460 46.50 15.62 12.98
N VAL P 461 46.79 14.67 13.86
CA VAL P 461 45.88 13.58 14.16
C VAL P 461 45.35 13.82 15.55
N CYS P 462 44.03 13.70 15.69
CA CYS P 462 43.35 13.91 16.95
C CYS P 462 42.71 12.60 17.39
N GLU P 463 43.16 12.11 18.53
CA GLU P 463 42.67 10.88 19.14
C GLU P 463 41.98 11.24 20.45
N GLU P 464 40.82 10.62 20.66
CA GLU P 464 39.95 10.95 21.76
C GLU P 464 39.61 12.43 21.73
N ALA P 465 39.08 12.86 20.58
CA ALA P 465 38.98 14.28 20.31
C ALA P 465 37.93 14.92 21.21
N HIS P 466 36.92 14.15 21.60
CA HIS P 466 35.78 14.70 22.32
C HIS P 466 36.18 15.47 23.56
N ASN P 467 37.28 15.08 24.20
CA ASN P 467 37.70 15.74 25.42
C ASN P 467 37.81 17.25 25.22
N TYR P 468 38.23 17.67 24.03
CA TYR P 468 38.52 19.08 23.77
C TYR P 468 37.68 19.69 22.67
N LEU P 469 36.80 18.91 22.03
CA LEU P 469 35.85 19.44 21.04
C LEU P 469 34.42 19.04 21.38
N PRO P 470 33.89 19.53 22.49
CA PRO P 470 32.57 19.06 22.93
C PRO P 470 31.42 19.72 22.19
N ARG P 471 30.36 18.93 22.01
CA ARG P 471 29.11 19.45 21.47
C ARG P 471 28.54 20.55 22.36
N SER P 472 28.44 20.27 23.65
CA SER P 472 28.01 21.27 24.62
C SER P 472 29.01 22.42 24.63
N GLY P 473 28.58 23.58 24.13
CA GLY P 473 29.51 24.67 23.91
C GLY P 473 29.93 25.40 25.16
N GLY P 474 30.63 24.70 26.05
CA GLY P 474 31.17 25.34 27.22
C GLY P 474 32.05 26.52 26.85
N ALA P 475 32.02 27.56 27.68
CA ALA P 475 32.85 28.73 27.44
C ALA P 475 34.33 28.39 27.52
N ALA P 476 34.73 27.71 28.60
CA ALA P 476 36.14 27.35 28.78
C ALA P 476 36.66 26.50 27.63
N TYR P 477 35.81 25.65 27.09
CA TYR P 477 36.16 24.76 26.00
C TYR P 477 35.85 25.35 24.63
N ASP P 478 35.60 26.67 24.55
CA ASP P 478 35.33 27.27 23.25
C ASP P 478 36.62 27.60 22.48
N ALA P 479 37.67 28.04 23.17
CA ALA P 479 38.85 28.53 22.47
C ALA P 479 39.34 27.53 21.45
N SER P 480 39.59 26.30 21.90
CA SER P 480 40.08 25.27 20.99
C SER P 480 39.21 25.15 19.75
N ARG P 481 37.89 25.16 19.93
CA ARG P 481 37.00 24.95 18.79
C ARG P 481 37.26 25.99 17.72
N LYS P 482 37.58 27.21 18.13
CA LYS P 482 37.81 28.28 17.18
C LYS P 482 39.01 27.97 16.30
N SER P 483 40.08 27.47 16.91
CA SER P 483 41.31 27.23 16.17
C SER P 483 41.17 26.02 15.28
N ILE P 484 40.86 24.88 15.87
CA ILE P 484 40.77 23.64 15.10
C ILE P 484 39.82 23.80 13.93
N GLU P 485 38.68 24.44 14.16
CA GLU P 485 37.69 24.60 13.10
C GLU P 485 38.34 25.26 11.89
N ARG P 486 39.21 26.23 12.12
CA ARG P 486 39.86 26.93 11.04
C ARG P 486 40.56 25.96 10.11
N ILE P 487 41.27 24.98 10.67
CA ILE P 487 42.06 24.10 9.84
C ILE P 487 41.16 23.31 8.91
N ALA P 488 39.92 23.12 9.32
CA ALA P 488 38.98 22.36 8.50
C ALA P 488 38.45 23.22 7.36
N LYS P 489 38.30 24.51 7.61
CA LYS P 489 37.69 25.41 6.65
C LYS P 489 38.71 25.88 5.62
N GLU P 490 39.87 26.31 6.09
CA GLU P 490 40.83 27.06 5.31
C GLU P 490 42.21 26.41 5.23
N GLY P 491 42.28 25.09 5.24
CA GLY P 491 43.53 24.41 5.41
C GLY P 491 44.16 23.94 4.12
N ARG P 492 43.36 23.43 3.20
CA ARG P 492 43.93 22.78 2.03
C ARG P 492 44.82 23.74 1.26
N LYS P 493 44.53 25.04 1.32
CA LYS P 493 45.31 26.04 0.59
C LYS P 493 46.71 26.21 1.11
N TYR P 494 46.93 25.89 2.36
CA TYR P 494 48.15 26.26 3.03
C TYR P 494 49.04 25.07 3.28
N GLY P 495 48.49 23.96 3.73
CA GLY P 495 49.26 22.75 3.87
C GLY P 495 49.03 22.02 5.16
N VAL P 496 48.05 22.44 5.93
CA VAL P 496 47.72 21.79 7.20
C VAL P 496 46.44 21.01 7.04
N THR P 497 46.47 19.76 7.47
CA THR P 497 45.36 18.85 7.29
C THR P 497 45.06 18.13 8.59
N LEU P 498 43.81 17.69 8.71
CA LEU P 498 43.30 17.06 9.92
C LEU P 498 42.96 15.60 9.65
N MET P 499 43.20 14.78 10.66
CA MET P 499 42.62 13.45 10.75
C MET P 499 42.03 13.37 12.14
N VAL P 500 40.76 13.02 12.22
CA VAL P 500 39.99 13.14 13.45
C VAL P 500 39.38 11.79 13.77
N VAL P 501 39.67 11.27 14.97
CA VAL P 501 39.08 10.02 15.42
C VAL P 501 38.69 10.15 16.88
N SER P 502 37.53 9.58 17.21
CA SER P 502 36.92 9.74 18.51
C SER P 502 36.34 8.41 18.95
N GLN P 503 36.56 8.07 20.22
CA GLN P 503 35.92 6.90 20.79
C GLN P 503 34.42 7.13 20.95
N ARG P 504 34.02 8.35 21.28
CA ARG P 504 32.64 8.73 21.52
C ARG P 504 32.18 9.73 20.47
N PRO P 505 31.62 9.27 19.35
CA PRO P 505 31.25 10.20 18.27
C PRO P 505 30.29 11.31 18.65
N SER P 506 29.58 11.19 19.77
CA SER P 506 28.51 12.15 20.02
C SER P 506 29.05 13.49 20.51
N GLU P 507 29.92 13.45 21.51
CA GLU P 507 30.39 14.69 22.14
C GLU P 507 31.16 15.56 21.17
N VAL P 508 31.65 15.00 20.08
CA VAL P 508 32.51 15.75 19.16
C VAL P 508 31.59 16.60 18.28
N SER P 509 31.78 17.92 18.33
CA SER P 509 30.89 18.86 17.67
C SER P 509 30.63 18.50 16.21
N GLU P 510 29.53 19.04 15.68
CA GLU P 510 28.96 18.55 14.44
C GLU P 510 29.62 19.20 13.24
N THR P 511 30.13 20.41 13.40
CA THR P 511 30.68 21.13 12.26
C THR P 511 31.90 20.42 11.69
N ILE P 512 32.79 19.95 12.56
CA ILE P 512 34.06 19.41 12.09
C ILE P 512 33.82 18.25 11.16
N PHE P 513 32.93 17.34 11.56
CA PHE P 513 32.71 16.14 10.78
C PHE P 513 32.18 16.48 9.39
N SER P 514 31.66 17.69 9.22
CA SER P 514 30.96 18.03 7.99
C SER P 514 31.93 18.29 6.85
N GLN P 515 33.13 18.79 7.15
CA GLN P 515 34.09 19.13 6.11
C GLN P 515 34.69 17.90 5.49
N CYS P 516 34.82 16.82 6.26
CA CYS P 516 35.58 15.67 5.82
C CYS P 516 34.95 15.08 4.57
N SER P 517 35.76 14.40 3.77
CA SER P 517 35.31 13.82 2.51
C SER P 517 35.39 12.30 2.54
N ASN P 518 36.59 11.73 2.60
CA ASN P 518 36.70 10.29 2.63
C ASN P 518 36.43 9.78 4.04
N PHE P 519 36.05 8.51 4.14
CA PHE P 519 35.78 7.93 5.45
C PHE P 519 36.25 6.49 5.58
N ILE P 520 36.56 6.14 6.83
CA ILE P 520 36.77 4.77 7.32
C ILE P 520 36.05 4.70 8.66
N SER P 521 34.95 3.95 8.73
CA SER P 521 34.15 3.89 9.97
C SER P 521 34.25 2.51 10.65
N LEU P 522 34.52 2.52 11.96
CA LEU P 522 34.55 1.27 12.73
C LEU P 522 33.16 0.85 13.21
N ARG P 523 33.09 -0.40 13.66
CA ARG P 523 31.88 -0.94 14.25
C ARG P 523 31.41 -0.08 15.42
N LEU P 524 30.09 0.03 15.55
CA LEU P 524 29.48 1.07 16.38
C LEU P 524 28.28 0.43 17.07
N THR P 525 28.54 -0.18 18.23
CA THR P 525 27.50 -0.92 18.92
C THR P 525 26.44 0.01 19.50
N ASN P 526 26.87 1.11 20.11
CA ASN P 526 25.96 1.99 20.81
C ASN P 526 24.90 2.56 19.88
N ALA P 527 23.70 2.74 20.40
CA ALA P 527 22.58 3.20 19.59
C ALA P 527 22.61 4.72 19.43
N VAL P 528 22.83 5.42 20.54
CA VAL P 528 22.80 6.87 20.54
C VAL P 528 23.88 7.44 19.64
N ASP P 529 24.97 6.70 19.42
CA ASP P 529 26.04 7.16 18.55
C ASP P 529 25.82 6.74 17.12
N GLN P 530 25.17 5.60 16.90
CA GLN P 530 24.96 5.13 15.55
C GLN P 530 23.86 5.93 14.87
N THR P 531 22.86 6.40 15.61
CA THR P 531 21.89 7.29 15.00
C THR P 531 22.58 8.55 14.51
N TYR P 532 23.55 9.04 15.29
CA TYR P 532 24.29 10.24 14.92
C TYR P 532 25.14 9.99 13.68
N VAL P 533 25.96 8.94 13.71
CA VAL P 533 26.77 8.61 12.53
C VAL P 533 25.87 8.41 11.31
N LYS P 534 24.69 7.84 11.51
CA LYS P 534 23.77 7.65 10.39
C LYS P 534 23.26 8.99 9.89
N SER P 535 23.21 9.98 10.77
CA SER P 535 22.68 11.28 10.36
C SER P 535 23.72 12.12 9.64
N LEU P 536 24.97 12.06 10.10
CA LEU P 536 25.99 12.96 9.54
C LEU P 536 26.21 12.69 8.06
N LEU P 537 26.33 11.44 7.67
CA LEU P 537 26.51 11.08 6.28
C LEU P 537 25.35 10.21 5.85
N PRO P 538 24.52 10.65 4.91
CA PRO P 538 23.55 9.75 4.27
C PRO P 538 24.05 9.12 2.98
N ASP P 539 25.20 9.53 2.45
CA ASP P 539 25.63 8.97 1.17
C ASP P 539 25.72 7.45 1.21
N LEU P 540 26.13 6.87 2.33
CA LEU P 540 26.28 5.43 2.37
C LEU P 540 24.94 4.73 2.36
N SER P 541 24.81 3.79 1.44
CA SER P 541 23.54 3.13 1.17
C SER P 541 23.01 2.45 2.44
N ALA P 542 21.69 2.32 2.50
CA ALA P 542 21.05 1.78 3.71
C ALA P 542 21.49 0.35 3.95
N GLY P 543 21.59 -0.46 2.90
CA GLY P 543 22.08 -1.82 3.08
C GLY P 543 23.45 -1.84 3.72
N LEU P 544 24.33 -0.93 3.30
CA LEU P 544 25.60 -0.80 4.01
C LEU P 544 25.40 -0.26 5.42
N GLY P 545 24.40 0.61 5.63
CA GLY P 545 24.16 1.13 6.96
C GLY P 545 23.72 0.08 7.96
N ASP P 546 23.12 -1.01 7.49
CA ASP P 546 22.71 -2.09 8.38
C ASP P 546 23.89 -2.74 9.06
N LEU P 547 25.08 -2.66 8.45
CA LEU P 547 26.22 -3.47 8.89
C LEU P 547 26.80 -3.00 10.22
N LEU P 548 26.65 -1.72 10.56
CA LEU P 548 27.41 -1.12 11.66
C LEU P 548 27.46 -1.96 12.94
N PRO P 549 26.37 -2.61 13.36
CA PRO P 549 26.47 -3.48 14.53
C PRO P 549 27.16 -4.82 14.26
N ASN P 550 26.88 -5.45 13.12
CA ASN P 550 27.42 -6.78 12.81
C ASN P 550 28.68 -6.60 11.98
N LEU P 551 29.77 -6.27 12.66
CA LEU P 551 31.02 -5.92 12.02
C LEU P 551 32.15 -6.53 12.83
N ALA P 552 32.77 -7.56 12.27
CA ALA P 552 33.82 -8.29 12.94
C ALA P 552 35.02 -7.39 13.21
N GLN P 553 35.99 -7.96 13.93
CA GLN P 553 37.18 -7.24 14.30
C GLN P 553 38.04 -6.98 13.08
N GLY P 554 38.71 -5.82 13.07
CA GLY P 554 39.53 -5.46 11.94
C GLY P 554 38.76 -5.16 10.69
N GLU P 555 37.47 -4.90 10.79
CA GLU P 555 36.67 -4.50 9.64
C GLU P 555 36.26 -3.05 9.76
N PHE P 556 35.80 -2.50 8.64
CA PHE P 556 35.60 -1.06 8.52
C PHE P 556 34.60 -0.78 7.42
N LEU P 557 34.18 0.46 7.33
CA LEU P 557 33.44 0.97 6.18
C LEU P 557 34.34 1.97 5.46
N ILE P 558 33.88 2.47 4.32
CA ILE P 558 34.63 3.45 3.53
C ILE P 558 33.74 4.10 2.49
N VAL P 559 34.03 5.36 2.15
CA VAL P 559 33.31 6.11 1.12
C VAL P 559 34.04 7.40 0.78
N GLY P 560 34.04 7.78 -0.50
CA GLY P 560 34.60 9.03 -0.95
C GLY P 560 35.29 8.91 -2.29
N ASP P 561 36.07 9.93 -2.63
CA ASP P 561 36.78 9.97 -3.91
C ASP P 561 37.89 8.93 -3.96
N ALA P 562 38.77 8.90 -2.95
CA ALA P 562 39.94 8.01 -2.97
C ALA P 562 39.62 6.67 -3.59
N PRO P 563 38.55 5.99 -3.22
CA PRO P 563 38.16 4.77 -3.92
C PRO P 563 37.39 5.14 -5.17
N LEU P 564 37.60 4.34 -6.22
CA LEU P 564 36.86 4.58 -7.46
C LEU P 564 35.37 4.29 -7.27
N MET P 565 35.05 3.16 -6.68
CA MET P 565 33.69 2.83 -6.27
C MET P 565 33.66 2.44 -4.81
N PRO P 566 32.50 2.55 -4.16
CA PRO P 566 32.42 2.21 -2.74
C PRO P 566 32.77 0.74 -2.52
N THR P 567 33.29 0.42 -1.35
CA THR P 567 33.95 -0.86 -1.14
C THR P 567 33.90 -1.23 0.34
N VAL P 568 34.59 -2.33 0.68
CA VAL P 568 34.61 -2.89 2.02
C VAL P 568 35.92 -3.62 2.20
N GLY P 569 36.26 -3.94 3.45
CA GLY P 569 37.39 -4.83 3.68
C GLY P 569 37.76 -5.05 5.12
N HIS P 570 39.03 -5.39 5.36
CA HIS P 570 39.49 -5.66 6.71
C HIS P 570 40.94 -5.26 6.81
N PHE P 571 41.47 -5.30 8.03
CA PHE P 571 42.79 -4.79 8.33
C PHE P 571 43.71 -5.95 8.69
N ALA P 572 44.91 -5.93 8.14
CA ALA P 572 45.99 -6.74 8.69
C ALA P 572 46.32 -6.26 10.09
N LEU P 573 46.86 -7.16 10.90
CA LEU P 573 47.24 -6.72 12.23
C LEU P 573 48.66 -6.16 12.21
N PRO P 574 48.93 -5.07 12.92
CA PRO P 574 50.25 -4.43 12.82
C PRO P 574 51.27 -4.99 13.80
N VAL P 575 52.52 -4.63 13.54
CA VAL P 575 53.62 -4.94 14.45
C VAL P 575 54.57 -3.75 14.47
N PRO P 576 54.85 -3.15 15.63
CA PRO P 576 54.32 -3.49 16.94
C PRO P 576 52.88 -3.07 17.18
N GLU P 577 52.24 -3.73 18.10
CA GLU P 577 50.91 -3.36 18.56
C GLU P 577 51.02 -2.18 19.53
N PRO P 578 50.14 -1.19 19.42
CA PRO P 578 50.24 -0.04 20.32
C PRO P 578 49.63 -0.30 21.68
N HIS P 579 50.35 0.12 22.71
CA HIS P 579 49.91 -0.01 24.10
C HIS P 579 50.55 1.05 24.99
N ASP P 597 37.02 14.87 52.71
CA ASP P 597 37.37 16.26 52.45
C ASP P 597 36.17 17.05 51.93
N PHE P 598 34.97 16.47 52.06
CA PHE P 598 33.77 17.12 51.54
C PHE P 598 33.68 18.58 51.96
N ASP P 599 34.14 18.90 53.17
CA ASP P 599 34.09 20.29 53.61
C ASP P 599 34.96 21.18 52.73
N SER P 600 35.96 20.62 52.08
CA SER P 600 36.83 21.39 51.21
C SER P 600 36.19 21.68 49.87
N VAL P 601 35.43 20.73 49.32
CA VAL P 601 34.88 20.92 47.98
C VAL P 601 33.99 22.15 47.93
N ILE P 602 33.31 22.49 49.02
CA ILE P 602 32.48 23.69 49.01
C ILE P 602 33.37 24.92 48.86
N ASP P 603 34.52 24.92 49.53
CA ASP P 603 35.39 26.09 49.50
C ASP P 603 35.69 26.47 48.05
N ARG P 604 35.94 25.47 47.21
CA ARG P 604 36.12 25.68 45.79
C ARG P 604 34.85 26.24 45.16
N TRP P 605 33.72 26.06 45.81
CA TRP P 605 32.41 26.45 45.29
C TRP P 605 31.83 27.60 46.11
N MET Q 1 30.40 -27.56 21.33
CA MET Q 1 31.34 -28.67 21.45
C MET Q 1 30.66 -29.99 21.80
N PRO Q 2 29.78 -29.99 22.79
CA PRO Q 2 29.11 -31.24 23.17
C PRO Q 2 28.25 -31.80 22.06
N ASP Q 3 27.73 -32.99 22.31
CA ASP Q 3 26.76 -33.58 21.40
C ASP Q 3 25.52 -32.70 21.35
N LEU Q 4 25.08 -32.36 20.16
CA LEU Q 4 24.00 -31.42 19.98
C LEU Q 4 22.65 -32.09 19.76
N GLY Q 5 22.60 -33.42 19.77
CA GLY Q 5 21.35 -34.11 19.65
C GLY Q 5 20.91 -34.38 18.24
N THR Q 6 19.61 -34.48 18.04
CA THR Q 6 19.04 -34.84 16.77
C THR Q 6 18.22 -33.70 16.18
N PRO Q 7 18.36 -33.44 14.89
CA PRO Q 7 17.81 -32.21 14.30
C PRO Q 7 16.32 -32.08 14.49
N ILE Q 8 15.88 -30.84 14.68
CA ILE Q 8 14.46 -30.54 14.71
C ILE Q 8 13.90 -30.34 13.31
N GLY Q 9 14.70 -29.82 12.39
CA GLY Q 9 14.19 -29.55 11.07
C GLY Q 9 15.27 -29.11 10.12
N SER Q 10 14.84 -28.61 8.97
CA SER Q 10 15.71 -28.37 7.83
C SER Q 10 15.39 -27.02 7.20
N VAL Q 11 16.40 -26.43 6.58
CA VAL Q 11 16.25 -25.16 5.90
C VAL Q 11 15.49 -25.34 4.60
N THR Q 12 14.58 -24.41 4.33
CA THR Q 12 13.87 -24.33 3.06
C THR Q 12 14.23 -23.11 2.24
N ASP Q 13 14.39 -21.96 2.89
CA ASP Q 13 14.83 -20.75 2.23
C ASP Q 13 15.87 -20.06 3.09
N SER Q 14 16.81 -19.41 2.42
CA SER Q 14 17.93 -18.75 3.07
C SER Q 14 18.20 -17.42 2.39
N SER Q 15 18.98 -16.61 3.08
CA SER Q 15 19.27 -15.25 2.68
C SER Q 15 20.21 -14.68 3.74
N PRO Q 16 20.89 -13.55 3.48
CA PRO Q 16 21.74 -12.98 4.53
C PRO Q 16 20.97 -12.51 5.73
N SER Q 17 19.69 -12.21 5.57
CA SER Q 17 18.90 -11.57 6.60
C SER Q 17 17.75 -12.43 7.10
N LEU Q 18 17.52 -13.61 6.52
CA LEU Q 18 16.41 -14.47 6.94
C LEU Q 18 16.70 -15.92 6.61
N ILE Q 19 16.38 -16.80 7.56
CA ILE Q 19 16.40 -18.24 7.34
C ILE Q 19 15.05 -18.79 7.76
N ARG Q 20 14.49 -19.67 6.94
CA ARG Q 20 13.18 -20.27 7.20
C ARG Q 20 13.34 -21.77 7.36
N ILE Q 21 12.87 -22.30 8.49
CA ILE Q 21 12.99 -23.70 8.82
C ILE Q 21 11.61 -24.31 8.92
N GLU Q 22 11.52 -25.59 8.57
CA GLU Q 22 10.25 -26.29 8.46
C GLU Q 22 10.30 -27.60 9.23
N ILE Q 23 9.31 -27.81 10.09
CA ILE Q 23 9.09 -29.07 10.78
C ILE Q 23 7.79 -29.68 10.30
N SER Q 24 7.81 -31.01 10.15
CA SER Q 24 6.71 -31.76 9.57
C SER Q 24 6.13 -32.80 10.51
N SER Q 25 6.71 -33.00 11.69
CA SER Q 25 6.24 -33.99 12.64
C SER Q 25 5.80 -33.31 13.93
N ALA Q 26 4.57 -33.61 14.34
CA ALA Q 26 4.00 -32.98 15.52
C ALA Q 26 4.71 -33.42 16.79
N GLU Q 27 5.11 -34.69 16.85
CA GLU Q 27 5.75 -35.21 18.05
C GLU Q 27 7.02 -34.44 18.38
N ASP Q 28 7.86 -34.19 17.37
CA ASP Q 28 9.12 -33.48 17.63
C ASP Q 28 8.83 -32.08 18.14
N PHE Q 29 7.91 -31.38 17.49
CA PHE Q 29 7.60 -30.03 17.88
C PHE Q 29 7.07 -30.00 19.30
N GLU Q 30 6.22 -30.95 19.67
CA GLU Q 30 5.74 -30.95 21.03
C GLU Q 30 6.87 -31.29 21.99
N LYS Q 31 7.84 -32.07 21.52
CA LYS Q 31 8.95 -32.48 22.37
C LYS Q 31 9.77 -31.26 22.78
N TYR Q 32 10.00 -30.34 21.84
CA TYR Q 32 10.85 -29.19 22.08
C TYR Q 32 10.10 -27.86 22.07
N LYS Q 33 8.77 -27.87 22.19
CA LYS Q 33 7.99 -26.65 22.17
C LYS Q 33 8.48 -25.63 23.19
N SER Q 34 9.01 -26.10 24.31
CA SER Q 34 9.45 -25.20 25.36
C SER Q 34 10.61 -24.34 24.92
N MET Q 35 11.42 -24.85 24.00
CA MET Q 35 12.68 -24.22 23.61
C MET Q 35 12.61 -23.60 22.23
N LEU Q 36 11.41 -23.36 21.71
CA LEU Q 36 11.23 -22.83 20.36
C LEU Q 36 10.39 -21.55 20.35
N GLY Q 37 10.31 -20.88 21.48
CA GLY Q 37 9.60 -19.62 21.54
C GLY Q 37 10.41 -18.46 21.02
N VAL Q 38 9.71 -17.36 20.77
CA VAL Q 38 10.36 -16.15 20.32
C VAL Q 38 11.36 -15.67 21.35
N GLY Q 39 12.50 -15.19 20.87
CA GLY Q 39 13.58 -14.75 21.70
C GLY Q 39 14.67 -15.79 21.90
N GLN Q 40 14.34 -17.06 21.77
CA GLN Q 40 15.28 -18.14 21.99
C GLN Q 40 16.09 -18.41 20.73
N TYR Q 41 17.20 -19.10 20.92
CA TYR Q 41 18.26 -19.19 19.95
C TYR Q 41 18.37 -20.59 19.36
N LEU Q 42 18.78 -20.67 18.10
CA LEU Q 42 18.97 -21.92 17.39
C LEU Q 42 20.32 -21.95 16.72
N LEU Q 43 20.79 -23.17 16.44
CA LEU Q 43 22.08 -23.41 15.82
C LEU Q 43 21.89 -24.09 14.47
N VAL Q 44 22.41 -23.47 13.42
CA VAL Q 44 22.26 -23.94 12.05
C VAL Q 44 23.65 -24.28 11.51
N ALA Q 45 23.72 -25.32 10.70
CA ALA Q 45 24.99 -25.75 10.14
C ALA Q 45 25.27 -25.07 8.81
N SER Q 46 26.51 -24.60 8.66
CA SER Q 46 26.99 -24.00 7.43
C SER Q 46 28.36 -24.59 7.16
N GLY Q 47 28.37 -25.77 6.54
CA GLY Q 47 29.59 -26.47 6.27
C GLY Q 47 30.02 -27.35 7.42
N ASN Q 48 31.07 -28.11 7.19
CA ASN Q 48 31.66 -28.90 8.24
C ASN Q 48 32.42 -28.01 9.21
N ASN Q 49 32.20 -28.24 10.51
CA ASN Q 49 32.97 -27.58 11.55
C ASN Q 49 32.70 -26.08 11.61
N LEU Q 50 31.42 -25.72 11.67
CA LEU Q 50 31.00 -24.33 11.79
C LEU Q 50 29.51 -24.31 12.07
N TYR Q 51 29.09 -23.44 12.98
CA TYR Q 51 27.68 -23.28 13.27
C TYR Q 51 27.34 -21.81 13.33
N LEU Q 52 26.09 -21.49 13.04
CA LEU Q 52 25.57 -20.14 13.10
C LEU Q 52 24.44 -20.06 14.11
N LEU Q 53 24.41 -18.97 14.86
CA LEU Q 53 23.35 -18.72 15.82
C LEU Q 53 22.31 -17.79 15.24
N ALA Q 54 21.05 -18.11 15.48
CA ALA Q 54 19.96 -17.34 14.94
C ALA Q 54 18.91 -17.14 16.01
N SER Q 55 18.16 -16.07 15.87
CA SER Q 55 17.12 -15.66 16.80
C SER Q 55 15.77 -15.82 16.15
N ILE Q 56 14.83 -16.40 16.88
CA ILE Q 56 13.50 -16.64 16.36
C ILE Q 56 12.74 -15.33 16.33
N THR Q 57 12.10 -15.06 15.21
CA THR Q 57 11.26 -13.90 15.05
C THR Q 57 9.82 -14.25 14.78
N GLY Q 58 9.52 -15.50 14.43
CA GLY Q 58 8.17 -15.91 14.14
C GLY Q 58 7.97 -17.40 14.02
N VAL Q 59 6.76 -17.85 14.34
CA VAL Q 59 6.37 -19.25 14.31
C VAL Q 59 4.96 -19.33 13.76
N ARG Q 60 4.75 -20.21 12.79
CA ARG Q 60 3.45 -20.45 12.19
C ARG Q 60 3.18 -21.93 12.13
N ALA Q 61 1.92 -22.33 12.37
CA ALA Q 61 1.54 -23.73 12.41
C ALA Q 61 0.24 -23.92 11.67
N THR Q 62 0.24 -24.81 10.68
CA THR Q 62 -0.93 -25.03 9.86
C THR Q 62 -1.05 -26.49 9.48
N HIS Q 63 -2.27 -27.00 9.49
CA HIS Q 63 -2.58 -28.39 9.17
C HIS Q 63 -3.49 -28.36 7.97
N VAL Q 64 -3.05 -28.93 6.85
CA VAL Q 64 -3.77 -28.86 5.59
C VAL Q 64 -3.74 -30.22 4.93
N GLU Q 65 -4.85 -30.59 4.30
CA GLU Q 65 -5.00 -31.90 3.68
C GLU Q 65 -5.29 -31.75 2.20
N ARG Q 66 -4.58 -32.50 1.37
CA ARG Q 66 -4.75 -32.52 -0.08
C ARG Q 66 -4.30 -33.87 -0.66
N ASN Q 87 0.64 -33.09 5.77
CA ASN Q 87 -0.25 -33.21 6.92
C ASN Q 87 -0.12 -32.05 7.90
N PHE Q 88 1.06 -31.89 8.51
CA PHE Q 88 1.37 -30.77 9.39
C PHE Q 88 2.49 -29.92 8.83
N ARG Q 89 2.43 -28.62 9.10
CA ARG Q 89 3.48 -27.68 8.73
C ARG Q 89 3.78 -26.74 9.87
N PHE Q 90 5.06 -26.61 10.21
CA PHE Q 90 5.51 -25.66 11.22
C PHE Q 90 6.65 -24.87 10.60
N GLN Q 91 6.50 -23.55 10.58
CA GLN Q 91 7.49 -22.66 10.01
C GLN Q 91 8.11 -21.79 11.10
N ILE Q 92 9.42 -21.62 11.04
CA ILE Q 92 10.17 -20.81 11.98
C ILE Q 92 11.07 -19.87 11.20
N ASP Q 93 10.94 -18.58 11.49
CA ASP Q 93 11.70 -17.53 10.81
C ASP Q 93 12.79 -17.01 11.74
N THR Q 94 14.00 -16.86 11.21
CA THR Q 94 15.18 -16.60 12.02
C THR Q 94 16.06 -15.53 11.39
N GLN Q 95 16.78 -14.82 12.25
CA GLN Q 95 17.64 -13.70 11.88
C GLN Q 95 19.02 -13.88 12.49
N PRO Q 96 20.07 -14.04 11.69
CA PRO Q 96 21.37 -14.41 12.25
C PRO Q 96 22.01 -13.32 13.09
N ILE Q 97 22.82 -13.76 14.03
CA ILE Q 97 23.46 -12.89 15.01
C ILE Q 97 24.97 -13.09 15.02
N GLY Q 98 25.43 -14.27 14.64
CA GLY Q 98 26.85 -14.54 14.67
C GLY Q 98 27.13 -16.01 14.43
N THR Q 99 28.40 -16.36 14.56
CA THR Q 99 28.88 -17.70 14.30
C THR Q 99 29.64 -18.25 15.49
N LEU Q 100 29.69 -19.57 15.53
CA LEU Q 100 30.28 -20.31 16.63
C LEU Q 100 30.97 -21.54 16.07
N SER Q 101 32.29 -21.53 16.08
CA SER Q 101 33.08 -22.65 15.60
C SER Q 101 32.98 -23.82 16.56
N GLU Q 102 33.50 -24.97 16.11
CA GLU Q 102 33.39 -26.18 16.92
C GLU Q 102 34.22 -26.04 18.20
N ASP Q 103 35.43 -25.52 18.09
CA ASP Q 103 36.31 -25.41 19.25
C ASP Q 103 35.67 -24.61 20.38
N GLY Q 104 34.78 -23.68 20.04
CA GLY Q 104 34.00 -22.98 21.05
C GLY Q 104 34.17 -21.49 21.05
N GLU Q 105 34.58 -20.95 19.90
CA GLU Q 105 34.77 -19.52 19.74
C GLU Q 105 33.55 -18.90 19.09
N PHE Q 106 33.20 -17.71 19.55
CA PHE Q 106 32.06 -16.97 19.05
C PHE Q 106 32.54 -15.69 18.39
N SER Q 107 31.92 -15.35 17.28
CA SER Q 107 32.21 -14.10 16.60
C SER Q 107 30.93 -13.52 16.04
N ARG Q 108 30.71 -12.25 16.34
CA ARG Q 108 29.61 -11.50 15.79
C ARG Q 108 29.86 -11.11 14.35
N GLY Q 109 28.84 -11.25 13.52
CA GLY Q 109 28.90 -10.84 12.14
C GLY Q 109 29.20 -11.95 11.17
N SER Q 110 28.17 -12.43 10.49
CA SER Q 110 28.31 -13.55 9.57
C SER Q 110 27.81 -13.13 8.20
N HIS Q 111 28.71 -13.15 7.23
CA HIS Q 111 28.35 -12.90 5.85
C HIS Q 111 28.08 -14.20 5.10
N SER Q 112 28.11 -15.33 5.82
CA SER Q 112 27.93 -16.63 5.21
C SER Q 112 26.46 -16.85 4.85
N LEU Q 113 26.22 -17.89 4.06
CA LEU Q 113 24.89 -18.25 3.61
C LEU Q 113 24.65 -19.75 3.67
N PRO Q 114 23.81 -20.21 4.58
CA PRO Q 114 23.49 -21.65 4.61
C PRO Q 114 22.72 -22.09 3.38
N VAL Q 115 23.05 -23.28 2.91
CA VAL Q 115 22.38 -23.84 1.74
C VAL Q 115 21.25 -24.73 2.23
N PRO Q 116 20.15 -24.80 1.51
CA PRO Q 116 19.06 -25.70 1.89
C PRO Q 116 19.51 -27.14 2.10
N THR Q 117 18.67 -27.90 2.80
CA THR Q 117 18.88 -29.27 3.24
C THR Q 117 19.71 -29.35 4.51
N GLU Q 118 20.16 -28.23 5.06
CA GLU Q 118 20.95 -28.27 6.27
C GLU Q 118 20.06 -28.47 7.49
N TYR Q 119 20.69 -28.57 8.65
CA TYR Q 119 20.04 -29.03 9.86
C TYR Q 119 19.99 -27.92 10.89
N ALA Q 120 18.99 -27.96 11.75
CA ALA Q 120 18.83 -27.02 12.84
C ALA Q 120 18.79 -27.78 14.15
N TYR Q 121 19.37 -27.17 15.19
CA TYR Q 121 19.45 -27.76 16.51
C TYR Q 121 19.06 -26.73 17.56
N VAL Q 122 18.60 -27.23 18.70
CA VAL Q 122 18.27 -26.42 19.86
C VAL Q 122 19.53 -26.19 20.67
N THR Q 123 19.64 -24.99 21.24
CA THR Q 123 20.85 -24.61 21.94
C THR Q 123 20.85 -25.20 23.34
N PRO Q 124 21.77 -26.11 23.67
CA PRO Q 124 21.89 -26.56 25.04
C PRO Q 124 22.46 -25.46 25.92
N PRO Q 125 21.94 -25.30 27.14
CA PRO Q 125 22.32 -24.12 27.93
C PRO Q 125 23.78 -24.10 28.32
N ALA Q 126 24.40 -25.25 28.53
CA ALA Q 126 25.82 -25.28 28.88
C ALA Q 126 26.64 -24.42 27.93
N VAL Q 127 26.30 -24.45 26.64
CA VAL Q 127 27.05 -23.71 25.65
C VAL Q 127 26.92 -22.22 25.91
N LEU Q 128 25.73 -21.78 26.31
CA LEU Q 128 25.49 -20.37 26.58
C LEU Q 128 26.17 -19.93 27.87
N GLU Q 129 26.10 -20.77 28.90
CA GLU Q 129 26.85 -20.52 30.11
C GLU Q 129 28.33 -20.31 29.82
N GLY Q 130 28.88 -21.11 28.91
CA GLY Q 130 30.28 -20.94 28.58
C GLY Q 130 30.54 -19.65 27.82
N ILE Q 131 29.75 -19.41 26.78
CA ILE Q 131 29.88 -18.17 26.02
C ILE Q 131 29.85 -16.97 26.95
N PHE Q 132 29.04 -17.04 28.01
CA PHE Q 132 29.00 -15.93 28.95
C PHE Q 132 30.26 -15.89 29.80
N SER Q 133 30.60 -17.00 30.44
CA SER Q 133 31.71 -17.01 31.38
C SER Q 133 33.01 -16.60 30.72
N HIS Q 134 33.14 -16.79 29.42
CA HIS Q 134 34.42 -16.66 28.75
C HIS Q 134 34.60 -15.33 28.02
N GLN Q 135 33.59 -14.47 28.00
CA GLN Q 135 33.69 -13.27 27.18
C GLN Q 135 33.10 -12.03 27.85
N ILE Q 136 32.92 -12.03 29.17
CA ILE Q 136 32.38 -10.89 29.89
C ILE Q 136 33.43 -10.45 30.89
N LYS Q 137 33.61 -9.13 31.00
CA LYS Q 137 34.70 -8.55 31.78
C LYS Q 137 34.29 -8.34 33.24
N SER Q 138 33.24 -7.56 33.46
CA SER Q 138 32.78 -7.20 34.79
C SER Q 138 31.42 -7.82 35.07
N PRO Q 139 31.37 -9.13 35.31
CA PRO Q 139 30.10 -9.81 35.49
C PRO Q 139 29.13 -9.10 36.43
N PHE Q 140 27.86 -9.12 36.05
CA PHE Q 140 26.77 -8.57 36.83
C PHE Q 140 25.56 -9.45 36.61
N ALA Q 141 25.12 -10.13 37.66
CA ALA Q 141 24.01 -11.04 37.59
C ALA Q 141 22.70 -10.28 37.68
N LEU Q 142 21.90 -10.33 36.61
CA LEU Q 142 20.61 -9.66 36.60
C LEU Q 142 19.44 -10.63 36.56
N GLY Q 143 19.67 -11.89 36.90
CA GLY Q 143 18.59 -12.83 37.01
C GLY Q 143 18.93 -14.17 36.43
N THR Q 144 17.91 -14.87 35.96
CA THR Q 144 18.04 -16.19 35.38
C THR Q 144 17.31 -16.22 34.05
N LEU Q 145 17.74 -17.13 33.19
CA LEU Q 145 17.12 -17.32 31.89
C LEU Q 145 15.76 -17.98 32.07
N GLY Q 146 14.95 -17.96 31.01
CA GLY Q 146 13.62 -18.51 31.12
C GLY Q 146 13.54 -20.00 30.98
N ILE Q 147 14.20 -20.55 29.95
CA ILE Q 147 14.15 -21.99 29.72
C ILE Q 147 14.73 -22.74 30.92
N SER Q 148 15.79 -22.20 31.52
CA SER Q 148 16.48 -22.89 32.61
C SER Q 148 16.67 -21.94 33.78
N PRO Q 149 16.05 -22.19 34.93
CA PRO Q 149 16.28 -21.36 36.12
C PRO Q 149 17.70 -21.43 36.68
N ASP Q 150 18.41 -22.54 36.50
CA ASP Q 150 19.72 -22.67 37.15
C ASP Q 150 20.70 -21.65 36.62
N ILE Q 151 20.68 -21.37 35.34
CA ILE Q 151 21.68 -20.49 34.75
C ILE Q 151 21.37 -19.04 35.07
N LYS Q 152 22.41 -18.24 35.13
CA LYS Q 152 22.34 -16.86 35.62
C LYS Q 152 22.73 -15.92 34.49
N LEU Q 153 21.84 -15.00 34.15
CA LEU Q 153 22.10 -14.04 33.11
C LEU Q 153 23.09 -12.99 33.61
N LYS Q 154 24.19 -12.84 32.90
CA LYS Q 154 25.29 -11.99 33.30
C LYS Q 154 25.53 -10.94 32.23
N ILE Q 155 25.67 -9.69 32.65
CA ILE Q 155 25.96 -8.58 31.76
C ILE Q 155 27.12 -7.78 32.32
N ASP Q 156 27.69 -6.94 31.46
CA ASP Q 156 28.76 -6.04 31.85
C ASP Q 156 28.24 -4.90 32.72
N GLY Q 157 28.73 -4.81 33.94
CA GLY Q 157 28.24 -3.82 34.87
C GLY Q 157 28.83 -2.46 34.60
N ASP Q 158 30.11 -2.42 34.23
CA ASP Q 158 30.75 -1.15 33.95
C ASP Q 158 30.01 -0.37 32.88
N ARG Q 159 29.49 -1.08 31.88
CA ARG Q 159 28.76 -0.43 30.80
C ARG Q 159 27.32 -0.17 31.17
N PHE Q 160 26.80 -0.88 32.16
CA PHE Q 160 25.42 -0.73 32.57
C PHE Q 160 25.26 0.50 33.45
N PHE Q 161 26.01 0.54 34.56
CA PHE Q 161 25.91 1.60 35.54
C PHE Q 161 26.84 2.77 35.25
N SER Q 162 27.30 2.92 34.01
CA SER Q 162 28.06 4.08 33.59
C SER Q 162 27.34 4.85 32.49
N LYS Q 163 26.06 4.58 32.28
CA LYS Q 163 25.30 5.21 31.22
C LYS Q 163 23.85 5.25 31.64
N HIS Q 164 23.03 5.86 30.80
CA HIS Q 164 21.65 6.13 31.11
C HIS Q 164 20.75 4.92 30.83
N VAL Q 165 19.83 4.64 31.74
CA VAL Q 165 19.05 3.41 31.77
C VAL Q 165 17.56 3.70 31.84
N ALA Q 166 16.77 2.76 31.32
CA ALA Q 166 15.32 2.87 31.21
C ALA Q 166 14.64 1.59 31.66
N VAL Q 167 13.50 1.74 32.34
CA VAL Q 167 12.69 0.63 32.81
C VAL Q 167 11.23 0.93 32.54
N VAL Q 168 10.59 0.10 31.71
CA VAL Q 168 9.23 0.32 31.26
C VAL Q 168 8.39 -0.92 31.48
N GLY Q 169 7.14 -0.71 31.84
CA GLY Q 169 6.22 -1.79 32.14
C GLY Q 169 4.87 -1.23 32.50
N SER Q 170 3.91 -2.14 32.63
CA SER Q 170 2.52 -1.80 32.86
C SER Q 170 2.06 -2.28 34.22
N THR Q 171 0.97 -1.70 34.69
CA THR Q 171 0.45 -2.05 36.00
C THR Q 171 0.24 -3.56 36.08
N GLY Q 172 0.50 -4.11 37.26
CA GLY Q 172 0.37 -5.52 37.46
C GLY Q 172 1.50 -6.36 36.92
N SER Q 173 2.68 -5.79 36.74
CA SER Q 173 3.76 -6.46 36.05
C SER Q 173 5.05 -6.54 36.84
N GLY Q 174 5.11 -6.00 38.04
CA GLY Q 174 6.25 -6.19 38.90
C GLY Q 174 7.40 -5.25 38.68
N LYS Q 175 7.14 -4.00 38.30
CA LYS Q 175 8.23 -3.05 38.13
C LYS Q 175 8.96 -2.80 39.44
N SER Q 176 8.21 -2.41 40.46
CA SER Q 176 8.82 -1.93 41.69
C SER Q 176 9.72 -2.98 42.30
N CYS Q 177 9.25 -4.22 42.36
CA CYS Q 177 10.07 -5.30 42.87
C CYS Q 177 11.37 -5.42 42.08
N ALA Q 178 11.27 -5.30 40.76
CA ALA Q 178 12.43 -5.44 39.91
C ALA Q 178 13.45 -4.36 40.18
N VAL Q 179 13.00 -3.11 40.19
CA VAL Q 179 13.88 -2.00 40.47
C VAL Q 179 14.53 -2.15 41.83
N ALA Q 180 13.77 -2.63 42.81
CA ALA Q 180 14.32 -2.85 44.13
C ALA Q 180 15.47 -3.83 44.07
N LYS Q 181 15.26 -4.99 43.44
CA LYS Q 181 16.32 -5.96 43.36
C LYS Q 181 17.52 -5.42 42.58
N ILE Q 182 17.26 -4.59 41.57
CA ILE Q 182 18.32 -4.09 40.73
C ILE Q 182 19.23 -3.17 41.52
N LEU Q 183 18.64 -2.36 42.40
CA LEU Q 183 19.46 -1.49 43.24
C LEU Q 183 20.11 -2.25 44.38
N GLN Q 184 19.42 -3.26 44.89
CA GLN Q 184 19.97 -4.07 45.95
C GLN Q 184 21.26 -4.74 45.51
N THR Q 185 21.24 -5.33 44.32
CA THR Q 185 22.45 -5.96 43.79
C THR Q 185 23.60 -4.97 43.78
N ALA Q 186 23.30 -3.72 43.44
CA ALA Q 186 24.34 -2.71 43.37
C ALA Q 186 24.93 -2.45 44.75
N VAL Q 187 24.08 -2.23 45.74
CA VAL Q 187 24.56 -1.79 47.04
C VAL Q 187 24.99 -2.98 47.90
N GLY Q 188 25.22 -4.13 47.28
CA GLY Q 188 25.73 -5.28 47.98
C GLY Q 188 24.71 -6.08 48.76
N ILE Q 189 23.57 -5.49 49.05
CA ILE Q 189 22.54 -6.13 49.84
C ILE Q 189 21.90 -7.28 49.10
N LYS Q 201 32.48 1.98 43.88
CA LYS Q 201 31.99 0.77 44.51
C LYS Q 201 31.18 1.09 45.74
N ASN Q 202 31.24 2.34 46.17
CA ASN Q 202 30.38 2.79 47.25
C ASN Q 202 29.37 3.70 46.57
N SER Q 203 28.17 3.15 46.36
CA SER Q 203 27.15 3.80 45.55
C SER Q 203 26.49 4.93 46.32
N HIS Q 204 26.00 5.90 45.55
CA HIS Q 204 25.28 7.04 46.09
C HIS Q 204 24.03 7.23 45.24
N ILE Q 205 22.86 7.05 45.85
CA ILE Q 205 21.61 7.01 45.12
C ILE Q 205 20.68 8.08 45.68
N VAL Q 206 19.92 8.70 44.78
CA VAL Q 206 18.85 9.61 45.13
C VAL Q 206 17.59 9.15 44.40
N ILE Q 207 16.62 8.65 45.16
CA ILE Q 207 15.34 8.17 44.64
C ILE Q 207 14.29 9.25 44.82
N PHE Q 208 13.58 9.59 43.76
CA PHE Q 208 12.40 10.42 43.88
C PHE Q 208 11.19 9.51 44.01
N ASP Q 209 10.63 9.43 45.22
CA ASP Q 209 9.53 8.53 45.53
C ASP Q 209 8.24 9.33 45.63
N ILE Q 210 7.26 8.98 44.81
CA ILE Q 210 6.02 9.71 44.71
C ILE Q 210 4.84 8.91 45.25
N HIS Q 211 5.06 7.67 45.66
CA HIS Q 211 4.00 6.87 46.23
C HIS Q 211 4.40 6.23 47.56
N ALA Q 212 5.54 6.61 48.13
CA ALA Q 212 5.97 6.11 49.41
C ALA Q 212 6.01 4.59 49.47
N GLU Q 213 7.03 4.02 48.86
CA GLU Q 213 7.04 2.59 48.56
C GLU Q 213 8.39 1.92 48.72
N TYR Q 214 9.49 2.67 48.81
CA TYR Q 214 10.82 2.11 48.69
C TYR Q 214 11.55 2.01 50.00
N ALA Q 215 10.91 2.36 51.11
CA ALA Q 215 11.60 2.38 52.39
C ALA Q 215 11.98 0.97 52.81
N ALA Q 216 11.02 0.04 52.76
CA ALA Q 216 11.26 -1.30 53.24
C ALA Q 216 12.35 -2.03 52.49
N ALA Q 217 12.72 -1.56 51.30
CA ALA Q 217 13.74 -2.26 50.54
C ALA Q 217 15.07 -2.32 51.28
N PHE Q 218 15.38 -1.28 52.04
CA PHE Q 218 16.57 -1.24 52.87
C PHE Q 218 16.32 -1.02 54.36
N ASN Q 219 15.13 -0.57 54.76
CA ASN Q 219 14.94 -0.16 56.14
C ASN Q 219 15.21 -1.33 57.07
N LEU Q 220 14.74 -2.52 56.70
CA LEU Q 220 14.92 -3.68 57.56
C LEU Q 220 16.39 -4.00 57.76
N GLU Q 221 17.19 -3.88 56.71
CA GLU Q 221 18.57 -4.32 56.72
C GLU Q 221 19.49 -3.22 57.25
N ALA Q 222 20.13 -3.47 58.39
CA ALA Q 222 21.13 -2.58 58.97
C ALA Q 222 22.37 -3.39 59.36
N GLY Q 223 23.12 -3.83 58.37
CA GLY Q 223 24.31 -4.66 58.55
C GLY Q 223 25.62 -3.89 58.56
N GLU Q 224 25.56 -2.56 58.53
CA GLU Q 224 26.71 -1.66 58.54
C GLU Q 224 27.38 -1.62 57.17
N ALA Q 225 26.70 -2.13 56.16
CA ALA Q 225 27.17 -2.03 54.79
C ALA Q 225 27.01 -0.63 54.24
N PHE Q 226 25.93 0.05 54.65
CA PHE Q 226 25.53 1.32 54.09
C PHE Q 226 24.77 2.13 55.13
N THR Q 227 24.54 3.40 54.79
CA THR Q 227 23.81 4.33 55.65
C THR Q 227 22.66 4.98 54.90
N LEU Q 228 21.44 4.84 55.42
CA LEU Q 228 20.23 5.28 54.74
C LEU Q 228 19.61 6.45 55.48
N ASN Q 229 19.26 7.48 54.72
CA ASN Q 229 18.57 8.66 55.24
C ASN Q 229 17.16 8.73 54.65
N LEU Q 230 16.22 9.18 55.46
CA LEU Q 230 14.81 9.30 55.08
C LEU Q 230 14.35 10.74 55.28
N LEU Q 231 14.00 11.41 54.19
CA LEU Q 231 13.71 12.84 54.19
C LEU Q 231 12.29 13.10 53.71
N GLY Q 232 11.47 13.62 54.60
CA GLY Q 232 10.13 14.07 54.25
C GLY Q 232 9.91 15.54 54.50
N VAL Q 233 8.66 15.98 54.39
CA VAL Q 233 8.33 17.39 54.56
C VAL Q 233 8.64 17.85 55.97
N ASP Q 234 8.48 16.97 56.95
CA ASP Q 234 8.77 17.32 58.32
C ASP Q 234 10.24 17.70 58.47
N ASN Q 235 11.13 16.79 58.12
CA ASN Q 235 12.56 16.95 58.29
C ASN Q 235 13.20 17.21 56.93
N LEU Q 236 13.25 18.47 56.52
CA LEU Q 236 14.06 18.79 55.36
C LEU Q 236 14.50 20.25 55.44
N ARG Q 237 15.67 20.47 56.03
CA ARG Q 237 16.29 21.78 56.06
C ARG Q 237 16.77 22.07 54.65
N LEU Q 238 16.05 22.95 53.94
CA LEU Q 238 16.32 23.19 52.53
C LEU Q 238 15.88 24.59 52.15
N PRO Q 239 16.82 25.53 51.99
CA PRO Q 239 16.45 26.94 51.82
C PRO Q 239 15.97 27.27 50.43
N TYR Q 240 15.81 28.57 50.16
CA TYR Q 240 15.11 29.03 48.98
C TYR Q 240 15.80 30.15 48.25
N TRP Q 241 16.89 30.73 48.80
CA TRP Q 241 17.60 31.79 48.11
C TRP Q 241 18.38 31.23 46.94
N LEU Q 242 18.59 29.92 46.96
CA LEU Q 242 19.32 29.19 45.94
C LEU Q 242 18.58 29.18 44.62
N MET Q 243 17.35 29.69 44.61
CA MET Q 243 16.48 29.53 43.47
C MET Q 243 16.88 30.44 42.33
N ASN Q 244 17.12 29.84 41.17
CA ASN Q 244 17.28 30.58 39.93
C ASN Q 244 16.03 31.40 39.63
N ALA Q 245 16.23 32.41 38.79
CA ALA Q 245 15.16 33.35 38.52
C ALA Q 245 13.98 32.69 37.82
N GLN Q 246 14.25 31.73 36.94
CA GLN Q 246 13.17 31.06 36.23
C GLN Q 246 12.26 30.32 37.20
N GLU Q 247 12.86 29.60 38.14
CA GLU Q 247 12.07 29.00 39.21
C GLU Q 247 11.45 30.07 40.10
N LEU Q 248 12.23 31.09 40.44
CA LEU Q 248 11.77 32.07 41.41
C LEU Q 248 10.49 32.73 40.95
N GLU Q 249 10.37 32.99 39.64
CA GLU Q 249 9.23 33.73 39.14
C GLU Q 249 7.93 32.99 39.41
N GLN Q 250 7.95 31.66 39.28
CA GLN Q 250 6.71 30.90 39.37
C GLN Q 250 6.15 30.95 40.79
N ILE Q 251 6.99 30.66 41.77
CA ILE Q 251 6.51 30.58 43.14
C ILE Q 251 5.84 31.87 43.54
N PHE Q 252 6.53 33.00 43.34
CA PHE Q 252 6.13 34.22 44.00
C PHE Q 252 5.22 35.09 43.15
N ILE Q 253 5.14 34.84 41.86
CA ILE Q 253 4.34 35.66 40.96
C ILE Q 253 3.49 34.73 40.11
N GLU Q 254 2.22 35.05 39.99
CA GLU Q 254 1.25 34.30 39.22
C GLU Q 254 0.81 35.15 38.05
N SER Q 255 1.15 34.71 36.84
CA SER Q 255 1.02 35.52 35.63
C SER Q 255 -0.42 35.64 35.16
N ASN Q 256 -1.38 35.19 35.96
CA ASN Q 256 -2.77 35.29 35.51
C ASN Q 256 -3.15 36.75 35.31
N GLU Q 257 -2.80 37.62 36.26
CA GLU Q 257 -3.10 39.02 36.12
C GLU Q 257 -2.44 39.58 34.87
N HIS Q 258 -2.98 40.68 34.37
CA HIS Q 258 -2.48 41.37 33.18
C HIS Q 258 -1.68 42.61 33.53
N ASN Q 259 -1.37 42.80 34.82
CA ASN Q 259 -0.58 43.93 35.29
C ASN Q 259 0.90 43.59 35.32
N SER Q 260 1.26 42.46 34.70
CA SER Q 260 2.63 41.97 34.71
C SER Q 260 3.59 43.01 34.14
N HIS Q 261 3.18 43.69 33.08
CA HIS Q 261 4.05 44.59 32.32
C HIS Q 261 4.89 45.49 33.21
N ASN Q 262 4.29 46.07 34.23
CA ASN Q 262 5.01 46.91 35.19
C ASN Q 262 5.35 46.15 36.46
N GLN Q 263 4.49 45.19 36.82
CA GLN Q 263 4.62 44.48 38.10
C GLN Q 263 5.88 43.61 38.15
N ILE Q 264 6.05 42.73 37.17
CA ILE Q 264 7.19 41.83 37.23
C ILE Q 264 8.47 42.63 37.12
N SER Q 265 8.45 43.73 36.37
CA SER Q 265 9.61 44.60 36.28
C SER Q 265 9.90 45.23 37.63
N GLN Q 266 8.86 45.68 38.33
CA GLN Q 266 9.04 46.24 39.66
C GLN Q 266 9.62 45.21 40.61
N PHE Q 267 9.25 43.94 40.45
CA PHE Q 267 9.78 42.92 41.35
C PHE Q 267 11.23 42.65 41.03
N ARG Q 268 11.55 42.59 39.73
CA ARG Q 268 12.93 42.44 39.31
C ARG Q 268 13.79 43.54 39.90
N HIS Q 269 13.29 44.77 39.91
CA HIS Q 269 14.04 45.87 40.50
C HIS Q 269 14.11 45.75 42.01
N ALA Q 270 12.97 45.51 42.65
CA ALA Q 270 12.90 45.46 44.10
C ALA Q 270 13.93 44.50 44.67
N VAL Q 271 13.93 43.28 44.15
CA VAL Q 271 14.79 42.25 44.72
C VAL Q 271 16.23 42.73 44.76
N VAL Q 272 16.73 43.30 43.66
CA VAL Q 272 18.16 43.50 43.49
C VAL Q 272 18.74 44.33 44.62
N ARG Q 273 18.14 45.51 44.87
CA ARG Q 273 18.77 46.43 45.80
C ARG Q 273 18.99 45.76 47.14
N ASN Q 274 17.97 45.05 47.64
CA ASN Q 274 18.15 44.38 48.92
C ASN Q 274 19.13 43.23 48.77
N LYS Q 275 19.10 42.57 47.62
CA LYS Q 275 19.90 41.37 47.43
C LYS Q 275 21.34 41.74 47.68
N CYS Q 276 21.72 42.91 47.19
CA CYS Q 276 23.04 43.44 47.49
C CYS Q 276 23.10 43.86 48.96
N LYS Q 277 22.18 44.73 49.37
CA LYS Q 277 22.33 45.43 50.64
C LYS Q 277 22.54 44.46 51.80
N HIS Q 278 22.24 43.18 51.61
CA HIS Q 278 22.44 42.27 52.72
C HIS Q 278 23.87 41.76 52.79
N ASN Q 279 24.49 41.54 51.66
CA ASN Q 279 25.77 40.87 51.65
C ASN Q 279 26.80 41.96 51.40
N PRO Q 280 27.60 42.36 52.40
CA PRO Q 280 28.59 43.41 52.16
C PRO Q 280 29.94 42.85 51.75
N THR Q 281 30.26 41.67 52.29
CA THR Q 281 31.56 41.05 52.05
C THR Q 281 31.64 40.61 50.60
N LEU Q 282 30.75 39.70 50.21
CA LEU Q 282 30.45 39.50 48.80
C LEU Q 282 29.76 40.77 48.34
N THR Q 283 30.49 41.62 47.63
CA THR Q 283 30.09 43.00 47.42
C THR Q 283 28.70 43.13 46.81
N ASN Q 284 28.55 42.70 45.55
CA ASN Q 284 27.32 42.90 44.80
C ASN Q 284 27.01 41.61 44.06
N LEU Q 285 25.82 41.53 43.47
CA LEU Q 285 25.38 40.30 42.82
C LEU Q 285 24.48 40.68 41.64
N SER Q 286 23.76 39.68 41.13
CA SER Q 286 22.83 39.89 40.03
C SER Q 286 21.56 39.14 40.36
N PHE Q 287 20.69 39.00 39.35
CA PHE Q 287 19.33 38.51 39.59
C PHE Q 287 19.30 37.02 39.88
N ASP Q 288 20.10 36.23 39.16
CA ASP Q 288 20.20 34.79 39.33
C ASP Q 288 21.16 34.36 40.44
N THR Q 289 21.90 35.27 41.04
CA THR Q 289 23.01 34.88 41.89
C THR Q 289 22.46 34.28 43.17
N PRO Q 290 22.78 33.04 43.49
CA PRO Q 290 22.31 32.40 44.73
C PRO Q 290 23.13 32.80 45.95
N VAL Q 291 22.89 34.02 46.41
CA VAL Q 291 23.41 34.48 47.69
C VAL Q 291 22.30 35.17 48.47
N TYR Q 292 22.50 35.20 49.78
CA TYR Q 292 21.42 35.38 50.74
C TYR Q 292 20.59 36.61 50.39
N PHE Q 293 19.31 36.55 50.75
CA PHE Q 293 18.51 37.76 50.88
C PHE Q 293 17.29 37.40 51.72
N SER Q 294 16.35 38.34 51.84
CA SER Q 294 15.22 38.16 52.73
C SER Q 294 13.94 38.57 52.04
N ILE Q 295 12.96 37.67 52.01
CA ILE Q 295 11.71 37.98 51.33
C ILE Q 295 10.80 38.80 52.24
N ASP Q 296 10.93 38.62 53.55
CA ASP Q 296 10.10 39.39 54.47
C ASP Q 296 10.25 40.86 54.19
N GLU Q 297 11.50 41.32 54.08
CA GLU Q 297 11.71 42.74 53.93
C GLU Q 297 11.58 43.20 52.49
N VAL Q 298 11.61 42.29 51.52
CA VAL Q 298 11.16 42.71 50.19
C VAL Q 298 9.68 43.02 50.20
N VAL Q 299 8.90 42.15 50.83
CA VAL Q 299 7.48 42.45 51.01
C VAL Q 299 7.31 43.76 51.74
N THR Q 300 8.13 43.98 52.78
CA THR Q 300 8.01 45.23 53.51
C THR Q 300 8.29 46.45 52.64
N TYR Q 301 9.35 46.41 51.83
CA TYR Q 301 9.63 47.55 50.96
C TYR Q 301 8.53 47.75 49.92
N LEU Q 302 8.08 46.68 49.27
CA LEU Q 302 7.09 46.88 48.23
C LEU Q 302 5.78 47.33 48.87
N GLU Q 303 5.62 47.10 50.18
CA GLU Q 303 4.45 47.64 50.88
C GLU Q 303 4.71 49.09 51.26
N ASN Q 304 5.95 49.41 51.64
CA ASN Q 304 6.32 50.76 52.07
C ASN Q 304 6.24 51.71 50.91
N MET Q 305 6.63 51.26 49.72
CA MET Q 305 6.50 52.09 48.53
C MET Q 305 5.05 52.47 48.32
N ASN Q 306 4.15 51.94 49.17
CA ASN Q 306 2.75 52.29 49.07
C ASN Q 306 2.38 53.51 49.91
N ASN Q 307 3.25 53.97 50.81
CA ASN Q 307 2.87 55.03 51.74
C ASN Q 307 3.89 56.15 51.83
N GLU Q 308 4.76 56.30 50.83
CA GLU Q 308 5.81 57.31 50.95
C GLU Q 308 5.24 58.66 50.51
N VAL Q 309 5.78 59.73 51.08
CA VAL Q 309 5.40 61.08 50.71
C VAL Q 309 6.66 61.93 50.65
N ILE Q 310 7.18 62.14 49.45
CA ILE Q 310 8.40 62.91 49.25
C ILE Q 310 8.02 64.32 48.85
N GLY Q 311 8.88 65.27 49.21
CA GLY Q 311 8.55 66.67 49.08
C GLY Q 311 8.61 67.14 47.64
N LYS Q 312 7.60 67.93 47.26
CA LYS Q 312 7.53 68.56 45.94
C LYS Q 312 7.88 70.04 46.02
N LEU Q 313 8.58 70.46 47.07
CA LEU Q 313 8.95 71.84 47.25
C LEU Q 313 10.00 72.27 46.24
N ALA Q 314 10.09 73.59 46.05
CA ALA Q 314 11.06 74.18 45.14
C ALA Q 314 12.33 74.49 45.94
N GLY Q 315 13.37 73.69 45.73
CA GLY Q 315 14.63 73.83 46.43
C GLY Q 315 14.75 73.09 47.74
N GLU Q 316 13.70 72.37 48.17
CA GLU Q 316 13.73 71.56 49.39
C GLU Q 316 13.23 70.16 49.02
N GLY Q 317 14.12 69.33 48.48
CA GLY Q 317 13.73 67.98 48.11
C GLY Q 317 13.98 66.96 49.21
N LYS Q 318 13.20 67.03 50.29
CA LYS Q 318 13.40 66.11 51.40
C LYS Q 318 12.06 65.47 51.75
N PRO Q 319 12.08 64.23 52.27
CA PRO Q 319 10.81 63.56 52.57
C PRO Q 319 10.11 64.15 53.78
N LYS Q 320 8.81 63.85 53.85
CA LYS Q 320 7.93 64.37 54.91
C LYS Q 320 7.67 63.30 55.95
N LEU Q 321 8.33 63.42 57.09
CA LEU Q 321 8.17 62.52 58.22
C LEU Q 321 7.40 63.27 59.30
N ALA Q 322 7.20 62.61 60.44
CA ALA Q 322 6.55 63.27 61.57
C ALA Q 322 7.49 64.28 62.24
N ASN Q 323 8.76 63.92 62.39
CA ASN Q 323 9.78 64.84 62.90
C ASN Q 323 10.71 65.31 61.79
N GLU Q 324 10.40 64.96 60.54
CA GLU Q 324 11.16 65.41 59.38
C GLU Q 324 12.64 65.04 59.49
N THR Q 325 12.90 63.77 59.79
CA THR Q 325 14.26 63.26 59.71
C THR Q 325 14.64 63.02 58.26
N LEU Q 326 15.83 63.48 57.87
CA LEU Q 326 16.29 63.40 56.48
C LEU Q 326 17.04 62.10 56.24
N VAL Q 327 16.62 61.37 55.22
CA VAL Q 327 17.25 60.11 54.84
C VAL Q 327 17.66 60.22 53.38
N SER Q 328 18.93 59.97 53.10
CA SER Q 328 19.42 59.99 51.73
C SER Q 328 19.09 58.70 51.00
N ASP Q 329 19.04 57.59 51.73
CA ASP Q 329 18.77 56.28 51.18
C ASP Q 329 17.62 55.63 51.94
N ARG Q 330 17.05 54.59 51.33
CA ARG Q 330 15.88 53.94 51.91
C ARG Q 330 16.27 53.11 53.14
N ASP Q 331 17.46 52.53 53.13
CA ASP Q 331 17.83 51.55 54.16
C ASP Q 331 17.54 52.06 55.57
N GLU Q 332 17.77 53.35 55.81
CA GLU Q 332 17.78 53.84 57.19
C GLU Q 332 16.45 53.60 57.89
N LEU Q 333 15.34 53.67 57.18
CA LEU Q 333 14.03 53.76 57.82
C LEU Q 333 12.97 52.78 57.33
N TYR Q 334 13.08 52.18 56.14
CA TYR Q 334 12.08 51.18 55.78
C TYR Q 334 12.15 49.92 56.63
N PHE Q 335 13.33 49.54 57.11
CA PHE Q 335 13.48 48.26 57.81
C PHE Q 335 12.67 48.21 59.09
N ASP Q 336 12.96 49.09 60.04
CA ASP Q 336 12.46 48.91 61.41
C ASP Q 336 10.93 48.85 61.43
N ALA Q 337 10.28 49.72 60.68
CA ALA Q 337 8.83 49.72 60.61
C ALA Q 337 8.42 50.49 59.37
N VAL Q 338 7.37 50.01 58.71
CA VAL Q 338 6.86 50.67 57.51
C VAL Q 338 6.45 52.09 57.84
N GLN Q 339 7.03 53.06 57.13
CA GLN Q 339 6.94 54.47 57.49
C GLN Q 339 5.83 55.15 56.71
N SER Q 340 4.67 55.30 57.33
CA SER Q 340 3.66 56.16 56.75
C SER Q 340 4.09 57.61 56.89
N PHE Q 341 3.92 58.38 55.83
CA PHE Q 341 4.38 59.77 55.83
C PHE Q 341 3.18 60.69 55.67
N ILE Q 342 3.41 61.97 55.94
CA ILE Q 342 2.32 62.92 56.00
C ILE Q 342 1.62 62.96 54.65
N VAL Q 343 0.28 62.90 54.70
CA VAL Q 343 -0.51 62.80 53.48
C VAL Q 343 -0.11 63.91 52.52
N ALA Q 344 -0.02 63.56 51.25
CA ALA Q 344 0.27 64.52 50.21
C ALA Q 344 -0.90 65.46 50.01
N SER Q 345 -0.58 66.70 49.67
CA SER Q 345 -1.57 67.74 49.42
C SER Q 345 -0.91 68.80 48.55
N GLN Q 346 -1.69 69.79 48.16
CA GLN Q 346 -1.18 70.90 47.37
C GLN Q 346 -0.83 72.11 48.23
N ALA Q 347 -0.90 71.98 49.56
CA ALA Q 347 -0.57 73.08 50.44
C ALA Q 347 0.91 73.43 50.30
N ALA Q 348 1.21 74.74 50.31
CA ALA Q 348 2.59 75.19 50.18
C ALA Q 348 3.48 74.60 51.26
N ALA Q 349 2.96 74.43 52.48
CA ALA Q 349 3.79 73.91 53.56
C ALA Q 349 4.11 72.43 53.40
N THR Q 350 3.15 71.65 52.91
CA THR Q 350 3.28 70.20 52.86
C THR Q 350 2.96 69.66 51.47
N LYS Q 351 3.47 70.32 50.43
CA LYS Q 351 3.29 69.79 49.09
C LYS Q 351 4.22 68.60 48.89
N ALA Q 352 3.73 67.60 48.15
CA ALA Q 352 4.43 66.33 48.02
C ALA Q 352 4.09 65.72 46.67
N SER Q 353 4.73 64.60 46.38
CA SER Q 353 4.51 63.84 45.16
C SER Q 353 4.02 62.44 45.47
N ASN Q 354 3.14 61.92 44.63
CA ASN Q 354 2.62 60.57 44.72
C ASN Q 354 2.62 59.96 43.34
N GLY Q 355 3.20 58.77 43.22
CA GLY Q 355 3.40 58.13 41.95
C GLY Q 355 2.63 56.85 41.77
N PRO Q 356 3.02 56.07 40.76
CA PRO Q 356 2.30 54.84 40.44
C PRO Q 356 2.77 53.64 41.25
N PHE Q 357 3.44 53.88 42.37
CA PHE Q 357 3.89 52.81 43.26
C PHE Q 357 3.30 52.94 44.66
N ASN Q 358 2.30 53.80 44.87
CA ASN Q 358 1.71 53.97 46.19
C ASN Q 358 0.68 52.89 46.51
N GLY Q 359 1.00 51.64 46.21
CA GLY Q 359 0.08 50.54 46.41
C GLY Q 359 -0.72 50.15 45.19
N GLU Q 360 -0.33 50.61 43.99
CA GLU Q 360 -1.08 50.33 42.78
C GLU Q 360 -0.96 48.88 42.30
N PHE Q 361 -0.16 48.04 42.96
CA PHE Q 361 -0.14 46.61 42.66
C PHE Q 361 -0.38 45.79 43.92
N ASP Q 362 -1.33 46.23 44.74
CA ASP Q 362 -1.56 45.61 46.04
C ASP Q 362 -1.93 44.13 45.92
N ARG Q 363 -2.68 43.78 44.88
CA ARG Q 363 -3.31 42.47 44.80
C ARG Q 363 -2.31 41.34 44.95
N MET Q 364 -1.06 41.56 44.61
CA MET Q 364 -0.02 40.58 44.89
C MET Q 364 0.46 40.67 46.32
N ILE Q 365 0.37 41.87 46.90
CA ILE Q 365 0.71 42.03 48.30
C ILE Q 365 -0.19 41.14 49.12
N LEU Q 366 -1.41 40.95 48.63
CA LEU Q 366 -2.37 40.09 49.32
C LEU Q 366 -1.86 38.66 49.34
N ARG Q 367 -1.42 38.16 48.18
CA ARG Q 367 -1.07 36.75 48.05
C ARG Q 367 0.25 36.43 48.72
N LEU Q 368 1.18 37.39 48.79
CA LEU Q 368 2.47 37.11 49.39
C LEU Q 368 2.29 36.68 50.85
N HIS Q 369 1.56 37.48 51.63
CA HIS Q 369 1.38 37.17 53.03
C HIS Q 369 0.78 35.78 53.19
N THR Q 370 -0.04 35.37 52.24
CA THR Q 370 -0.68 34.07 52.34
C THR Q 370 0.32 32.96 52.08
N ARG Q 371 1.10 33.10 51.00
CA ARG Q 371 2.16 32.13 50.72
C ARG Q 371 3.07 31.96 51.92
N LEU Q 372 3.32 33.04 52.65
CA LEU Q 372 4.13 32.91 53.85
C LEU Q 372 3.37 32.25 54.98
N ALA Q 373 2.06 32.43 55.02
CA ALA Q 373 1.25 31.89 56.11
C ALA Q 373 1.06 30.40 55.98
N ASP Q 374 1.00 29.90 54.75
CA ASP Q 374 0.91 28.48 54.45
C ASP Q 374 1.90 27.69 55.29
N PRO Q 375 1.43 26.94 56.30
CA PRO Q 375 2.35 26.22 57.17
C PRO Q 375 2.77 24.86 56.65
N ARG Q 376 2.19 24.41 55.55
CA ARG Q 376 2.70 23.24 54.87
C ARG Q 376 4.07 23.53 54.27
N LEU Q 377 4.25 24.73 53.76
CA LEU Q 377 5.46 25.13 53.03
C LEU Q 377 6.40 25.92 53.93
N GLN Q 378 6.44 25.59 55.21
CA GLN Q 378 7.37 26.26 56.10
C GLN Q 378 8.80 25.99 55.68
N PHE Q 379 9.06 24.77 55.23
CA PHE Q 379 10.42 24.29 55.07
C PHE Q 379 11.20 25.09 54.04
N LEU Q 380 10.52 25.75 53.11
CA LEU Q 380 11.23 26.63 52.20
C LEU Q 380 11.42 28.01 52.80
N PHE Q 381 10.35 28.60 53.34
CA PHE Q 381 10.34 30.01 53.70
C PHE Q 381 10.69 30.29 55.15
N TYR Q 382 10.99 29.28 55.94
CA TYR Q 382 11.40 29.51 57.31
C TYR Q 382 12.13 28.27 57.80
N PRO Q 383 13.15 27.82 57.07
CA PRO Q 383 13.89 26.65 57.51
C PRO Q 383 14.67 26.96 58.77
N LYS Q 384 14.68 26.01 59.70
CA LYS Q 384 15.36 26.19 60.95
C LYS Q 384 16.19 24.96 61.26
N LYS Q 385 17.28 25.18 61.99
CA LYS Q 385 18.20 24.15 62.40
C LYS Q 385 17.62 23.35 63.56
N GLU Q 386 18.40 22.36 64.00
CA GLU Q 386 18.03 21.59 65.18
C GLU Q 386 18.18 22.42 66.44
N ASP Q 387 19.19 23.29 66.48
CA ASP Q 387 19.37 24.13 67.66
C ASP Q 387 18.20 25.07 67.88
N GLY Q 388 17.59 25.55 66.80
CA GLY Q 388 16.47 26.46 66.89
C GLY Q 388 16.66 27.72 66.08
N GLU Q 389 17.90 28.05 65.78
CA GLU Q 389 18.20 29.24 65.00
C GLU Q 389 18.08 28.95 63.51
N ASP Q 390 17.83 29.99 62.74
CA ASP Q 390 17.59 29.84 61.33
C ASP Q 390 18.90 29.63 60.56
N LEU Q 391 18.75 29.19 59.32
CA LEU Q 391 19.88 28.89 58.46
C LEU Q 391 20.59 30.17 58.00
N ALA Q 392 21.89 30.05 57.83
CA ALA Q 392 22.72 31.13 57.32
C ALA Q 392 23.77 30.53 56.40
N THR Q 393 24.33 31.37 55.54
CA THR Q 393 25.14 30.91 54.42
C THR Q 393 26.11 29.81 54.82
N GLY Q 394 26.76 29.96 55.98
CA GLY Q 394 27.75 28.99 56.37
C GLY Q 394 27.17 27.60 56.53
N ASP Q 395 25.87 27.51 56.81
CA ASP Q 395 25.23 26.21 56.98
C ASP Q 395 25.12 25.43 55.67
N PHE Q 396 25.48 26.05 54.54
CA PHE Q 396 25.29 25.48 53.21
C PHE Q 396 25.59 23.99 53.18
N ALA Q 397 26.63 23.58 53.90
CA ALA Q 397 27.10 22.20 53.80
C ALA Q 397 25.96 21.24 54.02
N ASP Q 398 25.20 21.47 55.08
CA ASP Q 398 24.16 20.53 55.45
C ASP Q 398 23.19 20.33 54.29
N VAL Q 399 22.79 21.42 53.63
CA VAL Q 399 21.73 21.30 52.64
C VAL Q 399 22.15 20.37 51.52
N VAL Q 400 23.44 20.11 51.38
CA VAL Q 400 23.94 19.16 50.40
C VAL Q 400 24.22 17.81 51.03
N ARG Q 401 24.78 17.80 52.23
CA ARG Q 401 25.26 16.57 52.82
C ARG Q 401 24.14 15.54 52.90
N GLN Q 402 22.95 15.97 53.26
CA GLN Q 402 21.84 15.04 53.45
C GLN Q 402 21.68 14.16 52.22
N PHE Q 403 21.84 14.73 51.04
CA PHE Q 403 21.81 13.94 49.82
C PHE Q 403 23.09 13.14 49.60
N VAL Q 404 24.24 13.77 49.77
CA VAL Q 404 25.51 13.13 49.43
C VAL Q 404 25.94 12.14 50.50
N GLY Q 405 26.02 12.58 51.74
CA GLY Q 405 26.53 11.73 52.81
C GLY Q 405 28.04 11.84 52.95
N TYR Q 406 28.74 10.72 52.79
CA TYR Q 406 30.18 10.65 52.96
C TYR Q 406 30.82 9.96 51.77
N MET Q 407 32.08 10.32 51.51
CA MET Q 407 32.82 9.72 50.42
C MET Q 407 33.07 8.22 50.67
N THR Q 408 33.62 7.88 51.82
CA THR Q 408 34.13 6.53 52.06
C THR Q 408 33.08 5.61 52.66
N LYS Q 409 31.86 5.64 52.13
CA LYS Q 409 30.76 4.77 52.53
C LYS Q 409 29.63 4.99 51.55
N SER Q 410 28.68 4.06 51.58
CA SER Q 410 27.57 4.05 50.64
C SER Q 410 26.29 4.44 51.36
N ASN Q 411 25.51 5.29 50.71
CA ASN Q 411 24.25 5.74 51.30
C ASN Q 411 23.17 5.74 50.24
N VAL Q 412 21.93 5.81 50.72
CA VAL Q 412 20.75 5.89 49.89
C VAL Q 412 19.84 6.92 50.53
N SER Q 413 19.46 7.94 49.77
CA SER Q 413 18.54 8.98 50.23
C SER Q 413 17.22 8.83 49.50
N ILE Q 414 16.12 9.04 50.23
CA ILE Q 414 14.78 8.79 49.72
C ILE Q 414 13.95 10.02 49.99
N ILE Q 415 13.70 10.80 48.96
CA ILE Q 415 12.79 11.94 49.07
C ILE Q 415 11.36 11.42 49.00
N ASP Q 416 10.54 11.81 49.97
CA ASP Q 416 9.16 11.37 50.08
C ASP Q 416 8.25 12.50 49.58
N LEU Q 417 8.17 12.62 48.27
CA LEU Q 417 7.47 13.73 47.63
C LEU Q 417 5.96 13.67 47.81
N SER Q 418 5.44 12.71 48.56
CA SER Q 418 4.01 12.59 48.73
C SER Q 418 3.43 13.76 49.51
N GLY Q 419 4.10 14.18 50.58
CA GLY Q 419 3.56 15.23 51.42
C GLY Q 419 3.64 16.60 50.80
N ILE Q 420 4.55 16.80 49.86
CA ILE Q 420 4.74 18.14 49.32
C ILE Q 420 3.50 18.55 48.53
N PRO Q 421 3.09 19.80 48.59
CA PRO Q 421 1.99 20.26 47.76
C PRO Q 421 2.34 20.21 46.29
N PHE Q 422 1.30 20.28 45.48
CA PHE Q 422 1.41 19.90 44.09
C PHE Q 422 1.91 21.04 43.23
N GLU Q 423 1.82 22.28 43.72
CA GLU Q 423 2.17 23.39 42.86
C GLU Q 423 3.68 23.63 42.79
N VAL Q 424 4.48 23.03 43.68
CA VAL Q 424 5.89 23.39 43.84
C VAL Q 424 6.82 22.21 43.64
N LEU Q 425 6.26 21.03 43.34
CA LEU Q 425 7.07 19.82 43.25
C LEU Q 425 8.12 19.95 42.16
N SER Q 426 7.78 20.61 41.06
CA SER Q 426 8.71 20.72 39.94
C SER Q 426 9.87 21.62 40.30
N ILE Q 427 9.59 22.70 41.03
CA ILE Q 427 10.66 23.56 41.49
C ILE Q 427 11.59 22.78 42.38
N VAL Q 428 11.03 21.97 43.27
CA VAL Q 428 11.84 21.19 44.19
C VAL Q 428 12.79 20.29 43.42
N VAL Q 429 12.24 19.49 42.50
CA VAL Q 429 13.08 18.54 41.76
C VAL Q 429 14.14 19.28 40.96
N SER Q 430 13.77 20.38 40.31
CA SER Q 430 14.75 21.13 39.55
C SER Q 430 15.92 21.54 40.41
N LEU Q 431 15.64 22.13 41.58
CA LEU Q 431 16.71 22.61 42.43
C LEU Q 431 17.60 21.46 42.90
N ILE Q 432 16.99 20.34 43.29
CA ILE Q 432 17.76 19.23 43.79
C ILE Q 432 18.69 18.70 42.71
N SER Q 433 18.18 18.56 41.50
CA SER Q 433 18.99 18.08 40.40
C SER Q 433 20.15 19.02 40.11
N ARG Q 434 19.90 20.33 40.10
CA ARG Q 434 20.96 21.28 39.87
C ARG Q 434 22.07 21.12 40.90
N MET Q 435 21.69 20.98 42.17
CA MET Q 435 22.69 20.85 43.21
C MET Q 435 23.53 19.58 43.01
N ILE Q 436 22.86 18.46 42.77
CA ILE Q 436 23.60 17.20 42.67
C ILE Q 436 24.54 17.24 41.49
N PHE Q 437 24.18 17.95 40.42
CA PHE Q 437 25.07 18.06 39.27
C PHE Q 437 26.25 18.97 39.54
N ASP Q 438 26.01 20.09 40.24
CA ASP Q 438 27.08 21.01 40.54
C ASP Q 438 28.06 20.45 41.57
N PHE Q 439 27.66 19.44 42.33
CA PHE Q 439 28.62 18.74 43.18
C PHE Q 439 29.31 17.63 42.45
N GLY Q 440 29.12 17.53 41.15
CA GLY Q 440 29.89 16.60 40.36
C GLY Q 440 30.86 17.36 39.51
N PHE Q 441 30.41 18.49 38.97
CA PHE Q 441 31.32 19.37 38.25
C PHE Q 441 32.57 19.65 39.08
N HIS Q 442 32.36 20.24 40.25
CA HIS Q 442 33.45 20.66 41.10
C HIS Q 442 34.37 19.51 41.46
N TYR Q 443 33.80 18.41 41.92
CA TYR Q 443 34.59 17.29 42.42
C TYR Q 443 35.25 16.51 41.31
N SER Q 444 34.78 16.65 40.08
CA SER Q 444 35.42 16.03 38.92
C SER Q 444 36.24 17.04 38.15
N LYS Q 445 36.89 17.93 38.88
CA LYS Q 445 37.75 18.92 38.26
C LYS Q 445 39.05 18.27 37.83
N ASN Q 446 39.67 17.53 38.75
CA ASN Q 446 41.02 17.04 38.60
C ASN Q 446 41.10 15.54 38.34
N ARG Q 447 40.43 14.69 39.13
CA ARG Q 447 40.68 13.26 39.06
C ARG Q 447 40.42 12.63 37.70
N HIS Q 448 39.92 13.40 36.73
CA HIS Q 448 39.75 12.84 35.41
C HIS Q 448 41.03 12.84 34.58
N VAL Q 449 42.19 12.95 35.24
CA VAL Q 449 43.45 13.38 34.64
C VAL Q 449 43.53 12.97 33.17
N GLY Q 450 43.21 11.70 32.89
CA GLY Q 450 43.25 11.21 31.54
C GLY Q 450 41.95 10.56 31.13
N GLY Q 451 40.85 11.16 31.56
CA GLY Q 451 39.52 10.63 31.31
C GLY Q 451 39.17 9.44 32.19
N ALA Q 452 39.31 9.60 33.51
CA ALA Q 452 39.00 8.53 34.44
C ALA Q 452 37.80 8.92 35.29
N VAL Q 453 36.79 8.05 35.32
CA VAL Q 453 35.57 8.36 36.06
C VAL Q 453 35.93 8.53 37.54
N SER Q 454 35.13 9.31 38.25
CA SER Q 454 35.42 9.63 39.63
C SER Q 454 35.19 8.43 40.53
N ASP Q 455 35.60 8.60 41.78
CA ASP Q 455 35.42 7.59 42.82
C ASP Q 455 33.98 7.55 43.29
N VAL Q 456 33.31 8.71 43.30
CA VAL Q 456 31.97 8.83 43.84
C VAL Q 456 31.00 9.05 42.69
N PRO Q 457 30.32 8.01 42.24
CA PRO Q 457 29.28 8.18 41.22
C PRO Q 457 27.90 8.23 41.84
N ILE Q 458 27.01 9.02 41.25
CA ILE Q 458 25.69 9.22 41.80
C ILE Q 458 24.68 8.77 40.75
N LEU Q 459 23.67 8.04 41.22
CA LEU Q 459 22.58 7.57 40.39
C LEU Q 459 21.27 8.18 40.88
N VAL Q 460 20.55 8.81 39.98
CA VAL Q 460 19.27 9.41 40.27
C VAL Q 460 18.20 8.49 39.72
N VAL Q 461 17.10 8.37 40.44
CA VAL Q 461 15.99 7.49 40.06
C VAL Q 461 14.74 8.34 39.96
N CYS Q 462 14.10 8.29 38.80
CA CYS Q 462 12.94 9.09 38.48
C CYS Q 462 11.76 8.14 38.30
N GLU Q 463 11.02 7.96 39.39
CA GLU Q 463 9.81 7.15 39.42
C GLU Q 463 8.63 7.99 38.97
N GLU Q 464 7.68 7.34 38.32
CA GLU Q 464 6.49 8.01 37.79
C GLU Q 464 6.89 9.32 37.13
N ALA Q 465 7.68 9.19 36.09
CA ALA Q 465 8.28 10.36 35.45
C ALA Q 465 7.22 11.27 34.86
N HIS Q 466 6.16 10.71 34.32
CA HIS Q 466 5.21 11.52 33.58
C HIS Q 466 4.52 12.56 34.44
N ASN Q 467 4.65 12.47 35.76
CA ASN Q 467 4.11 13.51 36.61
C ASN Q 467 4.89 14.81 36.44
N TYR Q 468 6.21 14.73 36.37
CA TYR Q 468 7.05 15.92 36.34
C TYR Q 468 7.98 16.05 35.15
N LEU Q 469 7.84 15.22 34.13
CA LEU Q 469 8.56 15.40 32.87
C LEU Q 469 7.60 15.20 31.72
N PRO Q 470 6.56 16.01 31.64
CA PRO Q 470 5.53 15.78 30.63
C PRO Q 470 5.93 16.17 29.23
N ARG Q 471 5.34 15.45 28.27
CA ARG Q 471 5.53 15.76 26.86
C ARG Q 471 4.80 17.03 26.48
N SER Q 472 3.61 17.24 27.03
CA SER Q 472 2.79 18.41 26.73
C SER Q 472 2.45 19.08 28.05
N GLY Q 473 3.16 20.14 28.38
CA GLY Q 473 3.00 20.81 29.66
C GLY Q 473 3.33 22.28 29.55
N GLY Q 474 2.67 23.08 30.37
CA GLY Q 474 2.87 24.50 30.32
C GLY Q 474 4.11 24.92 31.07
N ALA Q 475 4.55 26.13 30.77
CA ALA Q 475 5.79 26.68 31.30
C ALA Q 475 5.95 26.35 32.78
N ALA Q 476 4.83 26.30 33.50
CA ALA Q 476 4.89 26.05 34.94
C ALA Q 476 5.54 24.71 35.26
N TYR Q 477 5.37 23.72 34.39
CA TYR Q 477 5.97 22.41 34.59
C TYR Q 477 7.24 22.22 33.76
N ASP Q 478 7.82 23.31 33.23
CA ASP Q 478 8.95 23.18 32.32
C ASP Q 478 10.30 23.20 33.01
N ALA Q 479 10.38 23.71 34.24
CA ALA Q 479 11.67 23.80 34.90
C ALA Q 479 12.31 22.43 35.01
N SER Q 480 11.56 21.45 35.53
CA SER Q 480 12.11 20.12 35.69
C SER Q 480 12.52 19.54 34.36
N ARG Q 481 11.85 19.95 33.28
CA ARG Q 481 12.20 19.44 31.97
C ARG Q 481 13.63 19.80 31.62
N LYS Q 482 14.07 20.98 32.05
CA LYS Q 482 15.38 21.48 31.67
C LYS Q 482 16.47 20.81 32.50
N SER Q 483 16.38 20.97 33.83
CA SER Q 483 17.45 20.51 34.70
C SER Q 483 17.78 19.04 34.48
N ILE Q 484 16.77 18.21 34.30
CA ILE Q 484 17.02 16.78 34.10
C ILE Q 484 17.64 16.56 32.73
N GLU Q 485 17.18 17.31 31.73
CA GLU Q 485 17.67 17.08 30.38
C GLU Q 485 19.17 17.30 30.34
N ARG Q 486 19.66 18.26 31.12
CA ARG Q 486 21.08 18.52 31.19
C ARG Q 486 21.86 17.26 31.56
N ILE Q 487 21.35 16.49 32.51
CA ILE Q 487 22.06 15.29 32.92
C ILE Q 487 22.10 14.30 31.77
N ALA Q 488 21.04 14.25 30.99
CA ALA Q 488 21.03 13.35 29.86
C ALA Q 488 22.11 13.75 28.87
N LYS Q 489 22.41 15.04 28.79
CA LYS Q 489 23.37 15.51 27.81
C LYS Q 489 24.80 15.24 28.25
N GLU Q 490 25.20 15.82 29.37
CA GLU Q 490 26.59 15.93 29.75
C GLU Q 490 26.79 15.55 31.21
N GLY Q 491 26.28 14.40 31.60
CA GLY Q 491 26.51 13.87 32.93
C GLY Q 491 27.58 12.81 32.97
N ARG Q 492 27.72 12.06 31.89
CA ARG Q 492 28.66 10.95 31.88
C ARG Q 492 30.05 11.45 32.18
N LYS Q 493 30.36 12.65 31.71
CA LYS Q 493 31.68 13.21 31.91
C LYS Q 493 31.96 13.40 33.39
N TYR Q 494 30.95 13.80 34.14
CA TYR Q 494 31.16 14.24 35.50
C TYR Q 494 30.78 13.18 36.53
N GLY Q 495 30.03 12.17 36.15
CA GLY Q 495 29.79 11.03 37.01
C GLY Q 495 28.40 10.90 37.60
N VAL Q 496 27.40 11.58 37.06
CA VAL Q 496 26.05 11.55 37.57
C VAL Q 496 25.15 10.99 36.48
N THR Q 497 24.50 9.86 36.77
CA THR Q 497 23.69 9.15 35.81
C THR Q 497 22.21 9.36 36.09
N LEU Q 498 21.39 8.68 35.30
CA LEU Q 498 19.94 8.79 35.38
C LEU Q 498 19.28 7.45 35.14
N MET Q 499 18.14 7.22 35.82
CA MET Q 499 17.28 6.08 35.59
C MET Q 499 15.84 6.55 35.58
N VAL Q 500 15.06 6.01 34.64
CA VAL Q 500 13.67 6.39 34.43
C VAL Q 500 12.79 5.17 34.63
N VAL Q 501 11.68 5.35 35.33
CA VAL Q 501 10.70 4.30 35.52
C VAL Q 501 9.33 4.88 35.22
N SER Q 502 8.70 4.42 34.16
CA SER Q 502 7.39 4.87 33.75
C SER Q 502 6.47 3.69 33.51
N GLN Q 503 5.19 3.91 33.79
CA GLN Q 503 4.13 2.99 33.46
C GLN Q 503 3.23 3.52 32.36
N ARG Q 504 3.58 4.65 31.77
CA ARG Q 504 2.90 5.18 30.60
C ARG Q 504 3.93 5.91 29.77
N PRO Q 505 4.78 5.18 29.06
CA PRO Q 505 5.89 5.81 28.35
C PRO Q 505 5.48 6.83 27.32
N SER Q 506 4.35 6.61 26.64
CA SER Q 506 3.95 7.51 25.58
C SER Q 506 3.96 8.95 26.06
N GLU Q 507 3.60 9.17 27.32
CA GLU Q 507 3.48 10.53 27.84
C GLU Q 507 4.72 10.92 28.61
N VAL Q 508 5.89 10.73 28.01
CA VAL Q 508 7.15 11.13 28.60
C VAL Q 508 7.93 11.89 27.52
N SER Q 509 8.89 12.70 27.95
CA SER Q 509 9.61 13.53 27.00
C SER Q 509 10.49 12.68 26.09
N GLU Q 510 10.59 13.13 24.84
CA GLU Q 510 11.19 12.33 23.78
C GLU Q 510 12.70 12.29 23.87
N THR Q 511 13.32 13.37 24.35
CA THR Q 511 14.77 13.43 24.37
C THR Q 511 15.35 12.53 25.45
N ILE Q 512 14.68 12.46 26.61
CA ILE Q 512 15.25 11.72 27.73
C ILE Q 512 15.42 10.27 27.33
N PHE Q 513 14.32 9.63 26.89
CA PHE Q 513 14.45 8.25 26.47
C PHE Q 513 15.43 8.14 25.33
N SER Q 514 15.51 9.17 24.49
CA SER Q 514 16.39 9.10 23.34
C SER Q 514 17.82 8.89 23.77
N GLN Q 515 18.22 9.55 24.85
CA GLN Q 515 19.58 9.43 25.37
C GLN Q 515 19.64 8.40 26.49
N CYS Q 516 19.20 7.20 26.16
CA CYS Q 516 19.28 6.03 27.02
C CYS Q 516 19.89 4.88 26.23
N SER Q 517 20.80 4.14 26.85
CA SER Q 517 21.61 3.17 26.13
C SER Q 517 21.15 1.73 26.34
N ASN Q 518 20.59 1.39 27.48
CA ASN Q 518 20.07 0.07 27.74
C ASN Q 518 18.59 0.14 28.04
N PHE Q 519 17.85 -0.90 27.66
CA PHE Q 519 16.41 -0.95 27.83
C PHE Q 519 15.98 -2.27 28.41
N ILE Q 520 15.17 -2.18 29.45
CA ILE Q 520 14.56 -3.31 30.13
C ILE Q 520 13.06 -3.15 30.03
N SER Q 521 12.41 -4.08 29.34
CA SER Q 521 10.98 -4.01 29.08
C SER Q 521 10.27 -5.18 29.75
N LEU Q 522 9.27 -4.88 30.55
CA LEU Q 522 8.31 -5.86 31.04
C LEU Q 522 7.01 -5.76 30.23
N ARG Q 523 6.01 -6.51 30.67
CA ARG Q 523 4.78 -6.65 29.90
C ARG Q 523 4.08 -5.32 29.69
N LEU Q 524 3.77 -5.05 28.43
CA LEU Q 524 3.00 -3.87 28.03
C LEU Q 524 1.74 -4.33 27.32
N THR Q 525 0.59 -3.82 27.77
CA THR Q 525 -0.71 -4.31 27.33
C THR Q 525 -1.55 -3.23 26.65
N ASN Q 526 -0.94 -2.11 26.28
CA ASN Q 526 -1.60 -1.08 25.50
C ASN Q 526 -0.81 -0.84 24.23
N ALA Q 527 -1.51 -0.37 23.20
CA ALA Q 527 -0.97 -0.39 21.85
C ALA Q 527 -0.04 0.77 21.58
N VAL Q 528 -0.41 1.98 22.03
CA VAL Q 528 0.37 3.16 21.65
C VAL Q 528 1.75 3.10 22.27
N ASP Q 529 1.83 2.72 23.54
CA ASP Q 529 3.11 2.47 24.18
C ASP Q 529 3.90 1.40 23.44
N GLN Q 530 3.21 0.38 22.95
CA GLN Q 530 3.87 -0.68 22.20
C GLN Q 530 4.57 -0.11 20.98
N THR Q 531 3.86 0.73 20.21
CA THR Q 531 4.46 1.31 19.02
C THR Q 531 5.59 2.26 19.38
N TYR Q 532 5.40 3.07 20.42
CA TYR Q 532 6.44 3.99 20.85
C TYR Q 532 7.73 3.24 21.14
N VAL Q 533 7.65 2.14 21.88
CA VAL Q 533 8.84 1.37 22.16
C VAL Q 533 9.37 0.76 20.86
N LYS Q 534 8.49 0.15 20.07
CA LYS Q 534 8.94 -0.49 18.85
C LYS Q 534 9.75 0.46 17.99
N SER Q 535 9.49 1.76 18.11
CA SER Q 535 10.29 2.73 17.37
C SER Q 535 11.55 3.10 18.12
N LEU Q 536 11.43 3.43 19.40
CA LEU Q 536 12.55 4.01 20.14
C LEU Q 536 13.84 3.25 19.89
N LEU Q 537 13.78 1.93 19.86
CA LEU Q 537 14.96 1.11 19.69
C LEU Q 537 14.82 0.24 18.44
N PRO Q 538 15.67 0.43 17.42
CA PRO Q 538 15.53 -0.34 16.18
C PRO Q 538 16.32 -1.64 16.10
N ASP Q 539 17.04 -2.03 17.15
CA ASP Q 539 17.82 -3.27 17.07
C ASP Q 539 16.90 -4.48 16.92
N LEU Q 540 15.73 -4.45 17.54
CA LEU Q 540 14.83 -5.60 17.58
C LEU Q 540 13.95 -5.58 16.35
N SER Q 541 14.04 -6.63 15.53
CA SER Q 541 13.16 -6.73 14.36
C SER Q 541 11.71 -6.59 14.82
N ALA Q 542 10.86 -6.11 13.90
CA ALA Q 542 9.46 -5.92 14.22
C ALA Q 542 8.84 -7.19 14.80
N GLY Q 543 9.38 -8.36 14.41
CA GLY Q 543 8.77 -9.61 14.83
C GLY Q 543 8.97 -9.90 16.29
N LEU Q 544 10.13 -9.53 16.84
CA LEU Q 544 10.39 -9.80 18.25
C LEU Q 544 9.66 -8.83 19.16
N GLY Q 545 9.00 -7.84 18.59
CA GLY Q 545 8.20 -6.92 19.39
C GLY Q 545 6.89 -7.47 19.85
N ASP Q 546 6.32 -8.41 19.10
CA ASP Q 546 5.08 -9.06 19.49
C ASP Q 546 5.26 -9.98 20.70
N LEU Q 547 6.43 -9.99 21.31
CA LEU Q 547 6.69 -10.79 22.49
C LEU Q 547 6.20 -10.10 23.74
N LEU Q 548 6.09 -8.77 23.70
CA LEU Q 548 5.81 -8.01 24.92
C LEU Q 548 4.46 -8.35 25.51
N PRO Q 549 3.36 -8.37 24.75
CA PRO Q 549 2.04 -8.54 25.36
C PRO Q 549 1.86 -9.87 26.05
N ASN Q 550 2.79 -10.81 25.87
CA ASN Q 550 2.70 -12.13 26.48
C ASN Q 550 4.00 -12.40 27.22
N LEU Q 551 4.10 -11.89 28.44
CA LEU Q 551 5.22 -12.12 29.32
C LEU Q 551 4.68 -12.29 30.73
N ALA Q 552 5.06 -13.40 31.35
CA ALA Q 552 4.56 -13.74 32.67
C ALA Q 552 5.09 -12.79 33.72
N GLN Q 553 4.64 -12.98 34.94
CA GLN Q 553 5.01 -12.11 36.04
C GLN Q 553 6.48 -12.29 36.36
N GLY Q 554 7.24 -11.22 36.28
CA GLY Q 554 8.67 -11.27 36.47
C GLY Q 554 9.44 -11.84 35.31
N GLU Q 555 9.03 -11.51 34.08
CA GLU Q 555 9.77 -11.85 32.88
C GLU Q 555 10.01 -10.58 32.11
N PHE Q 556 11.24 -10.44 31.62
CA PHE Q 556 11.70 -9.19 31.05
C PHE Q 556 12.54 -9.45 29.82
N LEU Q 557 12.66 -8.40 29.01
CA LEU Q 557 13.48 -8.41 27.82
C LEU Q 557 14.52 -7.31 27.96
N ILE Q 558 15.79 -7.68 27.74
CA ILE Q 558 16.89 -6.75 27.87
C ILE Q 558 17.57 -6.61 26.53
N VAL Q 559 17.76 -5.35 26.12
CA VAL Q 559 18.34 -5.00 24.84
C VAL Q 559 19.26 -3.81 25.05
N GLY Q 560 20.49 -3.93 24.59
CA GLY Q 560 21.41 -2.81 24.65
C GLY Q 560 22.85 -3.26 24.46
N ASP Q 561 23.75 -2.35 24.81
CA ASP Q 561 25.17 -2.60 24.66
C ASP Q 561 25.74 -3.58 25.68
N ALA Q 562 25.17 -3.61 26.88
CA ALA Q 562 25.76 -4.44 27.93
C ALA Q 562 25.87 -5.90 27.54
N PRO Q 563 24.79 -6.56 27.11
CA PRO Q 563 24.86 -7.99 26.83
C PRO Q 563 25.30 -8.27 25.40
N LEU Q 564 25.81 -9.49 25.23
CA LEU Q 564 26.23 -9.93 23.91
C LEU Q 564 25.06 -9.94 22.94
N MET Q 565 23.87 -10.26 23.43
CA MET Q 565 22.74 -10.50 22.55
C MET Q 565 21.45 -10.29 23.31
N PRO Q 566 20.40 -9.79 22.66
CA PRO Q 566 19.13 -9.54 23.34
C PRO Q 566 18.57 -10.80 23.97
N THR Q 567 18.00 -10.65 25.16
CA THR Q 567 17.66 -11.85 25.90
C THR Q 567 16.44 -11.65 26.79
N VAL Q 568 15.89 -12.78 27.20
CA VAL Q 568 14.64 -12.86 27.97
C VAL Q 568 14.97 -13.55 29.29
N GLY Q 569 14.60 -12.90 30.39
CA GLY Q 569 15.00 -13.35 31.71
C GLY Q 569 13.86 -13.26 32.70
N HIS Q 570 14.13 -13.74 33.90
CA HIS Q 570 13.13 -13.88 34.95
C HIS Q 570 13.72 -13.44 36.28
N PHE Q 571 13.08 -12.48 36.92
CA PHE Q 571 13.52 -12.01 38.22
C PHE Q 571 13.05 -12.97 39.31
N ALA Q 572 13.77 -12.94 40.44
CA ALA Q 572 13.28 -13.53 41.68
C ALA Q 572 12.61 -12.46 42.52
N LEU Q 573 11.89 -12.89 43.55
CA LEU Q 573 11.23 -11.94 44.41
C LEU Q 573 12.24 -11.18 45.25
N PRO Q 574 11.95 -9.92 45.58
CA PRO Q 574 12.85 -9.16 46.45
C PRO Q 574 12.48 -9.29 47.92
N VAL Q 575 13.50 -9.44 48.76
CA VAL Q 575 13.33 -9.57 50.19
C VAL Q 575 14.28 -8.61 50.87
N PRO Q 576 13.80 -7.62 51.62
CA PRO Q 576 12.41 -7.19 51.82
C PRO Q 576 11.72 -6.63 50.59
N GLU Q 577 10.39 -6.77 50.54
CA GLU Q 577 9.63 -6.33 49.38
C GLU Q 577 9.29 -4.86 49.51
N PRO Q 578 9.09 -4.12 48.41
CA PRO Q 578 8.58 -2.76 48.56
C PRO Q 578 7.08 -2.80 48.74
N HIS Q 579 6.58 -2.08 49.75
CA HIS Q 579 5.16 -2.03 49.99
C HIS Q 579 4.75 -0.59 50.22
N SER Q 580 3.49 -0.29 49.95
CA SER Q 580 2.96 1.06 50.11
C SER Q 580 1.85 1.00 51.13
N ARG Q 581 1.84 1.95 52.06
CA ARG Q 581 0.82 1.97 53.09
C ARG Q 581 -0.42 2.70 52.56
N SER Q 582 -1.05 2.06 51.58
CA SER Q 582 -2.26 2.63 51.02
C SER Q 582 -3.45 2.27 51.89
N VAL Q 583 -4.55 2.99 51.70
CA VAL Q 583 -5.77 2.77 52.46
C VAL Q 583 -6.81 2.10 51.56
N ASN Q 584 -7.37 1.01 52.08
CA ASN Q 584 -8.40 0.24 51.41
C ASN Q 584 -9.76 0.68 51.93
N TYR Q 585 -10.71 0.90 51.01
CA TYR Q 585 -11.98 1.52 51.40
C TYR Q 585 -13.05 0.48 51.74
N LEU Q 586 -13.32 -0.44 50.83
CA LEU Q 586 -14.37 -1.41 51.07
C LEU Q 586 -13.98 -2.43 52.13
N GLN Q 587 -12.71 -2.50 52.50
CA GLN Q 587 -12.32 -3.34 53.62
C GLN Q 587 -12.65 -2.66 54.94
N GLU Q 588 -12.69 -1.32 54.94
CA GLU Q 588 -13.04 -0.54 56.11
C GLU Q 588 -14.54 -0.31 56.25
N TRP Q 589 -15.25 -0.15 55.13
CA TRP Q 589 -16.70 -0.03 55.20
C TRP Q 589 -17.35 -1.24 55.87
N ASN Q 590 -16.86 -2.43 55.56
CA ASN Q 590 -17.41 -3.63 56.18
C ASN Q 590 -17.45 -3.50 57.70
N SER Q 591 -16.44 -2.87 58.28
CA SER Q 591 -16.44 -2.64 59.71
C SER Q 591 -17.56 -1.67 60.07
N GLY Q 592 -17.88 -1.62 61.36
CA GLY Q 592 -18.96 -0.77 61.82
C GLY Q 592 -18.55 0.67 62.02
N TRP Q 593 -19.54 1.44 62.48
CA TRP Q 593 -19.32 2.84 62.82
C TRP Q 593 -18.17 2.98 63.80
N ARG Q 594 -17.49 4.12 63.72
CA ARG Q 594 -16.38 4.41 64.61
C ARG Q 594 -16.59 5.81 65.17
N HIS Q 595 -16.70 5.92 66.49
CA HIS Q 595 -16.84 7.23 67.12
C HIS Q 595 -15.66 8.12 66.75
N VAL Q 596 -15.98 9.35 66.34
CA VAL Q 596 -15.03 10.37 65.93
C VAL Q 596 -15.04 11.46 66.98
N ASP Q 597 -13.93 11.58 67.70
CA ASP Q 597 -13.79 12.56 68.75
C ASP Q 597 -13.53 13.90 68.07
N PHE Q 598 -14.60 14.47 67.54
CA PHE Q 598 -14.50 15.69 66.74
C PHE Q 598 -13.78 16.80 67.49
N ASP Q 599 -14.01 16.92 68.79
CA ASP Q 599 -13.43 18.03 69.53
C ASP Q 599 -11.90 18.02 69.41
N SER Q 600 -11.30 16.84 69.52
CA SER Q 600 -9.84 16.76 69.47
C SER Q 600 -9.31 17.12 68.09
N VAL Q 601 -9.87 16.51 67.05
CA VAL Q 601 -9.39 16.79 65.69
C VAL Q 601 -9.51 18.28 65.43
N ILE Q 602 -10.58 18.88 65.91
CA ILE Q 602 -10.81 20.30 65.65
C ILE Q 602 -9.81 21.13 66.44
N ASP Q 603 -9.52 20.72 67.68
CA ASP Q 603 -8.53 21.44 68.46
C ASP Q 603 -7.19 21.46 67.75
N ARG Q 604 -6.75 20.29 67.27
CA ARG Q 604 -5.50 20.26 66.50
C ARG Q 604 -5.61 21.15 65.28
N TRP Q 605 -6.75 21.09 64.58
CA TRP Q 605 -6.98 21.94 63.43
C TRP Q 605 -6.73 23.40 63.76
N ARG Q 606 -7.05 23.81 64.99
CA ARG Q 606 -7.06 25.23 65.33
C ARG Q 606 -5.74 25.91 64.99
N GLY Q 607 -4.63 25.25 65.26
CA GLY Q 607 -3.36 25.91 65.07
C GLY Q 607 -3.02 26.65 66.34
N LYS Q 608 -1.96 27.45 66.26
CA LYS Q 608 -1.54 28.24 67.41
C LYS Q 608 -1.29 27.34 68.62
N MET R 1 -12.11 -26.71 35.23
CA MET R 1 -12.29 -27.39 36.51
C MET R 1 -13.48 -28.32 36.49
N PRO R 2 -14.65 -27.82 36.05
CA PRO R 2 -15.81 -28.71 35.88
C PRO R 2 -15.90 -29.34 34.50
N ASP R 3 -16.92 -30.18 34.32
CA ASP R 3 -17.17 -30.80 33.03
C ASP R 3 -17.49 -29.67 32.06
N LEU R 4 -16.60 -29.44 31.10
CA LEU R 4 -16.79 -28.34 30.17
C LEU R 4 -17.99 -28.58 29.27
N GLY R 5 -17.97 -29.68 28.54
CA GLY R 5 -19.09 -30.02 27.69
C GLY R 5 -18.65 -30.47 26.32
N THR R 6 -19.42 -30.12 25.32
CA THR R 6 -19.14 -30.52 23.96
C THR R 6 -18.50 -29.37 23.18
N PRO R 7 -17.47 -29.66 22.39
CA PRO R 7 -16.77 -28.59 21.69
C PRO R 7 -17.56 -28.05 20.52
N ILE R 8 -17.35 -26.77 20.27
CA ILE R 8 -17.93 -26.11 19.12
C ILE R 8 -17.03 -26.16 17.89
N GLY R 9 -15.72 -26.19 18.07
CA GLY R 9 -14.85 -26.13 16.92
C GLY R 9 -13.45 -26.62 17.20
N SER R 10 -12.66 -26.64 16.15
CA SER R 10 -11.28 -27.08 16.18
C SER R 10 -10.40 -26.01 15.57
N VAL R 11 -9.17 -25.97 16.03
CA VAL R 11 -8.20 -24.97 15.60
C VAL R 11 -7.70 -25.33 14.21
N THR R 12 -7.53 -24.30 13.38
CA THR R 12 -6.98 -24.45 12.05
C THR R 12 -5.70 -23.66 11.79
N ASP R 13 -5.48 -22.57 12.51
CA ASP R 13 -4.26 -21.78 12.34
C ASP R 13 -3.86 -21.18 13.68
N SER R 14 -2.58 -21.26 13.98
CA SER R 14 -2.04 -20.85 15.26
C SER R 14 -0.81 -19.99 15.07
N SER R 15 -0.63 -19.06 16.00
CA SER R 15 0.52 -18.17 16.04
C SER R 15 0.53 -17.47 17.39
N PRO R 16 1.66 -16.94 17.81
CA PRO R 16 1.72 -16.31 19.13
C PRO R 16 0.69 -15.21 19.31
N SER R 17 0.37 -14.49 18.24
CA SER R 17 -0.59 -13.41 18.33
C SER R 17 -2.02 -13.84 18.06
N LEU R 18 -2.24 -14.65 17.02
CA LEU R 18 -3.59 -14.89 16.52
C LEU R 18 -3.89 -16.38 16.43
N ILE R 19 -5.05 -16.77 16.97
CA ILE R 19 -5.56 -18.13 16.84
C ILE R 19 -6.85 -18.08 16.03
N ARG R 20 -7.08 -19.12 15.25
CA ARG R 20 -8.22 -19.17 14.34
C ARG R 20 -8.93 -20.50 14.50
N ILE R 21 -10.24 -20.45 14.73
CA ILE R 21 -11.07 -21.64 14.91
C ILE R 21 -12.11 -21.68 13.79
N GLU R 22 -12.56 -22.90 13.49
CA GLU R 22 -13.50 -23.15 12.41
C GLU R 22 -14.69 -23.96 12.89
N ILE R 23 -15.87 -23.40 12.77
CA ILE R 23 -17.13 -24.10 13.01
C ILE R 23 -17.75 -24.50 11.69
N SER R 24 -18.33 -25.69 11.64
CA SER R 24 -18.75 -26.32 10.41
C SER R 24 -20.25 -26.57 10.32
N SER R 25 -20.97 -26.55 11.44
CA SER R 25 -22.41 -26.77 11.48
C SER R 25 -23.15 -25.53 11.95
N ALA R 26 -24.32 -25.28 11.35
CA ALA R 26 -25.08 -24.09 11.65
C ALA R 26 -25.89 -24.25 12.93
N GLU R 27 -26.33 -25.48 13.24
CA GLU R 27 -27.12 -25.69 14.44
C GLU R 27 -26.29 -25.46 15.69
N ASP R 28 -24.99 -25.74 15.62
CA ASP R 28 -24.13 -25.53 16.78
C ASP R 28 -23.96 -24.03 17.02
N PHE R 29 -23.79 -23.27 15.94
CA PHE R 29 -23.60 -21.83 16.03
C PHE R 29 -24.84 -21.16 16.56
N GLU R 30 -26.01 -21.52 16.04
CA GLU R 30 -27.20 -20.78 16.41
C GLU R 30 -27.50 -20.97 17.89
N LYS R 31 -27.15 -22.13 18.44
CA LYS R 31 -27.37 -22.38 19.85
C LYS R 31 -26.51 -21.48 20.72
N TYR R 32 -25.25 -21.32 20.36
CA TYR R 32 -24.29 -20.61 21.20
C TYR R 32 -24.00 -19.18 20.72
N LYS R 33 -24.79 -18.65 19.80
CA LYS R 33 -24.48 -17.33 19.22
C LYS R 33 -24.39 -16.25 20.28
N SER R 34 -25.09 -16.40 21.40
CA SER R 34 -25.01 -15.39 22.43
C SER R 34 -23.64 -15.36 23.11
N MET R 35 -22.98 -16.51 23.18
CA MET R 35 -21.68 -16.61 23.83
C MET R 35 -20.52 -16.43 22.87
N LEU R 36 -20.78 -16.02 21.63
CA LEU R 36 -19.74 -15.81 20.62
C LEU R 36 -19.93 -14.42 20.02
N GLY R 37 -19.46 -13.41 20.74
CA GLY R 37 -19.44 -12.07 20.22
C GLY R 37 -18.15 -11.38 20.62
N VAL R 38 -17.82 -10.33 19.89
CA VAL R 38 -16.59 -9.60 20.18
C VAL R 38 -16.61 -9.21 21.64
N GLY R 39 -15.60 -9.68 22.37
CA GLY R 39 -15.42 -9.37 23.77
C GLY R 39 -15.57 -10.55 24.68
N GLN R 40 -16.15 -11.65 24.21
CA GLN R 40 -16.34 -12.82 25.03
C GLN R 40 -15.03 -13.60 25.14
N TYR R 41 -15.09 -14.71 25.85
CA TYR R 41 -13.91 -15.48 26.18
C TYR R 41 -14.14 -16.96 25.86
N LEU R 42 -13.11 -17.59 25.34
CA LEU R 42 -13.15 -18.99 24.94
C LEU R 42 -11.95 -19.72 25.49
N LEU R 43 -12.13 -21.03 25.67
CA LEU R 43 -11.12 -21.89 26.27
C LEU R 43 -10.57 -22.82 25.20
N VAL R 44 -9.25 -22.84 25.07
CA VAL R 44 -8.60 -23.65 24.06
C VAL R 44 -7.63 -24.59 24.75
N ALA R 45 -7.65 -25.86 24.36
CA ALA R 45 -6.81 -26.84 25.00
C ALA R 45 -5.38 -26.78 24.48
N SER R 46 -4.43 -26.86 25.41
CA SER R 46 -3.01 -26.98 25.08
C SER R 46 -2.46 -28.09 25.95
N GLY R 47 -2.17 -29.21 25.34
CA GLY R 47 -1.71 -30.34 26.08
C GLY R 47 -2.81 -30.95 26.92
N ASN R 48 -2.40 -31.75 27.89
CA ASN R 48 -3.30 -32.29 28.89
C ASN R 48 -3.18 -31.48 30.16
N ASN R 49 -4.32 -31.25 30.80
CA ASN R 49 -4.38 -30.51 32.06
C ASN R 49 -3.88 -29.08 31.92
N LEU R 50 -4.42 -28.37 30.94
CA LEU R 50 -4.11 -26.97 30.75
C LEU R 50 -5.06 -26.39 29.72
N TYR R 51 -5.46 -25.14 29.93
CA TYR R 51 -6.30 -24.41 29.02
C TYR R 51 -5.80 -22.98 28.88
N LEU R 52 -6.01 -22.43 27.69
CA LEU R 52 -5.76 -21.05 27.40
C LEU R 52 -7.07 -20.29 27.27
N LEU R 53 -7.01 -18.99 27.53
CA LEU R 53 -8.18 -18.13 27.53
C LEU R 53 -7.97 -17.07 26.47
N ALA R 54 -8.85 -17.04 25.48
CA ALA R 54 -8.74 -16.11 24.37
C ALA R 54 -9.97 -15.21 24.30
N SER R 55 -9.77 -14.03 23.73
CA SER R 55 -10.82 -13.05 23.52
C SER R 55 -11.07 -12.85 22.03
N ILE R 56 -12.35 -12.93 21.66
CA ILE R 56 -12.72 -12.88 20.26
C ILE R 56 -12.43 -11.50 19.69
N THR R 57 -12.00 -11.48 18.44
CA THR R 57 -11.71 -10.25 17.73
C THR R 57 -12.42 -10.17 16.38
N GLY R 58 -12.91 -11.27 15.85
CA GLY R 58 -13.65 -11.26 14.60
C GLY R 58 -14.38 -12.55 14.30
N VAL R 59 -15.45 -12.42 13.52
CA VAL R 59 -16.31 -13.53 13.14
C VAL R 59 -16.68 -13.35 11.67
N ARG R 60 -16.60 -14.43 10.90
CA ARG R 60 -16.91 -14.37 9.47
C ARG R 60 -17.61 -15.64 9.04
N ALA R 61 -18.70 -15.47 8.30
CA ALA R 61 -19.60 -16.55 7.93
C ALA R 61 -19.76 -16.62 6.42
N THR R 62 -19.67 -17.82 5.85
CA THR R 62 -19.81 -17.96 4.41
C THR R 62 -20.52 -19.26 4.06
N HIS R 63 -21.08 -19.26 2.85
CA HIS R 63 -21.78 -20.40 2.26
C HIS R 63 -21.25 -20.61 0.86
N VAL R 64 -20.50 -21.68 0.64
CA VAL R 64 -19.99 -22.00 -0.68
C VAL R 64 -20.22 -23.48 -0.94
N GLU R 65 -20.50 -23.82 -2.19
CA GLU R 65 -20.83 -25.19 -2.57
C GLU R 65 -19.61 -25.90 -3.14
N ARG R 66 -19.44 -27.15 -2.74
CA ARG R 66 -18.32 -27.96 -3.20
C ARG R 66 -18.46 -29.39 -2.69
N ASN R 87 -20.68 -26.40 1.99
CA ASN R 87 -21.73 -25.92 2.87
C ASN R 87 -21.21 -24.78 3.74
N PHE R 88 -21.71 -24.66 4.96
CA PHE R 88 -21.39 -23.51 5.78
C PHE R 88 -19.94 -23.53 6.26
N ARG R 89 -19.39 -22.34 6.47
CA ARG R 89 -18.07 -22.19 7.06
C ARG R 89 -18.08 -20.98 7.97
N PHE R 90 -17.78 -21.18 9.25
CA PHE R 90 -17.67 -20.09 10.21
C PHE R 90 -16.25 -19.99 10.72
N GLN R 91 -15.72 -18.77 10.80
CA GLN R 91 -14.36 -18.49 11.22
C GLN R 91 -14.38 -17.54 12.40
N ILE R 92 -13.68 -17.92 13.46
CA ILE R 92 -13.56 -17.12 14.67
C ILE R 92 -12.10 -16.83 14.92
N ASP R 93 -11.74 -15.55 15.00
CA ASP R 93 -10.38 -15.14 15.32
C ASP R 93 -10.28 -14.73 16.78
N THR R 94 -9.11 -14.98 17.37
CA THR R 94 -8.93 -14.87 18.80
C THR R 94 -7.52 -14.40 19.13
N GLN R 95 -7.39 -13.77 20.30
CA GLN R 95 -6.13 -13.26 20.83
C GLN R 95 -5.90 -13.81 22.23
N PRO R 96 -4.74 -14.37 22.52
CA PRO R 96 -4.49 -14.93 23.84
C PRO R 96 -4.43 -13.90 24.95
N ILE R 97 -4.82 -14.35 26.13
CA ILE R 97 -4.83 -13.51 27.32
C ILE R 97 -4.21 -14.17 28.53
N GLY R 98 -4.20 -15.49 28.62
CA GLY R 98 -3.64 -16.14 29.79
C GLY R 98 -3.89 -17.62 29.77
N THR R 99 -3.42 -18.27 30.85
CA THR R 99 -3.50 -19.70 31.01
C THR R 99 -4.14 -20.06 32.33
N LEU R 100 -4.85 -21.17 32.33
CA LEU R 100 -5.61 -21.67 33.47
C LEU R 100 -5.37 -23.16 33.57
N SER R 101 -5.26 -23.67 34.79
CA SER R 101 -4.96 -25.06 35.04
C SER R 101 -6.16 -25.81 35.58
N GLU R 102 -5.97 -27.10 35.82
CA GLU R 102 -7.02 -27.94 36.35
C GLU R 102 -7.35 -27.56 37.78
N ASP R 103 -6.36 -27.11 38.56
CA ASP R 103 -6.62 -26.69 39.92
C ASP R 103 -7.54 -25.49 39.95
N GLY R 104 -7.42 -24.60 38.97
CA GLY R 104 -8.14 -23.35 38.94
C GLY R 104 -7.25 -22.14 38.90
N GLU R 105 -5.95 -22.30 38.94
CA GLU R 105 -5.06 -21.17 38.92
C GLU R 105 -5.10 -20.47 37.57
N PHE R 106 -4.76 -19.19 37.60
CA PHE R 106 -4.75 -18.33 36.44
C PHE R 106 -3.45 -17.55 36.41
N SER R 107 -2.69 -17.72 35.35
CA SER R 107 -1.46 -16.99 35.13
C SER R 107 -1.59 -16.19 33.85
N ARG R 108 -1.40 -14.89 33.96
CA ARG R 108 -1.52 -14.00 32.82
C ARG R 108 -0.23 -13.97 32.01
N GLY R 109 -0.38 -14.05 30.70
CA GLY R 109 0.72 -14.25 29.79
C GLY R 109 0.95 -15.70 29.44
N SER R 110 1.21 -15.98 28.16
CA SER R 110 1.29 -17.34 27.67
C SER R 110 2.50 -17.51 26.76
N HIS R 111 3.27 -18.56 27.02
CA HIS R 111 4.39 -18.95 26.18
C HIS R 111 4.05 -20.06 25.20
N SER R 112 2.86 -20.64 25.28
CA SER R 112 2.53 -21.85 24.56
C SER R 112 2.14 -21.54 23.13
N LEU R 113 1.76 -22.57 22.40
CA LEU R 113 1.34 -22.44 21.02
C LEU R 113 0.48 -23.64 20.66
N PRO R 114 -0.84 -23.53 20.79
CA PRO R 114 -1.70 -24.69 20.62
C PRO R 114 -1.64 -25.24 19.20
N VAL R 115 -1.63 -26.57 19.11
CA VAL R 115 -1.46 -27.25 17.83
C VAL R 115 -2.80 -27.38 17.13
N PRO R 116 -2.81 -27.41 15.81
CA PRO R 116 -4.05 -27.66 15.08
C PRO R 116 -4.63 -29.03 15.41
N THR R 117 -5.93 -29.14 15.19
CA THR R 117 -6.70 -30.32 15.55
C THR R 117 -6.83 -30.42 17.06
N GLU R 118 -7.15 -29.29 17.68
CA GLU R 118 -7.35 -29.23 19.13
C GLU R 118 -8.53 -28.33 19.42
N TYR R 119 -9.28 -28.67 20.45
CA TYR R 119 -10.65 -28.22 20.59
C TYR R 119 -10.75 -26.84 21.20
N ALA R 120 -11.98 -26.32 21.22
CA ALA R 120 -12.32 -25.00 21.70
C ALA R 120 -13.70 -25.06 22.34
N TYR R 121 -13.82 -24.53 23.55
CA TYR R 121 -15.04 -24.57 24.32
C TYR R 121 -15.48 -23.17 24.72
N VAL R 122 -16.75 -23.07 25.02
CA VAL R 122 -17.35 -21.87 25.60
C VAL R 122 -17.17 -21.91 27.10
N THR R 123 -16.83 -20.76 27.68
CA THR R 123 -16.66 -20.70 29.11
C THR R 123 -18.01 -20.86 29.82
N PRO R 124 -18.07 -21.66 30.88
CA PRO R 124 -19.27 -21.74 31.65
C PRO R 124 -19.33 -20.60 32.65
N PRO R 125 -20.53 -20.13 32.99
CA PRO R 125 -20.61 -18.94 33.85
C PRO R 125 -19.82 -19.07 35.14
N ALA R 126 -19.86 -20.24 35.77
CA ALA R 126 -19.23 -20.39 37.08
C ALA R 126 -17.76 -20.07 37.03
N VAL R 127 -17.07 -20.52 35.98
CA VAL R 127 -15.62 -20.42 35.99
C VAL R 127 -15.16 -18.98 35.83
N LEU R 128 -15.90 -18.17 35.08
CA LEU R 128 -15.40 -16.85 34.74
C LEU R 128 -15.38 -15.90 35.94
N GLU R 129 -16.38 -15.98 36.83
CA GLU R 129 -16.36 -15.09 37.98
C GLU R 129 -15.18 -15.41 38.88
N GLY R 130 -14.86 -16.69 39.01
CA GLY R 130 -13.70 -17.06 39.78
C GLY R 130 -12.41 -16.57 39.16
N ILE R 131 -12.26 -16.82 37.86
CA ILE R 131 -11.10 -16.32 37.13
C ILE R 131 -11.03 -14.82 37.26
N PHE R 132 -12.17 -14.18 37.52
CA PHE R 132 -12.24 -12.73 37.60
C PHE R 132 -11.71 -12.26 38.94
N SER R 133 -12.21 -12.83 40.03
CA SER R 133 -12.02 -12.21 41.34
C SER R 133 -11.32 -13.04 42.42
N HIS R 134 -11.13 -14.36 42.26
CA HIS R 134 -10.46 -15.08 43.36
C HIS R 134 -9.05 -14.58 43.61
N GLN R 135 -8.34 -14.12 42.57
CA GLN R 135 -7.06 -13.51 42.86
C GLN R 135 -7.22 -12.33 43.80
N ILE R 136 -8.40 -11.71 43.82
CA ILE R 136 -8.63 -10.48 44.58
C ILE R 136 -9.13 -10.85 45.96
N LYS R 137 -9.07 -9.89 46.88
CA LYS R 137 -9.51 -10.08 48.25
C LYS R 137 -10.84 -9.41 48.60
N SER R 138 -11.14 -8.26 48.01
CA SER R 138 -12.35 -7.51 48.30
C SER R 138 -13.03 -7.15 46.98
N PRO R 139 -13.95 -7.97 46.51
CA PRO R 139 -14.51 -7.75 45.18
C PRO R 139 -15.85 -7.03 45.20
N PHE R 140 -16.25 -6.49 44.05
CA PHE R 140 -17.43 -5.67 43.92
C PHE R 140 -18.25 -6.13 42.74
N ALA R 141 -19.49 -6.54 43.02
CA ALA R 141 -20.45 -6.83 41.97
C ALA R 141 -20.77 -5.57 41.19
N LEU R 142 -20.72 -5.67 39.86
CA LEU R 142 -20.92 -4.49 39.03
C LEU R 142 -21.76 -4.80 37.80
N GLY R 143 -22.58 -5.84 37.84
CA GLY R 143 -23.56 -6.04 36.81
C GLY R 143 -23.66 -7.39 36.16
N THR R 144 -23.82 -7.37 34.84
CA THR R 144 -24.01 -8.54 34.00
C THR R 144 -23.18 -8.33 32.74
N LEU R 145 -22.10 -9.10 32.59
CA LEU R 145 -21.19 -8.87 31.47
C LEU R 145 -21.90 -9.15 30.15
N GLY R 146 -22.81 -10.12 30.14
CA GLY R 146 -23.53 -10.43 28.92
C GLY R 146 -25.02 -10.29 29.11
N ILE R 147 -25.82 -11.08 28.39
CA ILE R 147 -27.26 -11.08 28.60
C ILE R 147 -27.66 -11.92 29.81
N SER R 148 -26.95 -13.01 30.06
CA SER R 148 -27.34 -13.94 31.12
C SER R 148 -26.99 -13.36 32.48
N PRO R 149 -27.94 -13.30 33.42
CA PRO R 149 -27.64 -12.70 34.73
C PRO R 149 -26.61 -13.47 35.52
N ASP R 150 -26.39 -14.75 35.22
CA ASP R 150 -25.44 -15.54 35.99
C ASP R 150 -24.02 -14.99 35.83
N ILE R 151 -23.76 -14.28 34.74
CA ILE R 151 -22.43 -13.75 34.46
C ILE R 151 -22.24 -12.44 35.20
N LYS R 152 -21.70 -12.51 36.42
CA LYS R 152 -21.58 -11.36 37.30
C LYS R 152 -20.18 -10.77 37.23
N LEU R 153 -20.06 -9.57 36.67
CA LEU R 153 -18.78 -8.90 36.66
C LEU R 153 -18.40 -8.53 38.09
N LYS R 154 -17.22 -8.98 38.52
CA LYS R 154 -16.77 -8.81 39.90
C LYS R 154 -15.43 -8.10 39.82
N ILE R 155 -15.49 -6.79 39.82
CA ILE R 155 -14.29 -5.97 39.71
C ILE R 155 -13.57 -5.93 41.04
N ASP R 156 -12.27 -5.68 40.98
CA ASP R 156 -11.50 -5.46 42.20
C ASP R 156 -12.02 -4.21 42.88
N GLY R 157 -12.41 -4.36 44.15
CA GLY R 157 -13.08 -3.26 44.82
C GLY R 157 -12.14 -2.12 45.16
N ASP R 158 -11.00 -2.44 45.75
CA ASP R 158 -10.13 -1.39 46.28
C ASP R 158 -9.63 -0.50 45.17
N ARG R 159 -8.97 -1.09 44.18
CA ARG R 159 -8.47 -0.29 43.06
C ARG R 159 -9.57 0.56 42.46
N PHE R 160 -10.82 0.06 42.49
CA PHE R 160 -11.94 0.84 41.96
C PHE R 160 -12.17 2.08 42.82
N PHE R 161 -12.36 1.89 44.12
CA PHE R 161 -12.70 2.99 45.02
C PHE R 161 -11.49 3.66 45.65
N SER R 162 -10.32 3.01 45.64
CA SER R 162 -9.12 3.63 46.18
C SER R 162 -8.55 4.69 45.25
N LYS R 163 -9.09 4.82 44.05
CA LYS R 163 -8.65 5.83 43.11
C LYS R 163 -9.85 6.38 42.38
N HIS R 164 -9.59 7.39 41.56
CA HIS R 164 -10.65 8.21 41.01
C HIS R 164 -11.27 7.54 39.79
N VAL R 165 -12.60 7.62 39.73
CA VAL R 165 -13.41 6.96 38.71
C VAL R 165 -14.30 7.98 38.04
N ALA R 166 -14.49 7.83 36.74
CA ALA R 166 -15.20 8.83 35.95
C ALA R 166 -16.30 8.16 35.14
N VAL R 167 -17.52 8.68 35.27
CA VAL R 167 -18.68 8.25 34.52
C VAL R 167 -19.25 9.50 33.90
N VAL R 168 -19.11 9.66 32.58
CA VAL R 168 -19.51 10.89 31.90
C VAL R 168 -20.24 10.52 30.62
N GLY R 169 -21.55 10.71 30.61
CA GLY R 169 -22.35 10.30 29.48
C GLY R 169 -22.94 11.43 28.65
N SER R 170 -24.13 11.17 28.12
CA SER R 170 -24.87 12.12 27.31
C SER R 170 -26.30 12.20 27.83
N THR R 171 -27.01 13.24 27.39
CA THR R 171 -28.41 13.38 27.80
C THR R 171 -29.23 12.30 27.12
N GLY R 172 -30.47 12.13 27.59
CA GLY R 172 -31.31 11.10 27.04
C GLY R 172 -30.76 9.71 27.26
N SER R 173 -30.37 9.38 28.49
CA SER R 173 -29.88 8.04 28.77
C SER R 173 -29.72 7.88 30.28
N GLY R 174 -29.76 6.62 30.70
CA GLY R 174 -29.83 6.24 32.10
C GLY R 174 -28.48 6.16 32.77
N LYS R 175 -27.79 7.30 32.87
CA LYS R 175 -26.60 7.36 33.71
C LYS R 175 -26.97 7.39 35.18
N SER R 176 -28.10 8.00 35.51
CA SER R 176 -28.46 8.19 36.90
C SER R 176 -28.79 6.85 37.54
N CYS R 177 -29.47 5.98 36.80
CA CYS R 177 -29.79 4.66 37.32
C CYS R 177 -28.52 3.88 37.62
N ALA R 178 -27.51 4.00 36.76
CA ALA R 178 -26.27 3.28 36.99
C ALA R 178 -25.56 3.80 38.23
N VAL R 179 -25.48 5.12 38.36
CA VAL R 179 -24.82 5.70 39.52
C VAL R 179 -25.52 5.26 40.80
N ALA R 180 -26.85 5.31 40.79
CA ALA R 180 -27.59 4.91 41.97
C ALA R 180 -27.40 3.45 42.28
N LYS R 181 -27.32 2.62 41.25
CA LYS R 181 -27.13 1.19 41.47
C LYS R 181 -25.78 0.91 42.10
N ILE R 182 -24.74 1.57 41.61
CA ILE R 182 -23.40 1.39 42.16
C ILE R 182 -23.40 1.79 43.63
N LEU R 183 -23.94 2.95 43.92
CA LEU R 183 -23.93 3.44 45.29
C LEU R 183 -24.77 2.56 46.21
N GLN R 184 -25.93 2.12 45.74
CA GLN R 184 -26.79 1.26 46.54
C GLN R 184 -26.09 -0.03 46.89
N THR R 185 -25.44 -0.66 45.91
CA THR R 185 -24.66 -1.86 46.22
C THR R 185 -23.57 -1.52 47.22
N ALA R 186 -22.95 -0.36 47.08
CA ALA R 186 -21.88 0.04 47.98
C ALA R 186 -22.35 0.16 49.41
N VAL R 187 -23.60 0.56 49.62
CA VAL R 187 -24.12 0.75 50.98
C VAL R 187 -24.87 -0.47 51.51
N GLY R 188 -25.32 -1.36 50.64
CA GLY R 188 -25.98 -2.59 51.02
C GLY R 188 -27.45 -2.64 50.69
N ILE R 189 -28.07 -1.49 50.47
CA ILE R 189 -29.48 -1.46 50.11
C ILE R 189 -29.73 -2.22 48.82
N GLU R 190 -30.85 -2.95 48.78
CA GLU R 190 -31.26 -3.65 47.58
C GLU R 190 -32.70 -4.12 47.76
N SER R 191 -33.49 -4.08 46.69
CA SER R 191 -34.85 -4.61 46.71
C SER R 191 -35.65 -3.97 47.85
N LYS R 192 -35.54 -2.64 47.99
CA LYS R 192 -36.34 -1.90 48.97
C LYS R 192 -36.08 -2.43 50.38
N ALA R 193 -34.92 -3.01 50.60
CA ALA R 193 -34.61 -3.51 51.92
C ALA R 193 -33.16 -3.17 52.27
N ASN R 194 -32.95 -2.91 53.55
CA ASN R 194 -31.64 -2.69 54.12
C ASN R 194 -31.15 -3.98 54.74
N ALA R 195 -30.10 -4.56 54.17
CA ALA R 195 -29.55 -5.77 54.76
C ALA R 195 -28.97 -5.49 56.14
N HIS R 196 -28.42 -4.31 56.35
CA HIS R 196 -27.85 -3.94 57.65
C HIS R 196 -28.85 -3.04 58.40
N LYS R 197 -29.97 -3.64 58.78
CA LYS R 197 -30.97 -2.93 59.57
C LYS R 197 -30.52 -2.76 61.01
N ALA R 198 -30.00 -3.82 61.61
CA ALA R 198 -29.65 -3.79 63.03
C ALA R 198 -28.43 -2.91 63.27
N ALA R 199 -27.46 -2.95 62.37
CA ALA R 199 -26.18 -2.30 62.57
C ALA R 199 -25.90 -1.34 61.43
N GLN R 200 -25.03 -0.38 61.68
CA GLN R 200 -24.60 0.59 60.68
C GLN R 200 -23.13 0.34 60.36
N LYS R 201 -22.85 0.12 59.08
CA LYS R 201 -21.50 -0.04 58.61
C LYS R 201 -20.86 1.33 58.36
N ASN R 202 -19.58 1.32 58.02
CA ASN R 202 -18.75 2.53 57.99
C ASN R 202 -18.58 2.99 56.55
N SER R 203 -19.62 3.58 56.00
CA SER R 203 -19.58 4.14 54.65
C SER R 203 -19.95 5.59 54.69
N HIS R 204 -19.16 6.42 54.01
CA HIS R 204 -19.33 7.87 54.07
C HIS R 204 -19.30 8.43 52.66
N ILE R 205 -20.45 8.94 52.23
CA ILE R 205 -20.65 9.46 50.89
C ILE R 205 -21.22 10.86 50.98
N VAL R 206 -20.89 11.67 49.99
CA VAL R 206 -21.38 13.04 49.90
C VAL R 206 -21.63 13.33 48.44
N ILE R 207 -22.87 13.62 48.08
CA ILE R 207 -23.30 13.76 46.70
C ILE R 207 -23.70 15.19 46.46
N PHE R 208 -23.23 15.75 45.35
CA PHE R 208 -23.69 17.05 44.88
C PHE R 208 -24.75 16.85 43.81
N ASP R 209 -25.94 17.39 44.05
CA ASP R 209 -27.08 17.25 43.15
C ASP R 209 -27.58 18.61 42.72
N ILE R 210 -27.79 18.77 41.42
CA ILE R 210 -28.30 20.00 40.84
C ILE R 210 -29.67 19.82 40.20
N HIS R 211 -29.96 18.66 39.61
CA HIS R 211 -31.25 18.37 39.02
C HIS R 211 -32.27 17.83 40.03
N ALA R 212 -31.87 17.62 41.27
CA ALA R 212 -32.79 17.19 42.33
C ALA R 212 -33.47 15.88 41.93
N GLU R 213 -32.63 14.85 41.85
CA GLU R 213 -33.05 13.55 41.34
C GLU R 213 -32.67 12.36 42.20
N TYR R 214 -31.92 12.55 43.29
CA TYR R 214 -31.30 11.44 44.00
C TYR R 214 -31.86 11.22 45.39
N ALA R 215 -32.76 12.07 45.87
CA ALA R 215 -33.24 11.93 47.23
C ALA R 215 -34.01 10.63 47.42
N ALA R 216 -34.84 10.28 46.45
CA ALA R 216 -35.74 9.14 46.63
C ALA R 216 -34.97 7.84 46.61
N ALA R 217 -33.96 7.75 45.76
CA ALA R 217 -33.24 6.50 45.56
C ALA R 217 -32.95 5.80 46.88
N PHE R 218 -32.59 6.57 47.89
CA PHE R 218 -32.26 6.03 49.19
C PHE R 218 -33.38 6.16 50.22
N ASN R 219 -34.37 7.03 49.97
CA ASN R 219 -35.43 7.27 50.95
C ASN R 219 -36.39 6.09 50.93
N LEU R 220 -36.00 5.03 51.61
CA LEU R 220 -36.85 3.85 51.72
C LEU R 220 -37.65 3.89 53.02
N GLU R 221 -38.54 2.92 53.17
CA GLU R 221 -39.52 3.00 54.25
C GLU R 221 -38.81 2.90 55.61
N ALA R 222 -39.51 3.37 56.64
CA ALA R 222 -38.93 3.42 57.98
C ALA R 222 -38.59 2.06 58.57
N GLY R 223 -39.39 1.02 58.27
CA GLY R 223 -39.14 -0.27 58.90
C GLY R 223 -37.71 -0.75 58.74
N GLU R 224 -37.10 -0.46 57.60
CA GLU R 224 -35.71 -0.84 57.38
C GLU R 224 -34.77 0.00 58.23
N ALA R 225 -35.25 1.15 58.70
CA ALA R 225 -34.51 2.00 59.63
C ALA R 225 -33.22 2.56 59.02
N PHE R 226 -33.38 3.36 57.97
CA PHE R 226 -32.25 4.02 57.34
C PHE R 226 -32.42 5.53 57.51
N THR R 227 -31.46 6.14 58.19
CA THR R 227 -31.44 7.58 58.45
C THR R 227 -30.66 8.29 57.33
N LEU R 228 -31.38 9.00 56.48
CA LEU R 228 -30.79 9.75 55.38
C LEU R 228 -30.77 11.23 55.71
N ASN R 229 -29.59 11.83 55.61
CA ASN R 229 -29.40 13.24 55.93
C ASN R 229 -29.56 14.05 54.66
N LEU R 230 -30.79 14.44 54.39
CA LEU R 230 -31.08 15.35 53.31
C LEU R 230 -30.70 16.77 53.74
N LEU R 231 -30.35 17.59 52.76
CA LEU R 231 -29.83 18.91 53.07
C LEU R 231 -29.99 19.80 51.86
N GLY R 232 -30.28 21.08 52.10
CA GLY R 232 -30.58 21.98 51.01
C GLY R 232 -30.73 23.41 51.51
N VAL R 233 -31.29 24.24 50.62
CA VAL R 233 -31.31 25.69 50.85
C VAL R 233 -31.93 26.01 52.20
N ASP R 234 -32.93 25.26 52.60
CA ASP R 234 -33.76 25.67 53.72
C ASP R 234 -33.04 25.54 55.05
N ASN R 235 -32.14 24.56 55.20
CA ASN R 235 -31.60 24.22 56.52
C ASN R 235 -30.08 24.27 56.59
N LEU R 236 -29.42 24.91 55.64
CA LEU R 236 -27.97 24.96 55.69
C LEU R 236 -27.51 25.92 56.77
N ARG R 237 -26.34 25.64 57.32
CA ARG R 237 -25.75 26.44 58.39
C ARG R 237 -24.32 26.83 58.06
N LEU R 238 -24.11 27.27 56.81
CA LEU R 238 -22.78 27.56 56.28
C LEU R 238 -22.47 29.04 56.38
N PRO R 239 -21.72 29.49 57.37
CA PRO R 239 -21.52 30.94 57.54
C PRO R 239 -20.60 31.56 56.51
N TYR R 240 -20.39 32.87 56.62
CA TYR R 240 -19.49 33.57 55.70
C TYR R 240 -18.07 33.62 56.18
N TRP R 241 -17.84 33.55 57.49
CA TRP R 241 -16.51 33.83 57.99
C TRP R 241 -15.56 32.66 57.85
N LEU R 242 -16.04 31.52 57.35
CA LEU R 242 -15.18 30.40 57.04
C LEU R 242 -14.37 30.70 55.79
N MET R 243 -14.94 31.49 54.90
CA MET R 243 -14.41 31.71 53.57
C MET R 243 -13.03 32.37 53.64
N ASN R 244 -12.24 32.15 52.58
CA ASN R 244 -10.97 32.81 52.44
C ASN R 244 -11.15 34.19 51.81
N ALA R 245 -10.04 34.94 51.76
CA ALA R 245 -10.09 36.29 51.23
C ALA R 245 -10.55 36.31 49.78
N GLN R 246 -10.02 35.40 48.97
CA GLN R 246 -10.27 35.41 47.53
C GLN R 246 -11.75 35.37 47.23
N GLU R 247 -12.45 34.39 47.79
CA GLU R 247 -13.89 34.29 47.56
C GLU R 247 -14.57 35.53 48.10
N LEU R 248 -14.37 35.83 49.39
CA LEU R 248 -15.07 36.93 50.03
C LEU R 248 -15.05 38.17 49.15
N GLU R 249 -13.87 38.48 48.60
CA GLU R 249 -13.73 39.69 47.79
C GLU R 249 -14.71 39.65 46.63
N GLN R 250 -14.88 38.48 46.03
CA GLN R 250 -15.84 38.33 44.94
C GLN R 250 -17.26 38.29 45.47
N ILE R 251 -17.44 37.79 46.69
CA ILE R 251 -18.79 37.66 47.26
C ILE R 251 -19.41 39.04 47.40
N PHE R 252 -18.65 39.98 47.98
CA PHE R 252 -19.24 41.29 48.19
C PHE R 252 -18.91 42.22 47.03
N ILE R 253 -17.64 42.54 46.83
CA ILE R 253 -17.24 43.44 45.77
C ILE R 253 -17.34 42.78 44.40
N GLU R 254 -17.57 43.58 43.38
CA GLU R 254 -17.51 43.18 41.98
C GLU R 254 -16.44 44.00 41.27
N SER R 255 -15.54 43.33 40.55
CA SER R 255 -14.46 44.06 39.90
C SER R 255 -14.95 44.96 38.76
N ASN R 256 -16.14 44.69 38.19
CA ASN R 256 -16.57 45.39 36.98
C ASN R 256 -16.71 46.89 37.22
N GLU R 257 -16.92 47.31 38.46
CA GLU R 257 -17.16 48.71 38.77
C GLU R 257 -15.95 49.57 38.37
N HIS R 258 -14.74 49.08 38.64
CA HIS R 258 -13.48 49.75 38.30
C HIS R 258 -13.23 51.02 39.09
N ASN R 259 -13.75 51.09 40.30
CA ASN R 259 -13.37 52.13 41.24
C ASN R 259 -12.58 51.54 42.42
N SER R 260 -11.91 50.41 42.18
CA SER R 260 -11.47 49.59 43.30
C SER R 260 -10.29 50.18 44.06
N HIS R 261 -9.44 50.95 43.36
CA HIS R 261 -8.07 51.16 43.82
C HIS R 261 -8.00 51.54 45.29
N ASN R 262 -9.03 52.18 45.81
CA ASN R 262 -9.04 52.67 47.17
C ASN R 262 -10.14 52.04 48.01
N GLN R 263 -11.28 51.74 47.39
CA GLN R 263 -12.39 51.23 48.16
C GLN R 263 -12.03 49.85 48.68
N ILE R 264 -11.33 49.05 47.87
CA ILE R 264 -10.92 47.73 48.34
C ILE R 264 -9.99 47.87 49.53
N SER R 265 -9.16 48.91 49.53
CA SER R 265 -8.22 49.08 50.64
C SER R 265 -9.00 49.36 51.91
N GLN R 266 -9.98 50.23 51.82
CA GLN R 266 -10.73 50.59 53.01
C GLN R 266 -11.54 49.38 53.47
N PHE R 267 -12.17 48.69 52.52
CA PHE R 267 -12.82 47.41 52.80
C PHE R 267 -11.91 46.50 53.62
N ARG R 268 -10.68 46.32 53.15
CA ARG R 268 -9.79 45.35 53.78
C ARG R 268 -9.49 45.79 55.19
N HIS R 269 -9.24 47.08 55.38
CA HIS R 269 -8.98 47.57 56.72
C HIS R 269 -10.18 47.28 57.62
N ALA R 270 -11.38 47.44 57.07
CA ALA R 270 -12.58 47.27 57.86
C ALA R 270 -12.73 45.82 58.30
N VAL R 271 -12.53 44.89 57.37
CA VAL R 271 -12.74 43.49 57.68
C VAL R 271 -11.61 42.95 58.53
N VAL R 272 -10.46 43.63 58.49
CA VAL R 272 -9.31 43.22 59.31
C VAL R 272 -9.50 43.69 60.73
N ARG R 273 -10.18 44.81 60.93
CA ARG R 273 -10.32 45.38 62.26
C ARG R 273 -11.58 44.85 62.94
N ASN R 274 -12.59 44.53 62.15
CA ASN R 274 -13.83 44.04 62.73
C ASN R 274 -13.53 42.80 63.54
N LYS R 275 -12.68 41.93 63.01
CA LYS R 275 -12.38 40.70 63.72
C LYS R 275 -11.76 41.07 65.05
N CYS R 276 -10.95 42.13 65.05
CA CYS R 276 -10.25 42.50 66.27
C CYS R 276 -11.24 42.90 67.34
N LYS R 277 -12.25 43.70 66.96
CA LYS R 277 -13.12 44.23 68.00
C LYS R 277 -13.95 43.13 68.64
N HIS R 278 -14.39 42.14 67.85
CA HIS R 278 -15.25 41.12 68.42
C HIS R 278 -14.51 40.24 69.41
N ASN R 279 -13.24 39.96 69.13
CA ASN R 279 -12.55 38.98 69.93
C ASN R 279 -11.24 39.54 70.46
N PRO R 280 -10.90 39.23 71.70
CA PRO R 280 -9.60 39.67 72.23
C PRO R 280 -8.55 38.57 72.26
N THR R 281 -8.98 37.32 72.13
CA THR R 281 -8.13 36.22 72.55
C THR R 281 -7.02 35.97 71.53
N LEU R 282 -7.37 35.80 70.27
CA LEU R 282 -6.38 35.43 69.27
C LEU R 282 -5.40 36.58 69.06
N THR R 283 -4.27 36.23 68.46
CA THR R 283 -3.17 37.17 68.24
C THR R 283 -2.54 36.93 66.88
N ASN R 284 -2.10 38.02 66.26
CA ASN R 284 -1.47 37.99 64.94
C ASN R 284 -2.44 37.56 63.83
N LEU R 285 -3.66 38.10 63.88
CA LEU R 285 -4.70 37.77 62.93
C LEU R 285 -4.47 38.48 61.61
N SER R 286 -5.26 38.11 60.60
CA SER R 286 -5.07 38.65 59.26
C SER R 286 -6.41 38.68 58.54
N PHE R 287 -6.37 39.03 57.26
CA PHE R 287 -7.57 39.15 56.46
C PHE R 287 -8.18 37.78 56.17
N ASP R 288 -7.33 36.79 55.93
CA ASP R 288 -7.80 35.47 55.54
C ASP R 288 -8.25 34.64 56.73
N THR R 289 -7.63 34.84 57.88
CA THR R 289 -7.90 33.99 59.04
C THR R 289 -9.39 33.99 59.36
N PRO R 290 -10.05 32.82 59.44
CA PRO R 290 -11.49 32.77 59.70
C PRO R 290 -11.84 32.86 61.17
N VAL R 291 -12.42 34.00 61.57
CA VAL R 291 -12.84 34.28 62.93
C VAL R 291 -14.18 35.00 62.79
N TYR R 292 -14.84 35.28 63.90
CA TYR R 292 -16.19 35.81 63.82
C TYR R 292 -16.20 37.32 63.68
N PHE R 293 -16.97 37.80 62.72
CA PHE R 293 -17.13 39.22 62.49
C PHE R 293 -18.52 39.47 61.90
N SER R 294 -18.89 40.74 61.82
CA SER R 294 -20.16 41.16 61.26
C SER R 294 -19.99 41.87 59.92
N ILE R 295 -20.95 41.65 59.02
CA ILE R 295 -21.07 42.53 57.86
C ILE R 295 -21.81 43.82 58.19
N ASP R 296 -22.71 43.80 59.18
CA ASP R 296 -23.49 45.01 59.47
C ASP R 296 -22.59 46.08 60.06
N GLU R 297 -21.77 45.73 61.05
CA GLU R 297 -20.81 46.69 61.57
C GLU R 297 -19.98 47.28 60.43
N VAL R 298 -19.67 46.48 59.43
CA VAL R 298 -18.87 46.99 58.32
C VAL R 298 -19.64 48.02 57.53
N VAL R 299 -20.95 47.77 57.31
CA VAL R 299 -21.69 48.72 56.50
C VAL R 299 -21.93 50.00 57.28
N THR R 300 -22.10 49.88 58.60
CA THR R 300 -22.20 51.06 59.44
C THR R 300 -20.94 51.90 59.32
N TYR R 301 -19.77 51.28 59.51
CA TYR R 301 -18.52 52.01 59.38
C TYR R 301 -18.38 52.64 58.01
N LEU R 302 -18.75 51.91 56.96
CA LEU R 302 -18.61 52.45 55.61
C LEU R 302 -19.49 53.68 55.44
N GLU R 303 -20.75 53.59 55.87
CA GLU R 303 -21.62 54.75 55.81
C GLU R 303 -21.01 55.94 56.54
N ASN R 304 -20.61 55.74 57.81
CA ASN R 304 -20.20 56.89 58.63
C ASN R 304 -18.84 57.43 58.23
N MET R 305 -18.03 56.65 57.51
CA MET R 305 -16.77 57.17 56.98
C MET R 305 -17.04 57.91 55.68
N ASN R 306 -18.01 57.41 54.92
CA ASN R 306 -18.45 58.15 53.75
C ASN R 306 -18.96 59.51 54.18
N ASN R 307 -19.62 59.57 55.35
CA ASN R 307 -20.15 60.82 55.85
C ASN R 307 -19.23 61.47 56.88
N GLU R 308 -18.01 60.97 57.04
CA GLU R 308 -17.11 61.53 58.03
C GLU R 308 -16.80 62.99 57.71
N VAL R 309 -16.64 63.79 58.76
CA VAL R 309 -16.32 65.21 58.64
C VAL R 309 -15.32 65.59 59.73
N ILE R 310 -14.25 66.27 59.34
CA ILE R 310 -13.22 66.73 60.26
C ILE R 310 -13.31 68.25 60.39
N GLY R 311 -13.24 68.73 61.64
CA GLY R 311 -13.18 70.16 61.91
C GLY R 311 -11.84 70.76 61.51
N LYS R 312 -11.87 71.81 60.70
CA LYS R 312 -10.65 72.42 60.19
C LYS R 312 -10.04 73.46 61.11
N LEU R 313 -10.78 73.93 62.11
CA LEU R 313 -10.28 75.03 62.93
C LEU R 313 -9.08 74.56 63.75
N ALA R 314 -8.45 75.51 64.42
CA ALA R 314 -7.25 75.20 65.19
C ALA R 314 -7.58 74.17 66.27
N GLY R 315 -6.71 73.17 66.41
CA GLY R 315 -6.93 72.12 67.38
C GLY R 315 -8.17 71.28 67.14
N GLU R 316 -8.55 71.08 65.87
CA GLU R 316 -9.73 70.29 65.52
C GLU R 316 -9.38 69.15 64.58
N GLY R 317 -8.12 68.69 64.59
CA GLY R 317 -7.67 67.69 63.64
C GLY R 317 -8.16 66.28 63.90
N LYS R 318 -9.48 66.11 63.95
CA LYS R 318 -10.12 64.83 64.25
C LYS R 318 -11.61 64.98 63.93
N PRO R 319 -12.36 63.88 63.87
CA PRO R 319 -13.75 63.98 63.38
C PRO R 319 -14.59 64.89 64.24
N LYS R 320 -15.18 65.90 63.60
CA LYS R 320 -15.97 66.92 64.28
C LYS R 320 -17.44 66.57 64.22
N LEU R 321 -18.08 66.54 65.39
CA LEU R 321 -19.41 65.99 65.55
C LEU R 321 -20.49 67.07 65.43
N ALA R 322 -21.74 66.59 65.41
CA ALA R 322 -22.87 67.51 65.38
C ALA R 322 -22.93 68.31 66.67
N ASN R 323 -22.59 67.68 67.79
CA ASN R 323 -22.54 68.38 69.06
C ASN R 323 -21.25 69.18 69.26
N GLU R 324 -20.39 69.22 68.24
CA GLU R 324 -19.12 69.94 68.20
C GLU R 324 -18.03 69.22 68.98
N THR R 325 -18.28 68.02 69.47
CA THR R 325 -17.27 67.26 70.19
C THR R 325 -16.37 66.52 69.21
N LEU R 326 -15.15 66.24 69.66
CA LEU R 326 -14.17 65.50 68.88
C LEU R 326 -13.90 64.18 69.58
N VAL R 327 -13.42 63.22 68.81
CA VAL R 327 -13.14 61.87 69.27
C VAL R 327 -11.68 61.54 68.99
N SER R 328 -11.10 60.68 69.82
CA SER R 328 -9.71 60.29 69.64
C SER R 328 -9.51 59.53 68.34
N ASP R 329 -10.39 58.58 68.04
CA ASP R 329 -10.26 57.79 66.82
C ASP R 329 -11.65 57.34 66.40
N ARG R 330 -11.74 56.86 65.16
CA ARG R 330 -13.03 56.48 64.62
C ARG R 330 -13.57 55.24 65.31
N ASP R 331 -12.66 54.38 65.79
CA ASP R 331 -13.04 53.07 66.29
C ASP R 331 -14.05 53.17 67.43
N GLU R 332 -14.04 54.26 68.19
CA GLU R 332 -14.92 54.34 69.35
C GLU R 332 -16.39 54.30 68.94
N LEU R 333 -16.73 54.89 67.80
CA LEU R 333 -18.12 55.02 67.34
C LEU R 333 -18.38 54.44 65.95
N TYR R 334 -17.55 54.75 64.95
CA TYR R 334 -17.94 54.53 63.56
C TYR R 334 -18.33 53.08 63.29
N PHE R 335 -17.49 52.11 63.68
CA PHE R 335 -17.97 50.74 63.59
C PHE R 335 -19.24 50.55 64.41
N ASP R 336 -19.27 51.14 65.60
CA ASP R 336 -20.38 50.89 66.52
C ASP R 336 -21.67 51.51 65.97
N ALA R 337 -21.61 52.74 65.45
CA ALA R 337 -22.83 53.44 65.10
C ALA R 337 -22.57 54.43 63.97
N VAL R 338 -23.66 54.77 63.27
CA VAL R 338 -23.68 55.79 62.22
C VAL R 338 -23.79 57.16 62.87
N GLN R 339 -23.23 58.18 62.21
CA GLN R 339 -23.13 59.51 62.80
C GLN R 339 -23.40 60.58 61.75
N SER R 340 -23.80 61.75 62.23
CA SER R 340 -24.02 62.95 61.42
C SER R 340 -23.17 64.08 61.97
N PHE R 341 -22.57 64.85 61.07
CA PHE R 341 -21.64 65.93 61.40
C PHE R 341 -21.99 67.22 60.68
N ILE R 342 -21.17 68.23 60.95
CA ILE R 342 -21.36 69.56 60.38
C ILE R 342 -21.03 69.54 58.89
N VAL R 343 -21.59 70.52 58.16
CA VAL R 343 -21.30 70.62 56.73
C VAL R 343 -20.06 71.47 56.52
N ALA R 344 -19.34 71.19 55.43
CA ALA R 344 -18.13 71.92 55.10
C ALA R 344 -18.45 73.33 54.62
N SER R 345 -17.57 74.27 54.94
CA SER R 345 -17.72 75.65 54.50
C SER R 345 -16.35 76.28 54.33
N GLN R 346 -16.25 77.27 53.44
CA GLN R 346 -15.00 77.99 53.29
C GLN R 346 -14.75 78.91 54.48
N ALA R 347 -15.81 79.51 55.03
CA ALA R 347 -15.67 80.45 56.12
C ALA R 347 -15.04 79.78 57.34
N ALA R 348 -14.17 80.52 58.02
CA ALA R 348 -13.49 79.98 59.18
C ALA R 348 -14.45 79.67 60.32
N ALA R 349 -15.51 80.45 60.47
CA ALA R 349 -16.51 80.14 61.48
C ALA R 349 -17.15 78.78 61.23
N THR R 350 -17.24 78.37 59.97
CA THR R 350 -17.90 77.12 59.59
C THR R 350 -17.00 76.17 58.82
N LYS R 351 -15.68 76.41 58.78
CA LYS R 351 -14.82 75.55 58.00
C LYS R 351 -14.85 74.11 58.50
N ALA R 352 -14.92 73.18 57.56
CA ALA R 352 -14.86 71.75 57.85
C ALA R 352 -14.56 71.03 56.53
N SER R 353 -14.09 69.79 56.66
CA SER R 353 -13.82 68.96 55.49
C SER R 353 -14.60 67.66 55.59
N ASN R 354 -14.99 67.16 54.43
CA ASN R 354 -15.74 65.93 54.34
C ASN R 354 -14.81 64.73 54.36
N GLY R 355 -15.38 63.53 54.28
CA GLY R 355 -14.58 62.34 54.13
C GLY R 355 -13.91 62.45 52.79
N PRO R 356 -12.72 61.87 52.62
CA PRO R 356 -12.08 61.94 51.31
C PRO R 356 -12.94 61.35 50.21
N PHE R 357 -13.71 60.31 50.55
CA PHE R 357 -14.57 59.60 49.62
C PHE R 357 -16.04 59.92 49.83
N ASN R 358 -16.35 60.96 50.61
CA ASN R 358 -17.75 61.31 50.81
C ASN R 358 -18.37 61.59 49.46
N GLY R 359 -19.37 60.78 49.09
CA GLY R 359 -19.96 60.85 47.77
C GLY R 359 -19.14 60.18 46.70
N GLU R 360 -18.28 59.24 47.07
CA GLU R 360 -17.50 58.41 46.14
C GLU R 360 -17.96 56.97 46.10
N PHE R 361 -18.14 56.33 47.27
CA PHE R 361 -18.48 54.91 47.30
C PHE R 361 -19.88 54.66 47.85
N ASP R 362 -20.72 55.69 47.90
CA ASP R 362 -22.13 55.47 48.22
C ASP R 362 -22.70 54.34 47.37
N ARG R 363 -22.27 54.26 46.10
CA ARG R 363 -22.61 53.14 45.23
C ARG R 363 -22.20 51.81 45.84
N MET R 364 -21.11 51.79 46.60
CA MET R 364 -20.64 50.54 47.19
C MET R 364 -21.67 50.03 48.18
N ILE R 365 -22.05 50.89 49.13
CA ILE R 365 -23.06 50.54 50.10
C ILE R 365 -24.38 50.22 49.40
N LEU R 366 -24.66 50.90 48.30
CA LEU R 366 -25.91 50.64 47.59
C LEU R 366 -25.96 49.22 47.03
N ARG R 367 -24.96 48.85 46.23
CA ARG R 367 -24.95 47.51 45.68
C ARG R 367 -24.92 46.47 46.78
N LEU R 368 -24.16 46.72 47.84
CA LEU R 368 -24.06 45.75 48.93
C LEU R 368 -25.40 45.56 49.63
N HIS R 369 -26.05 46.66 50.02
CA HIS R 369 -27.28 46.55 50.77
C HIS R 369 -28.36 45.92 49.89
N THR R 370 -28.29 46.14 48.58
CA THR R 370 -29.19 45.46 47.67
C THR R 370 -28.86 43.98 47.57
N ARG R 371 -27.57 43.65 47.57
CA ARG R 371 -27.16 42.25 47.52
C ARG R 371 -27.73 41.48 48.71
N LEU R 372 -27.61 42.07 49.90
CA LEU R 372 -27.98 41.32 51.09
C LEU R 372 -29.47 41.02 51.12
N ALA R 373 -30.30 41.99 50.72
CA ALA R 373 -31.74 41.84 50.88
C ALA R 373 -32.25 40.56 50.24
N ASP R 374 -31.48 39.96 49.35
CA ASP R 374 -31.92 38.75 48.67
C ASP R 374 -32.36 37.73 49.71
N PRO R 375 -33.47 37.03 49.49
CA PRO R 375 -33.89 36.01 50.46
C PRO R 375 -33.17 34.69 50.23
N ARG R 376 -32.92 34.36 48.96
CA ARG R 376 -32.36 33.05 48.64
C ARG R 376 -31.14 32.75 49.48
N LEU R 377 -30.37 33.76 49.85
CA LEU R 377 -29.09 33.57 50.51
C LEU R 377 -29.12 33.90 51.99
N GLN R 378 -30.31 33.93 52.60
CA GLN R 378 -30.41 34.41 53.97
C GLN R 378 -29.57 33.57 54.92
N PHE R 379 -29.42 32.28 54.62
CA PHE R 379 -28.62 31.41 55.47
C PHE R 379 -27.20 31.94 55.55
N LEU R 380 -26.66 32.34 54.41
CA LEU R 380 -25.25 32.68 54.31
C LEU R 380 -24.95 33.90 55.16
N PHE R 381 -25.73 34.96 54.95
CA PHE R 381 -25.50 36.22 55.66
C PHE R 381 -25.70 36.06 57.16
N TYR R 382 -26.69 35.29 57.58
CA TYR R 382 -26.92 35.03 59.00
C TYR R 382 -27.41 33.61 59.24
N PRO R 383 -26.54 32.67 59.60
CA PRO R 383 -27.06 31.35 59.95
C PRO R 383 -27.44 31.22 61.42
N LYS R 384 -28.71 31.04 61.67
CA LYS R 384 -29.24 30.82 63.01
C LYS R 384 -29.41 29.34 63.29
N LYS R 385 -29.13 28.95 64.51
CA LYS R 385 -29.25 27.58 64.96
C LYS R 385 -30.72 27.16 65.04
N GLU R 386 -30.99 26.00 65.63
CA GLU R 386 -32.38 25.66 65.94
C GLU R 386 -32.93 26.50 67.08
N ASP R 387 -32.13 26.76 68.11
CA ASP R 387 -32.61 27.59 69.22
C ASP R 387 -32.92 29.00 68.72
N GLY R 388 -32.05 29.55 67.88
CA GLY R 388 -32.30 30.86 67.28
C GLY R 388 -31.09 31.75 67.20
N GLU R 389 -30.07 31.48 68.00
CA GLU R 389 -28.91 32.35 67.96
C GLU R 389 -28.05 32.05 66.73
N ASP R 390 -27.20 33.00 66.42
CA ASP R 390 -26.25 32.88 65.33
C ASP R 390 -24.99 32.16 65.80
N LEU R 391 -24.32 31.51 64.84
CA LEU R 391 -23.14 30.73 65.18
C LEU R 391 -22.03 31.65 65.68
N ALA R 392 -21.04 31.03 66.32
CA ALA R 392 -19.94 31.75 66.93
C ALA R 392 -18.64 31.05 66.58
N THR R 393 -17.54 31.63 67.06
CA THR R 393 -16.22 31.10 66.74
C THR R 393 -16.04 29.71 67.32
N GLY R 394 -16.41 29.54 68.57
CA GLY R 394 -16.27 28.24 69.21
C GLY R 394 -17.23 27.21 68.67
N ASP R 395 -18.42 27.64 68.25
CA ASP R 395 -19.40 26.75 67.65
C ASP R 395 -18.97 26.46 66.21
N PHE R 396 -18.00 25.56 66.09
CA PHE R 396 -17.31 25.26 64.84
C PHE R 396 -17.53 23.83 64.40
N ALA R 397 -17.25 22.87 65.27
CA ALA R 397 -17.24 21.48 64.88
C ALA R 397 -18.56 21.09 64.24
N ASP R 398 -19.66 21.66 64.75
CA ASP R 398 -20.97 21.24 64.31
C ASP R 398 -21.06 21.29 62.80
N VAL R 399 -20.43 22.30 62.19
CA VAL R 399 -20.58 22.48 60.76
C VAL R 399 -19.92 21.30 60.04
N VAL R 400 -18.72 20.92 60.48
CA VAL R 400 -18.05 19.75 59.94
C VAL R 400 -18.88 18.50 60.19
N ARG R 401 -19.60 18.46 61.31
CA ARG R 401 -20.40 17.29 61.61
C ARG R 401 -21.47 17.09 60.55
N GLN R 402 -21.92 18.17 59.94
CA GLN R 402 -23.10 18.11 59.09
C GLN R 402 -22.77 17.45 57.76
N PHE R 403 -21.76 17.97 57.07
CA PHE R 403 -21.49 17.54 55.70
C PHE R 403 -20.94 16.12 55.66
N VAL R 404 -20.32 15.67 56.74
CA VAL R 404 -19.73 14.33 56.80
C VAL R 404 -20.80 13.30 57.13
N GLY R 405 -21.64 13.58 58.13
CA GLY R 405 -22.72 12.71 58.49
C GLY R 405 -22.68 12.14 59.88
N TYR R 406 -21.75 12.60 60.70
CA TYR R 406 -21.67 12.14 62.08
C TYR R 406 -22.63 12.86 63.01
N MET R 407 -23.29 13.92 62.56
CA MET R 407 -24.25 14.62 63.42
C MET R 407 -25.51 13.78 63.66
N THR R 408 -26.06 13.19 62.62
CA THR R 408 -27.25 12.35 62.71
C THR R 408 -26.95 10.88 62.43
N LYS R 409 -25.68 10.52 62.28
CA LYS R 409 -25.28 9.16 62.01
C LYS R 409 -26.00 8.62 60.78
N SER R 410 -25.85 9.38 59.70
CA SER R 410 -26.39 9.03 58.40
C SER R 410 -25.22 8.94 57.43
N ASN R 411 -25.04 7.76 56.83
CA ASN R 411 -23.90 7.54 55.94
C ASN R 411 -23.94 8.53 54.79
N VAL R 412 -24.98 8.44 53.99
CA VAL R 412 -25.15 9.28 52.82
C VAL R 412 -25.58 10.67 53.24
N SER R 413 -25.11 11.66 52.51
CA SER R 413 -25.52 13.04 52.69
C SER R 413 -25.66 13.69 51.32
N ILE R 414 -26.84 14.21 51.05
CA ILE R 414 -27.14 14.89 49.80
C ILE R 414 -27.10 16.38 50.02
N ILE R 415 -26.83 17.11 48.94
CA ILE R 415 -26.81 18.57 48.93
C ILE R 415 -27.51 19.04 47.67
N ASP R 416 -28.75 19.48 47.78
CA ASP R 416 -29.51 19.98 46.66
C ASP R 416 -29.42 21.50 46.60
N LEU R 417 -28.81 22.01 45.53
CA LEU R 417 -28.45 23.41 45.40
C LEU R 417 -29.26 24.13 44.33
N SER R 418 -30.37 23.54 43.89
CA SER R 418 -31.10 24.13 42.76
C SER R 418 -31.59 25.52 43.09
N GLY R 419 -32.04 25.74 44.32
CA GLY R 419 -32.54 27.04 44.73
C GLY R 419 -31.53 28.15 44.61
N ILE R 420 -30.24 27.82 44.65
CA ILE R 420 -29.17 28.81 44.74
C ILE R 420 -28.97 29.44 43.38
N PRO R 421 -28.63 30.72 43.29
CA PRO R 421 -28.41 31.35 41.98
C PRO R 421 -27.10 30.94 41.34
N PHE R 422 -27.11 30.96 40.01
CA PHE R 422 -26.05 30.34 39.21
C PHE R 422 -24.67 30.95 39.47
N GLU R 423 -24.58 32.01 40.25
CA GLU R 423 -23.33 32.76 40.36
C GLU R 423 -22.47 32.33 41.54
N VAL R 424 -23.08 31.79 42.60
CA VAL R 424 -22.42 31.53 43.87
C VAL R 424 -22.17 30.05 44.10
N LEU R 425 -22.54 29.21 43.13
CA LEU R 425 -22.37 27.76 43.26
C LEU R 425 -20.92 27.41 43.51
N SER R 426 -20.00 28.10 42.84
CA SER R 426 -18.59 27.78 42.94
C SER R 426 -18.08 28.06 44.34
N ILE R 427 -18.51 29.19 44.89
CA ILE R 427 -18.16 29.55 46.26
C ILE R 427 -18.59 28.46 47.22
N VAL R 428 -19.85 28.03 47.08
CA VAL R 428 -20.38 27.04 48.01
C VAL R 428 -19.56 25.76 47.94
N VAL R 429 -19.41 25.23 46.73
CA VAL R 429 -18.74 23.94 46.57
C VAL R 429 -17.30 24.02 47.07
N SER R 430 -16.60 25.12 46.76
CA SER R 430 -15.23 25.26 47.22
C SER R 430 -15.15 25.20 48.73
N LEU R 431 -16.01 25.96 49.42
CA LEU R 431 -15.96 25.96 50.87
C LEU R 431 -16.17 24.56 51.42
N ILE R 432 -17.16 23.86 50.87
CA ILE R 432 -17.46 22.52 51.34
C ILE R 432 -16.26 21.60 51.14
N SER R 433 -15.64 21.68 49.96
CA SER R 433 -14.50 20.81 49.66
C SER R 433 -13.33 21.10 50.59
N ARG R 434 -13.09 22.37 50.87
CA ARG R 434 -11.99 22.70 51.76
C ARG R 434 -12.20 22.06 53.12
N MET R 435 -13.43 22.14 53.62
CA MET R 435 -13.74 21.50 54.90
C MET R 435 -13.47 20.00 54.83
N ILE R 436 -14.06 19.34 53.85
CA ILE R 436 -13.98 17.88 53.76
C ILE R 436 -12.53 17.41 53.64
N PHE R 437 -11.67 18.19 52.97
CA PHE R 437 -10.28 17.77 52.79
C PHE R 437 -9.48 17.99 54.06
N ASP R 438 -9.61 19.18 54.65
CA ASP R 438 -8.83 19.46 55.83
C ASP R 438 -9.16 18.48 56.94
N PHE R 439 -10.41 18.03 56.99
CA PHE R 439 -10.81 17.13 58.05
C PHE R 439 -9.98 15.87 58.01
N GLY R 440 -9.92 15.23 56.84
CA GLY R 440 -9.19 14.00 56.72
C GLY R 440 -7.71 14.20 56.88
N PHE R 441 -7.19 15.35 56.45
CA PHE R 441 -5.77 15.62 56.65
C PHE R 441 -5.42 15.61 58.12
N HIS R 442 -6.20 16.32 58.91
CA HIS R 442 -5.86 16.46 60.32
C HIS R 442 -6.12 15.16 61.07
N TYR R 443 -7.17 14.43 60.71
CA TYR R 443 -7.36 13.11 61.29
C TYR R 443 -6.22 12.17 60.96
N SER R 444 -5.71 12.28 59.74
CA SER R 444 -4.64 11.38 59.31
C SER R 444 -3.38 11.65 60.11
N LYS R 445 -3.12 12.91 60.43
CA LYS R 445 -1.96 13.19 61.27
C LYS R 445 -2.20 12.74 62.71
N ASN R 446 -3.38 13.04 63.26
CA ASN R 446 -3.70 12.60 64.61
C ASN R 446 -3.55 11.10 64.75
N ARG R 447 -3.74 10.36 63.67
CA ARG R 447 -3.57 8.92 63.74
C ARG R 447 -2.16 8.48 63.38
N HIS R 448 -1.46 9.27 62.55
CA HIS R 448 -0.08 8.93 62.21
C HIS R 448 0.78 8.94 63.46
N VAL R 449 0.55 9.91 64.34
CA VAL R 449 1.22 9.86 65.63
C VAL R 449 0.82 8.58 66.35
N GLY R 450 -0.40 8.10 66.10
CA GLY R 450 -0.82 6.83 66.66
C GLY R 450 -0.24 5.66 65.87
N GLY R 451 0.09 5.89 64.61
CA GLY R 451 0.76 4.91 63.79
C GLY R 451 -0.12 4.12 62.86
N ALA R 452 -1.33 4.61 62.54
CA ALA R 452 -2.23 3.90 61.65
C ALA R 452 -2.76 4.84 60.57
N VAL R 453 -3.27 4.22 59.50
CA VAL R 453 -3.90 4.96 58.41
C VAL R 453 -5.35 5.25 58.77
N SER R 454 -5.95 6.18 58.05
CA SER R 454 -7.29 6.62 58.38
C SER R 454 -8.30 5.48 58.26
N ASP R 455 -9.30 5.53 59.13
CA ASP R 455 -10.38 4.55 59.16
C ASP R 455 -11.68 5.13 58.67
N VAL R 456 -11.78 6.44 58.56
CA VAL R 456 -12.97 7.10 58.04
C VAL R 456 -12.69 7.46 56.59
N PRO R 457 -13.11 6.63 55.64
CA PRO R 457 -12.98 6.98 54.23
C PRO R 457 -14.17 7.73 53.68
N ILE R 458 -13.92 8.86 53.03
CA ILE R 458 -14.97 9.67 52.44
C ILE R 458 -14.89 9.67 50.94
N LEU R 459 -16.05 9.72 50.30
CA LEU R 459 -16.13 9.79 48.86
C LEU R 459 -17.10 10.89 48.46
N VAL R 460 -16.64 11.75 47.57
CA VAL R 460 -17.40 12.85 47.02
C VAL R 460 -17.84 12.43 45.63
N VAL R 461 -19.12 12.60 45.34
CA VAL R 461 -19.72 12.14 44.11
C VAL R 461 -20.38 13.35 43.47
N CYS R 462 -19.67 13.95 42.53
CA CYS R 462 -20.19 15.12 41.86
C CYS R 462 -21.26 14.71 40.85
N GLU R 463 -22.17 15.64 40.60
CA GLU R 463 -23.17 15.49 39.56
C GLU R 463 -23.30 16.84 38.89
N GLU R 464 -23.42 16.86 37.57
CA GLU R 464 -23.51 18.11 36.84
C GLU R 464 -22.28 18.97 37.14
N ALA R 465 -21.10 18.37 36.98
CA ALA R 465 -19.87 19.03 37.38
C ALA R 465 -19.58 20.22 36.48
N HIS R 466 -19.96 20.14 35.22
CA HIS R 466 -19.64 21.19 34.26
C HIS R 466 -20.06 22.56 34.76
N ASN R 467 -21.15 22.63 35.51
CA ASN R 467 -21.62 23.93 36.00
C ASN R 467 -20.55 24.64 36.81
N TYR R 468 -19.73 23.90 37.55
CA TYR R 468 -18.68 24.50 38.37
C TYR R 468 -17.27 24.07 38.00
N LEU R 469 -17.09 23.33 36.90
CA LEU R 469 -15.74 22.95 36.44
C LEU R 469 -15.55 23.25 34.95
N PRO R 470 -15.90 24.45 34.50
CA PRO R 470 -15.83 24.77 33.07
C PRO R 470 -14.43 24.63 32.49
N ARG R 471 -14.37 24.43 31.18
CA ARG R 471 -13.09 24.38 30.49
C ARG R 471 -12.47 25.76 30.39
N SER R 472 -13.27 26.74 30.00
CA SER R 472 -12.84 28.12 29.85
C SER R 472 -12.57 28.76 31.21
N GLY R 473 -11.32 29.15 31.43
CA GLY R 473 -10.86 29.52 32.75
C GLY R 473 -11.47 30.83 33.23
N GLY R 474 -12.80 30.90 33.23
CA GLY R 474 -13.51 32.02 33.81
C GLY R 474 -12.99 32.37 35.19
N ALA R 475 -13.14 33.63 35.59
CA ALA R 475 -12.55 34.07 36.85
C ALA R 475 -13.24 33.42 38.04
N ALA R 476 -14.56 33.54 38.12
CA ALA R 476 -15.28 32.98 39.25
C ALA R 476 -15.08 31.47 39.33
N TYR R 477 -15.20 30.80 38.20
CA TYR R 477 -15.08 29.36 38.11
C TYR R 477 -13.68 28.88 38.48
N ASP R 478 -12.76 29.82 38.73
CA ASP R 478 -11.45 29.41 39.20
C ASP R 478 -11.49 28.98 40.66
N ALA R 479 -12.29 29.66 41.47
CA ALA R 479 -12.19 29.49 42.91
C ALA R 479 -12.37 28.03 43.29
N SER R 480 -13.40 27.40 42.76
CA SER R 480 -13.65 26.00 43.06
C SER R 480 -12.60 25.08 42.47
N ARG R 481 -12.10 25.40 41.28
CA ARG R 481 -11.34 24.43 40.51
C ARG R 481 -10.14 23.92 41.29
N LYS R 482 -9.27 24.84 41.71
CA LYS R 482 -8.08 24.41 42.43
C LYS R 482 -8.45 23.50 43.58
N SER R 483 -9.50 23.86 44.33
CA SER R 483 -9.89 23.03 45.47
C SER R 483 -10.11 21.60 45.01
N ILE R 484 -10.99 21.41 44.05
CA ILE R 484 -11.29 20.07 43.59
C ILE R 484 -10.05 19.44 42.98
N GLU R 485 -9.25 20.25 42.28
CA GLU R 485 -8.03 19.73 41.69
C GLU R 485 -7.16 19.11 42.76
N ARG R 486 -7.09 19.76 43.92
CA ARG R 486 -6.28 19.26 45.02
C ARG R 486 -6.67 17.82 45.34
N ILE R 487 -7.96 17.56 45.46
CA ILE R 487 -8.40 16.23 45.87
C ILE R 487 -7.99 15.20 44.84
N ALA R 488 -7.84 15.61 43.58
CA ALA R 488 -7.45 14.66 42.56
C ALA R 488 -6.00 14.27 42.72
N LYS R 489 -5.15 15.19 43.17
CA LYS R 489 -3.73 14.92 43.24
C LYS R 489 -3.37 14.17 44.52
N GLU R 490 -3.76 14.71 45.67
CA GLU R 490 -3.25 14.28 46.95
C GLU R 490 -4.27 13.52 47.79
N GLY R 491 -5.40 13.13 47.20
CA GLY R 491 -6.49 12.63 48.01
C GLY R 491 -6.26 11.24 48.56
N ARG R 492 -5.76 10.33 47.73
CA ARG R 492 -5.74 8.93 48.11
C ARG R 492 -5.04 8.73 49.43
N LYS R 493 -4.05 9.54 49.72
CA LYS R 493 -3.18 9.31 50.86
C LYS R 493 -3.87 9.68 52.15
N TYR R 494 -4.89 10.52 52.07
CA TYR R 494 -5.49 11.14 53.23
C TYR R 494 -6.88 10.63 53.52
N GLY R 495 -7.56 10.02 52.56
CA GLY R 495 -8.84 9.42 52.83
C GLY R 495 -10.00 9.83 51.95
N VAL R 496 -9.79 10.81 51.08
CA VAL R 496 -10.87 11.42 50.32
C VAL R 496 -10.70 11.04 48.86
N THR R 497 -11.79 10.59 48.26
CA THR R 497 -11.79 10.28 46.84
C THR R 497 -12.95 10.95 46.12
N LEU R 498 -12.86 10.96 44.80
CA LEU R 498 -13.73 11.73 43.93
C LEU R 498 -14.29 10.88 42.79
N MET R 499 -15.54 11.12 42.45
CA MET R 499 -16.21 10.48 41.32
C MET R 499 -16.94 11.55 40.51
N VAL R 500 -16.63 11.65 39.23
CA VAL R 500 -17.17 12.71 38.40
C VAL R 500 -18.26 12.13 37.50
N VAL R 501 -19.31 12.92 37.28
CA VAL R 501 -20.31 12.63 36.28
C VAL R 501 -20.85 13.95 35.73
N SER R 502 -20.83 14.10 34.41
CA SER R 502 -21.40 15.26 33.74
C SER R 502 -22.06 14.83 32.45
N GLN R 503 -23.06 15.60 32.04
CA GLN R 503 -23.80 15.26 30.82
C GLN R 503 -23.03 15.73 29.59
N ARG R 504 -22.40 16.89 29.67
CA ARG R 504 -21.64 17.42 28.56
C ARG R 504 -20.16 17.34 28.92
N PRO R 505 -19.43 16.33 28.44
CA PRO R 505 -18.00 16.24 28.80
C PRO R 505 -17.17 17.33 28.16
N SER R 506 -17.64 17.91 27.05
CA SER R 506 -16.86 18.93 26.37
C SER R 506 -16.54 20.10 27.29
N GLU R 507 -17.53 20.54 28.06
CA GLU R 507 -17.38 21.74 28.90
C GLU R 507 -17.00 21.34 30.32
N VAL R 508 -15.85 20.67 30.42
CA VAL R 508 -15.27 20.28 31.70
C VAL R 508 -13.76 20.21 31.54
N SER R 509 -13.06 20.55 32.61
CA SER R 509 -11.61 20.62 32.57
C SER R 509 -10.99 19.26 32.32
N GLU R 510 -9.81 19.27 31.72
CA GLU R 510 -9.13 18.04 31.35
C GLU R 510 -8.33 17.46 32.49
N THR R 511 -7.82 18.33 33.37
CA THR R 511 -6.92 17.88 34.42
C THR R 511 -7.60 16.83 35.29
N ILE R 512 -8.87 17.05 35.62
CA ILE R 512 -9.58 16.11 36.47
C ILE R 512 -9.71 14.77 35.77
N PHE R 513 -10.21 14.79 34.54
CA PHE R 513 -10.44 13.54 33.82
C PHE R 513 -9.14 12.77 33.66
N SER R 514 -8.03 13.49 33.50
CA SER R 514 -6.77 12.85 33.18
C SER R 514 -6.33 11.92 34.29
N GLN R 515 -6.63 12.26 35.54
CA GLN R 515 -6.13 11.50 36.67
C GLN R 515 -6.90 10.21 36.87
N CYS R 516 -8.20 10.22 36.59
CA CYS R 516 -9.05 9.09 36.94
C CYS R 516 -8.55 7.82 36.28
N SER R 517 -8.35 6.79 37.09
CA SER R 517 -7.82 5.53 36.60
C SER R 517 -8.80 4.85 35.67
N ASN R 518 -10.06 4.74 36.10
CA ASN R 518 -11.05 3.92 35.44
C ASN R 518 -12.17 4.78 34.88
N PHE R 519 -12.63 4.43 33.68
CA PHE R 519 -13.60 5.20 32.92
C PHE R 519 -14.80 4.30 32.66
N ILE R 520 -16.00 4.83 32.88
CA ILE R 520 -17.26 4.19 32.50
C ILE R 520 -18.13 5.25 31.83
N SER R 521 -18.15 5.26 30.50
CA SER R 521 -18.97 6.19 29.74
C SER R 521 -20.14 5.53 29.03
N LEU R 522 -21.31 6.17 29.12
CA LEU R 522 -22.56 5.67 28.59
C LEU R 522 -22.76 6.16 27.15
N ARG R 523 -23.98 6.00 26.61
CA ARG R 523 -24.27 6.43 25.25
C ARG R 523 -23.89 7.88 25.05
N LEU R 524 -23.12 8.15 24.01
CA LEU R 524 -22.58 9.48 23.74
C LEU R 524 -22.77 9.76 22.26
N THR R 525 -23.90 10.40 21.92
CA THR R 525 -24.26 10.54 20.53
C THR R 525 -23.47 11.67 19.86
N ASN R 526 -23.38 12.82 20.53
CA ASN R 526 -22.81 14.02 19.93
C ASN R 526 -21.39 13.75 19.44
N ALA R 527 -20.94 14.60 18.52
CA ALA R 527 -19.60 14.48 17.95
C ALA R 527 -18.56 15.26 18.75
N VAL R 528 -18.87 16.53 19.07
CA VAL R 528 -17.94 17.37 19.81
C VAL R 528 -17.64 16.75 21.17
N ASP R 529 -18.59 16.01 21.73
CA ASP R 529 -18.40 15.38 23.04
C ASP R 529 -17.58 14.10 22.91
N GLN R 530 -17.88 13.29 21.90
CA GLN R 530 -17.24 11.98 21.80
C GLN R 530 -15.81 12.11 21.31
N THR R 531 -15.51 13.13 20.50
CA THR R 531 -14.11 13.39 20.17
C THR R 531 -13.33 13.69 21.44
N TYR R 532 -13.95 14.41 22.37
CA TYR R 532 -13.31 14.67 23.67
C TYR R 532 -13.13 13.39 24.46
N VAL R 533 -14.21 12.64 24.66
CA VAL R 533 -14.13 11.40 25.42
C VAL R 533 -13.09 10.46 24.84
N LYS R 534 -12.89 10.49 23.52
CA LYS R 534 -11.82 9.70 22.93
C LYS R 534 -10.45 10.31 23.20
N SER R 535 -10.33 11.63 23.06
CA SER R 535 -9.01 12.24 23.12
C SER R 535 -8.44 12.20 24.52
N LEU R 536 -9.31 12.28 25.55
CA LEU R 536 -8.80 12.27 26.92
C LEU R 536 -8.02 11.00 27.20
N LEU R 537 -8.60 9.85 26.86
CA LEU R 537 -8.02 8.57 27.21
C LEU R 537 -7.59 7.84 25.95
N PRO R 538 -6.29 7.57 25.74
CA PRO R 538 -5.90 6.81 24.56
C PRO R 538 -5.97 5.31 24.76
N ASP R 539 -6.16 4.85 26.01
CA ASP R 539 -6.41 3.43 26.23
C ASP R 539 -7.58 2.92 25.40
N LEU R 540 -8.48 3.81 25.01
CA LEU R 540 -9.60 3.41 24.17
C LEU R 540 -9.09 2.87 22.84
N SER R 541 -9.56 1.69 22.46
CA SER R 541 -9.12 1.06 21.22
C SER R 541 -9.79 1.73 20.02
N ALA R 542 -9.27 1.42 18.83
CA ALA R 542 -9.88 1.95 17.61
C ALA R 542 -11.17 1.22 17.26
N GLY R 543 -11.19 -0.10 17.41
CA GLY R 543 -12.39 -0.86 17.04
C GLY R 543 -13.54 -0.60 17.98
N LEU R 544 -13.27 -0.57 19.28
CA LEU R 544 -14.30 -0.32 20.27
C LEU R 544 -14.68 1.14 20.40
N GLY R 545 -13.93 2.05 19.77
CA GLY R 545 -14.30 3.46 19.85
C GLY R 545 -15.62 3.75 19.17
N ASP R 546 -15.87 3.10 18.04
CA ASP R 546 -17.11 3.30 17.30
C ASP R 546 -18.34 2.83 18.06
N LEU R 547 -18.16 2.08 19.15
CA LEU R 547 -19.29 1.55 19.90
C LEU R 547 -19.92 2.56 20.84
N LEU R 548 -19.17 3.60 21.22
CA LEU R 548 -19.67 4.53 22.23
C LEU R 548 -20.96 5.20 21.82
N PRO R 549 -21.18 5.57 20.55
CA PRO R 549 -22.45 6.23 20.19
C PRO R 549 -23.57 5.22 20.08
N ASN R 550 -23.29 4.06 19.50
CA ASN R 550 -24.32 3.04 19.30
C ASN R 550 -24.27 2.19 20.55
N LEU R 551 -25.26 2.38 21.42
CA LEU R 551 -25.39 1.56 22.62
C LEU R 551 -26.87 1.30 22.86
N ALA R 552 -27.15 0.16 23.45
CA ALA R 552 -28.50 -0.09 23.94
C ALA R 552 -28.63 0.43 25.36
N GLN R 553 -29.86 0.65 25.79
CA GLN R 553 -30.10 1.18 27.12
C GLN R 553 -29.58 0.22 28.17
N GLY R 554 -28.77 0.76 29.09
CA GLY R 554 -28.11 -0.01 30.11
C GLY R 554 -26.66 -0.34 29.82
N GLU R 555 -26.24 -0.22 28.57
CA GLU R 555 -24.89 -0.59 28.16
C GLU R 555 -23.94 0.58 28.44
N PHE R 556 -22.78 0.24 29.01
CA PHE R 556 -21.74 1.19 29.37
C PHE R 556 -20.41 0.73 28.82
N LEU R 557 -19.44 1.64 28.77
CA LEU R 557 -18.08 1.33 28.34
C LEU R 557 -17.16 1.49 29.52
N ILE R 558 -16.53 0.39 29.94
CA ILE R 558 -15.61 0.34 31.06
C ILE R 558 -14.19 0.12 30.56
N VAL R 559 -13.25 0.93 31.04
CA VAL R 559 -11.85 0.74 30.67
C VAL R 559 -10.98 1.14 31.86
N GLY R 560 -9.90 0.40 32.05
CA GLY R 560 -8.90 0.77 33.04
C GLY R 560 -8.28 -0.41 33.76
N ASP R 561 -7.82 -0.15 34.99
CA ASP R 561 -7.02 -1.09 35.76
C ASP R 561 -7.86 -2.05 36.59
N ALA R 562 -9.02 -1.60 37.06
CA ALA R 562 -9.83 -2.42 37.94
C ALA R 562 -10.23 -3.74 37.29
N PRO R 563 -10.59 -3.79 36.01
CA PRO R 563 -10.97 -5.08 35.40
C PRO R 563 -9.74 -5.96 35.22
N LEU R 564 -9.82 -7.17 35.77
CA LEU R 564 -8.74 -8.14 35.61
C LEU R 564 -8.42 -8.32 34.13
N MET R 565 -9.45 -8.35 33.29
CA MET R 565 -9.31 -8.15 31.86
C MET R 565 -10.50 -7.36 31.36
N PRO R 566 -10.30 -6.46 30.40
CA PRO R 566 -11.34 -5.48 30.08
C PRO R 566 -12.63 -6.13 29.64
N THR R 567 -13.70 -5.35 29.67
CA THR R 567 -15.03 -5.88 29.39
C THR R 567 -15.95 -4.76 28.93
N VAL R 568 -17.13 -5.15 28.49
CA VAL R 568 -18.24 -4.25 28.16
C VAL R 568 -19.49 -4.82 28.81
N GLY R 569 -20.25 -3.96 29.50
CA GLY R 569 -21.28 -4.44 30.40
C GLY R 569 -22.56 -3.63 30.30
N HIS R 570 -23.62 -4.17 30.91
CA HIS R 570 -24.87 -3.47 31.08
C HIS R 570 -25.54 -3.86 32.38
N PHE R 571 -26.35 -2.96 32.90
CA PHE R 571 -27.04 -3.12 34.17
C PHE R 571 -28.52 -3.44 34.00
N ALA R 572 -29.13 -3.79 35.13
CA ALA R 572 -30.58 -3.81 35.30
C ALA R 572 -31.05 -2.54 35.99
N LEU R 573 -32.36 -2.40 36.15
CA LEU R 573 -32.90 -1.17 36.69
C LEU R 573 -32.75 -1.14 38.21
N PRO R 574 -32.73 0.05 38.81
CA PRO R 574 -32.71 0.14 40.26
C PRO R 574 -34.11 0.35 40.82
N VAL R 575 -34.46 -0.30 41.91
CA VAL R 575 -35.70 -0.05 42.62
C VAL R 575 -35.36 0.14 44.10
N PRO R 576 -35.57 1.32 44.68
CA PRO R 576 -36.09 2.57 44.10
C PRO R 576 -35.28 3.22 43.01
N GLU R 577 -35.98 3.98 42.20
CA GLU R 577 -35.49 4.69 41.04
C GLU R 577 -35.29 6.16 41.38
N PRO R 578 -34.45 6.89 40.65
CA PRO R 578 -34.37 8.32 40.94
C PRO R 578 -35.38 9.09 40.12
N HIS R 579 -36.07 10.00 40.79
CA HIS R 579 -37.15 10.75 40.19
C HIS R 579 -36.60 11.42 38.94
N ASP R 597 -38.26 44.43 29.27
CA ASP R 597 -37.47 45.12 30.29
C ASP R 597 -36.07 45.44 29.79
N PHE R 598 -35.96 45.73 28.49
CA PHE R 598 -34.64 45.93 27.91
C PHE R 598 -33.82 46.95 28.69
N ASP R 599 -34.42 48.09 29.02
CA ASP R 599 -33.63 49.15 29.64
C ASP R 599 -33.06 48.70 30.97
N SER R 600 -33.66 47.70 31.60
CA SER R 600 -33.19 47.26 32.91
C SER R 600 -31.88 46.49 32.82
N VAL R 601 -31.75 45.62 31.83
CA VAL R 601 -30.54 44.80 31.74
C VAL R 601 -29.30 45.68 31.61
N ILE R 602 -29.38 46.76 30.84
CA ILE R 602 -28.19 47.57 30.60
C ILE R 602 -27.67 48.14 31.91
N ASP R 603 -28.59 48.57 32.78
CA ASP R 603 -28.17 49.18 34.05
C ASP R 603 -27.12 48.32 34.73
N ARG R 604 -27.25 47.00 34.63
CA ARG R 604 -26.25 46.10 35.16
C ARG R 604 -24.95 46.19 34.38
N TRP R 605 -25.02 46.63 33.13
CA TRP R 605 -23.89 46.67 32.22
C TRP R 605 -23.39 48.10 32.06
#